data_7V8A
#
_entry.id   7V8A
#
_cell.length_a   1.00
_cell.length_b   1.00
_cell.length_c   1.00
_cell.angle_alpha   90.00
_cell.angle_beta   90.00
_cell.angle_gamma   90.00
#
_symmetry.space_group_name_H-M   'P 1'
#
loop_
_entity.id
_entity.type
_entity.pdbx_description
1 polymer 'Spike glycoprotein'
2 polymer 'Angiotensin-converting enzyme 2,Angiotensin-converting enzyme 2 (ACE2) ectodomain'
3 branched 2-acetamido-2-deoxy-beta-D-glucopyranose-(1-4)-2-acetamido-2-deoxy-beta-D-glucopyranose
4 non-polymer 2-acetamido-2-deoxy-beta-D-glucopyranose
#
loop_
_entity_poly.entity_id
_entity_poly.type
_entity_poly.pdbx_seq_one_letter_code
_entity_poly.pdbx_strand_id
1 'polypeptide(L)'
;MFVFLVLLPLVSSQCVNLRTRTQLPPAYTNSFTRGVYYPDKVFRSSVLHSTQDLFLPFFSNVTWFHAIHVSGTNGTKRFD
NPVLPFNDGVYFASTEKSNIIRGWIFGTTLDSKTQSLLIVNNATNVVIKVCEFQFCNDPFLDVYYHKNNKSWMESGVYSS
ANNCTFEYVSQPFLMDLEGKQGNFKNLREFVFKNIDGYFKIYSKHTPINLVRDLPQGFSALEPLVDLPIGINITRFQTLL
ALHRSYLTPGDSSSGWTAGAAAYYVGYLQPRTFLLKYNENGTITDAVDCALDPLSETKCTLKSFTVEKGIYQTSNFRVQP
TESIVRFPNITNLCPFGEVFNATRFASVYAWNRKRISNCVADYSVLYNSASFSTFKCYGVSPTKLNDLCFTNVYADSFVI
RGDEVRQIAPGQTGKIADYNYKLPDDFTGCVIAWNSNNLDSKVGGNYNYRYRLFRKSNLKPFERDISTEIYQAGSKPCNG
VEGFNCYFPLQSYGFQPTNGVGYQPYRVVVLSFELLHAPATVCGPKKSTNLVKNKCVNFNFNGLTGTGVLTESNKKFLPF
QQFGRDIADTTDAVRDPQTLEILDITPCSFGGVSVITPGTNTSNQVAVLYQGVNCTEVPVAIHADQLTPTWRVYSTGSNV
FQTRAGCLIGAEHVNNSYECDIPIGAGICASYQTQTNSRGSASSVASQSIIAYTMSLGAENSVAYSNNSIAIPTNFTISV
TTEILPVSMTKTSVDCTMYICGDSTECSNLLLQYGSFCTQLNRALTGIAVEQDKNTQEVFAQVKQIYKTPPIKDFGGFNF
SQILPDPSKPSKRSFIEDLLFNKVTLADAGFIKQYGDCLGDIAARDLICAQKFNGLTVLPPLLTDEMIAQYTSALLAGTI
TSGWTFGAGAALQIPFAMQMAYRFNGIGVTQNVLYENQKLIANQFNSAIGKIQDSLSSTASALGKLQNVVNQNAQALNTL
VKQLSSNFGAISSVLNDILSRLDPPEAEVQIDRLITGRLQSLQTYVTQQLIRAAEIRASANLAATKMSECVLGQSKRVDF
CGKGYHLMSFPQSAPHGVVFLHVTYVPAQEKNFTTAPAICHDGKAHFPREGVFVSNGTHWFVTQRNFYEPQIITTDNTFV
SGNCDVVIGIVNNTVYDPLQPELDSFKEELDKYFKNHTSPDVDLGDISGINASVVNIQKEIDRLNEVAKNLNESLIDLQE
LGKYEQEFGSGGYIPEAPRDGQAYVRKDGEWVLLSTFLKGQDNSADIQHSGRPLESRGPFEQKLISEEDLNMHTGHHHHH
H
;
A,B,C
2 'polypeptide(L)'
;MSSSSWLLLSLVAVTAAQSTIEEQAKTFLDKFNHEAEDLFYQSSLASWNYNTNITEENVQNMNNAGDKWSAFLKEQSTLA
QMYPLQEIQNLTVKLQLQALQQNGSSVLSEDKSKRLNTILNTMSTIYSTGKVCNPDNPQECLLLEPGLNEIMANSLDYNE
RLWAWESWRSEVGKQLRPLYEEYVVLKNEMARANHYEDYGDYWRGDYEVNGVDGYDYSRGQLIEDVEHTFEEIKPLYEHL
HAYVRAKLMNAYPSYISPIGCLPAHLLGDMWGRFWTNLYSLTVPFGQKPNIDVTDAMVDQAWDAQRIFKEAEKFFVSVGL
PNMTQGFWENSMLTDPGNVQKAVCHPTAWDLGKGDFRILMCTKVTMDDFLTAHHEMGHIQYDMAYAAQPFLLRNGANEGF
HEAVGEIMSLSAATPKHLKSIGLLSPDFQEDNETEINFLLKQALTIVGTLPFTYMLEKWRWMVFKGEIPKDQWMKKWWEM
KREIVGVVEPVPHDETYCDPASLFHVSNDYSFIRYYTRTLYQFQFQEALCQAAKHEGPLHKCDISNSTEAGQKLFNMLRL
GKSEPWTLALENVVGAKNMNVRPLLNYFEPLFTWLKDQNKNSFVGWSTDWSPYADGSGGSGSGGSKGEELFTGVVPILVE
LDGDVNGHKFSVRGEGEGDATNGKLTLKFICTTGKLPVPWPTLVTTLTYGVQCFSRYPDHMKRHDFFKSAMPEGYVQERT
ISFKDDGTYKTRAEVKFEGDTLVNRIELKGIDFKEDGNILGHKLEYNFNSHNVYITADKQKNGIKANFKIRHNVEDGSVQ
LADHYQQNTPIGDGPVLLPDNHYLSTQSVLSKDPNEKRDHMVLLEFVTAAGITHGMDELYK
;
F,G,H
#
loop_
_chem_comp.id
_chem_comp.type
_chem_comp.name
_chem_comp.formula
NAG D-saccharide, beta linking 2-acetamido-2-deoxy-beta-D-glucopyranose 'C8 H15 N O6'
#
# COMPACT_ATOMS: atom_id res chain seq x y z
N GLN A 14 -39.20 11.87 -51.33
CA GLN A 14 -40.05 13.03 -51.54
C GLN A 14 -39.72 14.15 -50.55
N CYS A 15 -38.51 14.71 -50.68
CA CYS A 15 -38.05 15.76 -49.77
C CYS A 15 -38.59 17.11 -50.25
N VAL A 16 -39.92 17.24 -50.17
CA VAL A 16 -40.62 18.42 -50.65
C VAL A 16 -40.93 19.34 -49.47
N ASN A 17 -40.85 20.64 -49.71
CA ASN A 17 -41.21 21.61 -48.69
C ASN A 17 -42.72 21.64 -48.50
N LEU A 18 -43.13 22.06 -47.30
CA LEU A 18 -44.55 22.14 -46.95
C LEU A 18 -45.06 23.57 -47.10
N ARG A 19 -46.35 23.67 -47.41
CA ARG A 19 -47.01 24.94 -47.65
C ARG A 19 -47.65 25.53 -46.40
N THR A 20 -47.38 24.94 -45.23
CA THR A 20 -47.96 25.44 -44.00
C THR A 20 -47.45 26.84 -43.67
N ARG A 21 -48.07 27.43 -42.65
CA ARG A 21 -47.62 28.72 -42.11
C ARG A 21 -46.18 28.63 -41.65
N THR A 22 -45.51 29.79 -41.63
CA THR A 22 -44.13 29.83 -41.15
C THR A 22 -44.04 29.42 -39.69
N GLN A 23 -44.97 29.92 -38.86
CA GLN A 23 -45.05 29.51 -37.47
C GLN A 23 -46.45 29.81 -36.97
N LEU A 24 -46.83 29.11 -35.89
CA LEU A 24 -48.12 29.32 -35.24
C LEU A 24 -47.88 29.33 -33.74
N PRO A 25 -48.34 30.35 -33.03
CA PRO A 25 -48.04 30.47 -31.59
C PRO A 25 -48.75 29.39 -30.79
N PRO A 26 -48.00 28.51 -30.14
CA PRO A 26 -48.63 27.49 -29.29
C PRO A 26 -49.20 28.09 -28.02
N ALA A 27 -50.24 27.45 -27.51
CA ALA A 27 -50.95 27.96 -26.34
C ALA A 27 -50.54 27.17 -25.11
N TYR A 28 -51.13 27.55 -23.97
CA TYR A 28 -50.89 26.86 -22.71
C TYR A 28 -52.22 26.32 -22.19
N THR A 29 -52.14 25.31 -21.33
CA THR A 29 -53.33 24.85 -20.61
C THR A 29 -52.88 24.16 -19.33
N ASN A 30 -53.84 23.67 -18.57
CA ASN A 30 -53.59 23.16 -17.23
C ASN A 30 -53.40 21.66 -17.23
N SER A 31 -52.45 21.19 -16.42
CA SER A 31 -52.15 19.76 -16.38
C SER A 31 -53.22 18.97 -15.62
N PHE A 32 -53.71 19.52 -14.53
CA PHE A 32 -54.64 18.85 -13.61
C PHE A 32 -53.88 17.67 -12.99
N THR A 33 -54.44 16.46 -12.97
CA THR A 33 -53.83 15.34 -12.27
C THR A 33 -53.52 14.18 -13.21
N ARG A 34 -52.94 14.48 -14.36
CA ARG A 34 -52.59 13.48 -15.34
C ARG A 34 -51.08 13.27 -15.38
N GLY A 35 -50.67 12.07 -15.80
CA GLY A 35 -49.27 11.78 -15.98
C GLY A 35 -48.66 10.95 -14.87
N VAL A 36 -49.39 9.95 -14.39
CA VAL A 36 -48.93 9.06 -13.33
C VAL A 36 -48.71 7.67 -13.93
N TYR A 37 -47.57 7.07 -13.59
CA TYR A 37 -47.21 5.78 -14.15
C TYR A 37 -46.66 4.89 -13.03
N TYR A 38 -46.79 3.58 -13.22
CA TYR A 38 -46.22 2.64 -12.26
C TYR A 38 -44.71 2.74 -12.30
N PRO A 39 -44.05 3.00 -11.17
CA PRO A 39 -42.60 3.23 -11.20
C PRO A 39 -41.75 1.97 -11.24
N ASP A 40 -42.33 0.79 -11.01
CA ASP A 40 -41.55 -0.45 -10.99
C ASP A 40 -42.49 -1.62 -11.23
N LYS A 41 -41.97 -2.83 -11.07
CA LYS A 41 -42.73 -4.05 -11.29
C LYS A 41 -43.15 -4.73 -9.99
N VAL A 42 -43.06 -4.03 -8.87
CA VAL A 42 -43.43 -4.60 -7.59
C VAL A 42 -44.95 -4.57 -7.44
N PHE A 43 -45.49 -5.55 -6.73
CA PHE A 43 -46.91 -5.64 -6.47
C PHE A 43 -47.19 -5.28 -5.01
N ARG A 44 -48.19 -4.44 -4.80
CA ARG A 44 -48.64 -4.07 -3.46
C ARG A 44 -50.16 -4.06 -3.44
N SER A 45 -50.74 -4.27 -2.27
CA SER A 45 -52.19 -4.38 -2.16
C SER A 45 -52.68 -3.54 -1.00
N SER A 46 -53.59 -2.61 -1.29
CA SER A 46 -54.26 -1.79 -0.28
C SER A 46 -53.26 -1.17 0.68
N VAL A 47 -52.39 -0.32 0.14
CA VAL A 47 -51.30 0.25 0.90
C VAL A 47 -51.03 1.67 0.40
N LEU A 48 -50.32 2.45 1.20
CA LEU A 48 -49.88 3.78 0.84
C LEU A 48 -48.36 3.79 0.76
N HIS A 49 -47.82 4.21 -0.37
CA HIS A 49 -46.38 4.15 -0.60
C HIS A 49 -45.89 5.51 -1.07
N SER A 50 -44.85 6.01 -0.43
CA SER A 50 -44.25 7.29 -0.80
C SER A 50 -42.98 7.04 -1.60
N THR A 51 -42.91 7.63 -2.79
CA THR A 51 -41.80 7.38 -3.69
C THR A 51 -41.28 8.68 -4.29
N GLN A 52 -39.97 8.74 -4.48
CA GLN A 52 -39.29 9.89 -5.05
C GLN A 52 -38.83 9.53 -6.45
N ASP A 53 -39.24 10.31 -7.44
CA ASP A 53 -38.93 10.01 -8.84
C ASP A 53 -39.27 11.23 -9.68
N LEU A 54 -39.17 11.08 -11.00
CA LEU A 54 -39.44 12.17 -11.94
C LEU A 54 -40.89 12.09 -12.38
N PHE A 55 -41.67 13.12 -12.04
CA PHE A 55 -43.09 13.16 -12.36
C PHE A 55 -43.44 14.51 -12.99
N LEU A 56 -44.69 14.61 -13.43
CA LEU A 56 -45.24 15.86 -13.93
C LEU A 56 -46.05 16.50 -12.81
N PRO A 57 -45.64 17.64 -12.27
CA PRO A 57 -46.33 18.21 -11.10
C PRO A 57 -47.79 18.49 -11.39
N PHE A 58 -48.62 18.29 -10.37
CA PHE A 58 -50.06 18.53 -10.53
C PHE A 58 -50.34 20.00 -10.81
N PHE A 59 -51.38 20.23 -11.62
CA PHE A 59 -51.83 21.57 -11.96
C PHE A 59 -50.72 22.38 -12.62
N SER A 60 -49.82 21.71 -13.33
CA SER A 60 -48.74 22.39 -14.02
C SER A 60 -49.26 23.04 -15.29
N ASN A 61 -48.34 23.61 -16.06
CA ASN A 61 -48.68 24.42 -17.22
C ASN A 61 -48.14 23.70 -18.45
N VAL A 62 -49.00 22.99 -19.16
CA VAL A 62 -48.62 22.10 -20.24
C VAL A 62 -48.82 22.81 -21.57
N THR A 63 -47.84 22.69 -22.46
CA THR A 63 -47.87 23.40 -23.73
C THR A 63 -48.75 22.66 -24.73
N TRP A 64 -49.51 23.41 -25.51
CA TRP A 64 -50.45 22.85 -26.47
C TRP A 64 -50.10 23.35 -27.87
N PHE A 65 -50.01 22.41 -28.81
CA PHE A 65 -49.74 22.72 -30.21
C PHE A 65 -50.93 22.31 -31.06
N HIS A 66 -51.23 23.14 -32.06
CA HIS A 66 -52.40 22.94 -32.89
C HIS A 66 -52.03 22.90 -34.37
N ASN A 81 -44.89 22.98 -36.37
CA ASN A 81 -44.56 21.73 -35.71
C ASN A 81 -43.05 21.54 -35.66
N PRO A 82 -42.37 22.37 -34.87
CA PRO A 82 -40.90 22.40 -34.90
C PRO A 82 -40.25 21.42 -33.94
N VAL A 83 -38.91 21.45 -33.92
CA VAL A 83 -38.15 20.65 -32.97
C VAL A 83 -38.33 21.21 -31.57
N LEU A 84 -38.48 20.30 -30.59
CA LEU A 84 -38.59 20.70 -29.19
C LEU A 84 -37.52 19.99 -28.37
N PRO A 85 -37.07 20.61 -27.28
CA PRO A 85 -36.11 19.94 -26.41
C PRO A 85 -36.73 18.77 -25.67
N PHE A 86 -35.90 17.80 -25.32
CA PHE A 86 -36.33 16.63 -24.58
C PHE A 86 -36.14 16.76 -23.09
N ASN A 87 -35.10 17.47 -22.66
CA ASN A 87 -34.76 17.65 -21.24
C ASN A 87 -34.54 16.25 -20.65
N ASP A 88 -35.06 15.96 -19.46
CA ASP A 88 -34.85 14.67 -18.82
C ASP A 88 -35.94 13.66 -19.13
N GLY A 89 -37.15 14.12 -19.41
CA GLY A 89 -38.24 13.23 -19.74
C GLY A 89 -39.42 14.03 -20.25
N VAL A 90 -40.29 13.36 -21.00
CA VAL A 90 -41.39 14.06 -21.66
C VAL A 90 -42.69 13.29 -21.46
N TYR A 91 -43.75 14.03 -21.11
CA TYR A 91 -45.10 13.52 -21.13
C TYR A 91 -45.78 14.04 -22.38
N PHE A 92 -46.21 13.13 -23.25
CA PHE A 92 -46.81 13.47 -24.53
C PHE A 92 -48.26 13.01 -24.51
N ALA A 93 -49.17 13.85 -25.01
CA ALA A 93 -50.57 13.48 -25.01
C ALA A 93 -51.21 13.92 -26.30
N SER A 94 -52.24 13.19 -26.73
CA SER A 94 -52.94 13.53 -27.96
C SER A 94 -54.37 13.02 -27.90
N THR A 95 -55.32 13.94 -27.96
CA THR A 95 -56.69 13.58 -28.31
C THR A 95 -56.78 13.49 -29.83
N GLU A 96 -57.44 12.45 -30.32
CA GLU A 96 -57.36 12.17 -31.73
C GLU A 96 -58.51 11.27 -32.16
N LYS A 97 -58.76 11.28 -33.47
CA LYS A 97 -59.61 10.31 -34.15
C LYS A 97 -58.97 10.03 -35.50
N SER A 98 -58.93 8.75 -35.87
CA SER A 98 -58.33 8.27 -37.11
C SER A 98 -56.82 8.51 -37.17
N ASN A 99 -56.17 8.58 -36.02
CA ASN A 99 -54.72 8.43 -35.83
C ASN A 99 -53.89 9.01 -36.97
N ILE A 100 -54.05 10.32 -37.18
CA ILE A 100 -53.25 11.02 -38.18
C ILE A 100 -51.77 10.97 -37.80
N ILE A 101 -51.47 11.19 -36.51
CA ILE A 101 -50.08 11.12 -36.06
C ILE A 101 -49.54 9.72 -36.28
N ARG A 102 -48.26 9.62 -36.64
CA ARG A 102 -47.65 8.34 -36.96
C ARG A 102 -46.57 7.92 -35.96
N GLY A 103 -45.56 8.75 -35.75
CA GLY A 103 -44.44 8.32 -34.96
C GLY A 103 -43.62 9.46 -34.41
N TRP A 104 -42.38 9.14 -34.07
CA TRP A 104 -41.50 10.09 -33.41
C TRP A 104 -40.06 9.89 -33.87
N ILE A 105 -39.28 10.95 -33.73
CA ILE A 105 -37.86 10.96 -34.05
C ILE A 105 -37.11 11.57 -32.88
N PHE A 106 -36.01 10.94 -32.48
CA PHE A 106 -35.22 11.39 -31.35
C PHE A 106 -33.76 11.47 -31.76
N GLY A 107 -33.03 12.41 -31.17
CA GLY A 107 -31.62 12.51 -31.46
C GLY A 107 -31.00 13.73 -30.79
N THR A 108 -29.76 14.01 -31.20
CA THR A 108 -29.00 15.15 -30.69
C THR A 108 -28.82 16.21 -31.76
N THR A 109 -28.24 15.85 -32.90
CA THR A 109 -28.06 16.75 -34.02
C THR A 109 -28.96 16.42 -35.19
N LEU A 110 -29.62 15.26 -35.17
CA LEU A 110 -30.60 14.88 -36.18
C LEU A 110 -29.96 14.80 -37.57
N ASP A 111 -28.87 14.05 -37.66
CA ASP A 111 -28.15 13.89 -38.92
C ASP A 111 -27.35 12.60 -38.86
N SER A 112 -26.77 12.24 -40.00
CA SER A 112 -26.00 11.00 -40.10
C SER A 112 -24.70 11.04 -39.31
N LYS A 113 -24.30 12.20 -38.81
CA LYS A 113 -23.06 12.30 -38.05
C LYS A 113 -23.15 11.64 -36.69
N THR A 114 -24.37 11.42 -36.17
CA THR A 114 -24.54 10.87 -34.83
C THR A 114 -25.77 9.96 -34.82
N GLN A 115 -25.81 9.07 -33.84
CA GLN A 115 -26.90 8.10 -33.74
C GLN A 115 -28.23 8.82 -33.50
N SER A 116 -29.29 8.23 -34.03
CA SER A 116 -30.63 8.76 -33.85
C SER A 116 -31.62 7.61 -33.75
N LEU A 117 -32.76 7.88 -33.10
CA LEU A 117 -33.79 6.90 -32.88
C LEU A 117 -35.03 7.26 -33.69
N LEU A 118 -35.70 6.25 -34.21
CA LEU A 118 -36.91 6.46 -35.00
C LEU A 118 -37.96 5.45 -34.58
N ILE A 119 -39.20 5.91 -34.44
CA ILE A 119 -40.33 5.05 -34.13
C ILE A 119 -41.45 5.37 -35.11
N VAL A 120 -41.99 4.36 -35.78
CA VAL A 120 -43.12 4.54 -36.67
C VAL A 120 -44.17 3.46 -36.41
N ASN A 121 -45.40 3.77 -36.80
CA ASN A 121 -46.51 2.86 -36.69
C ASN A 121 -47.25 2.82 -38.01
N ASN A 122 -47.53 1.61 -38.51
CA ASN A 122 -48.41 1.47 -39.64
C ASN A 122 -49.45 0.39 -39.35
N ALA A 123 -50.21 -0.02 -40.36
CA ALA A 123 -51.39 -0.86 -40.13
C ALA A 123 -51.05 -2.20 -39.50
N THR A 124 -49.81 -2.66 -39.60
CA THR A 124 -49.48 -4.02 -39.18
C THR A 124 -48.53 -4.11 -38.00
N ASN A 125 -47.47 -3.31 -37.96
CA ASN A 125 -46.45 -3.50 -36.95
C ASN A 125 -45.72 -2.20 -36.63
N VAL A 126 -45.61 -1.88 -35.34
CA VAL A 126 -44.72 -0.80 -34.92
C VAL A 126 -43.29 -1.17 -35.22
N VAL A 127 -42.54 -0.21 -35.75
CA VAL A 127 -41.16 -0.39 -36.16
C VAL A 127 -40.29 0.61 -35.41
N ILE A 128 -39.19 0.12 -34.84
CA ILE A 128 -38.25 0.94 -34.08
C ILE A 128 -36.87 0.72 -34.64
N LYS A 129 -36.14 1.80 -34.91
CA LYS A 129 -34.81 1.72 -35.48
C LYS A 129 -33.87 2.67 -34.76
N VAL A 130 -32.58 2.32 -34.76
CA VAL A 130 -31.53 3.18 -34.22
C VAL A 130 -30.48 3.32 -35.32
N CYS A 131 -30.55 4.41 -36.07
CA CYS A 131 -29.64 4.63 -37.19
C CYS A 131 -29.31 6.11 -37.28
N GLU A 132 -28.39 6.45 -38.18
CA GLU A 132 -27.93 7.82 -38.40
C GLU A 132 -28.48 8.26 -39.75
N PHE A 133 -29.69 8.81 -39.75
CA PHE A 133 -30.36 9.20 -40.97
C PHE A 133 -29.94 10.59 -41.42
N GLN A 134 -30.52 11.03 -42.53
CA GLN A 134 -30.41 12.42 -43.00
C GLN A 134 -31.84 12.89 -43.25
N PHE A 135 -32.45 13.42 -42.20
CA PHE A 135 -33.87 13.77 -42.24
C PHE A 135 -34.09 15.02 -43.10
N CYS A 136 -35.31 15.14 -43.61
CA CYS A 136 -35.72 16.32 -44.34
C CYS A 136 -36.20 17.40 -43.37
N ASN A 137 -36.32 18.63 -43.88
CA ASN A 137 -36.73 19.75 -43.05
C ASN A 137 -38.15 19.55 -42.51
N ASP A 138 -39.05 19.07 -43.37
CA ASP A 138 -40.45 18.85 -42.99
C ASP A 138 -40.81 17.42 -43.36
N PRO A 139 -40.39 16.44 -42.56
CA PRO A 139 -40.58 15.04 -42.92
C PRO A 139 -42.00 14.57 -42.69
N PHE A 140 -42.55 13.87 -43.67
CA PHE A 140 -43.84 13.20 -43.54
C PHE A 140 -43.85 11.99 -44.46
N LEU A 141 -44.72 11.04 -44.16
CA LEU A 141 -44.71 9.75 -44.84
C LEU A 141 -45.65 9.70 -46.04
N ASP A 142 -46.95 9.87 -45.79
CA ASP A 142 -48.00 9.72 -46.79
C ASP A 142 -48.02 8.31 -47.39
N VAL A 143 -48.97 8.06 -48.30
CA VAL A 143 -49.11 6.78 -48.96
C VAL A 143 -49.25 7.02 -50.45
N TYR A 144 -48.49 6.25 -51.24
CA TYR A 144 -48.53 6.40 -52.70
C TYR A 144 -48.27 5.05 -53.38
N GLU A 154 -42.56 3.33 -46.27
CA GLU A 154 -42.08 3.96 -45.04
C GLU A 154 -40.79 4.73 -45.29
N SER A 155 -40.87 5.73 -46.17
CA SER A 155 -39.72 6.55 -46.50
C SER A 155 -40.22 7.96 -46.83
N GLY A 156 -39.35 8.76 -47.43
CA GLY A 156 -39.68 10.14 -47.72
C GLY A 156 -39.47 11.09 -46.57
N VAL A 157 -38.95 10.60 -45.44
CA VAL A 157 -38.63 11.42 -44.28
C VAL A 157 -37.12 11.55 -44.07
N TYR A 158 -36.39 10.47 -44.35
CA TYR A 158 -34.94 10.45 -44.26
C TYR A 158 -34.37 10.30 -45.66
N SER A 159 -33.37 11.12 -45.99
CA SER A 159 -32.72 10.99 -47.29
C SER A 159 -31.60 9.97 -47.30
N SER A 160 -31.21 9.44 -46.13
CA SER A 160 -30.17 8.44 -46.06
C SER A 160 -30.39 7.57 -44.83
N ALA A 161 -29.82 6.37 -44.86
CA ALA A 161 -29.90 5.44 -43.74
C ALA A 161 -28.78 4.43 -43.87
N ASN A 162 -27.85 4.44 -42.92
CA ASN A 162 -26.71 3.54 -42.98
C ASN A 162 -26.17 3.32 -41.57
N ASN A 163 -25.43 2.23 -41.41
CA ASN A 163 -24.77 1.89 -40.14
C ASN A 163 -25.80 1.79 -39.00
N CYS A 164 -26.82 0.99 -39.22
CA CYS A 164 -27.83 0.78 -38.19
C CYS A 164 -27.31 -0.15 -37.10
N THR A 165 -27.85 0.03 -35.89
CA THR A 165 -27.43 -0.75 -34.75
C THR A 165 -28.55 -1.61 -34.17
N PHE A 166 -29.70 -1.02 -33.86
CA PHE A 166 -30.80 -1.71 -33.22
C PHE A 166 -32.04 -1.63 -34.10
N GLU A 167 -32.75 -2.75 -34.21
CA GLU A 167 -34.03 -2.81 -34.90
C GLU A 167 -35.02 -3.58 -34.05
N TYR A 168 -36.30 -3.28 -34.26
CA TYR A 168 -37.34 -3.92 -33.46
C TYR A 168 -38.67 -3.80 -34.19
N VAL A 169 -39.48 -4.85 -34.10
CA VAL A 169 -40.80 -4.87 -34.72
C VAL A 169 -41.77 -5.49 -33.72
N SER A 170 -42.96 -4.91 -33.60
CA SER A 170 -43.97 -5.44 -32.69
C SER A 170 -45.35 -5.03 -33.18
N GLN A 171 -46.36 -5.21 -32.33
CA GLN A 171 -47.72 -4.79 -32.64
C GLN A 171 -47.84 -3.28 -32.45
N PRO A 172 -48.46 -2.56 -33.40
CA PRO A 172 -48.49 -1.10 -33.30
C PRO A 172 -49.22 -0.60 -32.06
N PHE A 173 -48.76 0.54 -31.55
CA PHE A 173 -49.38 1.12 -30.37
C PHE A 173 -50.82 1.55 -30.65
N LEU A 174 -51.06 2.13 -31.83
CA LEU A 174 -52.37 2.67 -32.16
C LEU A 174 -53.08 1.77 -33.16
N LYS A 185 -62.07 11.66 -30.15
CA LYS A 185 -62.83 10.75 -29.30
C LYS A 185 -61.92 9.83 -28.50
N ASN A 186 -60.69 9.63 -29.00
CA ASN A 186 -59.70 8.82 -28.31
C ASN A 186 -58.64 9.71 -27.69
N LEU A 187 -58.02 9.23 -26.62
CA LEU A 187 -56.96 9.95 -25.93
C LEU A 187 -55.80 9.00 -25.73
N ARG A 188 -54.63 9.36 -26.24
CA ARG A 188 -53.43 8.56 -26.13
C ARG A 188 -52.42 9.33 -25.29
N GLU A 189 -51.96 8.69 -24.21
CA GLU A 189 -50.99 9.30 -23.30
C GLU A 189 -49.74 8.45 -23.29
N PHE A 190 -48.58 9.09 -23.39
CA PHE A 190 -47.31 8.40 -23.39
C PHE A 190 -46.32 9.15 -22.51
N VAL A 191 -45.40 8.41 -21.92
CA VAL A 191 -44.31 8.98 -21.14
C VAL A 191 -43.01 8.39 -21.65
N PHE A 192 -42.06 9.26 -21.98
CA PHE A 192 -40.78 8.85 -22.52
C PHE A 192 -39.68 9.26 -21.55
N LYS A 193 -38.87 8.28 -21.12
CA LYS A 193 -37.74 8.52 -20.24
C LYS A 193 -36.51 7.86 -20.84
N ASN A 194 -35.34 8.38 -20.49
CA ASN A 194 -34.09 7.82 -20.97
C ASN A 194 -33.04 7.99 -19.89
N ILE A 195 -32.68 6.89 -19.22
CA ILE A 195 -31.69 6.91 -18.15
C ILE A 195 -30.85 5.65 -18.22
N ASP A 196 -29.53 5.82 -18.04
CA ASP A 196 -28.59 4.72 -17.86
C ASP A 196 -28.68 3.72 -19.00
N GLY A 197 -28.55 4.23 -20.22
CA GLY A 197 -28.59 3.37 -21.39
C GLY A 197 -29.90 2.62 -21.54
N TYR A 198 -30.96 3.10 -20.93
CA TYR A 198 -32.27 2.46 -20.97
C TYR A 198 -33.32 3.48 -21.36
N PHE A 199 -34.07 3.17 -22.42
CA PHE A 199 -35.14 4.02 -22.89
C PHE A 199 -36.47 3.38 -22.50
N LYS A 200 -37.24 4.08 -21.67
CA LYS A 200 -38.49 3.53 -21.14
C LYS A 200 -39.67 4.28 -21.74
N ILE A 201 -40.67 3.52 -22.17
CA ILE A 201 -41.87 4.05 -22.79
C ILE A 201 -43.08 3.49 -22.05
N TYR A 202 -43.87 4.39 -21.47
CA TYR A 202 -45.13 4.04 -20.82
C TYR A 202 -46.28 4.59 -21.65
N SER A 203 -47.42 3.91 -21.62
CA SER A 203 -48.53 4.30 -22.48
C SER A 203 -49.85 4.04 -21.80
N LYS A 204 -50.90 4.65 -22.34
CA LYS A 204 -52.26 4.45 -21.89
C LYS A 204 -53.23 5.00 -22.93
N HIS A 205 -54.35 4.30 -23.10
CA HIS A 205 -55.41 4.70 -24.01
C HIS A 205 -56.69 4.97 -23.22
N THR A 206 -57.51 5.88 -23.73
CA THR A 206 -58.77 6.15 -23.05
C THR A 206 -59.80 6.77 -23.99
N PRO A 207 -61.00 6.20 -24.07
CA PRO A 207 -62.07 6.87 -24.81
C PRO A 207 -62.54 8.10 -24.05
N ILE A 208 -62.77 9.19 -24.78
CA ILE A 208 -63.13 10.46 -24.18
C ILE A 208 -64.38 11.00 -24.85
N ASN A 209 -65.16 11.78 -24.10
CA ASN A 209 -66.34 12.45 -24.60
C ASN A 209 -66.23 13.96 -24.61
N LEU A 210 -65.35 14.53 -23.78
CA LEU A 210 -65.16 15.98 -23.78
C LEU A 210 -64.51 16.43 -25.09
N VAL A 211 -64.72 17.70 -25.42
CA VAL A 211 -64.40 18.18 -26.76
C VAL A 211 -62.91 18.50 -26.91
N ARG A 212 -62.35 19.33 -26.04
CA ARG A 212 -61.08 19.98 -26.34
C ARG A 212 -59.96 19.61 -25.38
N ASP A 213 -60.09 19.88 -24.10
CA ASP A 213 -58.95 19.81 -23.18
C ASP A 213 -59.03 18.57 -22.31
N LEU A 214 -57.97 18.37 -21.53
CA LEU A 214 -57.81 17.15 -20.75
C LEU A 214 -58.88 17.08 -19.65
N PRO A 215 -59.45 15.90 -19.41
CA PRO A 215 -60.52 15.77 -18.42
C PRO A 215 -59.98 15.79 -17.00
N GLN A 216 -60.90 15.96 -16.06
CA GLN A 216 -60.57 15.98 -14.63
C GLN A 216 -60.70 14.57 -14.04
N GLY A 217 -59.89 13.66 -14.58
CA GLY A 217 -59.89 12.28 -14.15
C GLY A 217 -58.50 11.83 -13.72
N PHE A 218 -58.44 10.58 -13.27
CA PHE A 218 -57.20 9.97 -12.82
C PHE A 218 -57.06 8.59 -13.44
N SER A 219 -55.87 8.29 -13.94
CA SER A 219 -55.59 6.99 -14.53
C SER A 219 -54.08 6.79 -14.61
N ALA A 220 -53.61 5.65 -14.14
CA ALA A 220 -52.18 5.37 -14.17
C ALA A 220 -51.76 4.91 -15.57
N LEU A 221 -50.48 5.07 -15.86
CA LEU A 221 -49.92 4.72 -17.15
C LEU A 221 -49.09 3.45 -17.01
N GLU A 222 -49.59 2.35 -17.55
CA GLU A 222 -48.90 1.08 -17.44
C GLU A 222 -47.63 1.10 -18.28
N PRO A 223 -46.57 0.44 -17.83
CA PRO A 223 -45.34 0.38 -18.63
C PRO A 223 -45.58 -0.40 -19.91
N LEU A 224 -44.93 0.04 -20.97
CA LEU A 224 -45.09 -0.59 -22.28
C LEU A 224 -43.81 -1.26 -22.76
N VAL A 225 -42.71 -0.52 -22.90
CA VAL A 225 -41.51 -1.09 -23.51
C VAL A 225 -40.28 -0.51 -22.82
N ASP A 226 -39.21 -1.29 -22.77
CA ASP A 226 -37.89 -0.82 -22.38
C ASP A 226 -36.88 -1.21 -23.46
N LEU A 227 -35.91 -0.34 -23.69
CA LEU A 227 -34.90 -0.53 -24.72
C LEU A 227 -33.51 -0.43 -24.09
N PRO A 228 -32.64 -1.42 -24.31
CA PRO A 228 -31.26 -1.38 -23.80
C PRO A 228 -30.29 -0.73 -24.78
N ILE A 229 -30.41 0.59 -24.93
CA ILE A 229 -29.66 1.33 -25.93
C ILE A 229 -29.05 2.57 -25.30
N GLY A 230 -27.81 2.87 -25.67
CA GLY A 230 -27.12 4.02 -25.16
C GLY A 230 -27.12 5.15 -26.17
N ILE A 231 -27.71 6.28 -25.79
CA ILE A 231 -27.85 7.45 -26.66
C ILE A 231 -27.92 8.69 -25.78
N ASN A 232 -27.84 9.86 -26.41
CA ASN A 232 -27.96 11.14 -25.72
C ASN A 232 -29.07 12.04 -26.27
N ILE A 233 -30.29 11.50 -26.41
CA ILE A 233 -31.40 12.30 -26.94
C ILE A 233 -31.54 13.60 -26.16
N THR A 234 -31.54 14.71 -26.88
CA THR A 234 -31.82 16.02 -26.31
C THR A 234 -33.01 16.72 -26.94
N ARG A 235 -33.41 16.34 -28.16
CA ARG A 235 -34.53 16.96 -28.83
C ARG A 235 -35.31 15.88 -29.57
N PHE A 236 -36.54 16.21 -29.95
CA PHE A 236 -37.38 15.26 -30.66
C PHE A 236 -38.37 16.01 -31.55
N GLN A 237 -39.08 15.23 -32.36
CA GLN A 237 -39.99 15.79 -33.36
C GLN A 237 -41.11 14.79 -33.63
N THR A 238 -42.29 15.33 -33.91
CA THR A 238 -43.48 14.52 -34.17
C THR A 238 -43.68 14.35 -35.67
N LEU A 239 -44.23 13.20 -36.06
CA LEU A 239 -44.42 12.85 -37.46
C LEU A 239 -45.90 12.67 -37.78
N LEU A 240 -46.32 13.24 -38.91
CA LEU A 240 -47.69 13.14 -39.37
C LEU A 240 -47.70 12.62 -40.80
N ALA A 241 -48.75 11.88 -41.15
CA ALA A 241 -48.97 11.45 -42.52
C ALA A 241 -49.98 12.39 -43.19
N LEU A 242 -49.51 13.62 -43.40
CA LEU A 242 -50.38 14.69 -43.92
C LEU A 242 -50.61 14.47 -45.40
N HIS A 243 -51.83 14.09 -45.77
CA HIS A 243 -52.15 13.83 -47.16
C HIS A 243 -52.05 15.11 -47.99
N ARG A 244 -51.71 14.93 -49.26
CA ARG A 244 -51.50 16.07 -50.17
C ARG A 244 -52.82 16.79 -50.39
N SER A 245 -52.95 17.98 -49.83
CA SER A 245 -54.17 18.78 -49.99
C SER A 245 -53.89 20.25 -49.68
N ALA A 260 -52.42 21.33 -38.21
CA ALA A 260 -53.87 21.30 -38.09
C ALA A 260 -54.32 20.20 -37.14
N ALA A 261 -53.39 19.70 -36.35
CA ALA A 261 -53.66 18.66 -35.36
C ALA A 261 -53.17 19.12 -33.99
N ALA A 262 -53.85 18.64 -32.96
CA ALA A 262 -53.64 19.11 -31.59
C ALA A 262 -52.92 18.06 -30.77
N TYR A 263 -51.93 18.49 -30.00
CA TYR A 263 -51.28 17.61 -29.04
C TYR A 263 -50.67 18.45 -27.93
N TYR A 264 -50.26 17.78 -26.86
CA TYR A 264 -49.82 18.46 -25.65
C TYR A 264 -48.49 17.88 -25.18
N VAL A 265 -47.61 18.76 -24.70
CA VAL A 265 -46.27 18.39 -24.25
C VAL A 265 -46.04 18.96 -22.85
N GLY A 266 -45.60 18.10 -21.94
CA GLY A 266 -45.21 18.52 -20.62
C GLY A 266 -43.88 17.90 -20.23
N TYR A 267 -43.24 18.51 -19.23
CA TYR A 267 -41.89 18.13 -18.83
C TYR A 267 -41.89 17.60 -17.40
N LEU A 268 -40.94 16.73 -17.11
CA LEU A 268 -40.85 16.06 -15.82
C LEU A 268 -39.82 16.72 -14.93
N GLN A 269 -40.05 16.63 -13.62
CA GLN A 269 -39.15 17.15 -12.61
C GLN A 269 -39.05 16.13 -11.48
N PRO A 270 -37.95 16.12 -10.74
CA PRO A 270 -37.83 15.20 -9.60
C PRO A 270 -38.59 15.72 -8.40
N ARG A 271 -39.38 14.84 -7.79
CA ARG A 271 -40.19 15.17 -6.62
C ARG A 271 -40.74 13.88 -6.03
N THR A 272 -41.45 14.00 -4.92
CA THR A 272 -41.98 12.86 -4.19
C THR A 272 -43.49 12.85 -4.28
N PHE A 273 -44.06 11.64 -4.40
CA PHE A 273 -45.49 11.43 -4.50
C PHE A 273 -45.91 10.40 -3.47
N LEU A 274 -47.19 10.43 -3.12
CA LEU A 274 -47.79 9.41 -2.27
C LEU A 274 -48.85 8.68 -3.07
N LEU A 275 -48.66 7.39 -3.29
CA LEU A 275 -49.50 6.58 -4.14
C LEU A 275 -50.33 5.62 -3.29
N LYS A 276 -51.55 5.34 -3.74
CA LYS A 276 -52.43 4.41 -3.06
C LYS A 276 -52.66 3.20 -3.96
N TYR A 277 -52.43 2.00 -3.42
CA TYR A 277 -52.66 0.75 -4.11
C TYR A 277 -53.89 0.08 -3.53
N ASN A 278 -54.81 -0.32 -4.41
CA ASN A 278 -56.04 -0.97 -4.00
C ASN A 278 -55.80 -2.48 -3.82
N GLU A 279 -56.88 -3.24 -3.72
CA GLU A 279 -56.76 -4.66 -3.42
C GLU A 279 -55.96 -5.41 -4.48
N ASN A 280 -56.19 -5.11 -5.76
CA ASN A 280 -55.56 -5.83 -6.85
C ASN A 280 -54.28 -5.20 -7.33
N GLY A 281 -53.75 -4.21 -6.61
CA GLY A 281 -52.51 -3.61 -7.01
C GLY A 281 -52.60 -2.58 -8.11
N THR A 282 -53.76 -1.94 -8.27
CA THR A 282 -53.95 -0.89 -9.25
C THR A 282 -53.91 0.45 -8.54
N ILE A 283 -53.12 1.38 -9.07
CA ILE A 283 -53.02 2.71 -8.49
C ILE A 283 -54.32 3.45 -8.76
N THR A 284 -55.01 3.86 -7.69
CA THR A 284 -56.28 4.55 -7.81
C THR A 284 -56.24 6.00 -7.38
N ASP A 285 -55.21 6.42 -6.66
CA ASP A 285 -55.12 7.80 -6.21
C ASP A 285 -53.68 8.16 -5.90
N ALA A 286 -53.36 9.44 -6.11
CA ALA A 286 -52.01 9.94 -5.88
C ALA A 286 -52.10 11.32 -5.24
N VAL A 287 -51.03 11.68 -4.55
CA VAL A 287 -50.92 12.97 -3.89
C VAL A 287 -49.55 13.55 -4.21
N ASP A 288 -49.53 14.69 -4.90
CA ASP A 288 -48.32 15.48 -5.03
C ASP A 288 -47.98 16.07 -3.66
N CYS A 289 -46.70 16.09 -3.33
CA CYS A 289 -46.34 16.28 -1.94
C CYS A 289 -45.92 17.70 -1.61
N ALA A 290 -45.37 18.44 -2.57
CA ALA A 290 -44.95 19.81 -2.35
C ALA A 290 -45.89 20.82 -2.99
N LEU A 291 -47.14 20.43 -3.23
CA LEU A 291 -48.08 21.34 -3.88
C LEU A 291 -48.49 22.49 -2.96
N ASP A 292 -48.83 22.17 -1.71
CA ASP A 292 -49.36 23.15 -0.78
C ASP A 292 -49.24 22.58 0.63
N PRO A 293 -49.49 23.40 1.66
CA PRO A 293 -49.34 22.88 3.03
C PRO A 293 -50.18 21.65 3.34
N LEU A 294 -51.41 21.58 2.83
CA LEU A 294 -52.25 20.42 3.10
C LEU A 294 -51.61 19.15 2.55
N SER A 295 -51.01 19.24 1.38
CA SER A 295 -50.34 18.08 0.80
C SER A 295 -49.16 17.65 1.66
N GLU A 296 -48.39 18.61 2.19
CA GLU A 296 -47.30 18.25 3.08
C GLU A 296 -47.80 17.59 4.34
N THR A 297 -48.94 18.06 4.86
CA THR A 297 -49.56 17.41 6.01
C THR A 297 -49.91 15.96 5.70
N LYS A 298 -50.53 15.74 4.54
CA LYS A 298 -50.89 14.38 4.15
C LYS A 298 -49.66 13.51 3.99
N CYS A 299 -48.57 14.07 3.47
CA CYS A 299 -47.32 13.34 3.34
C CYS A 299 -46.81 12.91 4.70
N THR A 300 -46.51 13.87 5.56
CA THR A 300 -45.89 13.54 6.85
C THR A 300 -46.79 12.64 7.68
N LEU A 301 -48.09 12.94 7.72
CA LEU A 301 -49.02 12.09 8.45
C LEU A 301 -49.26 10.77 7.75
N LYS A 302 -48.94 10.69 6.45
CA LYS A 302 -49.04 9.45 5.67
C LYS A 302 -50.47 8.92 5.65
N SER A 303 -51.40 9.77 5.22
CA SER A 303 -52.79 9.37 5.10
C SER A 303 -53.48 10.29 4.11
N PHE A 304 -54.58 9.81 3.55
CA PHE A 304 -55.37 10.59 2.62
C PHE A 304 -56.47 11.38 3.33
N THR A 305 -56.65 11.19 4.62
CA THR A 305 -57.59 11.96 5.41
C THR A 305 -56.90 12.44 6.68
N VAL A 306 -57.27 13.64 7.12
CA VAL A 306 -56.59 14.31 8.23
C VAL A 306 -57.62 14.73 9.26
N GLU A 307 -57.38 14.37 10.51
CA GLU A 307 -58.24 14.77 11.62
C GLU A 307 -57.95 16.22 12.02
N LYS A 308 -58.92 16.82 12.69
CA LYS A 308 -58.76 18.19 13.17
C LYS A 308 -57.63 18.27 14.19
N GLY A 309 -56.80 19.29 14.06
CA GLY A 309 -55.69 19.46 14.99
C GLY A 309 -54.63 20.36 14.39
N ILE A 310 -53.44 20.30 14.98
CA ILE A 310 -52.29 21.05 14.52
C ILE A 310 -51.11 20.10 14.41
N TYR A 311 -50.40 20.18 13.29
CA TYR A 311 -49.32 19.25 12.99
C TYR A 311 -48.08 20.02 12.57
N GLN A 312 -46.91 19.44 12.86
CA GLN A 312 -45.63 20.07 12.58
C GLN A 312 -45.01 19.37 11.37
N THR A 313 -44.90 20.09 10.26
CA THR A 313 -44.47 19.50 9.00
C THR A 313 -42.97 19.59 8.79
N SER A 314 -42.42 20.81 8.77
CA SER A 314 -41.02 20.98 8.40
C SER A 314 -40.44 22.18 9.14
N ASN A 315 -39.23 22.55 8.74
CA ASN A 315 -38.49 23.66 9.31
C ASN A 315 -38.44 24.82 8.33
N PHE A 316 -37.79 25.90 8.78
CA PHE A 316 -37.66 27.11 8.00
C PHE A 316 -36.39 27.82 8.43
N ARG A 317 -35.57 28.21 7.46
CA ARG A 317 -34.31 28.88 7.74
C ARG A 317 -34.05 29.93 6.67
N VAL A 318 -33.64 31.12 7.10
CA VAL A 318 -33.32 32.19 6.18
C VAL A 318 -31.94 31.94 5.59
N GLN A 319 -31.86 31.90 4.27
CA GLN A 319 -30.59 31.61 3.61
C GLN A 319 -29.71 32.86 3.56
N PRO A 320 -28.39 32.70 3.63
CA PRO A 320 -27.50 33.85 3.51
C PRO A 320 -27.53 34.44 2.11
N THR A 321 -27.27 35.73 2.04
CA THR A 321 -27.37 36.45 0.76
C THR A 321 -26.04 36.48 0.01
N GLU A 322 -25.00 37.05 0.62
CA GLU A 322 -23.70 37.17 -0.03
C GLU A 322 -22.61 36.92 1.01
N SER A 323 -21.36 37.04 0.58
CA SER A 323 -20.20 36.80 1.41
C SER A 323 -19.41 38.08 1.63
N ILE A 324 -18.78 38.19 2.79
CA ILE A 324 -18.04 39.38 3.20
C ILE A 324 -16.63 38.95 3.59
N VAL A 325 -15.63 39.67 3.11
CA VAL A 325 -14.24 39.44 3.47
C VAL A 325 -13.62 40.75 3.92
N ARG A 326 -13.02 40.75 5.11
CA ARG A 326 -12.36 41.94 5.64
C ARG A 326 -10.99 41.56 6.18
N PHE A 327 -10.05 42.48 6.05
CA PHE A 327 -8.66 42.25 6.42
C PHE A 327 -8.00 43.59 6.71
N PRO A 328 -6.90 43.61 7.44
CA PRO A 328 -6.27 44.88 7.79
C PRO A 328 -5.66 45.57 6.58
N ASN A 329 -5.36 46.85 6.76
CA ASN A 329 -4.80 47.65 5.68
C ASN A 329 -3.49 47.05 5.18
N ILE A 330 -3.32 47.04 3.87
CA ILE A 330 -2.11 46.49 3.25
C ILE A 330 -1.00 47.51 3.39
N THR A 331 0.12 47.09 3.97
CA THR A 331 1.27 47.96 4.16
C THR A 331 2.51 47.09 4.27
N ASN A 332 3.67 47.76 4.38
CA ASN A 332 4.97 47.09 4.48
C ASN A 332 5.24 46.23 3.25
N LEU A 333 5.30 46.90 2.10
CA LEU A 333 5.57 46.20 0.85
C LEU A 333 7.01 45.73 0.79
N CYS A 334 7.21 44.55 0.20
CA CYS A 334 8.56 44.05 0.00
C CYS A 334 9.29 44.92 -1.02
N PRO A 335 10.58 45.20 -0.81
CA PRO A 335 11.31 46.16 -1.66
C PRO A 335 11.83 45.55 -2.95
N PHE A 336 10.91 45.15 -3.83
CA PHE A 336 11.30 44.62 -5.13
C PHE A 336 11.77 45.72 -6.09
N GLY A 337 11.33 46.97 -5.87
CA GLY A 337 11.68 48.02 -6.81
C GLY A 337 13.17 48.29 -6.87
N GLU A 338 13.85 48.26 -5.73
CA GLU A 338 15.28 48.54 -5.70
C GLU A 338 16.12 47.45 -6.36
N VAL A 339 15.53 46.29 -6.65
CA VAL A 339 16.27 45.20 -7.28
C VAL A 339 16.06 45.25 -8.79
N PHE A 340 14.79 45.23 -9.22
CA PHE A 340 14.51 45.17 -10.65
C PHE A 340 14.77 46.51 -11.34
N ASN A 341 14.63 47.62 -10.62
CA ASN A 341 14.88 48.95 -11.16
C ASN A 341 16.18 49.54 -10.65
N ALA A 342 17.12 48.68 -10.26
CA ALA A 342 18.45 49.13 -9.85
C ALA A 342 19.24 49.60 -11.07
N THR A 343 20.13 50.56 -10.84
CA THR A 343 20.92 51.11 -11.93
C THR A 343 21.97 50.11 -12.42
N ARG A 344 22.66 49.46 -11.49
CA ARG A 344 23.80 48.61 -11.81
C ARG A 344 23.65 47.25 -11.14
N PHE A 345 24.00 46.20 -11.87
CA PHE A 345 24.03 44.83 -11.37
C PHE A 345 25.46 44.34 -11.26
N ALA A 346 25.64 43.26 -10.51
CA ALA A 346 26.96 42.71 -10.26
C ALA A 346 27.37 41.75 -11.36
N SER A 347 28.56 41.17 -11.21
CA SER A 347 29.08 40.23 -12.19
C SER A 347 28.32 38.90 -12.14
N VAL A 348 28.48 38.11 -13.20
CA VAL A 348 27.83 36.81 -13.26
C VAL A 348 28.46 35.85 -12.25
N TYR A 349 29.78 35.89 -12.09
CA TYR A 349 30.43 35.08 -11.08
C TYR A 349 30.40 35.73 -9.70
N ALA A 350 29.98 36.99 -9.61
CA ALA A 350 29.82 37.67 -8.34
C ALA A 350 28.37 38.12 -8.17
N TRP A 351 27.45 37.20 -8.44
CA TRP A 351 26.02 37.55 -8.49
C TRP A 351 25.56 38.18 -7.18
N ASN A 352 24.79 39.26 -7.30
CA ASN A 352 24.31 39.97 -6.12
C ASN A 352 23.22 39.16 -5.44
N ARG A 353 23.42 38.88 -4.16
CA ARG A 353 22.52 38.05 -3.36
C ARG A 353 21.78 38.92 -2.37
N LYS A 354 20.45 38.80 -2.35
CA LYS A 354 19.59 39.58 -1.47
C LYS A 354 18.62 38.66 -0.75
N ARG A 355 18.41 38.93 0.54
CA ARG A 355 17.44 38.21 1.35
C ARG A 355 16.26 39.12 1.66
N ILE A 356 15.05 38.61 1.47
CA ILE A 356 13.82 39.37 1.68
C ILE A 356 12.97 38.62 2.69
N SER A 357 12.51 39.34 3.72
CA SER A 357 11.65 38.78 4.74
C SER A 357 10.91 39.91 5.44
N ASN A 358 9.82 39.55 6.11
CA ASN A 358 9.03 40.46 6.94
C ASN A 358 8.47 41.63 6.11
N CYS A 359 7.66 41.28 5.13
CA CYS A 359 6.97 42.28 4.31
C CYS A 359 5.89 41.56 3.51
N VAL A 360 5.06 42.34 2.83
CA VAL A 360 4.09 41.82 1.88
C VAL A 360 4.66 41.94 0.48
N ALA A 361 4.63 40.85 -0.28
CA ALA A 361 5.23 40.80 -1.60
C ALA A 361 4.11 40.69 -2.63
N ASP A 362 4.06 41.66 -3.54
CA ASP A 362 3.10 41.65 -4.64
C ASP A 362 3.79 41.10 -5.88
N TYR A 363 3.25 40.00 -6.41
CA TYR A 363 3.85 39.33 -7.55
C TYR A 363 3.15 39.65 -8.87
N SER A 364 1.83 39.81 -8.85
CA SER A 364 1.11 40.11 -10.08
C SER A 364 1.51 41.46 -10.65
N VAL A 365 1.95 42.39 -9.80
CA VAL A 365 2.33 43.72 -10.29
C VAL A 365 3.53 43.61 -11.23
N LEU A 366 4.51 42.80 -10.89
CA LEU A 366 5.63 42.55 -11.80
C LEU A 366 5.25 41.59 -12.90
N TYR A 367 4.39 40.61 -12.60
CA TYR A 367 3.96 39.65 -13.62
C TYR A 367 3.20 40.35 -14.73
N ASN A 368 2.34 41.30 -14.38
CA ASN A 368 1.60 42.08 -15.38
C ASN A 368 2.41 43.26 -15.88
N SER A 369 3.63 42.99 -16.33
CA SER A 369 4.51 44.00 -16.91
C SER A 369 5.10 43.46 -18.20
N ALA A 370 5.10 44.29 -19.24
CA ALA A 370 5.61 43.91 -20.54
C ALA A 370 7.08 44.25 -20.74
N SER A 371 7.74 44.82 -19.73
CA SER A 371 9.13 45.21 -19.87
C SER A 371 10.09 44.04 -19.69
N PHE A 372 9.61 42.86 -19.32
CA PHE A 372 10.46 41.72 -19.05
C PHE A 372 10.43 40.79 -20.26
N SER A 373 11.60 40.64 -20.90
CA SER A 373 11.69 39.79 -22.09
C SER A 373 11.39 38.34 -21.75
N THR A 374 11.94 37.84 -20.65
CA THR A 374 11.77 36.46 -20.23
C THR A 374 11.22 36.42 -18.82
N PHE A 375 10.15 35.64 -18.62
CA PHE A 375 9.54 35.45 -17.32
C PHE A 375 9.17 33.98 -17.21
N LYS A 376 10.01 33.19 -16.54
CA LYS A 376 9.81 31.75 -16.46
C LYS A 376 9.65 31.35 -15.00
N CYS A 377 8.51 30.76 -14.67
CA CYS A 377 8.21 30.32 -13.32
C CYS A 377 8.15 28.80 -13.28
N TYR A 378 8.86 28.20 -12.33
CA TYR A 378 8.94 26.74 -12.22
C TYR A 378 8.32 26.19 -10.95
N GLY A 379 8.19 26.99 -9.90
CA GLY A 379 7.55 26.52 -8.69
C GLY A 379 6.07 26.31 -8.86
N VAL A 380 5.32 27.40 -9.05
CA VAL A 380 3.89 27.37 -9.29
C VAL A 380 3.57 28.41 -10.36
N SER A 381 2.29 28.51 -10.71
CA SER A 381 1.85 29.52 -11.66
C SER A 381 1.98 30.91 -11.03
N PRO A 382 2.28 31.94 -11.84
CA PRO A 382 2.41 33.29 -11.28
C PRO A 382 1.17 33.78 -10.56
N THR A 383 -0.02 33.42 -11.06
CA THR A 383 -1.24 33.84 -10.40
C THR A 383 -1.38 33.19 -9.03
N LYS A 384 -1.08 31.89 -8.93
CA LYS A 384 -1.24 31.18 -7.67
C LYS A 384 -0.19 31.58 -6.64
N LEU A 385 0.90 32.23 -7.07
CA LEU A 385 1.97 32.57 -6.14
C LEU A 385 1.48 33.50 -5.03
N ASN A 386 0.59 34.44 -5.36
CA ASN A 386 0.12 35.40 -4.38
C ASN A 386 -0.69 34.74 -3.26
N ASP A 387 -1.14 33.50 -3.45
CA ASP A 387 -1.96 32.85 -2.44
C ASP A 387 -1.09 32.23 -1.34
N LEU A 388 -0.24 31.27 -1.70
CA LEU A 388 0.63 30.65 -0.73
C LEU A 388 1.84 31.55 -0.47
N CYS A 389 2.61 31.20 0.57
CA CYS A 389 3.77 32.02 0.90
C CYS A 389 4.77 31.21 1.71
N PHE A 390 5.98 31.72 1.77
CA PHE A 390 7.14 31.06 2.38
C PHE A 390 7.66 31.92 3.51
N THR A 391 8.80 31.51 4.09
CA THR A 391 9.37 32.25 5.21
C THR A 391 10.45 33.23 4.81
N ASN A 392 11.09 33.06 3.65
CA ASN A 392 12.00 34.08 3.15
C ASN A 392 12.23 33.88 1.66
N VAL A 393 12.78 34.91 1.02
CA VAL A 393 13.03 34.91 -0.42
C VAL A 393 14.48 35.29 -0.65
N TYR A 394 15.08 34.69 -1.68
CA TYR A 394 16.47 34.98 -2.06
C TYR A 394 16.50 35.41 -3.52
N ALA A 395 17.19 36.51 -3.79
CA ALA A 395 17.27 37.10 -5.11
C ALA A 395 18.72 37.12 -5.58
N ASP A 396 18.96 36.58 -6.78
CA ASP A 396 20.27 36.60 -7.41
C ASP A 396 20.17 37.48 -8.65
N SER A 397 20.86 38.61 -8.63
CA SER A 397 20.77 39.60 -9.71
C SER A 397 22.14 39.80 -10.35
N PHE A 398 22.14 39.91 -11.68
CA PHE A 398 23.35 40.18 -12.45
C PHE A 398 22.95 40.54 -13.88
N VAL A 399 23.93 40.71 -14.75
CA VAL A 399 23.71 40.93 -16.17
C VAL A 399 24.66 40.03 -16.95
N ILE A 400 24.14 39.34 -17.96
CA ILE A 400 24.92 38.39 -18.74
C ILE A 400 24.75 38.68 -20.23
N ARG A 401 25.32 37.84 -21.07
CA ARG A 401 25.08 37.94 -22.50
C ARG A 401 23.68 37.43 -22.83
N GLY A 402 23.14 37.92 -23.96
CA GLY A 402 21.78 37.56 -24.33
C GLY A 402 21.61 36.07 -24.59
N ASP A 403 22.62 35.45 -25.22
CA ASP A 403 22.53 34.03 -25.55
C ASP A 403 22.65 33.12 -24.34
N GLU A 404 23.15 33.63 -23.21
CA GLU A 404 23.40 32.81 -22.03
C GLU A 404 22.19 32.71 -21.10
N VAL A 405 21.09 33.40 -21.41
CA VAL A 405 19.94 33.40 -20.51
C VAL A 405 19.34 31.99 -20.42
N ARG A 406 19.36 31.24 -21.52
CA ARG A 406 18.87 29.87 -21.48
C ARG A 406 19.77 28.96 -20.66
N GLN A 407 21.01 29.38 -20.39
CA GLN A 407 21.91 28.56 -19.59
C GLN A 407 21.48 28.49 -18.12
N ILE A 408 20.89 29.57 -17.61
CA ILE A 408 20.47 29.61 -16.21
C ILE A 408 19.09 28.97 -16.08
N ALA A 409 19.07 27.66 -15.86
CA ALA A 409 17.83 26.92 -15.71
C ALA A 409 18.14 25.58 -15.04
N PRO A 410 17.19 24.99 -14.34
CA PRO A 410 17.41 23.65 -13.78
C PRO A 410 17.67 22.63 -14.89
N GLY A 411 18.57 21.70 -14.63
CA GLY A 411 18.92 20.71 -15.62
C GLY A 411 19.52 21.28 -16.89
N GLN A 412 20.30 22.36 -16.75
CA GLN A 412 20.95 23.02 -17.88
C GLN A 412 22.42 23.21 -17.58
N THR A 413 23.26 22.98 -18.58
CA THR A 413 24.71 23.07 -18.42
C THR A 413 25.27 24.12 -19.38
N GLY A 414 26.46 24.59 -19.04
CA GLY A 414 27.12 25.60 -19.84
C GLY A 414 28.24 26.24 -19.05
N LYS A 415 28.98 27.11 -19.73
CA LYS A 415 30.09 27.81 -19.08
C LYS A 415 29.59 28.65 -17.91
N ILE A 416 28.53 29.43 -18.13
CA ILE A 416 27.93 30.20 -17.04
C ILE A 416 27.34 29.27 -15.99
N ALA A 417 26.61 28.24 -16.43
CA ALA A 417 25.91 27.35 -15.52
C ALA A 417 26.85 26.49 -14.69
N ASP A 418 28.12 26.40 -15.04
CA ASP A 418 29.05 25.53 -14.34
C ASP A 418 30.21 26.26 -13.68
N TYR A 419 30.67 27.39 -14.22
CA TYR A 419 31.82 28.09 -13.68
C TYR A 419 31.50 29.47 -13.14
N ASN A 420 30.29 29.99 -13.36
CA ASN A 420 29.91 31.32 -12.90
C ASN A 420 28.80 31.29 -11.86
N TYR A 421 27.71 30.59 -12.14
CA TYR A 421 26.65 30.39 -11.17
C TYR A 421 25.85 29.15 -11.56
N LYS A 422 25.52 28.34 -10.57
CA LYS A 422 24.81 27.09 -10.77
C LYS A 422 23.51 27.07 -9.97
N LEU A 423 22.50 26.44 -10.53
CA LEU A 423 21.21 26.25 -9.88
C LEU A 423 20.84 24.78 -9.89
N PRO A 424 20.12 24.31 -8.88
CA PRO A 424 19.79 22.88 -8.80
C PRO A 424 18.69 22.51 -9.78
N ASP A 425 18.48 21.20 -9.91
CA ASP A 425 17.43 20.69 -10.79
C ASP A 425 16.05 20.89 -10.19
N ASP A 426 15.95 20.90 -8.86
CA ASP A 426 14.68 21.08 -8.15
C ASP A 426 14.49 22.51 -7.68
N PHE A 427 15.01 23.49 -8.41
CA PHE A 427 14.88 24.88 -8.01
C PHE A 427 13.41 25.30 -8.00
N THR A 428 13.02 25.98 -6.94
CA THR A 428 11.68 26.54 -6.81
C THR A 428 11.76 28.06 -6.87
N GLY A 429 10.95 28.66 -7.72
CA GLY A 429 10.95 30.10 -7.90
C GLY A 429 10.83 30.44 -9.37
N CYS A 430 11.26 31.65 -9.71
CA CYS A 430 11.12 32.16 -11.06
C CYS A 430 12.38 32.90 -11.48
N VAL A 431 12.46 33.18 -12.79
CA VAL A 431 13.55 33.90 -13.41
C VAL A 431 12.97 35.00 -14.28
N ILE A 432 13.48 36.22 -14.13
CA ILE A 432 13.03 37.38 -14.89
C ILE A 432 14.24 38.01 -15.55
N ALA A 433 14.20 38.15 -16.88
CA ALA A 433 15.28 38.72 -17.64
C ALA A 433 14.74 39.76 -18.61
N TRP A 434 15.54 40.78 -18.89
CA TRP A 434 15.13 41.79 -19.86
C TRP A 434 16.37 42.45 -20.46
N ASN A 435 16.22 42.91 -21.70
CA ASN A 435 17.36 43.43 -22.45
C ASN A 435 17.94 44.67 -21.77
N SER A 436 19.27 44.76 -21.81
CA SER A 436 19.99 45.91 -21.29
C SER A 436 21.00 46.43 -22.31
N ASN A 437 20.72 46.21 -23.60
CA ASN A 437 21.57 46.76 -24.65
C ASN A 437 21.60 48.28 -24.59
N ASN A 438 20.44 48.89 -24.34
CA ASN A 438 20.37 50.35 -24.28
C ASN A 438 21.16 50.94 -23.12
N LEU A 439 21.40 50.17 -22.06
CA LEU A 439 22.07 50.68 -20.87
C LEU A 439 23.44 50.05 -20.65
N ASP A 440 23.50 48.72 -20.55
CA ASP A 440 24.75 48.07 -20.20
C ASP A 440 25.75 48.13 -21.35
N SER A 441 25.31 47.84 -22.56
CA SER A 441 26.22 47.87 -23.71
C SER A 441 26.70 49.29 -23.96
N LYS A 442 27.99 49.42 -24.25
CA LYS A 442 28.63 50.71 -24.43
C LYS A 442 29.11 50.86 -25.87
N VAL A 443 29.08 52.10 -26.36
CA VAL A 443 29.61 52.37 -27.69
C VAL A 443 31.10 52.08 -27.74
N GLY A 444 31.82 52.39 -26.66
CA GLY A 444 33.22 52.05 -26.54
C GLY A 444 33.48 50.64 -26.05
N GLY A 445 32.42 49.90 -25.69
CA GLY A 445 32.58 48.54 -25.23
C GLY A 445 32.40 48.37 -23.74
N ASN A 446 31.41 47.55 -23.35
CA ASN A 446 31.15 47.28 -21.93
C ASN A 446 32.11 46.18 -21.46
N TYR A 447 33.38 46.56 -21.33
CA TYR A 447 34.41 45.66 -20.86
C TYR A 447 34.53 45.61 -19.35
N ASN A 448 33.72 46.41 -18.64
CA ASN A 448 33.70 46.33 -17.18
C ASN A 448 33.23 44.97 -16.71
N TYR A 449 32.19 44.43 -17.35
CA TYR A 449 31.66 43.13 -16.96
C TYR A 449 32.60 42.01 -17.38
N ARG A 450 32.68 40.98 -16.54
CA ARG A 450 33.53 39.84 -16.81
C ARG A 450 32.79 38.57 -16.42
N TYR A 451 33.23 37.45 -17.01
CA TYR A 451 32.67 36.14 -16.74
C TYR A 451 33.79 35.14 -16.51
N ARG A 452 33.50 34.15 -15.66
CA ARG A 452 34.45 33.07 -15.38
C ARG A 452 34.40 32.07 -16.53
N LEU A 453 35.49 31.96 -17.27
CA LEU A 453 35.57 31.04 -18.40
C LEU A 453 36.22 29.72 -18.05
N PHE A 454 37.17 29.70 -17.11
CA PHE A 454 37.90 28.50 -16.75
C PHE A 454 37.83 28.30 -15.25
N ARG A 455 37.50 27.08 -14.83
CA ARG A 455 37.47 26.73 -13.42
C ARG A 455 37.77 25.25 -13.29
N LYS A 456 38.40 24.88 -12.17
CA LYS A 456 38.80 23.49 -11.97
C LYS A 456 37.60 22.55 -11.88
N SER A 457 36.55 22.98 -11.20
CA SER A 457 35.39 22.14 -10.96
C SER A 457 34.11 22.91 -11.26
N ASN A 458 33.04 22.16 -11.55
CA ASN A 458 31.74 22.76 -11.76
C ASN A 458 31.21 23.38 -10.47
N LEU A 459 30.61 24.55 -10.59
CA LEU A 459 30.06 25.23 -9.42
C LEU A 459 28.83 24.49 -8.90
N LYS A 460 28.65 24.54 -7.59
CA LYS A 460 27.50 23.92 -6.94
C LYS A 460 26.29 24.84 -7.01
N PRO A 461 25.08 24.28 -6.93
CA PRO A 461 23.89 25.12 -6.88
C PRO A 461 23.91 26.06 -5.68
N PHE A 462 23.45 27.29 -5.89
CA PHE A 462 23.43 28.32 -4.85
C PHE A 462 24.81 28.53 -4.24
N GLU A 463 25.83 28.53 -5.10
CA GLU A 463 27.21 28.74 -4.68
C GLU A 463 27.86 29.77 -5.57
N ARG A 464 28.76 30.57 -5.00
CA ARG A 464 29.45 31.63 -5.72
C ARG A 464 30.95 31.39 -5.67
N ASP A 465 31.61 31.54 -6.82
CA ASP A 465 33.06 31.50 -6.90
C ASP A 465 33.57 32.82 -7.47
N ILE A 466 34.47 33.47 -6.74
CA ILE A 466 35.08 34.72 -7.16
C ILE A 466 36.59 34.60 -7.29
N SER A 467 37.09 33.36 -7.40
CA SER A 467 38.53 33.13 -7.46
C SER A 467 39.11 33.72 -8.74
N THR A 468 40.24 34.41 -8.59
CA THR A 468 40.97 34.97 -9.72
C THR A 468 42.28 34.23 -9.99
N GLU A 469 42.41 33.01 -9.46
CA GLU A 469 43.63 32.23 -9.64
C GLU A 469 43.80 31.86 -11.12
N ILE A 470 45.04 31.95 -11.60
CA ILE A 470 45.33 31.62 -12.98
C ILE A 470 45.08 30.13 -13.21
N TYR A 471 44.39 29.80 -14.31
CA TYR A 471 44.06 28.43 -14.62
C TYR A 471 45.18 27.78 -15.43
N GLN A 472 45.38 26.48 -15.19
CA GLN A 472 46.39 25.70 -15.89
C GLN A 472 45.71 24.57 -16.66
N ALA A 473 46.08 24.40 -17.92
CA ALA A 473 45.53 23.36 -18.76
C ALA A 473 46.51 22.23 -19.06
N GLY A 474 47.79 22.41 -18.75
CA GLY A 474 48.77 21.38 -19.02
C GLY A 474 49.54 20.94 -17.78
N SER A 475 50.68 20.29 -17.99
CA SER A 475 51.50 19.82 -16.88
C SER A 475 52.42 20.90 -16.33
N LYS A 476 52.77 21.90 -17.12
CA LYS A 476 53.67 22.95 -16.66
C LYS A 476 52.96 23.82 -15.62
N PRO A 477 53.56 24.04 -14.45
CA PRO A 477 52.90 24.87 -13.44
C PRO A 477 53.02 26.34 -13.81
N CYS A 478 51.89 27.04 -13.81
CA CYS A 478 51.83 28.45 -14.19
C CYS A 478 52.22 29.27 -12.97
N ASN A 479 53.53 29.48 -12.80
CA ASN A 479 54.06 30.17 -11.62
C ASN A 479 53.96 31.68 -11.85
N GLY A 480 52.77 32.22 -11.58
CA GLY A 480 52.58 33.66 -11.65
C GLY A 480 52.22 34.16 -13.03
N VAL A 481 53.22 34.69 -13.74
CA VAL A 481 52.98 35.22 -15.08
C VAL A 481 52.52 34.09 -16.00
N GLU A 482 51.57 34.41 -16.88
CA GLU A 482 51.03 33.41 -17.79
C GLU A 482 52.11 32.89 -18.73
N GLY A 483 52.09 31.58 -18.93
CA GLY A 483 53.02 30.94 -19.85
C GLY A 483 52.32 30.28 -21.01
N PHE A 484 52.76 29.07 -21.38
CA PHE A 484 52.13 28.35 -22.48
C PHE A 484 50.75 27.85 -22.07
N ASN A 485 50.70 27.02 -21.03
CA ASN A 485 49.43 26.47 -20.54
C ASN A 485 48.85 27.32 -19.42
N CYS A 486 48.56 28.58 -19.76
CA CYS A 486 47.98 29.52 -18.82
C CYS A 486 46.84 30.27 -19.50
N TYR A 487 45.68 30.31 -18.85
CA TYR A 487 44.52 31.02 -19.38
C TYR A 487 43.78 31.68 -18.23
N PHE A 488 43.43 32.95 -18.40
CA PHE A 488 42.78 33.69 -17.33
C PHE A 488 41.34 33.22 -17.17
N PRO A 489 40.91 32.87 -15.96
CA PRO A 489 39.50 32.47 -15.78
C PRO A 489 38.51 33.57 -16.11
N LEU A 490 38.87 34.83 -15.88
CA LEU A 490 37.96 35.94 -16.08
C LEU A 490 38.19 36.58 -17.44
N GLN A 491 37.12 36.70 -18.22
CA GLN A 491 37.16 37.33 -19.53
C GLN A 491 36.14 38.46 -19.58
N SER A 492 36.54 39.59 -20.16
CA SER A 492 35.67 40.75 -20.23
C SER A 492 34.59 40.56 -21.29
N TYR A 493 33.80 41.60 -21.51
CA TYR A 493 32.69 41.56 -22.46
C TYR A 493 32.85 42.65 -23.50
N GLY A 494 32.51 42.32 -24.74
CA GLY A 494 32.65 43.26 -25.84
C GLY A 494 31.32 43.81 -26.33
N PHE A 495 30.45 44.19 -25.39
CA PHE A 495 29.14 44.72 -25.76
C PHE A 495 29.29 46.00 -26.57
N GLN A 496 28.59 46.05 -27.69
CA GLN A 496 28.58 47.18 -28.60
C GLN A 496 27.15 47.49 -29.01
N PRO A 497 26.89 48.70 -29.50
CA PRO A 497 25.53 48.99 -30.00
C PRO A 497 25.10 48.08 -31.13
N THR A 498 26.04 47.57 -31.92
CA THR A 498 25.75 46.67 -33.03
C THR A 498 26.44 45.34 -32.76
N ASN A 499 25.77 44.46 -32.02
CA ASN A 499 26.29 43.13 -31.76
C ASN A 499 25.28 42.03 -32.03
N GLY A 500 24.14 42.33 -32.65
CA GLY A 500 23.10 41.34 -32.84
C GLY A 500 22.36 41.06 -31.56
N VAL A 501 21.16 40.49 -31.66
CA VAL A 501 20.32 40.30 -30.47
C VAL A 501 20.98 39.34 -29.50
N GLY A 502 21.68 38.32 -30.01
CA GLY A 502 22.26 37.31 -29.15
C GLY A 502 23.32 37.86 -28.20
N TYR A 503 24.06 38.87 -28.63
CA TYR A 503 25.17 39.40 -27.84
C TYR A 503 24.78 40.57 -26.96
N GLN A 504 23.52 41.00 -27.00
CA GLN A 504 23.12 42.14 -26.16
C GLN A 504 23.08 41.72 -24.69
N PRO A 505 23.60 42.55 -23.80
CA PRO A 505 23.56 42.22 -22.37
C PRO A 505 22.13 42.23 -21.86
N TYR A 506 21.77 41.21 -21.08
CA TYR A 506 20.45 41.07 -20.49
C TYR A 506 20.59 41.09 -18.98
N ARG A 507 19.77 41.90 -18.31
CA ARG A 507 19.69 41.86 -16.86
C ARG A 507 18.82 40.68 -16.44
N VAL A 508 19.36 39.84 -15.56
CA VAL A 508 18.71 38.61 -15.11
C VAL A 508 18.66 38.62 -13.59
N VAL A 509 17.45 38.40 -13.04
CA VAL A 509 17.24 38.25 -11.62
C VAL A 509 16.44 36.97 -11.39
N VAL A 510 16.93 36.12 -10.49
CA VAL A 510 16.30 34.86 -10.16
C VAL A 510 15.82 34.92 -8.71
N LEU A 511 14.56 34.57 -8.50
CA LEU A 511 13.95 34.57 -7.18
C LEU A 511 13.66 33.14 -6.76
N SER A 512 14.18 32.76 -5.59
CA SER A 512 13.90 31.48 -4.98
C SER A 512 13.24 31.70 -3.63
N PHE A 513 12.46 30.72 -3.18
CA PHE A 513 11.68 30.84 -1.96
C PHE A 513 12.04 29.72 -1.01
N GLU A 514 12.31 30.05 0.24
CA GLU A 514 12.60 29.08 1.28
C GLU A 514 11.51 29.15 2.34
N LEU A 515 11.05 27.98 2.78
CA LEU A 515 9.92 27.82 3.70
C LEU A 515 10.35 26.96 4.88
N LEU A 516 11.46 27.35 5.51
CA LEU A 516 11.94 26.68 6.71
C LEU A 516 10.84 26.66 7.78
N HIS A 517 11.01 25.77 8.76
CA HIS A 517 9.97 25.53 9.76
C HIS A 517 9.65 26.75 10.60
N ALA A 518 10.51 27.77 10.58
CA ALA A 518 10.22 29.01 11.29
C ALA A 518 8.97 29.66 10.68
N PRO A 519 8.25 30.47 11.46
CA PRO A 519 7.00 31.06 10.94
C PRO A 519 7.25 31.92 9.71
N ALA A 520 6.29 31.86 8.78
CA ALA A 520 6.41 32.62 7.53
C ALA A 520 6.41 34.11 7.81
N THR A 521 7.20 34.85 7.04
CA THR A 521 7.36 36.27 7.23
C THR A 521 6.85 37.13 6.07
N VAL A 522 6.78 36.57 4.86
CA VAL A 522 6.30 37.29 3.69
C VAL A 522 5.15 36.52 3.06
N CYS A 523 4.08 37.23 2.74
CA CYS A 523 2.93 36.65 2.06
C CYS A 523 2.31 37.69 1.15
N GLY A 524 1.48 37.22 0.22
CA GLY A 524 0.84 38.09 -0.73
C GLY A 524 -0.29 38.89 -0.13
N PRO A 525 -0.73 39.93 -0.83
CA PRO A 525 -1.85 40.75 -0.34
C PRO A 525 -3.13 39.94 -0.26
N LYS A 526 -4.00 40.33 0.66
CA LYS A 526 -5.21 39.56 0.98
C LYS A 526 -6.45 40.04 0.25
N LYS A 527 -6.58 41.36 0.04
CA LYS A 527 -7.73 41.98 -0.61
C LYS A 527 -8.99 41.85 0.23
N SER A 528 -9.61 42.98 0.55
CA SER A 528 -10.79 43.02 1.39
C SER A 528 -11.95 43.64 0.64
N THR A 529 -13.14 43.07 0.85
CA THR A 529 -14.35 43.59 0.24
C THR A 529 -14.95 44.68 1.11
N ASN A 530 -16.16 45.13 0.77
CA ASN A 530 -16.83 46.14 1.57
C ASN A 530 -17.61 45.48 2.70
N LEU A 531 -18.36 46.28 3.44
CA LEU A 531 -19.07 45.81 4.62
C LEU A 531 -20.56 46.14 4.51
N VAL A 532 -21.40 45.17 4.88
CA VAL A 532 -22.85 45.33 4.87
C VAL A 532 -23.37 45.09 6.28
N LYS A 533 -24.62 45.49 6.49
CA LYS A 533 -25.25 45.35 7.80
C LYS A 533 -26.71 44.97 7.63
N ASN A 534 -27.26 44.38 8.69
CA ASN A 534 -28.69 44.06 8.78
C ASN A 534 -29.12 43.07 7.70
N LYS A 535 -28.22 42.18 7.31
CA LYS A 535 -28.54 41.17 6.31
C LYS A 535 -27.81 39.88 6.65
N CYS A 536 -28.50 38.75 6.51
CA CYS A 536 -27.91 37.45 6.80
C CYS A 536 -26.85 37.14 5.76
N VAL A 537 -25.58 37.25 6.16
CA VAL A 537 -24.44 36.99 5.29
C VAL A 537 -23.46 36.11 6.02
N ASN A 538 -22.50 35.57 5.28
CA ASN A 538 -21.41 34.79 5.84
C ASN A 538 -20.09 35.53 5.65
N PHE A 539 -19.25 35.48 6.68
CA PHE A 539 -18.08 36.34 6.81
C PHE A 539 -16.88 35.52 7.24
N ASN A 540 -15.70 36.06 6.98
CA ASN A 540 -14.43 35.44 7.35
C ASN A 540 -13.50 36.49 7.96
N PHE A 541 -13.99 37.21 8.98
CA PHE A 541 -13.23 38.30 9.57
C PHE A 541 -11.87 37.85 10.07
N ASN A 542 -10.81 38.25 9.38
CA ASN A 542 -9.44 37.98 9.78
C ASN A 542 -9.21 36.50 10.08
N GLY A 543 -9.82 35.63 9.26
CA GLY A 543 -9.68 34.20 9.41
C GLY A 543 -10.72 33.54 10.29
N LEU A 544 -11.56 34.31 10.97
CA LEU A 544 -12.64 33.78 11.78
C LEU A 544 -13.92 33.78 10.95
N THR A 545 -14.44 32.60 10.66
CA THR A 545 -15.53 32.43 9.72
C THR A 545 -16.84 32.13 10.45
N GLY A 546 -17.94 32.54 9.83
CA GLY A 546 -19.26 32.25 10.36
C GLY A 546 -20.37 33.01 9.65
N THR A 547 -21.61 32.55 9.79
CA THR A 547 -22.76 33.19 9.17
C THR A 547 -23.61 33.88 10.23
N GLY A 548 -24.38 34.85 9.79
CA GLY A 548 -25.25 35.58 10.68
C GLY A 548 -25.52 36.97 10.15
N VAL A 549 -26.15 37.78 10.99
CA VAL A 549 -26.47 39.16 10.68
C VAL A 549 -25.66 40.07 11.59
N LEU A 550 -25.10 41.12 11.02
CA LEU A 550 -24.17 42.01 11.69
C LEU A 550 -24.85 43.33 12.00
N THR A 551 -24.78 43.76 13.26
CA THR A 551 -25.40 44.99 13.69
C THR A 551 -24.38 45.84 14.44
N GLU A 552 -24.74 47.10 14.66
CA GLU A 552 -23.93 47.99 15.48
C GLU A 552 -24.22 47.75 16.96
N SER A 553 -23.16 47.71 17.75
CA SER A 553 -23.26 47.42 19.18
C SER A 553 -22.59 48.54 19.98
N ASN A 554 -22.66 48.42 21.30
CA ASN A 554 -22.10 49.43 22.19
C ASN A 554 -21.22 48.84 23.28
N LYS A 555 -20.66 47.66 23.04
CA LYS A 555 -19.68 47.11 23.97
C LYS A 555 -18.38 47.90 23.88
N LYS A 556 -17.57 47.78 24.93
CA LYS A 556 -16.32 48.54 25.05
C LYS A 556 -15.17 47.55 25.22
N PHE A 557 -14.58 47.14 24.10
CA PHE A 557 -13.39 46.30 24.14
C PHE A 557 -12.22 47.07 24.72
N LEU A 558 -11.32 46.35 25.37
CA LEU A 558 -10.03 46.93 25.69
C LEU A 558 -9.20 47.00 24.41
N PRO A 559 -8.22 47.90 24.35
CA PRO A 559 -7.57 48.18 23.08
C PRO A 559 -6.80 47.02 22.44
N PHE A 560 -6.87 45.82 23.02
CA PHE A 560 -6.14 44.70 22.43
C PHE A 560 -6.98 43.46 22.13
N GLN A 561 -8.23 43.38 22.56
CA GLN A 561 -9.04 42.25 22.12
C GLN A 561 -9.43 42.40 20.66
N GLN A 562 -9.71 41.26 20.02
CA GLN A 562 -10.16 41.23 18.64
C GLN A 562 -11.59 40.74 18.48
N PHE A 563 -12.12 40.01 19.46
CA PHE A 563 -13.49 39.54 19.42
C PHE A 563 -13.89 39.13 20.83
N GLY A 564 -15.10 38.61 20.97
CA GLY A 564 -15.60 38.22 22.27
C GLY A 564 -16.61 37.11 22.16
N ARG A 565 -16.72 36.33 23.23
CA ARG A 565 -17.71 35.27 23.33
C ARG A 565 -18.38 35.35 24.70
N ASP A 566 -19.67 35.03 24.74
CA ASP A 566 -20.43 35.23 25.97
C ASP A 566 -20.23 34.10 26.95
N ILE A 567 -20.66 32.89 26.57
CA ILE A 567 -20.55 31.72 27.42
C ILE A 567 -20.76 30.51 26.54
N ALA A 568 -20.28 29.35 26.99
CA ALA A 568 -20.22 28.14 26.17
C ALA A 568 -19.40 28.35 24.91
N ASP A 569 -18.60 29.42 24.88
CA ASP A 569 -17.64 29.70 23.82
C ASP A 569 -18.34 29.82 22.46
N THR A 570 -19.20 30.83 22.34
CA THR A 570 -19.83 31.19 21.08
C THR A 570 -19.58 32.65 20.83
N THR A 571 -18.98 32.97 19.68
CA THR A 571 -18.62 34.34 19.37
C THR A 571 -19.86 35.22 19.25
N ASP A 572 -19.80 36.41 19.84
CA ASP A 572 -20.91 37.34 19.81
C ASP A 572 -20.57 38.70 19.23
N ALA A 573 -19.30 39.12 19.30
CA ALA A 573 -18.91 40.41 18.77
C ALA A 573 -17.55 40.27 18.11
N VAL A 574 -17.29 41.15 17.15
CA VAL A 574 -16.00 41.23 16.47
C VAL A 574 -15.62 42.69 16.34
N ARG A 575 -14.36 42.92 15.99
CA ARG A 575 -13.87 44.26 15.68
C ARG A 575 -13.30 44.21 14.27
N ASP A 576 -13.80 45.09 13.41
CA ASP A 576 -13.35 45.07 12.01
C ASP A 576 -11.91 45.55 11.93
N PRO A 577 -11.04 44.83 11.21
CA PRO A 577 -9.62 45.17 11.23
C PRO A 577 -9.28 46.53 10.65
N GLN A 578 -10.17 47.14 9.87
CA GLN A 578 -9.87 48.40 9.22
C GLN A 578 -10.45 49.61 9.96
N THR A 579 -11.76 49.64 10.16
CA THR A 579 -12.39 50.77 10.82
C THR A 579 -12.20 50.73 12.33
N LEU A 580 -11.97 49.55 12.90
CA LEU A 580 -11.76 49.38 14.34
C LEU A 580 -13.00 49.82 15.13
N GLU A 581 -14.11 49.14 14.85
CA GLU A 581 -15.35 49.35 15.58
C GLU A 581 -15.97 48.00 15.90
N ILE A 582 -16.80 47.97 16.93
CA ILE A 582 -17.33 46.72 17.45
C ILE A 582 -18.66 46.42 16.76
N LEU A 583 -18.75 45.25 16.14
CA LEU A 583 -19.95 44.76 15.50
C LEU A 583 -20.47 43.55 16.25
N ASP A 584 -21.79 43.41 16.28
CA ASP A 584 -22.47 42.35 17.01
C ASP A 584 -23.06 41.35 16.03
N ILE A 585 -23.05 40.08 16.41
CA ILE A 585 -23.46 38.98 15.55
C ILE A 585 -24.73 38.37 16.10
N THR A 586 -25.71 38.14 15.23
CA THR A 586 -26.95 37.48 15.62
C THR A 586 -27.24 36.38 14.62
N PRO A 587 -27.59 35.17 15.07
CA PRO A 587 -27.85 34.09 14.12
C PRO A 587 -29.06 34.40 13.26
N CYS A 588 -29.02 33.92 12.02
CA CYS A 588 -30.12 34.12 11.09
C CYS A 588 -31.34 33.33 11.56
N SER A 589 -32.51 33.95 11.43
CA SER A 589 -33.72 33.41 12.06
C SER A 589 -34.09 32.06 11.47
N PHE A 590 -34.70 31.22 12.31
CA PHE A 590 -35.11 29.89 11.90
C PHE A 590 -36.20 29.42 12.86
N GLY A 591 -36.88 28.36 12.46
CA GLY A 591 -37.91 27.78 13.32
C GLY A 591 -38.80 26.83 12.54
N GLY A 592 -39.63 26.11 13.29
CA GLY A 592 -40.52 25.16 12.67
C GLY A 592 -41.77 25.80 12.09
N VAL A 593 -42.45 25.04 11.24
CA VAL A 593 -43.70 25.46 10.65
C VAL A 593 -44.77 24.44 10.99
N SER A 594 -45.98 24.93 11.22
CA SER A 594 -47.10 24.07 11.59
C SER A 594 -48.33 24.47 10.82
N VAL A 595 -49.22 23.51 10.60
CA VAL A 595 -50.44 23.72 9.84
C VAL A 595 -51.64 23.44 10.73
N ILE A 596 -52.60 24.36 10.71
CA ILE A 596 -53.84 24.24 11.47
C ILE A 596 -54.95 23.94 10.47
N THR A 597 -55.63 22.81 10.67
CA THR A 597 -56.72 22.40 9.80
C THR A 597 -57.93 22.00 10.63
N PRO A 598 -59.14 22.32 10.15
CA PRO A 598 -60.35 21.90 10.86
C PRO A 598 -60.75 20.46 10.60
N GLY A 599 -59.99 19.73 9.80
CA GLY A 599 -60.34 18.36 9.47
C GLY A 599 -60.75 18.22 8.02
N THR A 600 -60.21 17.19 7.34
CA THR A 600 -60.52 17.00 5.93
C THR A 600 -62.00 16.76 5.71
N ASN A 601 -62.68 16.18 6.71
CA ASN A 601 -64.11 15.91 6.57
C ASN A 601 -64.91 17.19 6.42
N THR A 602 -64.53 18.25 7.15
CA THR A 602 -65.29 19.48 7.10
C THR A 602 -64.91 20.33 5.88
N SER A 603 -63.65 20.76 5.81
CA SER A 603 -63.19 21.60 4.72
C SER A 603 -61.74 21.23 4.41
N ASN A 604 -61.14 21.98 3.47
CA ASN A 604 -59.76 21.75 3.09
C ASN A 604 -59.01 23.07 2.94
N GLN A 605 -59.33 24.04 3.79
CA GLN A 605 -58.56 25.27 3.89
C GLN A 605 -57.86 25.32 5.25
N VAL A 606 -56.62 25.79 5.26
CA VAL A 606 -55.75 25.66 6.42
C VAL A 606 -55.16 27.01 6.75
N ALA A 607 -54.49 27.06 7.91
CA ALA A 607 -53.71 28.22 8.32
C ALA A 607 -52.30 27.74 8.66
N VAL A 608 -51.33 28.65 8.60
CA VAL A 608 -49.93 28.28 8.76
C VAL A 608 -49.30 29.15 9.85
N LEU A 609 -48.58 28.51 10.76
CA LEU A 609 -47.89 29.21 11.83
C LEU A 609 -46.40 28.95 11.75
N TYR A 610 -45.62 30.02 11.73
CA TYR A 610 -44.17 29.95 11.83
C TYR A 610 -43.80 30.24 13.29
N GLN A 611 -43.12 29.29 13.91
CA GLN A 611 -42.88 29.35 15.35
C GLN A 611 -41.67 30.24 15.65
N GLY A 612 -41.83 31.12 16.64
CA GLY A 612 -40.71 31.92 17.11
C GLY A 612 -40.07 32.79 16.08
N VAL A 613 -40.79 33.13 15.01
CA VAL A 613 -40.26 33.93 13.91
C VAL A 613 -40.98 35.26 13.90
N ASN A 614 -40.22 36.35 13.86
CA ASN A 614 -40.82 37.66 13.77
C ASN A 614 -41.56 37.81 12.45
N CYS A 615 -42.68 38.52 12.49
CA CYS A 615 -43.52 38.70 11.31
C CYS A 615 -42.93 39.75 10.39
N THR A 616 -41.68 39.58 10.01
CA THR A 616 -41.06 40.49 9.07
C THR A 616 -40.42 39.78 7.90
N GLU A 617 -39.87 38.58 8.12
CA GLU A 617 -39.33 37.76 7.03
C GLU A 617 -40.11 36.45 7.01
N VAL A 618 -41.28 36.49 6.38
CA VAL A 618 -42.04 35.27 6.13
C VAL A 618 -41.55 34.62 4.85
N PRO A 619 -41.41 35.35 3.73
CA PRO A 619 -40.92 34.62 2.56
C PRO A 619 -39.41 34.69 2.42
N SER A 635 -45.85 34.09 1.47
CA SER A 635 -45.39 35.47 1.43
C SER A 635 -46.46 36.42 1.95
N THR A 636 -47.40 36.78 1.08
CA THR A 636 -48.50 37.66 1.44
C THR A 636 -49.77 36.87 1.76
N GLY A 637 -50.26 36.09 0.80
CA GLY A 637 -51.42 35.26 1.02
C GLY A 637 -52.66 36.01 1.45
N SER A 638 -53.04 35.85 2.71
CA SER A 638 -54.20 36.49 3.31
C SER A 638 -53.73 37.41 4.44
N ASN A 639 -54.70 37.88 5.24
CA ASN A 639 -54.38 38.67 6.42
C ASN A 639 -53.40 37.93 7.32
N VAL A 640 -52.52 38.69 7.97
CA VAL A 640 -51.40 38.14 8.71
C VAL A 640 -51.41 38.71 10.13
N PHE A 641 -51.12 37.84 11.11
CA PHE A 641 -51.22 38.18 12.52
C PHE A 641 -49.90 37.84 13.20
N GLN A 642 -49.50 38.66 14.17
CA GLN A 642 -48.29 38.44 14.94
C GLN A 642 -48.66 38.11 16.38
N THR A 643 -48.18 36.97 16.88
CA THR A 643 -48.52 36.49 18.20
C THR A 643 -47.24 36.16 18.96
N ARG A 644 -47.38 36.04 20.28
CA ARG A 644 -46.25 35.70 21.12
C ARG A 644 -45.64 34.35 20.76
N ALA A 645 -46.40 33.50 20.07
CA ALA A 645 -45.90 32.20 19.64
C ALA A 645 -45.24 32.23 18.27
N GLY A 646 -45.39 33.30 17.52
CA GLY A 646 -44.79 33.35 16.20
C GLY A 646 -45.61 34.24 15.28
N CYS A 647 -45.66 33.85 14.00
CA CYS A 647 -46.47 34.57 13.03
C CYS A 647 -47.47 33.62 12.40
N LEU A 648 -48.69 34.08 12.21
CA LEU A 648 -49.80 33.24 11.79
C LEU A 648 -50.45 33.84 10.56
N ILE A 649 -50.56 33.05 9.50
CA ILE A 649 -51.15 33.51 8.25
C ILE A 649 -52.31 32.60 7.89
N GLY A 650 -53.36 33.19 7.33
CA GLY A 650 -54.52 32.46 6.90
C GLY A 650 -55.71 32.46 7.83
N ALA A 651 -55.65 33.20 8.93
CA ALA A 651 -56.75 33.25 9.87
C ALA A 651 -57.02 34.68 10.30
N GLU A 652 -58.26 34.93 10.72
CA GLU A 652 -58.73 36.24 11.11
C GLU A 652 -58.78 36.36 12.63
N HIS A 653 -58.34 37.50 13.14
CA HIS A 653 -58.31 37.73 14.59
C HIS A 653 -59.58 38.47 15.00
N VAL A 654 -60.25 37.97 16.04
CA VAL A 654 -61.48 38.56 16.54
C VAL A 654 -61.23 39.09 17.95
N ASN A 655 -62.26 39.71 18.51
CA ASN A 655 -62.20 40.29 19.85
C ASN A 655 -63.02 39.53 20.87
N ASN A 656 -63.76 38.51 20.46
CA ASN A 656 -64.54 37.71 21.39
C ASN A 656 -63.61 36.72 22.10
N SER A 657 -64.21 35.76 22.80
CA SER A 657 -63.43 34.73 23.48
C SER A 657 -64.32 33.52 23.70
N TYR A 658 -63.84 32.35 23.31
CA TYR A 658 -64.60 31.12 23.46
C TYR A 658 -63.74 30.05 24.10
N GLU A 659 -64.24 28.82 24.14
CA GLU A 659 -63.41 27.71 24.58
C GLU A 659 -62.34 27.39 23.54
N CYS A 660 -61.31 26.68 23.97
CA CYS A 660 -60.15 26.41 23.15
C CYS A 660 -60.36 25.12 22.36
N ASP A 661 -60.37 25.23 21.04
CA ASP A 661 -60.52 24.05 20.18
C ASP A 661 -59.16 23.48 19.78
N ILE A 662 -58.35 24.26 19.10
CA ILE A 662 -57.04 23.85 18.62
C ILE A 662 -56.00 24.75 19.28
N PRO A 663 -55.36 24.29 20.35
CA PRO A 663 -54.43 25.14 21.08
C PRO A 663 -53.27 25.58 20.20
N ILE A 664 -52.87 26.85 20.34
CA ILE A 664 -51.78 27.44 19.59
C ILE A 664 -50.65 27.88 20.51
N GLY A 665 -50.98 28.62 21.56
CA GLY A 665 -49.96 28.96 22.53
C GLY A 665 -50.09 30.36 23.09
N ALA A 666 -49.36 30.64 24.16
CA ALA A 666 -49.39 31.95 24.81
C ALA A 666 -50.80 32.40 25.12
N GLY A 667 -51.68 31.44 25.39
CA GLY A 667 -53.04 31.77 25.76
C GLY A 667 -54.00 31.99 24.61
N ILE A 668 -53.60 31.73 23.38
CA ILE A 668 -54.50 31.94 22.25
C ILE A 668 -54.62 30.64 21.46
N CYS A 669 -55.78 30.49 20.81
CA CYS A 669 -56.00 29.34 19.95
C CYS A 669 -57.06 29.69 18.90
N ALA A 670 -57.27 28.75 17.99
CA ALA A 670 -58.05 28.99 16.78
C ALA A 670 -59.19 27.99 16.66
N SER A 671 -60.13 28.33 15.79
CA SER A 671 -61.32 27.50 15.55
C SER A 671 -61.86 27.83 14.16
N TYR A 672 -62.91 27.11 13.77
CA TYR A 672 -63.48 27.22 12.44
C TYR A 672 -64.94 27.67 12.53
N GLN A 673 -65.31 28.65 11.72
CA GLN A 673 -66.68 29.16 11.71
C GLN A 673 -67.41 28.72 10.44
N SER A 689 -64.71 30.13 7.85
CA SER A 689 -63.34 30.63 7.93
C SER A 689 -62.69 30.23 9.25
N ILE A 690 -61.37 30.43 9.34
CA ILE A 690 -60.60 30.11 10.54
C ILE A 690 -60.36 31.41 11.30
N ILE A 691 -60.66 31.39 12.59
CA ILE A 691 -60.50 32.56 13.45
C ILE A 691 -59.58 32.20 14.60
N ALA A 692 -58.88 33.22 15.10
CA ALA A 692 -57.96 33.08 16.22
C ALA A 692 -58.38 34.03 17.33
N TYR A 693 -58.29 33.59 18.57
CA TYR A 693 -58.78 34.36 19.69
C TYR A 693 -58.05 33.97 20.96
N THR A 694 -58.34 34.70 22.02
CA THR A 694 -57.83 34.40 23.36
C THR A 694 -58.83 33.53 24.10
N MET A 695 -58.32 32.55 24.84
CA MET A 695 -59.19 31.60 25.52
C MET A 695 -60.03 32.30 26.58
N SER A 696 -61.20 31.72 26.82
CA SER A 696 -62.06 32.10 27.94
C SER A 696 -62.05 30.96 28.93
N LEU A 697 -61.68 31.25 30.18
CA LEU A 697 -61.50 30.18 31.16
C LEU A 697 -62.81 29.53 31.57
N GLY A 698 -63.93 30.19 31.34
CA GLY A 698 -65.22 29.63 31.67
C GLY A 698 -66.22 30.72 31.98
N ALA A 699 -67.42 30.28 32.36
CA ALA A 699 -68.49 31.21 32.70
C ALA A 699 -68.19 31.92 34.01
N GLU A 700 -68.79 33.09 34.16
CA GLU A 700 -68.60 33.95 35.33
C GLU A 700 -69.88 34.00 36.14
N ASN A 701 -69.77 33.78 37.45
CA ASN A 701 -70.90 34.01 38.32
C ASN A 701 -70.42 34.53 39.67
N SER A 702 -71.29 35.28 40.34
CA SER A 702 -71.03 35.79 41.68
C SER A 702 -72.04 35.14 42.62
N VAL A 703 -71.58 34.16 43.39
CA VAL A 703 -72.46 33.44 44.30
C VAL A 703 -72.96 34.38 45.40
N ALA A 704 -74.23 34.23 45.76
CA ALA A 704 -74.93 35.16 46.63
C ALA A 704 -74.60 34.85 48.08
N TYR A 705 -73.51 35.44 48.58
CA TYR A 705 -73.08 35.22 49.94
C TYR A 705 -73.68 36.27 50.87
N SER A 706 -74.11 35.80 52.03
CA SER A 706 -74.57 36.66 53.12
C SER A 706 -74.38 35.89 54.41
N ASN A 707 -74.38 36.61 55.53
CA ASN A 707 -74.02 35.98 56.77
C ASN A 707 -75.18 35.30 57.48
N ASN A 708 -76.39 35.34 56.91
CA ASN A 708 -77.51 34.62 57.50
C ASN A 708 -78.39 33.98 56.43
N SER A 709 -77.77 33.43 55.38
CA SER A 709 -78.53 32.79 54.32
C SER A 709 -77.83 31.55 53.82
N ILE A 710 -78.61 30.51 53.52
CA ILE A 710 -78.07 29.24 53.02
C ILE A 710 -78.93 28.76 51.86
N ALA A 711 -78.43 27.73 51.17
CA ALA A 711 -79.14 27.07 50.09
C ALA A 711 -79.14 25.58 50.34
N ILE A 712 -80.29 24.95 50.16
CA ILE A 712 -80.43 23.52 50.45
C ILE A 712 -81.09 22.82 49.27
N PRO A 713 -80.56 21.68 48.84
CA PRO A 713 -81.17 20.96 47.71
C PRO A 713 -82.52 20.36 48.08
N THR A 714 -83.36 20.21 47.07
CA THR A 714 -84.69 19.61 47.25
C THR A 714 -84.90 18.39 46.37
N ASN A 715 -83.95 18.04 45.51
CA ASN A 715 -84.08 16.89 44.64
C ASN A 715 -82.69 16.36 44.33
N PHE A 716 -82.62 15.27 43.58
CA PHE A 716 -81.33 14.67 43.29
C PHE A 716 -81.38 13.96 41.95
N THR A 717 -80.19 13.66 41.43
CA THR A 717 -80.02 12.85 40.24
C THR A 717 -78.91 11.84 40.49
N ILE A 718 -78.92 10.78 39.70
CA ILE A 718 -77.94 9.71 39.81
C ILE A 718 -77.21 9.61 38.49
N SER A 719 -75.89 9.67 38.54
CA SER A 719 -75.08 9.74 37.33
C SER A 719 -74.13 8.55 37.25
N VAL A 720 -73.92 8.06 36.03
CA VAL A 720 -72.99 6.98 35.76
C VAL A 720 -71.94 7.51 34.80
N THR A 721 -70.67 7.39 35.19
CA THR A 721 -69.57 7.85 34.36
C THR A 721 -68.58 6.72 34.17
N THR A 722 -67.69 6.89 33.19
CA THR A 722 -66.74 5.84 32.84
C THR A 722 -65.30 6.33 33.02
N GLU A 723 -64.44 5.38 33.34
CA GLU A 723 -63.00 5.63 33.42
C GLU A 723 -62.28 4.48 32.76
N ILE A 724 -61.20 4.77 32.03
CA ILE A 724 -60.48 3.78 31.25
C ILE A 724 -59.02 3.79 31.67
N LEU A 725 -58.45 2.61 31.92
CA LEU A 725 -57.07 2.53 32.36
C LEU A 725 -56.34 1.37 31.69
N PRO A 726 -55.15 1.59 31.16
CA PRO A 726 -54.35 0.48 30.61
C PRO A 726 -53.54 -0.21 31.70
N VAL A 727 -53.41 -1.53 31.56
CA VAL A 727 -52.76 -2.32 32.60
C VAL A 727 -51.68 -3.22 32.04
N SER A 728 -51.57 -3.31 30.72
CA SER A 728 -50.65 -4.29 30.15
C SER A 728 -50.25 -3.86 28.74
N MET A 729 -49.18 -4.46 28.25
CA MET A 729 -48.78 -4.33 26.85
C MET A 729 -48.20 -5.65 26.38
N THR A 730 -47.94 -5.74 25.08
CA THR A 730 -47.51 -6.99 24.48
C THR A 730 -46.12 -7.38 24.94
N LYS A 731 -45.92 -8.68 25.13
CA LYS A 731 -44.62 -9.23 25.52
C LYS A 731 -43.86 -9.63 24.27
N THR A 732 -42.65 -9.13 24.12
CA THR A 732 -41.84 -9.41 22.94
C THR A 732 -40.46 -9.91 23.36
N SER A 733 -39.82 -10.63 22.44
CA SER A 733 -38.48 -11.12 22.66
C SER A 733 -37.71 -11.02 21.34
N VAL A 734 -36.39 -10.94 21.45
CA VAL A 734 -35.53 -10.74 20.29
C VAL A 734 -34.34 -11.67 20.39
N ASP A 735 -34.06 -12.40 19.32
CA ASP A 735 -32.85 -13.20 19.20
C ASP A 735 -31.76 -12.29 18.62
N CYS A 736 -30.82 -11.88 19.47
CA CYS A 736 -29.85 -10.87 19.10
C CYS A 736 -29.01 -11.29 17.90
N THR A 737 -28.48 -12.51 17.93
CA THR A 737 -27.54 -12.92 16.90
C THR A 737 -28.22 -13.08 15.54
N MET A 738 -29.47 -13.53 15.51
CA MET A 738 -30.16 -13.65 14.23
C MET A 738 -30.49 -12.28 13.66
N TYR A 739 -30.82 -11.32 14.54
CA TYR A 739 -31.12 -9.98 14.05
C TYR A 739 -29.87 -9.29 13.52
N ILE A 740 -28.74 -9.43 14.22
CA ILE A 740 -27.58 -8.63 13.90
C ILE A 740 -26.68 -9.27 12.84
N CYS A 741 -26.72 -10.60 12.69
CA CYS A 741 -25.88 -11.27 11.71
C CYS A 741 -26.71 -11.96 10.63
N GLY A 742 -27.70 -12.76 11.02
CA GLY A 742 -28.58 -13.37 10.04
C GLY A 742 -27.89 -14.39 9.15
N ASP A 743 -27.52 -15.54 9.72
CA ASP A 743 -26.93 -16.65 8.97
C ASP A 743 -25.63 -16.22 8.27
N SER A 744 -24.65 -15.87 9.09
CA SER A 744 -23.31 -15.55 8.58
C SER A 744 -22.31 -15.95 9.65
N THR A 745 -21.52 -16.99 9.37
CA THR A 745 -20.56 -17.48 10.35
C THR A 745 -19.50 -16.44 10.66
N GLU A 746 -19.01 -15.74 9.63
CA GLU A 746 -18.00 -14.71 9.85
C GLU A 746 -18.55 -13.60 10.74
N CYS A 747 -19.80 -13.18 10.51
CA CYS A 747 -20.39 -12.17 11.36
C CYS A 747 -20.49 -12.65 12.81
N SER A 748 -20.86 -13.93 13.00
CA SER A 748 -20.95 -14.46 14.35
C SER A 748 -19.60 -14.46 15.04
N ASN A 749 -18.55 -14.88 14.33
CA ASN A 749 -17.22 -14.89 14.92
C ASN A 749 -16.76 -13.48 15.27
N LEU A 750 -17.04 -12.53 14.39
CA LEU A 750 -16.68 -11.14 14.68
C LEU A 750 -17.44 -10.61 15.88
N LEU A 751 -18.72 -10.98 15.99
CA LEU A 751 -19.54 -10.53 17.10
C LEU A 751 -19.09 -11.15 18.42
N LEU A 752 -18.47 -12.33 18.35
CA LEU A 752 -18.07 -13.01 19.57
C LEU A 752 -17.15 -12.16 20.43
N GLN A 753 -16.26 -11.38 19.80
CA GLN A 753 -15.26 -10.63 20.55
C GLN A 753 -15.76 -9.29 21.05
N TYR A 754 -17.07 -9.08 21.14
CA TYR A 754 -17.63 -7.93 21.81
C TYR A 754 -18.10 -8.23 23.23
N GLY A 755 -17.69 -9.36 23.78
CA GLY A 755 -18.02 -9.67 25.15
C GLY A 755 -19.48 -10.04 25.33
N SER A 756 -19.92 -9.97 26.57
CA SER A 756 -21.29 -10.31 26.92
C SER A 756 -22.17 -9.09 26.69
N PHE A 757 -22.91 -9.11 25.59
CA PHE A 757 -23.91 -8.10 25.28
C PHE A 757 -25.30 -8.68 25.16
N CYS A 758 -25.41 -9.91 24.64
CA CYS A 758 -26.71 -10.44 24.26
C CYS A 758 -27.51 -10.86 25.48
N THR A 759 -26.83 -11.36 26.51
CA THR A 759 -27.53 -11.77 27.73
C THR A 759 -28.20 -10.58 28.40
N GLN A 760 -27.52 -9.44 28.44
CA GLN A 760 -28.13 -8.24 29.02
C GLN A 760 -29.35 -7.80 28.22
N LEU A 761 -29.30 -7.93 26.90
CA LEU A 761 -30.41 -7.51 26.06
C LEU A 761 -31.56 -8.50 26.08
N ASN A 762 -31.44 -9.60 26.82
CA ASN A 762 -32.54 -10.54 26.99
C ASN A 762 -33.10 -10.55 28.39
N ARG A 763 -32.27 -10.30 29.40
CA ARG A 763 -32.75 -10.23 30.77
C ARG A 763 -33.79 -9.13 30.92
N ALA A 764 -33.54 -7.97 30.30
CA ALA A 764 -34.48 -6.86 30.38
C ALA A 764 -35.83 -7.25 29.79
N LEU A 765 -35.83 -7.88 28.62
CA LEU A 765 -37.09 -8.23 27.97
C LEU A 765 -37.84 -9.29 28.76
N THR A 766 -37.12 -10.27 29.31
CA THR A 766 -37.78 -11.27 30.14
C THR A 766 -38.40 -10.62 31.37
N GLY A 767 -37.69 -9.69 31.99
CA GLY A 767 -38.26 -8.96 33.12
C GLY A 767 -39.51 -8.21 32.73
N ILE A 768 -39.50 -7.60 31.54
CA ILE A 768 -40.69 -6.88 31.08
C ILE A 768 -41.87 -7.81 30.96
N ALA A 769 -41.66 -8.99 30.35
CA ALA A 769 -42.77 -9.92 30.15
C ALA A 769 -43.33 -10.40 31.48
N VAL A 770 -42.44 -10.79 32.40
CA VAL A 770 -42.90 -11.24 33.71
C VAL A 770 -43.67 -10.12 34.40
N GLU A 771 -43.21 -8.88 34.24
CA GLU A 771 -43.89 -7.74 34.85
C GLU A 771 -45.29 -7.58 34.29
N GLN A 772 -45.46 -7.77 32.97
CA GLN A 772 -46.79 -7.66 32.38
C GLN A 772 -47.74 -8.69 32.98
N ASP A 773 -47.27 -9.94 33.09
CA ASP A 773 -48.11 -10.97 33.69
C ASP A 773 -48.48 -10.62 35.12
N LYS A 774 -47.51 -10.13 35.89
CA LYS A 774 -47.78 -9.75 37.27
C LYS A 774 -48.78 -8.61 37.36
N ASN A 775 -48.67 -7.64 36.46
CA ASN A 775 -49.62 -6.52 36.44
C ASN A 775 -51.05 -7.03 36.27
N THR A 776 -51.28 -7.86 35.25
CA THR A 776 -52.63 -8.35 35.03
C THR A 776 -53.13 -9.15 36.23
N GLN A 777 -52.28 -10.03 36.75
CA GLN A 777 -52.71 -10.87 37.86
C GLN A 777 -53.04 -10.04 39.10
N GLU A 778 -52.27 -8.99 39.35
CA GLU A 778 -52.53 -8.15 40.52
C GLU A 778 -53.81 -7.35 40.35
N VAL A 779 -54.08 -6.86 39.15
CA VAL A 779 -55.28 -6.05 38.95
C VAL A 779 -56.54 -6.91 39.08
N PHE A 780 -56.56 -8.07 38.43
CA PHE A 780 -57.84 -8.78 38.29
C PHE A 780 -58.06 -9.86 39.34
N ALA A 781 -57.06 -10.66 39.67
CA ALA A 781 -57.26 -11.79 40.59
C ALA A 781 -57.33 -11.26 42.02
N GLN A 782 -58.53 -10.90 42.44
CA GLN A 782 -58.75 -10.35 43.76
C GLN A 782 -59.85 -11.08 44.54
N VAL A 783 -60.37 -12.18 44.02
CA VAL A 783 -61.42 -12.94 44.68
C VAL A 783 -60.95 -14.36 44.88
N LYS A 784 -61.28 -14.93 46.04
CA LYS A 784 -60.92 -16.30 46.34
C LYS A 784 -61.79 -17.29 45.57
N GLN A 785 -63.07 -16.99 45.43
CA GLN A 785 -64.02 -17.89 44.81
C GLN A 785 -64.66 -17.24 43.60
N ILE A 786 -65.39 -18.05 42.83
CA ILE A 786 -66.07 -17.60 41.63
C ILE A 786 -67.55 -17.58 41.95
N TYR A 787 -68.09 -16.39 42.22
CA TYR A 787 -69.49 -16.27 42.58
C TYR A 787 -70.37 -16.25 41.35
N LYS A 788 -71.64 -16.63 41.54
CA LYS A 788 -72.60 -16.66 40.46
C LYS A 788 -73.90 -16.02 40.90
N THR A 789 -74.56 -15.37 39.96
CA THR A 789 -75.83 -14.74 40.25
C THR A 789 -76.97 -15.77 40.18
N PRO A 790 -78.02 -15.60 40.98
CA PRO A 790 -79.13 -16.55 40.96
C PRO A 790 -79.87 -16.50 39.64
N PRO A 791 -80.62 -17.56 39.31
CA PRO A 791 -81.36 -17.53 38.03
C PRO A 791 -82.46 -16.48 38.00
N ILE A 792 -83.30 -16.43 39.03
CA ILE A 792 -84.32 -15.39 39.12
C ILE A 792 -83.66 -14.09 39.57
N LYS A 793 -83.96 -13.01 38.86
CA LYS A 793 -83.27 -11.73 39.06
C LYS A 793 -84.30 -10.65 39.34
N ASP A 794 -84.51 -10.35 40.63
CA ASP A 794 -85.40 -9.27 41.06
C ASP A 794 -84.63 -8.43 42.07
N PHE A 795 -83.86 -7.48 41.56
CA PHE A 795 -83.06 -6.59 42.42
C PHE A 795 -83.79 -5.28 42.69
N GLY A 796 -85.02 -5.37 43.15
CA GLY A 796 -85.75 -4.18 43.54
C GLY A 796 -86.07 -3.22 42.43
N GLY A 797 -86.07 -3.67 41.19
CA GLY A 797 -86.35 -2.82 40.04
C GLY A 797 -85.14 -2.39 39.26
N PHE A 798 -83.94 -2.52 39.82
CA PHE A 798 -82.72 -2.23 39.08
C PHE A 798 -82.49 -3.32 38.05
N ASN A 799 -81.91 -2.94 36.91
CA ASN A 799 -81.77 -3.82 35.76
C ASN A 799 -80.32 -3.85 35.33
N PHE A 800 -79.65 -4.99 35.55
CA PHE A 800 -78.23 -5.15 35.26
C PHE A 800 -77.98 -5.97 34.00
N SER A 801 -78.99 -6.17 33.16
CA SER A 801 -78.86 -7.09 32.04
C SER A 801 -77.78 -6.64 31.07
N GLN A 802 -77.58 -5.34 30.93
CA GLN A 802 -76.60 -4.83 29.98
C GLN A 802 -75.17 -5.16 30.37
N ILE A 803 -74.95 -5.61 31.60
CA ILE A 803 -73.58 -5.74 32.11
C ILE A 803 -73.30 -7.20 32.49
N LEU A 804 -74.37 -7.94 32.80
CA LEU A 804 -74.19 -9.33 33.18
C LEU A 804 -73.80 -10.17 31.97
N PRO A 805 -73.08 -11.27 32.18
CA PRO A 805 -72.65 -12.11 31.05
C PRO A 805 -73.84 -12.68 30.29
N ASP A 806 -73.65 -12.85 28.99
CA ASP A 806 -74.68 -13.40 28.12
C ASP A 806 -74.34 -14.83 27.75
N PRO A 807 -75.09 -15.82 28.23
CA PRO A 807 -74.73 -17.22 27.94
C PRO A 807 -74.84 -17.59 26.47
N SER A 808 -75.59 -16.83 25.67
CA SER A 808 -75.75 -17.17 24.27
C SER A 808 -74.43 -17.09 23.53
N LYS A 809 -73.70 -15.99 23.69
CA LYS A 809 -72.45 -15.83 22.98
C LYS A 809 -71.40 -16.83 23.49
N PRO A 810 -70.60 -17.40 22.60
CA PRO A 810 -69.59 -18.39 23.05
C PRO A 810 -68.58 -17.82 24.03
N SER A 811 -68.19 -16.55 23.86
CA SER A 811 -67.18 -15.95 24.72
C SER A 811 -67.72 -15.61 26.11
N LYS A 812 -69.03 -15.70 26.32
CA LYS A 812 -69.64 -15.39 27.61
C LYS A 812 -69.31 -13.97 28.07
N ARG A 813 -69.24 -13.05 27.12
CA ARG A 813 -69.02 -11.65 27.44
C ARG A 813 -70.35 -10.92 27.53
N SER A 814 -70.28 -9.70 28.04
CA SER A 814 -71.48 -8.86 28.17
C SER A 814 -71.62 -7.98 26.94
N PHE A 815 -72.72 -7.22 26.90
CA PHE A 815 -72.96 -6.32 25.79
C PHE A 815 -71.88 -5.24 25.71
N ILE A 816 -71.61 -4.59 26.84
CA ILE A 816 -70.63 -3.50 26.85
C ILE A 816 -69.24 -4.02 26.52
N GLU A 817 -68.91 -5.22 27.01
CA GLU A 817 -67.60 -5.79 26.71
C GLU A 817 -67.45 -6.07 25.23
N ASP A 818 -68.51 -6.57 24.58
CA ASP A 818 -68.44 -6.78 23.14
C ASP A 818 -68.28 -5.46 22.40
N LEU A 819 -69.01 -4.43 22.82
CA LEU A 819 -68.84 -3.12 22.20
C LEU A 819 -67.40 -2.65 22.31
N LEU A 820 -66.81 -2.78 23.50
CA LEU A 820 -65.44 -2.34 23.71
C LEU A 820 -64.48 -3.15 22.84
N PHE A 821 -64.67 -4.45 22.76
CA PHE A 821 -63.75 -5.28 21.98
C PHE A 821 -63.85 -4.98 20.49
N ASN A 822 -65.05 -4.71 20.00
CA ASN A 822 -65.20 -4.43 18.57
C ASN A 822 -64.67 -3.04 18.23
N LYS A 823 -64.88 -2.06 19.11
CA LYS A 823 -64.53 -0.69 18.78
C LYS A 823 -63.03 -0.53 18.56
N VAL A 824 -62.22 -1.05 19.47
CA VAL A 824 -60.78 -0.87 19.40
C VAL A 824 -60.18 -1.94 18.50
N THR A 825 -59.25 -1.53 17.65
CA THR A 825 -58.61 -2.43 16.70
C THR A 825 -57.18 -2.00 16.39
N PHE A 853 -40.89 -11.25 10.12
CA PHE A 853 -40.07 -11.00 11.30
C PHE A 853 -38.69 -11.67 11.17
N ASN A 854 -37.67 -11.03 11.75
CA ASN A 854 -36.27 -11.34 11.51
C ASN A 854 -35.55 -11.64 12.80
N GLY A 855 -36.13 -12.52 13.62
CA GLY A 855 -35.58 -12.85 14.91
C GLY A 855 -36.32 -12.26 16.08
N LEU A 856 -37.48 -11.67 15.85
CA LEU A 856 -38.31 -11.11 16.90
C LEU A 856 -39.60 -11.90 17.02
N THR A 857 -40.03 -12.15 18.24
CA THR A 857 -41.20 -12.97 18.52
C THR A 857 -42.10 -12.27 19.52
N VAL A 858 -43.39 -12.60 19.46
CA VAL A 858 -44.40 -12.07 20.36
C VAL A 858 -44.93 -13.22 21.19
N LEU A 859 -44.81 -13.11 22.48
CA LEU A 859 -45.29 -14.19 23.33
C LEU A 859 -46.75 -13.97 23.72
N PRO A 860 -47.50 -15.03 23.95
CA PRO A 860 -48.90 -14.89 24.33
C PRO A 860 -49.03 -14.64 25.81
N PRO A 861 -50.05 -13.90 26.23
CA PRO A 861 -50.25 -13.67 27.66
C PRO A 861 -50.71 -14.93 28.38
N LEU A 862 -50.40 -14.97 29.68
CA LEU A 862 -50.70 -16.16 30.46
C LEU A 862 -52.20 -16.35 30.64
N LEU A 863 -52.93 -15.29 30.93
CA LEU A 863 -54.37 -15.37 31.13
C LEU A 863 -55.09 -15.06 29.83
N THR A 864 -55.86 -16.02 29.34
CA THR A 864 -56.69 -15.76 28.18
C THR A 864 -57.88 -14.89 28.58
N ASP A 865 -58.44 -14.18 27.60
CA ASP A 865 -59.47 -13.20 27.88
C ASP A 865 -60.74 -13.82 28.45
N GLU A 866 -60.99 -15.09 28.19
CA GLU A 866 -62.13 -15.76 28.82
C GLU A 866 -61.97 -15.78 30.33
N MET A 867 -60.77 -16.05 30.81
CA MET A 867 -60.52 -16.03 32.25
C MET A 867 -60.73 -14.65 32.84
N ILE A 868 -60.32 -13.62 32.10
CA ILE A 868 -60.51 -12.25 32.59
C ILE A 868 -62.00 -11.91 32.66
N ALA A 869 -62.76 -12.32 31.65
CA ALA A 869 -64.20 -12.14 31.69
C ALA A 869 -64.80 -12.87 32.88
N GLN A 870 -64.29 -14.07 33.17
CA GLN A 870 -64.78 -14.83 34.32
C GLN A 870 -64.51 -14.10 35.63
N TYR A 871 -63.31 -13.53 35.78
CA TYR A 871 -63.00 -12.74 36.97
C TYR A 871 -63.93 -11.56 37.11
N THR A 872 -64.16 -10.81 36.01
CA THR A 872 -65.03 -9.66 36.12
C THR A 872 -66.45 -10.07 36.49
N SER A 873 -66.93 -11.17 35.90
CA SER A 873 -68.26 -11.65 36.24
C SER A 873 -68.36 -12.04 37.71
N ALA A 874 -67.32 -12.71 38.24
CA ALA A 874 -67.33 -13.09 39.64
C ALA A 874 -67.37 -11.87 40.54
N LEU A 875 -66.53 -10.87 40.23
CA LEU A 875 -66.51 -9.66 41.05
C LEU A 875 -67.85 -8.96 41.03
N LEU A 876 -68.47 -8.87 39.85
CA LEU A 876 -69.70 -8.12 39.73
C LEU A 876 -70.87 -8.85 40.40
N ALA A 877 -70.92 -10.17 40.27
CA ALA A 877 -71.94 -10.93 40.98
C ALA A 877 -71.77 -10.79 42.48
N GLY A 878 -70.52 -10.84 42.96
CA GLY A 878 -70.29 -10.67 44.39
C GLY A 878 -70.75 -9.32 44.90
N THR A 879 -70.43 -8.25 44.17
CA THR A 879 -70.83 -6.93 44.64
C THR A 879 -72.33 -6.72 44.54
N ILE A 880 -72.99 -7.35 43.57
CA ILE A 880 -74.44 -7.23 43.48
C ILE A 880 -75.11 -7.96 44.63
N THR A 881 -74.60 -9.14 44.99
CA THR A 881 -75.35 -10.00 45.89
C THR A 881 -74.97 -9.85 47.36
N SER A 882 -73.73 -9.49 47.67
CA SER A 882 -73.27 -9.50 49.05
C SER A 882 -72.76 -8.13 49.52
N GLY A 883 -73.06 -7.07 48.80
CA GLY A 883 -72.58 -5.76 49.22
C GLY A 883 -71.06 -5.70 49.19
N TRP A 884 -70.47 -5.19 50.26
CA TRP A 884 -69.03 -5.14 50.39
C TRP A 884 -68.48 -6.22 51.32
N THR A 885 -69.33 -7.09 51.85
CA THR A 885 -68.88 -8.04 52.85
C THR A 885 -67.92 -9.07 52.27
N PHE A 886 -68.10 -9.44 51.01
CA PHE A 886 -67.23 -10.45 50.42
C PHE A 886 -65.79 -9.97 50.25
N GLY A 887 -65.55 -8.67 50.38
CA GLY A 887 -64.19 -8.17 50.28
C GLY A 887 -63.35 -8.37 51.52
N ALA A 888 -63.99 -8.63 52.67
CA ALA A 888 -63.28 -8.85 53.92
C ALA A 888 -63.22 -10.32 54.31
N GLY A 889 -64.36 -10.99 54.36
CA GLY A 889 -64.40 -12.40 54.72
C GLY A 889 -65.28 -13.20 53.78
N ALA A 890 -66.25 -13.92 54.33
CA ALA A 890 -67.19 -14.68 53.54
C ALA A 890 -68.34 -13.79 53.09
N ALA A 891 -68.85 -14.06 51.89
CA ALA A 891 -69.93 -13.27 51.34
C ALA A 891 -71.21 -13.53 52.10
N LEU A 892 -71.90 -12.45 52.48
CA LEU A 892 -73.16 -12.52 53.21
C LEU A 892 -74.24 -11.89 52.38
N GLN A 893 -75.35 -12.60 52.18
CA GLN A 893 -76.41 -12.10 51.33
C GLN A 893 -77.14 -10.93 51.98
N ILE A 894 -77.72 -10.08 51.15
CA ILE A 894 -78.41 -8.87 51.57
C ILE A 894 -79.31 -8.42 50.42
N PRO A 895 -80.58 -8.13 50.66
CA PRO A 895 -81.41 -7.60 49.57
C PRO A 895 -80.86 -6.28 49.05
N PHE A 896 -81.00 -6.06 47.75
CA PHE A 896 -80.28 -4.97 47.10
C PHE A 896 -80.75 -3.61 47.60
N ALA A 897 -82.05 -3.45 47.85
CA ALA A 897 -82.56 -2.18 48.33
C ALA A 897 -81.96 -1.82 49.69
N MET A 898 -81.78 -2.81 50.55
CA MET A 898 -81.14 -2.54 51.84
C MET A 898 -79.70 -2.12 51.67
N GLN A 899 -78.99 -2.74 50.72
CA GLN A 899 -77.62 -2.33 50.47
C GLN A 899 -77.56 -0.89 49.97
N MET A 900 -78.48 -0.51 49.09
CA MET A 900 -78.53 0.88 48.64
C MET A 900 -78.89 1.81 49.79
N ALA A 901 -79.71 1.35 50.73
CA ALA A 901 -80.01 2.17 51.91
C ALA A 901 -78.76 2.39 52.74
N TYR A 902 -77.96 1.34 52.94
CA TYR A 902 -76.69 1.50 53.61
C TYR A 902 -75.82 2.51 52.90
N ARG A 903 -75.78 2.45 51.58
CA ARG A 903 -74.90 3.33 50.82
C ARG A 903 -75.37 4.78 50.90
N PHE A 904 -76.68 5.02 50.91
CA PHE A 904 -77.17 6.37 51.18
C PHE A 904 -76.78 6.83 52.57
N ASN A 905 -76.97 5.96 53.56
CA ASN A 905 -76.63 6.32 54.93
C ASN A 905 -75.17 6.66 55.06
N GLY A 906 -74.33 6.10 54.20
CA GLY A 906 -72.91 6.38 54.26
C GLY A 906 -72.47 7.71 53.68
N ILE A 907 -73.36 8.49 53.07
CA ILE A 907 -73.01 9.80 52.54
C ILE A 907 -73.79 10.92 53.21
N GLY A 908 -74.46 10.64 54.33
CA GLY A 908 -75.14 11.66 55.08
C GLY A 908 -76.60 11.86 54.75
N VAL A 909 -77.24 10.90 54.08
CA VAL A 909 -78.66 10.97 53.77
C VAL A 909 -79.33 9.76 54.39
N THR A 910 -80.43 9.98 55.11
CA THR A 910 -81.10 8.89 55.81
C THR A 910 -81.78 7.94 54.83
N GLN A 911 -81.94 6.69 55.27
CA GLN A 911 -82.51 5.65 54.42
C GLN A 911 -83.97 5.89 54.10
N ASN A 912 -84.66 6.66 54.94
CA ASN A 912 -85.99 7.17 54.65
C ASN A 912 -86.10 7.63 53.20
N VAL A 913 -85.14 8.43 52.76
CA VAL A 913 -85.18 9.03 51.44
C VAL A 913 -85.14 7.96 50.36
N LEU A 914 -84.29 6.95 50.52
CA LEU A 914 -84.25 5.87 49.55
C LEU A 914 -85.56 5.11 49.52
N TYR A 915 -86.06 4.71 50.69
CA TYR A 915 -87.25 3.86 50.70
C TYR A 915 -88.47 4.59 50.16
N GLU A 916 -88.49 5.91 50.23
CA GLU A 916 -89.64 6.65 49.72
C GLU A 916 -89.50 7.10 48.28
N ASN A 917 -88.39 6.79 47.61
CA ASN A 917 -88.20 7.18 46.22
C ASN A 917 -87.56 6.04 45.43
N GLN A 918 -88.00 4.81 45.68
CA GLN A 918 -87.33 3.66 45.09
C GLN A 918 -87.52 3.60 43.59
N LYS A 919 -88.76 3.75 43.12
CA LYS A 919 -89.04 3.61 41.69
C LYS A 919 -88.33 4.67 40.88
N LEU A 920 -88.34 5.91 41.36
CA LEU A 920 -87.68 7.00 40.66
C LEU A 920 -86.19 6.75 40.53
N ILE A 921 -85.56 6.29 41.62
CA ILE A 921 -84.14 6.01 41.60
C ILE A 921 -83.81 4.89 40.63
N ALA A 922 -84.62 3.83 40.65
CA ALA A 922 -84.39 2.73 39.71
C ALA A 922 -84.51 3.20 38.27
N ASN A 923 -85.52 4.02 37.98
CA ASN A 923 -85.69 4.52 36.62
C ASN A 923 -84.50 5.37 36.19
N GLN A 924 -84.02 6.24 37.09
CA GLN A 924 -82.87 7.07 36.76
C GLN A 924 -81.65 6.22 36.47
N PHE A 925 -81.41 5.19 37.28
CA PHE A 925 -80.27 4.32 37.06
C PHE A 925 -80.36 3.62 35.71
N ASN A 926 -81.55 3.08 35.38
CA ASN A 926 -81.70 2.39 34.11
C ASN A 926 -81.48 3.34 32.93
N SER A 927 -82.03 4.55 33.01
CA SER A 927 -81.84 5.50 31.94
C SER A 927 -80.35 5.85 31.77
N ALA A 928 -79.65 6.04 32.88
CA ALA A 928 -78.24 6.40 32.80
C ALA A 928 -77.43 5.28 32.16
N ILE A 929 -77.72 4.03 32.51
CA ILE A 929 -76.93 2.93 31.97
C ILE A 929 -77.22 2.76 30.47
N GLY A 930 -78.48 2.94 30.07
CA GLY A 930 -78.79 2.89 28.65
C GLY A 930 -78.10 4.01 27.88
N LYS A 931 -78.08 5.21 28.47
CA LYS A 931 -77.43 6.33 27.82
C LYS A 931 -75.94 6.09 27.64
N ILE A 932 -75.28 5.53 28.65
CA ILE A 932 -73.85 5.29 28.51
C ILE A 932 -73.59 4.22 27.46
N GLN A 933 -74.46 3.21 27.38
CA GLN A 933 -74.32 2.23 26.31
C GLN A 933 -74.42 2.88 24.94
N ASP A 934 -75.42 3.73 24.75
CA ASP A 934 -75.57 4.40 23.46
C ASP A 934 -74.39 5.29 23.13
N SER A 935 -73.92 6.07 24.12
CA SER A 935 -72.78 6.95 23.89
C SER A 935 -71.54 6.17 23.49
N LEU A 936 -71.28 5.04 24.17
CA LEU A 936 -70.15 4.22 23.80
C LEU A 936 -70.31 3.65 22.40
N SER A 937 -71.53 3.19 22.07
CA SER A 937 -71.74 2.55 20.78
C SER A 937 -71.55 3.53 19.63
N SER A 938 -72.10 4.74 19.75
CA SER A 938 -72.07 5.67 18.62
C SER A 938 -70.76 6.42 18.54
N THR A 939 -70.44 7.21 19.57
CA THR A 939 -69.27 8.07 19.53
C THR A 939 -67.99 7.26 19.54
N ALA A 940 -67.05 7.65 18.68
CA ALA A 940 -65.75 7.03 18.60
C ALA A 940 -64.72 7.90 19.30
N SER A 941 -63.44 7.52 19.19
CA SER A 941 -62.32 8.26 19.77
C SER A 941 -62.45 8.40 21.28
N ALA A 942 -63.09 7.44 21.93
CA ALA A 942 -63.19 7.42 23.38
C ALA A 942 -62.10 6.61 24.05
N LEU A 943 -61.63 5.54 23.41
CA LEU A 943 -60.59 4.69 23.96
C LEU A 943 -59.22 5.10 23.42
N GLY A 944 -58.89 6.37 23.69
CA GLY A 944 -57.65 6.91 23.14
C GLY A 944 -56.41 6.26 23.72
N LYS A 945 -56.43 5.93 25.00
CA LYS A 945 -55.21 5.49 25.69
C LYS A 945 -54.76 4.12 25.20
N LEU A 946 -55.68 3.17 25.11
CA LEU A 946 -55.32 1.83 24.67
C LEU A 946 -54.83 1.84 23.23
N GLN A 947 -55.52 2.59 22.36
CA GLN A 947 -55.07 2.71 20.98
C GLN A 947 -53.69 3.35 20.91
N ASN A 948 -53.44 4.35 21.77
CA ASN A 948 -52.15 5.00 21.78
C ASN A 948 -51.04 4.02 22.16
N VAL A 949 -51.30 3.19 23.17
CA VAL A 949 -50.30 2.20 23.58
C VAL A 949 -50.00 1.24 22.44
N VAL A 950 -51.05 0.73 21.79
CA VAL A 950 -50.87 -0.21 20.70
C VAL A 950 -50.06 0.43 19.57
N ASN A 951 -50.42 1.68 19.23
CA ASN A 951 -49.72 2.38 18.15
C ASN A 951 -48.25 2.59 18.49
N GLN A 952 -47.96 2.96 19.72
CA GLN A 952 -46.57 3.19 20.10
C GLN A 952 -45.74 1.92 19.97
N ASN A 953 -46.28 0.80 20.46
CA ASN A 953 -45.54 -0.45 20.36
C ASN A 953 -45.33 -0.85 18.89
N ALA A 954 -46.37 -0.73 18.08
CA ALA A 954 -46.24 -1.10 16.67
C ALA A 954 -45.23 -0.23 15.96
N GLN A 955 -45.24 1.08 16.23
CA GLN A 955 -44.29 1.98 15.59
C GLN A 955 -42.86 1.68 16.01
N ALA A 956 -42.65 1.34 17.29
CA ALA A 956 -41.31 0.99 17.73
C ALA A 956 -40.79 -0.24 16.98
N LEU A 957 -41.63 -1.28 16.89
CA LEU A 957 -41.18 -2.45 16.14
C LEU A 957 -40.94 -2.12 14.67
N ASN A 958 -41.78 -1.27 14.09
CA ASN A 958 -41.65 -0.93 12.69
C ASN A 958 -40.33 -0.21 12.42
N THR A 959 -39.98 0.76 13.26
CA THR A 959 -38.71 1.44 13.04
C THR A 959 -37.52 0.52 13.32
N LEU A 960 -37.65 -0.38 14.29
CA LEU A 960 -36.56 -1.31 14.54
C LEU A 960 -36.30 -2.19 13.33
N VAL A 961 -37.35 -2.71 12.70
CA VAL A 961 -37.13 -3.56 11.53
C VAL A 961 -36.72 -2.72 10.33
N LYS A 962 -37.15 -1.46 10.26
CA LYS A 962 -36.75 -0.62 9.14
C LYS A 962 -35.28 -0.25 9.21
N GLN A 963 -34.70 -0.25 10.41
CA GLN A 963 -33.29 0.12 10.54
C GLN A 963 -32.34 -0.85 9.84
N LEU A 964 -32.81 -2.03 9.43
CA LEU A 964 -31.94 -3.02 8.82
C LEU A 964 -31.55 -2.69 7.38
N SER A 965 -31.83 -1.48 6.90
CA SER A 965 -31.53 -1.11 5.53
C SER A 965 -30.72 0.17 5.48
N SER A 966 -29.66 0.24 6.27
CA SER A 966 -28.80 1.40 6.33
C SER A 966 -27.34 0.99 6.20
N ASN A 967 -26.56 1.82 5.53
CA ASN A 967 -25.16 1.52 5.31
C ASN A 967 -24.30 1.74 6.55
N PHE A 968 -24.63 2.75 7.35
CA PHE A 968 -23.81 3.14 8.50
C PHE A 968 -22.38 3.46 8.09
N GLY A 969 -22.20 3.98 6.88
CA GLY A 969 -20.90 4.33 6.37
C GLY A 969 -20.21 3.26 5.57
N ALA A 970 -20.79 2.06 5.44
CA ALA A 970 -20.19 1.00 4.67
C ALA A 970 -20.64 1.09 3.22
N ILE A 971 -20.23 0.11 2.41
CA ILE A 971 -20.51 0.15 0.98
C ILE A 971 -21.87 -0.43 0.61
N SER A 972 -22.45 -1.27 1.46
CA SER A 972 -23.74 -1.88 1.15
C SER A 972 -24.44 -2.24 2.44
N SER A 973 -25.74 -2.51 2.32
CA SER A 973 -26.58 -2.86 3.46
C SER A 973 -26.90 -4.35 3.52
N VAL A 974 -26.24 -5.17 2.72
CA VAL A 974 -26.47 -6.61 2.70
C VAL A 974 -25.13 -7.32 2.86
N LEU A 975 -25.11 -8.37 3.68
CA LEU A 975 -23.85 -9.01 4.04
C LEU A 975 -23.29 -9.82 2.88
N ASN A 976 -24.15 -10.47 2.10
CA ASN A 976 -23.67 -11.38 1.07
C ASN A 976 -22.85 -10.65 0.01
N ASP A 977 -23.31 -9.48 -0.43
CA ASP A 977 -22.57 -8.75 -1.45
C ASP A 977 -21.21 -8.30 -0.93
N ILE A 978 -21.16 -7.82 0.31
CA ILE A 978 -19.89 -7.42 0.90
C ILE A 978 -18.95 -8.62 0.98
N LEU A 979 -19.49 -9.77 1.35
CA LEU A 979 -18.65 -10.97 1.42
C LEU A 979 -18.12 -11.36 0.04
N SER A 980 -18.97 -11.28 -0.97
CA SER A 980 -18.61 -11.77 -2.30
C SER A 980 -17.88 -10.75 -3.16
N ARG A 981 -17.75 -9.51 -2.70
CA ARG A 981 -17.12 -8.47 -3.51
C ARG A 981 -15.82 -7.94 -2.90
N LEU A 982 -15.27 -8.62 -1.89
CA LEU A 982 -14.05 -8.15 -1.25
C LEU A 982 -13.28 -9.35 -0.70
N ASP A 983 -12.18 -9.05 -0.03
CA ASP A 983 -11.34 -10.02 0.65
C ASP A 983 -11.49 -9.87 2.15
N PRO A 984 -11.19 -10.93 2.92
CA PRO A 984 -11.43 -10.90 4.37
C PRO A 984 -10.82 -9.69 5.06
N PRO A 985 -9.58 -9.29 4.75
CA PRO A 985 -9.00 -8.14 5.46
C PRO A 985 -9.78 -6.85 5.27
N GLU A 986 -10.55 -6.71 4.19
CA GLU A 986 -11.41 -5.56 3.99
C GLU A 986 -12.87 -5.88 4.26
N ALA A 987 -13.27 -7.13 4.03
CA ALA A 987 -14.64 -7.53 4.34
C ALA A 987 -14.93 -7.35 5.83
N GLU A 988 -13.97 -7.70 6.69
CA GLU A 988 -14.20 -7.53 8.12
C GLU A 988 -14.32 -6.05 8.48
N VAL A 989 -13.50 -5.20 7.85
CA VAL A 989 -13.60 -3.77 8.11
C VAL A 989 -14.98 -3.24 7.73
N GLN A 990 -15.48 -3.67 6.57
CA GLN A 990 -16.82 -3.24 6.16
C GLN A 990 -17.89 -3.78 7.10
N ILE A 991 -17.75 -5.03 7.54
CA ILE A 991 -18.77 -5.66 8.37
C ILE A 991 -18.85 -5.00 9.74
N ASP A 992 -17.72 -4.55 10.27
CA ASP A 992 -17.69 -3.99 11.62
C ASP A 992 -18.65 -2.80 11.75
N ARG A 993 -18.75 -1.97 10.72
CA ARG A 993 -19.63 -0.81 10.78
C ARG A 993 -21.09 -1.23 10.88
N LEU A 994 -21.49 -2.20 10.05
CA LEU A 994 -22.85 -2.74 10.16
C LEU A 994 -23.10 -3.27 11.56
N ILE A 995 -22.14 -4.00 12.11
CA ILE A 995 -22.33 -4.61 13.42
C ILE A 995 -22.58 -3.54 14.47
N THR A 996 -21.72 -2.53 14.51
CA THR A 996 -21.85 -1.51 15.55
C THR A 996 -23.14 -0.71 15.38
N GLY A 997 -23.53 -0.40 14.14
CA GLY A 997 -24.77 0.35 13.94
C GLY A 997 -25.99 -0.42 14.41
N ARG A 998 -26.06 -1.70 14.03
CA ARG A 998 -27.21 -2.51 14.43
C ARG A 998 -27.25 -2.69 15.94
N LEU A 999 -26.08 -2.87 16.57
CA LEU A 999 -26.04 -2.98 18.02
C LEU A 999 -26.57 -1.72 18.68
N GLN A 1000 -26.16 -0.55 18.19
CA GLN A 1000 -26.64 0.69 18.77
C GLN A 1000 -28.15 0.83 18.65
N SER A 1001 -28.69 0.48 17.48
CA SER A 1001 -30.14 0.57 17.30
C SER A 1001 -30.87 -0.36 18.27
N LEU A 1002 -30.36 -1.57 18.46
CA LEU A 1002 -30.98 -2.50 19.39
C LEU A 1002 -30.97 -1.95 20.81
N GLN A 1003 -29.85 -1.36 21.23
CA GLN A 1003 -29.78 -0.77 22.56
C GLN A 1003 -30.81 0.33 22.74
N THR A 1004 -30.96 1.19 21.74
CA THR A 1004 -31.95 2.25 21.83
C THR A 1004 -33.34 1.69 22.01
N TYR A 1005 -33.67 0.66 21.22
CA TYR A 1005 -35.00 0.05 21.35
C TYR A 1005 -35.24 -0.48 22.76
N VAL A 1006 -34.24 -1.17 23.32
CA VAL A 1006 -34.41 -1.75 24.64
C VAL A 1006 -34.65 -0.66 25.68
N THR A 1007 -33.89 0.45 25.60
CA THR A 1007 -34.07 1.51 26.58
C THR A 1007 -35.47 2.12 26.49
N GLN A 1008 -35.96 2.36 25.27
CA GLN A 1008 -37.32 2.88 25.13
C GLN A 1008 -38.33 1.93 25.75
N GLN A 1009 -38.14 0.62 25.53
CA GLN A 1009 -39.06 -0.36 26.11
C GLN A 1009 -39.06 -0.27 27.63
N LEU A 1010 -37.87 -0.12 28.23
CA LEU A 1010 -37.80 -0.06 29.68
C LEU A 1010 -38.59 1.14 30.22
N ILE A 1011 -38.41 2.30 29.60
CA ILE A 1011 -39.11 3.50 30.06
C ILE A 1011 -40.62 3.30 29.97
N ARG A 1012 -41.08 2.82 28.81
CA ARG A 1012 -42.52 2.66 28.62
C ARG A 1012 -43.10 1.64 29.59
N ALA A 1013 -42.34 0.56 29.87
CA ALA A 1013 -42.81 -0.43 30.82
C ALA A 1013 -42.96 0.15 32.22
N ALA A 1014 -42.02 1.01 32.62
CA ALA A 1014 -42.17 1.64 33.93
C ALA A 1014 -43.45 2.46 34.02
N GLU A 1015 -43.74 3.24 32.97
CA GLU A 1015 -44.96 4.03 32.99
C GLU A 1015 -46.21 3.14 33.06
N ILE A 1016 -46.21 2.05 32.27
CA ILE A 1016 -47.35 1.13 32.30
C ILE A 1016 -47.53 0.53 33.69
N ARG A 1017 -46.43 0.20 34.36
CA ARG A 1017 -46.54 -0.35 35.70
C ARG A 1017 -47.19 0.64 36.65
N ALA A 1018 -46.80 1.91 36.54
CA ALA A 1018 -47.44 2.92 37.40
C ALA A 1018 -48.94 2.96 37.17
N SER A 1019 -49.35 2.95 35.90
CA SER A 1019 -50.79 2.97 35.59
C SER A 1019 -51.50 1.74 36.15
N ALA A 1020 -50.86 0.57 36.02
CA ALA A 1020 -51.48 -0.66 36.51
C ALA A 1020 -51.65 -0.64 38.04
N ASN A 1021 -50.66 -0.09 38.75
CA ASN A 1021 -50.79 0.03 40.20
C ASN A 1021 -51.97 0.93 40.56
N LEU A 1022 -52.12 2.05 39.85
CA LEU A 1022 -53.26 2.91 40.10
C LEU A 1022 -54.57 2.18 39.86
N ALA A 1023 -54.65 1.41 38.77
CA ALA A 1023 -55.87 0.68 38.47
C ALA A 1023 -56.18 -0.34 39.55
N ALA A 1024 -55.17 -1.04 40.06
CA ALA A 1024 -55.40 -2.01 41.12
C ALA A 1024 -55.92 -1.33 42.38
N THR A 1025 -55.35 -0.17 42.72
CA THR A 1025 -55.84 0.56 43.89
C THR A 1025 -57.30 0.97 43.71
N LYS A 1026 -57.66 1.45 42.52
CA LYS A 1026 -59.05 1.85 42.29
C LYS A 1026 -59.98 0.64 42.38
N MET A 1027 -59.57 -0.49 41.83
CA MET A 1027 -60.41 -1.68 41.91
C MET A 1027 -60.62 -2.10 43.35
N SER A 1028 -59.56 -2.06 44.15
CA SER A 1028 -59.68 -2.48 45.55
C SER A 1028 -60.54 -1.52 46.36
N GLU A 1029 -60.40 -0.21 46.14
CA GLU A 1029 -61.03 0.76 47.02
C GLU A 1029 -62.43 1.16 46.59
N CYS A 1030 -62.73 1.21 45.30
CA CYS A 1030 -64.01 1.73 44.84
C CYS A 1030 -64.99 0.65 44.40
N VAL A 1031 -64.55 -0.59 44.23
CA VAL A 1031 -65.43 -1.69 43.86
C VAL A 1031 -65.80 -2.55 45.07
N LEU A 1032 -64.82 -2.86 45.92
CA LEU A 1032 -65.05 -3.68 47.09
C LEU A 1032 -65.47 -2.87 48.31
N GLY A 1033 -65.66 -1.56 48.16
CA GLY A 1033 -66.10 -0.74 49.26
C GLY A 1033 -66.67 0.56 48.74
N GLN A 1034 -67.01 1.44 49.68
CA GLN A 1034 -67.49 2.78 49.36
C GLN A 1034 -66.43 3.78 49.81
N SER A 1035 -66.02 4.65 48.89
CA SER A 1035 -64.88 5.52 49.12
C SER A 1035 -65.34 6.90 49.62
N LYS A 1036 -64.57 7.47 50.53
CA LYS A 1036 -64.86 8.78 51.07
C LYS A 1036 -63.96 9.88 50.54
N ARG A 1037 -62.80 9.54 50.01
CA ARG A 1037 -61.91 10.55 49.45
C ARG A 1037 -62.53 11.13 48.18
N VAL A 1038 -62.65 12.46 48.16
CA VAL A 1038 -63.44 13.12 47.13
C VAL A 1038 -62.76 13.00 45.79
N ASP A 1039 -63.57 12.77 44.74
CA ASP A 1039 -63.16 12.76 43.34
C ASP A 1039 -62.22 11.62 42.99
N PHE A 1040 -61.96 10.70 43.92
CA PHE A 1040 -61.08 9.58 43.60
C PHE A 1040 -61.70 8.68 42.54
N CYS A 1041 -62.99 8.40 42.66
CA CYS A 1041 -63.67 7.60 41.64
C CYS A 1041 -65.06 8.20 41.44
N GLY A 1042 -65.19 9.06 40.45
CA GLY A 1042 -66.45 9.69 40.11
C GLY A 1042 -66.37 11.19 40.28
N LYS A 1043 -67.53 11.82 40.07
CA LYS A 1043 -67.70 13.26 40.22
C LYS A 1043 -68.99 13.48 40.98
N GLY A 1044 -68.88 13.58 42.30
CA GLY A 1044 -70.02 13.67 43.18
C GLY A 1044 -69.77 12.80 44.40
N TYR A 1045 -70.86 12.43 45.07
CA TYR A 1045 -70.76 11.53 46.22
C TYR A 1045 -70.83 10.09 45.73
N HIS A 1046 -69.74 9.34 45.94
CA HIS A 1046 -69.63 8.00 45.39
C HIS A 1046 -70.66 7.07 46.01
N LEU A 1047 -71.35 6.30 45.17
CA LEU A 1047 -72.27 5.26 45.62
C LEU A 1047 -71.73 3.87 45.36
N MET A 1048 -71.33 3.56 44.13
CA MET A 1048 -70.78 2.24 43.85
C MET A 1048 -70.06 2.26 42.50
N SER A 1049 -69.52 1.10 42.12
CA SER A 1049 -68.80 1.00 40.87
C SER A 1049 -68.87 -0.43 40.35
N PHE A 1050 -68.71 -0.56 39.03
CA PHE A 1050 -68.72 -1.86 38.36
C PHE A 1050 -67.56 -1.95 37.39
N PRO A 1051 -66.84 -3.07 37.37
CA PRO A 1051 -65.73 -3.23 36.43
C PRO A 1051 -66.13 -3.92 35.13
N GLN A 1052 -65.38 -3.61 34.08
CA GLN A 1052 -65.50 -4.26 32.79
C GLN A 1052 -64.12 -4.41 32.18
N SER A 1053 -63.95 -5.45 31.37
CA SER A 1053 -62.66 -5.76 30.78
C SER A 1053 -62.50 -5.09 29.42
N ALA A 1054 -61.25 -4.86 29.04
CA ALA A 1054 -60.93 -4.26 27.75
C ALA A 1054 -59.62 -4.87 27.28
N PRO A 1055 -59.38 -4.91 25.95
CA PRO A 1055 -58.25 -5.67 25.39
C PRO A 1055 -56.94 -5.58 26.15
N HIS A 1056 -56.54 -4.39 26.57
CA HIS A 1056 -55.35 -4.28 27.41
C HIS A 1056 -55.60 -3.40 28.62
N GLY A 1057 -56.79 -3.44 29.18
CA GLY A 1057 -57.07 -2.60 30.31
C GLY A 1057 -58.41 -2.85 30.92
N VAL A 1058 -58.85 -1.89 31.73
CA VAL A 1058 -60.07 -2.02 32.50
C VAL A 1058 -60.89 -0.74 32.36
N VAL A 1059 -62.20 -0.89 32.50
CA VAL A 1059 -63.14 0.22 32.44
C VAL A 1059 -63.99 0.18 33.70
N PHE A 1060 -64.09 1.30 34.38
CA PHE A 1060 -64.88 1.42 35.60
C PHE A 1060 -66.11 2.26 35.31
N LEU A 1061 -67.27 1.76 35.71
CA LEU A 1061 -68.52 2.52 35.69
C LEU A 1061 -68.80 2.97 37.12
N HIS A 1062 -68.72 4.27 37.35
CA HIS A 1062 -68.93 4.84 38.67
C HIS A 1062 -70.35 5.40 38.76
N VAL A 1063 -71.08 4.99 39.80
CA VAL A 1063 -72.44 5.44 40.07
C VAL A 1063 -72.36 6.38 41.26
N THR A 1064 -72.77 7.64 41.05
CA THR A 1064 -72.66 8.70 42.04
C THR A 1064 -73.98 9.45 42.15
N TYR A 1065 -74.07 10.24 43.23
CA TYR A 1065 -75.25 10.97 43.64
C TYR A 1065 -74.97 12.46 43.52
N VAL A 1066 -75.88 13.21 42.90
CA VAL A 1066 -75.69 14.63 42.67
C VAL A 1066 -76.95 15.40 43.09
N PRO A 1067 -76.86 16.34 44.02
CA PRO A 1067 -78.05 17.09 44.42
C PRO A 1067 -78.47 18.11 43.36
N ALA A 1068 -79.70 18.59 43.48
CA ALA A 1068 -80.26 19.51 42.50
C ALA A 1068 -81.48 20.21 43.07
N GLN A 1069 -81.91 21.27 42.39
CA GLN A 1069 -83.11 22.04 42.69
C GLN A 1069 -83.04 22.67 44.09
N GLU A 1070 -82.11 23.62 44.22
CA GLU A 1070 -81.86 24.28 45.49
C GLU A 1070 -82.96 25.28 45.82
N LYS A 1071 -82.78 25.98 46.94
CA LYS A 1071 -83.73 26.97 47.41
C LYS A 1071 -83.09 27.78 48.53
N ASN A 1072 -83.35 29.09 48.52
CA ASN A 1072 -82.80 30.00 49.51
C ASN A 1072 -83.52 29.86 50.85
N PHE A 1073 -82.78 30.07 51.93
CA PHE A 1073 -83.35 30.02 53.27
C PHE A 1073 -82.55 30.93 54.19
N THR A 1074 -83.19 31.31 55.29
CA THR A 1074 -82.57 32.08 56.37
C THR A 1074 -82.22 31.15 57.52
N THR A 1075 -81.04 31.33 58.09
CA THR A 1075 -80.51 30.40 59.08
C THR A 1075 -80.00 31.15 60.31
N ALA A 1076 -79.67 30.37 61.35
CA ALA A 1076 -79.16 30.89 62.61
C ALA A 1076 -78.36 29.79 63.29
N PRO A 1077 -77.31 30.14 64.03
CA PRO A 1077 -76.45 29.08 64.61
C PRO A 1077 -76.98 28.44 65.86
N ALA A 1078 -77.87 29.08 66.61
CA ALA A 1078 -78.37 28.50 67.85
C ALA A 1078 -79.70 29.16 68.19
N ILE A 1079 -80.43 28.54 69.11
CA ILE A 1079 -81.75 29.03 69.52
C ILE A 1079 -81.70 29.34 71.01
N CYS A 1080 -82.04 30.57 71.38
CA CYS A 1080 -82.12 30.94 72.79
C CYS A 1080 -83.56 30.79 73.27
N HIS A 1081 -83.74 29.95 74.28
CA HIS A 1081 -85.05 29.67 74.85
C HIS A 1081 -84.90 29.46 76.35
N ASP A 1082 -85.71 30.18 77.12
CA ASP A 1082 -85.64 30.13 78.59
C ASP A 1082 -84.26 30.48 79.10
N GLY A 1083 -83.54 31.36 78.40
CA GLY A 1083 -82.21 31.71 78.82
C GLY A 1083 -81.16 30.67 78.54
N LYS A 1084 -81.47 29.64 77.78
CA LYS A 1084 -80.52 28.59 77.45
C LYS A 1084 -80.30 28.57 75.94
N ALA A 1085 -79.15 28.05 75.54
CA ALA A 1085 -78.79 27.95 74.14
C ALA A 1085 -78.96 26.51 73.69
N HIS A 1086 -79.61 26.32 72.54
CA HIS A 1086 -79.82 25.00 71.95
C HIS A 1086 -79.14 24.95 70.60
N PHE A 1087 -78.41 23.86 70.36
CA PHE A 1087 -77.76 23.53 69.11
C PHE A 1087 -78.35 22.23 68.56
N PRO A 1088 -78.37 22.05 67.24
CA PRO A 1088 -78.93 20.82 66.69
C PRO A 1088 -77.96 19.65 66.82
N ARG A 1089 -78.52 18.48 67.12
CA ARG A 1089 -77.69 17.28 67.23
C ARG A 1089 -76.99 16.99 65.91
N GLU A 1090 -77.75 16.96 64.82
CA GLU A 1090 -77.20 16.98 63.48
C GLU A 1090 -78.24 17.59 62.56
N GLY A 1091 -77.79 18.37 61.60
CA GLY A 1091 -78.71 19.14 60.80
C GLY A 1091 -78.45 20.62 60.94
N VAL A 1092 -79.46 21.45 60.66
CA VAL A 1092 -79.28 22.89 60.63
C VAL A 1092 -80.65 23.54 60.79
N PHE A 1093 -80.66 24.70 61.44
CA PHE A 1093 -81.88 25.49 61.60
C PHE A 1093 -82.16 26.29 60.34
N VAL A 1094 -83.41 26.27 59.89
CA VAL A 1094 -83.84 27.06 58.74
C VAL A 1094 -85.18 27.70 59.06
N SER A 1095 -85.57 28.68 58.25
CA SER A 1095 -86.88 29.30 58.39
C SER A 1095 -87.39 29.70 57.01
N ASN A 1096 -88.69 29.50 56.79
CA ASN A 1096 -89.34 29.96 55.57
C ASN A 1096 -89.89 31.36 55.69
N GLY A 1097 -89.33 32.17 56.60
CA GLY A 1097 -89.76 33.52 56.82
C GLY A 1097 -90.70 33.70 57.99
N THR A 1098 -91.34 32.65 58.45
CA THR A 1098 -92.26 32.79 59.58
C THR A 1098 -91.97 31.84 60.73
N HIS A 1099 -91.62 30.59 60.44
CA HIS A 1099 -91.38 29.60 61.47
C HIS A 1099 -90.06 28.91 61.21
N TRP A 1100 -89.51 28.30 62.26
CA TRP A 1100 -88.21 27.66 62.21
C TRP A 1100 -88.34 26.15 62.27
N PHE A 1101 -87.42 25.47 61.58
CA PHE A 1101 -87.37 24.02 61.55
C PHE A 1101 -85.91 23.56 61.55
N VAL A 1102 -85.72 22.26 61.75
CA VAL A 1102 -84.42 21.62 61.62
C VAL A 1102 -84.45 20.69 60.43
N THR A 1103 -83.38 20.69 59.64
CA THR A 1103 -83.30 19.79 58.49
C THR A 1103 -81.94 19.11 58.45
N GLN A 1104 -81.90 17.96 57.79
CA GLN A 1104 -80.63 17.36 57.44
C GLN A 1104 -79.95 18.18 56.35
N ARG A 1105 -78.63 18.10 56.30
CA ARG A 1105 -77.85 19.10 55.57
C ARG A 1105 -77.88 18.90 54.06
N ASN A 1106 -78.26 17.72 53.57
CA ASN A 1106 -78.14 17.43 52.15
C ASN A 1106 -79.48 17.17 51.46
N PHE A 1107 -80.60 17.38 52.15
CA PHE A 1107 -81.90 17.14 51.57
C PHE A 1107 -82.94 17.85 52.40
N TYR A 1108 -83.71 18.73 51.77
CA TYR A 1108 -84.67 19.54 52.51
C TYR A 1108 -85.79 18.67 53.05
N GLU A 1109 -85.96 18.68 54.37
CA GLU A 1109 -86.99 17.91 55.04
C GLU A 1109 -87.27 18.52 56.40
N PRO A 1110 -88.11 19.54 56.47
CA PRO A 1110 -88.28 20.29 57.72
C PRO A 1110 -88.94 19.46 58.81
N GLN A 1111 -88.58 19.77 60.05
CA GLN A 1111 -89.17 19.12 61.21
C GLN A 1111 -89.25 20.12 62.34
N ILE A 1112 -90.21 19.89 63.24
CA ILE A 1112 -90.44 20.83 64.34
C ILE A 1112 -89.34 20.70 65.36
N ILE A 1113 -88.82 21.85 65.82
CA ILE A 1113 -87.73 21.84 66.79
C ILE A 1113 -88.22 21.28 68.11
N THR A 1114 -87.50 20.29 68.63
CA THR A 1114 -87.92 19.54 69.80
C THR A 1114 -86.73 19.38 70.72
N THR A 1115 -87.00 19.14 71.99
CA THR A 1115 -85.91 18.86 72.92
C THR A 1115 -85.25 17.51 72.66
N ASP A 1116 -85.65 16.79 71.61
CA ASP A 1116 -85.06 15.50 71.29
C ASP A 1116 -84.03 15.55 70.18
N ASN A 1117 -84.06 16.57 69.32
CA ASN A 1117 -83.07 16.70 68.26
C ASN A 1117 -82.13 17.87 68.50
N THR A 1118 -82.10 18.41 69.72
CA THR A 1118 -81.19 19.49 70.08
C THR A 1118 -80.56 19.19 71.43
N PHE A 1119 -79.49 19.91 71.73
CA PHE A 1119 -78.83 19.82 73.03
C PHE A 1119 -78.45 21.21 73.51
N VAL A 1120 -78.20 21.31 74.82
CA VAL A 1120 -78.06 22.58 75.52
C VAL A 1120 -76.64 22.73 76.03
N SER A 1121 -76.12 23.95 75.98
CA SER A 1121 -74.84 24.26 76.61
C SER A 1121 -74.75 25.76 76.85
N GLY A 1122 -74.79 26.18 78.10
CA GLY A 1122 -74.60 27.58 78.43
C GLY A 1122 -75.84 28.43 78.23
N ASN A 1123 -75.66 29.72 78.41
CA ASN A 1123 -76.72 30.70 78.23
C ASN A 1123 -76.47 31.49 76.96
N CYS A 1124 -77.54 32.14 76.47
CA CYS A 1124 -77.50 32.83 75.18
C CYS A 1124 -76.92 34.23 75.36
N ASP A 1125 -75.61 34.27 75.59
CA ASP A 1125 -74.90 35.54 75.76
C ASP A 1125 -73.60 35.64 74.99
N VAL A 1126 -72.98 34.54 74.60
CA VAL A 1126 -71.66 34.56 73.97
C VAL A 1126 -71.70 34.10 72.53
N VAL A 1127 -72.86 33.80 71.98
CA VAL A 1127 -72.99 33.32 70.62
C VAL A 1127 -73.42 34.47 69.73
N ILE A 1128 -72.73 34.64 68.61
CA ILE A 1128 -72.98 35.74 67.69
C ILE A 1128 -74.01 35.27 66.66
N GLY A 1129 -75.24 35.78 66.77
CA GLY A 1129 -76.28 35.44 65.83
C GLY A 1129 -77.40 34.58 66.37
N ILE A 1130 -77.44 34.33 67.68
CA ILE A 1130 -78.52 33.54 68.26
C ILE A 1130 -79.84 34.28 68.08
N VAL A 1131 -80.92 33.52 67.94
CA VAL A 1131 -82.25 34.08 67.72
C VAL A 1131 -83.22 33.53 68.76
N ASN A 1132 -84.31 34.25 68.95
CA ASN A 1132 -85.33 33.88 69.93
C ASN A 1132 -86.38 33.02 69.26
N ASN A 1133 -86.73 31.91 69.92
CA ASN A 1133 -87.81 31.05 69.45
C ASN A 1133 -88.24 30.18 70.62
N THR A 1134 -89.06 29.18 70.34
CA THR A 1134 -89.54 28.25 71.34
C THR A 1134 -89.14 26.84 70.98
N VAL A 1135 -88.86 26.04 72.01
CA VAL A 1135 -88.47 24.64 71.85
C VAL A 1135 -89.49 23.80 72.59
N TYR A 1136 -90.07 22.84 71.88
CA TYR A 1136 -91.18 22.05 72.39
C TYR A 1136 -90.70 20.70 72.90
N ASP A 1137 -91.35 20.21 73.95
CA ASP A 1137 -91.06 18.90 74.52
C ASP A 1137 -92.34 18.11 74.67
N PRO A 1138 -92.26 16.78 74.55
CA PRO A 1138 -93.49 15.98 74.51
C PRO A 1138 -93.99 15.55 75.89
N LEU A 1139 -93.12 15.63 76.89
CA LEU A 1139 -93.49 15.13 78.21
C LEU A 1139 -94.65 15.90 78.80
N GLN A 1140 -94.63 17.22 78.70
CA GLN A 1140 -95.72 18.02 79.27
C GLN A 1140 -97.07 17.73 78.61
N PRO A 1141 -97.20 17.74 77.27
CA PRO A 1141 -98.49 17.33 76.70
C PRO A 1141 -98.87 15.90 77.02
N GLU A 1142 -97.90 14.99 77.16
CA GLU A 1142 -98.23 13.63 77.51
C GLU A 1142 -98.65 13.50 78.97
N LEU A 1143 -98.31 14.47 79.82
CA LEU A 1143 -98.67 14.37 81.24
C LEU A 1143 -100.18 14.45 81.43
N ASP A 1144 -100.85 15.35 80.72
CA ASP A 1144 -102.28 15.58 80.93
C ASP A 1144 -103.13 14.61 80.12
N GLN B 14 35.20 50.26 24.54
CA GLN B 14 35.09 50.60 25.95
C GLN B 14 34.83 49.35 26.79
N CYS B 15 35.29 48.20 26.31
CA CYS B 15 35.08 46.92 26.98
C CYS B 15 36.01 46.83 28.17
N VAL B 16 35.53 47.27 29.32
CA VAL B 16 36.32 47.27 30.56
C VAL B 16 35.68 46.31 31.55
N ASN B 17 36.31 46.15 32.72
CA ASN B 17 35.83 45.25 33.74
C ASN B 17 35.54 46.03 35.02
N LEU B 18 34.63 45.47 35.82
CA LEU B 18 34.20 46.09 37.07
C LEU B 18 35.08 45.62 38.23
N ARG B 19 35.31 46.53 39.19
CA ARG B 19 36.18 46.24 40.32
C ARG B 19 35.43 45.69 41.52
N THR B 20 34.19 46.13 41.74
CA THR B 20 33.45 45.70 42.93
C THR B 20 33.19 44.19 42.90
N ARG B 21 32.41 43.73 41.93
CA ARG B 21 32.07 42.31 41.77
C ARG B 21 31.54 41.72 43.08
N THR B 22 30.40 42.27 43.52
CA THR B 22 29.77 41.79 44.74
C THR B 22 29.18 40.40 44.51
N GLN B 23 29.62 39.43 45.31
CA GLN B 23 29.17 38.04 45.21
C GLN B 23 28.22 37.67 46.34
N LEU B 24 27.44 38.61 46.84
CA LEU B 24 26.49 38.32 47.90
C LEU B 24 25.43 37.36 47.40
N PRO B 25 25.18 36.26 48.10
CA PRO B 25 24.11 35.34 47.69
C PRO B 25 22.76 36.04 47.70
N PRO B 26 21.90 35.75 46.72
CA PRO B 26 20.63 36.45 46.63
C PRO B 26 19.67 36.02 47.72
N ALA B 27 18.72 36.91 48.03
CA ALA B 27 17.76 36.62 49.07
C ALA B 27 16.48 36.03 48.48
N TYR B 28 15.58 35.60 49.35
CA TYR B 28 14.29 35.07 48.94
C TYR B 28 13.20 35.94 49.53
N THR B 29 12.05 36.01 48.85
CA THR B 29 10.90 36.70 49.41
C THR B 29 9.62 36.11 48.81
N ASN B 30 8.49 36.65 49.25
CA ASN B 30 7.18 36.04 49.02
C ASN B 30 6.52 36.65 47.80
N SER B 31 5.97 35.80 46.94
CA SER B 31 5.33 36.27 45.71
C SER B 31 3.98 36.92 45.98
N PHE B 32 3.23 36.37 46.93
CA PHE B 32 1.84 36.79 47.20
C PHE B 32 1.01 36.44 45.97
N THR B 33 0.32 37.39 45.35
CA THR B 33 -0.62 37.12 44.27
C THR B 33 -0.29 37.96 43.05
N ARG B 34 0.98 37.98 42.66
CA ARG B 34 1.44 38.78 41.53
C ARG B 34 1.84 37.87 40.37
N GLY B 35 1.70 38.39 39.16
CA GLY B 35 2.12 37.68 37.98
C GLY B 35 1.00 37.05 37.18
N VAL B 36 -0.11 37.78 37.01
CA VAL B 36 -1.25 37.32 36.25
C VAL B 36 -1.35 38.15 34.98
N TYR B 37 -1.55 37.50 33.84
CA TYR B 37 -1.62 38.17 32.56
C TYR B 37 -2.80 37.62 31.75
N TYR B 38 -3.25 38.42 30.80
CA TYR B 38 -4.34 37.99 29.94
C TYR B 38 -3.85 36.90 29.01
N PRO B 39 -4.45 35.70 29.03
CA PRO B 39 -3.92 34.60 28.24
C PRO B 39 -4.18 34.71 26.75
N ASP B 40 -5.18 35.48 26.32
CA ASP B 40 -5.51 35.55 24.91
C ASP B 40 -6.17 36.90 24.63
N LYS B 41 -6.75 37.02 23.44
CA LYS B 41 -7.33 38.28 22.96
C LYS B 41 -8.85 38.26 22.94
N VAL B 42 -9.46 37.39 23.70
CA VAL B 42 -10.92 37.28 23.74
C VAL B 42 -11.45 38.26 24.77
N PHE B 43 -12.65 38.76 24.53
CA PHE B 43 -13.34 39.68 25.43
C PHE B 43 -14.45 38.93 26.14
N ARG B 44 -14.44 38.96 27.47
CA ARG B 44 -15.48 38.36 28.27
C ARG B 44 -15.92 39.36 29.32
N SER B 45 -17.21 39.33 29.67
CA SER B 45 -17.79 40.32 30.56
C SER B 45 -18.50 39.62 31.71
N SER B 46 -18.09 39.96 32.93
CA SER B 46 -18.75 39.52 34.16
C SER B 46 -18.96 38.00 34.17
N VAL B 47 -17.84 37.27 34.16
CA VAL B 47 -17.90 35.82 34.06
C VAL B 47 -16.65 35.23 34.69
N LEU B 48 -16.77 34.00 35.16
CA LEU B 48 -15.65 33.25 35.71
C LEU B 48 -15.21 32.21 34.69
N HIS B 49 -13.91 32.23 34.37
CA HIS B 49 -13.37 31.36 33.33
C HIS B 49 -12.16 30.63 33.86
N SER B 50 -12.08 29.33 33.60
CA SER B 50 -10.97 28.51 34.05
C SER B 50 -10.05 28.22 32.88
N THR B 51 -8.74 28.39 33.10
CA THR B 51 -7.78 28.17 32.03
C THR B 51 -6.54 27.48 32.57
N GLN B 52 -5.97 26.60 31.75
CA GLN B 52 -4.75 25.88 32.09
C GLN B 52 -3.61 26.45 31.24
N ASP B 53 -2.57 26.95 31.89
CA ASP B 53 -1.48 27.60 31.18
C ASP B 53 -0.30 27.74 32.14
N LEU B 54 0.72 28.48 31.72
CA LEU B 54 1.93 28.68 32.50
C LEU B 54 1.79 29.94 33.34
N PHE B 55 1.89 29.79 34.66
CA PHE B 55 1.71 30.92 35.57
C PHE B 55 2.77 30.88 36.65
N LEU B 56 2.76 31.90 37.51
CA LEU B 56 3.63 31.96 38.67
C LEU B 56 2.82 31.59 39.90
N PRO B 57 3.10 30.47 40.57
CA PRO B 57 2.25 30.02 41.66
C PRO B 57 2.14 31.04 42.77
N PHE B 58 0.96 31.10 43.38
CA PHE B 58 0.71 32.05 44.46
C PHE B 58 1.57 31.74 45.67
N PHE B 59 1.99 32.79 46.37
CA PHE B 59 2.78 32.68 47.59
C PHE B 59 4.03 31.84 47.35
N SER B 60 4.65 32.04 46.18
CA SER B 60 5.85 31.30 45.83
C SER B 60 7.07 32.02 46.38
N ASN B 61 8.25 31.48 46.06
CA ASN B 61 9.51 32.01 46.56
C ASN B 61 10.23 32.69 45.40
N VAL B 62 10.20 34.01 45.39
CA VAL B 62 10.79 34.81 44.31
C VAL B 62 12.15 35.31 44.77
N THR B 63 13.15 35.16 43.90
CA THR B 63 14.51 35.52 44.26
C THR B 63 14.72 37.02 44.11
N TRP B 64 15.43 37.60 45.07
CA TRP B 64 15.67 39.03 45.12
C TRP B 64 17.17 39.29 45.03
N PHE B 65 17.55 40.18 44.12
CA PHE B 65 18.93 40.59 43.93
C PHE B 65 19.06 42.05 44.33
N HIS B 66 20.16 42.38 45.00
CA HIS B 66 20.39 43.74 45.48
C HIS B 66 21.75 44.26 45.05
N ASN B 81 25.33 39.85 39.49
CA ASN B 81 24.50 39.93 38.29
C ASN B 81 24.93 38.87 37.28
N PRO B 82 24.71 37.60 37.61
CA PRO B 82 25.24 36.52 36.78
C PRO B 82 24.30 36.09 35.68
N VAL B 83 24.69 35.06 34.93
CA VAL B 83 23.82 34.48 33.92
C VAL B 83 22.86 33.53 34.61
N LEU B 84 21.57 33.82 34.52
CA LEU B 84 20.54 33.04 35.17
C LEU B 84 19.87 32.09 34.18
N PRO B 85 19.30 30.99 34.65
CA PRO B 85 18.54 30.11 33.76
C PRO B 85 17.24 30.78 33.32
N PHE B 86 16.76 30.37 32.15
CA PHE B 86 15.49 30.85 31.63
C PHE B 86 14.36 29.87 31.88
N ASN B 87 14.63 28.58 31.86
CA ASN B 87 13.63 27.52 32.06
C ASN B 87 12.57 27.71 30.96
N ASP B 88 11.28 27.75 31.29
CA ASP B 88 10.22 27.85 30.29
C ASP B 88 9.34 29.07 30.53
N GLY B 89 9.93 30.18 30.88
CA GLY B 89 9.21 31.42 31.12
C GLY B 89 9.81 32.11 32.33
N VAL B 90 9.77 33.44 32.30
CA VAL B 90 10.38 34.22 33.37
C VAL B 90 9.47 35.39 33.74
N TYR B 91 9.31 35.61 35.04
CA TYR B 91 8.66 36.80 35.56
C TYR B 91 9.73 37.70 36.14
N PHE B 92 9.75 38.96 35.71
CA PHE B 92 10.76 39.93 36.10
C PHE B 92 10.07 41.13 36.72
N ALA B 93 10.62 41.63 37.83
CA ALA B 93 10.02 42.79 38.48
C ALA B 93 11.11 43.71 38.99
N SER B 94 10.80 45.00 39.05
CA SER B 94 11.77 45.98 39.52
C SER B 94 11.07 47.19 40.07
N THR B 95 11.30 47.48 41.35
CA THR B 95 11.06 48.82 41.87
C THR B 95 12.20 49.70 41.42
N GLU B 96 11.87 50.93 41.03
CA GLU B 96 12.87 51.69 40.30
C GLU B 96 12.57 53.18 40.36
N LYS B 97 13.65 53.97 40.38
CA LYS B 97 13.64 55.38 40.07
C LYS B 97 14.90 55.67 39.27
N SER B 98 14.76 56.51 38.24
CA SER B 98 15.85 56.89 37.34
C SER B 98 16.37 55.72 36.50
N ASN B 99 15.57 54.65 36.41
CA ASN B 99 15.70 53.59 35.40
C ASN B 99 17.15 53.24 35.06
N ILE B 100 17.89 52.81 36.08
CA ILE B 100 19.26 52.32 35.86
C ILE B 100 19.23 51.10 34.96
N ILE B 101 18.25 50.21 35.13
CA ILE B 101 18.11 49.06 34.25
C ILE B 101 17.81 49.55 32.85
N ARG B 102 18.44 48.91 31.85
CA ARG B 102 18.26 49.31 30.46
C ARG B 102 17.57 48.25 29.63
N GLY B 103 18.10 47.04 29.58
CA GLY B 103 17.61 46.06 28.65
C GLY B 103 17.94 44.64 29.05
N TRP B 104 17.86 43.75 28.06
CA TRP B 104 18.01 42.32 28.31
C TRP B 104 18.76 41.66 27.16
N ILE B 105 19.37 40.52 27.49
CA ILE B 105 20.10 39.69 26.55
C ILE B 105 19.60 38.26 26.70
N PHE B 106 19.37 37.59 25.57
CA PHE B 106 18.85 36.23 25.58
C PHE B 106 19.66 35.37 24.62
N GLY B 107 19.81 34.10 24.98
CA GLY B 107 20.51 33.17 24.12
C GLY B 107 20.89 31.92 24.89
N THR B 108 21.73 31.10 24.24
CA THR B 108 22.24 29.88 24.85
C THR B 108 23.74 29.93 25.07
N THR B 109 24.53 30.16 24.01
CA THR B 109 25.98 30.22 24.12
C THR B 109 26.50 31.62 24.36
N LEU B 110 25.70 32.64 24.07
CA LEU B 110 26.06 34.03 24.33
C LEU B 110 27.36 34.42 23.63
N ASP B 111 27.56 33.89 22.42
CA ASP B 111 28.73 34.21 21.61
C ASP B 111 28.27 34.32 20.16
N SER B 112 29.25 34.34 19.25
CA SER B 112 28.94 34.44 17.83
C SER B 112 28.63 33.10 17.18
N LYS B 113 28.64 32.01 17.96
CA LYS B 113 28.35 30.69 17.42
C LYS B 113 26.87 30.36 17.40
N THR B 114 26.02 31.21 17.96
CA THR B 114 24.59 30.94 18.03
C THR B 114 23.86 32.26 18.02
N GLN B 115 22.59 32.22 17.58
CA GLN B 115 21.77 33.42 17.55
C GLN B 115 21.59 34.00 18.94
N SER B 116 21.61 35.32 19.02
CA SER B 116 21.46 36.04 20.28
C SER B 116 20.44 37.16 20.11
N LEU B 117 19.61 37.35 21.13
CA LEU B 117 18.56 38.36 21.13
C LEU B 117 18.96 39.48 22.06
N LEU B 118 18.83 40.72 21.60
CA LEU B 118 19.16 41.88 22.40
C LEU B 118 17.99 42.85 22.40
N ILE B 119 17.64 43.35 23.58
CA ILE B 119 16.61 44.37 23.74
C ILE B 119 17.20 45.52 24.53
N VAL B 120 17.10 46.74 24.01
CA VAL B 120 17.59 47.91 24.70
C VAL B 120 16.54 49.01 24.67
N ASN B 121 16.63 49.90 25.64
CA ASN B 121 15.72 51.05 25.75
C ASN B 121 16.54 52.30 26.00
N ASN B 122 16.27 53.35 25.23
CA ASN B 122 16.79 54.66 25.52
C ASN B 122 15.64 55.66 25.55
N ALA B 123 15.98 56.94 25.64
CA ALA B 123 14.97 57.97 25.88
C ALA B 123 14.00 58.15 24.72
N THR B 124 14.27 57.57 23.55
CA THR B 124 13.45 57.83 22.38
C THR B 124 12.76 56.60 21.82
N ASN B 125 13.44 55.45 21.75
CA ASN B 125 12.85 54.31 21.06
C ASN B 125 13.47 53.02 21.57
N VAL B 126 12.61 52.06 21.93
CA VAL B 126 13.08 50.71 22.24
C VAL B 126 13.57 50.05 20.97
N VAL B 127 14.68 49.31 21.08
CA VAL B 127 15.33 48.67 19.94
C VAL B 127 15.47 47.18 20.24
N ILE B 128 15.11 46.35 19.26
CA ILE B 128 15.20 44.90 19.38
C ILE B 128 16.01 44.39 18.19
N LYS B 129 16.99 43.53 18.47
CA LYS B 129 17.81 42.95 17.41
C LYS B 129 18.00 41.46 17.67
N VAL B 130 18.12 40.70 16.59
CA VAL B 130 18.38 39.27 16.65
C VAL B 130 19.60 39.01 15.77
N CYS B 131 20.77 38.94 16.38
CA CYS B 131 22.01 38.89 15.63
C CYS B 131 23.01 38.03 16.40
N GLU B 132 24.22 37.90 15.84
CA GLU B 132 25.30 37.19 16.50
C GLU B 132 26.32 38.20 16.99
N PHE B 133 26.68 38.12 18.26
CA PHE B 133 27.54 39.11 18.88
C PHE B 133 28.72 38.42 19.57
N GLN B 134 29.55 39.25 20.21
CA GLN B 134 30.60 38.79 21.12
C GLN B 134 30.53 39.73 22.32
N PHE B 135 29.75 39.32 23.32
CA PHE B 135 29.41 40.21 24.42
C PHE B 135 30.61 40.47 25.33
N CYS B 136 30.64 41.66 25.91
CA CYS B 136 31.61 41.98 26.93
C CYS B 136 31.29 41.22 28.21
N ASN B 137 32.32 41.02 29.04
CA ASN B 137 32.13 40.27 30.27
C ASN B 137 31.16 40.96 31.22
N ASP B 138 31.22 42.28 31.30
CA ASP B 138 30.33 43.08 32.14
C ASP B 138 29.66 44.12 31.26
N PRO B 139 28.60 43.71 30.54
CA PRO B 139 27.95 44.63 29.59
C PRO B 139 27.32 45.83 30.28
N PHE B 140 27.84 47.02 29.94
CA PHE B 140 27.29 48.28 30.42
C PHE B 140 27.33 49.28 29.27
N LEU B 141 26.37 50.19 29.25
CA LEU B 141 26.21 51.10 28.10
C LEU B 141 26.97 52.41 28.31
N ASP B 142 26.56 53.19 29.32
CA ASP B 142 27.11 54.52 29.58
C ASP B 142 26.95 55.45 28.39
N VAL B 143 27.44 56.68 28.53
CA VAL B 143 27.44 57.66 27.46
C VAL B 143 28.78 58.39 27.46
N TYR B 144 29.38 58.54 26.30
CA TYR B 144 30.67 59.22 26.17
C TYR B 144 30.81 59.88 24.81
N GLU B 154 25.35 53.53 20.68
CA GLU B 154 24.81 52.50 21.56
C GLU B 154 25.54 51.17 21.37
N SER B 155 26.77 51.11 21.86
CA SER B 155 27.58 49.90 21.78
C SER B 155 28.49 49.86 23.00
N GLY B 156 29.50 49.00 22.96
CA GLY B 156 30.40 48.82 24.07
C GLY B 156 30.11 47.62 24.95
N VAL B 157 29.06 46.86 24.64
CA VAL B 157 28.74 45.64 25.39
C VAL B 157 29.03 44.44 24.50
N TYR B 158 29.02 44.67 23.18
CA TYR B 158 29.29 43.64 22.20
C TYR B 158 30.49 44.06 21.36
N SER B 159 31.44 43.16 21.20
CA SER B 159 32.61 43.43 20.37
C SER B 159 32.45 42.98 18.93
N SER B 160 31.29 42.41 18.58
CA SER B 160 31.05 41.99 17.21
C SER B 160 29.55 42.03 16.95
N ALA B 161 29.20 42.10 15.66
CA ALA B 161 27.81 42.09 15.23
C ALA B 161 27.78 41.74 13.75
N ASN B 162 27.10 40.65 13.40
CA ASN B 162 27.07 40.19 12.03
C ASN B 162 25.88 39.26 11.85
N ASN B 163 25.57 38.97 10.58
CA ASN B 163 24.54 37.99 10.23
C ASN B 163 23.20 38.34 10.86
N CYS B 164 22.85 39.62 10.84
CA CYS B 164 21.62 40.09 11.47
C CYS B 164 20.41 39.58 10.71
N THR B 165 19.37 39.20 11.46
CA THR B 165 18.17 38.60 10.90
C THR B 165 16.92 39.43 11.16
N PHE B 166 16.70 39.86 12.40
CA PHE B 166 15.50 40.59 12.78
C PHE B 166 15.89 41.90 13.44
N GLU B 167 15.21 42.97 13.07
CA GLU B 167 15.37 44.27 13.70
C GLU B 167 13.99 44.86 13.98
N TYR B 168 13.93 45.73 14.98
CA TYR B 168 12.66 46.31 15.39
C TYR B 168 12.92 47.58 16.18
N VAL B 169 12.10 48.60 15.95
CA VAL B 169 12.17 49.85 16.69
C VAL B 169 10.75 50.27 17.05
N SER B 170 10.57 50.75 18.28
CA SER B 170 9.26 51.21 18.71
C SER B 170 9.43 52.23 19.83
N GLN B 171 8.33 52.55 20.52
CA GLN B 171 8.36 53.45 21.66
C GLN B 171 8.90 52.71 22.88
N PRO B 172 9.77 53.34 23.68
CA PRO B 172 10.41 52.63 24.79
C PRO B 172 9.40 52.12 25.81
N PHE B 173 9.72 50.97 26.40
CA PHE B 173 8.86 50.36 27.41
C PHE B 173 8.77 51.24 28.65
N LEU B 174 9.90 51.78 29.10
CA LEU B 174 9.96 52.49 30.37
C LEU B 174 9.76 53.99 30.19
N LYS B 185 10.36 53.94 43.15
CA LYS B 185 9.01 54.43 43.36
C LYS B 185 8.03 53.87 42.32
N ASN B 186 8.56 53.41 41.19
CA ASN B 186 7.74 52.81 40.15
C ASN B 186 8.00 51.32 40.09
N LEU B 187 6.94 50.53 40.05
CA LEU B 187 7.03 49.08 39.95
C LEU B 187 6.79 48.68 38.51
N ARG B 188 7.80 48.08 37.89
CA ARG B 188 7.69 47.56 36.53
C ARG B 188 7.66 46.04 36.60
N GLU B 189 6.67 45.45 35.95
CA GLU B 189 6.52 44.00 35.91
C GLU B 189 6.48 43.55 34.47
N PHE B 190 7.20 42.46 34.18
CA PHE B 190 7.25 41.92 32.83
C PHE B 190 7.17 40.41 32.90
N VAL B 191 6.60 39.81 31.87
CA VAL B 191 6.58 38.37 31.70
C VAL B 191 7.12 38.05 30.32
N PHE B 192 8.13 37.18 30.27
CA PHE B 192 8.75 36.77 29.01
C PHE B 192 8.49 35.29 28.80
N LYS B 193 7.92 34.96 27.64
CA LYS B 193 7.63 33.58 27.28
C LYS B 193 8.15 33.31 25.88
N ASN B 194 8.42 32.04 25.60
CA ASN B 194 8.92 31.63 24.29
C ASN B 194 8.31 30.29 23.94
N ILE B 195 7.62 30.23 22.81
CA ILE B 195 6.99 28.99 22.36
C ILE B 195 6.67 29.11 20.88
N ASP B 196 6.92 28.02 20.15
CA ASP B 196 6.56 27.90 18.73
C ASP B 196 7.17 29.03 17.91
N GLY B 197 8.47 29.26 18.08
CA GLY B 197 9.12 30.34 17.38
C GLY B 197 8.52 31.69 17.63
N TYR B 198 7.86 31.87 18.77
CA TYR B 198 7.17 33.10 19.12
C TYR B 198 7.65 33.55 20.48
N PHE B 199 8.14 34.78 20.55
CA PHE B 199 8.58 35.38 21.80
C PHE B 199 7.51 36.37 22.25
N LYS B 200 6.85 36.06 23.36
CA LYS B 200 5.75 36.87 23.85
C LYS B 200 6.23 37.68 25.06
N ILE B 201 5.88 38.96 25.07
CA ILE B 201 6.27 39.88 26.13
C ILE B 201 5.01 40.57 26.63
N TYR B 202 4.73 40.43 27.93
CA TYR B 202 3.67 41.15 28.61
C TYR B 202 4.28 42.10 29.63
N SER B 203 3.60 43.22 29.89
CA SER B 203 4.17 44.24 30.75
C SER B 203 3.08 44.95 31.53
N LYS B 204 3.51 45.62 32.61
CA LYS B 204 2.61 46.44 33.41
C LYS B 204 3.44 47.40 34.27
N HIS B 205 2.94 48.61 34.43
CA HIS B 205 3.57 49.64 35.25
C HIS B 205 2.64 50.02 36.39
N THR B 206 3.22 50.36 37.54
CA THR B 206 2.41 50.70 38.70
C THR B 206 3.07 51.76 39.55
N PRO B 207 2.34 52.79 39.97
CA PRO B 207 2.87 53.74 40.96
C PRO B 207 2.68 53.19 42.37
N ILE B 208 3.80 52.88 43.02
CA ILE B 208 3.77 52.25 44.33
C ILE B 208 4.25 53.25 45.37
N ASN B 209 3.77 53.05 46.61
CA ASN B 209 4.21 53.86 47.74
C ASN B 209 4.87 53.05 48.83
N LEU B 210 4.69 51.72 48.85
CA LEU B 210 5.38 50.89 49.82
C LEU B 210 6.89 50.91 49.55
N VAL B 211 7.66 50.73 50.62
CA VAL B 211 9.09 51.02 50.55
C VAL B 211 9.87 49.89 49.90
N ARG B 212 9.68 48.65 50.37
CA ARG B 212 10.64 47.59 50.06
C ARG B 212 10.08 46.47 49.20
N ASP B 213 9.06 45.75 49.66
CA ASP B 213 8.70 44.49 49.02
C ASP B 213 7.43 44.62 48.17
N LEU B 214 7.10 43.53 47.49
CA LEU B 214 5.97 43.55 46.57
C LEU B 214 4.67 43.76 47.35
N PRO B 215 3.79 44.63 46.87
CA PRO B 215 2.59 44.97 47.64
C PRO B 215 1.58 43.83 47.62
N GLN B 216 0.62 43.92 48.53
CA GLN B 216 -0.47 42.95 48.64
C GLN B 216 -1.67 43.37 47.80
N GLY B 217 -1.42 43.65 46.52
CA GLY B 217 -2.47 44.03 45.60
C GLY B 217 -2.61 43.02 44.47
N PHE B 218 -3.54 43.32 43.58
CA PHE B 218 -3.78 42.50 42.41
C PHE B 218 -3.86 43.37 41.17
N SER B 219 -3.19 42.96 40.10
CA SER B 219 -3.21 43.71 38.85
C SER B 219 -2.78 42.76 37.73
N ALA B 220 -3.52 42.76 36.64
CA ALA B 220 -3.24 41.87 35.52
C ALA B 220 -2.28 42.52 34.54
N LEU B 221 -1.48 41.69 33.88
CA LEU B 221 -0.47 42.15 32.95
C LEU B 221 -1.00 42.08 31.53
N GLU B 222 -0.93 43.17 30.81
CA GLU B 222 -1.49 43.21 29.48
C GLU B 222 -0.47 42.79 28.44
N PRO B 223 -0.91 42.14 27.36
CA PRO B 223 0.03 41.76 26.30
C PRO B 223 0.66 42.98 25.67
N LEU B 224 1.95 42.88 25.39
CA LEU B 224 2.70 44.00 24.83
C LEU B 224 3.19 43.70 23.42
N VAL B 225 4.01 42.67 23.23
CA VAL B 225 4.60 42.42 21.92
C VAL B 225 4.67 40.92 21.67
N ASP B 226 4.59 40.53 20.41
CA ASP B 226 4.94 39.19 19.96
C ASP B 226 6.01 39.28 18.89
N LEU B 227 6.96 38.35 18.92
CA LEU B 227 8.07 38.32 17.99
C LEU B 227 8.06 37.00 17.25
N PRO B 228 7.97 37.00 15.92
CA PRO B 228 8.00 35.74 15.14
C PRO B 228 9.43 35.33 14.75
N ILE B 229 10.18 34.84 15.73
CA ILE B 229 11.58 34.51 15.53
C ILE B 229 11.87 33.14 16.13
N GLY B 230 12.64 32.33 15.41
CA GLY B 230 13.01 31.02 15.89
C GLY B 230 14.33 31.03 16.63
N ILE B 231 14.33 30.57 17.88
CA ILE B 231 15.51 30.61 18.74
C ILE B 231 15.27 29.66 19.90
N ASN B 232 16.36 29.23 20.54
CA ASN B 232 16.32 28.25 21.62
C ASN B 232 16.76 28.84 22.95
N ILE B 233 16.27 30.03 23.30
CA ILE B 233 16.74 30.74 24.48
C ILE B 233 16.63 29.84 25.71
N THR B 234 17.74 29.72 26.45
CA THR B 234 17.77 28.97 27.69
C THR B 234 18.40 29.73 28.85
N ARG B 235 19.12 30.81 28.59
CA ARG B 235 19.71 31.63 29.65
C ARG B 235 19.56 33.10 29.26
N PHE B 236 19.73 33.97 30.24
CA PHE B 236 19.60 35.40 29.96
C PHE B 236 20.44 36.19 30.97
N GLN B 237 20.33 37.51 30.89
CA GLN B 237 21.18 38.43 31.62
C GLN B 237 20.45 39.77 31.69
N THR B 238 20.91 40.64 32.59
CA THR B 238 20.34 41.96 32.76
C THR B 238 21.39 43.03 32.46
N LEU B 239 20.94 44.13 31.87
CA LEU B 239 21.82 45.20 31.40
C LEU B 239 21.59 46.47 32.22
N LEU B 240 22.69 47.08 32.66
CA LEU B 240 22.64 48.33 33.41
C LEU B 240 23.58 49.32 32.76
N ALA B 241 23.20 50.61 32.79
CA ALA B 241 24.07 51.68 32.33
C ALA B 241 24.70 52.32 33.56
N LEU B 242 25.75 51.68 34.06
CA LEU B 242 26.40 52.10 35.30
C LEU B 242 27.31 53.28 35.00
N HIS B 243 26.87 54.48 35.38
CA HIS B 243 27.67 55.67 35.16
C HIS B 243 28.97 55.60 35.97
N ARG B 244 30.01 56.25 35.45
CA ARG B 244 31.32 56.20 36.07
C ARG B 244 31.28 56.76 37.49
N SER B 245 31.44 55.89 38.48
CA SER B 245 31.38 56.30 39.88
C SER B 245 32.24 55.40 40.74
N ALA B 260 24.74 46.48 42.10
CA ALA B 260 24.30 47.27 43.23
C ALA B 260 22.87 47.78 43.01
N ALA B 261 22.06 46.98 42.32
CA ALA B 261 20.68 47.32 42.04
C ALA B 261 19.78 46.18 42.45
N ALA B 262 18.52 46.50 42.74
CA ALA B 262 17.56 45.55 43.30
C ALA B 262 16.51 45.21 42.28
N TYR B 263 16.24 43.91 42.11
CA TYR B 263 15.14 43.44 41.28
C TYR B 263 14.77 42.03 41.71
N TYR B 264 13.69 41.51 41.12
CA TYR B 264 13.13 40.24 41.54
C TYR B 264 12.89 39.35 40.32
N VAL B 265 13.13 38.06 40.49
CA VAL B 265 13.03 37.07 39.43
C VAL B 265 12.23 35.87 39.94
N GLY B 266 11.25 35.44 39.13
CA GLY B 266 10.51 34.24 39.44
C GLY B 266 10.30 33.40 38.19
N TYR B 267 9.93 32.14 38.40
CA TYR B 267 9.80 31.19 37.32
C TYR B 267 8.36 30.72 37.19
N LEU B 268 8.03 30.16 36.02
CA LEU B 268 6.68 29.77 35.68
C LEU B 268 6.55 28.26 35.66
N GLN B 269 5.34 27.78 35.96
CA GLN B 269 5.01 26.37 35.92
C GLN B 269 3.63 26.21 35.29
N PRO B 270 3.36 25.05 34.69
CA PRO B 270 2.02 24.81 34.13
C PRO B 270 1.03 24.44 35.25
N ARG B 271 -0.14 25.08 35.22
CA ARG B 271 -1.18 24.83 36.21
C ARG B 271 -2.45 25.50 35.73
N THR B 272 -3.53 25.30 36.48
CA THR B 272 -4.84 25.83 36.16
C THR B 272 -5.19 26.98 37.08
N PHE B 273 -5.91 27.95 36.54
CA PHE B 273 -6.32 29.15 37.27
C PHE B 273 -7.80 29.42 36.97
N LEU B 274 -8.44 30.12 37.89
CA LEU B 274 -9.81 30.59 37.70
C LEU B 274 -9.80 32.10 37.76
N LEU B 275 -10.15 32.75 36.64
CA LEU B 275 -10.08 34.19 36.52
C LEU B 275 -11.49 34.78 36.49
N LYS B 276 -11.63 35.99 37.03
CA LYS B 276 -12.91 36.68 37.05
C LYS B 276 -12.83 37.92 36.18
N TYR B 277 -13.79 38.08 35.27
CA TYR B 277 -13.89 39.25 34.41
C TYR B 277 -15.07 40.09 34.85
N ASN B 278 -14.85 41.38 35.03
CA ASN B 278 -15.91 42.30 35.40
C ASN B 278 -16.69 42.70 34.15
N GLU B 279 -17.52 43.74 34.27
CA GLU B 279 -18.39 44.15 33.17
C GLU B 279 -17.62 44.72 31.99
N ASN B 280 -16.38 45.17 32.19
CA ASN B 280 -15.62 45.82 31.14
C ASN B 280 -14.49 44.96 30.60
N GLY B 281 -14.48 43.67 30.91
CA GLY B 281 -13.48 42.78 30.36
C GLY B 281 -12.14 42.82 31.05
N THR B 282 -12.03 43.50 32.19
CA THR B 282 -10.78 43.53 32.94
C THR B 282 -10.75 42.39 33.94
N ILE B 283 -9.56 41.82 34.13
CA ILE B 283 -9.38 40.76 35.11
C ILE B 283 -9.17 41.40 36.48
N THR B 284 -10.05 41.07 37.43
CA THR B 284 -10.01 41.69 38.74
C THR B 284 -9.64 40.74 39.86
N ASP B 285 -9.69 39.43 39.64
CA ASP B 285 -9.36 38.48 40.69
C ASP B 285 -9.09 37.12 40.08
N ALA B 286 -8.32 36.31 40.81
CA ALA B 286 -7.93 34.99 40.32
C ALA B 286 -7.80 34.04 41.50
N VAL B 287 -7.88 32.75 41.18
CA VAL B 287 -7.79 31.68 42.17
C VAL B 287 -6.87 30.61 41.62
N ASP B 288 -5.89 30.19 42.41
CA ASP B 288 -4.96 29.13 42.05
C ASP B 288 -5.53 27.81 42.55
N CYS B 289 -5.87 26.91 41.62
CA CYS B 289 -6.60 25.70 41.99
C CYS B 289 -5.78 24.80 42.91
N ALA B 290 -4.56 24.46 42.50
CA ALA B 290 -3.79 23.46 43.23
C ALA B 290 -2.91 24.07 44.30
N LEU B 291 -3.49 24.89 45.17
CA LEU B 291 -2.77 25.51 46.27
C LEU B 291 -3.17 24.97 47.63
N ASP B 292 -4.46 24.77 47.88
CA ASP B 292 -4.96 24.30 49.15
C ASP B 292 -6.39 23.81 48.95
N PRO B 293 -6.93 23.01 49.87
CA PRO B 293 -8.23 22.38 49.63
C PRO B 293 -9.36 23.37 49.34
N LEU B 294 -9.37 24.53 49.99
CA LEU B 294 -10.42 25.49 49.72
C LEU B 294 -10.37 25.97 48.28
N SER B 295 -9.17 26.20 47.76
CA SER B 295 -9.03 26.62 46.37
C SER B 295 -9.50 25.53 45.41
N GLU B 296 -9.19 24.27 45.71
CA GLU B 296 -9.70 23.19 44.89
C GLU B 296 -11.22 23.16 44.90
N THR B 297 -11.81 23.37 46.07
CA THR B 297 -13.26 23.42 46.17
C THR B 297 -13.82 24.53 45.28
N LYS B 298 -13.22 25.71 45.36
CA LYS B 298 -13.69 26.83 44.54
C LYS B 298 -13.57 26.52 43.06
N CYS B 299 -12.47 25.90 42.66
CA CYS B 299 -12.27 25.60 41.24
C CYS B 299 -13.27 24.57 40.74
N THR B 300 -13.45 23.47 41.48
CA THR B 300 -14.40 22.45 41.05
C THR B 300 -15.82 23.00 41.04
N LEU B 301 -16.17 23.80 42.04
CA LEU B 301 -17.51 24.36 42.12
C LEU B 301 -17.70 25.57 41.22
N LYS B 302 -16.60 26.15 40.73
CA LYS B 302 -16.63 27.29 39.81
C LYS B 302 -17.37 28.48 40.40
N SER B 303 -16.92 28.91 41.57
CA SER B 303 -17.46 30.12 42.19
C SER B 303 -16.47 30.61 43.23
N PHE B 304 -16.54 31.91 43.51
CA PHE B 304 -15.66 32.51 44.51
C PHE B 304 -16.22 32.40 45.92
N THR B 305 -17.48 32.00 46.07
CA THR B 305 -18.09 31.81 47.38
C THR B 305 -18.60 30.38 47.47
N VAL B 306 -18.45 29.78 48.65
CA VAL B 306 -18.77 28.37 48.86
C VAL B 306 -19.81 28.27 49.97
N GLU B 307 -20.89 27.54 49.70
CA GLU B 307 -21.93 27.32 50.69
C GLU B 307 -21.53 26.18 51.62
N LYS B 308 -22.14 26.17 52.81
CA LYS B 308 -21.83 25.15 53.79
C LYS B 308 -22.23 23.77 53.30
N GLY B 309 -21.34 22.80 53.47
CA GLY B 309 -21.62 21.45 53.04
C GLY B 309 -20.34 20.65 52.93
N ILE B 310 -20.43 19.52 52.22
CA ILE B 310 -19.29 18.65 51.95
C ILE B 310 -19.28 18.36 50.46
N TYR B 311 -18.11 18.49 49.84
CA TYR B 311 -17.99 18.39 48.39
C TYR B 311 -16.87 17.44 48.02
N GLN B 312 -17.03 16.75 46.90
CA GLN B 312 -16.08 15.77 46.43
C GLN B 312 -15.21 16.42 45.36
N THR B 313 -13.92 16.50 45.61
CA THR B 313 -13.01 17.25 44.75
C THR B 313 -12.15 16.37 43.86
N SER B 314 -11.39 15.43 44.43
CA SER B 314 -10.44 14.68 43.63
C SER B 314 -10.26 13.28 44.21
N ASN B 315 -9.31 12.55 43.63
CA ASN B 315 -9.02 11.18 44.00
C ASN B 315 -7.60 11.06 44.56
N PHE B 316 -7.39 10.00 45.31
CA PHE B 316 -6.13 9.74 45.99
C PHE B 316 -5.73 8.29 45.74
N ARG B 317 -4.45 8.07 45.50
CA ARG B 317 -3.94 6.71 45.35
C ARG B 317 -2.47 6.68 45.68
N VAL B 318 -2.02 5.55 46.21
CA VAL B 318 -0.64 5.38 46.62
C VAL B 318 0.20 5.01 45.40
N GLN B 319 1.43 5.50 45.38
CA GLN B 319 2.32 5.23 44.26
C GLN B 319 3.28 4.08 44.58
N PRO B 320 3.64 3.28 43.59
CA PRO B 320 4.60 2.19 43.83
C PRO B 320 5.96 2.74 44.19
N THR B 321 6.68 1.99 45.02
CA THR B 321 7.99 2.43 45.50
C THR B 321 9.12 1.94 44.60
N GLU B 322 9.24 0.64 44.43
CA GLU B 322 10.31 0.06 43.61
C GLU B 322 9.72 -1.14 42.86
N SER B 323 10.58 -1.84 42.13
CA SER B 323 10.18 -3.02 41.37
C SER B 323 10.93 -4.25 41.89
N ILE B 324 10.26 -5.39 41.81
CA ILE B 324 10.79 -6.66 42.29
C ILE B 324 10.73 -7.67 41.14
N VAL B 325 11.84 -8.35 40.89
CA VAL B 325 11.91 -9.38 39.85
C VAL B 325 12.32 -10.68 40.51
N ARG B 326 11.51 -11.72 40.31
CA ARG B 326 11.77 -13.03 40.87
C ARG B 326 11.73 -14.07 39.75
N PHE B 327 12.56 -15.10 39.91
CA PHE B 327 12.74 -16.12 38.88
C PHE B 327 13.27 -17.37 39.55
N PRO B 328 13.09 -18.55 38.94
CA PRO B 328 13.59 -19.78 39.55
C PRO B 328 15.10 -19.78 39.62
N ASN B 329 15.63 -20.79 40.32
CA ASN B 329 17.07 -20.90 40.51
C ASN B 329 17.77 -21.13 39.19
N ILE B 330 18.97 -20.57 39.06
CA ILE B 330 19.80 -20.78 37.88
C ILE B 330 20.52 -22.11 38.04
N THR B 331 20.23 -23.05 37.14
CA THR B 331 20.84 -24.37 37.18
C THR B 331 20.82 -24.95 35.78
N ASN B 332 21.38 -26.16 35.65
CA ASN B 332 21.49 -26.86 34.37
C ASN B 332 22.25 -26.01 33.35
N LEU B 333 23.52 -25.74 33.69
CA LEU B 333 24.36 -24.91 32.84
C LEU B 333 24.68 -25.61 31.53
N CYS B 334 24.89 -24.81 30.49
CA CYS B 334 25.29 -25.37 29.21
C CYS B 334 26.75 -25.77 29.25
N PRO B 335 27.09 -27.02 28.94
CA PRO B 335 28.48 -27.45 29.03
C PRO B 335 29.37 -26.78 28.00
N PHE B 336 30.21 -25.86 28.45
CA PHE B 336 31.13 -25.15 27.56
C PHE B 336 32.55 -25.23 28.10
N GLY B 337 32.68 -25.33 29.43
CA GLY B 337 34.00 -25.38 30.03
C GLY B 337 34.78 -26.63 29.62
N GLU B 338 34.10 -27.78 29.57
CA GLU B 338 34.78 -29.02 29.20
C GLU B 338 35.28 -28.98 27.77
N VAL B 339 34.51 -28.40 26.84
CA VAL B 339 34.97 -28.28 25.46
C VAL B 339 36.11 -27.28 25.37
N PHE B 340 35.96 -26.11 25.98
CA PHE B 340 36.97 -25.07 25.84
C PHE B 340 38.23 -25.39 26.64
N ASN B 341 38.11 -26.13 27.73
CA ASN B 341 39.26 -26.58 28.50
C ASN B 341 39.59 -28.04 28.22
N ALA B 342 39.41 -28.47 26.97
CA ALA B 342 39.75 -29.82 26.56
C ALA B 342 41.19 -29.88 26.09
N THR B 343 41.90 -30.91 26.55
CA THR B 343 43.32 -31.04 26.20
C THR B 343 43.51 -31.26 24.71
N ARG B 344 42.68 -32.10 24.10
CA ARG B 344 42.84 -32.48 22.70
C ARG B 344 41.73 -31.86 21.86
N PHE B 345 42.12 -31.20 20.78
CA PHE B 345 41.21 -30.75 19.74
C PHE B 345 41.58 -31.46 18.44
N ALA B 346 40.59 -32.00 17.75
CA ALA B 346 40.84 -32.60 16.45
C ALA B 346 41.32 -31.53 15.47
N SER B 347 42.03 -31.98 14.44
CA SER B 347 42.64 -31.05 13.50
C SER B 347 41.57 -30.30 12.70
N VAL B 348 42.03 -29.32 11.93
CA VAL B 348 41.11 -28.43 11.23
C VAL B 348 40.33 -29.18 10.16
N TYR B 349 40.97 -30.16 9.50
CA TYR B 349 40.27 -30.91 8.46
C TYR B 349 39.20 -31.84 9.03
N ALA B 350 39.28 -32.15 10.32
CA ALA B 350 38.32 -33.01 10.99
C ALA B 350 37.76 -32.32 12.23
N TRP B 351 37.32 -31.08 12.06
CA TRP B 351 36.92 -30.24 13.18
C TRP B 351 35.84 -30.91 14.03
N ASN B 352 36.02 -30.84 15.34
CA ASN B 352 35.05 -31.42 16.26
C ASN B 352 33.75 -30.63 16.22
N ARG B 353 32.64 -31.34 16.01
CA ARG B 353 31.31 -30.75 15.94
C ARG B 353 30.49 -31.18 17.15
N LYS B 354 29.94 -30.20 17.85
CA LYS B 354 29.15 -30.46 19.05
C LYS B 354 27.83 -29.70 18.97
N ARG B 355 26.74 -30.36 19.38
CA ARG B 355 25.42 -29.74 19.43
C ARG B 355 25.00 -29.60 20.88
N ILE B 356 24.60 -28.39 21.26
CA ILE B 356 24.24 -28.07 22.63
C ILE B 356 22.79 -27.57 22.66
N SER B 357 21.99 -28.15 23.54
CA SER B 357 20.60 -27.78 23.70
C SER B 357 20.14 -28.13 25.11
N ASN B 358 19.04 -27.51 25.53
CA ASN B 358 18.37 -27.80 26.80
C ASN B 358 19.30 -27.54 27.99
N CYS B 359 19.68 -26.28 28.13
CA CYS B 359 20.50 -25.82 29.25
C CYS B 359 20.47 -24.31 29.28
N VAL B 360 21.27 -23.71 30.17
CA VAL B 360 21.44 -22.27 30.25
C VAL B 360 22.90 -21.94 29.95
N ALA B 361 23.11 -21.00 29.04
CA ALA B 361 24.45 -20.62 28.60
C ALA B 361 24.77 -19.22 29.10
N ASP B 362 25.89 -19.07 29.80
CA ASP B 362 26.32 -17.79 30.34
C ASP B 362 27.44 -17.25 29.46
N TYR B 363 27.10 -16.28 28.61
CA TYR B 363 28.10 -15.63 27.78
C TYR B 363 28.90 -14.57 28.53
N SER B 364 28.40 -14.13 29.70
CA SER B 364 29.11 -13.12 30.47
C SER B 364 30.46 -13.63 30.97
N VAL B 365 30.50 -14.85 31.48
CA VAL B 365 31.75 -15.40 31.99
C VAL B 365 32.75 -15.61 30.86
N LEU B 366 32.28 -16.05 29.70
CA LEU B 366 33.17 -16.26 28.57
C LEU B 366 33.71 -14.94 28.04
N TYR B 367 32.85 -13.93 27.91
CA TYR B 367 33.31 -12.62 27.46
C TYR B 367 34.25 -11.99 28.48
N ASN B 368 33.92 -12.09 29.77
CA ASN B 368 34.75 -11.55 30.83
C ASN B 368 35.80 -12.57 31.27
N SER B 369 36.56 -13.09 30.30
CA SER B 369 37.62 -14.04 30.56
C SER B 369 38.81 -13.69 29.67
N ALA B 370 39.96 -13.46 30.29
CA ALA B 370 41.17 -13.08 29.56
C ALA B 370 41.91 -14.27 28.98
N SER B 371 41.45 -15.50 29.24
CA SER B 371 42.13 -16.69 28.75
C SER B 371 42.02 -16.85 27.24
N PHE B 372 41.18 -16.06 26.57
CA PHE B 372 41.00 -16.15 25.12
C PHE B 372 41.52 -14.86 24.49
N SER B 373 42.48 -15.00 23.57
CA SER B 373 43.08 -13.83 22.94
C SER B 373 42.10 -13.16 21.98
N THR B 374 41.44 -13.95 21.13
CA THR B 374 40.57 -13.44 20.09
C THR B 374 39.14 -13.85 20.39
N PHE B 375 38.22 -12.88 20.37
CA PHE B 375 36.80 -13.13 20.62
C PHE B 375 36.01 -12.16 19.75
N LYS B 376 35.50 -12.65 18.63
CA LYS B 376 34.81 -11.82 17.66
C LYS B 376 33.37 -12.29 17.52
N CYS B 377 32.43 -11.42 17.85
CA CYS B 377 31.00 -11.72 17.74
C CYS B 377 30.39 -10.90 16.62
N TYR B 378 29.59 -11.55 15.79
CA TYR B 378 29.06 -10.93 14.58
C TYR B 378 27.55 -10.79 14.57
N GLY B 379 26.82 -11.82 14.98
CA GLY B 379 25.37 -11.73 14.98
C GLY B 379 24.84 -10.67 15.93
N VAL B 380 25.35 -10.66 17.16
CA VAL B 380 24.94 -9.72 18.19
C VAL B 380 26.17 -9.34 19.02
N SER B 381 26.01 -8.30 19.83
CA SER B 381 27.06 -7.94 20.77
C SER B 381 27.12 -8.97 21.90
N PRO B 382 28.32 -9.29 22.39
CA PRO B 382 28.43 -10.34 23.42
C PRO B 382 27.64 -10.06 24.68
N THR B 383 27.58 -8.79 25.12
CA THR B 383 26.80 -8.46 26.30
C THR B 383 25.32 -8.72 26.07
N LYS B 384 24.81 -8.34 24.89
CA LYS B 384 23.40 -8.56 24.58
C LYS B 384 23.09 -10.02 24.32
N LEU B 385 24.10 -10.85 24.05
CA LEU B 385 23.86 -12.25 23.77
C LEU B 385 23.22 -12.95 24.95
N ASN B 386 23.54 -12.52 26.18
CA ASN B 386 22.89 -13.08 27.36
C ASN B 386 21.41 -12.74 27.44
N ASP B 387 20.97 -11.72 26.69
CA ASP B 387 19.57 -11.32 26.75
C ASP B 387 18.70 -12.20 25.88
N LEU B 388 18.96 -12.21 24.57
CA LEU B 388 18.19 -13.05 23.65
C LEU B 388 18.69 -14.48 23.73
N CYS B 389 18.03 -15.37 23.00
CA CYS B 389 18.46 -16.77 22.96
C CYS B 389 17.85 -17.45 21.75
N PHE B 390 18.37 -18.65 21.47
CA PHE B 390 17.98 -19.44 20.31
C PHE B 390 17.56 -20.83 20.78
N THR B 391 17.35 -21.76 19.85
CA THR B 391 16.91 -23.10 20.23
C THR B 391 18.05 -24.12 20.31
N ASN B 392 19.18 -23.88 19.64
CA ASN B 392 20.32 -24.77 19.80
C ASN B 392 21.60 -24.06 19.37
N VAL B 393 22.73 -24.63 19.79
CA VAL B 393 24.04 -24.07 19.53
C VAL B 393 24.92 -25.15 18.92
N TYR B 394 25.78 -24.76 17.97
CA TYR B 394 26.71 -25.67 17.33
C TYR B 394 28.13 -25.14 17.51
N ALA B 395 29.00 -26.00 18.02
CA ALA B 395 30.40 -25.64 18.30
C ALA B 395 31.30 -26.42 17.37
N ASP B 396 32.15 -25.70 16.64
CA ASP B 396 33.16 -26.28 15.76
C ASP B 396 34.53 -25.93 16.35
N SER B 397 35.21 -26.94 16.89
CA SER B 397 36.46 -26.73 17.60
C SER B 397 37.60 -27.47 16.92
N PHE B 398 38.74 -26.80 16.78
CA PHE B 398 39.91 -27.41 16.14
C PHE B 398 41.14 -26.59 16.50
N VAL B 399 42.28 -26.98 15.91
CA VAL B 399 43.57 -26.34 16.15
C VAL B 399 44.19 -26.01 14.79
N ILE B 400 44.68 -24.78 14.64
CA ILE B 400 45.33 -24.32 13.42
C ILE B 400 46.63 -23.62 13.80
N ARG B 401 47.30 -23.09 12.78
CA ARG B 401 48.45 -22.22 13.00
C ARG B 401 47.99 -20.81 13.33
N GLY B 402 48.91 -20.02 13.89
CA GLY B 402 48.59 -18.64 14.23
C GLY B 402 48.24 -17.81 13.00
N ASP B 403 49.05 -17.91 11.96
CA ASP B 403 48.85 -17.07 10.78
C ASP B 403 47.53 -17.35 10.09
N GLU B 404 46.88 -18.46 10.41
CA GLU B 404 45.61 -18.83 9.80
C GLU B 404 44.40 -18.35 10.61
N VAL B 405 44.61 -17.63 11.72
CA VAL B 405 43.47 -17.21 12.53
C VAL B 405 42.57 -16.27 11.74
N ARG B 406 43.15 -15.44 10.87
CA ARG B 406 42.33 -14.55 10.04
C ARG B 406 41.50 -15.34 9.04
N GLN B 407 41.92 -16.56 8.70
CA GLN B 407 41.21 -17.35 7.69
C GLN B 407 39.82 -17.75 8.17
N ILE B 408 39.62 -17.87 9.49
CA ILE B 408 38.33 -18.28 10.04
C ILE B 408 37.53 -17.00 10.26
N ALA B 409 36.86 -16.55 9.19
CA ALA B 409 36.05 -15.34 9.23
C ALA B 409 35.02 -15.42 8.11
N PRO B 410 33.85 -14.81 8.29
CA PRO B 410 32.88 -14.77 7.19
C PRO B 410 33.44 -14.03 5.99
N GLY B 411 33.17 -14.57 4.80
CA GLY B 411 33.68 -13.98 3.58
C GLY B 411 35.19 -13.94 3.50
N GLN B 412 35.86 -15.01 3.93
CA GLN B 412 37.31 -15.10 3.95
C GLN B 412 37.75 -16.28 3.10
N THR B 413 38.89 -16.12 2.43
CA THR B 413 39.45 -17.15 1.58
C THR B 413 40.82 -17.58 2.11
N GLY B 414 41.30 -18.68 1.59
CA GLY B 414 42.59 -19.22 1.98
C GLY B 414 42.56 -20.74 1.94
N LYS B 415 43.67 -21.34 2.37
CA LYS B 415 43.74 -22.79 2.43
C LYS B 415 42.73 -23.35 3.42
N ILE B 416 42.76 -22.85 4.65
CA ILE B 416 41.81 -23.30 5.67
C ILE B 416 40.39 -22.88 5.30
N ALA B 417 40.23 -21.63 4.85
CA ALA B 417 38.91 -21.07 4.61
C ALA B 417 38.20 -21.72 3.43
N ASP B 418 38.93 -22.37 2.53
CA ASP B 418 38.33 -22.95 1.33
C ASP B 418 38.40 -24.47 1.28
N TYR B 419 39.45 -25.08 1.80
CA TYR B 419 39.61 -26.53 1.70
C TYR B 419 39.40 -27.26 3.02
N ASN B 420 39.37 -26.55 4.15
CA ASN B 420 39.22 -27.17 5.46
C ASN B 420 37.88 -26.85 6.10
N TYR B 421 37.48 -25.57 6.10
CA TYR B 421 36.19 -25.17 6.63
C TYR B 421 35.83 -23.80 6.07
N LYS B 422 34.56 -23.61 5.75
CA LYS B 422 34.08 -22.37 5.15
C LYS B 422 33.11 -21.68 6.10
N LEU B 423 33.29 -20.38 6.27
CA LEU B 423 32.39 -19.57 7.09
C LEU B 423 31.50 -18.72 6.19
N PRO B 424 30.19 -18.93 6.22
CA PRO B 424 29.31 -18.12 5.37
C PRO B 424 29.29 -16.67 5.82
N ASP B 425 29.01 -15.78 4.86
CA ASP B 425 28.96 -14.36 5.16
C ASP B 425 27.82 -14.03 6.12
N ASP B 426 26.71 -14.73 6.03
CA ASP B 426 25.55 -14.51 6.89
C ASP B 426 25.60 -15.33 8.17
N PHE B 427 26.79 -15.73 8.61
CA PHE B 427 26.93 -16.52 9.83
C PHE B 427 26.49 -15.70 11.04
N THR B 428 25.74 -16.34 11.93
CA THR B 428 25.32 -15.73 13.19
C THR B 428 25.97 -16.48 14.34
N GLY B 429 26.54 -15.74 15.28
CA GLY B 429 27.26 -16.33 16.38
C GLY B 429 28.58 -15.64 16.67
N CYS B 430 29.55 -16.41 17.15
CA CYS B 430 30.84 -15.84 17.55
C CYS B 430 31.96 -16.81 17.21
N VAL B 431 33.18 -16.30 17.24
CA VAL B 431 34.39 -17.08 17.02
C VAL B 431 35.38 -16.74 18.13
N ILE B 432 35.93 -17.77 18.77
CA ILE B 432 36.89 -17.61 19.86
C ILE B 432 38.16 -18.36 19.48
N ALA B 433 39.31 -17.74 19.74
CA ALA B 433 40.60 -18.34 19.44
C ALA B 433 41.58 -17.98 20.53
N TRP B 434 42.37 -18.97 20.95
CA TRP B 434 43.39 -18.71 21.97
C TRP B 434 44.62 -19.54 21.68
N ASN B 435 45.78 -18.98 22.02
CA ASN B 435 47.04 -19.63 21.72
C ASN B 435 47.20 -20.91 22.56
N SER B 436 47.94 -21.86 21.98
CA SER B 436 48.24 -23.11 22.66
C SER B 436 49.71 -23.49 22.48
N ASN B 437 50.59 -22.49 22.42
CA ASN B 437 52.02 -22.76 22.27
C ASN B 437 52.55 -23.56 23.44
N ASN B 438 52.15 -23.21 24.66
CA ASN B 438 52.64 -23.91 25.84
C ASN B 438 52.18 -25.35 25.91
N LEU B 439 51.11 -25.71 25.21
CA LEU B 439 50.56 -27.06 25.28
C LEU B 439 50.67 -27.81 23.95
N ASP B 440 50.12 -27.25 22.87
CA ASP B 440 50.09 -27.97 21.61
C ASP B 440 51.49 -28.07 20.99
N SER B 441 52.22 -26.96 20.95
CA SER B 441 53.55 -26.97 20.35
C SER B 441 54.51 -27.81 21.18
N LYS B 442 55.38 -28.55 20.49
CA LYS B 442 56.28 -29.49 21.14
C LYS B 442 57.69 -29.30 20.58
N VAL B 443 58.68 -29.66 21.40
CA VAL B 443 60.07 -29.59 20.96
C VAL B 443 60.32 -30.59 19.83
N GLY B 444 59.71 -31.77 19.90
CA GLY B 444 59.80 -32.75 18.84
C GLY B 444 58.90 -32.49 17.66
N GLY B 445 58.06 -31.46 17.74
CA GLY B 445 57.18 -31.11 16.64
C GLY B 445 55.81 -31.75 16.73
N ASN B 446 54.77 -30.92 16.80
CA ASN B 446 53.39 -31.41 16.85
C ASN B 446 52.89 -31.57 15.41
N TYR B 447 53.34 -32.64 14.77
CA TYR B 447 52.95 -32.95 13.40
C TYR B 447 51.65 -33.74 13.33
N ASN B 448 51.03 -34.05 14.47
CA ASN B 448 49.75 -34.75 14.45
C ASN B 448 48.68 -33.89 13.79
N TYR B 449 48.66 -32.59 14.10
CA TYR B 449 47.71 -31.69 13.45
C TYR B 449 47.98 -31.61 11.95
N ARG B 450 46.92 -31.72 11.17
CA ARG B 450 47.02 -31.71 9.71
C ARG B 450 45.99 -30.76 9.13
N TYR B 451 46.35 -30.15 8.00
CA TYR B 451 45.48 -29.22 7.31
C TYR B 451 45.43 -29.54 5.83
N ARG B 452 44.26 -29.35 5.23
CA ARG B 452 44.11 -29.60 3.80
C ARG B 452 44.77 -28.49 3.00
N LEU B 453 45.62 -28.87 2.05
CA LEU B 453 46.36 -27.93 1.23
C LEU B 453 45.90 -27.93 -0.23
N PHE B 454 45.90 -29.09 -0.88
CA PHE B 454 45.47 -29.23 -2.27
C PHE B 454 44.12 -29.95 -2.29
N ARG B 455 43.09 -29.24 -2.74
CA ARG B 455 41.76 -29.83 -2.86
C ARG B 455 41.19 -29.48 -4.22
N LYS B 456 40.36 -30.38 -4.75
CA LYS B 456 39.79 -30.19 -6.09
C LYS B 456 38.89 -28.96 -6.13
N SER B 457 38.07 -28.77 -5.11
CA SER B 457 37.11 -27.67 -5.08
C SER B 457 37.03 -27.12 -3.67
N ASN B 458 36.52 -25.89 -3.56
CA ASN B 458 36.38 -25.25 -2.25
C ASN B 458 35.29 -25.93 -1.43
N LEU B 459 35.36 -25.73 -0.12
CA LEU B 459 34.41 -26.32 0.80
C LEU B 459 33.24 -25.37 1.04
N LYS B 460 32.07 -25.95 1.30
CA LYS B 460 30.85 -25.22 1.55
C LYS B 460 30.72 -24.86 3.02
N PRO B 461 29.91 -23.85 3.35
CA PRO B 461 29.70 -23.50 4.76
C PRO B 461 29.12 -24.68 5.55
N PHE B 462 29.59 -24.82 6.79
CA PHE B 462 29.13 -25.88 7.69
C PHE B 462 29.34 -27.27 7.07
N GLU B 463 30.45 -27.44 6.37
CA GLU B 463 30.76 -28.69 5.70
C GLU B 463 32.18 -29.11 6.01
N ARG B 464 32.38 -30.42 6.19
CA ARG B 464 33.69 -30.99 6.51
C ARG B 464 34.12 -31.93 5.39
N ASP B 465 35.39 -31.81 4.99
CA ASP B 465 35.99 -32.72 4.03
C ASP B 465 37.14 -33.46 4.70
N ILE B 466 37.08 -34.79 4.68
CA ILE B 466 38.12 -35.64 5.24
C ILE B 466 38.75 -36.53 4.19
N SER B 467 38.47 -36.28 2.91
CA SER B 467 39.03 -37.10 1.84
C SER B 467 40.54 -36.93 1.78
N THR B 468 41.25 -38.06 1.64
CA THR B 468 42.71 -38.07 1.58
C THR B 468 43.19 -38.60 0.24
N GLU B 469 42.38 -38.46 -0.81
CA GLU B 469 42.76 -38.93 -2.13
C GLU B 469 43.93 -38.11 -2.66
N ILE B 470 44.83 -38.78 -3.39
CA ILE B 470 46.00 -38.12 -3.95
C ILE B 470 45.55 -37.05 -4.94
N TYR B 471 46.15 -35.87 -4.84
CA TYR B 471 45.78 -34.75 -5.70
C TYR B 471 46.55 -34.80 -7.01
N GLN B 472 45.85 -34.55 -8.11
CA GLN B 472 46.43 -34.46 -9.44
C GLN B 472 46.37 -33.02 -9.91
N ALA B 473 47.51 -32.46 -10.27
CA ALA B 473 47.59 -31.09 -10.75
C ALA B 473 47.91 -30.98 -12.23
N GLY B 474 48.20 -32.10 -12.90
CA GLY B 474 48.51 -32.07 -14.32
C GLY B 474 47.46 -32.77 -15.16
N SER B 475 47.91 -33.48 -16.20
CA SER B 475 47.02 -34.22 -17.08
C SER B 475 47.05 -35.72 -16.85
N LYS B 476 48.19 -36.27 -16.48
CA LYS B 476 48.26 -37.71 -16.22
C LYS B 476 47.64 -38.01 -14.86
N PRO B 477 46.66 -38.91 -14.80
CA PRO B 477 46.07 -39.27 -13.50
C PRO B 477 47.08 -40.00 -12.64
N CYS B 478 46.99 -39.77 -11.33
CA CYS B 478 47.90 -40.39 -10.36
C CYS B 478 47.26 -41.69 -9.88
N ASN B 479 47.82 -42.82 -10.31
CA ASN B 479 47.27 -44.13 -9.96
C ASN B 479 48.14 -44.75 -8.88
N GLY B 480 47.84 -44.39 -7.63
CA GLY B 480 48.51 -44.98 -6.49
C GLY B 480 49.73 -44.23 -6.01
N VAL B 481 50.92 -44.72 -6.36
CA VAL B 481 52.16 -44.10 -5.90
C VAL B 481 52.30 -42.71 -6.49
N GLU B 482 52.79 -41.79 -5.67
CA GLU B 482 52.94 -40.40 -6.12
C GLU B 482 53.92 -40.31 -7.28
N GLY B 483 53.53 -39.57 -8.31
CA GLY B 483 54.38 -39.36 -9.47
C GLY B 483 54.72 -37.91 -9.69
N PHE B 484 54.66 -37.46 -10.94
CA PHE B 484 54.98 -36.08 -11.29
C PHE B 484 54.00 -35.11 -10.64
N ASN B 485 52.73 -35.18 -11.03
CA ASN B 485 51.71 -34.28 -10.50
C ASN B 485 50.90 -35.00 -9.42
N CYS B 486 51.58 -35.30 -8.31
CA CYS B 486 50.97 -35.99 -7.19
C CYS B 486 51.46 -35.36 -5.90
N TYR B 487 50.55 -34.71 -5.17
CA TYR B 487 50.85 -34.12 -3.88
C TYR B 487 49.72 -34.46 -2.90
N PHE B 488 50.08 -34.69 -1.65
CA PHE B 488 49.09 -35.09 -0.66
C PHE B 488 48.20 -33.91 -0.29
N PRO B 489 46.88 -34.08 -0.25
CA PRO B 489 46.00 -32.96 0.12
C PRO B 489 46.25 -32.45 1.53
N LEU B 490 46.69 -33.30 2.44
CA LEU B 490 46.84 -32.97 3.85
C LEU B 490 48.31 -32.85 4.21
N GLN B 491 48.66 -31.79 4.94
CA GLN B 491 50.04 -31.53 5.35
C GLN B 491 50.08 -31.24 6.84
N SER B 492 51.19 -31.61 7.47
CA SER B 492 51.33 -31.51 8.92
C SER B 492 51.72 -30.09 9.33
N TYR B 493 51.87 -29.89 10.64
CA TYR B 493 52.25 -28.62 11.21
C TYR B 493 53.59 -28.76 11.94
N GLY B 494 54.43 -27.74 11.82
CA GLY B 494 55.76 -27.77 12.38
C GLY B 494 55.89 -27.03 13.70
N PHE B 495 54.93 -27.24 14.61
CA PHE B 495 54.92 -26.53 15.88
C PHE B 495 56.17 -26.86 16.69
N GLN B 496 56.95 -25.83 16.99
CA GLN B 496 58.13 -25.91 17.85
C GLN B 496 58.05 -24.79 18.88
N PRO B 497 58.73 -24.95 20.02
CA PRO B 497 58.69 -23.88 21.04
C PRO B 497 59.20 -22.54 20.53
N THR B 498 60.13 -22.53 19.57
CA THR B 498 60.66 -21.31 18.98
C THR B 498 60.18 -21.26 17.53
N ASN B 499 59.00 -20.67 17.31
CA ASN B 499 58.47 -20.55 15.96
C ASN B 499 57.85 -19.17 15.70
N GLY B 500 57.97 -18.23 16.62
CA GLY B 500 57.40 -16.92 16.43
C GLY B 500 55.89 -16.92 16.63
N VAL B 501 55.32 -15.71 16.59
CA VAL B 501 53.89 -15.54 16.81
C VAL B 501 53.08 -16.15 15.67
N GLY B 502 53.57 -16.04 14.43
CA GLY B 502 52.80 -16.50 13.29
C GLY B 502 52.55 -17.99 13.28
N TYR B 503 53.50 -18.78 13.79
CA TYR B 503 53.43 -20.23 13.74
C TYR B 503 52.86 -20.85 15.00
N GLN B 504 52.35 -20.04 15.93
CA GLN B 504 51.85 -20.58 17.18
C GLN B 504 50.61 -21.44 16.94
N PRO B 505 50.48 -22.56 17.64
CA PRO B 505 49.25 -23.35 17.54
C PRO B 505 48.11 -22.67 18.29
N TYR B 506 47.04 -22.36 17.57
CA TYR B 506 45.89 -21.66 18.13
C TYR B 506 44.67 -22.57 18.08
N ARG B 507 44.00 -22.70 19.22
CA ARG B 507 42.76 -23.46 19.30
C ARG B 507 41.59 -22.51 19.05
N VAL B 508 40.73 -22.89 18.10
CA VAL B 508 39.63 -22.05 17.64
C VAL B 508 38.33 -22.82 17.80
N VAL B 509 37.35 -22.19 18.44
CA VAL B 509 36.00 -22.71 18.57
C VAL B 509 35.04 -21.68 18.00
N VAL B 510 34.20 -22.11 17.07
CA VAL B 510 33.19 -21.25 16.44
C VAL B 510 31.82 -21.69 16.94
N LEU B 511 31.06 -20.75 17.48
CA LEU B 511 29.73 -21.00 18.03
C LEU B 511 28.70 -20.40 17.09
N SER B 512 27.79 -21.23 16.61
CA SER B 512 26.70 -20.80 15.75
C SER B 512 25.37 -21.04 16.46
N PHE B 513 24.46 -20.08 16.33
CA PHE B 513 23.17 -20.12 17.01
C PHE B 513 22.07 -20.38 16.00
N GLU B 514 21.21 -21.36 16.29
CA GLU B 514 20.07 -21.65 15.44
C GLU B 514 18.80 -21.57 16.26
N LEU B 515 17.77 -20.97 15.65
CA LEU B 515 16.48 -20.69 16.29
C LEU B 515 15.35 -21.25 15.42
N LEU B 516 15.47 -22.53 15.07
CA LEU B 516 14.48 -23.19 14.24
C LEU B 516 13.09 -23.14 14.90
N HIS B 517 12.08 -23.53 14.12
CA HIS B 517 10.69 -23.40 14.55
C HIS B 517 10.39 -24.22 15.80
N ALA B 518 11.22 -25.19 16.14
CA ALA B 518 11.02 -25.96 17.35
C ALA B 518 11.18 -25.05 18.57
N PRO B 519 10.51 -25.37 19.68
CA PRO B 519 10.61 -24.51 20.87
C PRO B 519 12.05 -24.38 21.35
N ALA B 520 12.39 -23.17 21.81
CA ALA B 520 13.75 -22.89 22.24
C ALA B 520 14.08 -23.65 23.51
N THR B 521 15.34 -24.09 23.63
CA THR B 521 15.78 -24.89 24.77
C THR B 521 16.95 -24.28 25.53
N VAL B 522 17.73 -23.39 24.92
CA VAL B 522 18.87 -22.75 25.58
C VAL B 522 18.61 -21.25 25.65
N CYS B 523 18.83 -20.67 26.83
CA CYS B 523 18.73 -19.24 27.01
C CYS B 523 19.75 -18.80 28.06
N GLY B 524 19.97 -17.50 28.12
CA GLY B 524 20.95 -16.95 29.03
C GLY B 524 20.42 -16.89 30.45
N PRO B 525 21.21 -16.27 31.32
CA PRO B 525 20.80 -16.13 32.72
C PRO B 525 19.55 -15.26 32.85
N LYS B 526 19.06 -15.17 34.08
CA LYS B 526 17.79 -14.53 34.37
C LYS B 526 17.87 -13.42 35.42
N LYS B 527 18.78 -13.52 36.39
CA LYS B 527 19.10 -12.41 37.30
C LYS B 527 17.87 -11.93 38.08
N SER B 528 17.36 -12.82 38.93
CA SER B 528 16.26 -12.45 39.81
C SER B 528 16.78 -11.58 40.95
N THR B 529 15.94 -10.62 41.37
CA THR B 529 16.29 -9.72 42.46
C THR B 529 15.82 -10.30 43.79
N ASN B 530 15.84 -9.48 44.84
CA ASN B 530 15.45 -9.92 46.17
C ASN B 530 13.96 -9.65 46.39
N LEU B 531 13.49 -9.85 47.62
CA LEU B 531 12.07 -9.81 47.93
C LEU B 531 11.79 -8.78 49.02
N VAL B 532 10.68 -8.07 48.88
CA VAL B 532 10.20 -7.12 49.88
C VAL B 532 8.76 -7.46 50.20
N LYS B 533 8.28 -6.95 51.33
CA LYS B 533 6.93 -7.22 51.78
C LYS B 533 6.34 -5.97 52.42
N ASN B 534 5.00 -5.93 52.45
CA ASN B 534 4.25 -4.86 53.10
C ASN B 534 4.56 -3.49 52.50
N LYS B 535 4.75 -3.44 51.18
CA LYS B 535 5.00 -2.20 50.48
C LYS B 535 4.34 -2.25 49.11
N CYS B 536 3.81 -1.11 48.67
CA CYS B 536 3.19 -1.02 47.36
C CYS B 536 4.29 -1.00 46.30
N VAL B 537 4.50 -2.13 45.64
CA VAL B 537 5.52 -2.27 44.61
C VAL B 537 4.90 -2.97 43.41
N ASN B 538 5.66 -3.01 42.31
CA ASN B 538 5.27 -3.74 41.13
C ASN B 538 6.26 -4.88 40.89
N PHE B 539 5.79 -5.92 40.22
CA PHE B 539 6.53 -7.18 40.14
C PHE B 539 6.24 -7.85 38.81
N ASN B 540 7.13 -8.78 38.45
CA ASN B 540 7.02 -9.57 37.23
C ASN B 540 7.31 -11.04 37.54
N PHE B 541 6.62 -11.59 38.53
CA PHE B 541 6.90 -12.94 39.01
C PHE B 541 6.83 -13.95 37.88
N ASN B 542 7.99 -14.48 37.47
CA ASN B 542 8.08 -15.48 36.42
C ASN B 542 7.33 -15.06 35.16
N GLY B 543 7.47 -13.79 34.79
CA GLY B 543 6.81 -13.25 33.62
C GLY B 543 5.38 -12.80 33.83
N LEU B 544 4.86 -12.94 35.05
CA LEU B 544 3.51 -12.49 35.39
C LEU B 544 3.62 -11.15 36.09
N THR B 545 3.20 -10.09 35.43
CA THR B 545 3.40 -8.74 35.92
C THR B 545 2.17 -8.23 36.67
N GLY B 546 2.41 -7.28 37.56
CA GLY B 546 1.34 -6.66 38.32
C GLY B 546 1.83 -5.85 39.50
N THR B 547 1.01 -4.91 39.97
CA THR B 547 1.35 -4.06 41.10
C THR B 547 0.51 -4.43 42.31
N GLY B 548 0.93 -3.95 43.47
CA GLY B 548 0.20 -4.18 44.69
C GLY B 548 1.15 -4.36 45.86
N VAL B 549 0.62 -4.92 46.94
CA VAL B 549 1.37 -5.18 48.15
C VAL B 549 1.32 -6.68 48.43
N LEU B 550 2.46 -7.24 48.80
CA LEU B 550 2.63 -8.67 48.98
C LEU B 550 2.72 -8.99 50.46
N THR B 551 1.90 -9.94 50.90
CA THR B 551 1.86 -10.35 52.30
C THR B 551 1.99 -11.86 52.38
N GLU B 552 2.22 -12.35 53.60
CA GLU B 552 2.26 -13.78 53.84
C GLU B 552 0.85 -14.33 53.93
N SER B 553 0.64 -15.50 53.32
CA SER B 553 -0.68 -16.08 53.20
C SER B 553 -0.65 -17.55 53.64
N ASN B 554 -1.80 -18.02 54.11
CA ASN B 554 -1.94 -19.38 54.61
C ASN B 554 -2.66 -20.30 53.65
N LYS B 555 -2.91 -19.84 52.42
CA LYS B 555 -3.49 -20.73 51.40
C LYS B 555 -2.53 -21.87 51.10
N LYS B 556 -3.09 -23.05 50.84
CA LYS B 556 -2.31 -24.25 50.56
C LYS B 556 -2.55 -24.67 49.12
N PHE B 557 -1.55 -24.46 48.28
CA PHE B 557 -1.63 -24.87 46.90
C PHE B 557 -1.42 -26.38 46.77
N LEU B 558 -1.95 -26.95 45.70
CA LEU B 558 -1.50 -28.27 45.33
C LEU B 558 -0.11 -28.17 44.70
N PRO B 559 0.69 -29.24 44.77
CA PRO B 559 2.11 -29.11 44.42
C PRO B 559 2.40 -28.74 42.97
N PHE B 560 1.38 -28.48 42.14
CA PHE B 560 1.64 -28.18 40.75
C PHE B 560 1.09 -26.85 40.26
N GLN B 561 0.28 -26.14 41.05
CA GLN B 561 -0.08 -24.79 40.63
C GLN B 561 1.09 -23.83 40.83
N GLN B 562 1.07 -22.76 40.05
CA GLN B 562 2.07 -21.71 40.16
C GLN B 562 1.50 -20.40 40.70
N PHE B 563 0.19 -20.20 40.63
CA PHE B 563 -0.45 -19.02 41.17
C PHE B 563 -1.95 -19.30 41.28
N GLY B 564 -2.67 -18.35 41.83
CA GLY B 564 -4.10 -18.50 42.02
C GLY B 564 -4.83 -17.21 41.72
N ARG B 565 -6.10 -17.36 41.34
CA ARG B 565 -6.96 -16.22 41.06
C ARG B 565 -8.34 -16.52 41.61
N ASP B 566 -9.10 -15.45 41.85
CA ASP B 566 -10.41 -15.55 42.46
C ASP B 566 -11.50 -15.42 41.41
N ILE B 567 -12.75 -15.33 41.87
CA ILE B 567 -13.86 -15.07 40.97
C ILE B 567 -13.63 -13.74 40.25
N ALA B 568 -14.25 -13.60 39.08
CA ALA B 568 -14.10 -12.46 38.18
C ALA B 568 -12.70 -12.39 37.57
N ASP B 569 -11.91 -13.45 37.68
CA ASP B 569 -10.63 -13.59 36.98
C ASP B 569 -9.67 -12.46 37.36
N THR B 570 -9.28 -12.45 38.64
CA THR B 570 -8.24 -11.55 39.12
C THR B 570 -7.28 -12.35 39.98
N THR B 571 -5.98 -12.20 39.70
CA THR B 571 -4.97 -12.94 40.45
C THR B 571 -4.91 -12.47 41.89
N ASP B 572 -4.78 -13.42 42.81
CA ASP B 572 -4.84 -13.11 44.24
C ASP B 572 -3.63 -13.64 44.98
N ALA B 573 -3.06 -14.74 44.50
CA ALA B 573 -1.94 -15.37 45.19
C ALA B 573 -0.92 -15.83 44.17
N VAL B 574 0.34 -15.91 44.61
CA VAL B 574 1.43 -16.41 43.80
C VAL B 574 2.31 -17.31 44.67
N ARG B 575 3.21 -18.03 44.01
CA ARG B 575 4.20 -18.85 44.68
C ARG B 575 5.56 -18.44 44.15
N ASP B 576 6.45 -18.00 45.04
CA ASP B 576 7.76 -17.53 44.61
C ASP B 576 8.58 -18.69 44.06
N PRO B 577 9.16 -18.56 42.88
CA PRO B 577 9.80 -19.71 42.23
C PRO B 577 11.01 -20.27 42.98
N GLN B 578 11.59 -19.52 43.90
CA GLN B 578 12.79 -19.97 44.60
C GLN B 578 12.48 -20.56 45.97
N THR B 579 11.87 -19.79 46.85
CA THR B 579 11.58 -20.28 48.19
C THR B 579 10.38 -21.22 48.23
N LEU B 580 9.52 -21.16 47.22
CA LEU B 580 8.33 -22.01 47.12
C LEU B 580 7.42 -21.82 48.32
N GLU B 581 6.90 -20.61 48.45
CA GLU B 581 5.93 -20.28 49.48
C GLU B 581 4.84 -19.41 48.88
N ILE B 582 3.70 -19.37 49.55
CA ILE B 582 2.48 -18.77 49.02
C ILE B 582 2.39 -17.33 49.52
N LEU B 583 2.39 -16.39 48.59
CA LEU B 583 2.27 -14.98 48.90
C LEU B 583 0.94 -14.45 48.38
N ASP B 584 0.38 -13.48 49.09
CA ASP B 584 -0.92 -12.90 48.76
C ASP B 584 -0.72 -11.48 48.25
N ILE B 585 -1.57 -11.09 47.31
CA ILE B 585 -1.46 -9.80 46.63
C ILE B 585 -2.69 -8.98 46.95
N THR B 586 -2.48 -7.71 47.31
CA THR B 586 -3.59 -6.80 47.57
C THR B 586 -3.34 -5.51 46.81
N PRO B 587 -4.31 -5.00 46.06
CA PRO B 587 -4.08 -3.76 45.31
C PRO B 587 -3.79 -2.59 46.24
N CYS B 588 -2.96 -1.67 45.76
CA CYS B 588 -2.57 -0.52 46.56
C CYS B 588 -3.78 0.37 46.80
N SER B 589 -3.85 0.95 47.99
CA SER B 589 -5.05 1.63 48.44
C SER B 589 -5.31 2.89 47.61
N PHE B 590 -6.58 3.25 47.53
CA PHE B 590 -7.03 4.43 46.79
C PHE B 590 -8.41 4.81 47.29
N GLY B 591 -8.85 6.00 46.90
CA GLY B 591 -10.16 6.47 47.31
C GLY B 591 -10.40 7.88 46.83
N GLY B 592 -11.47 8.48 47.36
CA GLY B 592 -11.80 9.85 47.04
C GLY B 592 -11.53 10.78 48.20
N VAL B 593 -11.44 12.08 47.94
CA VAL B 593 -11.22 13.07 49.00
C VAL B 593 -12.38 14.04 48.99
N SER B 594 -12.78 14.48 50.18
CA SER B 594 -13.86 15.44 50.33
C SER B 594 -13.44 16.51 51.32
N VAL B 595 -14.04 17.69 51.18
CA VAL B 595 -13.74 18.84 52.03
C VAL B 595 -15.00 19.24 52.76
N ILE B 596 -14.88 19.42 54.07
CA ILE B 596 -15.96 19.89 54.92
C ILE B 596 -15.66 21.33 55.28
N THR B 597 -16.60 22.23 54.95
CA THR B 597 -16.44 23.64 55.24
C THR B 597 -17.73 24.20 55.83
N PRO B 598 -17.62 25.15 56.76
CA PRO B 598 -18.82 25.80 57.29
C PRO B 598 -19.39 26.88 56.38
N GLY B 599 -18.76 27.15 55.26
CA GLY B 599 -19.19 28.19 54.36
C GLY B 599 -18.23 29.36 54.39
N THR B 600 -17.92 29.90 53.21
CA THR B 600 -17.02 31.04 53.13
C THR B 600 -17.57 32.24 53.88
N ASN B 601 -18.89 32.30 54.03
CA ASN B 601 -19.51 33.40 54.75
C ASN B 601 -19.04 33.46 56.20
N THR B 602 -18.91 32.31 56.84
CA THR B 602 -18.56 32.25 58.27
C THR B 602 -17.05 32.27 58.48
N SER B 603 -16.34 31.30 57.92
CA SER B 603 -14.89 31.22 58.08
C SER B 603 -14.30 30.65 56.80
N ASN B 604 -13.00 30.36 56.84
CA ASN B 604 -12.34 29.80 55.66
C ASN B 604 -11.35 28.70 56.04
N GLN B 605 -11.57 28.03 57.16
CA GLN B 605 -10.81 26.84 57.51
C GLN B 605 -11.66 25.61 57.28
N VAL B 606 -11.04 24.54 56.79
CA VAL B 606 -11.75 23.36 56.32
C VAL B 606 -11.18 22.12 56.99
N ALA B 607 -11.88 21.01 56.79
CA ALA B 607 -11.39 19.69 57.19
C ALA B 607 -11.45 18.78 55.99
N VAL B 608 -10.63 17.74 56.01
CA VAL B 608 -10.47 16.86 54.85
C VAL B 608 -10.83 15.43 55.26
N LEU B 609 -11.49 14.71 54.36
CA LEU B 609 -11.84 13.32 54.60
C LEU B 609 -11.37 12.48 53.43
N TYR B 610 -10.58 11.45 53.73
CA TYR B 610 -10.18 10.45 52.75
C TYR B 610 -11.09 9.24 52.93
N GLN B 611 -11.83 8.89 51.88
CA GLN B 611 -12.88 7.89 52.00
C GLN B 611 -12.31 6.48 51.90
N GLY B 612 -12.67 5.64 52.86
CA GLY B 612 -12.27 4.24 52.81
C GLY B 612 -10.77 4.02 52.82
N VAL B 613 -10.04 4.83 53.58
CA VAL B 613 -8.60 4.75 53.65
C VAL B 613 -8.20 4.63 55.11
N ASN B 614 -7.36 3.65 55.41
CA ASN B 614 -6.84 3.50 56.77
C ASN B 614 -5.98 4.69 57.14
N CYS B 615 -6.01 5.06 58.41
CA CYS B 615 -5.27 6.22 58.89
C CYS B 615 -3.81 5.85 59.14
N THR B 616 -3.15 5.29 58.14
CA THR B 616 -1.76 4.91 58.29
C THR B 616 -0.93 5.47 57.14
N GLU B 617 -1.50 5.52 55.94
CA GLU B 617 -0.82 6.12 54.79
C GLU B 617 -1.69 7.25 54.26
N VAL B 618 -1.63 8.40 54.92
CA VAL B 618 -2.26 9.60 54.39
C VAL B 618 -1.29 10.32 53.43
N PRO B 619 -0.03 10.57 53.82
CA PRO B 619 0.80 11.32 52.87
C PRO B 619 1.56 10.42 51.91
N SER B 635 -0.12 17.44 55.33
CA SER B 635 0.00 16.02 55.59
C SER B 635 -0.23 15.71 57.07
N THR B 636 -0.01 16.72 57.92
CA THR B 636 -0.19 16.57 59.36
C THR B 636 -1.35 17.42 59.87
N GLY B 637 -1.30 18.73 59.65
CA GLY B 637 -2.37 19.62 60.08
C GLY B 637 -2.65 19.57 61.57
N SER B 638 -3.78 18.99 61.93
CA SER B 638 -4.21 18.86 63.32
C SER B 638 -4.31 17.38 63.68
N ASN B 639 -4.88 17.10 64.83
CA ASN B 639 -5.12 15.72 65.24
C ASN B 639 -5.95 15.00 64.18
N VAL B 640 -5.66 13.71 64.02
CA VAL B 640 -6.24 12.91 62.94
C VAL B 640 -7.14 11.86 63.56
N PHE B 641 -8.36 11.75 63.03
CA PHE B 641 -9.38 10.85 63.56
C PHE B 641 -9.65 9.75 62.54
N GLN B 642 -9.91 8.55 63.03
CA GLN B 642 -10.19 7.40 62.17
C GLN B 642 -11.63 6.97 62.38
N THR B 643 -12.42 6.97 61.30
CA THR B 643 -13.84 6.65 61.37
C THR B 643 -14.14 5.50 60.43
N ARG B 644 -15.31 4.90 60.64
CA ARG B 644 -15.74 3.81 59.78
C ARG B 644 -15.91 4.26 58.33
N ALA B 645 -16.02 5.56 58.09
CA ALA B 645 -16.12 6.09 56.74
C ALA B 645 -14.77 6.40 56.11
N GLY B 646 -13.70 6.42 56.87
CA GLY B 646 -12.40 6.74 56.31
C GLY B 646 -11.50 7.37 57.37
N CYS B 647 -10.68 8.31 56.94
CA CYS B 647 -9.84 9.06 57.86
C CYS B 647 -10.11 10.55 57.69
N LEU B 648 -10.16 11.25 58.81
CA LEU B 648 -10.53 12.66 58.82
C LEU B 648 -9.42 13.47 59.46
N ILE B 649 -9.12 14.63 58.87
CA ILE B 649 -8.05 15.49 59.30
C ILE B 649 -8.59 16.90 59.48
N GLY B 650 -8.31 17.50 60.63
CA GLY B 650 -8.66 18.87 60.88
C GLY B 650 -9.88 19.09 61.74
N ALA B 651 -10.32 18.10 62.51
CA ALA B 651 -11.46 18.27 63.40
C ALA B 651 -11.18 17.51 64.70
N GLU B 652 -11.87 17.94 65.76
CA GLU B 652 -11.67 17.38 67.09
C GLU B 652 -12.84 16.48 67.44
N HIS B 653 -12.53 15.29 67.96
CA HIS B 653 -13.55 14.34 68.36
C HIS B 653 -14.04 14.66 69.77
N VAL B 654 -15.35 14.74 69.94
CA VAL B 654 -15.95 15.06 71.22
C VAL B 654 -16.83 13.90 71.66
N ASN B 655 -17.33 13.99 72.89
CA ASN B 655 -18.19 12.95 73.46
C ASN B 655 -19.64 13.36 73.60
N ASN B 656 -19.98 14.58 73.20
CA ASN B 656 -21.37 15.03 73.29
C ASN B 656 -22.14 14.49 72.09
N SER B 657 -23.35 15.00 71.88
CA SER B 657 -24.16 14.61 70.74
C SER B 657 -25.17 15.71 70.47
N TYR B 658 -25.39 16.00 69.19
CA TYR B 658 -26.27 17.08 68.78
C TYR B 658 -27.04 16.62 67.55
N GLU B 659 -27.69 17.57 66.88
CA GLU B 659 -28.26 17.29 65.58
C GLU B 659 -27.16 17.24 64.53
N CYS B 660 -27.53 16.85 63.32
CA CYS B 660 -26.57 16.67 62.24
C CYS B 660 -26.59 17.87 61.31
N ASP B 661 -25.47 18.58 61.22
CA ASP B 661 -25.35 19.70 60.31
C ASP B 661 -24.83 19.26 58.95
N ILE B 662 -23.63 18.70 58.91
CA ILE B 662 -22.99 18.27 57.69
C ILE B 662 -22.78 16.77 57.77
N PRO B 663 -23.66 15.96 57.18
CA PRO B 663 -23.54 14.51 57.32
C PRO B 663 -22.24 13.99 56.75
N ILE B 664 -21.57 13.14 57.52
CA ILE B 664 -20.31 12.53 57.13
C ILE B 664 -20.50 11.04 56.82
N GLY B 665 -21.14 10.31 57.73
CA GLY B 665 -21.43 8.92 57.44
C GLY B 665 -21.25 7.99 58.62
N ALA B 666 -21.75 6.76 58.49
CA ALA B 666 -21.65 5.75 59.54
C ALA B 666 -22.17 6.27 60.87
N GLY B 667 -23.10 7.22 60.82
CA GLY B 667 -23.70 7.76 62.02
C GLY B 667 -22.95 8.90 62.68
N ILE B 668 -21.96 9.49 62.03
CA ILE B 668 -21.26 10.63 62.60
C ILE B 668 -21.31 11.79 61.62
N CYS B 669 -21.24 13.00 62.16
CA CYS B 669 -21.16 14.18 61.32
C CYS B 669 -20.51 15.32 62.10
N ALA B 670 -20.28 16.43 61.40
CA ALA B 670 -19.43 17.50 61.88
C ALA B 670 -20.18 18.83 61.86
N SER B 671 -19.66 19.77 62.65
CA SER B 671 -20.25 21.10 62.75
C SER B 671 -19.18 22.08 63.20
N TYR B 672 -19.55 23.36 63.18
CA TYR B 672 -18.65 24.45 63.52
C TYR B 672 -19.11 25.13 64.79
N GLN B 673 -18.21 25.22 65.77
CA GLN B 673 -18.56 25.83 67.05
C GLN B 673 -17.71 27.07 67.33
N SER B 689 -14.04 26.51 65.88
CA SER B 689 -13.36 25.32 65.37
C SER B 689 -14.35 24.31 64.84
N ILE B 690 -13.84 23.29 64.14
CA ILE B 690 -14.68 22.24 63.56
C ILE B 690 -14.62 21.02 64.45
N ILE B 691 -15.79 20.50 64.84
CA ILE B 691 -15.88 19.34 65.71
C ILE B 691 -16.63 18.24 64.96
N ALA B 692 -16.31 17.00 65.31
CA ALA B 692 -16.96 15.83 64.73
C ALA B 692 -17.51 14.98 65.87
N TYR B 693 -18.78 14.58 65.74
CA TYR B 693 -19.48 13.91 66.82
C TYR B 693 -20.40 12.84 66.25
N THR B 694 -21.03 12.10 67.15
CA THR B 694 -21.98 11.06 66.80
C THR B 694 -23.39 11.63 66.81
N MET B 695 -24.18 11.24 65.81
CA MET B 695 -25.52 11.78 65.64
C MET B 695 -26.38 11.45 66.86
N SER B 696 -27.27 12.38 67.21
CA SER B 696 -28.26 12.18 68.26
C SER B 696 -29.64 12.18 67.63
N LEU B 697 -30.43 11.14 67.93
CA LEU B 697 -31.70 10.96 67.25
C LEU B 697 -32.78 11.92 67.75
N GLY B 698 -32.69 12.36 68.99
CA GLY B 698 -33.66 13.31 69.50
C GLY B 698 -33.75 13.22 71.01
N ALA B 699 -34.69 13.98 71.56
CA ALA B 699 -34.88 14.02 72.99
C ALA B 699 -35.43 12.70 73.50
N GLU B 700 -35.26 12.47 74.80
CA GLU B 700 -35.66 11.23 75.45
C GLU B 700 -36.72 11.53 76.49
N ASN B 701 -37.81 10.77 76.47
CA ASN B 701 -38.80 10.86 77.53
C ASN B 701 -39.49 9.52 77.71
N SER B 702 -40.06 9.33 78.89
CA SER B 702 -40.78 8.11 79.23
C SER B 702 -42.20 8.52 79.64
N VAL B 703 -43.15 8.31 78.73
CA VAL B 703 -44.54 8.68 78.99
C VAL B 703 -45.10 7.84 80.13
N ALA B 704 -45.90 8.49 80.98
CA ALA B 704 -46.33 7.92 82.25
C ALA B 704 -47.52 6.99 82.04
N TYR B 705 -47.22 5.75 81.67
CA TYR B 705 -48.27 4.77 81.45
C TYR B 705 -48.75 4.17 82.75
N SER B 706 -50.06 3.98 82.85
CA SER B 706 -50.68 3.28 83.96
C SER B 706 -52.02 2.77 83.48
N ASN B 707 -52.58 1.83 84.20
CA ASN B 707 -53.78 1.14 83.73
C ASN B 707 -55.07 1.80 84.17
N ASN B 708 -55.02 2.87 84.95
CA ASN B 708 -56.24 3.61 85.29
C ASN B 708 -55.99 5.10 85.27
N SER B 709 -55.20 5.60 84.33
CA SER B 709 -54.93 7.02 84.24
C SER B 709 -54.87 7.46 82.79
N ILE B 710 -55.44 8.63 82.51
CA ILE B 710 -55.46 9.19 81.15
C ILE B 710 -55.11 10.67 81.21
N ALA B 711 -54.94 11.26 80.03
CA ALA B 711 -54.66 12.67 79.88
C ALA B 711 -55.58 13.26 78.83
N ILE B 712 -56.18 14.41 79.13
CA ILE B 712 -57.15 15.01 78.23
C ILE B 712 -56.80 16.48 77.99
N PRO B 713 -56.76 16.94 76.74
CA PRO B 713 -56.42 18.33 76.48
C PRO B 713 -57.49 19.28 77.00
N THR B 714 -57.04 20.48 77.39
CA THR B 714 -57.94 21.51 77.86
C THR B 714 -57.95 22.76 77.00
N ASN B 715 -57.05 22.88 76.03
CA ASN B 715 -57.00 24.04 75.17
C ASN B 715 -56.51 23.59 73.81
N PHE B 716 -56.39 24.54 72.88
CA PHE B 716 -55.98 24.17 71.53
C PHE B 716 -55.30 25.35 70.86
N THR B 717 -54.59 25.05 69.77
CA THR B 717 -54.00 26.04 68.89
C THR B 717 -54.33 25.69 67.45
N ILE B 718 -54.25 26.69 66.60
CA ILE B 718 -54.50 26.54 65.17
C ILE B 718 -53.23 26.89 64.43
N SER B 719 -52.76 25.98 63.59
CA SER B 719 -51.48 26.14 62.92
C SER B 719 -51.67 26.16 61.42
N VAL B 720 -50.86 26.98 60.74
CA VAL B 720 -50.86 27.08 59.29
C VAL B 720 -49.47 26.73 58.80
N THR B 721 -49.38 25.74 57.91
CA THR B 721 -48.11 25.31 57.37
C THR B 721 -48.16 25.36 55.85
N THR B 722 -46.98 25.27 55.22
CA THR B 722 -46.85 25.39 53.78
C THR B 722 -46.28 24.11 53.20
N GLU B 723 -46.69 23.81 51.97
CA GLU B 723 -46.14 22.71 51.20
C GLU B 723 -45.91 23.19 49.78
N ILE B 724 -44.82 22.76 49.16
CA ILE B 724 -44.42 23.25 47.84
C ILE B 724 -44.24 22.06 46.91
N LEU B 725 -44.82 22.14 45.71
CA LEU B 725 -44.71 21.04 44.76
C LEU B 725 -44.48 21.55 43.35
N PRO B 726 -43.50 20.98 42.63
CA PRO B 726 -43.32 21.35 41.22
C PRO B 726 -44.25 20.53 40.33
N VAL B 727 -44.72 21.18 39.25
CA VAL B 727 -45.70 20.54 38.39
C VAL B 727 -45.29 20.59 36.93
N SER B 728 -44.23 21.33 36.60
CA SER B 728 -43.92 21.55 35.19
C SER B 728 -42.44 21.86 35.03
N MET B 729 -41.99 21.77 33.78
CA MET B 729 -40.64 22.16 33.39
C MET B 729 -40.71 22.83 32.02
N THR B 730 -39.63 23.51 31.65
CA THR B 730 -39.63 24.28 30.42
C THR B 730 -39.68 23.37 29.20
N LYS B 731 -40.41 23.82 28.18
CA LYS B 731 -40.56 23.07 26.94
C LYS B 731 -39.45 23.48 25.97
N THR B 732 -38.57 22.54 25.65
CA THR B 732 -37.44 22.82 24.78
C THR B 732 -37.43 21.86 23.61
N SER B 733 -36.86 22.30 22.49
CA SER B 733 -36.75 21.49 21.30
C SER B 733 -35.38 21.69 20.68
N VAL B 734 -34.90 20.66 19.98
CA VAL B 734 -33.58 20.68 19.37
C VAL B 734 -33.68 20.11 17.97
N ASP B 735 -33.14 20.84 16.99
CA ASP B 735 -33.09 20.38 15.61
C ASP B 735 -31.87 19.50 15.42
N CYS B 736 -32.08 18.32 14.84
CA CYS B 736 -31.00 17.35 14.74
C CYS B 736 -29.95 17.79 13.72
N THR B 737 -30.35 17.98 12.47
CA THR B 737 -29.38 18.28 11.42
C THR B 737 -28.69 19.62 11.66
N MET B 738 -29.42 20.60 12.18
CA MET B 738 -28.79 21.89 12.45
C MET B 738 -27.74 21.77 13.54
N TYR B 739 -28.03 21.02 14.60
CA TYR B 739 -27.07 20.87 15.67
C TYR B 739 -25.86 20.07 15.24
N ILE B 740 -26.07 19.01 14.45
CA ILE B 740 -25.00 18.06 14.21
C ILE B 740 -24.15 18.43 12.99
N CYS B 741 -24.72 19.18 12.04
CA CYS B 741 -23.98 19.60 10.86
C CYS B 741 -23.80 21.11 10.77
N GLY B 742 -24.89 21.86 10.85
CA GLY B 742 -24.79 23.31 10.83
C GLY B 742 -24.38 23.88 9.49
N ASP B 743 -25.25 23.77 8.49
CA ASP B 743 -25.01 24.33 7.17
C ASP B 743 -23.75 23.73 6.53
N SER B 744 -23.81 22.42 6.29
CA SER B 744 -22.74 21.71 5.61
C SER B 744 -23.37 20.60 4.78
N THR B 745 -23.43 20.81 3.47
CA THR B 745 -24.13 19.86 2.61
C THR B 745 -23.49 18.48 2.65
N GLU B 746 -22.15 18.43 2.66
CA GLU B 746 -21.47 17.14 2.75
C GLU B 746 -21.81 16.43 4.05
N CYS B 747 -21.86 17.17 5.15
CA CYS B 747 -22.25 16.57 6.43
C CYS B 747 -23.66 16.01 6.35
N SER B 748 -24.58 16.75 5.74
CA SER B 748 -25.96 16.27 5.62
C SER B 748 -26.03 14.99 4.79
N ASN B 749 -25.31 14.96 3.67
CA ASN B 749 -25.33 13.78 2.81
C ASN B 749 -24.73 12.58 3.53
N LEU B 750 -23.66 12.79 4.29
CA LEU B 750 -23.09 11.70 5.05
C LEU B 750 -24.05 11.24 6.14
N LEU B 751 -24.78 12.17 6.75
CA LEU B 751 -25.72 11.81 7.81
C LEU B 751 -26.91 11.03 7.27
N LEU B 752 -27.29 11.27 6.01
CA LEU B 752 -28.45 10.61 5.44
C LEU B 752 -28.36 9.09 5.56
N GLN B 753 -27.17 8.54 5.38
CA GLN B 753 -27.00 7.09 5.39
C GLN B 753 -26.96 6.49 6.79
N TYR B 754 -27.31 7.26 7.81
CA TYR B 754 -27.41 6.74 9.16
C TYR B 754 -28.82 6.34 9.54
N GLY B 755 -29.74 6.34 8.59
CA GLY B 755 -31.10 5.96 8.88
C GLY B 755 -31.83 7.04 9.65
N SER B 756 -33.02 6.66 10.13
CA SER B 756 -33.89 7.57 10.86
C SER B 756 -33.55 7.49 12.35
N PHE B 757 -32.61 8.33 12.79
CA PHE B 757 -32.36 8.52 14.21
C PHE B 757 -33.06 9.77 14.76
N CYS B 758 -32.79 10.92 14.16
CA CYS B 758 -33.23 12.16 14.81
C CYS B 758 -34.73 12.37 14.72
N THR B 759 -35.42 11.64 13.84
CA THR B 759 -36.88 11.66 13.87
C THR B 759 -37.39 11.16 15.21
N GLN B 760 -36.79 10.10 15.75
CA GLN B 760 -37.17 9.60 17.06
C GLN B 760 -36.90 10.63 18.14
N LEU B 761 -35.78 11.35 18.04
CA LEU B 761 -35.46 12.36 19.04
C LEU B 761 -36.50 13.48 19.02
N ASN B 762 -36.87 13.94 17.83
CA ASN B 762 -37.90 14.98 17.75
C ASN B 762 -39.22 14.48 18.30
N ARG B 763 -39.56 13.22 18.01
CA ARG B 763 -40.79 12.65 18.54
C ARG B 763 -40.78 12.66 20.06
N ALA B 764 -39.67 12.23 20.66
CA ALA B 764 -39.58 12.19 22.11
C ALA B 764 -39.72 13.58 22.72
N LEU B 765 -39.02 14.57 22.14
CA LEU B 765 -39.08 15.92 22.70
C LEU B 765 -40.48 16.50 22.60
N THR B 766 -41.16 16.29 21.47
CA THR B 766 -42.52 16.77 21.34
C THR B 766 -43.45 16.10 22.35
N GLY B 767 -43.26 14.80 22.57
CA GLY B 767 -44.03 14.13 23.61
C GLY B 767 -43.81 14.77 24.97
N ILE B 768 -42.56 15.11 25.29
CA ILE B 768 -42.26 15.75 26.57
C ILE B 768 -43.02 17.06 26.70
N ALA B 769 -43.00 17.88 25.64
CA ALA B 769 -43.66 19.18 25.71
C ALA B 769 -45.16 19.04 25.92
N VAL B 770 -45.78 18.14 25.14
CA VAL B 770 -47.22 17.92 25.28
C VAL B 770 -47.55 17.44 26.69
N GLU B 771 -46.70 16.58 27.25
CA GLU B 771 -46.93 16.10 28.61
C GLU B 771 -46.86 17.23 29.62
N GLN B 772 -45.92 18.17 29.43
CA GLN B 772 -45.85 19.31 30.34
C GLN B 772 -47.15 20.11 30.33
N ASP B 773 -47.65 20.40 29.14
CA ASP B 773 -48.89 21.16 29.05
C ASP B 773 -50.04 20.40 29.72
N LYS B 774 -50.10 19.09 29.50
CA LYS B 774 -51.15 18.28 30.13
C LYS B 774 -51.04 18.32 31.64
N ASN B 775 -49.81 18.23 32.17
CA ASN B 775 -49.61 18.29 33.61
C ASN B 775 -50.21 19.56 34.18
N THR B 776 -49.85 20.71 33.62
CA THR B 776 -50.36 21.97 34.17
C THR B 776 -51.87 22.03 34.07
N GLN B 777 -52.42 21.75 32.89
CA GLN B 777 -53.85 21.88 32.69
C GLN B 777 -54.63 20.94 33.59
N GLU B 778 -54.09 19.76 33.86
CA GLU B 778 -54.79 18.79 34.69
C GLU B 778 -54.71 19.15 36.16
N VAL B 779 -53.60 19.75 36.61
CA VAL B 779 -53.52 20.14 38.02
C VAL B 779 -54.46 21.31 38.30
N PHE B 780 -54.47 22.32 37.44
CA PHE B 780 -55.11 23.58 37.84
C PHE B 780 -56.57 23.72 37.41
N ALA B 781 -56.97 23.14 36.28
CA ALA B 781 -58.32 23.36 35.75
C ALA B 781 -59.27 22.33 36.36
N GLN B 782 -59.66 22.58 37.61
CA GLN B 782 -60.54 21.68 38.35
C GLN B 782 -61.89 22.31 38.66
N VAL B 783 -62.25 23.39 37.99
CA VAL B 783 -63.54 24.05 38.23
C VAL B 783 -64.21 24.29 36.89
N LYS B 784 -65.54 24.38 36.94
CA LYS B 784 -66.34 24.62 35.75
C LYS B 784 -66.66 26.09 35.52
N GLN B 785 -66.80 26.87 36.60
CA GLN B 785 -67.14 28.28 36.50
C GLN B 785 -66.10 29.11 37.24
N ILE B 786 -66.09 30.39 36.96
CA ILE B 786 -65.15 31.33 37.57
C ILE B 786 -65.90 32.05 38.67
N TYR B 787 -65.82 31.55 39.89
CA TYR B 787 -66.52 32.16 41.01
C TYR B 787 -65.84 33.47 41.42
N LYS B 788 -66.64 34.37 41.98
CA LYS B 788 -66.15 35.66 42.41
C LYS B 788 -66.65 35.95 43.82
N THR B 789 -65.77 36.52 44.64
CA THR B 789 -66.10 36.85 46.01
C THR B 789 -66.94 38.13 46.08
N PRO B 790 -67.83 38.24 47.06
CA PRO B 790 -68.67 39.44 47.18
C PRO B 790 -67.85 40.66 47.55
N PRO B 791 -68.35 41.86 47.26
CA PRO B 791 -67.59 43.07 47.59
C PRO B 791 -67.45 43.29 49.10
N ILE B 792 -68.55 43.23 49.83
CA ILE B 792 -68.51 43.39 51.28
C ILE B 792 -68.10 42.07 51.91
N LYS B 793 -67.10 42.11 52.79
CA LYS B 793 -66.46 40.92 53.31
C LYS B 793 -66.55 40.92 54.83
N ASP B 794 -67.47 40.11 55.36
CA ASP B 794 -67.58 39.89 56.80
C ASP B 794 -67.62 38.38 57.02
N PHE B 795 -66.44 37.77 57.08
CA PHE B 795 -66.34 36.33 57.26
C PHE B 795 -66.17 35.96 58.74
N GLY B 796 -67.06 36.48 59.57
CA GLY B 796 -67.07 36.13 60.97
C GLY B 796 -65.83 36.55 61.75
N GLY B 797 -65.06 37.49 61.22
CA GLY B 797 -63.85 37.94 61.87
C GLY B 797 -62.57 37.42 61.26
N PHE B 798 -62.65 36.41 60.39
CA PHE B 798 -61.47 35.95 59.69
C PHE B 798 -61.08 36.93 58.60
N ASN B 799 -59.78 37.09 58.39
CA ASN B 799 -59.24 38.11 57.49
C ASN B 799 -58.43 37.42 56.39
N PHE B 800 -58.92 37.48 55.16
CA PHE B 800 -58.30 36.81 54.02
C PHE B 800 -57.60 37.78 53.07
N SER B 801 -57.32 39.00 53.52
CA SER B 801 -56.83 40.02 52.61
C SER B 801 -55.47 39.67 52.03
N GLN B 802 -54.63 38.98 52.79
CA GLN B 802 -53.29 38.64 52.31
C GLN B 802 -53.30 37.65 51.16
N ILE B 803 -54.41 36.98 50.90
CA ILE B 803 -54.41 35.86 49.96
C ILE B 803 -55.36 36.15 48.80
N LEU B 804 -56.34 37.00 49.04
CA LEU B 804 -57.27 37.37 47.98
C LEU B 804 -56.55 38.19 46.91
N PRO B 805 -57.03 38.13 45.67
CA PRO B 805 -56.37 38.88 44.59
C PRO B 805 -56.40 40.38 44.84
N ASP B 806 -55.34 41.05 44.38
CA ASP B 806 -55.22 42.48 44.57
C ASP B 806 -55.49 43.20 43.26
N PRO B 807 -56.61 43.92 43.14
CA PRO B 807 -56.93 44.57 41.85
C PRO B 807 -56.00 45.71 41.49
N SER B 808 -55.21 46.21 42.44
CA SER B 808 -54.32 47.34 42.15
C SER B 808 -53.29 46.97 41.09
N LYS B 809 -52.58 45.88 41.29
CA LYS B 809 -51.57 45.46 40.32
C LYS B 809 -52.24 44.91 39.07
N PRO B 810 -51.64 45.13 37.89
CA PRO B 810 -52.21 44.58 36.67
C PRO B 810 -52.26 43.07 36.65
N SER B 811 -51.29 42.41 37.28
CA SER B 811 -51.24 40.95 37.29
C SER B 811 -52.41 40.33 38.04
N LYS B 812 -53.06 41.10 38.92
CA LYS B 812 -54.14 40.61 39.78
C LYS B 812 -53.69 39.47 40.68
N ARG B 813 -52.40 39.38 40.96
CA ARG B 813 -51.92 38.39 41.91
C ARG B 813 -52.14 38.89 43.34
N SER B 814 -51.89 38.01 44.30
CA SER B 814 -52.03 38.33 45.71
C SER B 814 -50.68 38.72 46.27
N PHE B 815 -50.69 39.10 47.56
CA PHE B 815 -49.45 39.47 48.23
C PHE B 815 -48.49 38.28 48.28
N ILE B 816 -48.97 37.13 48.73
CA ILE B 816 -48.11 35.96 48.86
C ILE B 816 -47.61 35.50 47.50
N GLU B 817 -48.47 35.57 46.49
CA GLU B 817 -48.04 35.16 45.16
C GLU B 817 -46.96 36.08 44.61
N ASP B 818 -47.08 37.39 44.87
CA ASP B 818 -46.02 38.31 44.48
C ASP B 818 -44.72 38.01 45.21
N LEU B 819 -44.80 37.72 46.50
CA LEU B 819 -43.60 37.35 47.24
C LEU B 819 -42.96 36.10 46.65
N LEU B 820 -43.77 35.11 46.29
CA LEU B 820 -43.23 33.88 45.72
C LEU B 820 -42.58 34.14 44.37
N PHE B 821 -43.19 34.99 43.54
CA PHE B 821 -42.64 35.24 42.22
C PHE B 821 -41.34 36.04 42.30
N ASN B 822 -41.26 36.97 43.25
CA ASN B 822 -40.04 37.74 43.38
C ASN B 822 -38.93 36.95 44.07
N LYS B 823 -39.28 36.02 44.95
CA LYS B 823 -38.28 35.28 45.70
C LYS B 823 -37.41 34.43 44.79
N VAL B 824 -38.02 33.76 43.82
CA VAL B 824 -37.28 32.90 42.89
C VAL B 824 -37.16 33.61 41.55
N THR B 825 -35.95 33.62 41.00
CA THR B 825 -35.68 34.32 39.75
C THR B 825 -34.50 33.69 39.02
N PHE B 853 -27.22 30.55 19.68
CA PHE B 853 -27.69 29.18 19.89
C PHE B 853 -27.76 28.41 18.57
N ASN B 854 -27.71 27.08 18.68
CA ASN B 854 -27.35 26.24 17.54
C ASN B 854 -28.45 25.26 17.15
N GLY B 855 -29.67 25.76 17.00
CA GLY B 855 -30.80 24.91 16.67
C GLY B 855 -31.64 24.50 17.84
N LEU B 856 -31.43 25.09 19.00
CA LEU B 856 -32.24 24.83 20.18
C LEU B 856 -33.21 25.97 20.41
N THR B 857 -34.46 25.62 20.72
CA THR B 857 -35.53 26.58 20.88
C THR B 857 -36.32 26.29 22.15
N VAL B 858 -36.98 27.32 22.67
CA VAL B 858 -37.83 27.20 23.84
C VAL B 858 -39.23 27.63 23.47
N LEU B 859 -40.20 26.78 23.74
CA LEU B 859 -41.56 27.13 23.37
C LEU B 859 -42.33 27.63 24.59
N PRO B 860 -43.21 28.62 24.40
CA PRO B 860 -43.95 29.14 25.54
C PRO B 860 -45.01 28.18 26.00
N PRO B 861 -45.39 28.21 27.27
CA PRO B 861 -46.50 27.37 27.74
C PRO B 861 -47.83 27.85 27.20
N LEU B 862 -48.80 26.94 27.20
CA LEU B 862 -50.11 27.27 26.65
C LEU B 862 -50.88 28.20 27.56
N LEU B 863 -50.84 27.95 28.87
CA LEU B 863 -51.57 28.77 29.83
C LEU B 863 -50.63 29.84 30.38
N THR B 864 -50.93 31.10 30.08
CA THR B 864 -50.18 32.18 30.68
C THR B 864 -50.54 32.32 32.16
N ASP B 865 -49.61 32.87 32.93
CA ASP B 865 -49.74 32.86 34.38
C ASP B 865 -50.91 33.69 34.89
N GLU B 866 -51.42 34.63 34.08
CA GLU B 866 -52.63 35.34 34.47
C GLU B 866 -53.81 34.37 34.60
N MET B 867 -53.92 33.44 33.66
CA MET B 867 -55.00 32.45 33.74
C MET B 867 -54.80 31.51 34.92
N ILE B 868 -53.56 31.17 35.25
CA ILE B 868 -53.32 30.33 36.42
C ILE B 868 -53.73 31.06 37.69
N ALA B 869 -53.40 32.36 37.78
CA ALA B 869 -53.83 33.15 38.92
C ALA B 869 -55.35 33.21 38.98
N GLN B 870 -56.00 33.31 37.82
CA GLN B 870 -57.46 33.35 37.79
C GLN B 870 -58.06 32.04 38.30
N TYR B 871 -57.49 30.91 37.88
CA TYR B 871 -57.95 29.61 38.40
C TYR B 871 -57.80 29.53 39.91
N THR B 872 -56.65 29.94 40.43
CA THR B 872 -56.46 29.88 41.88
C THR B 872 -57.45 30.78 42.59
N SER B 873 -57.69 31.97 42.05
CA SER B 873 -58.66 32.88 42.66
C SER B 873 -60.05 32.27 42.67
N ALA B 874 -60.44 31.63 41.56
CA ALA B 874 -61.76 31.03 41.50
C ALA B 874 -61.91 29.90 42.51
N LEU B 875 -60.90 29.04 42.61
CA LEU B 875 -60.94 27.94 43.58
C LEU B 875 -61.06 28.49 44.98
N LEU B 876 -60.30 29.52 45.30
CA LEU B 876 -60.27 30.03 46.66
C LEU B 876 -61.57 30.74 47.01
N ALA B 877 -62.13 31.51 46.07
CA ALA B 877 -63.43 32.13 46.33
C ALA B 877 -64.51 31.08 46.53
N GLY B 878 -64.48 30.01 45.72
CA GLY B 878 -65.47 28.95 45.89
C GLY B 878 -65.37 28.29 47.25
N THR B 879 -64.15 27.96 47.68
CA THR B 879 -64.02 27.27 48.95
C THR B 879 -64.33 28.19 50.12
N ILE B 880 -64.13 29.51 49.97
CA ILE B 880 -64.51 30.43 51.03
C ILE B 880 -66.02 30.53 51.13
N THR B 881 -66.71 30.61 49.99
CA THR B 881 -68.12 30.97 50.05
C THR B 881 -69.06 29.78 50.14
N SER B 882 -68.68 28.62 49.61
CA SER B 882 -69.63 27.50 49.53
C SER B 882 -69.08 26.21 50.12
N GLY B 883 -68.11 26.29 51.02
CA GLY B 883 -67.61 25.09 51.67
C GLY B 883 -67.06 24.11 50.65
N TRP B 884 -67.43 22.84 50.80
CA TRP B 884 -67.05 21.80 49.85
C TRP B 884 -68.14 21.49 48.84
N THR B 885 -69.26 22.22 48.88
CA THR B 885 -70.40 21.86 48.04
C THR B 885 -70.07 22.01 46.57
N PHE B 886 -69.34 23.04 46.19
CA PHE B 886 -69.05 23.27 44.77
C PHE B 886 -68.19 22.20 44.16
N GLY B 887 -67.54 21.36 44.97
CA GLY B 887 -66.77 20.26 44.41
C GLY B 887 -67.60 19.13 43.85
N ALA B 888 -68.84 18.98 44.34
CA ALA B 888 -69.72 17.90 43.89
C ALA B 888 -70.70 18.37 42.82
N GLY B 889 -71.46 19.41 43.11
CA GLY B 889 -72.43 19.92 42.15
C GLY B 889 -72.37 21.42 42.01
N ALA B 890 -73.50 22.10 42.21
CA ALA B 890 -73.55 23.54 42.18
C ALA B 890 -73.21 24.11 43.55
N ALA B 891 -72.54 25.26 43.55
CA ALA B 891 -72.12 25.88 44.79
C ALA B 891 -73.33 26.37 45.58
N LEU B 892 -73.33 26.09 46.88
CA LEU B 892 -74.40 26.51 47.78
C LEU B 892 -73.80 27.37 48.88
N GLN B 893 -74.34 28.57 49.06
CA GLN B 893 -73.79 29.49 50.03
C GLN B 893 -74.03 29.00 51.45
N ILE B 894 -73.11 29.37 52.33
CA ILE B 894 -73.13 28.99 53.74
C ILE B 894 -72.29 30.02 54.50
N PRO B 895 -72.81 30.62 55.57
CA PRO B 895 -72.00 31.56 56.34
C PRO B 895 -70.77 30.86 56.91
N PHE B 896 -69.65 31.59 56.95
CA PHE B 896 -68.36 30.95 57.17
C PHE B 896 -68.26 30.31 58.55
N ALA B 897 -68.86 30.94 59.56
CA ALA B 897 -68.82 30.36 60.90
C ALA B 897 -69.48 29.00 60.92
N MET B 898 -70.59 28.84 60.20
CA MET B 898 -71.26 27.55 60.13
C MET B 898 -70.39 26.50 59.47
N GLN B 899 -69.67 26.90 58.41
CA GLN B 899 -68.75 25.97 57.76
C GLN B 899 -67.65 25.53 58.71
N MET B 900 -67.12 26.47 59.49
CA MET B 900 -66.10 26.10 60.47
C MET B 900 -66.67 25.16 61.53
N ALA B 901 -67.93 25.38 61.92
CA ALA B 901 -68.56 24.47 62.87
C ALA B 901 -68.69 23.07 62.30
N TYR B 902 -69.09 22.98 61.03
CA TYR B 902 -69.14 21.68 60.36
C TYR B 902 -67.77 21.01 60.37
N ARG B 903 -66.72 21.78 60.09
CA ARG B 903 -65.40 21.19 60.01
C ARG B 903 -64.90 20.74 61.38
N PHE B 904 -65.22 21.48 62.43
CA PHE B 904 -64.91 21.00 63.77
C PHE B 904 -65.66 19.71 64.07
N ASN B 905 -66.94 19.67 63.73
CA ASN B 905 -67.72 18.46 63.95
C ASN B 905 -67.12 17.27 63.19
N GLY B 906 -66.43 17.55 62.09
CA GLY B 906 -65.85 16.48 61.30
C GLY B 906 -64.63 15.82 61.91
N ILE B 907 -64.04 16.41 62.95
CA ILE B 907 -62.87 15.82 63.60
C ILE B 907 -63.15 15.39 65.03
N GLY B 908 -64.42 15.36 65.43
CA GLY B 908 -64.77 14.85 66.75
C GLY B 908 -64.87 15.89 67.83
N VAL B 909 -65.09 17.16 67.49
CA VAL B 909 -65.30 18.22 68.46
C VAL B 909 -66.64 18.87 68.16
N THR B 910 -67.47 19.03 69.19
CA THR B 910 -68.80 19.60 69.00
C THR B 910 -68.74 21.06 68.58
N GLN B 911 -69.73 21.48 67.79
CA GLN B 911 -69.76 22.85 67.29
C GLN B 911 -69.93 23.87 68.40
N ASN B 912 -70.43 23.43 69.55
CA ASN B 912 -70.51 24.27 70.73
C ASN B 912 -69.17 24.93 71.04
N VAL B 913 -68.09 24.15 70.89
CA VAL B 913 -66.76 24.64 71.21
C VAL B 913 -66.38 25.78 70.28
N LEU B 914 -66.66 25.64 68.98
CA LEU B 914 -66.35 26.73 68.05
C LEU B 914 -67.18 27.96 68.36
N TYR B 915 -68.49 27.79 68.53
CA TYR B 915 -69.34 28.95 68.74
C TYR B 915 -69.02 29.69 70.02
N GLU B 916 -68.44 29.02 71.01
CA GLU B 916 -68.10 29.70 72.25
C GLU B 916 -66.68 30.26 72.28
N ASN B 917 -65.90 30.06 71.22
CA ASN B 917 -64.53 30.56 71.17
C ASN B 917 -64.21 31.16 69.82
N GLN B 918 -65.14 31.95 69.27
CA GLN B 918 -64.99 32.42 67.90
C GLN B 918 -63.86 33.45 67.79
N LYS B 919 -63.85 34.44 68.69
CA LYS B 919 -62.86 35.50 68.60
C LYS B 919 -61.44 34.97 68.76
N LEU B 920 -61.24 34.06 69.72
CA LEU B 920 -59.92 33.50 69.95
C LEU B 920 -59.41 32.76 68.72
N ILE B 921 -60.28 31.96 68.11
CA ILE B 921 -59.90 31.20 66.92
C ILE B 921 -59.56 32.14 65.77
N ALA B 922 -60.38 33.17 65.57
CA ALA B 922 -60.12 34.12 64.50
C ALA B 922 -58.78 34.83 64.71
N ASN B 923 -58.49 35.24 65.95
CA ASN B 923 -57.22 35.90 66.22
C ASN B 923 -56.04 34.97 65.98
N GLN B 924 -56.16 33.70 66.40
CA GLN B 924 -55.07 32.76 66.16
C GLN B 924 -54.83 32.58 64.68
N PHE B 925 -55.90 32.43 63.90
CA PHE B 925 -55.74 32.25 62.46
C PHE B 925 -55.09 33.47 61.83
N ASN B 926 -55.50 34.68 62.23
CA ASN B 926 -54.92 35.88 61.67
C ASN B 926 -53.43 35.97 62.00
N SER B 927 -53.07 35.66 63.24
CA SER B 927 -51.66 35.71 63.62
C SER B 927 -50.83 34.71 62.82
N ALA B 928 -51.33 33.49 62.65
CA ALA B 928 -50.58 32.49 61.90
C ALA B 928 -50.41 32.90 60.45
N ILE B 929 -51.47 33.41 59.83
CA ILE B 929 -51.36 33.80 58.43
C ILE B 929 -50.43 35.00 58.28
N GLY B 930 -50.37 35.87 59.30
CA GLY B 930 -49.39 36.95 59.27
C GLY B 930 -47.97 36.44 59.39
N LYS B 931 -47.77 35.42 60.22
CA LYS B 931 -46.43 34.88 60.43
C LYS B 931 -45.91 34.18 59.18
N ILE B 932 -46.79 33.55 58.41
CA ILE B 932 -46.36 32.88 57.18
C ILE B 932 -45.64 33.85 56.25
N GLN B 933 -46.20 35.05 56.08
CA GLN B 933 -45.61 36.02 55.17
C GLN B 933 -44.21 36.41 55.62
N ASP B 934 -44.01 36.65 56.91
CA ASP B 934 -42.68 36.97 57.41
C ASP B 934 -41.71 35.82 57.19
N SER B 935 -42.17 34.58 57.45
CA SER B 935 -41.30 33.44 57.24
C SER B 935 -40.84 33.34 55.79
N LEU B 936 -41.76 33.57 54.85
CA LEU B 936 -41.36 33.52 53.45
C LEU B 936 -40.45 34.68 53.06
N SER B 937 -40.78 35.90 53.53
CA SER B 937 -40.05 37.08 53.09
C SER B 937 -38.62 37.09 53.63
N SER B 938 -38.44 36.81 54.92
CA SER B 938 -37.13 36.93 55.52
C SER B 938 -36.22 35.78 55.09
N THR B 939 -36.60 34.56 55.44
CA THR B 939 -35.75 33.40 55.16
C THR B 939 -35.72 33.12 53.66
N ALA B 940 -34.51 32.87 53.15
CA ALA B 940 -34.32 32.48 51.76
C ALA B 940 -34.22 30.97 51.66
N SER B 941 -34.02 30.48 50.44
CA SER B 941 -33.86 29.05 50.14
C SER B 941 -35.08 28.24 50.55
N ALA B 942 -36.24 28.88 50.71
CA ALA B 942 -37.46 28.13 51.00
C ALA B 942 -37.95 27.37 49.79
N LEU B 943 -37.78 27.93 48.59
CA LEU B 943 -38.23 27.30 47.36
C LEU B 943 -37.10 26.49 46.72
N GLY B 944 -36.61 25.51 47.49
CA GLY B 944 -35.47 24.75 47.04
C GLY B 944 -35.76 23.89 45.82
N LYS B 945 -36.95 23.29 45.77
CA LYS B 945 -37.24 22.29 44.75
C LYS B 945 -37.35 22.93 43.36
N LEU B 946 -38.08 24.04 43.26
CA LEU B 946 -38.23 24.70 41.96
C LEU B 946 -36.88 25.20 41.45
N GLN B 947 -36.09 25.81 42.34
CA GLN B 947 -34.75 26.26 41.95
C GLN B 947 -33.90 25.08 41.50
N ASN B 948 -34.00 23.95 42.20
CA ASN B 948 -33.22 22.78 41.81
C ASN B 948 -33.61 22.30 40.42
N VAL B 949 -34.90 22.27 40.12
CA VAL B 949 -35.34 21.85 38.79
C VAL B 949 -34.78 22.77 37.72
N VAL B 950 -34.91 24.09 37.94
CA VAL B 950 -34.42 25.04 36.96
C VAL B 950 -32.91 24.89 36.76
N ASN B 951 -32.17 24.76 37.84
CA ASN B 951 -30.72 24.62 37.75
C ASN B 951 -30.32 23.37 37.00
N GLN B 952 -31.01 22.25 37.27
CA GLN B 952 -30.67 21.02 36.58
C GLN B 952 -30.90 21.13 35.08
N ASN B 953 -32.04 21.71 34.69
CA ASN B 953 -32.30 21.86 33.25
C ASN B 953 -31.26 22.77 32.61
N ALA B 954 -30.93 23.89 33.26
CA ALA B 954 -29.96 24.82 32.69
C ALA B 954 -28.59 24.16 32.54
N GLN B 955 -28.19 23.39 33.55
CA GLN B 955 -26.89 22.72 33.50
C GLN B 955 -26.85 21.68 32.39
N ALA B 956 -27.94 20.94 32.20
CA ALA B 956 -27.97 19.96 31.11
C ALA B 956 -27.82 20.64 29.77
N LEU B 957 -28.57 21.72 29.54
CA LEU B 957 -28.42 22.43 28.27
C LEU B 957 -27.01 22.97 28.11
N ASN B 958 -26.43 23.51 29.19
CA ASN B 958 -25.10 24.08 29.11
C ASN B 958 -24.07 23.04 28.72
N THR B 959 -24.11 21.87 29.35
CA THR B 959 -23.13 20.85 28.98
C THR B 959 -23.37 20.32 27.57
N LEU B 960 -24.64 20.22 27.15
CA LEU B 960 -24.91 19.77 25.79
C LEU B 960 -24.29 20.72 24.77
N VAL B 961 -24.47 22.02 24.96
CA VAL B 961 -23.90 22.96 24.01
C VAL B 961 -22.39 23.08 24.17
N LYS B 962 -21.87 22.76 25.37
CA LYS B 962 -20.43 22.78 25.56
C LYS B 962 -19.76 21.63 24.83
N GLN B 963 -20.46 20.51 24.66
CA GLN B 963 -19.87 19.37 23.98
C GLN B 963 -19.53 19.64 22.52
N LEU B 964 -20.03 20.75 21.95
CA LEU B 964 -19.82 21.05 20.54
C LEU B 964 -18.42 21.55 20.24
N SER B 965 -17.48 21.41 21.16
CA SER B 965 -16.11 21.87 20.96
C SER B 965 -15.12 20.79 21.32
N SER B 966 -15.37 19.57 20.88
CA SER B 966 -14.51 18.43 21.17
C SER B 966 -14.07 17.77 19.87
N ASN B 967 -12.80 17.37 19.82
CA ASN B 967 -12.25 16.77 18.62
C ASN B 967 -12.77 15.37 18.39
N PHE B 968 -13.01 14.61 19.47
CA PHE B 968 -13.41 13.21 19.37
C PHE B 968 -12.40 12.39 18.59
N GLY B 969 -11.12 12.75 18.68
CA GLY B 969 -10.08 12.04 17.97
C GLY B 969 -9.85 12.49 16.54
N ALA B 970 -10.58 13.49 16.06
CA ALA B 970 -10.37 14.02 14.73
C ALA B 970 -9.20 15.00 14.76
N ILE B 971 -9.00 15.73 13.66
CA ILE B 971 -7.90 16.68 13.58
C ILE B 971 -8.28 18.07 14.07
N SER B 972 -9.56 18.38 14.17
CA SER B 972 -10.01 19.68 14.61
C SER B 972 -11.46 19.56 15.08
N SER B 973 -12.10 20.70 15.34
CA SER B 973 -13.48 20.73 15.78
C SER B 973 -14.35 21.65 14.94
N VAL B 974 -13.86 22.08 13.77
CA VAL B 974 -14.60 22.97 12.88
C VAL B 974 -14.70 22.30 11.52
N LEU B 975 -15.93 22.22 11.00
CA LEU B 975 -16.12 21.55 9.71
C LEU B 975 -15.46 22.31 8.57
N ASN B 976 -15.54 23.64 8.59
CA ASN B 976 -14.97 24.42 7.50
C ASN B 976 -13.46 24.25 7.43
N ASP B 977 -12.78 24.23 8.58
CA ASP B 977 -11.34 24.04 8.59
C ASP B 977 -10.96 22.68 8.00
N ILE B 978 -11.70 21.63 8.36
CA ILE B 978 -11.42 20.32 7.81
C ILE B 978 -11.66 20.30 6.31
N LEU B 979 -12.74 20.94 5.86
CA LEU B 979 -13.07 20.96 4.44
C LEU B 979 -12.00 21.69 3.63
N SER B 980 -11.52 22.82 4.14
CA SER B 980 -10.56 23.64 3.42
C SER B 980 -9.12 23.22 3.65
N ARG B 981 -8.90 22.00 4.13
CA ARG B 981 -7.54 21.52 4.39
C ARG B 981 -7.26 20.13 3.88
N LEU B 982 -8.27 19.31 3.63
CA LEU B 982 -8.07 17.91 3.29
C LEU B 982 -8.80 17.57 2.00
N ASP B 983 -8.32 16.52 1.34
CA ASP B 983 -9.03 15.97 0.19
C ASP B 983 -10.32 15.31 0.66
N PRO B 984 -11.41 15.41 -0.12
CA PRO B 984 -12.71 14.90 0.33
C PRO B 984 -12.66 13.43 0.73
N PRO B 985 -11.95 12.56 -0.01
CA PRO B 985 -11.84 11.17 0.45
C PRO B 985 -11.13 11.03 1.79
N GLU B 986 -10.34 12.01 2.19
CA GLU B 986 -9.73 12.01 3.51
C GLU B 986 -10.53 12.81 4.51
N ALA B 987 -11.24 13.84 4.06
CA ALA B 987 -12.04 14.65 4.98
C ALA B 987 -13.26 13.90 5.48
N GLU B 988 -13.80 12.97 4.67
CA GLU B 988 -14.98 12.25 5.08
C GLU B 988 -14.76 11.45 6.35
N VAL B 989 -13.54 10.94 6.56
CA VAL B 989 -13.25 10.17 7.77
C VAL B 989 -13.39 11.07 9.00
N GLN B 990 -12.80 12.26 8.95
CA GLN B 990 -12.91 13.18 10.07
C GLN B 990 -14.35 13.60 10.30
N ILE B 991 -15.10 13.82 9.21
CA ILE B 991 -16.50 14.18 9.35
C ILE B 991 -17.26 13.07 10.07
N ASP B 992 -17.00 11.82 9.71
CA ASP B 992 -17.66 10.70 10.39
C ASP B 992 -17.29 10.66 11.85
N ARG B 993 -16.02 10.89 12.17
CA ARG B 993 -15.58 10.86 13.57
C ARG B 993 -16.29 11.92 14.38
N LEU B 994 -16.49 13.11 13.80
CA LEU B 994 -17.24 14.14 14.52
C LEU B 994 -18.71 13.75 14.66
N ILE B 995 -19.30 13.20 13.60
CA ILE B 995 -20.72 12.91 13.58
C ILE B 995 -21.08 11.91 14.67
N THR B 996 -20.28 10.85 14.80
CA THR B 996 -20.63 9.80 15.76
C THR B 996 -20.64 10.35 17.19
N GLY B 997 -19.63 11.15 17.55
CA GLY B 997 -19.58 11.70 18.89
C GLY B 997 -20.72 12.65 19.18
N ARG B 998 -21.02 13.55 18.23
CA ARG B 998 -22.11 14.48 18.45
C ARG B 998 -23.44 13.75 18.60
N LEU B 999 -23.66 12.73 17.77
CA LEU B 999 -24.88 11.94 17.87
C LEU B 999 -24.99 11.26 19.23
N GLN B 1000 -23.89 10.70 19.73
CA GLN B 1000 -23.93 10.04 21.03
C GLN B 1000 -24.28 11.03 22.14
N SER B 1001 -23.70 12.23 22.08
CA SER B 1001 -24.02 13.23 23.08
C SER B 1001 -25.50 13.59 23.05
N LEU B 1002 -26.05 13.76 21.85
CA LEU B 1002 -27.48 14.07 21.73
C LEU B 1002 -28.33 12.96 22.34
N GLN B 1003 -27.96 11.71 22.07
CA GLN B 1003 -28.70 10.58 22.64
C GLN B 1003 -28.71 10.63 24.15
N THR B 1004 -27.54 10.87 24.75
CA THR B 1004 -27.46 10.93 26.20
C THR B 1004 -28.37 12.02 26.75
N TYR B 1005 -28.34 13.20 26.12
CA TYR B 1005 -29.18 14.30 26.60
C TYR B 1005 -30.65 13.92 26.56
N VAL B 1006 -31.09 13.29 25.47
CA VAL B 1006 -32.50 12.95 25.35
C VAL B 1006 -32.91 11.95 26.42
N THR B 1007 -32.06 10.96 26.69
CA THR B 1007 -32.41 9.98 27.72
C THR B 1007 -32.55 10.63 29.09
N GLN B 1008 -31.61 11.53 29.43
CA GLN B 1008 -31.74 12.24 30.71
C GLN B 1008 -33.04 13.02 30.78
N GLN B 1009 -33.41 13.67 29.68
CA GLN B 1009 -34.66 14.42 29.67
C GLN B 1009 -35.85 13.52 29.92
N LEU B 1010 -35.85 12.32 29.33
CA LEU B 1010 -36.97 11.40 29.52
C LEU B 1010 -37.11 11.02 30.99
N ILE B 1011 -35.99 10.69 31.64
CA ILE B 1011 -36.05 10.30 33.05
C ILE B 1011 -36.60 11.45 33.89
N ARG B 1012 -36.07 12.66 33.68
CA ARG B 1012 -36.53 13.79 34.47
C ARG B 1012 -38.01 14.06 34.25
N ALA B 1013 -38.48 13.91 33.01
CA ALA B 1013 -39.89 14.14 32.72
C ALA B 1013 -40.78 13.15 33.46
N ALA B 1014 -40.36 11.88 33.51
CA ALA B 1014 -41.14 10.91 34.26
C ALA B 1014 -41.26 11.31 35.73
N GLU B 1015 -40.14 11.73 36.33
CA GLU B 1015 -40.20 12.14 37.73
C GLU B 1015 -41.14 13.33 37.93
N ILE B 1016 -41.05 14.32 37.05
CA ILE B 1016 -41.91 15.50 37.17
C ILE B 1016 -43.37 15.10 37.03
N ARG B 1017 -43.68 14.18 36.14
CA ARG B 1017 -45.07 13.75 35.97
C ARG B 1017 -45.59 13.09 37.23
N ALA B 1018 -44.77 12.26 37.88
CA ALA B 1018 -45.21 11.67 39.14
C ALA B 1018 -45.52 12.75 40.17
N SER B 1019 -44.65 13.75 40.28
CA SER B 1019 -44.89 14.83 41.24
C SER B 1019 -46.18 15.58 40.90
N ALA B 1020 -46.43 15.81 39.62
CA ALA B 1020 -47.64 16.53 39.21
C ALA B 1020 -48.90 15.74 39.55
N ASN B 1021 -48.86 14.42 39.36
CA ASN B 1021 -50.00 13.60 39.76
C ASN B 1021 -50.27 13.71 41.26
N LEU B 1022 -49.20 13.68 42.06
CA LEU B 1022 -49.40 13.85 43.50
C LEU B 1022 -50.02 15.21 43.82
N ALA B 1023 -49.56 16.26 43.14
CA ALA B 1023 -50.11 17.58 43.39
C ALA B 1023 -51.59 17.65 43.03
N ALA B 1024 -51.97 17.03 41.91
CA ALA B 1024 -53.38 17.01 41.53
C ALA B 1024 -54.22 16.29 42.57
N THR B 1025 -53.73 15.16 43.08
CA THR B 1025 -54.45 14.45 44.12
C THR B 1025 -54.62 15.31 45.37
N LYS B 1026 -53.56 16.01 45.78
CA LYS B 1026 -53.67 16.86 46.95
C LYS B 1026 -54.67 17.99 46.73
N MET B 1027 -54.64 18.61 45.55
CA MET B 1027 -55.60 19.68 45.27
C MET B 1027 -57.02 19.16 45.30
N SER B 1028 -57.25 17.96 44.78
CA SER B 1028 -58.60 17.43 44.76
C SER B 1028 -59.09 17.07 46.16
N GLU B 1029 -58.23 16.50 46.99
CA GLU B 1029 -58.69 15.94 48.25
C GLU B 1029 -58.64 16.91 49.42
N CYS B 1030 -57.64 17.79 49.48
CA CYS B 1030 -57.49 18.66 50.63
C CYS B 1030 -58.04 20.06 50.43
N VAL B 1031 -58.45 20.42 49.22
CA VAL B 1031 -59.04 21.73 48.96
C VAL B 1031 -60.54 21.63 48.71
N LEU B 1032 -60.97 20.65 47.93
CA LEU B 1032 -62.39 20.47 47.66
C LEU B 1032 -63.11 19.67 48.75
N GLY B 1033 -62.40 19.23 49.78
CA GLY B 1033 -63.03 18.50 50.86
C GLY B 1033 -62.13 18.47 52.06
N GLN B 1034 -62.61 17.80 53.10
CA GLN B 1034 -61.86 17.60 54.33
C GLN B 1034 -61.36 16.17 54.37
N SER B 1035 -60.07 15.99 54.63
CA SER B 1035 -59.42 14.70 54.51
C SER B 1035 -59.26 14.04 55.86
N LYS B 1036 -59.44 12.71 55.89
CA LYS B 1036 -59.31 11.94 57.12
C LYS B 1036 -58.03 11.14 57.21
N ARG B 1037 -57.40 10.84 56.07
CA ARG B 1037 -56.15 10.08 56.08
C ARG B 1037 -55.06 10.93 56.72
N VAL B 1038 -54.47 10.40 57.79
CA VAL B 1038 -53.63 11.19 58.67
C VAL B 1038 -52.34 11.59 57.95
N ASP B 1039 -51.92 12.83 58.17
CA ASP B 1039 -50.65 13.39 57.70
C ASP B 1039 -50.56 13.48 56.19
N PHE B 1040 -51.66 13.25 55.47
CA PHE B 1040 -51.63 13.42 54.02
C PHE B 1040 -51.37 14.86 53.64
N CYS B 1041 -52.02 15.79 54.34
CA CYS B 1041 -51.81 17.21 54.11
C CYS B 1041 -51.91 17.94 55.43
N GLY B 1042 -50.76 18.35 55.96
CA GLY B 1042 -50.69 19.00 57.25
C GLY B 1042 -50.09 18.09 58.31
N LYS B 1043 -49.95 18.65 59.51
CA LYS B 1043 -49.47 17.92 60.68
C LYS B 1043 -50.44 18.20 61.81
N GLY B 1044 -51.37 17.27 62.03
CA GLY B 1044 -52.43 17.47 63.01
C GLY B 1044 -53.75 17.01 62.47
N TYR B 1045 -54.84 17.65 62.90
CA TYR B 1045 -56.18 17.34 62.39
C TYR B 1045 -56.53 18.36 61.32
N HIS B 1046 -56.72 17.89 60.10
CA HIS B 1046 -56.92 18.79 58.98
C HIS B 1046 -58.24 19.53 59.09
N LEU B 1047 -58.22 20.83 58.78
CA LEU B 1047 -59.41 21.64 58.72
C LEU B 1047 -59.71 22.11 57.30
N MET B 1048 -58.77 22.77 56.64
CA MET B 1048 -58.95 23.23 55.27
C MET B 1048 -57.59 23.62 54.72
N SER B 1049 -57.57 23.97 53.43
CA SER B 1049 -56.33 24.34 52.77
C SER B 1049 -56.63 25.36 51.68
N PHE B 1050 -55.60 26.13 51.33
CA PHE B 1050 -55.70 27.15 50.30
C PHE B 1050 -54.55 27.02 49.31
N PRO B 1051 -54.83 27.11 48.01
CA PRO B 1051 -53.77 27.04 47.01
C PRO B 1051 -53.24 28.40 46.59
N GLN B 1052 -51.97 28.40 46.20
CA GLN B 1052 -51.32 29.59 45.64
C GLN B 1052 -50.42 29.14 44.50
N SER B 1053 -50.24 30.02 43.53
CA SER B 1053 -49.45 29.70 42.34
C SER B 1053 -47.99 30.08 42.54
N ALA B 1054 -47.10 29.34 41.87
CA ALA B 1054 -45.68 29.61 41.90
C ALA B 1054 -45.12 29.33 40.52
N PRO B 1055 -44.00 29.97 40.15
CA PRO B 1055 -43.53 29.95 38.75
C PRO B 1055 -43.68 28.63 38.00
N HIS B 1056 -43.30 27.52 38.62
CA HIS B 1056 -43.51 26.22 37.98
C HIS B 1056 -44.06 25.23 38.98
N GLY B 1057 -45.00 25.66 39.82
CA GLY B 1057 -45.55 24.75 40.79
C GLY B 1057 -46.64 25.40 41.61
N VAL B 1058 -47.00 24.71 42.67
CA VAL B 1058 -48.11 25.13 43.52
C VAL B 1058 -47.65 25.11 44.98
N VAL B 1059 -48.28 25.95 45.78
CA VAL B 1059 -48.02 26.04 47.21
C VAL B 1059 -49.34 25.88 47.94
N PHE B 1060 -49.38 24.96 48.90
CA PHE B 1060 -50.56 24.73 49.70
C PHE B 1060 -50.35 25.30 51.10
N LEU B 1061 -51.36 25.99 51.61
CA LEU B 1061 -51.39 26.42 53.01
C LEU B 1061 -52.42 25.56 53.73
N HIS B 1062 -51.96 24.75 54.67
CA HIS B 1062 -52.80 23.83 55.42
C HIS B 1062 -53.10 24.41 56.78
N VAL B 1063 -54.37 24.39 57.17
CA VAL B 1063 -54.82 24.84 58.49
C VAL B 1063 -55.18 23.61 59.31
N THR B 1064 -54.59 23.48 60.48
CA THR B 1064 -54.78 22.29 61.31
C THR B 1064 -55.03 22.67 62.75
N TYR B 1065 -55.65 21.74 63.46
CA TYR B 1065 -56.02 21.87 64.86
C TYR B 1065 -55.07 21.04 65.70
N VAL B 1066 -54.52 21.64 66.77
CA VAL B 1066 -53.53 20.97 67.61
C VAL B 1066 -53.94 21.12 69.07
N PRO B 1067 -54.23 20.04 69.78
CA PRO B 1067 -54.59 20.16 71.21
C PRO B 1067 -53.40 20.54 72.06
N ALA B 1068 -53.69 21.08 73.25
CA ALA B 1068 -52.64 21.58 74.13
C ALA B 1068 -53.17 21.68 75.55
N GLN B 1069 -52.24 21.85 76.49
CA GLN B 1069 -52.51 22.05 77.91
C GLN B 1069 -53.27 20.86 78.51
N GLU B 1070 -52.57 19.74 78.57
CA GLU B 1070 -53.12 18.48 79.03
C GLU B 1070 -53.35 18.50 80.54
N LYS B 1071 -53.89 17.41 81.07
CA LYS B 1071 -54.18 17.28 82.49
C LYS B 1071 -54.45 15.83 82.87
N ASN B 1072 -53.84 15.36 83.94
CA ASN B 1072 -54.01 13.97 84.37
C ASN B 1072 -55.41 13.74 84.91
N PHE B 1073 -55.89 12.51 84.75
CA PHE B 1073 -57.18 12.11 85.29
C PHE B 1073 -57.17 10.61 85.57
N THR B 1074 -58.08 10.19 86.44
CA THR B 1074 -58.33 8.78 86.71
C THR B 1074 -59.58 8.33 85.96
N THR B 1075 -59.51 7.14 85.37
CA THR B 1075 -60.54 6.67 84.45
C THR B 1075 -61.04 5.29 84.85
N ALA B 1076 -62.09 4.85 84.16
CA ALA B 1076 -62.69 3.54 84.36
C ALA B 1076 -63.42 3.14 83.10
N PRO B 1077 -63.55 1.84 82.82
CA PRO B 1077 -64.19 1.43 81.57
C PRO B 1077 -65.71 1.37 81.61
N ALA B 1078 -66.31 1.24 82.79
CA ALA B 1078 -67.77 1.15 82.89
C ALA B 1078 -68.17 1.47 84.32
N ILE B 1079 -69.47 1.66 84.53
CA ILE B 1079 -70.01 2.00 85.85
C ILE B 1079 -71.01 0.93 86.24
N CYS B 1080 -70.83 0.35 87.43
CA CYS B 1080 -71.79 -0.63 87.94
C CYS B 1080 -72.76 0.08 88.88
N HIS B 1081 -74.05 -0.14 88.65
CA HIS B 1081 -75.09 0.54 89.40
C HIS B 1081 -76.37 -0.28 89.29
N ASP B 1082 -76.98 -0.58 90.43
CA ASP B 1082 -78.17 -1.43 90.48
C ASP B 1082 -77.93 -2.79 89.84
N GLY B 1083 -76.72 -3.31 89.96
CA GLY B 1083 -76.39 -4.56 89.32
C GLY B 1083 -76.36 -4.52 87.82
N LYS B 1084 -76.28 -3.33 87.23
CA LYS B 1084 -76.20 -3.18 85.78
C LYS B 1084 -74.93 -2.44 85.42
N ALA B 1085 -74.40 -2.72 84.23
CA ALA B 1085 -73.20 -2.07 83.74
C ALA B 1085 -73.58 -1.01 82.73
N HIS B 1086 -73.03 0.19 82.90
CA HIS B 1086 -73.27 1.31 82.01
C HIS B 1086 -71.97 1.67 81.29
N PHE B 1087 -72.10 1.91 79.99
CA PHE B 1087 -71.03 2.35 79.10
C PHE B 1087 -71.42 3.70 78.50
N PRO B 1088 -70.44 4.54 78.16
CA PRO B 1088 -70.76 5.85 77.60
C PRO B 1088 -71.12 5.75 76.11
N ARG B 1089 -72.07 6.58 75.69
CA ARG B 1089 -72.45 6.60 74.28
C ARG B 1089 -71.29 7.08 73.43
N GLU B 1090 -70.85 8.31 73.65
CA GLU B 1090 -69.58 8.78 73.12
C GLU B 1090 -68.91 9.62 74.19
N GLY B 1091 -67.60 9.45 74.34
CA GLY B 1091 -66.90 10.09 75.42
C GLY B 1091 -66.18 9.09 76.29
N VAL B 1092 -65.90 9.48 77.54
CA VAL B 1092 -65.12 8.64 78.44
C VAL B 1092 -65.38 9.12 79.86
N PHE B 1093 -65.39 8.18 80.80
CA PHE B 1093 -65.55 8.50 82.22
C PHE B 1093 -64.23 9.00 82.79
N VAL B 1094 -64.32 10.05 83.61
CA VAL B 1094 -63.16 10.61 84.28
C VAL B 1094 -63.55 10.99 85.70
N SER B 1095 -62.55 11.10 86.57
CA SER B 1095 -62.78 11.55 87.93
C SER B 1095 -61.74 12.57 88.33
N ASN B 1096 -62.16 13.59 89.07
CA ASN B 1096 -61.24 14.57 89.65
C ASN B 1096 -60.80 14.20 91.04
N GLY B 1097 -60.80 12.90 91.37
CA GLY B 1097 -60.45 12.43 92.68
C GLY B 1097 -61.63 12.17 93.60
N THR B 1098 -62.75 12.84 93.38
CA THR B 1098 -63.90 12.65 94.26
C THR B 1098 -65.18 12.34 93.52
N HIS B 1099 -65.41 12.97 92.37
CA HIS B 1099 -66.64 12.80 91.61
C HIS B 1099 -66.32 12.23 90.23
N TRP B 1100 -67.35 11.72 89.57
CA TRP B 1100 -67.22 11.12 88.25
C TRP B 1100 -68.03 11.91 87.23
N PHE B 1101 -67.48 12.04 86.02
CA PHE B 1101 -68.13 12.75 84.93
C PHE B 1101 -67.84 12.04 83.62
N VAL B 1102 -68.53 12.46 82.57
CA VAL B 1102 -68.25 12.02 81.20
C VAL B 1102 -67.71 13.22 80.43
N THR B 1103 -66.78 12.97 79.51
CA THR B 1103 -66.29 14.03 78.65
C THR B 1103 -66.19 13.50 77.23
N GLN B 1104 -66.20 14.44 76.28
CA GLN B 1104 -65.76 14.12 74.94
C GLN B 1104 -64.25 13.93 74.92
N ARG B 1105 -63.77 13.19 73.91
CA ARG B 1105 -62.42 12.67 73.99
C ARG B 1105 -61.35 13.73 73.72
N ASN B 1106 -61.63 14.73 72.89
CA ASN B 1106 -60.61 15.65 72.43
C ASN B 1106 -60.67 17.02 73.09
N PHE B 1107 -61.48 17.18 74.13
CA PHE B 1107 -61.61 18.47 74.79
C PHE B 1107 -62.27 18.25 76.14
N TYR B 1108 -61.68 18.81 77.19
CA TYR B 1108 -62.20 18.59 78.53
C TYR B 1108 -63.48 19.40 78.72
N GLU B 1109 -64.56 18.70 79.06
CA GLU B 1109 -65.86 19.33 79.29
C GLU B 1109 -66.72 18.40 80.14
N PRO B 1110 -66.52 18.39 81.46
CA PRO B 1110 -67.19 17.39 82.29
C PRO B 1110 -68.70 17.60 82.33
N GLN B 1111 -69.42 16.49 82.50
CA GLN B 1111 -70.87 16.53 82.62
C GLN B 1111 -71.32 15.41 83.54
N ILE B 1112 -72.48 15.61 84.16
CA ILE B 1112 -73.02 14.65 85.10
C ILE B 1112 -73.49 13.41 84.35
N ILE B 1113 -73.18 12.24 84.90
CA ILE B 1113 -73.53 10.99 84.25
C ILE B 1113 -75.04 10.78 84.37
N THR B 1114 -75.70 10.63 83.23
CA THR B 1114 -77.15 10.55 83.16
C THR B 1114 -77.54 9.33 82.33
N THR B 1115 -78.78 8.90 82.49
CA THR B 1115 -79.26 7.77 81.71
C THR B 1115 -79.46 8.10 80.24
N ASP B 1116 -79.23 9.35 79.83
CA ASP B 1116 -79.39 9.74 78.43
C ASP B 1116 -78.10 9.65 77.65
N ASN B 1117 -76.95 9.84 78.31
CA ASN B 1117 -75.67 9.80 77.64
C ASN B 1117 -74.89 8.51 77.92
N THR B 1118 -75.57 7.48 78.43
CA THR B 1118 -74.98 6.17 78.62
C THR B 1118 -75.98 5.11 78.18
N PHE B 1119 -75.49 3.88 77.98
CA PHE B 1119 -76.35 2.75 77.69
C PHE B 1119 -75.93 1.55 78.53
N VAL B 1120 -76.82 0.56 78.59
CA VAL B 1120 -76.73 -0.55 79.54
C VAL B 1120 -76.60 -1.85 78.78
N SER B 1121 -75.79 -2.76 79.31
CA SER B 1121 -75.68 -4.11 78.74
C SER B 1121 -75.06 -5.03 79.78
N GLY B 1122 -75.81 -6.04 80.21
CA GLY B 1122 -75.30 -7.03 81.12
C GLY B 1122 -75.26 -6.56 82.56
N ASN B 1123 -74.50 -7.31 83.36
CA ASN B 1123 -74.34 -7.02 84.78
C ASN B 1123 -72.87 -6.91 85.13
N CYS B 1124 -72.58 -6.15 86.17
CA CYS B 1124 -71.19 -5.82 86.54
C CYS B 1124 -70.53 -7.04 87.19
N ASP B 1125 -70.25 -8.04 86.35
CA ASP B 1125 -69.57 -9.25 86.79
C ASP B 1125 -68.43 -9.71 85.89
N VAL B 1126 -68.41 -9.30 84.62
CA VAL B 1126 -67.42 -9.82 83.68
C VAL B 1126 -66.46 -8.75 83.18
N VAL B 1127 -66.68 -7.49 83.49
CA VAL B 1127 -65.81 -6.41 83.05
C VAL B 1127 -64.68 -6.25 84.05
N ILE B 1128 -63.47 -6.04 83.54
CA ILE B 1128 -62.28 -5.91 84.38
C ILE B 1128 -62.04 -4.43 84.62
N GLY B 1129 -62.27 -3.98 85.85
CA GLY B 1129 -62.04 -2.60 86.21
C GLY B 1129 -63.28 -1.75 86.44
N ILE B 1130 -64.46 -2.36 86.47
CA ILE B 1130 -65.68 -1.61 86.67
C ILE B 1130 -65.70 -1.02 88.09
N VAL B 1131 -66.28 0.17 88.21
CA VAL B 1131 -66.31 0.87 89.49
C VAL B 1131 -67.76 1.12 89.89
N ASN B 1132 -67.94 1.47 91.15
CA ASN B 1132 -69.26 1.74 91.71
C ASN B 1132 -69.53 3.24 91.72
N ASN B 1133 -70.74 3.62 91.32
CA ASN B 1133 -71.19 5.00 91.39
C ASN B 1133 -72.70 4.99 91.19
N THR B 1134 -73.28 6.19 91.07
CA THR B 1134 -74.71 6.33 90.85
C THR B 1134 -74.96 6.99 89.51
N VAL B 1135 -76.06 6.61 88.87
CA VAL B 1135 -76.47 7.16 87.59
C VAL B 1135 -77.83 7.82 87.79
N TYR B 1136 -77.94 9.06 87.34
CA TYR B 1136 -79.12 9.87 87.57
C TYR B 1136 -79.99 9.90 86.33
N ASP B 1137 -81.31 9.98 86.55
CA ASP B 1137 -82.26 10.09 85.46
C ASP B 1137 -83.27 11.19 85.76
N PRO B 1138 -83.78 11.87 84.74
CA PRO B 1138 -84.60 13.06 84.97
C PRO B 1138 -86.06 12.77 85.23
N LEU B 1139 -86.53 11.60 84.82
CA LEU B 1139 -87.95 11.30 84.90
C LEU B 1139 -88.45 11.30 86.34
N GLN B 1140 -87.71 10.68 87.24
CA GLN B 1140 -88.15 10.61 88.63
C GLN B 1140 -88.25 11.99 89.28
N PRO B 1141 -87.25 12.86 89.20
CA PRO B 1141 -87.45 14.22 89.73
C PRO B 1141 -88.57 14.98 89.02
N GLU B 1142 -88.73 14.77 87.71
CA GLU B 1142 -89.82 15.46 87.02
C GLU B 1142 -91.18 14.89 87.35
N LEU B 1143 -91.26 13.74 88.00
CA LEU B 1143 -92.55 13.20 88.39
C LEU B 1143 -93.24 14.02 89.46
N ASP B 1144 -92.50 14.89 90.16
CA ASP B 1144 -93.08 15.66 91.25
C ASP B 1144 -93.23 17.13 90.86
N GLN C 14 16.25 -59.94 18.17
CA GLN C 14 15.11 -60.74 18.65
C GLN C 14 13.83 -60.34 17.92
N CYS C 15 13.96 -59.97 16.66
CA CYS C 15 12.82 -59.55 15.84
C CYS C 15 12.03 -60.80 15.43
N VAL C 16 11.28 -61.35 16.38
CA VAL C 16 10.55 -62.59 16.19
C VAL C 16 9.06 -62.30 16.17
N ASN C 17 8.31 -63.20 15.55
CA ASN C 17 6.85 -63.11 15.52
C ASN C 17 6.26 -64.08 16.53
N LEU C 18 5.13 -63.69 17.12
CA LEU C 18 4.49 -64.46 18.17
C LEU C 18 3.11 -64.96 17.77
N ARG C 19 2.22 -64.08 17.32
CA ARG C 19 0.87 -64.47 16.93
C ARG C 19 0.48 -63.76 15.64
N THR C 20 -0.46 -64.37 14.92
CA THR C 20 -0.95 -63.85 13.65
C THR C 20 -2.36 -63.29 13.75
N ARG C 21 -3.29 -64.07 14.29
CA ARG C 21 -4.70 -63.65 14.42
C ARG C 21 -5.17 -63.97 15.84
N THR C 22 -5.01 -63.02 16.74
CA THR C 22 -5.52 -63.14 18.10
C THR C 22 -7.00 -62.77 18.11
N GLN C 23 -7.57 -62.54 19.30
CA GLN C 23 -8.98 -62.19 19.41
C GLN C 23 -9.27 -60.92 18.62
N LEU C 24 -10.01 -61.06 17.52
CA LEU C 24 -10.23 -59.98 16.56
C LEU C 24 -11.29 -58.97 17.02
N PRO C 25 -12.51 -59.39 17.37
CA PRO C 25 -13.59 -58.41 17.58
C PRO C 25 -13.29 -57.49 18.77
N PRO C 26 -13.21 -56.19 18.53
CA PRO C 26 -12.97 -55.25 19.63
C PRO C 26 -14.27 -54.93 20.35
N ALA C 27 -14.26 -55.05 21.67
CA ALA C 27 -15.50 -54.84 22.40
C ALA C 27 -15.77 -53.35 22.58
N TYR C 28 -17.01 -53.02 22.90
CA TYR C 28 -17.40 -51.67 23.25
C TYR C 28 -17.92 -51.65 24.68
N THR C 29 -17.71 -50.55 25.38
CA THR C 29 -18.30 -50.38 26.70
C THR C 29 -18.48 -48.90 26.98
N ASN C 30 -19.00 -48.59 28.16
CA ASN C 30 -19.46 -47.25 28.48
C ASN C 30 -18.38 -46.49 29.26
N SER C 31 -18.22 -45.22 28.91
CA SER C 31 -17.21 -44.38 29.55
C SER C 31 -17.65 -43.91 30.93
N PHE C 32 -18.94 -43.64 31.10
CA PHE C 32 -19.50 -43.08 32.35
C PHE C 32 -18.89 -41.69 32.55
N THR C 33 -18.31 -41.40 33.71
CA THR C 33 -17.86 -40.05 34.02
C THR C 33 -16.36 -40.00 34.30
N ARG C 34 -15.57 -40.66 33.47
CA ARG C 34 -14.13 -40.70 33.65
C ARG C 34 -13.42 -39.90 32.56
N GLY C 35 -12.23 -39.40 32.89
CA GLY C 35 -11.43 -38.69 31.92
C GLY C 35 -11.43 -37.19 32.07
N VAL C 36 -11.32 -36.70 33.31
CA VAL C 36 -11.28 -35.27 33.60
C VAL C 36 -9.90 -34.92 34.11
N TYR C 37 -9.32 -33.84 33.59
CA TYR C 37 -7.98 -33.41 33.95
C TYR C 37 -7.99 -31.91 34.21
N TYR C 38 -7.03 -31.47 35.01
CA TYR C 38 -6.87 -30.05 35.28
C TYR C 38 -6.40 -29.34 34.03
N PRO C 39 -7.16 -28.38 33.50
CA PRO C 39 -6.80 -27.76 32.23
C PRO C 39 -5.73 -26.68 32.33
N ASP C 40 -5.27 -26.32 33.53
CA ASP C 40 -4.26 -25.29 33.68
C ASP C 40 -3.62 -25.44 35.06
N LYS C 41 -2.75 -24.50 35.42
CA LYS C 41 -2.05 -24.51 36.69
C LYS C 41 -2.57 -23.45 37.64
N VAL C 42 -3.80 -23.02 37.47
CA VAL C 42 -4.40 -21.98 38.29
C VAL C 42 -5.07 -22.61 39.50
N PHE C 43 -4.99 -21.93 40.64
CA PHE C 43 -5.62 -22.38 41.87
C PHE C 43 -6.95 -21.65 42.04
N ARG C 44 -7.99 -22.42 42.33
CA ARG C 44 -9.32 -21.87 42.61
C ARG C 44 -9.90 -22.60 43.82
N SER C 45 -10.66 -21.88 44.63
CA SER C 45 -11.18 -22.43 45.87
C SER C 45 -12.69 -22.24 45.93
N SER C 46 -13.41 -23.35 46.06
CA SER C 46 -14.85 -23.35 46.28
C SER C 46 -15.57 -22.47 45.26
N VAL C 47 -15.47 -22.84 44.00
CA VAL C 47 -16.02 -22.04 42.92
C VAL C 47 -16.37 -22.94 41.74
N LEU C 48 -17.33 -22.48 40.95
CA LEU C 48 -17.74 -23.17 39.74
C LEU C 48 -17.15 -22.45 38.54
N HIS C 49 -16.50 -23.19 37.64
CA HIS C 49 -15.82 -22.60 36.51
C HIS C 49 -16.22 -23.32 35.24
N SER C 50 -16.57 -22.57 34.20
CA SER C 50 -16.95 -23.14 32.92
C SER C 50 -15.82 -22.96 31.93
N THR C 51 -15.43 -24.05 31.27
CA THR C 51 -14.29 -24.00 30.36
C THR C 51 -14.56 -24.80 29.10
N GLN C 52 -14.05 -24.32 27.98
CA GLN C 52 -14.19 -24.97 26.69
C GLN C 52 -12.85 -25.54 26.27
N ASP C 53 -12.79 -26.85 26.04
CA ASP C 53 -11.54 -27.52 25.71
C ASP C 53 -11.88 -28.91 25.18
N LEU C 54 -10.85 -29.72 24.98
CA LEU C 54 -11.01 -31.08 24.46
C LEU C 54 -11.15 -32.05 25.62
N PHE C 55 -12.27 -32.78 25.66
CA PHE C 55 -12.53 -33.73 26.73
C PHE C 55 -13.10 -35.01 26.14
N LEU C 56 -13.33 -35.98 27.02
CA LEU C 56 -13.97 -37.23 26.65
C LEU C 56 -15.43 -37.16 27.05
N PRO C 57 -16.37 -37.19 26.10
CA PRO C 57 -17.78 -36.99 26.45
C PRO C 57 -18.29 -38.01 27.45
N PHE C 58 -19.20 -37.57 28.31
CA PHE C 58 -19.75 -38.45 29.32
C PHE C 58 -20.57 -39.57 28.67
N PHE C 59 -20.51 -40.76 29.28
CA PHE C 59 -21.26 -41.91 28.80
C PHE C 59 -21.00 -42.19 27.33
N SER C 60 -19.73 -42.09 26.95
CA SER C 60 -19.35 -42.30 25.56
C SER C 60 -19.11 -43.79 25.32
N ASN C 61 -18.64 -44.12 24.12
CA ASN C 61 -18.39 -45.49 23.72
C ASN C 61 -16.88 -45.70 23.66
N VAL C 62 -16.33 -46.32 24.70
CA VAL C 62 -14.90 -46.56 24.80
C VAL C 62 -14.61 -47.97 24.34
N THR C 63 -13.56 -48.13 23.53
CA THR C 63 -13.26 -49.40 22.89
C THR C 63 -12.37 -50.23 23.79
N TRP C 64 -12.75 -51.49 24.02
CA TRP C 64 -12.02 -52.40 24.87
C TRP C 64 -11.26 -53.40 24.00
N PHE C 65 -9.96 -53.52 24.26
CA PHE C 65 -9.10 -54.49 23.59
C PHE C 65 -8.64 -55.52 24.61
N HIS C 66 -8.68 -56.79 24.21
CA HIS C 66 -8.27 -57.86 25.09
C HIS C 66 -7.15 -58.68 24.47
N ASN C 81 -3.64 -56.09 18.60
CA ASN C 81 -2.95 -54.90 19.06
C ASN C 81 -2.39 -54.10 17.88
N PRO C 82 -3.28 -53.55 17.07
CA PRO C 82 -2.85 -52.89 15.83
C PRO C 82 -2.51 -51.42 16.02
N VAL C 83 -2.16 -50.76 14.93
CA VAL C 83 -1.88 -49.32 14.95
C VAL C 83 -3.21 -48.57 14.89
N LEU C 84 -3.46 -47.72 15.89
CA LEU C 84 -4.71 -46.99 15.97
C LEU C 84 -4.50 -45.51 15.66
N PRO C 85 -5.51 -44.83 15.15
CA PRO C 85 -5.37 -43.39 14.89
C PRO C 85 -5.28 -42.60 16.18
N PHE C 86 -4.60 -41.46 16.10
CA PHE C 86 -4.47 -40.56 17.23
C PHE C 86 -5.53 -39.47 17.24
N ASN C 87 -5.98 -39.05 16.06
CA ASN C 87 -6.99 -37.99 15.90
C ASN C 87 -6.46 -36.74 16.57
N ASP C 88 -7.13 -36.19 17.59
CA ASP C 88 -6.66 -34.99 18.27
C ASP C 88 -6.21 -35.23 19.70
N GLY C 89 -6.57 -36.36 20.30
CA GLY C 89 -6.12 -36.69 21.63
C GLY C 89 -6.57 -38.08 21.99
N VAL C 90 -5.95 -38.64 23.02
CA VAL C 90 -6.24 -40.02 23.38
C VAL C 90 -6.37 -40.16 24.88
N TYR C 91 -7.40 -40.87 25.33
CA TYR C 91 -7.54 -41.32 26.70
C TYR C 91 -7.26 -42.82 26.74
N PHE C 92 -6.33 -43.22 27.60
CA PHE C 92 -5.86 -44.60 27.67
C PHE C 92 -6.06 -45.10 29.09
N ALA C 93 -6.63 -46.29 29.24
CA ALA C 93 -6.87 -46.84 30.57
C ALA C 93 -6.45 -48.30 30.60
N SER C 94 -5.97 -48.73 31.77
CA SER C 94 -5.56 -50.12 31.93
C SER C 94 -5.85 -50.58 33.35
N THR C 95 -6.63 -51.65 33.47
CA THR C 95 -6.83 -52.34 34.74
C THR C 95 -5.73 -53.39 34.87
N GLU C 96 -4.55 -52.91 35.23
CA GLU C 96 -3.33 -53.69 35.14
C GLU C 96 -2.94 -54.29 36.49
N LYS C 97 -2.27 -55.44 36.41
CA LYS C 97 -1.51 -56.00 37.51
C LYS C 97 -0.21 -56.57 36.92
N SER C 98 0.90 -56.35 37.64
CA SER C 98 2.22 -56.77 37.21
C SER C 98 2.67 -56.08 35.92
N ASN C 99 2.07 -54.91 35.63
CA ASN C 99 2.52 -53.95 34.63
C ASN C 99 3.15 -54.55 33.37
N ILE C 100 2.41 -55.40 32.67
CA ILE C 100 2.92 -55.99 31.44
C ILE C 100 3.16 -54.93 30.38
N ILE C 101 2.27 -53.93 30.31
CA ILE C 101 2.47 -52.84 29.37
C ILE C 101 3.76 -52.10 29.72
N ARG C 102 4.47 -51.65 28.69
CA ARG C 102 5.80 -51.08 28.90
C ARG C 102 5.96 -49.66 28.37
N GLY C 103 5.30 -49.31 27.26
CA GLY C 103 5.52 -48.01 26.70
C GLY C 103 4.61 -47.74 25.52
N TRP C 104 4.99 -46.73 24.75
CA TRP C 104 4.18 -46.24 23.65
C TRP C 104 5.08 -45.74 22.52
N ILE C 105 4.53 -45.78 21.30
CA ILE C 105 5.22 -45.33 20.10
C ILE C 105 4.29 -44.38 19.36
N PHE C 106 4.83 -43.26 18.90
CA PHE C 106 4.06 -42.25 18.20
C PHE C 106 4.78 -41.84 16.92
N GLY C 107 4.01 -41.61 15.87
CA GLY C 107 4.57 -41.15 14.62
C GLY C 107 3.55 -41.21 13.51
N THR C 108 4.03 -40.98 12.28
CA THR C 108 3.20 -41.05 11.09
C THR C 108 3.62 -42.18 10.17
N THR C 109 4.89 -42.21 9.74
CA THR C 109 5.39 -43.25 8.86
C THR C 109 5.99 -44.42 9.62
N LEU C 110 6.34 -44.22 10.90
CA LEU C 110 6.84 -45.29 11.76
C LEU C 110 8.10 -45.92 11.19
N ASP C 111 9.00 -45.09 10.66
CA ASP C 111 10.26 -45.56 10.12
C ASP C 111 11.26 -44.41 10.16
N SER C 112 12.43 -44.62 9.53
CA SER C 112 13.51 -43.66 9.62
C SER C 112 13.28 -42.42 8.76
N LYS C 113 12.25 -42.41 7.92
CA LYS C 113 12.04 -41.27 7.02
C LYS C 113 11.36 -40.10 7.72
N THR C 114 10.93 -40.25 8.97
CA THR C 114 10.23 -39.19 9.67
C THR C 114 10.52 -39.30 11.16
N GLN C 115 10.27 -38.20 11.87
CA GLN C 115 10.39 -38.18 13.32
C GLN C 115 9.49 -39.25 13.94
N SER C 116 9.95 -39.82 15.05
CA SER C 116 9.14 -40.74 15.83
C SER C 116 9.48 -40.59 17.30
N LEU C 117 8.46 -40.78 18.14
CA LEU C 117 8.59 -40.63 19.58
C LEU C 117 8.43 -41.99 20.25
N LEU C 118 9.29 -42.28 21.22
CA LEU C 118 9.30 -43.55 21.91
C LEU C 118 9.33 -43.30 23.41
N ILE C 119 8.48 -44.02 24.14
CA ILE C 119 8.45 -43.94 25.60
C ILE C 119 8.47 -45.37 26.14
N VAL C 120 9.39 -45.64 27.07
CA VAL C 120 9.42 -46.93 27.75
C VAL C 120 9.56 -46.70 29.24
N ASN C 121 9.14 -47.69 30.02
CA ASN C 121 9.23 -47.63 31.48
C ASN C 121 9.80 -48.96 31.98
N ASN C 122 11.08 -48.97 32.34
CA ASN C 122 11.67 -50.14 32.95
C ASN C 122 11.75 -49.95 34.45
N ALA C 123 12.34 -50.93 35.13
CA ALA C 123 12.24 -51.02 36.60
C ALA C 123 12.94 -49.87 37.31
N THR C 124 13.78 -49.09 36.62
CA THR C 124 14.58 -48.07 37.29
C THR C 124 14.21 -46.65 36.90
N ASN C 125 13.97 -46.37 35.62
CA ASN C 125 13.74 -45.00 35.20
C ASN C 125 12.98 -44.99 33.88
N VAL C 126 11.89 -44.22 33.83
CA VAL C 126 11.18 -44.01 32.57
C VAL C 126 12.09 -43.28 31.60
N VAL C 127 12.09 -43.74 30.34
CA VAL C 127 12.98 -43.24 29.31
C VAL C 127 12.13 -42.74 28.14
N ILE C 128 12.49 -41.56 27.63
CA ILE C 128 11.78 -40.93 26.52
C ILE C 128 12.81 -40.54 25.47
N LYS C 129 12.53 -40.88 24.22
CA LYS C 129 13.44 -40.57 23.12
C LYS C 129 12.66 -40.09 21.91
N VAL C 130 13.31 -39.29 21.07
CA VAL C 130 12.74 -38.80 19.82
C VAL C 130 13.77 -39.03 18.73
N CYS C 131 13.52 -40.04 17.88
CA CYS C 131 14.50 -40.39 16.85
C CYS C 131 13.77 -40.97 15.64
N GLU C 132 14.56 -41.37 14.64
CA GLU C 132 14.07 -42.07 13.46
C GLU C 132 14.48 -43.53 13.59
N PHE C 133 13.58 -44.35 14.13
CA PHE C 133 13.89 -45.76 14.28
C PHE C 133 13.41 -46.55 13.06
N GLN C 134 13.77 -47.83 13.03
CA GLN C 134 13.15 -48.82 12.16
C GLN C 134 12.57 -49.87 13.09
N PHE C 135 11.33 -49.62 13.53
CA PHE C 135 10.67 -50.53 14.45
C PHE C 135 10.40 -51.85 13.76
N CYS C 136 10.53 -52.93 14.52
CA CYS C 136 10.12 -54.24 14.04
C CYS C 136 8.62 -54.24 13.79
N ASN C 137 8.19 -55.04 12.82
CA ASN C 137 6.77 -55.10 12.50
C ASN C 137 5.95 -55.60 13.68
N ASP C 138 6.56 -56.43 14.55
CA ASP C 138 5.95 -56.89 15.79
C ASP C 138 6.92 -56.53 16.91
N PRO C 139 6.97 -55.27 17.33
CA PRO C 139 8.02 -54.82 18.24
C PRO C 139 7.70 -55.19 19.69
N PHE C 140 8.51 -56.08 20.25
CA PHE C 140 8.37 -56.56 21.63
C PHE C 140 9.69 -56.40 22.34
N LEU C 141 9.63 -56.13 23.65
CA LEU C 141 10.85 -55.90 24.42
C LEU C 141 11.49 -57.22 24.84
N ASP C 142 10.79 -57.99 25.66
CA ASP C 142 11.31 -59.23 26.27
C ASP C 142 12.53 -58.96 27.13
N VAL C 143 13.02 -59.98 27.82
CA VAL C 143 14.18 -59.86 28.70
C VAL C 143 15.17 -60.96 28.37
N TYR C 144 16.42 -60.59 28.13
CA TYR C 144 17.47 -61.54 27.81
C TYR C 144 18.84 -60.99 28.20
N GLU C 154 17.36 -52.59 26.22
CA GLU C 154 16.25 -51.80 25.71
C GLU C 154 16.21 -51.82 24.19
N SER C 155 16.25 -53.03 23.63
CA SER C 155 16.21 -53.21 22.18
C SER C 155 15.26 -54.36 21.88
N GLY C 156 15.28 -54.83 20.64
CA GLY C 156 14.35 -55.84 20.20
C GLY C 156 13.05 -55.30 19.64
N VAL C 157 12.89 -53.98 19.60
CA VAL C 157 11.72 -53.36 18.98
C VAL C 157 12.11 -52.56 17.75
N TYR C 158 13.22 -51.84 17.80
CA TYR C 158 13.72 -51.06 16.69
C TYR C 158 14.98 -51.72 16.15
N SER C 159 15.09 -51.77 14.82
CA SER C 159 16.29 -52.32 14.20
C SER C 159 17.35 -51.26 13.95
N SER C 160 17.05 -49.99 14.18
CA SER C 160 18.03 -48.92 14.02
C SER C 160 17.61 -47.73 14.88
N ALA C 161 18.58 -46.85 15.11
CA ALA C 161 18.34 -45.64 15.91
C ALA C 161 19.40 -44.62 15.53
N ASN C 162 18.97 -43.51 14.93
CA ASN C 162 19.92 -42.50 14.45
C ASN C 162 19.26 -41.14 14.47
N ASN C 163 20.11 -40.11 14.43
CA ASN C 163 19.66 -38.72 14.36
C ASN C 163 18.71 -38.38 15.51
N CYS C 164 19.04 -38.87 16.70
CA CYS C 164 18.22 -38.61 17.87
C CYS C 164 18.29 -37.14 18.25
N THR C 165 17.15 -36.59 18.67
CA THR C 165 17.04 -35.17 19.00
C THR C 165 16.79 -34.93 20.48
N PHE C 166 15.74 -35.53 21.04
CA PHE C 166 15.37 -35.31 22.43
C PHE C 166 15.52 -36.61 23.21
N GLU C 167 16.08 -36.50 24.40
CA GLU C 167 16.17 -37.61 25.35
C GLU C 167 15.72 -37.14 26.72
N TYR C 168 15.25 -38.09 27.52
CA TYR C 168 14.71 -37.76 28.83
C TYR C 168 14.73 -39.00 29.70
N VAL C 169 15.10 -38.83 30.97
CA VAL C 169 15.06 -39.91 31.95
C VAL C 169 14.42 -39.37 33.22
N SER C 170 13.52 -40.14 33.81
CA SER C 170 12.85 -39.72 35.04
C SER C 170 12.48 -40.96 35.85
N GLN C 171 11.77 -40.74 36.95
CA GLN C 171 11.27 -41.85 37.75
C GLN C 171 10.11 -42.54 37.03
N PRO C 172 10.07 -43.87 37.00
CA PRO C 172 9.06 -44.57 36.21
C PRO C 172 7.64 -44.21 36.61
N PHE C 173 6.77 -44.14 35.61
CA PHE C 173 5.37 -43.78 35.86
C PHE C 173 4.69 -44.82 36.74
N LEU C 174 4.91 -46.09 36.47
CA LEU C 174 4.20 -47.17 37.17
C LEU C 174 4.96 -47.61 38.42
N LYS C 185 -4.70 -55.38 39.85
CA LYS C 185 -5.65 -54.75 40.76
C LYS C 185 -5.45 -53.25 40.85
N ASN C 186 -4.76 -52.68 39.87
CA ASN C 186 -4.54 -51.24 39.83
C ASN C 186 -5.16 -50.67 38.56
N LEU C 187 -5.61 -49.43 38.64
CA LEU C 187 -6.16 -48.72 37.49
C LEU C 187 -5.22 -47.59 37.13
N ARG C 188 -4.71 -47.61 35.90
CA ARG C 188 -3.82 -46.59 35.40
C ARG C 188 -4.53 -45.85 34.29
N GLU C 189 -4.65 -44.53 34.44
CA GLU C 189 -5.31 -43.68 33.47
C GLU C 189 -4.33 -42.65 32.96
N PHE C 190 -4.29 -42.45 31.65
CA PHE C 190 -3.40 -41.49 31.04
C PHE C 190 -4.16 -40.73 29.96
N VAL C 191 -3.76 -39.47 29.76
CA VAL C 191 -4.32 -38.63 28.71
C VAL C 191 -3.16 -38.05 27.93
N PHE C 192 -3.16 -38.25 26.62
CA PHE C 192 -2.12 -37.76 25.74
C PHE C 192 -2.70 -36.72 24.80
N LYS C 193 -2.09 -35.54 24.79
CA LYS C 193 -2.49 -34.43 23.93
C LYS C 193 -1.26 -33.88 23.24
N ASN C 194 -1.48 -33.27 22.07
CA ASN C 194 -0.39 -32.69 21.31
C ASN C 194 -0.89 -31.44 20.61
N ILE C 195 -0.28 -30.30 20.92
CA ILE C 195 -0.71 -29.03 20.35
C ILE C 195 0.40 -28.01 20.56
N ASP C 196 0.58 -27.11 19.59
CA ASP C 196 1.55 -26.03 19.66
C ASP C 196 2.96 -26.56 19.88
N GLY C 197 3.30 -27.65 19.21
CA GLY C 197 4.61 -28.24 19.33
C GLY C 197 4.90 -28.73 20.74
N TYR C 198 3.85 -28.87 21.53
CA TYR C 198 3.96 -29.31 22.91
C TYR C 198 3.17 -30.60 23.09
N PHE C 199 3.81 -31.60 23.65
CA PHE C 199 3.19 -32.89 23.95
C PHE C 199 2.90 -32.94 25.45
N LYS C 200 1.63 -33.04 25.80
CA LYS C 200 1.20 -33.02 27.19
C LYS C 200 0.72 -34.40 27.61
N ILE C 201 1.13 -34.82 28.79
CA ILE C 201 0.77 -36.12 29.35
C ILE C 201 0.24 -35.91 30.75
N TYR C 202 -1.00 -36.32 30.97
CA TYR C 202 -1.63 -36.32 32.29
C TYR C 202 -1.84 -37.76 32.73
N SER C 203 -1.88 -37.98 34.04
CA SER C 203 -1.91 -39.35 34.53
C SER C 203 -2.61 -39.42 35.87
N LYS C 204 -2.98 -40.65 36.25
CA LYS C 204 -3.56 -40.92 37.55
C LYS C 204 -3.51 -42.42 37.82
N HIS C 205 -3.24 -42.78 39.07
CA HIS C 205 -3.25 -44.16 39.53
C HIS C 205 -4.33 -44.32 40.59
N THR C 206 -5.02 -45.47 40.58
CA THR C 206 -6.13 -45.68 41.49
C THR C 206 -6.16 -47.13 41.98
N PRO C 207 -6.33 -47.35 43.28
CA PRO C 207 -6.55 -48.71 43.78
C PRO C 207 -7.96 -49.16 43.47
N ILE C 208 -8.10 -50.05 42.50
CA ILE C 208 -9.40 -50.51 42.02
C ILE C 208 -9.71 -51.86 42.64
N ASN C 209 -10.96 -52.04 43.06
CA ASN C 209 -11.42 -53.31 43.60
C ASN C 209 -12.43 -54.02 42.70
N LEU C 210 -12.91 -53.36 41.64
CA LEU C 210 -13.87 -53.98 40.75
C LEU C 210 -13.15 -54.95 39.81
N VAL C 211 -13.91 -55.87 39.25
CA VAL C 211 -13.35 -57.03 38.57
C VAL C 211 -13.21 -56.82 37.07
N ARG C 212 -14.20 -56.20 36.42
CA ARG C 212 -14.28 -56.22 34.97
C ARG C 212 -13.99 -54.89 34.31
N ASP C 213 -14.73 -53.83 34.65
CA ASP C 213 -14.68 -52.61 33.86
C ASP C 213 -14.51 -51.35 34.71
N LEU C 214 -14.67 -50.20 34.07
CA LEU C 214 -14.41 -48.93 34.75
C LEU C 214 -15.43 -48.70 35.86
N PRO C 215 -15.02 -48.12 36.97
CA PRO C 215 -15.95 -47.89 38.08
C PRO C 215 -16.84 -46.68 37.86
N GLN C 216 -17.88 -46.60 38.68
CA GLN C 216 -18.82 -45.47 38.66
C GLN C 216 -18.38 -44.37 39.61
N GLY C 217 -17.13 -43.91 39.48
CA GLY C 217 -16.57 -42.91 40.37
C GLY C 217 -16.08 -41.70 39.61
N PHE C 218 -15.59 -40.73 40.37
CA PHE C 218 -15.05 -39.50 39.82
C PHE C 218 -13.69 -39.21 40.42
N SER C 219 -12.74 -38.83 39.55
CA SER C 219 -11.40 -38.48 39.99
C SER C 219 -10.70 -37.72 38.87
N ALA C 220 -10.18 -36.54 39.21
CA ALA C 220 -9.51 -35.72 38.21
C ALA C 220 -8.09 -36.23 37.97
N LEU C 221 -7.50 -35.77 36.88
CA LEU C 221 -6.17 -36.21 36.45
C LEU C 221 -5.21 -35.03 36.56
N GLU C 222 -4.11 -35.23 37.29
CA GLU C 222 -3.11 -34.20 37.45
C GLU C 222 -2.21 -34.12 36.21
N PRO C 223 -1.68 -32.95 35.90
CA PRO C 223 -0.70 -32.86 34.82
C PRO C 223 0.61 -33.49 35.25
N LEU C 224 1.20 -34.26 34.34
CA LEU C 224 2.41 -35.01 34.66
C LEU C 224 3.63 -34.47 33.93
N VAL C 225 3.61 -34.46 32.59
CA VAL C 225 4.80 -34.10 31.83
C VAL C 225 4.42 -33.24 30.64
N ASP C 226 5.30 -32.31 30.28
CA ASP C 226 5.18 -31.53 29.05
C ASP C 226 6.48 -31.61 28.28
N LEU C 227 6.36 -31.74 26.96
CA LEU C 227 7.51 -31.85 26.08
C LEU C 227 7.45 -30.74 25.03
N PRO C 228 8.48 -29.90 24.94
CA PRO C 228 8.50 -28.84 23.91
C PRO C 228 9.15 -29.29 22.61
N ILE C 229 8.54 -30.28 21.95
CA ILE C 229 9.09 -30.88 20.74
C ILE C 229 8.03 -30.86 19.65
N GLY C 230 8.39 -30.35 18.48
CA GLY C 230 7.45 -30.28 17.37
C GLY C 230 7.41 -31.61 16.62
N ILE C 231 6.19 -32.11 16.40
CA ILE C 231 5.98 -33.38 15.70
C ILE C 231 4.55 -33.41 15.20
N ASN C 232 4.27 -34.32 14.26
CA ASN C 232 2.92 -34.52 13.72
C ASN C 232 2.32 -35.89 13.99
N ILE C 233 2.37 -36.37 15.24
CA ILE C 233 1.80 -37.68 15.56
C ILE C 233 0.40 -37.80 14.96
N THR C 234 0.14 -38.92 14.29
CA THR C 234 -1.17 -39.20 13.72
C THR C 234 -1.66 -40.59 14.12
N ARG C 235 -0.74 -41.50 14.40
CA ARG C 235 -1.06 -42.85 14.80
C ARG C 235 -0.13 -43.28 15.91
N PHE C 236 -0.52 -44.31 16.65
CA PHE C 236 0.29 -44.78 17.76
C PHE C 236 0.11 -46.28 17.92
N GLN C 237 0.79 -46.84 18.93
CA GLN C 237 0.89 -48.28 19.13
C GLN C 237 1.26 -48.54 20.59
N THR C 238 0.85 -49.69 21.09
CA THR C 238 1.15 -50.10 22.46
C THR C 238 2.32 -51.08 22.47
N LEU C 239 3.07 -51.07 23.57
CA LEU C 239 4.26 -51.89 23.72
C LEU C 239 4.10 -52.85 24.89
N LEU C 240 4.39 -54.12 24.65
CA LEU C 240 4.32 -55.16 25.67
C LEU C 240 5.62 -55.94 25.69
N ALA C 241 5.98 -56.41 26.88
CA ALA C 241 7.15 -57.27 27.08
C ALA C 241 6.65 -58.58 27.67
N LEU C 242 6.48 -59.59 26.82
CA LEU C 242 5.98 -60.90 27.23
C LEU C 242 7.10 -61.92 27.13
N HIS C 243 7.27 -62.71 28.19
CA HIS C 243 8.24 -63.79 28.17
C HIS C 243 7.88 -64.81 27.09
N ARG C 244 8.91 -65.32 26.42
CA ARG C 244 8.70 -66.30 25.35
C ARG C 244 8.21 -67.61 25.96
N SER C 245 6.94 -67.93 25.73
CA SER C 245 6.34 -69.15 26.27
C SER C 245 5.19 -69.62 25.38
N ALA C 260 -2.71 -61.30 24.97
CA ALA C 260 -4.01 -61.12 25.59
C ALA C 260 -3.92 -60.11 26.73
N ALA C 261 -4.02 -58.82 26.39
CA ALA C 261 -3.94 -57.74 27.35
C ALA C 261 -5.19 -56.89 27.26
N ALA C 262 -5.78 -56.58 28.41
CA ALA C 262 -7.04 -55.85 28.48
C ALA C 262 -6.77 -54.38 28.77
N TYR C 263 -7.26 -53.50 27.90
CA TYR C 263 -7.15 -52.07 28.13
C TYR C 263 -8.25 -51.36 27.33
N TYR C 264 -8.37 -50.06 27.56
CA TYR C 264 -9.48 -49.28 27.02
C TYR C 264 -8.94 -48.02 26.36
N VAL C 265 -9.56 -47.66 25.23
CA VAL C 265 -9.13 -46.51 24.44
C VAL C 265 -10.34 -45.64 24.14
N GLY C 266 -10.20 -44.33 24.36
CA GLY C 266 -11.23 -43.38 24.02
C GLY C 266 -10.64 -42.16 23.36
N TYR C 267 -11.48 -41.41 22.66
CA TYR C 267 -11.05 -40.27 21.87
C TYR C 267 -11.68 -38.99 22.41
N LEU C 268 -11.00 -37.87 22.17
CA LEU C 268 -11.40 -36.58 22.71
C LEU C 268 -12.04 -35.72 21.64
N GLN C 269 -12.94 -34.85 22.08
CA GLN C 269 -13.65 -33.92 21.21
C GLN C 269 -13.75 -32.58 21.91
N PRO C 270 -13.87 -31.48 21.16
CA PRO C 270 -13.99 -30.16 21.79
C PRO C 270 -15.41 -29.90 22.26
N ARG C 271 -15.54 -29.42 23.48
CA ARG C 271 -16.84 -29.10 24.08
C ARG C 271 -16.60 -28.31 25.36
N THR C 272 -17.69 -27.94 26.02
CA THR C 272 -17.64 -27.13 27.22
C THR C 272 -18.04 -27.96 28.42
N PHE C 273 -17.38 -27.70 29.56
CA PHE C 273 -17.61 -28.41 30.80
C PHE C 273 -17.78 -27.39 31.92
N LEU C 274 -18.46 -27.82 32.97
CA LEU C 274 -18.54 -27.04 34.21
C LEU C 274 -17.86 -27.83 35.32
N LEU C 275 -16.93 -27.20 36.02
CA LEU C 275 -16.11 -27.86 37.03
C LEU C 275 -16.33 -27.21 38.39
N LYS C 276 -16.28 -28.02 39.44
CA LYS C 276 -16.42 -27.53 40.80
C LYS C 276 -15.09 -27.68 41.53
N TYR C 277 -14.59 -26.59 42.09
CA TYR C 277 -13.37 -26.59 42.88
C TYR C 277 -13.74 -26.44 44.35
N ASN C 278 -13.26 -27.36 45.17
CA ASN C 278 -13.52 -27.31 46.60
C ASN C 278 -12.57 -26.30 47.24
N GLU C 279 -12.51 -26.31 48.58
CA GLU C 279 -11.72 -25.30 49.29
C GLU C 279 -10.23 -25.48 49.02
N ASN C 280 -9.77 -26.71 48.84
CA ASN C 280 -8.36 -26.99 48.65
C ASN C 280 -7.95 -27.05 47.19
N GLY C 281 -8.78 -26.51 46.29
CA GLY C 281 -8.42 -26.46 44.88
C GLY C 281 -8.34 -27.82 44.21
N THR C 282 -9.22 -28.74 44.57
CA THR C 282 -9.30 -30.04 43.93
C THR C 282 -10.65 -30.17 43.23
N ILE C 283 -10.63 -30.67 42.00
CA ILE C 283 -11.87 -30.86 41.25
C ILE C 283 -12.60 -32.06 41.83
N THR C 284 -13.81 -31.82 42.35
CA THR C 284 -14.60 -32.88 42.94
C THR C 284 -15.81 -33.28 42.12
N ASP C 285 -16.23 -32.45 41.17
CA ASP C 285 -17.37 -32.81 40.33
C ASP C 285 -17.36 -31.98 39.06
N ALA C 286 -18.04 -32.50 38.04
CA ALA C 286 -18.11 -31.83 36.75
C ALA C 286 -19.44 -32.16 36.09
N VAL C 287 -19.81 -31.30 35.16
CA VAL C 287 -21.06 -31.43 34.40
C VAL C 287 -20.74 -31.23 32.92
N ASP C 288 -21.06 -32.23 32.12
CA ASP C 288 -21.05 -32.07 30.67
C ASP C 288 -22.18 -31.15 30.26
N CYS C 289 -21.92 -30.34 29.25
CA CYS C 289 -22.83 -29.24 28.92
C CYS C 289 -23.66 -29.50 27.67
N ALA C 290 -23.63 -30.73 27.14
CA ALA C 290 -24.46 -31.05 25.99
C ALA C 290 -25.08 -32.43 26.08
N LEU C 291 -25.06 -33.06 27.26
CA LEU C 291 -25.57 -34.42 27.38
C LEU C 291 -27.09 -34.47 27.30
N ASP C 292 -27.76 -33.54 27.99
CA ASP C 292 -29.22 -33.57 28.09
C ASP C 292 -29.69 -32.18 28.49
N PRO C 293 -30.99 -31.89 28.34
CA PRO C 293 -31.47 -30.53 28.66
C PRO C 293 -31.21 -30.10 30.08
N LEU C 294 -31.27 -31.02 31.05
CA LEU C 294 -30.97 -30.65 32.43
C LEU C 294 -29.56 -30.11 32.57
N SER C 295 -28.61 -30.72 31.86
CA SER C 295 -27.23 -30.24 31.90
C SER C 295 -27.11 -28.85 31.30
N GLU C 296 -27.85 -28.58 30.21
CA GLU C 296 -27.83 -27.25 29.64
C GLU C 296 -28.39 -26.23 30.61
N THR C 297 -29.45 -26.60 31.34
CA THR C 297 -29.99 -25.72 32.36
C THR C 297 -28.96 -25.44 33.44
N LYS C 298 -28.26 -26.47 33.89
CA LYS C 298 -27.23 -26.28 34.92
C LYS C 298 -26.12 -25.38 34.40
N CYS C 299 -25.78 -25.49 33.13
CA CYS C 299 -24.79 -24.60 32.54
C CYS C 299 -25.26 -23.16 32.56
N THR C 300 -26.48 -22.92 32.10
CA THR C 300 -26.99 -21.56 32.03
C THR C 300 -27.09 -20.92 33.42
N LEU C 301 -27.56 -21.69 34.39
CA LEU C 301 -27.66 -21.18 35.76
C LEU C 301 -26.33 -21.19 36.50
N LYS C 302 -25.33 -21.91 35.98
CA LYS C 302 -24.03 -22.04 36.63
C LYS C 302 -24.18 -22.54 38.06
N SER C 303 -24.98 -23.59 38.22
CA SER C 303 -25.20 -24.19 39.53
C SER C 303 -25.36 -25.69 39.37
N PHE C 304 -25.09 -26.41 40.44
CA PHE C 304 -25.28 -27.86 40.46
C PHE C 304 -26.64 -28.27 40.97
N THR C 305 -27.48 -27.30 41.35
CA THR C 305 -28.85 -27.57 41.76
C THR C 305 -29.76 -26.56 41.09
N VAL C 306 -30.98 -26.99 40.79
CA VAL C 306 -31.95 -26.19 40.05
C VAL C 306 -33.23 -26.10 40.86
N GLU C 307 -33.76 -24.89 41.00
CA GLU C 307 -35.03 -24.67 41.66
C GLU C 307 -36.18 -24.84 40.67
N LYS C 308 -37.33 -25.23 41.21
CA LYS C 308 -38.49 -25.50 40.36
C LYS C 308 -38.90 -24.26 39.57
N GLY C 309 -39.12 -24.44 38.29
CA GLY C 309 -39.49 -23.33 37.42
C GLY C 309 -39.33 -23.71 35.97
N ILE C 310 -39.34 -22.69 35.12
CA ILE C 310 -39.13 -22.84 33.69
C ILE C 310 -38.03 -21.89 33.26
N TYR C 311 -37.06 -22.39 32.51
CA TYR C 311 -35.90 -21.62 32.13
C TYR C 311 -35.68 -21.72 30.63
N GLN C 312 -35.23 -20.63 30.03
CA GLN C 312 -34.98 -20.56 28.60
C GLN C 312 -33.50 -20.77 28.36
N THR C 313 -33.16 -21.79 27.59
CA THR C 313 -31.78 -22.22 27.43
C THR C 313 -31.17 -21.81 26.09
N SER C 314 -31.84 -22.07 24.97
CA SER C 314 -31.22 -21.82 23.68
C SER C 314 -32.30 -21.56 22.64
N ASN C 315 -31.87 -21.46 21.39
CA ASN C 315 -32.75 -21.20 20.25
C ASN C 315 -32.78 -22.42 19.35
N PHE C 316 -33.65 -22.35 18.35
CA PHE C 316 -33.87 -23.46 17.43
C PHE C 316 -34.33 -22.88 16.10
N ARG C 317 -33.83 -23.44 15.01
CA ARG C 317 -34.20 -22.97 13.68
C ARG C 317 -34.02 -24.09 12.68
N VAL C 318 -34.86 -24.08 11.66
CA VAL C 318 -34.87 -25.13 10.65
C VAL C 318 -33.86 -24.76 9.56
N GLN C 319 -33.01 -25.70 9.23
CA GLN C 319 -31.99 -25.49 8.21
C GLN C 319 -32.55 -25.74 6.81
N PRO C 320 -32.06 -25.00 5.81
CA PRO C 320 -32.53 -25.24 4.44
C PRO C 320 -32.03 -26.58 3.91
N THR C 321 -32.78 -27.11 2.94
CA THR C 321 -32.50 -28.45 2.42
C THR C 321 -31.60 -28.40 1.19
N GLU C 322 -32.05 -27.73 0.12
CA GLU C 322 -31.28 -27.65 -1.11
C GLU C 322 -31.61 -26.34 -1.81
N SER C 323 -30.98 -26.13 -2.98
CA SER C 323 -31.15 -24.92 -3.76
C SER C 323 -32.07 -25.18 -4.95
N ILE C 324 -32.70 -24.11 -5.41
CA ILE C 324 -33.61 -24.15 -6.55
C ILE C 324 -33.31 -22.96 -7.45
N VAL C 325 -33.19 -23.21 -8.75
CA VAL C 325 -32.94 -22.16 -9.73
C VAL C 325 -34.00 -22.24 -10.82
N ARG C 326 -34.70 -21.13 -11.05
CA ARG C 326 -35.71 -21.04 -12.08
C ARG C 326 -35.41 -19.86 -12.98
N PHE C 327 -35.73 -20.00 -14.26
CA PHE C 327 -35.39 -19.01 -15.26
C PHE C 327 -36.37 -19.12 -16.41
N PRO C 328 -36.54 -18.07 -17.21
CA PRO C 328 -37.53 -18.10 -18.30
C PRO C 328 -37.18 -19.14 -19.35
N ASN C 329 -38.17 -19.44 -20.19
CA ASN C 329 -37.98 -20.40 -21.26
C ASN C 329 -36.86 -19.95 -22.19
N ILE C 330 -35.98 -20.88 -22.54
CA ILE C 330 -34.89 -20.59 -23.46
C ILE C 330 -35.44 -20.57 -24.87
N THR C 331 -35.32 -19.42 -25.54
CA THR C 331 -35.86 -19.24 -26.88
C THR C 331 -35.07 -18.15 -27.57
N ASN C 332 -35.40 -17.91 -28.85
CA ASN C 332 -34.70 -16.95 -29.69
C ASN C 332 -33.22 -17.30 -29.81
N LEU C 333 -32.98 -18.50 -30.35
CA LEU C 333 -31.62 -18.96 -30.54
C LEU C 333 -30.92 -18.14 -31.61
N CYS C 334 -29.62 -17.92 -31.42
CA CYS C 334 -28.84 -17.19 -32.41
C CYS C 334 -28.73 -18.00 -33.70
N PRO C 335 -28.66 -17.32 -34.85
CA PRO C 335 -28.68 -18.04 -36.14
C PRO C 335 -27.33 -18.61 -36.54
N PHE C 336 -26.90 -19.64 -35.81
CA PHE C 336 -25.71 -20.38 -36.23
C PHE C 336 -25.99 -21.32 -37.39
N GLY C 337 -27.22 -21.82 -37.50
CA GLY C 337 -27.53 -22.78 -38.55
C GLY C 337 -27.37 -22.22 -39.95
N GLU C 338 -27.79 -20.95 -40.13
CA GLU C 338 -27.70 -20.34 -41.46
C GLU C 338 -26.26 -20.06 -41.89
N VAL C 339 -25.30 -20.15 -40.98
CA VAL C 339 -23.90 -19.94 -41.33
C VAL C 339 -23.22 -21.28 -41.57
N PHE C 340 -23.21 -22.13 -40.55
CA PHE C 340 -22.50 -23.40 -40.66
C PHE C 340 -23.19 -24.41 -41.58
N ASN C 341 -24.41 -24.13 -42.00
CA ASN C 341 -25.13 -24.96 -42.96
C ASN C 341 -25.57 -24.15 -44.18
N ALA C 342 -24.76 -23.17 -44.57
CA ALA C 342 -25.02 -22.38 -45.75
C ALA C 342 -24.35 -23.02 -46.96
N THR C 343 -25.09 -23.11 -48.07
CA THR C 343 -24.58 -23.78 -49.26
C THR C 343 -23.37 -23.06 -49.82
N ARG C 344 -23.42 -21.73 -49.88
CA ARG C 344 -22.38 -20.93 -50.51
C ARG C 344 -21.63 -20.12 -49.46
N PHE C 345 -20.30 -20.22 -49.50
CA PHE C 345 -19.42 -19.35 -48.71
C PHE C 345 -18.60 -18.51 -49.68
N ALA C 346 -18.49 -17.22 -49.39
CA ALA C 346 -17.70 -16.35 -50.24
C ALA C 346 -16.20 -16.67 -50.10
N SER C 347 -15.41 -16.06 -50.97
CA SER C 347 -13.99 -16.35 -51.01
C SER C 347 -13.29 -15.82 -49.76
N VAL C 348 -12.04 -16.27 -49.58
CA VAL C 348 -11.27 -15.86 -48.42
C VAL C 348 -10.96 -14.37 -48.46
N TYR C 349 -10.64 -13.83 -49.64
CA TYR C 349 -10.38 -12.41 -49.77
C TYR C 349 -11.64 -11.57 -49.76
N ALA C 350 -12.81 -12.19 -49.86
CA ALA C 350 -14.10 -11.52 -49.77
C ALA C 350 -14.96 -12.20 -48.73
N TRP C 351 -14.39 -12.43 -47.55
CA TRP C 351 -15.03 -13.24 -46.52
C TRP C 351 -16.39 -12.68 -46.13
N ASN C 352 -17.38 -13.57 -46.03
CA ASN C 352 -18.72 -13.18 -45.61
C ASN C 352 -18.69 -12.74 -44.16
N ARG C 353 -19.14 -11.52 -43.90
CA ARG C 353 -19.18 -10.93 -42.56
C ARG C 353 -20.61 -10.84 -42.08
N LYS C 354 -20.86 -11.35 -40.88
CA LYS C 354 -22.20 -11.32 -40.29
C LYS C 354 -22.10 -10.83 -38.84
N ARG C 355 -23.12 -10.09 -38.43
CA ARG C 355 -23.22 -9.57 -37.07
C ARG C 355 -24.37 -10.26 -36.35
N ILE C 356 -24.09 -10.78 -35.16
CA ILE C 356 -25.06 -11.50 -34.35
C ILE C 356 -25.27 -10.74 -33.05
N SER C 357 -26.52 -10.43 -32.75
CA SER C 357 -26.87 -9.71 -31.53
C SER C 357 -28.31 -10.03 -31.16
N ASN C 358 -28.61 -9.89 -29.87
CA ASN C 358 -29.96 -10.02 -29.33
C ASN C 358 -30.54 -11.42 -29.57
N CYS C 359 -29.80 -12.42 -29.10
CA CYS C 359 -30.27 -13.80 -29.14
C CYS C 359 -29.45 -14.62 -28.17
N VAL C 360 -30.00 -15.76 -27.75
CA VAL C 360 -29.26 -16.70 -26.92
C VAL C 360 -28.33 -17.51 -27.79
N ALA C 361 -27.10 -17.70 -27.32
CA ALA C 361 -26.05 -18.37 -28.07
C ALA C 361 -25.76 -19.72 -27.42
N ASP C 362 -26.12 -20.80 -28.11
CA ASP C 362 -25.89 -22.16 -27.62
C ASP C 362 -24.53 -22.62 -28.09
N TYR C 363 -23.50 -22.30 -27.31
CA TYR C 363 -22.14 -22.73 -27.64
C TYR C 363 -21.95 -24.23 -27.43
N SER C 364 -22.82 -24.87 -26.66
CA SER C 364 -22.66 -26.30 -26.38
C SER C 364 -22.82 -27.14 -27.63
N VAL C 365 -23.78 -26.81 -28.49
CA VAL C 365 -24.05 -27.64 -29.65
C VAL C 365 -22.88 -27.58 -30.63
N LEU C 366 -22.25 -26.41 -30.78
CA LEU C 366 -21.06 -26.32 -31.62
C LEU C 366 -19.85 -26.92 -30.92
N TYR C 367 -19.82 -26.89 -29.59
CA TYR C 367 -18.77 -27.59 -28.87
C TYR C 367 -18.87 -29.10 -29.07
N ASN C 368 -20.09 -29.63 -29.04
CA ASN C 368 -20.33 -31.05 -29.28
C ASN C 368 -20.61 -31.32 -30.76
N SER C 369 -19.72 -30.85 -31.62
CA SER C 369 -19.87 -30.99 -33.07
C SER C 369 -18.68 -31.78 -33.60
N ALA C 370 -18.90 -33.05 -33.90
CA ALA C 370 -17.85 -33.91 -34.47
C ALA C 370 -17.70 -33.73 -35.97
N SER C 371 -18.58 -32.97 -36.62
CA SER C 371 -18.51 -32.74 -38.05
C SER C 371 -17.49 -31.68 -38.44
N PHE C 372 -16.92 -30.98 -37.46
CA PHE C 372 -15.94 -29.92 -37.71
C PHE C 372 -14.54 -30.46 -37.45
N SER C 373 -13.67 -30.37 -38.46
CA SER C 373 -12.34 -30.96 -38.35
C SER C 373 -11.49 -30.20 -37.34
N THR C 374 -11.45 -28.87 -37.45
CA THR C 374 -10.60 -28.05 -36.61
C THR C 374 -11.45 -27.14 -35.75
N PHE C 375 -11.14 -27.08 -34.45
CA PHE C 375 -11.86 -26.24 -33.50
C PHE C 375 -10.83 -25.65 -32.54
N LYS C 376 -10.34 -24.45 -32.84
CA LYS C 376 -9.31 -23.80 -32.06
C LYS C 376 -9.91 -22.60 -31.35
N CYS C 377 -10.04 -22.69 -30.03
CA CYS C 377 -10.58 -21.61 -29.22
C CYS C 377 -9.45 -20.96 -28.43
N TYR C 378 -9.37 -19.63 -28.51
CA TYR C 378 -8.30 -18.88 -27.88
C TYR C 378 -8.76 -18.00 -26.73
N GLY C 379 -9.99 -17.48 -26.79
CA GLY C 379 -10.49 -16.64 -25.72
C GLY C 379 -10.70 -17.38 -24.42
N VAL C 380 -11.69 -18.28 -24.40
CA VAL C 380 -12.00 -19.10 -23.24
C VAL C 380 -12.38 -20.49 -23.71
N SER C 381 -12.46 -21.42 -22.76
CA SER C 381 -12.87 -22.78 -23.09
C SER C 381 -14.33 -22.79 -23.52
N PRO C 382 -14.71 -23.65 -24.46
CA PRO C 382 -16.11 -23.67 -24.93
C PRO C 382 -17.11 -23.98 -23.83
N THR C 383 -16.74 -24.85 -22.87
CA THR C 383 -17.62 -25.11 -21.75
C THR C 383 -17.84 -23.86 -20.91
N LYS C 384 -16.77 -23.13 -20.64
CA LYS C 384 -16.90 -21.88 -19.89
C LYS C 384 -17.49 -20.77 -20.76
N LEU C 385 -17.30 -20.85 -22.08
CA LEU C 385 -17.82 -19.83 -22.98
C LEU C 385 -19.34 -19.73 -22.89
N ASN C 386 -20.02 -20.86 -22.66
CA ASN C 386 -21.46 -20.83 -22.47
C ASN C 386 -21.87 -20.02 -21.27
N ASP C 387 -20.97 -19.83 -20.29
CA ASP C 387 -21.33 -19.13 -19.06
C ASP C 387 -21.26 -17.62 -19.25
N LEU C 388 -20.06 -17.10 -19.56
CA LEU C 388 -19.93 -15.66 -19.77
C LEU C 388 -20.48 -15.29 -21.15
N CYS C 389 -20.61 -14.00 -21.38
CA CYS C 389 -21.17 -13.54 -22.64
C CYS C 389 -20.74 -12.10 -22.91
N PHE C 390 -20.92 -11.69 -24.16
CA PHE C 390 -20.51 -10.39 -24.67
C PHE C 390 -21.75 -9.64 -25.14
N THR C 391 -21.54 -8.49 -25.79
CA THR C 391 -22.67 -7.71 -26.30
C THR C 391 -22.96 -7.97 -27.77
N ASN C 392 -21.99 -8.45 -28.55
CA ASN C 392 -22.26 -8.81 -29.93
C ASN C 392 -21.17 -9.74 -30.44
N VAL C 393 -21.47 -10.42 -31.55
CA VAL C 393 -20.58 -11.40 -32.14
C VAL C 393 -20.41 -11.08 -33.62
N TYR C 394 -19.21 -11.30 -34.14
CA TYR C 394 -18.91 -11.15 -35.56
C TYR C 394 -18.44 -12.48 -36.12
N ALA C 395 -19.10 -12.93 -37.19
CA ALA C 395 -18.78 -14.20 -37.84
C ALA C 395 -18.23 -13.94 -39.23
N ASP C 396 -17.04 -14.49 -39.49
CA ASP C 396 -16.40 -14.39 -40.81
C ASP C 396 -16.33 -15.79 -41.39
N SER C 397 -17.07 -16.02 -42.47
CA SER C 397 -17.14 -17.32 -43.11
C SER C 397 -16.54 -17.25 -44.50
N PHE C 398 -15.68 -18.22 -44.83
CA PHE C 398 -15.05 -18.25 -46.15
C PHE C 398 -14.54 -19.65 -46.42
N VAL C 399 -13.84 -19.81 -47.55
CA VAL C 399 -13.30 -21.09 -47.99
C VAL C 399 -11.86 -20.88 -48.40
N ILE C 400 -10.97 -21.78 -47.96
CA ILE C 400 -9.55 -21.72 -48.25
C ILE C 400 -9.10 -23.09 -48.72
N ARG C 401 -7.79 -23.21 -48.96
CA ARG C 401 -7.19 -24.51 -49.20
C ARG C 401 -7.02 -25.26 -47.89
N GLY C 402 -6.97 -26.59 -47.98
CA GLY C 402 -6.81 -27.40 -46.78
C GLY C 402 -5.49 -27.16 -46.07
N ASP C 403 -4.43 -26.86 -46.83
CA ASP C 403 -3.12 -26.64 -46.25
C ASP C 403 -2.97 -25.28 -45.58
N GLU C 404 -3.89 -24.34 -45.82
CA GLU C 404 -3.79 -22.99 -45.31
C GLU C 404 -4.54 -22.78 -44.00
N VAL C 405 -5.07 -23.86 -43.41
CA VAL C 405 -5.85 -23.72 -42.18
C VAL C 405 -5.00 -23.17 -41.05
N ARG C 406 -3.71 -23.52 -41.01
CA ARG C 406 -2.82 -22.96 -40.00
C ARG C 406 -2.69 -21.45 -40.14
N GLN C 407 -2.82 -20.93 -41.37
CA GLN C 407 -2.67 -19.51 -41.60
C GLN C 407 -3.75 -18.68 -40.90
N ILE C 408 -4.86 -19.29 -40.53
CA ILE C 408 -5.93 -18.58 -39.82
C ILE C 408 -5.62 -18.75 -38.33
N ALA C 409 -4.76 -17.87 -37.83
CA ALA C 409 -4.38 -17.87 -36.43
C ALA C 409 -3.76 -16.52 -36.12
N PRO C 410 -3.80 -16.07 -34.85
CA PRO C 410 -3.15 -14.80 -34.51
C PRO C 410 -1.66 -14.85 -34.79
N GLY C 411 -1.14 -13.72 -35.29
CA GLY C 411 0.28 -13.64 -35.60
C GLY C 411 0.75 -14.62 -36.65
N GLN C 412 -0.03 -14.79 -37.71
CA GLN C 412 0.30 -15.73 -38.78
C GLN C 412 0.71 -14.98 -40.05
N THR C 413 1.52 -15.64 -40.85
CA THR C 413 1.99 -15.08 -42.12
C THR C 413 1.74 -16.08 -43.24
N GLY C 414 1.63 -15.56 -44.46
CA GLY C 414 1.33 -16.38 -45.62
C GLY C 414 0.44 -15.64 -46.59
N LYS C 415 0.13 -16.26 -47.73
CA LYS C 415 -0.73 -15.60 -48.71
C LYS C 415 -2.08 -15.25 -48.10
N ILE C 416 -2.73 -16.23 -47.47
CA ILE C 416 -4.02 -15.98 -46.83
C ILE C 416 -3.86 -15.00 -45.67
N ALA C 417 -2.83 -15.20 -44.84
CA ALA C 417 -2.67 -14.39 -43.64
C ALA C 417 -2.27 -12.96 -43.95
N ASP C 418 -1.74 -12.69 -45.15
CA ASP C 418 -1.27 -11.34 -45.49
C ASP C 418 -2.19 -10.63 -46.46
N TYR C 419 -2.51 -11.25 -47.60
CA TYR C 419 -3.25 -10.60 -48.65
C TYR C 419 -4.73 -10.95 -48.69
N ASN C 420 -5.18 -11.85 -47.81
CA ASN C 420 -6.59 -12.26 -47.80
C ASN C 420 -7.28 -11.92 -46.49
N TYR C 421 -6.72 -12.34 -45.36
CA TYR C 421 -7.32 -12.06 -44.06
C TYR C 421 -6.29 -12.27 -42.97
N LYS C 422 -6.11 -11.27 -42.11
CA LYS C 422 -5.13 -11.31 -41.03
C LYS C 422 -5.83 -11.34 -39.68
N LEU C 423 -5.35 -12.22 -38.80
CA LEU C 423 -5.90 -12.34 -37.45
C LEU C 423 -5.00 -11.62 -36.46
N PRO C 424 -5.52 -10.68 -35.69
CA PRO C 424 -4.68 -9.99 -34.71
C PRO C 424 -4.35 -10.88 -33.53
N ASP C 425 -3.29 -10.50 -32.81
CA ASP C 425 -2.86 -11.27 -31.65
C ASP C 425 -3.87 -11.20 -30.52
N ASP C 426 -4.57 -10.07 -30.37
CA ASP C 426 -5.54 -9.89 -29.30
C ASP C 426 -6.92 -10.41 -29.65
N PHE C 427 -7.02 -11.32 -30.61
CA PHE C 427 -8.32 -11.85 -31.00
C PHE C 427 -8.92 -12.67 -29.87
N THR C 428 -10.20 -12.42 -29.58
CA THR C 428 -10.96 -13.19 -28.61
C THR C 428 -12.08 -13.91 -29.34
N GLY C 429 -12.22 -15.21 -29.08
CA GLY C 429 -13.20 -16.01 -29.78
C GLY C 429 -12.67 -17.36 -30.21
N CYS C 430 -13.17 -17.87 -31.33
CA CYS C 430 -12.79 -19.20 -31.78
C CYS C 430 -12.72 -19.24 -33.30
N VAL C 431 -12.06 -20.28 -33.81
CA VAL C 431 -11.94 -20.54 -35.23
C VAL C 431 -12.36 -21.99 -35.47
N ILE C 432 -13.23 -22.20 -36.46
CA ILE C 432 -13.74 -23.53 -36.79
C ILE C 432 -13.50 -23.77 -38.27
N ALA C 433 -13.01 -24.97 -38.60
CA ALA C 433 -12.75 -25.33 -39.98
C ALA C 433 -13.24 -26.76 -40.21
N TRP C 434 -13.66 -27.03 -41.45
CA TRP C 434 -14.10 -28.37 -41.80
C TRP C 434 -13.90 -28.60 -43.30
N ASN C 435 -13.68 -29.86 -43.65
CA ASN C 435 -13.46 -30.21 -45.05
C ASN C 435 -14.72 -29.92 -45.87
N SER C 436 -14.50 -29.53 -47.12
CA SER C 436 -15.58 -29.26 -48.06
C SER C 436 -15.32 -29.92 -49.40
N ASN C 437 -14.63 -31.06 -49.40
CA ASN C 437 -14.43 -31.80 -50.64
C ASN C 437 -15.76 -32.27 -51.21
N ASN C 438 -16.68 -32.69 -50.35
CA ASN C 438 -17.98 -33.15 -50.82
C ASN C 438 -18.79 -32.01 -51.44
N LEU C 439 -18.56 -30.78 -51.02
CA LEU C 439 -19.38 -29.65 -51.46
C LEU C 439 -18.61 -28.68 -52.36
N ASP C 440 -17.50 -28.13 -51.88
CA ASP C 440 -16.79 -27.11 -52.66
C ASP C 440 -16.00 -27.71 -53.81
N SER C 441 -15.32 -28.83 -53.58
CA SER C 441 -14.49 -29.42 -54.61
C SER C 441 -15.33 -29.94 -55.76
N LYS C 442 -14.81 -29.77 -56.97
CA LYS C 442 -15.51 -30.16 -58.19
C LYS C 442 -14.65 -31.15 -58.97
N VAL C 443 -15.33 -32.07 -59.67
CA VAL C 443 -14.63 -33.08 -60.46
C VAL C 443 -13.87 -32.41 -61.61
N GLY C 444 -14.45 -31.36 -62.19
CA GLY C 444 -13.81 -30.62 -63.26
C GLY C 444 -12.88 -29.52 -62.81
N GLY C 445 -12.62 -29.40 -61.51
CA GLY C 445 -11.77 -28.35 -61.01
C GLY C 445 -12.54 -27.17 -60.46
N ASN C 446 -12.39 -26.91 -59.16
CA ASN C 446 -13.11 -25.81 -58.50
C ASN C 446 -12.37 -24.51 -58.78
N TYR C 447 -12.52 -24.04 -60.02
CA TYR C 447 -11.96 -22.76 -60.45
C TYR C 447 -12.88 -21.59 -60.16
N ASN C 448 -13.93 -21.81 -59.37
CA ASN C 448 -14.84 -20.72 -59.03
C ASN C 448 -14.25 -19.79 -57.97
N TYR C 449 -13.52 -20.35 -57.01
CA TYR C 449 -13.00 -19.57 -55.90
C TYR C 449 -11.81 -18.71 -56.35
N ARG C 450 -11.75 -17.49 -55.83
CA ARG C 450 -10.64 -16.59 -56.06
C ARG C 450 -9.86 -16.41 -54.76
N TYR C 451 -8.53 -16.36 -54.87
CA TYR C 451 -7.72 -16.06 -53.70
C TYR C 451 -6.64 -15.06 -54.09
N ARG C 452 -6.39 -14.10 -53.21
CA ARG C 452 -5.41 -13.05 -53.48
C ARG C 452 -4.00 -13.59 -53.30
N LEU C 453 -3.19 -13.51 -54.34
CA LEU C 453 -1.82 -14.00 -54.32
C LEU C 453 -0.80 -12.90 -54.12
N PHE C 454 -1.07 -11.69 -54.61
CA PHE C 454 -0.15 -10.57 -54.51
C PHE C 454 -0.89 -9.34 -54.03
N ARG C 455 -0.19 -8.49 -53.27
CA ARG C 455 -0.75 -7.23 -52.81
C ARG C 455 0.40 -6.31 -52.40
N LYS C 456 0.16 -5.00 -52.53
CA LYS C 456 1.18 -4.02 -52.19
C LYS C 456 1.53 -4.07 -50.71
N SER C 457 0.53 -4.21 -49.85
CA SER C 457 0.74 -4.21 -48.40
C SER C 457 -0.07 -5.32 -47.75
N ASN C 458 0.42 -5.79 -46.60
CA ASN C 458 -0.30 -6.80 -45.84
C ASN C 458 -1.58 -6.20 -45.25
N LEU C 459 -2.64 -7.00 -45.26
CA LEU C 459 -3.92 -6.53 -44.75
C LEU C 459 -3.89 -6.34 -43.24
N LYS C 460 -4.56 -5.28 -42.79
CA LYS C 460 -4.74 -5.04 -41.37
C LYS C 460 -5.73 -6.06 -40.80
N PRO C 461 -5.68 -6.31 -39.49
CA PRO C 461 -6.63 -7.24 -38.89
C PRO C 461 -8.07 -6.78 -39.09
N PHE C 462 -8.95 -7.76 -39.31
CA PHE C 462 -10.38 -7.51 -39.51
C PHE C 462 -10.63 -6.54 -40.68
N GLU C 463 -9.86 -6.71 -41.76
CA GLU C 463 -10.00 -5.90 -42.95
C GLU C 463 -10.12 -6.80 -44.17
N ARG C 464 -10.96 -6.38 -45.12
CA ARG C 464 -11.20 -7.14 -46.34
C ARG C 464 -10.70 -6.35 -47.54
N ASP C 465 -9.99 -7.01 -48.44
CA ASP C 465 -9.54 -6.42 -49.69
C ASP C 465 -10.10 -7.20 -50.86
N ILE C 466 -10.75 -6.50 -51.78
CA ILE C 466 -11.30 -7.09 -53.00
C ILE C 466 -10.75 -6.40 -54.24
N SER C 467 -9.56 -5.83 -54.15
CA SER C 467 -8.98 -5.10 -55.26
C SER C 467 -8.65 -6.03 -56.42
N THR C 468 -8.95 -5.57 -57.63
CA THR C 468 -8.63 -6.32 -58.85
C THR C 468 -7.62 -5.57 -59.72
N GLU C 469 -6.98 -4.54 -59.18
CA GLU C 469 -5.97 -3.80 -59.92
C GLU C 469 -4.77 -4.69 -60.22
N ILE C 470 -4.21 -4.54 -61.42
CA ILE C 470 -3.07 -5.34 -61.82
C ILE C 470 -1.86 -4.95 -60.97
N TYR C 471 -1.11 -5.96 -60.55
CA TYR C 471 0.05 -5.73 -59.71
C TYR C 471 1.32 -5.55 -60.56
N GLN C 472 2.20 -4.68 -60.08
CA GLN C 472 3.49 -4.44 -60.70
C GLN C 472 4.58 -5.00 -59.80
N ALA C 473 5.39 -5.91 -60.33
CA ALA C 473 6.44 -6.56 -59.56
C ALA C 473 7.84 -6.08 -59.90
N GLY C 474 7.97 -5.11 -60.80
CA GLY C 474 9.27 -4.59 -61.19
C GLY C 474 9.30 -3.07 -61.11
N SER C 475 10.09 -2.48 -62.00
CA SER C 475 10.24 -1.03 -62.05
C SER C 475 9.37 -0.38 -63.12
N LYS C 476 9.09 -1.07 -64.21
CA LYS C 476 8.24 -0.53 -65.26
C LYS C 476 6.78 -0.52 -64.79
N PRO C 477 6.10 0.62 -64.77
CA PRO C 477 4.68 0.62 -64.40
C PRO C 477 3.86 -0.19 -65.39
N CYS C 478 2.84 -0.88 -64.87
CA CYS C 478 1.97 -1.71 -65.69
C CYS C 478 0.74 -0.90 -66.06
N ASN C 479 0.51 -0.73 -67.36
CA ASN C 479 -0.61 0.04 -67.87
C ASN C 479 -1.49 -0.89 -68.70
N GLY C 480 -2.58 -1.35 -68.10
CA GLY C 480 -3.56 -2.16 -68.80
C GLY C 480 -3.20 -3.64 -68.90
N VAL C 481 -2.86 -4.08 -70.11
CA VAL C 481 -2.56 -5.48 -70.35
C VAL C 481 -1.31 -5.89 -69.58
N GLU C 482 -1.31 -7.11 -69.05
CA GLU C 482 -0.16 -7.61 -68.32
C GLU C 482 1.06 -7.69 -69.22
N GLY C 483 2.20 -7.21 -68.70
CA GLY C 483 3.43 -7.25 -69.45
C GLY C 483 4.47 -8.15 -68.80
N PHE C 484 5.72 -7.69 -68.77
CA PHE C 484 6.80 -8.44 -68.15
C PHE C 484 6.56 -8.63 -66.66
N ASN C 485 6.55 -7.52 -65.91
CA ASN C 485 6.35 -7.56 -64.46
C ASN C 485 4.91 -7.21 -64.09
N CYS C 486 3.99 -8.08 -64.51
CA CYS C 486 2.57 -7.88 -64.24
C CYS C 486 1.93 -9.23 -63.95
N TYR C 487 1.43 -9.39 -62.73
CA TYR C 487 0.74 -10.61 -62.33
C TYR C 487 -0.52 -10.25 -61.56
N PHE C 488 -1.61 -10.94 -61.87
CA PHE C 488 -2.89 -10.61 -61.25
C PHE C 488 -2.88 -11.02 -59.78
N PRO C 489 -3.37 -10.16 -58.88
CA PRO C 489 -3.44 -10.56 -57.46
C PRO C 489 -4.31 -11.78 -57.21
N LEU C 490 -5.40 -11.93 -57.96
CA LEU C 490 -6.34 -13.02 -57.75
C LEU C 490 -6.01 -14.22 -58.63
N GLN C 491 -6.09 -15.40 -58.04
CA GLN C 491 -5.84 -16.65 -58.75
C GLN C 491 -6.94 -17.65 -58.43
N SER C 492 -7.13 -18.59 -59.34
CA SER C 492 -8.18 -19.60 -59.23
C SER C 492 -7.71 -20.75 -58.34
N TYR C 493 -8.47 -21.84 -58.33
CA TYR C 493 -8.12 -23.02 -57.58
C TYR C 493 -8.39 -24.26 -58.43
N GLY C 494 -7.64 -25.32 -58.15
CA GLY C 494 -7.76 -26.55 -58.91
C GLY C 494 -8.25 -27.72 -58.07
N PHE C 495 -9.24 -27.47 -57.23
CA PHE C 495 -9.74 -28.52 -56.34
C PHE C 495 -10.40 -29.64 -57.14
N GLN C 496 -9.96 -30.86 -56.89
CA GLN C 496 -10.53 -32.07 -57.47
C GLN C 496 -10.81 -33.06 -56.35
N PRO C 497 -11.73 -34.00 -56.55
CA PRO C 497 -11.95 -35.03 -55.54
C PRO C 497 -10.72 -35.88 -55.27
N THR C 498 -9.77 -35.93 -56.21
CA THR C 498 -8.52 -36.66 -56.05
C THR C 498 -7.39 -35.61 -56.00
N ASN C 499 -7.16 -35.07 -54.81
CA ASN C 499 -6.05 -34.14 -54.59
C ASN C 499 -5.33 -34.38 -53.27
N GLY C 500 -5.67 -35.45 -52.55
CA GLY C 500 -5.17 -35.64 -51.21
C GLY C 500 -5.97 -34.85 -50.19
N VAL C 501 -5.78 -35.19 -48.93
CA VAL C 501 -6.53 -34.53 -47.86
C VAL C 501 -6.14 -33.07 -47.73
N GLY C 502 -4.85 -32.77 -47.92
CA GLY C 502 -4.37 -31.42 -47.66
C GLY C 502 -4.77 -30.41 -48.71
N TYR C 503 -5.08 -30.85 -49.92
CA TYR C 503 -5.41 -29.94 -51.01
C TYR C 503 -6.90 -29.73 -51.20
N GLN C 504 -7.74 -30.37 -50.39
CA GLN C 504 -9.18 -30.20 -50.55
C GLN C 504 -9.61 -28.85 -49.98
N PRO C 505 -10.62 -28.20 -50.57
CA PRO C 505 -11.11 -26.95 -50.02
C PRO C 505 -11.68 -27.14 -48.62
N TYR C 506 -11.49 -26.14 -47.77
CA TYR C 506 -11.94 -26.19 -46.38
C TYR C 506 -12.72 -24.93 -46.06
N ARG C 507 -13.89 -25.11 -45.44
CA ARG C 507 -14.74 -24.01 -45.05
C ARG C 507 -14.42 -23.62 -43.61
N VAL C 508 -14.19 -22.33 -43.39
CA VAL C 508 -13.74 -21.81 -42.11
C VAL C 508 -14.66 -20.68 -41.67
N VAL C 509 -15.10 -20.74 -40.42
CA VAL C 509 -15.84 -19.66 -39.77
C VAL C 509 -15.07 -19.22 -38.54
N VAL C 510 -14.78 -17.93 -38.46
CA VAL C 510 -14.09 -17.33 -37.31
C VAL C 510 -15.10 -16.48 -36.56
N LEU C 511 -15.29 -16.78 -35.27
CA LEU C 511 -16.23 -16.06 -34.43
C LEU C 511 -15.45 -15.21 -33.44
N SER C 512 -15.72 -13.91 -33.44
CA SER C 512 -15.13 -12.97 -32.51
C SER C 512 -16.23 -12.35 -31.65
N PHE C 513 -15.91 -12.08 -30.40
CA PHE C 513 -16.89 -11.56 -29.44
C PHE C 513 -16.44 -10.19 -28.96
N GLU C 514 -17.37 -9.23 -28.96
CA GLU C 514 -17.10 -7.89 -28.46
C GLU C 514 -18.11 -7.55 -27.37
N LEU C 515 -17.63 -6.89 -26.33
CA LEU C 515 -18.38 -6.61 -25.11
C LEU C 515 -18.35 -5.11 -24.82
N LEU C 516 -18.70 -4.31 -25.82
CA LEU C 516 -18.68 -2.86 -25.69
C LEU C 516 -19.63 -2.39 -24.59
N HIS C 517 -19.57 -1.09 -24.31
CA HIS C 517 -20.30 -0.50 -23.19
C HIS C 517 -21.81 -0.56 -23.36
N ALA C 518 -22.32 -0.88 -24.54
CA ALA C 518 -23.74 -1.05 -24.73
C ALA C 518 -24.21 -2.28 -23.95
N PRO C 519 -25.49 -2.32 -23.56
CA PRO C 519 -25.99 -3.48 -22.81
C PRO C 519 -25.82 -4.77 -23.59
N ALA C 520 -25.52 -5.85 -22.85
CA ALA C 520 -25.27 -7.14 -23.47
C ALA C 520 -26.51 -7.64 -24.20
N THR C 521 -26.30 -8.24 -25.36
CA THR C 521 -27.38 -8.70 -26.21
C THR C 521 -27.39 -10.21 -26.42
N VAL C 522 -26.22 -10.85 -26.46
CA VAL C 522 -26.11 -12.29 -26.67
C VAL C 522 -25.50 -12.92 -25.42
N CYS C 523 -26.16 -13.96 -24.92
CA CYS C 523 -25.65 -14.74 -23.80
C CYS C 523 -26.07 -16.18 -23.95
N GLY C 524 -25.34 -17.07 -23.28
CA GLY C 524 -25.60 -18.49 -23.38
C GLY C 524 -26.79 -18.92 -22.57
N PRO C 525 -27.07 -20.22 -22.60
CA PRO C 525 -28.19 -20.76 -21.81
C PRO C 525 -27.95 -20.53 -20.33
N LYS C 526 -29.04 -20.32 -19.59
CA LYS C 526 -28.96 -19.97 -18.18
C LYS C 526 -29.41 -21.09 -17.24
N LYS C 527 -30.01 -22.15 -17.78
CA LYS C 527 -30.37 -23.35 -17.02
C LYS C 527 -31.46 -23.10 -15.99
N SER C 528 -32.15 -24.17 -15.58
CA SER C 528 -33.20 -24.07 -14.58
C SER C 528 -33.49 -25.46 -14.03
N THR C 529 -33.61 -25.58 -12.72
CA THR C 529 -33.93 -26.84 -12.08
C THR C 529 -35.44 -27.01 -12.03
N ASN C 530 -35.90 -28.04 -11.33
CA ASN C 530 -37.33 -28.23 -11.14
C ASN C 530 -37.78 -27.49 -9.88
N LEU C 531 -39.07 -27.55 -9.59
CA LEU C 531 -39.68 -26.79 -8.52
C LEU C 531 -40.07 -27.71 -7.37
N VAL C 532 -39.69 -27.32 -6.16
CA VAL C 532 -40.06 -28.03 -4.95
C VAL C 532 -41.02 -27.17 -4.14
N LYS C 533 -41.79 -27.83 -3.27
CA LYS C 533 -42.80 -27.16 -2.47
C LYS C 533 -42.72 -27.63 -1.04
N ASN C 534 -43.16 -26.77 -0.12
CA ASN C 534 -43.39 -27.12 1.28
C ASN C 534 -42.11 -27.59 1.96
N LYS C 535 -40.96 -27.07 1.53
CA LYS C 535 -39.69 -27.42 2.15
C LYS C 535 -38.82 -26.17 2.24
N CYS C 536 -38.15 -26.01 3.38
CA CYS C 536 -37.27 -24.86 3.59
C CYS C 536 -36.08 -24.96 2.65
N VAL C 537 -36.09 -24.13 1.61
CA VAL C 537 -35.05 -24.13 0.59
C VAL C 537 -34.63 -22.69 0.31
N ASN C 538 -33.49 -22.55 -0.36
CA ASN C 538 -33.04 -21.27 -0.86
C ASN C 538 -33.07 -21.24 -2.38
N PHE C 539 -33.30 -20.06 -2.93
CA PHE C 539 -33.67 -19.93 -4.33
C PHE C 539 -33.13 -18.61 -4.89
N ASN C 540 -33.07 -18.53 -6.21
CA ASN C 540 -32.59 -17.36 -6.94
C ASN C 540 -33.52 -17.06 -8.11
N PHE C 541 -34.81 -16.96 -7.84
CA PHE C 541 -35.81 -16.82 -8.90
C PHE C 541 -35.51 -15.63 -9.80
N ASN C 542 -35.10 -15.91 -11.04
CA ASN C 542 -34.78 -14.88 -12.03
C ASN C 542 -33.86 -13.81 -11.46
N GLY C 543 -32.84 -14.25 -10.71
CA GLY C 543 -31.88 -13.34 -10.13
C GLY C 543 -32.26 -12.77 -8.79
N LEU C 544 -33.46 -13.08 -8.28
CA LEU C 544 -33.92 -12.60 -6.98
C LEU C 544 -33.73 -13.74 -5.97
N THR C 545 -32.81 -13.56 -5.04
CA THR C 545 -32.39 -14.63 -4.14
C THR C 545 -33.07 -14.48 -2.79
N GLY C 546 -33.36 -15.62 -2.17
CA GLY C 546 -33.97 -15.62 -0.86
C GLY C 546 -34.16 -17.04 -0.36
N THR C 547 -34.34 -17.14 0.96
CA THR C 547 -34.53 -18.41 1.63
C THR C 547 -35.93 -18.46 2.25
N GLY C 548 -36.49 -19.65 2.32
CA GLY C 548 -37.80 -19.82 2.92
C GLY C 548 -38.49 -21.04 2.33
N VAL C 549 -39.79 -21.10 2.58
CA VAL C 549 -40.64 -22.19 2.11
C VAL C 549 -41.66 -21.62 1.14
N LEU C 550 -41.89 -22.35 0.04
CA LEU C 550 -42.73 -21.90 -1.05
C LEU C 550 -44.05 -22.66 -1.02
N THR C 551 -45.15 -21.92 -1.10
CA THR C 551 -46.49 -22.50 -1.14
C THR C 551 -47.25 -21.92 -2.33
N GLU C 552 -48.40 -22.53 -2.62
CA GLU C 552 -49.27 -22.01 -3.65
C GLU C 552 -50.11 -20.87 -3.10
N SER C 553 -50.28 -19.82 -3.90
CA SER C 553 -50.94 -18.60 -3.46
C SER C 553 -52.03 -18.22 -4.45
N ASN C 554 -53.02 -17.47 -3.95
CA ASN C 554 -54.19 -17.08 -4.73
C ASN C 554 -54.21 -15.58 -5.03
N LYS C 555 -53.08 -14.89 -4.90
CA LYS C 555 -53.03 -13.49 -5.29
C LYS C 555 -53.21 -13.35 -6.79
N LYS C 556 -53.69 -12.18 -7.20
CA LYS C 556 -53.94 -11.87 -8.60
C LYS C 556 -52.98 -10.77 -9.03
N PHE C 557 -51.80 -11.16 -9.46
CA PHE C 557 -50.84 -10.21 -9.99
C PHE C 557 -51.39 -9.57 -11.26
N LEU C 558 -51.26 -8.25 -11.34
CA LEU C 558 -51.57 -7.57 -12.58
C LEU C 558 -50.53 -8.00 -13.63
N PRO C 559 -50.93 -8.13 -14.89
CA PRO C 559 -50.14 -8.94 -15.84
C PRO C 559 -48.72 -8.49 -16.11
N PHE C 560 -48.20 -7.47 -15.42
CA PHE C 560 -46.82 -7.07 -15.66
C PHE C 560 -45.92 -7.07 -14.42
N GLN C 561 -46.46 -7.22 -13.21
CA GLN C 561 -45.56 -7.36 -12.07
C GLN C 561 -44.87 -8.71 -12.08
N GLN C 562 -43.70 -8.76 -11.44
CA GLN C 562 -42.94 -9.99 -11.31
C GLN C 562 -42.89 -10.53 -9.89
N PHE C 563 -43.10 -9.69 -8.88
CA PHE C 563 -43.16 -10.14 -7.51
C PHE C 563 -43.85 -9.06 -6.69
N GLY C 564 -43.89 -9.25 -5.38
CA GLY C 564 -44.56 -8.30 -4.51
C GLY C 564 -44.00 -8.34 -3.11
N ARG C 565 -44.15 -7.23 -2.41
CA ARG C 565 -43.78 -7.13 -1.00
C ARG C 565 -44.92 -6.45 -0.24
N ASP C 566 -45.09 -6.87 1.02
CA ASP C 566 -46.23 -6.40 1.79
C ASP C 566 -45.98 -5.03 2.40
N ILE C 567 -44.99 -4.93 3.29
CA ILE C 567 -44.70 -3.68 4.00
C ILE C 567 -43.30 -3.83 4.55
N ALA C 568 -42.66 -2.69 4.85
CA ALA C 568 -41.28 -2.63 5.30
C ALA C 568 -40.32 -3.27 4.32
N ASP C 569 -40.74 -3.39 3.05
CA ASP C 569 -39.91 -3.90 1.97
C ASP C 569 -39.41 -5.32 2.27
N THR C 570 -40.35 -6.24 2.36
CA THR C 570 -40.06 -7.66 2.54
C THR C 570 -40.86 -8.45 1.53
N THR C 571 -40.17 -9.12 0.61
CA THR C 571 -40.84 -9.84 -0.46
C THR C 571 -41.68 -10.99 0.09
N ASP C 572 -42.89 -11.12 -0.45
CA ASP C 572 -43.80 -12.19 -0.07
C ASP C 572 -44.09 -13.14 -1.22
N ALA C 573 -44.56 -12.64 -2.35
CA ALA C 573 -44.93 -13.49 -3.46
C ALA C 573 -43.95 -13.31 -4.62
N VAL C 574 -43.90 -14.32 -5.47
CA VAL C 574 -43.11 -14.28 -6.70
C VAL C 574 -43.93 -14.94 -7.81
N ARG C 575 -43.49 -14.73 -9.04
CA ARG C 575 -44.09 -15.35 -10.20
C ARG C 575 -43.02 -16.14 -10.93
N ASP C 576 -43.25 -17.43 -11.10
CA ASP C 576 -42.24 -18.28 -11.73
C ASP C 576 -42.13 -17.98 -13.21
N PRO C 577 -40.92 -17.75 -13.72
CA PRO C 577 -40.78 -17.29 -15.12
C PRO C 577 -41.26 -18.29 -16.16
N GLN C 578 -41.45 -19.57 -15.80
CA GLN C 578 -41.85 -20.57 -16.78
C GLN C 578 -43.36 -20.85 -16.74
N THR C 579 -43.88 -21.28 -15.59
CA THR C 579 -45.29 -21.59 -15.50
C THR C 579 -46.16 -20.33 -15.44
N LEU C 580 -45.61 -19.22 -14.97
CA LEU C 580 -46.34 -17.96 -14.81
C LEU C 580 -47.51 -18.13 -13.86
N GLU C 581 -47.18 -18.53 -12.63
CA GLU C 581 -48.13 -18.60 -11.54
C GLU C 581 -47.50 -17.96 -10.30
N ILE C 582 -48.35 -17.62 -9.34
CA ILE C 582 -47.93 -16.85 -8.18
C ILE C 582 -47.69 -17.81 -7.03
N LEU C 583 -46.49 -17.74 -6.45
CA LEU C 583 -46.10 -18.55 -5.31
C LEU C 583 -45.85 -17.64 -4.13
N ASP C 584 -46.16 -18.16 -2.94
CA ASP C 584 -46.00 -17.41 -1.70
C ASP C 584 -44.79 -17.93 -0.94
N ILE C 585 -44.18 -17.04 -0.14
CA ILE C 585 -42.94 -17.32 0.56
C ILE C 585 -43.16 -17.11 2.05
N THR C 586 -42.66 -18.04 2.86
CA THR C 586 -42.72 -17.89 4.30
C THR C 586 -41.34 -18.20 4.88
N PRO C 587 -40.83 -17.38 5.79
CA PRO C 587 -39.52 -17.68 6.38
C PRO C 587 -39.53 -18.99 7.14
N CYS C 588 -38.39 -19.67 7.14
CA CYS C 588 -38.28 -20.94 7.82
C CYS C 588 -38.42 -20.76 9.32
N SER C 589 -39.10 -21.69 9.97
CA SER C 589 -39.52 -21.50 11.35
C SER C 589 -38.33 -21.46 12.30
N PHE C 590 -38.50 -20.73 13.40
CA PHE C 590 -37.48 -20.59 14.43
C PHE C 590 -38.18 -20.21 15.73
N GLY C 591 -37.46 -20.36 16.84
CA GLY C 591 -38.01 -19.99 18.13
C GLY C 591 -37.14 -20.49 19.25
N GLY C 592 -37.45 -19.98 20.44
CA GLY C 592 -36.72 -20.39 21.62
C GLY C 592 -37.16 -21.75 22.14
N VAL C 593 -36.31 -22.33 22.98
CA VAL C 593 -36.59 -23.61 23.62
C VAL C 593 -36.37 -23.47 25.11
N SER C 594 -37.31 -24.00 25.89
CA SER C 594 -37.29 -23.87 27.34
C SER C 594 -37.49 -25.23 28.00
N VAL C 595 -37.03 -25.34 29.23
CA VAL C 595 -37.10 -26.58 29.99
C VAL C 595 -37.96 -26.36 31.22
N ILE C 596 -38.80 -27.34 31.53
CA ILE C 596 -39.65 -27.34 32.72
C ILE C 596 -39.15 -28.44 33.63
N THR C 597 -38.81 -28.08 34.86
CA THR C 597 -38.32 -29.04 35.84
C THR C 597 -39.03 -28.84 37.17
N PRO C 598 -39.29 -29.91 37.90
CA PRO C 598 -39.91 -29.78 39.22
C PRO C 598 -38.88 -29.54 40.31
N GLY C 599 -37.66 -29.19 39.93
CA GLY C 599 -36.60 -28.94 40.89
C GLY C 599 -35.71 -30.15 41.08
N THR C 600 -34.39 -29.94 41.02
CA THR C 600 -33.45 -31.04 41.17
C THR C 600 -33.59 -31.70 42.54
N ASN C 601 -34.02 -30.92 43.54
CA ASN C 601 -34.17 -31.45 44.88
C ASN C 601 -35.18 -32.59 44.93
N THR C 602 -36.22 -32.51 44.11
CA THR C 602 -37.27 -33.52 44.12
C THR C 602 -36.96 -34.67 43.16
N SER C 603 -36.79 -34.36 41.88
CA SER C 603 -36.48 -35.37 40.88
C SER C 603 -35.61 -34.74 39.81
N ASN C 604 -35.26 -35.53 38.79
CA ASN C 604 -34.41 -35.03 37.71
C ASN C 604 -34.94 -35.49 36.36
N GLN C 605 -36.25 -35.44 36.16
CA GLN C 605 -36.85 -35.64 34.86
C GLN C 605 -37.53 -34.35 34.44
N VAL C 606 -37.38 -33.97 33.17
CA VAL C 606 -37.76 -32.66 32.70
C VAL C 606 -38.71 -32.80 31.51
N ALA C 607 -39.30 -31.67 31.14
CA ALA C 607 -40.07 -31.56 29.91
C ALA C 607 -39.53 -30.39 29.09
N VAL C 608 -39.76 -30.42 27.79
CA VAL C 608 -39.19 -29.43 26.89
C VAL C 608 -40.32 -28.75 26.13
N LEU C 609 -40.19 -27.45 25.92
CA LEU C 609 -41.16 -26.68 25.17
C LEU C 609 -40.47 -25.86 24.09
N TYR C 610 -40.92 -26.03 22.86
CA TYR C 610 -40.49 -25.21 21.74
C TYR C 610 -41.53 -24.13 21.50
N GLN C 611 -41.11 -22.86 21.57
CA GLN C 611 -42.05 -21.75 21.58
C GLN C 611 -42.46 -21.37 20.16
N GLY C 612 -43.77 -21.28 19.95
CA GLY C 612 -44.28 -20.80 18.68
C GLY C 612 -43.92 -21.66 17.49
N VAL C 613 -43.71 -22.95 17.71
CA VAL C 613 -43.32 -23.87 16.65
C VAL C 613 -44.39 -24.93 16.52
N ASN C 614 -44.84 -25.16 15.29
CA ASN C 614 -45.82 -26.20 15.03
C ASN C 614 -45.23 -27.58 15.34
N CYS C 615 -46.09 -28.48 15.78
CA CYS C 615 -45.68 -29.84 16.13
C CYS C 615 -45.61 -30.71 14.88
N THR C 616 -44.82 -30.25 13.90
CA THR C 616 -44.64 -31.02 12.68
C THR C 616 -43.16 -31.16 12.37
N GLU C 617 -42.35 -30.19 12.78
CA GLU C 617 -40.90 -30.28 12.63
C GLU C 617 -40.25 -30.01 13.98
N VAL C 618 -40.22 -31.03 14.83
CA VAL C 618 -39.43 -30.97 16.06
C VAL C 618 -37.98 -31.33 15.74
N PRO C 619 -37.70 -32.49 15.11
CA PRO C 619 -36.28 -32.78 14.90
C PRO C 619 -35.73 -32.15 13.63
N SER C 635 -35.81 -35.88 20.21
CA SER C 635 -36.50 -35.65 18.94
C SER C 635 -37.95 -36.09 19.02
N THR C 636 -38.16 -37.35 19.41
CA THR C 636 -39.50 -37.92 19.56
C THR C 636 -39.80 -38.25 21.02
N GLY C 637 -38.96 -39.06 21.66
CA GLY C 637 -39.10 -39.33 23.07
C GLY C 637 -40.42 -39.95 23.48
N SER C 638 -41.26 -39.17 24.13
CA SER C 638 -42.53 -39.60 24.68
C SER C 638 -43.67 -38.86 23.97
N ASN C 639 -44.88 -39.01 24.52
CA ASN C 639 -46.05 -38.36 23.93
C ASN C 639 -45.84 -36.86 23.82
N VAL C 640 -46.29 -36.30 22.70
CA VAL C 640 -46.02 -34.92 22.34
C VAL C 640 -47.35 -34.18 22.23
N PHE C 641 -47.42 -33.01 22.86
CA PHE C 641 -48.64 -32.22 22.94
C PHE C 641 -48.45 -30.92 22.18
N GLN C 642 -49.50 -30.45 21.53
CA GLN C 642 -49.46 -29.20 20.79
C GLN C 642 -50.39 -28.20 21.45
N THR C 643 -49.85 -27.05 21.83
CA THR C 643 -50.60 -26.03 22.54
C THR C 643 -50.45 -24.70 21.82
N ARG C 644 -51.31 -23.75 22.19
CA ARG C 644 -51.28 -22.44 21.58
C ARG C 644 -49.94 -21.73 21.79
N ALA C 645 -49.15 -22.16 22.76
CA ALA C 645 -47.85 -21.57 23.01
C ALA C 645 -46.72 -22.28 22.30
N GLY C 646 -46.96 -23.41 21.67
CA GLY C 646 -45.89 -24.11 20.98
C GLY C 646 -46.11 -25.61 21.02
N CYS C 647 -45.01 -26.34 21.07
CA CYS C 647 -45.06 -27.78 21.18
C CYS C 647 -44.32 -28.22 22.44
N LEU C 648 -44.82 -29.28 23.06
CA LEU C 648 -44.34 -29.69 24.37
C LEU C 648 -44.08 -31.19 24.35
N ILE C 649 -42.89 -31.58 24.79
CA ILE C 649 -42.45 -32.98 24.78
C ILE C 649 -42.11 -33.38 26.20
N GLY C 650 -42.70 -34.48 26.66
CA GLY C 650 -42.39 -35.03 27.95
C GLY C 650 -43.42 -34.84 29.04
N ALA C 651 -44.68 -34.63 28.71
CA ALA C 651 -45.72 -34.49 29.72
C ALA C 651 -47.04 -35.01 29.16
N GLU C 652 -47.94 -35.36 30.07
CA GLU C 652 -49.23 -35.94 29.72
C GLU C 652 -50.32 -34.89 29.88
N HIS C 653 -51.22 -34.83 28.90
CA HIS C 653 -52.35 -33.92 28.95
C HIS C 653 -53.51 -34.59 29.68
N VAL C 654 -53.97 -33.98 30.76
CA VAL C 654 -55.04 -34.52 31.55
C VAL C 654 -56.31 -33.70 31.33
N ASN C 655 -57.43 -34.19 31.83
CA ASN C 655 -58.70 -33.50 31.71
C ASN C 655 -59.12 -32.76 32.97
N ASN C 656 -58.34 -32.88 34.05
CA ASN C 656 -58.68 -32.21 35.30
C ASN C 656 -58.25 -30.75 35.23
N SER C 657 -58.31 -30.07 36.36
CA SER C 657 -57.88 -28.67 36.43
C SER C 657 -57.60 -28.32 37.87
N TYR C 658 -56.37 -27.91 38.16
CA TYR C 658 -55.94 -27.53 39.49
C TYR C 658 -55.39 -26.11 39.44
N GLU C 659 -54.78 -25.69 40.55
CA GLU C 659 -54.09 -24.42 40.56
C GLU C 659 -52.87 -24.47 39.63
N CYS C 660 -52.24 -23.32 39.45
CA CYS C 660 -51.13 -23.18 38.51
C CYS C 660 -49.82 -23.24 39.28
N ASP C 661 -48.97 -24.21 38.94
CA ASP C 661 -47.66 -24.34 39.56
C ASP C 661 -46.57 -23.64 38.75
N ILE C 662 -46.36 -24.10 37.53
CA ILE C 662 -45.35 -23.57 36.64
C ILE C 662 -46.04 -23.02 35.40
N PRO C 663 -46.22 -21.70 35.30
CA PRO C 663 -47.00 -21.14 34.19
C PRO C 663 -46.33 -21.38 32.86
N ILE C 664 -47.07 -22.00 31.95
CA ILE C 664 -46.59 -22.26 30.60
C ILE C 664 -47.10 -21.23 29.61
N GLY C 665 -48.40 -20.98 29.60
CA GLY C 665 -48.92 -19.93 28.74
C GLY C 665 -50.25 -20.25 28.10
N ALA C 666 -50.89 -19.24 27.53
CA ALA C 666 -52.18 -19.39 26.85
C ALA C 666 -53.21 -20.06 27.75
N GLY C 667 -53.07 -19.89 29.06
CA GLY C 667 -54.01 -20.44 30.00
C GLY C 667 -53.73 -21.84 30.48
N ILE C 668 -52.58 -22.41 30.16
CA ILE C 668 -52.26 -23.77 30.61
C ILE C 668 -50.93 -23.75 31.36
N CYS C 669 -50.78 -24.71 32.27
CA CYS C 669 -49.53 -24.85 33.00
C CYS C 669 -49.37 -26.28 33.48
N ALA C 670 -48.20 -26.56 34.04
CA ALA C 670 -47.75 -27.92 34.30
C ALA C 670 -47.34 -28.09 35.74
N SER C 671 -47.34 -29.34 36.19
CA SER C 671 -47.01 -29.68 37.56
C SER C 671 -46.48 -31.11 37.61
N TYR C 672 -46.08 -31.54 38.81
CA TYR C 672 -45.45 -32.84 39.01
C TYR C 672 -46.31 -33.70 39.94
N GLN C 673 -46.56 -34.94 39.54
CA GLN C 673 -47.32 -35.87 40.36
C GLN C 673 -46.45 -37.04 40.82
N SER C 689 -44.52 -38.23 37.71
CA SER C 689 -44.59 -37.79 36.32
C SER C 689 -45.01 -36.33 36.23
N ILE C 690 -44.76 -35.71 35.07
CA ILE C 690 -45.09 -34.32 34.83
C ILE C 690 -46.34 -34.25 33.98
N ILE C 691 -47.33 -33.48 34.42
CA ILE C 691 -48.61 -33.35 33.73
C ILE C 691 -48.81 -31.90 33.34
N ALA C 692 -49.60 -31.69 32.29
CA ALA C 692 -49.96 -30.36 31.82
C ALA C 692 -51.46 -30.27 31.76
N TYR C 693 -52.01 -29.13 32.16
CA TYR C 693 -53.45 -28.98 32.30
C TYR C 693 -53.84 -27.52 32.11
N THR C 694 -55.15 -27.28 32.13
CA THR C 694 -55.70 -25.94 32.06
C THR C 694 -55.94 -25.40 33.46
N MET C 695 -55.65 -24.12 33.65
CA MET C 695 -55.77 -23.50 34.96
C MET C 695 -57.20 -23.56 35.48
N SER C 696 -57.32 -23.62 36.79
CA SER C 696 -58.60 -23.50 37.48
C SER C 696 -58.61 -22.19 38.25
N LEU C 697 -59.58 -21.33 37.95
CA LEU C 697 -59.57 -19.99 38.54
C LEU C 697 -59.90 -19.99 40.02
N GLY C 698 -60.52 -21.04 40.52
CA GLY C 698 -60.86 -21.12 41.93
C GLY C 698 -62.11 -21.95 42.12
N ALA C 699 -62.56 -21.98 43.37
CA ALA C 699 -63.74 -22.75 43.73
C ALA C 699 -64.98 -22.14 43.09
N GLU C 700 -66.13 -22.79 43.30
CA GLU C 700 -67.38 -22.38 42.69
C GLU C 700 -68.47 -22.46 43.74
N ASN C 701 -69.14 -21.33 43.99
CA ASN C 701 -70.27 -21.33 44.90
C ASN C 701 -71.28 -20.29 44.45
N SER C 702 -72.56 -20.62 44.63
CA SER C 702 -73.66 -19.72 44.31
C SER C 702 -74.27 -19.25 45.63
N VAL C 703 -74.05 -17.99 45.96
CA VAL C 703 -74.55 -17.43 47.20
C VAL C 703 -76.07 -17.34 47.15
N ALA C 704 -76.71 -17.67 48.26
CA ALA C 704 -78.17 -17.84 48.34
C ALA C 704 -78.85 -16.48 48.43
N TYR C 705 -79.14 -15.88 47.28
CA TYR C 705 -79.79 -14.59 47.28
C TYR C 705 -81.31 -14.75 47.34
N SER C 706 -81.93 -13.88 48.13
CA SER C 706 -83.37 -13.74 48.18
C SER C 706 -83.67 -12.34 48.64
N ASN C 707 -84.90 -11.88 48.41
CA ASN C 707 -85.22 -10.50 48.68
C ASN C 707 -85.73 -10.26 50.09
N ASN C 708 -85.80 -11.28 50.94
CA ASN C 708 -86.13 -11.06 52.34
C ASN C 708 -85.30 -11.95 53.26
N SER C 709 -84.00 -12.07 52.98
CA SER C 709 -83.15 -12.88 53.85
C SER C 709 -81.77 -12.26 53.92
N ILE C 710 -81.16 -12.34 55.10
CA ILE C 710 -79.82 -11.83 55.34
C ILE C 710 -79.03 -12.84 56.16
N ALA C 711 -77.73 -12.59 56.25
CA ALA C 711 -76.84 -13.39 57.08
C ALA C 711 -76.04 -12.46 57.98
N ILE C 712 -75.92 -12.82 59.25
CA ILE C 712 -75.25 -11.97 60.24
C ILE C 712 -74.22 -12.79 61.00
N PRO C 713 -72.99 -12.29 61.16
CA PRO C 713 -71.98 -13.06 61.89
C PRO C 713 -72.32 -13.17 63.36
N THR C 714 -71.85 -14.27 63.97
CA THR C 714 -72.05 -14.50 65.39
C THR C 714 -70.75 -14.63 66.17
N ASN C 715 -69.60 -14.61 65.49
CA ASN C 715 -68.32 -14.72 66.17
C ASN C 715 -67.28 -13.99 65.32
N PHE C 716 -66.04 -13.97 65.79
CA PHE C 716 -65.00 -13.26 65.07
C PHE C 716 -63.65 -13.91 65.33
N THR C 717 -62.68 -13.53 64.50
CA THR C 717 -61.30 -13.95 64.64
C THR C 717 -60.41 -12.74 64.40
N ILE C 718 -59.20 -12.79 64.96
CA ILE C 718 -58.21 -11.76 64.78
C ILE C 718 -57.02 -12.34 64.04
N SER C 719 -56.59 -11.69 62.98
CA SER C 719 -55.51 -12.19 62.15
C SER C 719 -54.38 -11.17 62.11
N VAL C 720 -53.16 -11.68 62.06
CA VAL C 720 -51.96 -10.86 61.92
C VAL C 720 -51.25 -11.30 60.65
N THR C 721 -51.01 -10.34 59.75
CA THR C 721 -50.35 -10.65 58.50
C THR C 721 -49.16 -9.72 58.30
N THR C 722 -48.29 -10.09 57.37
CA THR C 722 -47.03 -9.38 57.15
C THR C 722 -47.01 -8.78 55.75
N GLU C 723 -46.29 -7.66 55.64
CA GLU C 723 -46.04 -7.02 54.37
C GLU C 723 -44.60 -6.52 54.34
N ILE C 724 -43.89 -6.76 53.25
CA ILE C 724 -42.47 -6.47 53.15
C ILE C 724 -42.25 -5.45 52.04
N LEU C 725 -41.53 -4.38 52.36
CA LEU C 725 -41.28 -3.33 51.37
C LEU C 725 -39.82 -2.90 51.38
N PRO C 726 -39.18 -2.82 50.22
CA PRO C 726 -37.80 -2.31 50.17
C PRO C 726 -37.78 -0.80 50.10
N VAL C 727 -36.78 -0.20 50.76
CA VAL C 727 -36.69 1.25 50.85
C VAL C 727 -35.38 1.80 50.33
N SER C 728 -34.32 1.00 50.21
CA SER C 728 -33.02 1.55 49.88
C SER C 728 -32.20 0.51 49.12
N MET C 729 -31.03 0.95 48.66
CA MET C 729 -30.07 0.05 48.02
C MET C 729 -28.67 0.62 48.21
N THR C 730 -27.67 -0.19 47.89
CA THR C 730 -26.29 0.16 48.18
C THR C 730 -25.85 1.39 47.38
N LYS C 731 -25.03 2.22 48.00
CA LYS C 731 -24.50 3.42 47.39
C LYS C 731 -23.12 3.12 46.81
N THR C 732 -22.98 3.32 45.50
CA THR C 732 -21.75 2.98 44.81
C THR C 732 -21.22 4.20 44.07
N SER C 733 -19.90 4.23 43.89
CA SER C 733 -19.25 5.28 43.13
C SER C 733 -18.17 4.65 42.26
N VAL C 734 -17.87 5.30 41.14
CA VAL C 734 -16.93 4.77 40.16
C VAL C 734 -16.00 5.89 39.71
N ASP C 735 -14.71 5.59 39.67
CA ASP C 735 -13.71 6.50 39.13
C ASP C 735 -13.57 6.24 37.64
N CYS C 736 -13.93 7.24 36.82
CA CYS C 736 -13.99 7.04 35.38
C CYS C 736 -12.62 6.71 34.81
N THR C 737 -11.63 7.56 35.10
CA THR C 737 -10.33 7.42 34.45
C THR C 737 -9.62 6.15 34.87
N MET C 738 -9.71 5.78 36.16
CA MET C 738 -9.01 4.58 36.62
C MET C 738 -9.62 3.33 36.01
N TYR C 739 -10.93 3.30 35.84
CA TYR C 739 -11.57 2.15 35.22
C TYR C 739 -11.24 2.07 33.74
N ILE C 740 -11.36 3.19 33.03
CA ILE C 740 -11.27 3.13 31.57
C ILE C 740 -9.83 3.14 31.06
N CYS C 741 -8.88 3.60 31.85
CA CYS C 741 -7.49 3.69 31.40
C CYS C 741 -6.53 2.83 32.19
N GLY C 742 -6.79 2.59 33.46
CA GLY C 742 -5.95 1.70 34.25
C GLY C 742 -4.52 2.19 34.42
N ASP C 743 -4.35 3.45 34.77
CA ASP C 743 -3.04 4.03 35.08
C ASP C 743 -2.09 3.93 33.88
N SER C 744 -2.45 4.64 32.82
CA SER C 744 -1.61 4.76 31.63
C SER C 744 -1.68 6.19 31.15
N THR C 745 -0.53 6.86 31.05
CA THR C 745 -0.50 8.26 30.66
C THR C 745 -1.02 8.45 29.25
N GLU C 746 -0.63 7.57 28.33
CA GLU C 746 -1.08 7.69 26.94
C GLU C 746 -2.60 7.58 26.84
N CYS C 747 -3.18 6.64 27.58
CA CYS C 747 -4.64 6.51 27.57
C CYS C 747 -5.29 7.76 28.12
N SER C 748 -4.73 8.33 29.18
CA SER C 748 -5.30 9.55 29.75
C SER C 748 -5.25 10.70 28.75
N ASN C 749 -4.12 10.86 28.07
CA ASN C 749 -3.99 11.93 27.09
C ASN C 749 -4.97 11.74 25.95
N LEU C 750 -5.12 10.51 25.46
CA LEU C 750 -6.10 10.26 24.41
C LEU C 750 -7.53 10.51 24.90
N LEU C 751 -7.79 10.17 26.16
CA LEU C 751 -9.13 10.33 26.71
C LEU C 751 -9.49 11.79 26.93
N LEU C 752 -8.48 12.64 27.14
CA LEU C 752 -8.74 14.04 27.45
C LEU C 752 -9.57 14.72 26.38
N GLN C 753 -9.46 14.28 25.12
CA GLN C 753 -10.12 14.95 24.01
C GLN C 753 -11.55 14.47 23.78
N TYR C 754 -12.18 13.88 24.80
CA TYR C 754 -13.59 13.51 24.72
C TYR C 754 -14.49 14.48 25.46
N GLY C 755 -13.95 15.58 25.95
CA GLY C 755 -14.75 16.54 26.67
C GLY C 755 -15.16 16.03 28.04
N SER C 756 -16.13 16.74 28.63
CA SER C 756 -16.70 16.35 29.91
C SER C 756 -17.57 15.12 29.69
N PHE C 757 -17.04 13.96 30.03
CA PHE C 757 -17.74 12.70 29.80
C PHE C 757 -18.11 11.98 31.10
N CYS C 758 -17.24 12.00 32.10
CA CYS C 758 -17.48 11.28 33.33
C CYS C 758 -17.85 12.19 34.50
N THR C 759 -17.72 13.51 34.33
CA THR C 759 -18.32 14.42 35.30
C THR C 759 -19.81 14.17 35.41
N GLN C 760 -20.47 13.94 34.27
CA GLN C 760 -21.89 13.59 34.28
C GLN C 760 -22.14 12.29 35.03
N LEU C 761 -21.28 11.29 34.81
CA LEU C 761 -21.47 10.01 35.48
C LEU C 761 -21.35 10.16 37.00
N ASN C 762 -20.33 10.90 37.44
CA ASN C 762 -20.16 11.11 38.87
C ASN C 762 -21.32 11.91 39.44
N ARG C 763 -21.81 12.90 38.70
CA ARG C 763 -22.96 13.66 39.16
C ARG C 763 -24.18 12.77 39.34
N ALA C 764 -24.43 11.89 38.37
CA ALA C 764 -25.57 10.99 38.46
C ALA C 764 -25.44 10.06 39.66
N LEU C 765 -24.26 9.48 39.86
CA LEU C 765 -24.10 8.55 40.97
C LEU C 765 -24.23 9.24 42.32
N THR C 766 -23.70 10.46 42.44
CA THR C 766 -23.87 11.21 43.69
C THR C 766 -25.34 11.52 43.94
N GLY C 767 -26.08 11.88 42.88
CA GLY C 767 -27.51 12.06 43.03
C GLY C 767 -28.19 10.81 43.54
N ILE C 768 -27.79 9.65 43.01
CA ILE C 768 -28.38 8.39 43.46
C ILE C 768 -28.13 8.18 44.94
N ALA C 769 -26.90 8.39 45.39
CA ALA C 769 -26.57 8.16 46.79
C ALA C 769 -27.35 9.08 47.71
N VAL C 770 -27.41 10.36 47.35
CA VAL C 770 -28.18 11.31 48.16
C VAL C 770 -29.63 10.90 48.22
N GLU C 771 -30.18 10.44 47.10
CA GLU C 771 -31.58 10.00 47.09
C GLU C 771 -31.78 8.81 48.02
N GLN C 772 -30.83 7.87 48.05
CA GLN C 772 -30.99 6.73 48.95
C GLN C 772 -31.05 7.17 50.40
N ASP C 773 -30.15 8.06 50.79
CA ASP C 773 -30.16 8.52 52.17
C ASP C 773 -31.45 9.26 52.49
N LYS C 774 -31.93 10.07 51.55
CA LYS C 774 -33.20 10.77 51.75
C LYS C 774 -34.36 9.80 51.90
N ASN C 775 -34.36 8.73 51.11
CA ASN C 775 -35.42 7.73 51.21
C ASN C 775 -35.48 7.15 52.62
N THR C 776 -34.33 6.68 53.11
CA THR C 776 -34.33 6.07 54.44
C THR C 776 -34.78 7.06 55.50
N GLN C 777 -34.23 8.28 55.46
CA GLN C 777 -34.58 9.28 56.46
C GLN C 777 -36.06 9.62 56.42
N GLU C 778 -36.64 9.67 55.22
CA GLU C 778 -38.05 10.00 55.09
C GLU C 778 -38.94 8.90 55.64
N VAL C 779 -38.57 7.63 55.39
CA VAL C 779 -39.42 6.55 55.86
C VAL C 779 -39.39 6.45 57.38
N PHE C 780 -38.19 6.49 57.97
CA PHE C 780 -38.13 6.10 59.38
C PHE C 780 -38.23 7.27 60.35
N ALA C 781 -37.62 8.41 60.04
CA ALA C 781 -37.57 9.53 60.99
C ALA C 781 -38.89 10.30 60.93
N GLN C 782 -39.89 9.77 61.62
CA GLN C 782 -41.19 10.41 61.70
C GLN C 782 -41.62 10.70 63.14
N VAL C 783 -40.68 10.73 64.07
CA VAL C 783 -40.98 11.03 65.47
C VAL C 783 -40.03 12.11 65.95
N LYS C 784 -40.53 12.95 66.84
CA LYS C 784 -39.74 14.04 67.39
C LYS C 784 -39.01 13.65 68.67
N GLN C 785 -39.51 12.66 69.40
CA GLN C 785 -38.91 12.24 70.66
C GLN C 785 -38.77 10.74 70.70
N ILE C 786 -37.89 10.26 71.57
CA ILE C 786 -37.63 8.83 71.70
C ILE C 786 -38.39 8.29 72.90
N TYR C 787 -39.59 7.75 72.65
CA TYR C 787 -40.41 7.25 73.73
C TYR C 787 -39.87 5.92 74.25
N LYS C 788 -40.24 5.59 75.48
CA LYS C 788 -39.81 4.37 76.12
C LYS C 788 -40.98 3.71 76.83
N THR C 789 -41.04 2.38 76.74
CA THR C 789 -42.07 1.64 77.43
C THR C 789 -41.75 1.54 78.93
N PRO C 790 -42.77 1.55 79.78
CA PRO C 790 -42.53 1.51 81.23
C PRO C 790 -41.97 0.16 81.65
N PRO C 791 -41.24 0.12 82.77
CA PRO C 791 -40.68 -1.17 83.23
C PRO C 791 -41.72 -2.22 83.53
N ILE C 792 -42.87 -1.83 84.07
CA ILE C 792 -43.95 -2.77 84.36
C ILE C 792 -44.89 -2.83 83.16
N LYS C 793 -45.21 -4.03 82.72
CA LYS C 793 -45.92 -4.26 81.47
C LYS C 793 -47.17 -5.08 81.73
N ASP C 794 -48.30 -4.40 81.92
CA ASP C 794 -49.60 -5.06 82.06
C ASP C 794 -50.56 -4.36 81.09
N PHE C 795 -50.54 -4.82 79.83
CA PHE C 795 -51.40 -4.25 78.81
C PHE C 795 -52.68 -5.04 78.66
N GLY C 796 -53.38 -5.25 79.77
CA GLY C 796 -54.66 -5.94 79.72
C GLY C 796 -54.58 -7.39 79.32
N GLY C 797 -53.41 -8.01 79.40
CA GLY C 797 -53.24 -9.40 79.01
C GLY C 797 -52.56 -9.60 77.67
N PHE C 798 -52.41 -8.55 76.88
CA PHE C 798 -51.70 -8.67 75.61
C PHE C 798 -50.20 -8.77 75.86
N ASN C 799 -49.52 -9.56 75.04
CA ASN C 799 -48.11 -9.89 75.26
C ASN C 799 -47.30 -9.43 74.06
N PHE C 800 -46.44 -8.43 74.29
CA PHE C 800 -45.65 -7.82 73.23
C PHE C 800 -44.17 -8.20 73.31
N SER C 801 -43.83 -9.23 74.09
CA SER C 801 -42.43 -9.53 74.35
C SER C 801 -41.66 -9.86 73.09
N GLN C 802 -42.33 -10.44 72.09
CA GLN C 802 -41.65 -10.85 70.87
C GLN C 802 -41.27 -9.69 69.97
N ILE C 803 -41.75 -8.48 70.25
CA ILE C 803 -41.52 -7.37 69.33
C ILE C 803 -40.74 -6.26 70.02
N LEU C 804 -40.85 -6.19 71.34
CA LEU C 804 -40.11 -5.18 72.08
C LEU C 804 -38.61 -5.50 72.04
N PRO C 805 -37.76 -4.48 72.13
CA PRO C 805 -36.31 -4.72 72.05
C PRO C 805 -35.82 -5.54 73.22
N ASP C 806 -34.77 -6.33 72.97
CA ASP C 806 -34.19 -7.18 73.99
C ASP C 806 -32.92 -6.54 74.52
N PRO C 807 -32.88 -6.08 75.78
CA PRO C 807 -31.66 -5.45 76.29
C PRO C 807 -30.48 -6.40 76.40
N SER C 808 -30.72 -7.71 76.41
CA SER C 808 -29.62 -8.67 76.56
C SER C 808 -28.66 -8.58 75.38
N LYS C 809 -29.18 -8.65 74.16
CA LYS C 809 -28.32 -8.62 72.99
C LYS C 809 -27.70 -7.24 72.83
N PRO C 810 -26.44 -7.16 72.40
CA PRO C 810 -25.84 -5.84 72.14
C PRO C 810 -26.53 -5.07 71.04
N SER C 811 -27.10 -5.76 70.06
CA SER C 811 -27.78 -5.09 68.95
C SER C 811 -29.01 -4.33 69.40
N LYS C 812 -29.56 -4.66 70.58
CA LYS C 812 -30.79 -4.05 71.08
C LYS C 812 -31.95 -4.24 70.11
N ARG C 813 -31.91 -5.32 69.33
CA ARG C 813 -32.98 -5.63 68.40
C ARG C 813 -34.03 -6.47 69.11
N SER C 814 -35.00 -6.97 68.36
CA SER C 814 -36.03 -7.85 68.88
C SER C 814 -35.89 -9.22 68.26
N PHE C 815 -36.71 -10.16 68.74
CA PHE C 815 -36.66 -11.53 68.23
C PHE C 815 -36.95 -11.58 66.74
N ILE C 816 -38.02 -10.91 66.31
CA ILE C 816 -38.40 -10.94 64.90
C ILE C 816 -37.34 -10.24 64.04
N GLU C 817 -36.81 -9.13 64.53
CA GLU C 817 -35.77 -8.44 63.77
C GLU C 817 -34.53 -9.30 63.62
N ASP C 818 -34.15 -10.01 64.68
CA ASP C 818 -33.01 -10.92 64.58
C ASP C 818 -33.28 -12.03 63.58
N LEU C 819 -34.48 -12.60 63.60
CA LEU C 819 -34.81 -13.64 62.63
C LEU C 819 -34.71 -13.10 61.21
N LEU C 820 -35.25 -11.90 60.98
CA LEU C 820 -35.20 -11.32 59.65
C LEU C 820 -33.76 -11.08 59.20
N PHE C 821 -32.93 -10.54 60.09
CA PHE C 821 -31.54 -10.26 59.71
C PHE C 821 -30.77 -11.53 59.43
N ASN C 822 -30.98 -12.57 60.25
CA ASN C 822 -30.25 -13.82 60.05
C ASN C 822 -30.70 -14.52 58.78
N LYS C 823 -32.00 -14.49 58.47
CA LYS C 823 -32.52 -15.26 57.35
C LYS C 823 -31.92 -14.79 56.03
N VAL C 824 -31.99 -13.50 55.75
CA VAL C 824 -31.47 -12.98 54.48
C VAL C 824 -29.95 -12.99 54.51
N THR C 825 -29.34 -13.24 53.37
CA THR C 825 -27.89 -13.29 53.26
C THR C 825 -27.42 -12.74 51.91
N PHE C 853 -11.23 -4.96 42.93
CA PHE C 853 -12.00 -3.88 42.32
C PHE C 853 -11.08 -2.80 41.75
N ASN C 854 -11.50 -2.21 40.63
CA ASN C 854 -10.64 -1.40 39.79
C ASN C 854 -11.12 0.04 39.67
N GLY C 855 -11.45 0.65 40.79
CA GLY C 855 -11.95 2.01 40.79
C GLY C 855 -13.40 2.15 41.18
N LEU C 856 -14.03 1.09 41.66
CA LEU C 856 -15.39 1.13 42.16
C LEU C 856 -15.37 1.01 43.68
N THR C 857 -16.14 1.86 44.35
CA THR C 857 -16.18 1.89 45.81
C THR C 857 -17.63 1.87 46.27
N VAL C 858 -17.82 1.42 47.51
CA VAL C 858 -19.13 1.33 48.13
C VAL C 858 -19.13 2.20 49.37
N LEU C 859 -20.03 3.17 49.41
CA LEU C 859 -20.07 4.07 50.54
C LEU C 859 -21.07 3.56 51.59
N PRO C 860 -20.76 3.71 52.87
CA PRO C 860 -21.68 3.24 53.90
C PRO C 860 -22.86 4.17 54.05
N PRO C 861 -24.01 3.65 54.48
CA PRO C 861 -25.17 4.52 54.70
C PRO C 861 -24.98 5.41 55.91
N LEU C 862 -25.72 6.52 55.91
CA LEU C 862 -25.58 7.49 56.99
C LEU C 862 -26.14 6.96 58.30
N LEU C 863 -27.31 6.31 58.25
CA LEU C 863 -27.97 5.81 59.45
C LEU C 863 -27.57 4.36 59.67
N THR C 864 -26.77 4.10 60.69
CA THR C 864 -26.45 2.73 61.04
C THR C 864 -27.67 2.02 61.60
N ASP C 865 -27.66 0.69 61.51
CA ASP C 865 -28.85 -0.09 61.82
C ASP C 865 -29.28 0.02 63.27
N GLU C 866 -28.37 0.36 64.19
CA GLU C 866 -28.77 0.60 65.56
C GLU C 866 -29.73 1.78 65.65
N MET C 867 -29.46 2.84 64.89
CA MET C 867 -30.35 4.00 64.89
C MET C 867 -31.71 3.65 64.32
N ILE C 868 -31.74 2.84 63.26
CA ILE C 868 -33.02 2.43 62.69
C ILE C 868 -33.81 1.59 63.69
N ALA C 869 -33.12 0.68 64.38
CA ALA C 869 -33.80 -0.10 65.41
C ALA C 869 -34.35 0.80 66.51
N GLN C 870 -33.60 1.83 66.87
CA GLN C 870 -34.06 2.77 67.89
C GLN C 870 -35.32 3.52 67.42
N TYR C 871 -35.33 3.95 66.16
CA TYR C 871 -36.53 4.59 65.61
C TYR C 871 -37.74 3.66 65.67
N THR C 872 -37.57 2.41 65.24
CA THR C 872 -38.70 1.49 65.27
C THR C 872 -39.18 1.26 66.70
N SER C 873 -38.25 1.13 67.65
CA SER C 873 -38.64 0.95 69.03
C SER C 873 -39.42 2.16 69.54
N ALA C 874 -38.98 3.37 69.18
CA ALA C 874 -39.67 4.57 69.63
C ALA C 874 -41.09 4.62 69.08
N LEU C 875 -41.24 4.33 67.78
CA LEU C 875 -42.58 4.33 67.18
C LEU C 875 -43.47 3.32 67.85
N LEU C 876 -42.94 2.12 68.12
CA LEU C 876 -43.77 1.05 68.64
C LEU C 876 -44.17 1.32 70.08
N ALA C 877 -43.24 1.82 70.90
CA ALA C 877 -43.60 2.19 72.26
C ALA C 877 -44.62 3.31 72.28
N GLY C 878 -44.46 4.30 71.38
CA GLY C 878 -45.42 5.38 71.32
C GLY C 878 -46.82 4.91 70.99
N THR C 879 -46.94 4.04 69.99
CA THR C 879 -48.27 3.58 69.62
C THR C 879 -48.86 2.64 70.66
N ILE C 880 -48.04 1.88 71.37
CA ILE C 880 -48.58 1.04 72.44
C ILE C 880 -49.10 1.90 73.58
N THR C 881 -48.37 2.95 73.94
CA THR C 881 -48.73 3.67 75.17
C THR C 881 -49.74 4.78 74.95
N SER C 882 -49.71 5.47 73.81
CA SER C 882 -50.49 6.70 73.67
C SER C 882 -51.43 6.68 72.48
N GLY C 883 -51.84 5.51 72.01
CA GLY C 883 -52.80 5.45 70.91
C GLY C 883 -52.26 6.12 69.67
N TRP C 884 -53.13 6.88 68.99
CA TRP C 884 -52.72 7.68 67.86
C TRP C 884 -52.52 9.14 68.20
N THR C 885 -52.58 9.50 69.48
CA THR C 885 -52.47 10.90 69.86
C THR C 885 -51.10 11.46 69.53
N PHE C 886 -50.04 10.68 69.74
CA PHE C 886 -48.69 11.18 69.55
C PHE C 886 -48.39 11.51 68.09
N GLY C 887 -49.23 11.07 67.15
CA GLY C 887 -49.02 11.42 65.76
C GLY C 887 -49.45 12.82 65.41
N ALA C 888 -50.30 13.44 66.22
CA ALA C 888 -50.78 14.79 65.98
C ALA C 888 -50.02 15.82 66.83
N GLY C 889 -50.03 15.63 68.15
CA GLY C 889 -49.36 16.56 69.04
C GLY C 889 -48.49 15.85 70.06
N ALA C 890 -48.73 16.12 71.33
CA ALA C 890 -48.01 15.46 72.40
C ALA C 890 -48.67 14.13 72.74
N ALA C 891 -47.86 13.18 73.18
CA ALA C 891 -48.36 11.86 73.51
C ALA C 891 -49.26 11.93 74.73
N LEU C 892 -50.37 11.19 74.69
CA LEU C 892 -51.35 11.19 75.76
C LEU C 892 -51.59 9.75 76.20
N GLN C 893 -51.32 9.46 77.47
CA GLN C 893 -51.44 8.10 77.94
C GLN C 893 -52.90 7.64 77.98
N ILE C 894 -53.10 6.35 77.78
CA ILE C 894 -54.42 5.74 77.73
C ILE C 894 -54.26 4.24 77.96
N PRO C 895 -54.99 3.64 78.89
CA PRO C 895 -54.86 2.19 79.10
C PRO C 895 -55.22 1.42 77.85
N PHE C 896 -54.50 0.32 77.61
CA PHE C 896 -54.53 -0.33 76.31
C PHE C 896 -55.91 -0.87 75.97
N ALA C 897 -56.62 -1.42 76.94
CA ALA C 897 -57.94 -1.98 76.67
C ALA C 897 -58.89 -0.91 76.16
N MET C 898 -58.83 0.29 76.73
CA MET C 898 -59.69 1.37 76.25
C MET C 898 -59.31 1.79 74.84
N GLN C 899 -58.02 1.76 74.51
CA GLN C 899 -57.61 2.06 73.14
C GLN C 899 -58.19 1.03 72.17
N MET C 900 -58.15 -0.24 72.55
CA MET C 900 -58.77 -1.27 71.71
C MET C 900 -60.27 -1.06 71.59
N ALA C 901 -60.90 -0.57 72.67
CA ALA C 901 -62.33 -0.27 72.59
C ALA C 901 -62.61 0.83 71.59
N TYR C 902 -61.78 1.88 71.60
CA TYR C 902 -61.92 2.92 70.58
C TYR C 902 -61.76 2.36 69.18
N ARG C 903 -60.79 1.48 69.00
CA ARG C 903 -60.54 0.93 67.66
C ARG C 903 -61.68 0.05 67.20
N PHE C 904 -62.29 -0.72 68.11
CA PHE C 904 -63.50 -1.45 67.76
C PHE C 904 -64.62 -0.50 67.38
N ASN C 905 -64.80 0.57 68.16
CA ASN C 905 -65.83 1.55 67.83
C ASN C 905 -65.60 2.15 66.47
N GLY C 906 -64.35 2.18 66.02
CA GLY C 906 -64.04 2.74 64.72
C GLY C 906 -64.40 1.89 63.52
N ILE C 907 -64.87 0.65 63.71
CA ILE C 907 -65.27 -0.20 62.59
C ILE C 907 -66.72 -0.64 62.71
N GLY C 908 -67.51 0.06 63.51
CA GLY C 908 -68.92 -0.24 63.61
C GLY C 908 -69.29 -1.33 64.58
N VAL C 909 -68.47 -1.61 65.57
CA VAL C 909 -68.79 -2.57 66.62
C VAL C 909 -68.69 -1.85 67.96
N THR C 910 -69.71 -2.00 68.79
CA THR C 910 -69.74 -1.30 70.08
C THR C 910 -68.69 -1.87 71.02
N GLN C 911 -68.18 -1.01 71.90
CA GLN C 911 -67.16 -1.42 72.86
C GLN C 911 -67.68 -2.44 73.85
N ASN C 912 -69.00 -2.48 74.04
CA ASN C 912 -69.66 -3.57 74.74
C ASN C 912 -69.07 -4.92 74.37
N VAL C 913 -68.89 -5.15 73.06
CA VAL C 913 -68.40 -6.44 72.59
C VAL C 913 -66.98 -6.69 73.07
N LEU C 914 -66.11 -5.67 72.99
CA LEU C 914 -64.73 -5.85 73.43
C LEU C 914 -64.66 -6.17 74.92
N TYR C 915 -65.36 -5.40 75.74
CA TYR C 915 -65.16 -5.53 77.18
C TYR C 915 -65.63 -6.87 77.72
N GLU C 916 -66.48 -7.58 77.00
CA GLU C 916 -67.01 -8.85 77.46
C GLU C 916 -66.32 -10.05 76.83
N ASN C 917 -65.32 -9.84 75.98
CA ASN C 917 -64.56 -10.92 75.39
C ASN C 917 -63.08 -10.60 75.42
N GLN C 918 -62.61 -10.02 76.53
CA GLN C 918 -61.24 -9.53 76.58
C GLN C 918 -60.24 -10.67 76.56
N LYS C 919 -60.45 -11.70 77.39
CA LYS C 919 -59.49 -12.80 77.47
C LYS C 919 -59.40 -13.55 76.15
N LEU C 920 -60.53 -13.80 75.51
CA LEU C 920 -60.52 -14.54 74.24
C LEU C 920 -59.75 -13.77 73.18
N ILE C 921 -59.98 -12.46 73.09
CA ILE C 921 -59.28 -11.62 72.12
C ILE C 921 -57.78 -11.60 72.41
N ALA C 922 -57.41 -11.46 73.69
CA ALA C 922 -55.99 -11.48 74.02
C ALA C 922 -55.34 -12.80 73.62
N ASN C 923 -56.03 -13.91 73.87
CA ASN C 923 -55.48 -15.21 73.51
C ASN C 923 -55.32 -15.35 72.00
N GLN C 924 -56.31 -14.90 71.24
CA GLN C 924 -56.21 -14.97 69.78
C GLN C 924 -55.03 -14.15 69.28
N PHE C 925 -54.85 -12.95 69.83
CA PHE C 925 -53.72 -12.11 69.42
C PHE C 925 -52.40 -12.80 69.73
N ASN C 926 -52.29 -13.37 70.93
CA ASN C 926 -51.04 -14.04 71.31
C ASN C 926 -50.76 -15.22 70.40
N SER C 927 -51.78 -16.00 70.08
CA SER C 927 -51.58 -17.15 69.21
C SER C 927 -51.13 -16.72 67.82
N ALA C 928 -51.75 -15.67 67.26
CA ALA C 928 -51.35 -15.22 65.93
C ALA C 928 -49.92 -14.71 65.91
N ILE C 929 -49.56 -13.91 66.92
CA ILE C 929 -48.19 -13.38 66.95
C ILE C 929 -47.19 -14.51 67.16
N GLY C 930 -47.59 -15.57 67.86
CA GLY C 930 -46.73 -16.73 67.98
C GLY C 930 -46.56 -17.47 66.66
N LYS C 931 -47.64 -17.58 65.88
CA LYS C 931 -47.56 -18.27 64.60
C LYS C 931 -46.68 -17.53 63.61
N ILE C 932 -46.67 -16.20 63.68
CA ILE C 932 -45.86 -15.42 62.73
C ILE C 932 -44.40 -15.83 62.81
N GLN C 933 -43.88 -15.97 64.03
CA GLN C 933 -42.47 -16.28 64.22
C GLN C 933 -42.12 -17.62 63.61
N ASP C 934 -42.95 -18.64 63.85
CA ASP C 934 -42.70 -19.95 63.25
C ASP C 934 -42.77 -19.89 61.73
N SER C 935 -43.74 -19.14 61.20
CA SER C 935 -43.86 -19.05 59.76
C SER C 935 -42.61 -18.45 59.13
N LEU C 936 -42.05 -17.41 59.76
CA LEU C 936 -40.81 -16.84 59.24
C LEU C 936 -39.64 -17.81 59.43
N SER C 937 -39.53 -18.41 60.61
CA SER C 937 -38.36 -19.23 60.93
C SER C 937 -38.26 -20.45 60.03
N SER C 938 -39.39 -21.13 59.80
CA SER C 938 -39.35 -22.37 59.02
C SER C 938 -39.30 -22.07 57.52
N THR C 939 -40.33 -21.42 57.01
CA THR C 939 -40.45 -21.18 55.58
C THR C 939 -39.40 -20.18 55.11
N ALA C 940 -38.67 -20.55 54.06
CA ALA C 940 -37.71 -19.67 53.42
C ALA C 940 -38.35 -18.98 52.22
N SER C 941 -37.56 -18.16 51.53
CA SER C 941 -37.98 -17.45 50.33
C SER C 941 -39.14 -16.50 50.59
N ALA C 942 -39.39 -16.14 51.85
CA ALA C 942 -40.44 -15.18 52.15
C ALA C 942 -40.00 -13.76 51.82
N LEU C 943 -38.72 -13.47 52.03
CA LEU C 943 -38.17 -12.14 51.76
C LEU C 943 -37.60 -12.07 50.34
N GLY C 944 -38.46 -12.38 49.38
CA GLY C 944 -38.02 -12.46 48.00
C GLY C 944 -37.57 -11.13 47.44
N LYS C 945 -38.23 -10.04 47.85
CA LYS C 945 -37.99 -8.75 47.20
C LYS C 945 -36.61 -8.20 47.55
N LEU C 946 -36.25 -8.24 48.83
CA LEU C 946 -34.94 -7.71 49.24
C LEU C 946 -33.82 -8.53 48.61
N GLN C 947 -33.97 -9.85 48.62
CA GLN C 947 -32.97 -10.71 47.98
C GLN C 947 -32.88 -10.41 46.49
N ASN C 948 -34.02 -10.16 45.84
CA ASN C 948 -34.00 -9.82 44.43
C ASN C 948 -33.22 -8.54 44.17
N VAL C 949 -33.44 -7.53 45.00
CA VAL C 949 -32.72 -6.25 44.83
C VAL C 949 -31.22 -6.48 44.97
N VAL C 950 -30.83 -7.19 46.03
CA VAL C 950 -29.40 -7.42 46.26
C VAL C 950 -28.79 -8.19 45.11
N ASN C 951 -29.48 -9.23 44.64
CA ASN C 951 -28.96 -10.04 43.55
C ASN C 951 -28.80 -9.21 42.28
N GLN C 952 -29.78 -8.36 41.98
CA GLN C 952 -29.69 -7.55 40.77
C GLN C 952 -28.50 -6.62 40.82
N ASN C 953 -28.31 -5.96 41.96
CA ASN C 953 -27.17 -5.04 42.06
C ASN C 953 -25.84 -5.78 41.93
N ALA C 954 -25.71 -6.92 42.61
CA ALA C 954 -24.47 -7.68 42.54
C ALA C 954 -24.20 -8.17 41.13
N GLN C 955 -25.24 -8.64 40.44
CA GLN C 955 -25.06 -9.13 39.08
C GLN C 955 -24.65 -8.01 38.13
N ALA C 956 -25.23 -6.82 38.30
CA ALA C 956 -24.84 -5.70 37.45
C ALA C 956 -23.37 -5.34 37.67
N LEU C 957 -22.93 -5.30 38.92
CA LEU C 957 -21.52 -5.02 39.17
C LEU C 957 -20.63 -6.10 38.57
N ASN C 958 -21.05 -7.36 38.67
CA ASN C 958 -20.25 -8.45 38.14
C ASN C 958 -20.10 -8.34 36.63
N THR C 959 -21.19 -8.06 35.92
CA THR C 959 -21.06 -7.93 34.47
C THR C 959 -20.25 -6.70 34.08
N LEU C 960 -20.35 -5.62 34.85
CA LEU C 960 -19.54 -4.45 34.56
C LEU C 960 -18.06 -4.77 34.68
N VAL C 961 -17.66 -5.47 35.74
CA VAL C 961 -16.25 -5.78 35.91
C VAL C 961 -15.82 -6.86 34.93
N LYS C 962 -16.76 -7.69 34.46
CA LYS C 962 -16.41 -8.71 33.48
C LYS C 962 -16.16 -8.11 32.11
N GLN C 963 -16.85 -7.03 31.77
CA GLN C 963 -16.67 -6.42 30.45
C GLN C 963 -15.26 -5.88 30.22
N LEU C 964 -14.39 -5.93 31.23
CA LEU C 964 -13.04 -5.40 31.11
C LEU C 964 -12.07 -6.37 30.45
N SER C 965 -12.56 -7.39 29.77
CA SER C 965 -11.71 -8.41 29.16
C SER C 965 -12.17 -8.72 27.75
N SER C 966 -12.39 -7.67 26.96
CA SER C 966 -12.85 -7.82 25.59
C SER C 966 -12.01 -6.97 24.66
N ASN C 967 -11.78 -7.48 23.45
CA ASN C 967 -10.95 -6.77 22.48
C ASN C 967 -11.67 -5.60 21.85
N PHE C 968 -12.97 -5.73 21.62
CA PHE C 968 -13.75 -4.73 20.87
C PHE C 968 -13.15 -4.46 19.50
N GLY C 969 -12.54 -5.48 18.91
CA GLY C 969 -11.92 -5.34 17.60
C GLY C 969 -10.45 -5.00 17.60
N ALA C 970 -9.84 -4.86 18.77
CA ALA C 970 -8.40 -4.63 18.85
C ALA C 970 -7.68 -5.97 18.84
N ILE C 971 -6.35 -5.93 19.00
CA ILE C 971 -5.56 -7.16 18.95
C ILE C 971 -5.31 -7.76 20.31
N SER C 972 -5.64 -7.06 21.40
CA SER C 972 -5.47 -7.62 22.73
C SER C 972 -6.37 -6.87 23.70
N SER C 973 -6.61 -7.50 24.85
CA SER C 973 -7.40 -6.87 25.91
C SER C 973 -6.54 -6.05 26.84
N VAL C 974 -5.40 -6.60 27.28
CA VAL C 974 -4.49 -5.85 28.13
C VAL C 974 -3.86 -4.70 27.33
N LEU C 975 -3.57 -3.61 28.02
CA LEU C 975 -3.09 -2.40 27.39
C LEU C 975 -1.58 -2.31 27.30
N ASN C 976 -0.87 -2.89 28.28
CA ASN C 976 0.59 -2.81 28.27
C ASN C 976 1.17 -3.54 27.06
N ASP C 977 0.55 -4.64 26.64
CA ASP C 977 0.99 -5.32 25.44
C ASP C 977 0.84 -4.43 24.21
N ILE C 978 -0.28 -3.71 24.12
CA ILE C 978 -0.47 -2.78 23.02
C ILE C 978 0.61 -1.71 23.04
N LEU C 979 0.94 -1.21 24.24
CA LEU C 979 1.97 -0.19 24.34
C LEU C 979 3.33 -0.71 23.91
N SER C 980 3.68 -1.92 24.34
CA SER C 980 5.04 -2.43 24.17
C SER C 980 5.21 -3.30 22.93
N ARG C 981 4.18 -3.47 22.11
CA ARG C 981 4.31 -4.31 20.92
C ARG C 981 3.91 -3.59 19.65
N LEU C 982 3.86 -2.27 19.66
CA LEU C 982 3.43 -1.53 18.48
C LEU C 982 4.07 -0.15 18.46
N ASP C 983 4.11 0.44 17.27
CA ASP C 983 4.54 1.81 17.14
C ASP C 983 3.44 2.73 17.65
N PRO C 984 3.79 3.86 18.27
CA PRO C 984 2.78 4.75 18.87
C PRO C 984 1.71 5.17 17.89
N PRO C 985 2.05 5.48 16.62
CA PRO C 985 0.97 5.81 15.67
C PRO C 985 -0.06 4.71 15.51
N GLU C 986 0.33 3.45 15.59
CA GLU C 986 -0.63 2.35 15.56
C GLU C 986 -1.14 2.01 16.95
N ALA C 987 -0.31 2.25 17.97
CA ALA C 987 -0.75 2.00 19.33
C ALA C 987 -1.97 2.83 19.68
N GLU C 988 -1.98 4.11 19.29
CA GLU C 988 -3.14 4.94 19.59
C GLU C 988 -4.38 4.49 18.83
N VAL C 989 -4.20 4.02 17.60
CA VAL C 989 -5.33 3.49 16.83
C VAL C 989 -5.92 2.29 17.55
N GLN C 990 -5.07 1.40 18.06
CA GLN C 990 -5.58 0.26 18.82
C GLN C 990 -6.26 0.70 20.11
N ILE C 991 -5.68 1.71 20.79
CA ILE C 991 -6.21 2.15 22.08
C ILE C 991 -7.60 2.75 21.92
N ASP C 992 -7.86 3.42 20.80
CA ASP C 992 -9.14 4.09 20.62
C ASP C 992 -10.32 3.13 20.74
N ARG C 993 -10.17 1.91 20.20
CA ARG C 993 -11.26 0.95 20.24
C ARG C 993 -11.57 0.53 21.67
N LEU C 994 -10.53 0.22 22.45
CA LEU C 994 -10.72 -0.08 23.86
C LEU C 994 -11.43 1.06 24.56
N ILE C 995 -11.00 2.29 24.29
CA ILE C 995 -11.58 3.44 24.98
C ILE C 995 -13.07 3.53 24.70
N THR C 996 -13.45 3.47 23.41
CA THR C 996 -14.86 3.63 23.08
C THR C 996 -15.70 2.49 23.63
N GLY C 997 -15.20 1.26 23.57
CA GLY C 997 -15.98 0.14 24.10
C GLY C 997 -16.22 0.27 25.60
N ARG C 998 -15.17 0.59 26.35
CA ARG C 998 -15.31 0.71 27.80
C ARG C 998 -16.24 1.86 28.16
N LEU C 999 -16.14 2.97 27.42
CA LEU C 999 -17.04 4.09 27.67
C LEU C 999 -18.49 3.69 27.44
N GLN C 1000 -18.74 2.95 26.36
CA GLN C 1000 -20.10 2.49 26.09
C GLN C 1000 -20.64 1.64 27.23
N SER C 1001 -19.82 0.70 27.70
CA SER C 1001 -20.27 -0.17 28.80
C SER C 1001 -20.60 0.65 30.05
N LEU C 1002 -19.74 1.62 30.38
CA LEU C 1002 -19.98 2.44 31.55
C LEU C 1002 -21.29 3.21 31.43
N GLN C 1003 -21.55 3.77 30.25
CA GLN C 1003 -22.79 4.50 30.05
C GLN C 1003 -24.01 3.60 30.24
N THR C 1004 -23.95 2.38 29.70
CA THR C 1004 -25.06 1.45 29.89
C THR C 1004 -25.30 1.17 31.36
N TYR C 1005 -24.23 0.94 32.12
CA TYR C 1005 -24.38 0.67 33.54
C TYR C 1005 -25.06 1.84 34.26
N VAL C 1006 -24.64 3.07 33.95
CA VAL C 1006 -25.22 4.22 34.62
C VAL C 1006 -26.70 4.34 34.32
N THR C 1007 -27.09 4.12 33.06
CA THR C 1007 -28.51 4.23 32.71
C THR C 1007 -29.34 3.19 33.46
N GLN C 1008 -28.85 1.94 33.53
CA GLN C 1008 -29.58 0.93 34.29
C GLN C 1008 -29.74 1.34 35.74
N GLN C 1009 -28.68 1.87 36.34
CA GLN C 1009 -28.77 2.31 37.73
C GLN C 1009 -29.84 3.38 37.90
N LEU C 1010 -29.92 4.32 36.96
CA LEU C 1010 -30.92 5.37 37.06
C LEU C 1010 -32.33 4.80 37.06
N ILE C 1011 -32.61 3.88 36.14
CA ILE C 1011 -33.94 3.28 36.07
C ILE C 1011 -34.29 2.59 37.40
N ARG C 1012 -33.36 1.76 37.88
CA ARG C 1012 -33.65 1.00 39.09
C ARG C 1012 -33.83 1.91 40.29
N ALA C 1013 -33.06 2.99 40.36
CA ALA C 1013 -33.20 3.94 41.46
C ALA C 1013 -34.57 4.59 41.44
N ALA C 1014 -35.08 4.94 40.26
CA ALA C 1014 -36.41 5.51 40.19
C ALA C 1014 -37.46 4.55 40.74
N GLU C 1015 -37.35 3.27 40.36
CA GLU C 1015 -38.31 2.30 40.87
C GLU C 1015 -38.24 2.18 42.39
N ILE C 1016 -37.01 2.14 42.94
CA ILE C 1016 -36.86 2.04 44.39
C ILE C 1016 -37.46 3.26 45.07
N ARG C 1017 -37.32 4.44 44.46
CA ARG C 1017 -37.88 5.64 45.07
C ARG C 1017 -39.40 5.55 45.14
N ALA C 1018 -40.03 5.04 44.08
CA ALA C 1018 -41.48 4.86 44.13
C ALA C 1018 -41.88 3.93 45.27
N SER C 1019 -41.16 2.82 45.41
CA SER C 1019 -41.47 1.88 46.50
C SER C 1019 -41.30 2.54 47.86
N ALA C 1020 -40.24 3.34 48.03
CA ALA C 1020 -40.01 3.99 49.32
C ALA C 1020 -41.10 4.99 49.64
N ASN C 1021 -41.59 5.73 48.64
CA ASN C 1021 -42.70 6.63 48.88
C ASN C 1021 -43.93 5.88 49.35
N LEU C 1022 -44.22 4.74 48.73
CA LEU C 1022 -45.35 3.94 49.18
C LEU C 1022 -45.17 3.49 50.63
N ALA C 1023 -43.96 3.05 50.97
CA ALA C 1023 -43.70 2.60 52.34
C ALA C 1023 -43.89 3.73 53.35
N ALA C 1024 -43.43 4.93 52.99
CA ALA C 1024 -43.62 6.07 53.88
C ALA C 1024 -45.10 6.36 54.09
N THR C 1025 -45.89 6.32 53.02
CA THR C 1025 -47.33 6.55 53.16
C THR C 1025 -47.96 5.50 54.08
N LYS C 1026 -47.58 4.23 53.90
CA LYS C 1026 -48.15 3.19 54.77
C LYS C 1026 -47.78 3.42 56.21
N MET C 1027 -46.52 3.77 56.48
CA MET C 1027 -46.09 4.02 57.84
C MET C 1027 -46.88 5.15 58.46
N SER C 1028 -47.14 6.20 57.68
CA SER C 1028 -47.86 7.35 58.23
C SER C 1028 -49.32 7.02 58.47
N GLU C 1029 -49.96 6.28 57.56
CA GLU C 1029 -51.41 6.13 57.62
C GLU C 1029 -51.89 4.92 58.41
N CYS C 1030 -51.08 3.87 58.55
CA CYS C 1030 -51.54 2.66 59.22
C CYS C 1030 -50.91 2.43 60.58
N VAL C 1031 -49.78 3.05 60.87
CA VAL C 1031 -49.15 2.93 62.18
C VAL C 1031 -49.51 4.10 63.09
N LEU C 1032 -49.57 5.31 62.55
CA LEU C 1032 -49.91 6.49 63.34
C LEU C 1032 -51.41 6.75 63.39
N GLY C 1033 -52.23 5.88 62.80
CA GLY C 1033 -53.67 6.06 62.86
C GLY C 1033 -54.36 4.81 62.39
N GLN C 1034 -55.69 4.86 62.39
CA GLN C 1034 -56.51 3.76 61.92
C GLN C 1034 -57.07 4.11 60.54
N SER C 1035 -56.93 3.20 59.60
CA SER C 1035 -57.23 3.47 58.21
C SER C 1035 -58.60 2.92 57.82
N LYS C 1036 -59.34 3.68 57.01
CA LYS C 1036 -60.64 3.25 56.53
C LYS C 1036 -60.63 2.79 55.09
N ARG C 1037 -59.63 3.18 54.30
CA ARG C 1037 -59.57 2.77 52.91
C ARG C 1037 -59.29 1.27 52.83
N VAL C 1038 -60.21 0.54 52.19
CA VAL C 1038 -60.23 -0.91 52.30
C VAL C 1038 -59.00 -1.52 51.62
N ASP C 1039 -58.44 -2.54 52.25
CA ASP C 1039 -57.36 -3.36 51.72
C ASP C 1039 -56.06 -2.59 51.53
N PHE C 1040 -55.99 -1.35 52.00
CA PHE C 1040 -54.74 -0.61 51.89
C PHE C 1040 -53.64 -1.24 52.74
N CYS C 1041 -53.99 -1.65 53.95
CA CYS C 1041 -53.04 -2.33 54.83
C CYS C 1041 -53.79 -3.40 55.62
N GLY C 1042 -53.60 -4.64 55.23
CA GLY C 1042 -54.29 -5.77 55.81
C GLY C 1042 -55.32 -6.33 54.85
N LYS C 1043 -56.01 -7.38 55.33
CA LYS C 1043 -57.09 -8.02 54.59
C LYS C 1043 -58.22 -8.25 55.59
N GLY C 1044 -59.13 -7.31 55.67
CA GLY C 1044 -60.20 -7.29 56.64
C GLY C 1044 -60.41 -5.89 57.14
N TYR C 1045 -61.03 -5.79 58.31
CA TYR C 1045 -61.23 -4.48 58.93
C TYR C 1045 -60.01 -4.13 59.75
N HIS C 1046 -59.32 -3.07 59.35
CA HIS C 1046 -58.04 -2.72 59.95
C HIS C 1046 -58.22 -2.29 61.40
N LEU C 1047 -57.30 -2.74 62.26
CA LEU C 1047 -57.28 -2.35 63.66
C LEU C 1047 -56.04 -1.54 64.01
N MET C 1048 -54.85 -2.07 63.76
CA MET C 1048 -53.61 -1.38 64.09
C MET C 1048 -52.45 -2.15 63.46
N SER C 1049 -51.25 -1.57 63.53
CA SER C 1049 -50.11 -2.15 62.85
C SER C 1049 -48.82 -1.86 63.61
N PHE C 1050 -47.80 -2.67 63.33
CA PHE C 1050 -46.50 -2.57 63.96
C PHE C 1050 -45.38 -2.61 62.93
N PRO C 1051 -44.38 -1.75 63.05
CA PRO C 1051 -43.24 -1.78 62.15
C PRO C 1051 -42.07 -2.60 62.69
N GLN C 1052 -41.28 -3.14 61.76
CA GLN C 1052 -40.03 -3.82 62.08
C GLN C 1052 -39.02 -3.50 61.00
N SER C 1053 -37.75 -3.44 61.39
CA SER C 1053 -36.68 -3.12 60.47
C SER C 1053 -36.21 -4.38 59.73
N ALA C 1054 -35.56 -4.16 58.60
CA ALA C 1054 -35.00 -5.25 57.81
C ALA C 1054 -33.84 -4.69 57.00
N PRO C 1055 -32.89 -5.54 56.60
CA PRO C 1055 -31.59 -5.01 56.12
C PRO C 1055 -31.67 -3.91 55.09
N HIS C 1056 -32.63 -3.95 54.17
CA HIS C 1056 -32.80 -2.84 53.24
C HIS C 1056 -34.25 -2.44 53.13
N GLY C 1057 -35.05 -2.71 54.15
CA GLY C 1057 -36.46 -2.42 54.03
C GLY C 1057 -37.17 -2.50 55.35
N VAL C 1058 -38.50 -2.55 55.26
CA VAL C 1058 -39.37 -2.52 56.42
C VAL C 1058 -40.40 -3.63 56.30
N VAL C 1059 -40.86 -4.11 57.46
CA VAL C 1059 -41.87 -5.15 57.54
C VAL C 1059 -43.00 -4.64 58.41
N PHE C 1060 -44.23 -4.68 57.90
CA PHE C 1060 -45.41 -4.26 58.63
C PHE C 1060 -46.19 -5.48 59.07
N LEU C 1061 -46.56 -5.51 60.34
CA LEU C 1061 -47.49 -6.50 60.87
C LEU C 1061 -48.84 -5.83 61.07
N HIS C 1062 -49.84 -6.27 60.31
CA HIS C 1062 -51.18 -5.71 60.37
C HIS C 1062 -52.06 -6.63 61.19
N VAL C 1063 -52.86 -6.05 62.10
CA VAL C 1063 -53.82 -6.77 62.89
C VAL C 1063 -55.21 -6.41 62.40
N THR C 1064 -56.01 -7.42 62.04
CA THR C 1064 -57.31 -7.18 61.44
C THR C 1064 -58.36 -8.08 62.06
N TYR C 1065 -59.61 -7.64 61.92
CA TYR C 1065 -60.79 -8.27 62.50
C TYR C 1065 -61.58 -8.93 61.37
N VAL C 1066 -61.94 -10.21 61.56
CA VAL C 1066 -62.61 -10.99 60.53
C VAL C 1066 -63.85 -11.65 61.12
N PRO C 1067 -65.04 -11.40 60.59
CA PRO C 1067 -66.24 -12.05 61.13
C PRO C 1067 -66.29 -13.53 60.77
N ALA C 1068 -67.13 -14.26 61.51
CA ALA C 1068 -67.21 -15.71 61.34
C ALA C 1068 -68.50 -16.24 61.95
N GLN C 1069 -68.84 -17.47 61.55
CA GLN C 1069 -69.99 -18.22 62.08
C GLN C 1069 -71.31 -17.49 61.84
N GLU C 1070 -71.66 -17.41 60.55
CA GLU C 1070 -72.86 -16.71 60.11
C GLU C 1070 -74.12 -17.48 60.49
N LYS C 1071 -75.27 -16.93 60.12
CA LYS C 1071 -76.56 -17.54 60.40
C LYS C 1071 -77.64 -16.84 59.60
N ASN C 1072 -78.53 -17.61 59.00
CA ASN C 1072 -79.61 -17.05 58.20
C ASN C 1072 -80.65 -16.35 59.07
N PHE C 1073 -81.24 -15.30 58.53
CA PHE C 1073 -82.34 -14.60 59.19
C PHE C 1073 -83.26 -14.00 58.14
N THR C 1074 -84.48 -13.73 58.55
CA THR C 1074 -85.47 -13.05 57.71
C THR C 1074 -85.52 -11.58 58.09
N THR C 1075 -85.62 -10.71 57.10
CA THR C 1075 -85.46 -9.28 57.31
C THR C 1075 -86.64 -8.52 56.71
N ALA C 1076 -86.69 -7.22 57.01
CA ALA C 1076 -87.71 -6.32 56.51
C ALA C 1076 -87.19 -4.91 56.63
N PRO C 1077 -87.57 -4.01 55.71
CA PRO C 1077 -86.99 -2.66 55.73
C PRO C 1077 -87.62 -1.70 56.73
N ALA C 1078 -88.87 -1.90 57.12
CA ALA C 1078 -89.52 -0.98 58.04
C ALA C 1078 -90.64 -1.72 58.76
N ILE C 1079 -91.17 -1.10 59.80
CA ILE C 1079 -92.22 -1.70 60.63
C ILE C 1079 -93.41 -0.76 60.64
N CYS C 1080 -94.58 -1.27 60.26
CA CYS C 1080 -95.81 -0.48 60.32
C CYS C 1080 -96.52 -0.75 61.64
N HIS C 1081 -96.88 0.33 62.34
CA HIS C 1081 -97.52 0.24 63.64
C HIS C 1081 -98.33 1.50 63.85
N ASP C 1082 -99.62 1.33 64.18
CA ASP C 1082 -100.55 2.45 64.35
C ASP C 1082 -100.61 3.32 63.10
N GLY C 1083 -100.42 2.72 61.93
CA GLY C 1083 -100.42 3.49 60.70
C GLY C 1083 -99.18 4.33 60.47
N LYS C 1084 -98.12 4.11 61.24
CA LYS C 1084 -96.87 4.85 61.09
C LYS C 1084 -95.74 3.89 60.77
N ALA C 1085 -94.79 4.36 59.97
CA ALA C 1085 -93.65 3.55 59.59
C ALA C 1085 -92.47 3.88 60.49
N HIS C 1086 -91.80 2.83 60.97
CA HIS C 1086 -90.64 2.96 61.84
C HIS C 1086 -89.43 2.37 61.13
N PHE C 1087 -88.32 3.10 61.15
CA PHE C 1087 -87.04 2.69 60.63
C PHE C 1087 -86.03 2.62 61.78
N PRO C 1088 -85.03 1.75 61.69
CA PRO C 1088 -84.05 1.65 62.77
C PRO C 1088 -83.03 2.78 62.70
N ARG C 1089 -82.63 3.26 63.87
CA ARG C 1089 -81.62 4.32 63.94
C ARG C 1089 -80.30 3.86 63.34
N GLU C 1090 -79.69 2.86 63.96
CA GLU C 1090 -78.59 2.14 63.36
C GLU C 1090 -78.79 0.66 63.66
N GLY C 1091 -78.52 -0.18 62.66
CA GLY C 1091 -78.81 -1.59 62.81
C GLY C 1091 -79.78 -2.08 61.76
N VAL C 1092 -80.45 -3.19 62.02
CA VAL C 1092 -81.34 -3.80 61.04
C VAL C 1092 -82.34 -4.67 61.79
N PHE C 1093 -83.54 -4.77 61.23
CA PHE C 1093 -84.56 -5.67 61.77
C PHE C 1093 -84.31 -7.10 61.31
N VAL C 1094 -84.41 -8.03 62.24
CA VAL C 1094 -84.28 -9.46 61.95
C VAL C 1094 -85.37 -10.20 62.69
N SER C 1095 -85.61 -11.44 62.30
CA SER C 1095 -86.59 -12.29 62.96
C SER C 1095 -86.10 -13.73 62.96
N ASN C 1096 -86.30 -14.42 64.08
CA ASN C 1096 -85.98 -15.83 64.18
C ASN C 1096 -87.15 -16.73 63.82
N GLY C 1097 -88.10 -16.22 63.03
CA GLY C 1097 -89.27 -16.96 62.63
C GLY C 1097 -90.51 -16.65 63.43
N THR C 1098 -90.37 -16.11 64.63
CA THR C 1098 -91.54 -15.82 65.44
C THR C 1098 -91.58 -14.39 65.97
N HIS C 1099 -90.44 -13.82 66.34
CA HIS C 1099 -90.38 -12.49 66.91
C HIS C 1099 -89.35 -11.66 66.16
N TRP C 1100 -89.45 -10.34 66.32
CA TRP C 1100 -88.60 -9.40 65.62
C TRP C 1100 -87.69 -8.67 66.61
N PHE C 1101 -86.48 -8.35 66.15
CA PHE C 1101 -85.49 -7.66 66.94
C PHE C 1101 -84.69 -6.71 66.07
N VAL C 1102 -83.92 -5.84 66.72
CA VAL C 1102 -82.95 -4.98 66.06
C VAL C 1102 -81.55 -5.45 66.44
N THR C 1103 -80.64 -5.46 65.48
CA THR C 1103 -79.26 -5.79 65.78
C THR C 1103 -78.33 -4.81 65.09
N GLN C 1104 -77.13 -4.70 65.63
CA GLN C 1104 -76.05 -4.04 64.90
C GLN C 1104 -75.62 -4.92 63.74
N ARG C 1105 -75.02 -4.29 62.73
CA ARG C 1105 -74.86 -4.96 61.45
C ARG C 1105 -73.77 -6.02 61.46
N ASN C 1106 -72.73 -5.85 62.26
CA ASN C 1106 -71.54 -6.70 62.17
C ASN C 1106 -71.45 -7.73 63.28
N PHE C 1107 -72.45 -7.83 64.14
CA PHE C 1107 -72.38 -8.77 65.26
C PHE C 1107 -73.78 -9.02 65.77
N TYR C 1108 -74.14 -10.29 65.93
CA TYR C 1108 -75.50 -10.63 66.31
C TYR C 1108 -75.72 -10.32 67.78
N GLU C 1109 -76.71 -9.45 68.06
CA GLU C 1109 -77.05 -9.07 69.41
C GLU C 1109 -78.49 -8.56 69.44
N PRO C 1110 -79.47 -9.45 69.49
CA PRO C 1110 -80.87 -9.02 69.35
C PRO C 1110 -81.33 -8.16 70.52
N GLN C 1111 -82.27 -7.27 70.22
CA GLN C 1111 -82.86 -6.40 71.22
C GLN C 1111 -84.31 -6.13 70.87
N ILE C 1112 -85.08 -5.77 71.86
CA ILE C 1112 -86.51 -5.52 71.69
C ILE C 1112 -86.71 -4.17 71.00
N ILE C 1113 -87.61 -4.15 70.02
CA ILE C 1113 -87.86 -2.92 69.28
C ILE C 1113 -88.59 -1.93 70.15
N THR C 1114 -88.03 -0.73 70.29
CA THR C 1114 -88.55 0.29 71.18
C THR C 1114 -88.60 1.62 70.44
N THR C 1115 -89.39 2.55 70.97
CA THR C 1115 -89.41 3.88 70.40
C THR C 1115 -88.13 4.66 70.66
N ASP C 1116 -87.14 4.03 71.29
CA ASP C 1116 -85.87 4.69 71.58
C ASP C 1116 -84.77 4.35 70.59
N ASN C 1117 -84.90 3.25 69.86
CA ASN C 1117 -83.90 2.89 68.85
C ASN C 1117 -84.49 2.89 67.44
N THR C 1118 -85.60 3.59 67.24
CA THR C 1118 -86.20 3.73 65.93
C THR C 1118 -86.66 5.17 65.75
N PHE C 1119 -87.00 5.53 64.51
CA PHE C 1119 -87.61 6.81 64.24
C PHE C 1119 -88.73 6.65 63.21
N VAL C 1120 -89.60 7.65 63.15
CA VAL C 1120 -90.85 7.58 62.41
C VAL C 1120 -90.82 8.58 61.26
N SER C 1121 -91.40 8.20 60.13
CA SER C 1121 -91.56 9.13 59.02
C SER C 1121 -92.65 8.59 58.09
N GLY C 1122 -93.78 9.29 58.04
CA GLY C 1122 -94.83 8.93 57.11
C GLY C 1122 -95.68 7.78 57.60
N ASN C 1123 -96.45 7.24 56.65
CA ASN C 1123 -97.38 6.15 56.92
C ASN C 1123 -97.03 4.94 56.06
N CYS C 1124 -97.42 3.76 56.53
CA CYS C 1124 -97.04 2.50 55.90
C CYS C 1124 -97.89 2.26 54.66
N ASP C 1125 -97.62 3.06 53.62
CA ASP C 1125 -98.29 2.94 52.34
C ASP C 1125 -97.37 2.94 51.13
N VAL C 1126 -96.15 3.48 51.24
CA VAL C 1126 -95.27 3.61 50.08
C VAL C 1126 -94.05 2.72 50.15
N VAL C 1127 -93.73 2.16 51.31
CA VAL C 1127 -92.58 1.29 51.44
C VAL C 1127 -92.91 -0.08 50.90
N ILE C 1128 -91.98 -0.66 50.15
CA ILE C 1128 -92.15 -1.97 49.54
C ILE C 1128 -91.53 -3.01 50.46
N GLY C 1129 -92.36 -3.81 51.12
CA GLY C 1129 -91.89 -4.83 52.01
C GLY C 1129 -92.10 -4.58 53.48
N ILE C 1130 -92.85 -3.54 53.85
CA ILE C 1130 -93.11 -3.25 55.24
C ILE C 1130 -93.94 -4.38 55.86
N VAL C 1131 -93.70 -4.65 57.15
CA VAL C 1131 -94.39 -5.74 57.84
C VAL C 1131 -95.06 -5.19 59.08
N ASN C 1132 -95.98 -5.99 59.62
CA ASN C 1132 -96.78 -5.60 60.77
C ASN C 1132 -96.17 -6.16 62.04
N ASN C 1133 -96.02 -5.31 63.05
CA ASN C 1133 -95.58 -5.74 64.37
C ASN C 1133 -95.98 -4.67 65.37
N THR C 1134 -95.49 -4.79 66.60
CA THR C 1134 -95.75 -3.83 67.65
C THR C 1134 -94.45 -3.20 68.11
N VAL C 1135 -94.52 -1.93 68.48
CA VAL C 1135 -93.36 -1.18 68.95
C VAL C 1135 -93.64 -0.75 70.38
N TYR C 1136 -92.78 -1.15 71.29
CA TYR C 1136 -92.95 -0.91 72.71
C TYR C 1136 -92.34 0.43 73.10
N ASP C 1137 -92.90 1.04 74.14
CA ASP C 1137 -92.35 2.26 74.71
C ASP C 1137 -92.37 2.17 76.23
N PRO C 1138 -91.40 2.79 76.90
CA PRO C 1138 -91.26 2.56 78.34
C PRO C 1138 -92.11 3.48 79.20
N LEU C 1139 -92.50 4.63 78.65
CA LEU C 1139 -93.14 5.66 79.46
C LEU C 1139 -94.47 5.17 80.01
N GLN C 1140 -95.28 4.51 79.19
CA GLN C 1140 -96.60 4.05 79.66
C GLN C 1140 -96.50 3.06 80.81
N PRO C 1141 -95.72 1.98 80.73
CA PRO C 1141 -95.55 1.13 81.93
C PRO C 1141 -94.93 1.87 83.09
N GLU C 1142 -93.99 2.78 82.83
CA GLU C 1142 -93.38 3.52 83.93
C GLU C 1142 -94.36 4.45 84.64
N LEU C 1143 -95.43 4.85 83.96
CA LEU C 1143 -96.41 5.73 84.58
C LEU C 1143 -97.29 5.02 85.61
N ASP C 1144 -97.21 3.68 85.69
CA ASP C 1144 -98.07 2.94 86.60
C ASP C 1144 -97.27 2.21 87.66
N SER D 19 45.96 16.03 -17.98
CA SER D 19 46.16 17.25 -18.77
C SER D 19 46.73 16.93 -20.14
N THR D 20 45.97 16.18 -20.93
CA THR D 20 46.41 15.82 -22.27
C THR D 20 46.48 17.05 -23.16
N ILE D 21 47.34 16.97 -24.18
CA ILE D 21 47.57 18.09 -25.08
C ILE D 21 46.31 18.46 -25.86
N GLU D 22 45.38 17.52 -26.04
CA GLU D 22 44.13 17.84 -26.73
C GLU D 22 43.33 18.88 -25.97
N GLU D 23 43.21 18.71 -24.65
CA GLU D 23 42.50 19.71 -23.85
C GLU D 23 43.27 21.02 -23.77
N GLN D 24 44.60 20.96 -23.79
CA GLN D 24 45.40 22.18 -23.85
C GLN D 24 45.11 22.95 -25.14
N ALA D 25 45.05 22.23 -26.26
CA ALA D 25 44.72 22.88 -27.54
C ALA D 25 43.31 23.44 -27.53
N LYS D 26 42.36 22.70 -26.93
CA LYS D 26 40.99 23.20 -26.83
C LYS D 26 40.93 24.49 -26.00
N THR D 27 41.63 24.52 -24.88
CA THR D 27 41.66 25.72 -24.05
C THR D 27 42.34 26.87 -24.78
N PHE D 28 43.41 26.58 -25.52
CA PHE D 28 44.06 27.62 -26.31
C PHE D 28 43.12 28.19 -27.36
N LEU D 29 42.36 27.33 -28.03
CA LEU D 29 41.38 27.80 -29.00
C LEU D 29 40.30 28.64 -28.34
N ASP D 30 39.84 28.21 -27.15
CA ASP D 30 38.82 28.98 -26.43
C ASP D 30 39.33 30.35 -26.04
N LYS D 31 40.58 30.44 -25.59
CA LYS D 31 41.18 31.73 -25.28
C LYS D 31 41.34 32.58 -26.54
N PHE D 32 41.73 31.95 -27.65
CA PHE D 32 42.07 32.69 -28.86
C PHE D 32 40.82 33.24 -29.55
N ASN D 33 39.76 32.43 -29.64
CA ASN D 33 38.67 32.74 -30.56
C ASN D 33 37.88 33.96 -30.11
N HIS D 34 37.69 34.13 -28.79
CA HIS D 34 36.92 35.27 -28.30
C HIS D 34 37.60 36.60 -28.65
N GLU D 35 38.88 36.73 -28.30
CA GLU D 35 39.61 37.95 -28.62
C GLU D 35 39.79 38.12 -30.12
N ALA D 36 39.96 37.02 -30.86
CA ALA D 36 40.06 37.11 -32.31
C ALA D 36 38.77 37.64 -32.91
N GLU D 37 37.62 37.16 -32.42
CA GLU D 37 36.33 37.65 -32.89
C GLU D 37 36.17 39.12 -32.55
N ASP D 38 36.55 39.53 -31.34
CA ASP D 38 36.43 40.93 -30.96
C ASP D 38 37.28 41.83 -31.87
N LEU D 39 38.54 41.45 -32.09
CA LEU D 39 39.43 42.25 -32.91
C LEU D 39 38.99 42.27 -34.37
N PHE D 40 38.56 41.12 -34.89
CA PHE D 40 38.06 41.08 -36.27
C PHE D 40 36.80 41.91 -36.43
N TYR D 41 35.92 41.88 -35.43
CA TYR D 41 34.73 42.72 -35.49
C TYR D 41 35.09 44.20 -35.49
N GLN D 42 36.05 44.59 -34.65
CA GLN D 42 36.48 45.98 -34.63
C GLN D 42 37.08 46.40 -35.98
N SER D 43 37.94 45.55 -36.53
CA SER D 43 38.58 45.87 -37.80
C SER D 43 37.56 45.94 -38.94
N SER D 44 36.61 45.00 -38.97
CA SER D 44 35.59 45.00 -40.00
C SER D 44 34.66 46.19 -39.86
N LEU D 45 34.34 46.57 -38.62
CA LEU D 45 33.53 47.77 -38.41
C LEU D 45 34.25 49.01 -38.91
N ALA D 46 35.54 49.12 -38.64
CA ALA D 46 36.31 50.25 -39.15
C ALA D 46 36.34 50.25 -40.67
N SER D 47 36.54 49.08 -41.28
CA SER D 47 36.58 48.99 -42.73
C SER D 47 35.25 49.39 -43.36
N TRP D 48 34.14 48.92 -42.77
CA TRP D 48 32.83 49.30 -43.26
C TRP D 48 32.59 50.80 -43.10
N ASN D 49 33.04 51.36 -41.98
CA ASN D 49 32.88 52.80 -41.77
C ASN D 49 33.64 53.59 -42.81
N TYR D 50 34.87 53.18 -43.12
CA TYR D 50 35.64 53.89 -44.15
C TYR D 50 35.03 53.72 -45.53
N ASN D 51 34.57 52.51 -45.85
CA ASN D 51 33.92 52.31 -47.14
C ASN D 51 32.56 53.00 -47.22
N THR D 52 31.99 53.39 -46.08
CA THR D 52 30.78 54.20 -46.05
C THR D 52 31.10 55.68 -45.87
N ASN D 53 32.23 55.99 -45.22
CA ASN D 53 32.69 57.37 -45.05
C ASN D 53 34.09 57.47 -45.61
N ILE D 54 34.19 57.85 -46.88
CA ILE D 54 35.49 58.03 -47.52
C ILE D 54 36.13 59.30 -46.99
N THR D 55 37.09 59.16 -46.10
CA THR D 55 37.76 60.30 -45.50
C THR D 55 39.12 59.87 -44.98
N GLU D 56 39.99 60.85 -44.75
CA GLU D 56 41.34 60.55 -44.27
C GLU D 56 41.31 60.01 -42.84
N GLU D 57 40.35 60.47 -42.03
CA GLU D 57 40.30 60.05 -40.63
C GLU D 57 40.08 58.55 -40.51
N ASN D 58 39.22 58.00 -41.35
CA ASN D 58 38.97 56.56 -41.38
C ASN D 58 40.11 55.78 -42.02
N VAL D 59 41.09 56.47 -42.62
CA VAL D 59 42.21 55.80 -43.28
C VAL D 59 43.19 55.30 -42.23
N GLN D 60 43.70 56.21 -41.41
CA GLN D 60 44.71 55.85 -40.41
C GLN D 60 44.19 54.78 -39.45
N ASN D 61 42.88 54.80 -39.17
CA ASN D 61 42.29 53.78 -38.32
C ASN D 61 42.64 52.38 -38.80
N MET D 62 42.66 52.20 -40.12
CA MET D 62 43.04 50.90 -40.69
C MET D 62 44.37 50.46 -40.13
N ASN D 63 45.39 51.31 -40.24
CA ASN D 63 46.68 51.01 -39.65
C ASN D 63 46.52 50.67 -38.18
N ASN D 64 45.82 51.54 -37.45
CA ASN D 64 45.65 51.35 -36.02
C ASN D 64 45.01 50.01 -35.69
N ALA D 65 44.27 49.43 -36.62
CA ALA D 65 43.79 48.07 -36.47
C ALA D 65 44.64 47.06 -37.24
N GLY D 66 45.06 47.42 -38.46
CA GLY D 66 45.64 46.47 -39.38
C GLY D 66 46.79 45.68 -38.81
N ASP D 67 47.91 46.38 -38.56
CA ASP D 67 49.05 45.73 -37.93
C ASP D 67 48.64 45.07 -36.62
N LYS D 68 47.75 45.72 -35.86
CA LYS D 68 47.28 45.14 -34.61
C LYS D 68 46.70 43.75 -34.83
N TRP D 69 45.88 43.59 -35.88
CA TRP D 69 45.38 42.27 -36.22
C TRP D 69 46.55 41.30 -36.40
N SER D 70 47.52 41.67 -37.23
CA SER D 70 48.73 40.85 -37.34
C SER D 70 49.44 40.77 -35.99
N ALA D 71 49.54 41.91 -35.30
CA ALA D 71 50.20 41.92 -33.99
C ALA D 71 49.47 41.05 -32.99
N PHE D 72 48.24 40.66 -33.30
CA PHE D 72 47.58 39.61 -32.54
C PHE D 72 47.62 38.26 -33.24
N LEU D 73 47.46 38.24 -34.57
CA LEU D 73 47.37 36.97 -35.27
C LEU D 73 48.72 36.25 -35.31
N LYS D 74 49.77 36.96 -35.72
CA LYS D 74 51.06 36.33 -35.92
C LYS D 74 51.57 35.68 -34.64
N GLU D 75 51.42 36.37 -33.50
CA GLU D 75 51.82 35.78 -32.23
C GLU D 75 51.06 34.49 -31.96
N GLN D 76 49.75 34.49 -32.23
CA GLN D 76 48.99 33.25 -32.11
C GLN D 76 49.47 32.23 -33.13
N SER D 77 49.83 32.70 -34.33
CA SER D 77 50.50 31.81 -35.28
C SER D 77 51.89 31.42 -34.79
N THR D 78 52.56 32.33 -34.07
CA THR D 78 53.86 32.01 -33.52
C THR D 78 53.78 30.94 -32.45
N LEU D 79 52.73 30.99 -31.63
CA LEU D 79 52.53 30.01 -30.57
C LEU D 79 51.78 28.77 -31.02
N ALA D 80 51.39 28.70 -32.30
CA ALA D 80 50.73 27.50 -32.83
C ALA D 80 51.72 26.57 -33.52
N GLN D 81 52.80 26.22 -32.84
CA GLN D 81 53.76 25.28 -33.41
C GLN D 81 54.09 24.12 -32.50
N MET D 82 54.19 24.34 -31.19
CA MET D 82 54.57 23.25 -30.29
C MET D 82 53.40 22.31 -29.98
N TYR D 83 52.19 22.66 -30.38
CA TYR D 83 51.07 21.75 -30.24
C TYR D 83 51.20 20.62 -31.26
N PRO D 84 51.27 19.36 -30.84
CA PRO D 84 51.42 18.26 -31.80
C PRO D 84 50.13 17.98 -32.55
N LEU D 85 49.89 18.75 -33.63
CA LEU D 85 48.65 18.64 -34.41
C LEU D 85 48.70 17.42 -35.34
N GLN D 86 48.84 16.25 -34.72
CA GLN D 86 48.86 15.00 -35.48
C GLN D 86 48.10 13.87 -34.81
N GLU D 87 47.52 14.08 -33.62
CA GLU D 87 46.87 13.01 -32.89
C GLU D 87 45.51 13.40 -32.30
N ILE D 88 45.04 14.62 -32.53
CA ILE D 88 43.76 15.03 -31.97
C ILE D 88 42.64 14.23 -32.61
N GLN D 89 41.91 13.47 -31.78
CA GLN D 89 40.82 12.64 -32.29
C GLN D 89 39.72 13.50 -32.92
N ASN D 90 39.39 14.63 -32.29
CA ASN D 90 38.37 15.53 -32.81
C ASN D 90 38.86 16.13 -34.12
N LEU D 91 38.25 15.75 -35.23
CA LEU D 91 38.63 16.30 -36.53
C LEU D 91 38.36 17.79 -36.59
N THR D 92 37.27 18.24 -35.95
CA THR D 92 36.95 19.67 -35.94
C THR D 92 38.03 20.46 -35.21
N VAL D 93 38.49 19.97 -34.06
CA VAL D 93 39.50 20.68 -33.29
C VAL D 93 40.82 20.76 -34.07
N LYS D 94 41.24 19.64 -34.66
CA LYS D 94 42.48 19.64 -35.43
C LYS D 94 42.37 20.55 -36.64
N LEU D 95 41.24 20.51 -37.35
CA LEU D 95 41.05 21.36 -38.51
C LEU D 95 41.07 22.84 -38.12
N GLN D 96 40.41 23.18 -37.01
CA GLN D 96 40.42 24.57 -36.55
C GLN D 96 41.81 25.02 -36.15
N LEU D 97 42.56 24.16 -35.45
CA LEU D 97 43.91 24.53 -35.04
C LEU D 97 44.85 24.62 -36.24
N GLN D 98 44.55 23.90 -37.32
CA GLN D 98 45.40 23.96 -38.51
C GLN D 98 45.47 25.37 -39.08
N ALA D 99 44.41 26.16 -38.91
CA ALA D 99 44.44 27.53 -39.41
C ALA D 99 45.55 28.34 -38.76
N LEU D 100 45.72 28.19 -37.44
CA LEU D 100 46.78 28.90 -36.74
C LEU D 100 48.15 28.30 -36.98
N GLN D 101 48.22 26.99 -37.23
CA GLN D 101 49.49 26.30 -37.43
C GLN D 101 49.93 26.39 -38.89
N GLN D 102 50.04 27.62 -39.38
CA GLN D 102 50.48 27.91 -40.73
C GLN D 102 51.72 28.79 -40.69
N ASN D 103 52.78 28.34 -41.36
CA ASN D 103 54.01 29.12 -41.40
C ASN D 103 53.82 30.43 -42.16
N GLY D 104 53.10 30.38 -43.29
CA GLY D 104 52.92 31.57 -44.09
C GLY D 104 54.21 31.97 -44.78
N SER D 105 54.33 33.27 -45.09
CA SER D 105 55.52 33.79 -45.73
C SER D 105 56.65 34.09 -44.74
N SER D 106 56.41 33.93 -43.45
CA SER D 106 57.45 34.18 -42.46
C SER D 106 58.58 33.17 -42.53
N VAL D 107 58.37 32.04 -43.21
CA VAL D 107 59.43 31.06 -43.38
C VAL D 107 60.59 31.65 -44.17
N LEU D 108 60.30 32.53 -45.13
CA LEU D 108 61.35 33.18 -45.90
C LEU D 108 62.16 34.13 -45.03
N SER D 109 63.34 34.48 -45.52
CA SER D 109 64.14 35.50 -44.85
C SER D 109 63.50 36.87 -45.05
N GLU D 110 63.94 37.82 -44.22
CA GLU D 110 63.34 39.15 -44.25
C GLU D 110 63.57 39.84 -45.59
N ASP D 111 64.79 39.72 -46.14
CA ASP D 111 65.07 40.35 -47.42
C ASP D 111 64.23 39.75 -48.53
N LYS D 112 64.09 38.43 -48.55
CA LYS D 112 63.26 37.79 -49.57
C LYS D 112 61.81 38.21 -49.45
N SER D 113 61.28 38.26 -48.23
CA SER D 113 59.89 38.67 -48.02
C SER D 113 59.67 40.11 -48.47
N LYS D 114 60.59 41.02 -48.10
CA LYS D 114 60.41 42.41 -48.49
C LYS D 114 60.57 42.60 -49.99
N ARG D 115 61.45 41.82 -50.62
CA ARG D 115 61.59 41.90 -52.08
C ARG D 115 60.32 41.41 -52.76
N LEU D 116 59.74 40.32 -52.27
CA LEU D 116 58.48 39.82 -52.82
C LEU D 116 57.37 40.85 -52.64
N ASN D 117 57.28 41.47 -51.46
CA ASN D 117 56.26 42.49 -51.24
C ASN D 117 56.44 43.66 -52.19
N THR D 118 57.68 44.12 -52.37
CA THR D 118 57.95 45.24 -53.27
C THR D 118 57.59 44.88 -54.71
N ILE D 119 57.93 43.67 -55.15
CA ILE D 119 57.64 43.31 -56.53
C ILE D 119 56.14 43.18 -56.75
N LEU D 120 55.41 42.63 -55.77
CA LEU D 120 53.95 42.58 -55.89
C LEU D 120 53.37 43.98 -55.96
N ASN D 121 53.86 44.89 -55.12
CA ASN D 121 53.35 46.26 -55.15
C ASN D 121 53.59 46.91 -56.50
N THR D 122 54.82 46.80 -57.02
CA THR D 122 55.13 47.49 -58.27
C THR D 122 54.38 46.87 -59.44
N MET D 123 54.24 45.54 -59.48
CA MET D 123 53.52 44.92 -60.60
C MET D 123 52.05 45.30 -60.56
N SER D 124 51.44 45.28 -59.37
CA SER D 124 50.03 45.67 -59.28
C SER D 124 49.83 47.12 -59.68
N THR D 125 50.71 48.01 -59.22
CA THR D 125 50.56 49.42 -59.56
C THR D 125 50.74 49.65 -61.06
N ILE D 126 51.74 49.02 -61.68
CA ILE D 126 51.97 49.24 -63.10
C ILE D 126 50.85 48.65 -63.93
N TYR D 127 50.33 47.48 -63.53
CA TYR D 127 49.19 46.90 -64.24
C TYR D 127 47.97 47.80 -64.13
N SER D 128 47.68 48.32 -62.94
CA SER D 128 46.52 49.18 -62.73
C SER D 128 46.71 50.58 -63.28
N THR D 129 47.93 50.95 -63.66
CA THR D 129 48.22 52.29 -64.19
C THR D 129 48.61 52.22 -65.66
N GLY D 130 47.89 51.39 -66.44
CA GLY D 130 48.11 51.32 -67.87
C GLY D 130 47.93 52.65 -68.55
N LYS D 131 48.91 53.04 -69.38
CA LYS D 131 48.93 54.37 -69.98
C LYS D 131 49.14 54.22 -71.49
N VAL D 132 48.12 54.56 -72.27
CA VAL D 132 48.19 54.51 -73.72
C VAL D 132 47.72 55.85 -74.28
N CYS D 133 48.62 56.54 -74.98
CA CYS D 133 48.29 57.78 -75.67
C CYS D 133 48.19 57.52 -77.16
N ASN D 134 47.11 57.98 -77.77
CA ASN D 134 46.99 57.92 -79.22
C ASN D 134 48.05 58.81 -79.85
N PRO D 135 48.77 58.32 -80.88
CA PRO D 135 49.86 59.13 -81.45
C PRO D 135 49.42 60.48 -81.99
N ASP D 136 48.17 60.60 -82.46
CA ASP D 136 47.72 61.90 -82.95
C ASP D 136 47.65 62.94 -81.85
N ASN D 137 47.27 62.52 -80.64
CA ASN D 137 47.19 63.40 -79.47
C ASN D 137 47.98 62.74 -78.34
N PRO D 138 49.31 62.90 -78.35
CA PRO D 138 50.14 62.22 -77.34
C PRO D 138 50.03 62.79 -75.94
N GLN D 139 49.26 63.86 -75.74
CA GLN D 139 49.12 64.49 -74.43
C GLN D 139 47.88 64.01 -73.68
N GLU D 140 47.18 63.02 -74.20
CA GLU D 140 45.94 62.51 -73.58
C GLU D 140 45.96 60.98 -73.64
N CYS D 141 46.47 60.38 -72.57
CA CYS D 141 46.46 58.92 -72.46
C CYS D 141 45.13 58.44 -71.90
N LEU D 142 44.93 57.12 -71.95
CA LEU D 142 43.75 56.47 -71.43
C LEU D 142 44.15 55.27 -70.59
N LEU D 143 43.38 55.00 -69.56
CA LEU D 143 43.67 53.96 -68.58
C LEU D 143 42.65 52.83 -68.70
N LEU D 144 42.74 51.87 -67.78
CA LEU D 144 41.77 50.78 -67.72
C LEU D 144 40.38 51.26 -67.36
N GLU D 145 40.24 52.49 -66.87
CA GLU D 145 38.95 53.07 -66.61
C GLU D 145 38.23 53.33 -67.93
N PRO D 146 36.88 53.48 -67.91
CA PRO D 146 36.12 53.67 -69.15
C PRO D 146 36.70 54.70 -70.10
N GLY D 147 36.36 54.58 -71.38
CA GLY D 147 37.06 55.32 -72.42
C GLY D 147 37.57 54.39 -73.50
N LEU D 148 38.90 54.22 -73.59
CA LEU D 148 39.47 53.35 -74.61
C LEU D 148 38.88 51.95 -74.55
N ASN D 149 38.83 51.36 -73.36
CA ASN D 149 38.20 50.06 -73.21
C ASN D 149 36.71 50.13 -73.54
N GLU D 150 36.03 51.19 -73.09
CA GLU D 150 34.63 51.37 -73.41
C GLU D 150 34.41 51.54 -74.92
N ILE D 151 35.26 52.35 -75.56
CA ILE D 151 35.10 52.62 -76.98
C ILE D 151 35.34 51.35 -77.80
N MET D 152 36.43 50.63 -77.51
CA MET D 152 36.77 49.46 -78.30
C MET D 152 35.88 48.27 -77.98
N ALA D 153 35.35 48.18 -76.76
CA ALA D 153 34.49 47.06 -76.40
C ALA D 153 33.10 47.17 -77.00
N ASN D 154 32.67 48.38 -77.35
CA ASN D 154 31.36 48.62 -77.94
C ASN D 154 31.56 49.44 -79.20
N SER D 155 31.83 48.77 -80.31
CA SER D 155 32.07 49.43 -81.59
C SER D 155 32.09 48.34 -82.67
N LEU D 156 32.21 48.78 -83.93
CA LEU D 156 32.30 47.89 -85.09
C LEU D 156 33.50 48.34 -85.92
N ASP D 157 34.69 47.85 -85.58
CA ASP D 157 35.89 48.24 -86.29
C ASP D 157 36.98 47.21 -86.02
N TYR D 158 38.01 47.25 -86.87
CA TYR D 158 39.19 46.40 -86.72
C TYR D 158 40.47 47.19 -86.44
N ASN D 159 40.54 48.43 -86.88
CA ASN D 159 41.78 49.20 -86.75
C ASN D 159 41.96 49.72 -85.32
N GLU D 160 40.98 50.48 -84.82
CA GLU D 160 41.10 51.08 -83.49
C GLU D 160 41.16 50.01 -82.41
N ARG D 161 40.33 48.97 -82.53
CA ARG D 161 40.34 47.89 -81.54
C ARG D 161 41.70 47.21 -81.47
N LEU D 162 42.25 46.87 -82.64
CA LEU D 162 43.54 46.21 -82.68
C LEU D 162 44.65 47.12 -82.16
N TRP D 163 44.61 48.39 -82.53
CA TRP D 163 45.64 49.31 -82.04
C TRP D 163 45.57 49.46 -80.53
N ALA D 164 44.36 49.58 -79.97
CA ALA D 164 44.22 49.69 -78.53
C ALA D 164 44.70 48.42 -77.82
N TRP D 165 44.35 47.26 -78.38
CA TRP D 165 44.80 46.00 -77.80
C TRP D 165 46.32 45.90 -77.81
N GLU D 166 46.94 46.24 -78.95
CA GLU D 166 48.39 46.17 -79.05
C GLU D 166 49.06 47.15 -78.09
N SER D 167 48.54 48.37 -78.00
CA SER D 167 49.12 49.35 -77.10
C SER D 167 49.02 48.91 -75.65
N TRP D 168 47.86 48.38 -75.25
CA TRP D 168 47.68 47.92 -73.88
C TRP D 168 48.60 46.75 -73.57
N ARG D 169 48.72 45.80 -74.51
CA ARG D 169 49.61 44.66 -74.28
C ARG D 169 51.07 45.04 -74.37
N SER D 170 51.39 46.19 -74.97
CA SER D 170 52.77 46.65 -75.07
C SER D 170 53.22 47.42 -73.83
N GLU D 171 52.40 48.35 -73.33
CA GLU D 171 52.81 49.15 -72.19
C GLU D 171 52.53 48.48 -70.85
N VAL D 172 51.97 47.27 -70.85
CA VAL D 172 51.80 46.51 -69.63
C VAL D 172 52.63 45.24 -69.71
N GLY D 173 52.84 44.74 -70.93
CA GLY D 173 53.55 43.48 -71.12
C GLY D 173 55.05 43.61 -71.21
N LYS D 174 55.55 44.75 -71.69
CA LYS D 174 56.98 44.89 -71.92
C LYS D 174 57.77 44.85 -70.62
N GLN D 175 57.36 45.64 -69.63
CA GLN D 175 58.13 45.80 -68.40
C GLN D 175 57.65 44.89 -67.27
N LEU D 176 56.68 44.01 -67.52
CA LEU D 176 56.22 43.06 -66.51
C LEU D 176 56.66 41.63 -66.78
N ARG D 177 57.29 41.36 -67.92
CA ARG D 177 57.75 39.99 -68.20
C ARG D 177 58.80 39.55 -67.19
N PRO D 178 59.91 40.27 -67.00
CA PRO D 178 60.84 39.88 -65.92
C PRO D 178 60.22 40.00 -64.55
N LEU D 179 59.33 40.97 -64.33
CA LEU D 179 58.70 41.13 -63.04
C LEU D 179 57.82 39.93 -62.71
N TYR D 180 57.00 39.49 -63.67
CA TYR D 180 56.17 38.30 -63.45
C TYR D 180 57.02 37.05 -63.32
N GLU D 181 58.12 36.96 -64.08
CA GLU D 181 59.04 35.83 -63.94
C GLU D 181 59.59 35.75 -62.52
N GLU D 182 60.06 36.88 -61.99
CA GLU D 182 60.63 36.89 -60.65
C GLU D 182 59.56 36.61 -59.59
N TYR D 183 58.36 37.15 -59.79
CA TYR D 183 57.25 36.86 -58.88
C TYR D 183 56.95 35.37 -58.85
N VAL D 184 56.87 34.75 -60.03
CA VAL D 184 56.54 33.33 -60.09
C VAL D 184 57.65 32.50 -59.44
N VAL D 185 58.91 32.84 -59.71
CA VAL D 185 60.00 32.02 -59.15
C VAL D 185 60.09 32.19 -57.65
N LEU D 186 59.84 33.40 -57.13
CA LEU D 186 59.89 33.59 -55.68
C LEU D 186 58.69 32.97 -54.98
N LYS D 187 57.51 33.01 -55.62
CA LYS D 187 56.35 32.31 -55.08
C LYS D 187 56.60 30.81 -55.04
N ASN D 188 57.22 30.27 -56.09
CA ASN D 188 57.54 28.85 -56.10
C ASN D 188 58.60 28.51 -55.05
N GLU D 189 59.57 29.40 -54.86
CA GLU D 189 60.59 29.18 -53.84
C GLU D 189 59.97 29.16 -52.45
N MET D 190 59.04 30.07 -52.17
CA MET D 190 58.39 30.03 -50.86
C MET D 190 57.40 28.87 -50.77
N ALA D 191 56.95 28.34 -51.91
CA ALA D 191 56.17 27.11 -51.90
C ALA D 191 57.00 25.94 -51.39
N ARG D 192 58.21 25.76 -51.95
CA ARG D 192 59.13 24.80 -51.32
C ARG D 192 59.48 25.18 -49.89
N ALA D 193 59.48 26.47 -49.57
CA ALA D 193 59.75 26.88 -48.19
C ALA D 193 58.67 26.38 -47.24
N ASN D 194 57.47 26.11 -47.74
CA ASN D 194 56.37 25.58 -46.93
C ASN D 194 56.04 24.12 -47.28
N HIS D 195 57.06 23.37 -47.71
CA HIS D 195 56.92 21.94 -48.02
C HIS D 195 55.88 21.70 -49.11
N TYR D 196 55.85 22.58 -50.11
CA TYR D 196 55.00 22.42 -51.29
C TYR D 196 55.90 22.41 -52.52
N GLU D 197 55.79 21.34 -53.32
CA GLU D 197 56.60 21.26 -54.53
C GLU D 197 56.18 22.27 -55.60
N ASP D 198 55.00 22.87 -55.46
CA ASP D 198 54.51 23.83 -56.43
C ASP D 198 53.51 24.75 -55.77
N TYR D 199 53.51 26.02 -56.20
CA TYR D 199 52.48 26.96 -55.76
C TYR D 199 51.11 26.59 -56.32
N GLY D 200 51.07 25.85 -57.43
CA GLY D 200 49.81 25.32 -57.90
C GLY D 200 49.16 24.38 -56.88
N ASP D 201 49.98 23.54 -56.25
CA ASP D 201 49.47 22.72 -55.15
C ASP D 201 49.05 23.58 -53.96
N TYR D 202 49.77 24.67 -53.71
CA TYR D 202 49.37 25.58 -52.64
C TYR D 202 47.99 26.15 -52.91
N TRP D 203 47.70 26.54 -54.15
CA TRP D 203 46.37 27.01 -54.50
C TRP D 203 45.34 25.89 -54.42
N ARG D 204 45.67 24.70 -54.93
CA ARG D 204 44.76 23.57 -54.94
C ARG D 204 44.48 23.03 -53.54
N GLY D 205 45.27 23.44 -52.54
CA GLY D 205 45.01 23.01 -51.18
C GLY D 205 43.63 23.37 -50.65
N ASP D 206 42.98 24.37 -51.25
CA ASP D 206 41.60 24.67 -50.87
C ASP D 206 40.68 23.50 -51.19
N TYR D 207 40.84 22.89 -52.36
CA TYR D 207 40.13 21.66 -52.71
C TYR D 207 40.93 20.43 -52.31
N GLU D 208 41.37 20.38 -51.05
CA GLU D 208 42.19 19.29 -50.56
C GLU D 208 41.75 18.94 -49.15
N VAL D 209 41.29 17.71 -48.96
CA VAL D 209 40.90 17.20 -47.65
C VAL D 209 41.40 15.77 -47.53
N ASN D 210 41.88 15.41 -46.34
CA ASN D 210 42.40 14.08 -46.05
C ASN D 210 41.85 13.56 -44.73
N GLY D 211 40.53 13.71 -44.54
CA GLY D 211 39.88 13.32 -43.31
C GLY D 211 39.03 12.07 -43.42
N VAL D 212 37.72 12.27 -43.53
CA VAL D 212 36.79 11.13 -43.57
C VAL D 212 37.02 10.31 -44.83
N ASP D 213 37.04 8.99 -44.66
CA ASP D 213 37.21 8.10 -45.79
C ASP D 213 36.02 8.21 -46.76
N GLY D 214 36.32 8.22 -48.05
CA GLY D 214 35.31 8.38 -49.07
C GLY D 214 34.97 9.83 -49.39
N TYR D 215 35.50 10.79 -48.63
CA TYR D 215 35.28 12.19 -48.89
C TYR D 215 36.56 12.95 -49.13
N ASP D 216 37.72 12.28 -49.04
CA ASP D 216 39.00 12.96 -49.23
C ASP D 216 39.22 13.29 -50.70
N TYR D 217 39.92 14.40 -50.92
CA TYR D 217 40.28 14.83 -52.27
C TYR D 217 41.73 15.26 -52.29
N SER D 218 42.38 15.09 -53.44
CA SER D 218 43.79 15.38 -53.60
C SER D 218 44.01 16.50 -54.63
N ARG D 219 45.14 17.18 -54.48
CA ARG D 219 45.47 18.28 -55.38
C ARG D 219 45.68 17.78 -56.81
N GLY D 220 46.36 16.64 -56.96
CA GLY D 220 46.66 16.13 -58.29
C GLY D 220 45.41 15.72 -59.06
N GLN D 221 44.42 15.17 -58.36
CA GLN D 221 43.19 14.74 -59.02
C GLN D 221 42.44 15.91 -59.63
N LEU D 222 42.41 17.04 -58.94
CA LEU D 222 41.67 18.21 -59.43
C LEU D 222 42.22 18.71 -60.76
N ILE D 223 43.52 18.54 -60.99
CA ILE D 223 44.12 19.01 -62.24
C ILE D 223 43.43 18.37 -63.43
N GLU D 224 43.29 17.05 -63.41
CA GLU D 224 42.59 16.36 -64.49
C GLU D 224 41.08 16.52 -64.41
N ASP D 225 40.53 16.61 -63.19
CA ASP D 225 39.08 16.74 -63.05
C ASP D 225 38.57 18.06 -63.63
N VAL D 226 39.41 19.09 -63.66
CA VAL D 226 38.99 20.38 -64.20
C VAL D 226 38.65 20.24 -65.69
N GLU D 227 39.51 19.58 -66.46
CA GLU D 227 39.23 19.36 -67.87
C GLU D 227 38.35 18.16 -68.13
N HIS D 228 38.16 17.28 -67.15
CA HIS D 228 37.26 16.15 -67.35
C HIS D 228 35.83 16.61 -67.56
N THR D 229 35.44 17.69 -66.87
CA THR D 229 34.12 18.30 -67.05
C THR D 229 34.12 19.42 -68.07
N PHE D 230 35.26 19.68 -68.73
CA PHE D 230 35.37 20.78 -69.69
C PHE D 230 35.16 20.33 -71.12
N GLU D 231 35.59 19.11 -71.47
CA GLU D 231 35.54 18.68 -72.86
C GLU D 231 34.11 18.60 -73.38
N GLU D 232 33.15 18.28 -72.51
CA GLU D 232 31.78 18.06 -72.95
C GLU D 232 31.15 19.32 -73.52
N ILE D 233 31.62 20.50 -73.11
CA ILE D 233 31.09 21.75 -73.66
C ILE D 233 31.79 22.16 -74.94
N LYS D 234 32.85 21.43 -75.34
CA LYS D 234 33.53 21.76 -76.59
C LYS D 234 32.61 21.67 -77.81
N PRO D 235 31.81 20.60 -78.00
CA PRO D 235 30.87 20.61 -79.13
C PRO D 235 29.86 21.75 -79.08
N LEU D 236 29.43 22.14 -77.87
CA LEU D 236 28.46 23.23 -77.76
C LEU D 236 29.12 24.59 -77.98
N TYR D 237 30.17 24.88 -77.22
CA TYR D 237 30.82 26.19 -77.30
C TYR D 237 31.29 26.49 -78.72
N GLU D 238 32.01 25.54 -79.33
CA GLU D 238 32.42 25.71 -80.71
C GLU D 238 31.24 26.03 -81.61
N HIS D 239 30.12 25.34 -81.41
CA HIS D 239 28.91 25.63 -82.16
C HIS D 239 28.55 27.11 -82.06
N LEU D 240 28.48 27.63 -80.83
CA LEU D 240 28.26 29.05 -80.65
C LEU D 240 29.29 29.86 -81.41
N HIS D 241 30.57 29.49 -81.24
CA HIS D 241 31.63 30.16 -82.01
C HIS D 241 31.34 30.07 -83.49
N ALA D 242 30.98 28.87 -83.97
CA ALA D 242 30.58 28.73 -85.37
C ALA D 242 29.45 29.69 -85.70
N TYR D 243 28.40 29.70 -84.88
CA TYR D 243 27.34 30.67 -85.06
C TYR D 243 27.89 32.08 -85.01
N VAL D 244 28.73 32.36 -84.01
CA VAL D 244 29.42 33.65 -83.94
C VAL D 244 30.19 33.87 -85.24
N ARG D 245 30.95 32.86 -85.66
CA ARG D 245 31.68 32.98 -86.92
C ARG D 245 30.73 33.24 -88.07
N ALA D 246 29.57 32.56 -88.08
CA ALA D 246 28.55 32.87 -89.06
C ALA D 246 28.18 34.34 -89.00
N LYS D 247 27.84 34.82 -87.80
CA LYS D 247 27.55 36.24 -87.63
C LYS D 247 28.76 37.08 -87.97
N LEU D 248 29.98 36.54 -87.76
CA LEU D 248 31.18 37.25 -88.16
C LEU D 248 31.19 37.44 -89.68
N MET D 249 30.84 36.40 -90.44
CA MET D 249 30.73 36.58 -91.88
C MET D 249 29.57 37.50 -92.26
N ASN D 250 28.65 37.75 -91.33
CA ASN D 250 27.61 38.75 -91.51
C ASN D 250 27.98 40.09 -90.89
N ALA D 251 29.11 40.18 -90.19
CA ALA D 251 29.54 41.41 -89.54
C ALA D 251 30.88 41.91 -90.04
N TYR D 252 31.88 41.02 -90.13
CA TYR D 252 33.23 41.42 -90.52
C TYR D 252 33.51 40.90 -91.93
N PRO D 253 33.51 41.76 -92.95
CA PRO D 253 33.72 41.29 -94.33
C PRO D 253 35.17 40.91 -94.56
N SER D 254 35.40 39.63 -94.86
CA SER D 254 36.71 39.11 -95.23
C SER D 254 37.77 39.42 -94.18
N TYR D 255 37.39 39.30 -92.91
CA TYR D 255 38.33 39.49 -91.81
C TYR D 255 38.57 38.23 -91.00
N ILE D 256 37.62 37.29 -90.97
CA ILE D 256 37.78 36.01 -90.30
C ILE D 256 37.45 34.92 -91.30
N SER D 257 38.41 34.03 -91.57
CA SER D 257 38.16 32.94 -92.49
C SER D 257 37.16 31.96 -91.87
N PRO D 258 36.26 31.39 -92.67
CA PRO D 258 35.35 30.37 -92.12
C PRO D 258 36.08 29.15 -91.56
N ILE D 259 37.21 28.78 -92.14
CA ILE D 259 38.00 27.67 -91.61
C ILE D 259 38.64 28.09 -90.27
N GLY D 260 39.14 29.31 -90.20
CA GLY D 260 39.78 29.82 -89.00
C GLY D 260 38.81 30.40 -88.00
N CYS D 261 39.36 31.20 -87.09
CA CYS D 261 38.60 31.82 -86.01
C CYS D 261 38.96 33.29 -85.90
N LEU D 262 38.33 33.99 -84.92
CA LEU D 262 38.46 35.44 -84.77
C LEU D 262 39.66 35.81 -83.91
N PRO D 263 40.21 37.02 -84.13
CA PRO D 263 41.36 37.47 -83.31
C PRO D 263 40.97 37.80 -81.88
N ALA D 264 41.95 38.26 -81.10
CA ALA D 264 41.70 38.56 -79.70
C ALA D 264 40.87 39.82 -79.52
N HIS D 265 41.20 40.88 -80.26
CA HIS D 265 40.51 42.15 -80.10
C HIS D 265 39.10 42.13 -80.69
N LEU D 266 38.74 41.11 -81.46
CA LEU D 266 37.40 41.00 -82.03
C LEU D 266 36.44 40.20 -81.15
N LEU D 267 36.90 39.75 -79.98
CA LEU D 267 36.03 39.03 -79.05
C LEU D 267 35.15 39.95 -78.22
N GLY D 268 35.34 41.25 -78.33
CA GLY D 268 34.62 42.22 -77.53
C GLY D 268 35.39 42.73 -76.32
N ASP D 269 36.41 41.98 -75.89
CA ASP D 269 37.28 42.39 -74.79
C ASP D 269 38.71 42.07 -75.17
N MET D 270 39.65 42.77 -74.51
CA MET D 270 41.06 42.57 -74.82
C MET D 270 41.50 41.15 -74.47
N TRP D 271 40.83 40.49 -73.53
CA TRP D 271 41.12 39.09 -73.24
C TRP D 271 40.09 38.15 -73.86
N GLY D 272 38.89 38.64 -74.17
CA GLY D 272 37.82 37.77 -74.64
C GLY D 272 37.31 36.81 -73.59
N ARG D 273 37.23 37.25 -72.33
CA ARG D 273 36.66 36.40 -71.29
C ARG D 273 35.19 36.11 -71.56
N PHE D 274 34.43 37.14 -71.94
CA PHE D 274 33.01 37.00 -72.20
C PHE D 274 32.69 37.50 -73.60
N TRP D 275 31.58 37.00 -74.14
CA TRP D 275 31.08 37.42 -75.44
C TRP D 275 29.86 38.33 -75.33
N THR D 276 29.68 38.98 -74.18
CA THR D 276 28.57 39.91 -74.02
C THR D 276 28.70 41.10 -74.96
N ASN D 277 29.92 41.61 -75.13
CA ASN D 277 30.14 42.74 -76.04
C ASN D 277 29.87 42.36 -77.48
N LEU D 278 29.90 41.07 -77.81
CA LEU D 278 29.62 40.57 -79.16
C LEU D 278 28.20 40.04 -79.28
N TYR D 279 27.41 40.10 -78.21
CA TYR D 279 26.04 39.57 -78.24
C TYR D 279 25.16 40.35 -79.22
N SER D 280 25.33 41.67 -79.28
CA SER D 280 24.53 42.48 -80.18
C SER D 280 24.79 42.10 -81.63
N LEU D 281 26.06 41.84 -81.98
CA LEU D 281 26.38 41.39 -83.33
C LEU D 281 25.77 40.02 -83.62
N THR D 282 25.77 39.13 -82.63
CA THR D 282 25.30 37.75 -82.80
C THR D 282 23.92 37.54 -82.20
N VAL D 283 23.02 38.52 -82.32
CA VAL D 283 21.67 38.36 -81.79
C VAL D 283 20.93 37.28 -82.58
N PRO D 284 20.32 36.29 -81.91
CA PRO D 284 19.61 35.24 -82.65
C PRO D 284 18.34 35.75 -83.33
N PHE D 285 17.49 36.43 -82.56
CA PHE D 285 16.22 36.93 -83.08
C PHE D 285 15.97 38.28 -82.42
N GLY D 286 16.28 39.35 -83.14
CA GLY D 286 16.06 40.69 -82.65
C GLY D 286 14.64 41.19 -82.76
N GLN D 287 13.75 40.42 -83.39
CA GLN D 287 12.37 40.86 -83.55
C GLN D 287 11.67 40.95 -82.20
N LYS D 288 11.87 39.95 -81.34
CA LYS D 288 11.23 39.95 -80.03
C LYS D 288 12.06 40.73 -79.01
N PRO D 289 11.49 41.72 -78.34
CA PRO D 289 12.24 42.43 -77.30
C PRO D 289 12.57 41.50 -76.14
N ASN D 290 13.70 41.80 -75.50
CA ASN D 290 14.14 41.00 -74.36
C ASN D 290 13.22 41.24 -73.16
N ILE D 291 13.30 40.33 -72.19
CA ILE D 291 12.48 40.42 -70.99
C ILE D 291 12.96 41.59 -70.15
N ASP D 292 12.22 42.70 -70.19
CA ASP D 292 12.55 43.91 -69.45
C ASP D 292 11.31 44.42 -68.77
N VAL D 293 11.42 44.70 -67.46
CA VAL D 293 10.29 45.24 -66.70
C VAL D 293 10.74 46.45 -65.91
N THR D 294 11.95 46.94 -66.18
CA THR D 294 12.43 48.14 -65.49
C THR D 294 11.50 49.32 -65.70
N ASP D 295 10.87 49.39 -66.88
CA ASP D 295 9.86 50.43 -67.12
C ASP D 295 8.70 50.31 -66.14
N ALA D 296 8.35 49.08 -65.75
CA ALA D 296 7.28 48.90 -64.78
C ALA D 296 7.68 49.43 -63.40
N MET D 297 8.88 49.09 -62.92
CA MET D 297 9.32 49.61 -61.63
C MET D 297 9.45 51.13 -61.64
N VAL D 298 9.94 51.71 -62.74
CA VAL D 298 9.96 53.17 -62.84
C VAL D 298 8.55 53.73 -62.81
N ASP D 299 7.63 53.09 -63.52
CA ASP D 299 6.23 53.50 -63.49
C ASP D 299 5.60 53.23 -62.13
N GLN D 300 5.92 52.08 -61.53
CA GLN D 300 5.33 51.70 -60.25
C GLN D 300 6.10 52.27 -59.06
N ALA D 301 7.15 53.06 -59.30
CA ALA D 301 7.91 53.72 -58.24
C ALA D 301 8.51 52.70 -57.26
N TRP D 302 9.38 51.85 -57.79
CA TRP D 302 10.08 50.85 -56.99
C TRP D 302 11.41 51.44 -56.54
N ASP D 303 11.45 51.88 -55.28
CA ASP D 303 12.68 52.45 -54.73
C ASP D 303 13.56 51.31 -54.22
N ALA D 304 14.66 51.66 -53.54
CA ALA D 304 15.52 50.64 -52.96
C ALA D 304 14.79 49.85 -51.89
N GLN D 305 13.95 50.53 -51.11
CA GLN D 305 13.23 49.85 -50.03
C GLN D 305 12.30 48.78 -50.57
N ARG D 306 11.55 49.10 -51.64
CA ARG D 306 10.64 48.11 -52.22
C ARG D 306 11.41 46.94 -52.80
N ILE D 307 12.53 47.20 -53.47
CA ILE D 307 13.34 46.13 -54.05
C ILE D 307 13.86 45.21 -52.95
N PHE D 308 14.39 45.80 -51.88
CA PHE D 308 14.89 44.99 -50.77
C PHE D 308 13.78 44.20 -50.10
N LYS D 309 12.60 44.82 -49.94
CA LYS D 309 11.47 44.13 -49.32
C LYS D 309 11.02 42.94 -50.17
N GLU D 310 10.95 43.12 -51.49
CA GLU D 310 10.54 42.02 -52.35
C GLU D 310 11.60 40.92 -52.39
N ALA D 311 12.88 41.30 -52.37
CA ALA D 311 13.93 40.29 -52.28
C ALA D 311 13.83 39.50 -50.98
N GLU D 312 13.55 40.19 -49.88
CA GLU D 312 13.38 39.53 -48.59
C GLU D 312 12.18 38.58 -48.62
N LYS D 313 11.08 39.03 -49.22
CA LYS D 313 9.89 38.19 -49.29
C LYS D 313 10.13 36.95 -50.14
N PHE D 314 10.83 37.10 -51.27
CA PHE D 314 11.16 35.95 -52.09
C PHE D 314 12.10 35.00 -51.36
N PHE D 315 13.07 35.55 -50.60
CA PHE D 315 13.95 34.71 -49.81
C PHE D 315 13.19 33.91 -48.77
N VAL D 316 12.21 34.55 -48.11
CA VAL D 316 11.38 33.84 -47.14
C VAL D 316 10.57 32.75 -47.84
N SER D 317 10.02 33.07 -49.01
CA SER D 317 9.24 32.09 -49.76
C SER D 317 10.09 30.89 -50.16
N VAL D 318 11.37 31.13 -50.48
CA VAL D 318 12.26 30.03 -50.83
C VAL D 318 12.42 29.08 -49.65
N GLY D 319 12.63 29.61 -48.45
CA GLY D 319 12.75 28.78 -47.28
C GLY D 319 13.79 29.27 -46.29
N LEU D 320 14.53 30.32 -46.65
CA LEU D 320 15.49 30.88 -45.74
C LEU D 320 14.79 31.74 -44.68
N PRO D 321 15.36 31.82 -43.48
CA PRO D 321 14.73 32.63 -42.42
C PRO D 321 14.72 34.11 -42.76
N ASN D 322 13.73 34.81 -42.22
CA ASN D 322 13.53 36.22 -42.55
C ASN D 322 14.68 37.06 -42.04
N MET D 323 14.92 38.19 -42.72
CA MET D 323 16.03 39.05 -42.37
C MET D 323 15.80 39.72 -41.02
N THR D 324 16.87 39.92 -40.27
CA THR D 324 16.80 40.51 -38.95
C THR D 324 16.91 42.04 -39.04
N GLN D 325 16.63 42.69 -37.92
CA GLN D 325 16.67 44.14 -37.83
C GLN D 325 18.11 44.63 -37.62
N GLY D 326 18.29 45.94 -37.70
CA GLY D 326 19.60 46.54 -37.54
C GLY D 326 20.30 46.69 -38.88
N PHE D 327 20.16 45.67 -39.72
CA PHE D 327 20.71 45.73 -41.07
C PHE D 327 20.04 46.83 -41.89
N TRP D 328 18.74 47.02 -41.70
CA TRP D 328 17.98 47.97 -42.49
C TRP D 328 18.28 49.42 -42.16
N GLU D 329 19.04 49.68 -41.10
CA GLU D 329 19.37 51.04 -40.70
C GLU D 329 20.85 51.36 -40.82
N ASN D 330 21.72 50.45 -40.35
CA ASN D 330 23.14 50.73 -40.37
C ASN D 330 23.73 50.61 -41.78
N SER D 331 23.29 49.61 -42.54
CA SER D 331 23.84 49.38 -43.87
C SER D 331 23.30 50.41 -44.87
N MET D 332 24.18 50.88 -45.74
CA MET D 332 23.80 51.83 -46.78
C MET D 332 23.14 51.08 -47.94
N LEU D 333 22.17 51.73 -48.57
CA LEU D 333 21.41 51.08 -49.62
C LEU D 333 21.51 51.75 -50.98
N THR D 334 21.58 53.08 -51.02
CA THR D 334 21.49 53.78 -52.29
C THR D 334 22.04 55.19 -52.15
N ASP D 335 22.78 55.65 -53.17
CA ASP D 335 23.10 57.06 -53.36
C ASP D 335 23.87 57.66 -52.20
N PRO D 336 25.17 57.37 -52.07
CA PRO D 336 25.98 58.09 -51.06
C PRO D 336 25.87 59.60 -51.20
N GLY D 337 25.85 60.11 -52.44
CA GLY D 337 25.38 61.46 -52.68
C GLY D 337 26.36 62.59 -52.40
N ASN D 338 26.14 63.27 -51.27
CA ASN D 338 26.83 64.51 -50.94
C ASN D 338 28.23 64.25 -50.43
N VAL D 339 28.83 65.27 -49.79
CA VAL D 339 30.19 65.18 -49.26
C VAL D 339 30.41 63.88 -48.49
N GLN D 340 29.33 63.33 -47.92
CA GLN D 340 29.40 61.99 -47.33
C GLN D 340 29.48 60.96 -48.44
N LYS D 341 30.66 60.83 -49.04
CA LYS D 341 30.85 59.91 -50.16
C LYS D 341 31.13 58.50 -49.67
N ALA D 342 30.90 57.53 -50.56
CA ALA D 342 31.12 56.14 -50.22
C ALA D 342 31.21 55.33 -51.51
N VAL D 343 32.19 54.43 -51.57
CA VAL D 343 32.24 53.45 -52.64
C VAL D 343 31.10 52.45 -52.44
N CYS D 344 30.36 52.15 -53.50
CA CYS D 344 29.23 51.24 -53.43
C CYS D 344 29.40 50.08 -54.41
N HIS D 345 30.61 49.53 -54.49
CA HIS D 345 30.83 48.30 -55.22
C HIS D 345 30.10 47.16 -54.50
N PRO D 346 29.31 46.33 -55.23
CA PRO D 346 28.47 45.32 -54.55
C PRO D 346 29.26 44.41 -53.63
N THR D 347 29.01 44.53 -52.32
CA THR D 347 29.67 43.71 -51.31
C THR D 347 28.69 43.41 -50.19
N ALA D 348 28.87 42.24 -49.58
CA ALA D 348 28.13 41.82 -48.40
C ALA D 348 29.13 41.66 -47.26
N TRP D 349 29.04 42.52 -46.25
CA TRP D 349 30.01 42.56 -45.17
C TRP D 349 29.50 41.75 -43.98
N ASP D 350 30.26 40.72 -43.62
CA ASP D 350 30.03 39.95 -42.40
C ASP D 350 31.02 40.47 -41.36
N LEU D 351 30.64 41.54 -40.68
CA LEU D 351 31.53 42.19 -39.72
C LEU D 351 31.80 41.35 -38.48
N GLY D 352 31.06 40.26 -38.29
CA GLY D 352 31.24 39.41 -37.12
C GLY D 352 30.47 39.91 -35.93
N LYS D 353 30.44 39.07 -34.89
CA LYS D 353 29.68 39.35 -33.67
C LYS D 353 28.23 39.68 -33.99
N GLY D 354 27.64 38.92 -34.90
CA GLY D 354 26.26 39.14 -35.31
C GLY D 354 26.04 40.45 -36.04
N ASP D 355 26.95 40.81 -36.95
CA ASP D 355 26.81 42.03 -37.74
C ASP D 355 26.89 41.67 -39.22
N PHE D 356 25.83 41.98 -39.96
CA PHE D 356 25.76 41.72 -41.39
C PHE D 356 25.20 42.94 -42.08
N ARG D 357 25.86 43.39 -43.14
CA ARG D 357 25.48 44.62 -43.82
C ARG D 357 25.72 44.50 -45.32
N ILE D 358 25.16 45.44 -46.07
CA ILE D 358 25.27 45.46 -47.52
C ILE D 358 25.94 46.77 -47.93
N LEU D 359 26.60 46.75 -49.09
CA LEU D 359 27.25 47.94 -49.63
C LEU D 359 27.14 47.86 -51.15
N MET D 360 26.16 48.57 -51.71
CA MET D 360 25.91 48.56 -53.14
C MET D 360 24.88 49.63 -53.47
N CYS D 361 25.07 50.30 -54.61
CA CYS D 361 24.21 51.40 -55.04
C CYS D 361 22.96 50.83 -55.70
N THR D 362 21.95 50.54 -54.88
CA THR D 362 20.70 49.99 -55.40
C THR D 362 19.90 51.08 -56.10
N LYS D 363 19.45 50.79 -57.32
CA LYS D 363 18.63 51.74 -58.07
C LYS D 363 17.45 51.04 -58.71
N VAL D 364 16.69 51.75 -59.54
CA VAL D 364 15.46 51.22 -60.14
C VAL D 364 15.89 50.50 -61.42
N THR D 365 16.29 49.24 -61.26
CA THR D 365 16.72 48.43 -62.39
C THR D 365 16.63 46.96 -61.99
N MET D 366 16.26 46.11 -62.96
CA MET D 366 16.30 44.68 -62.72
C MET D 366 17.71 44.19 -62.41
N ASP D 367 18.71 44.81 -63.03
CA ASP D 367 20.09 44.46 -62.70
C ASP D 367 20.41 44.78 -61.25
N ASP D 368 19.95 45.93 -60.76
CA ASP D 368 20.11 46.26 -59.35
C ASP D 368 19.32 45.30 -58.47
N PHE D 369 18.15 44.87 -58.94
CA PHE D 369 17.38 43.85 -58.21
C PHE D 369 18.20 42.57 -58.04
N LEU D 370 18.79 42.09 -59.14
CA LEU D 370 19.60 40.88 -59.08
C LEU D 370 20.83 41.08 -58.21
N THR D 371 21.46 42.25 -58.28
CA THR D 371 22.64 42.51 -57.46
C THR D 371 22.30 42.53 -55.98
N ALA D 372 21.17 43.16 -55.63
CA ALA D 372 20.72 43.16 -54.23
C ALA D 372 20.41 41.74 -53.77
N HIS D 373 19.77 40.94 -54.63
CA HIS D 373 19.53 39.54 -54.31
C HIS D 373 20.85 38.81 -54.06
N HIS D 374 21.85 39.07 -54.90
CA HIS D 374 23.16 38.43 -54.76
C HIS D 374 23.79 38.79 -53.42
N GLU D 375 23.82 40.08 -53.08
CA GLU D 375 24.47 40.51 -51.85
C GLU D 375 23.72 40.00 -50.62
N MET D 376 22.39 40.04 -50.64
CA MET D 376 21.66 39.59 -49.47
C MET D 376 21.68 38.07 -49.33
N GLY D 377 21.80 37.34 -50.45
CA GLY D 377 22.06 35.92 -50.36
C GLY D 377 23.43 35.62 -49.78
N HIS D 378 24.42 36.43 -50.13
CA HIS D 378 25.73 36.31 -49.48
C HIS D 378 25.61 36.53 -47.98
N ILE D 379 24.84 37.54 -47.57
CA ILE D 379 24.65 37.81 -46.15
C ILE D 379 23.94 36.63 -45.47
N GLN D 380 22.92 36.07 -46.13
CA GLN D 380 22.20 34.93 -45.56
C GLN D 380 23.12 33.73 -45.40
N TYR D 381 23.97 33.47 -46.39
CA TYR D 381 24.93 32.38 -46.27
C TYR D 381 25.94 32.65 -45.14
N ASP D 382 26.34 33.90 -44.98
CA ASP D 382 27.23 34.25 -43.89
C ASP D 382 26.59 33.95 -42.54
N MET D 383 25.31 34.31 -42.39
CA MET D 383 24.57 33.94 -41.18
C MET D 383 24.40 32.43 -41.05
N ALA D 384 24.35 31.72 -42.18
CA ALA D 384 24.11 30.28 -42.13
C ALA D 384 25.23 29.56 -41.39
N TYR D 385 26.49 29.94 -41.65
CA TYR D 385 27.62 29.38 -40.93
C TYR D 385 28.14 30.31 -39.84
N ALA D 386 27.37 31.35 -39.48
CA ALA D 386 27.77 32.23 -38.40
C ALA D 386 27.81 31.49 -37.07
N ALA D 387 27.00 30.45 -36.92
CA ALA D 387 27.02 29.64 -35.69
C ALA D 387 28.32 28.87 -35.54
N GLN D 388 29.08 28.70 -36.62
CA GLN D 388 30.38 28.04 -36.53
C GLN D 388 31.36 28.93 -35.77
N PRO D 389 32.42 28.34 -35.21
CA PRO D 389 33.44 29.15 -34.54
C PRO D 389 34.09 30.13 -35.50
N PHE D 390 34.94 31.00 -34.94
CA PHE D 390 35.52 32.09 -35.71
C PHE D 390 36.33 31.59 -36.90
N LEU D 391 37.05 30.48 -36.71
CA LEU D 391 37.89 29.93 -37.77
C LEU D 391 37.14 29.00 -38.71
N LEU D 392 35.84 28.80 -38.49
CA LEU D 392 35.03 27.94 -39.36
C LEU D 392 33.90 28.71 -40.03
N ARG D 393 33.83 30.03 -39.86
CA ARG D 393 32.75 30.84 -40.43
C ARG D 393 33.06 31.19 -41.88
N ASN D 394 33.25 30.15 -42.69
CA ASN D 394 33.53 30.32 -44.11
C ASN D 394 32.96 29.13 -44.87
N GLY D 395 32.82 29.29 -46.18
CA GLY D 395 32.32 28.23 -47.02
C GLY D 395 33.33 27.10 -47.16
N ALA D 396 32.83 25.96 -47.66
CA ALA D 396 33.68 24.80 -47.84
C ALA D 396 34.78 25.07 -48.87
N ASN D 397 34.51 25.92 -49.85
CA ASN D 397 35.52 26.34 -50.80
C ASN D 397 35.18 27.76 -51.27
N GLU D 398 36.04 28.30 -52.14
CA GLU D 398 35.86 29.68 -52.60
C GLU D 398 34.58 29.83 -53.42
N GLY D 399 34.27 28.86 -54.27
CA GLY D 399 33.19 29.02 -55.22
C GLY D 399 31.79 28.89 -54.63
N PHE D 400 31.65 28.22 -53.48
CA PHE D 400 30.32 27.99 -52.92
C PHE D 400 29.63 29.30 -52.55
N HIS D 401 30.37 30.24 -51.96
CA HIS D 401 29.77 31.51 -51.55
C HIS D 401 29.16 32.24 -52.75
N GLU D 402 29.95 32.41 -53.81
CA GLU D 402 29.46 33.14 -54.98
C GLU D 402 28.37 32.36 -55.70
N ALA D 403 28.47 31.03 -55.75
CA ALA D 403 27.43 30.24 -56.40
C ALA D 403 26.11 30.37 -55.66
N VAL D 404 26.14 30.28 -54.32
CA VAL D 404 24.92 30.43 -53.53
C VAL D 404 24.34 31.82 -53.71
N GLY D 405 25.21 32.84 -53.70
CA GLY D 405 24.72 34.19 -53.95
C GLY D 405 24.05 34.34 -55.30
N GLU D 406 24.60 33.70 -56.32
CA GLU D 406 24.05 33.80 -57.67
C GLU D 406 22.80 32.94 -57.87
N ILE D 407 22.57 31.94 -57.04
CA ILE D 407 21.38 31.09 -57.21
C ILE D 407 20.11 31.94 -57.13
N MET D 408 19.98 32.75 -56.08
CA MET D 408 18.77 33.54 -55.93
C MET D 408 18.66 34.63 -56.99
N SER D 409 19.78 35.21 -57.40
CA SER D 409 19.74 36.20 -58.48
C SER D 409 19.26 35.56 -59.78
N LEU D 410 19.71 34.33 -60.04
CA LEU D 410 19.21 33.60 -61.21
C LEU D 410 17.72 33.32 -61.09
N SER D 411 17.27 32.91 -59.91
CA SER D 411 15.86 32.60 -59.72
C SER D 411 15.00 33.85 -59.57
N ALA D 412 15.60 35.01 -59.29
CA ALA D 412 14.86 36.26 -59.18
C ALA D 412 14.59 36.92 -60.53
N ALA D 413 15.20 36.43 -61.61
CA ALA D 413 15.01 36.99 -62.93
C ALA D 413 14.13 36.12 -63.82
N THR D 414 13.67 34.97 -63.34
CA THR D 414 12.82 34.11 -64.14
C THR D 414 11.48 34.79 -64.41
N PRO D 415 10.96 34.69 -65.64
CA PRO D 415 9.73 35.42 -65.98
C PRO D 415 8.54 35.05 -65.11
N LYS D 416 8.43 33.78 -64.70
CA LYS D 416 7.34 33.39 -63.82
C LYS D 416 7.45 34.10 -62.47
N HIS D 417 8.67 34.22 -61.93
CA HIS D 417 8.87 34.95 -60.68
C HIS D 417 8.51 36.42 -60.85
N LEU D 418 8.90 37.02 -61.98
CA LEU D 418 8.57 38.43 -62.21
C LEU D 418 7.07 38.63 -62.29
N LYS D 419 6.36 37.74 -62.99
CA LYS D 419 4.91 37.87 -63.11
C LYS D 419 4.22 37.62 -61.77
N SER D 420 4.76 36.71 -60.96
CA SER D 420 4.15 36.41 -59.67
C SER D 420 4.16 37.62 -58.74
N ILE D 421 5.27 38.36 -58.72
CA ILE D 421 5.38 39.57 -57.91
C ILE D 421 4.97 40.77 -58.73
N GLY D 422 4.41 40.51 -59.92
CA GLY D 422 3.89 41.57 -60.76
C GLY D 422 4.91 42.51 -61.36
N LEU D 423 6.09 42.00 -61.74
CA LEU D 423 7.01 42.79 -62.54
C LEU D 423 6.59 42.78 -64.00
N LEU D 424 6.36 41.60 -64.55
CA LEU D 424 5.77 41.48 -65.88
C LEU D 424 4.26 41.74 -65.81
N SER D 425 3.67 41.97 -66.96
CA SER D 425 2.23 42.17 -67.02
C SER D 425 1.51 40.88 -66.62
N PRO D 426 0.36 40.99 -65.96
CA PRO D 426 -0.37 39.76 -65.56
C PRO D 426 -0.78 38.91 -66.76
N ASP D 427 -0.99 39.53 -67.92
CA ASP D 427 -1.37 38.82 -69.14
C ASP D 427 -0.20 38.61 -70.09
N PHE D 428 1.03 38.61 -69.56
CA PHE D 428 2.20 38.38 -70.39
C PHE D 428 2.21 36.96 -70.92
N GLN D 429 2.76 36.80 -72.12
CA GLN D 429 2.85 35.49 -72.78
C GLN D 429 4.21 35.37 -73.43
N GLU D 430 5.04 34.48 -72.91
CA GLU D 430 6.34 34.20 -73.50
C GLU D 430 6.25 33.03 -74.47
N ASP D 431 7.19 32.98 -75.40
CA ASP D 431 7.20 31.95 -76.44
C ASP D 431 8.62 31.46 -76.64
N ASN D 432 8.83 30.67 -77.70
CA ASN D 432 10.12 30.06 -77.94
C ASN D 432 11.15 31.04 -78.47
N GLU D 433 10.73 32.09 -79.18
CA GLU D 433 11.69 33.02 -79.75
C GLU D 433 12.44 33.78 -78.67
N THR D 434 11.71 34.39 -77.73
CA THR D 434 12.38 35.10 -76.64
C THR D 434 13.13 34.14 -75.72
N GLU D 435 12.62 32.91 -75.57
CA GLU D 435 13.33 31.91 -74.78
C GLU D 435 14.69 31.60 -75.39
N ILE D 436 14.73 31.38 -76.69
CA ILE D 436 16.00 31.09 -77.38
C ILE D 436 16.92 32.30 -77.31
N ASN D 437 16.37 33.50 -77.51
CA ASN D 437 17.19 34.71 -77.43
C ASN D 437 17.84 34.84 -76.06
N PHE D 438 17.04 34.71 -75.00
CA PHE D 438 17.57 34.82 -73.64
C PHE D 438 18.57 33.72 -73.35
N LEU D 439 18.30 32.50 -73.82
CA LEU D 439 19.19 31.38 -73.55
C LEU D 439 20.55 31.57 -74.22
N LEU D 440 20.53 32.02 -75.48
CA LEU D 440 21.79 32.33 -76.17
C LEU D 440 22.52 33.49 -75.51
N LYS D 441 21.77 34.52 -75.07
CA LYS D 441 22.39 35.64 -74.38
C LYS D 441 23.09 35.18 -73.11
N GLN D 442 22.45 34.29 -72.34
CA GLN D 442 23.07 33.77 -71.14
C GLN D 442 24.28 32.90 -71.46
N ALA D 443 24.18 32.07 -72.50
CA ALA D 443 25.27 31.16 -72.84
C ALA D 443 26.48 31.90 -73.37
N LEU D 444 26.28 33.05 -74.03
CA LEU D 444 27.40 33.80 -74.58
C LEU D 444 28.37 34.27 -73.50
N THR D 445 27.92 34.30 -72.25
CA THR D 445 28.78 34.64 -71.12
C THR D 445 29.06 33.45 -70.20
N ILE D 446 28.07 32.58 -69.99
CA ILE D 446 28.23 31.47 -69.06
C ILE D 446 29.16 30.40 -69.63
N VAL D 447 28.77 29.80 -70.75
CA VAL D 447 29.60 28.77 -71.38
C VAL D 447 30.66 29.37 -72.29
N GLY D 448 30.54 30.65 -72.64
CA GLY D 448 31.56 31.32 -73.42
C GLY D 448 32.79 31.75 -72.65
N THR D 449 32.76 31.64 -71.33
CA THR D 449 33.90 31.97 -70.48
C THR D 449 34.59 30.75 -69.88
N LEU D 450 33.93 29.60 -69.88
CA LEU D 450 34.56 28.39 -69.34
C LEU D 450 35.84 27.99 -70.09
N PRO D 451 35.89 28.00 -71.42
CA PRO D 451 37.16 27.67 -72.09
C PRO D 451 38.30 28.61 -71.71
N PHE D 452 38.04 29.92 -71.72
CA PHE D 452 39.08 30.89 -71.38
C PHE D 452 39.53 30.72 -69.92
N THR D 453 38.58 30.52 -69.01
CA THR D 453 38.92 30.33 -67.61
C THR D 453 39.76 29.07 -67.43
N TYR D 454 39.36 27.98 -68.08
CA TYR D 454 40.10 26.73 -67.95
C TYR D 454 41.51 26.85 -68.51
N MET D 455 41.65 27.48 -69.68
CA MET D 455 42.98 27.59 -70.28
C MET D 455 43.87 28.51 -69.47
N LEU D 456 43.33 29.61 -68.93
CA LEU D 456 44.13 30.48 -68.09
C LEU D 456 44.55 29.77 -66.80
N GLU D 457 43.64 29.02 -66.18
CA GLU D 457 43.99 28.29 -64.98
C GLU D 457 45.07 27.25 -65.26
N LYS D 458 44.95 26.53 -66.39
CA LYS D 458 45.97 25.55 -66.73
C LYS D 458 47.32 26.20 -67.01
N TRP D 459 47.32 27.33 -67.74
CA TRP D 459 48.57 28.01 -68.02
C TRP D 459 49.23 28.52 -66.74
N ARG D 460 48.42 29.04 -65.81
CA ARG D 460 48.97 29.42 -64.51
C ARG D 460 49.50 28.22 -63.75
N TRP D 461 48.85 27.07 -63.90
CA TRP D 461 49.34 25.85 -63.26
C TRP D 461 50.73 25.48 -63.79
N MET D 462 50.91 25.53 -65.12
CA MET D 462 52.25 25.26 -65.65
C MET D 462 53.25 26.32 -65.21
N VAL D 463 52.87 27.60 -65.24
CA VAL D 463 53.85 28.64 -64.95
C VAL D 463 54.28 28.57 -63.49
N PHE D 464 53.37 28.21 -62.58
CA PHE D 464 53.76 27.99 -61.20
C PHE D 464 54.59 26.72 -61.06
N LYS D 465 54.18 25.64 -61.72
CA LYS D 465 54.96 24.41 -61.68
C LYS D 465 56.32 24.62 -62.33
N GLY D 466 56.36 25.32 -63.46
CA GLY D 466 57.60 25.75 -64.06
C GLY D 466 58.31 24.75 -64.96
N GLU D 467 57.64 23.67 -65.35
CA GLU D 467 58.28 22.74 -66.27
C GLU D 467 58.48 23.36 -67.65
N ILE D 468 57.61 24.28 -68.05
CA ILE D 468 57.81 25.00 -69.30
C ILE D 468 58.91 26.04 -69.12
N PRO D 469 59.79 26.24 -70.11
CA PRO D 469 60.81 27.29 -70.00
C PRO D 469 60.18 28.66 -70.13
N LYS D 470 61.02 29.68 -69.88
CA LYS D 470 60.54 31.05 -69.98
C LYS D 470 60.17 31.41 -71.41
N ASP D 471 60.85 30.80 -72.39
CA ASP D 471 60.47 31.01 -73.79
C ASP D 471 59.09 30.44 -74.08
N GLN D 472 58.77 29.30 -73.47
CA GLN D 472 57.44 28.69 -73.68
C GLN D 472 56.41 29.36 -72.79
N TRP D 473 56.33 30.69 -72.85
CA TRP D 473 55.34 31.46 -72.12
C TRP D 473 54.31 32.10 -73.04
N MET D 474 54.77 32.88 -74.02
CA MET D 474 53.86 33.61 -74.90
C MET D 474 53.36 32.73 -76.04
N LYS D 475 54.28 32.27 -76.90
CA LYS D 475 53.88 31.62 -78.15
C LYS D 475 53.06 30.36 -77.87
N LYS D 476 53.50 29.53 -76.93
CA LYS D 476 52.72 28.38 -76.52
C LYS D 476 51.30 28.79 -76.14
N TRP D 477 51.19 29.81 -75.29
CA TRP D 477 49.89 30.37 -74.96
C TRP D 477 49.12 30.70 -76.23
N TRP D 478 49.76 31.45 -77.14
CA TRP D 478 49.08 31.90 -78.34
C TRP D 478 48.74 30.76 -79.28
N GLU D 479 49.29 29.58 -79.10
CA GLU D 479 48.76 28.45 -79.86
C GLU D 479 47.75 27.66 -79.04
N MET D 480 47.96 27.59 -77.72
CA MET D 480 47.03 26.86 -76.88
C MET D 480 45.66 27.52 -76.88
N LYS D 481 45.64 28.86 -76.80
CA LYS D 481 44.39 29.60 -76.92
C LYS D 481 43.67 29.29 -78.22
N ARG D 482 44.43 28.89 -79.26
CA ARG D 482 43.79 28.51 -80.51
C ARG D 482 42.90 27.30 -80.34
N GLU D 483 43.35 26.30 -79.57
CA GLU D 483 42.59 25.07 -79.44
C GLU D 483 41.40 25.20 -78.50
N ILE D 484 41.52 26.03 -77.47
CA ILE D 484 40.50 26.08 -76.42
C ILE D 484 39.56 27.26 -76.65
N VAL D 485 40.11 28.47 -76.63
CA VAL D 485 39.27 29.66 -76.82
C VAL D 485 38.95 29.88 -78.30
N GLY D 486 39.86 29.50 -79.19
CA GLY D 486 39.66 29.76 -80.60
C GLY D 486 39.98 31.20 -80.96
N VAL D 487 41.24 31.59 -80.80
CA VAL D 487 41.69 32.95 -81.06
C VAL D 487 42.91 32.90 -81.96
N VAL D 488 42.91 33.72 -83.01
CA VAL D 488 44.06 33.84 -83.89
C VAL D 488 44.86 35.07 -83.49
N GLU D 489 46.06 35.21 -84.06
CA GLU D 489 46.97 36.28 -83.67
C GLU D 489 46.72 37.49 -84.55
N PRO D 490 46.19 38.59 -84.00
CA PRO D 490 46.07 39.80 -84.84
C PRO D 490 47.41 40.47 -85.08
N VAL D 491 48.27 40.53 -84.07
CA VAL D 491 49.64 41.01 -84.22
C VAL D 491 50.58 40.01 -83.54
N PRO D 492 51.80 39.84 -84.02
CA PRO D 492 52.70 38.84 -83.41
C PRO D 492 53.15 39.23 -82.01
N HIS D 493 53.45 38.21 -81.21
CA HIS D 493 53.98 38.39 -79.86
C HIS D 493 54.91 37.22 -79.59
N ASP D 494 56.23 37.44 -79.64
CA ASP D 494 57.18 36.37 -79.42
C ASP D 494 57.68 36.31 -77.97
N GLU D 495 58.43 37.33 -77.53
CA GLU D 495 58.96 37.34 -76.17
C GLU D 495 58.97 38.71 -75.51
N THR D 496 58.58 39.77 -76.20
CA THR D 496 58.81 41.12 -75.71
C THR D 496 57.64 41.66 -74.87
N TYR D 497 56.61 40.86 -74.63
CA TYR D 497 55.53 41.24 -73.72
C TYR D 497 55.23 40.05 -72.81
N CYS D 498 54.22 40.23 -71.96
CA CYS D 498 53.61 39.12 -71.21
C CYS D 498 52.11 39.31 -71.30
N ASP D 499 51.52 38.80 -72.38
CA ASP D 499 50.08 38.97 -72.59
C ASP D 499 49.23 38.26 -71.54
N PRO D 500 49.45 36.97 -71.22
CA PRO D 500 48.67 36.36 -70.14
C PRO D 500 48.90 37.01 -68.78
N ALA D 501 50.12 37.49 -68.51
CA ALA D 501 50.43 38.07 -67.21
C ALA D 501 49.82 39.45 -67.02
N SER D 502 49.31 40.08 -68.07
CA SER D 502 48.72 41.41 -67.98
C SER D 502 47.22 41.34 -67.71
N LEU D 503 46.83 40.63 -66.64
CA LEU D 503 45.44 40.46 -66.29
C LEU D 503 45.29 40.67 -64.78
N PHE D 504 44.07 41.05 -64.38
CA PHE D 504 43.82 41.36 -62.97
C PHE D 504 44.07 40.15 -62.08
N HIS D 505 43.50 39.01 -62.45
CA HIS D 505 43.72 37.80 -61.65
C HIS D 505 44.91 37.00 -62.18
N VAL D 506 46.01 37.71 -62.44
CA VAL D 506 47.31 37.07 -62.65
C VAL D 506 48.42 37.70 -61.83
N SER D 507 48.31 38.98 -61.45
CA SER D 507 49.34 39.66 -60.68
C SER D 507 48.94 39.91 -59.24
N ASN D 508 47.69 39.69 -58.87
CA ASN D 508 47.21 39.86 -57.51
C ASN D 508 47.24 38.55 -56.73
N ASP D 509 47.82 37.50 -57.30
CA ASP D 509 47.89 36.18 -56.67
C ASP D 509 46.50 35.63 -56.36
N TYR D 510 45.64 35.64 -57.38
CA TYR D 510 44.26 35.21 -57.26
C TYR D 510 44.08 33.89 -58.01
N SER D 511 43.64 32.86 -57.30
CA SER D 511 43.36 31.58 -57.93
C SER D 511 42.19 31.73 -58.91
N PHE D 512 42.42 31.34 -60.16
CA PHE D 512 41.46 31.57 -61.22
C PHE D 512 40.47 30.41 -61.39
N ILE D 513 40.66 29.31 -60.66
CA ILE D 513 39.74 28.19 -60.74
C ILE D 513 38.43 28.44 -59.99
N ARG D 514 38.39 29.48 -59.16
CA ARG D 514 37.16 29.79 -58.43
C ARG D 514 36.02 30.12 -59.39
N TYR D 515 36.30 30.91 -60.42
CA TYR D 515 35.27 31.27 -61.39
C TYR D 515 34.81 30.05 -62.19
N TYR D 516 35.73 29.14 -62.53
CA TYR D 516 35.33 27.91 -63.21
C TYR D 516 34.45 27.05 -62.32
N THR D 517 34.78 26.94 -61.04
CA THR D 517 34.01 26.07 -60.14
C THR D 517 32.67 26.68 -59.78
N ARG D 518 32.59 28.01 -59.70
CA ARG D 518 31.36 28.66 -59.26
C ARG D 518 30.21 28.40 -60.22
N THR D 519 30.48 28.49 -61.53
CA THR D 519 29.42 28.28 -62.51
C THR D 519 28.86 26.86 -62.42
N LEU D 520 29.75 25.87 -62.34
CA LEU D 520 29.30 24.48 -62.23
C LEU D 520 28.54 24.23 -60.94
N TYR D 521 29.04 24.79 -59.83
CA TYR D 521 28.36 24.60 -58.56
C TYR D 521 26.97 25.23 -58.58
N GLN D 522 26.85 26.45 -59.10
CA GLN D 522 25.54 27.10 -59.14
C GLN D 522 24.59 26.38 -60.08
N PHE D 523 25.11 25.85 -61.20
CA PHE D 523 24.26 25.09 -62.11
C PHE D 523 23.76 23.82 -61.44
N GLN D 524 24.66 23.10 -60.74
CA GLN D 524 24.26 21.89 -60.04
C GLN D 524 23.21 22.18 -58.97
N PHE D 525 23.42 23.24 -58.19
CA PHE D 525 22.50 23.57 -57.13
C PHE D 525 21.14 24.01 -57.68
N GLN D 526 21.15 24.82 -58.75
CA GLN D 526 19.90 25.25 -59.36
C GLN D 526 19.14 24.05 -59.94
N GLU D 527 19.84 23.13 -60.59
CA GLU D 527 19.21 21.95 -61.15
C GLU D 527 18.60 21.08 -60.05
N ALA D 528 19.36 20.85 -58.97
CA ALA D 528 18.86 20.03 -57.87
C ALA D 528 17.66 20.69 -57.20
N LEU D 529 17.72 22.01 -57.00
CA LEU D 529 16.57 22.72 -56.46
C LEU D 529 15.36 22.63 -57.38
N CYS D 530 15.60 22.71 -58.69
CA CYS D 530 14.51 22.67 -59.64
C CYS D 530 13.81 21.32 -59.61
N GLN D 531 14.58 20.24 -59.50
CA GLN D 531 13.96 18.92 -59.34
C GLN D 531 13.25 18.81 -57.99
N ALA D 532 13.93 19.15 -56.91
CA ALA D 532 13.32 19.09 -55.57
C ALA D 532 12.69 20.43 -55.19
N ALA D 533 11.90 20.98 -56.12
CA ALA D 533 11.12 22.19 -55.84
C ALA D 533 9.73 22.12 -56.45
N LYS D 534 9.32 20.97 -56.99
CA LYS D 534 8.00 20.79 -57.60
C LYS D 534 7.76 21.78 -58.73
N HIS D 535 8.60 21.69 -59.76
CA HIS D 535 8.48 22.50 -60.96
C HIS D 535 8.60 21.61 -62.19
N GLU D 536 7.89 22.00 -63.25
CA GLU D 536 7.90 21.28 -64.51
C GLU D 536 8.28 22.23 -65.63
N GLY D 537 8.92 21.68 -66.67
CA GLY D 537 9.31 22.45 -67.82
C GLY D 537 10.81 22.63 -67.93
N PRO D 538 11.24 23.57 -68.76
CA PRO D 538 12.68 23.78 -68.96
C PRO D 538 13.35 24.35 -67.73
N LEU D 539 14.67 24.16 -67.67
CA LEU D 539 15.44 24.61 -66.51
C LEU D 539 15.53 26.12 -66.43
N HIS D 540 15.56 26.82 -67.58
CA HIS D 540 15.73 28.26 -67.56
C HIS D 540 14.52 28.97 -66.97
N LYS D 541 13.32 28.40 -67.10
CA LYS D 541 12.10 28.99 -66.57
C LYS D 541 11.76 28.48 -65.18
N CYS D 542 12.65 27.71 -64.56
CA CYS D 542 12.36 27.11 -63.26
C CYS D 542 12.28 28.18 -62.18
N ASP D 543 11.30 28.03 -61.28
CA ASP D 543 11.08 28.96 -60.19
C ASP D 543 11.04 28.18 -58.88
N ILE D 544 11.74 28.67 -57.87
CA ILE D 544 11.80 28.04 -56.56
C ILE D 544 11.00 28.82 -55.53
N SER D 545 10.17 29.77 -55.96
CA SER D 545 9.37 30.56 -55.03
C SER D 545 8.27 29.71 -54.41
N ASN D 546 7.95 30.03 -53.15
CA ASN D 546 6.87 29.37 -52.40
C ASN D 546 7.08 27.87 -52.29
N SER D 547 8.34 27.43 -52.22
CA SER D 547 8.68 26.02 -52.02
C SER D 547 9.67 25.97 -50.86
N THR D 548 9.15 25.91 -49.63
CA THR D 548 10.00 26.02 -48.45
C THR D 548 10.90 24.81 -48.26
N GLU D 549 10.56 23.66 -48.85
CA GLU D 549 11.42 22.49 -48.73
C GLU D 549 12.76 22.70 -49.42
N ALA D 550 12.75 23.33 -50.59
CA ALA D 550 13.99 23.62 -51.30
C ALA D 550 14.88 24.56 -50.49
N GLY D 551 14.27 25.61 -49.91
CA GLY D 551 15.04 26.51 -49.07
C GLY D 551 15.56 25.84 -47.82
N GLN D 552 14.78 24.93 -47.24
CA GLN D 552 15.23 24.18 -46.08
C GLN D 552 16.43 23.31 -46.42
N LYS D 553 16.39 22.63 -47.57
CA LYS D 553 17.54 21.83 -47.98
C LYS D 553 18.75 22.71 -48.28
N LEU D 554 18.52 23.87 -48.90
CA LEU D 554 19.60 24.81 -49.17
C LEU D 554 20.26 25.26 -47.87
N PHE D 555 19.44 25.61 -46.87
CA PHE D 555 20.00 26.03 -45.59
C PHE D 555 20.69 24.88 -44.87
N ASN D 556 20.20 23.64 -45.06
CA ASN D 556 20.90 22.49 -44.53
C ASN D 556 22.30 22.39 -45.13
N MET D 557 22.42 22.62 -46.44
CA MET D 557 23.73 22.70 -47.06
C MET D 557 24.56 23.84 -46.47
N LEU D 558 23.96 25.00 -46.31
CA LEU D 558 24.72 26.21 -45.97
C LEU D 558 25.24 26.17 -44.54
N ARG D 559 24.44 25.62 -43.61
CA ARG D 559 24.80 25.63 -42.20
C ARG D 559 26.04 24.80 -41.90
N LEU D 560 26.45 23.93 -42.84
CA LEU D 560 27.67 23.15 -42.63
C LEU D 560 28.89 24.06 -42.54
N GLY D 561 28.97 25.06 -43.41
CA GLY D 561 30.10 25.97 -43.38
C GLY D 561 31.41 25.24 -43.62
N LYS D 562 32.41 25.55 -42.79
CA LYS D 562 33.71 24.89 -42.86
C LYS D 562 33.80 23.68 -41.95
N SER D 563 32.75 23.39 -41.18
CA SER D 563 32.77 22.25 -40.27
C SER D 563 32.82 20.91 -40.99
N GLU D 564 32.46 20.87 -42.27
CA GLU D 564 32.41 19.63 -43.03
C GLU D 564 33.21 19.78 -44.31
N PRO D 565 33.76 18.69 -44.83
CA PRO D 565 34.50 18.76 -46.09
C PRO D 565 33.62 19.15 -47.26
N TRP D 566 34.23 19.74 -48.28
CA TRP D 566 33.49 20.19 -49.46
C TRP D 566 32.85 19.01 -50.18
N THR D 567 33.53 17.87 -50.24
CA THR D 567 32.93 16.67 -50.83
C THR D 567 31.71 16.23 -50.03
N LEU D 568 31.83 16.22 -48.70
CA LEU D 568 30.68 15.90 -47.86
C LEU D 568 29.63 17.01 -47.93
N ALA D 569 30.07 18.27 -48.10
CA ALA D 569 29.12 19.36 -48.26
C ALA D 569 28.26 19.18 -49.50
N LEU D 570 28.87 18.70 -50.59
CA LEU D 570 28.15 18.49 -51.84
C LEU D 570 27.34 17.20 -51.80
N GLU D 571 26.52 17.03 -50.76
CA GLU D 571 25.73 15.81 -50.61
C GLU D 571 24.28 16.05 -50.22
N ASN D 572 23.90 17.26 -49.79
CA ASN D 572 22.53 17.49 -49.34
C ASN D 572 21.63 17.96 -50.49
N VAL D 573 21.97 19.10 -51.11
CA VAL D 573 21.19 19.59 -52.23
C VAL D 573 21.40 18.70 -53.45
N VAL D 574 22.66 18.42 -53.78
CA VAL D 574 23.01 17.59 -54.93
C VAL D 574 23.48 16.24 -54.44
N GLY D 575 23.26 15.23 -55.27
CA GLY D 575 23.67 13.87 -54.95
C GLY D 575 25.07 13.50 -55.35
N ALA D 576 25.83 14.42 -55.95
CA ALA D 576 27.18 14.15 -56.41
C ALA D 576 28.16 15.02 -55.63
N LYS D 577 29.15 14.38 -55.00
CA LYS D 577 30.18 15.10 -54.28
C LYS D 577 31.21 15.72 -55.21
N ASN D 578 31.34 15.22 -56.43
CA ASN D 578 32.30 15.72 -57.40
C ASN D 578 31.64 16.78 -58.30
N MET D 579 32.33 17.14 -59.38
CA MET D 579 31.85 18.11 -60.35
C MET D 579 31.39 17.39 -61.61
N ASN D 580 30.21 17.77 -62.12
CA ASN D 580 29.67 17.20 -63.35
C ASN D 580 29.22 18.32 -64.27
N VAL D 581 29.13 18.00 -65.57
CA VAL D 581 28.77 18.96 -66.60
C VAL D 581 27.32 18.82 -67.04
N ARG D 582 26.60 17.84 -66.49
CA ARG D 582 25.23 17.58 -66.95
C ARG D 582 24.30 18.78 -66.83
N PRO D 583 24.29 19.56 -65.73
CA PRO D 583 23.44 20.75 -65.71
C PRO D 583 23.77 21.75 -66.81
N LEU D 584 25.04 21.88 -67.18
CA LEU D 584 25.43 22.82 -68.23
C LEU D 584 24.80 22.45 -69.55
N LEU D 585 24.80 21.17 -69.90
CA LEU D 585 24.19 20.73 -71.16
C LEU D 585 22.67 20.76 -71.06
N ASN D 586 22.12 20.40 -69.90
CA ASN D 586 20.66 20.37 -69.73
C ASN D 586 20.06 21.77 -69.84
N TYR D 587 20.73 22.76 -69.26
CA TYR D 587 20.21 24.13 -69.29
C TYR D 587 20.14 24.66 -70.72
N PHE D 588 21.23 24.50 -71.47
CA PHE D 588 21.29 25.01 -72.85
C PHE D 588 20.90 23.93 -73.86
N GLU D 589 19.75 23.28 -73.62
CA GLU D 589 19.27 22.25 -74.54
C GLU D 589 18.55 22.86 -75.74
N PRO D 590 17.59 23.78 -75.55
CA PRO D 590 17.00 24.43 -76.73
C PRO D 590 18.02 25.17 -77.57
N LEU D 591 19.00 25.81 -76.93
CA LEU D 591 20.05 26.48 -77.68
C LEU D 591 20.89 25.49 -78.47
N PHE D 592 21.20 24.33 -77.87
CA PHE D 592 21.98 23.32 -78.57
C PHE D 592 21.23 22.78 -79.77
N THR D 593 19.93 22.49 -79.61
CA THR D 593 19.17 21.95 -80.73
C THR D 593 18.88 23.01 -81.79
N TRP D 594 18.89 24.29 -81.42
CA TRP D 594 18.80 25.35 -82.42
C TRP D 594 20.12 25.53 -83.16
N LEU D 595 21.24 25.39 -82.46
CA LEU D 595 22.55 25.51 -83.09
C LEU D 595 22.83 24.35 -84.02
N LYS D 596 22.30 23.16 -83.70
CA LYS D 596 22.58 21.99 -84.53
C LYS D 596 22.08 22.18 -85.95
N ASP D 597 20.87 22.74 -86.10
CA ASP D 597 20.30 22.98 -87.43
C ASP D 597 20.39 24.45 -87.85
N GLN D 598 21.08 25.29 -87.07
CA GLN D 598 21.23 26.69 -87.44
C GLN D 598 22.38 26.89 -88.43
N ASN D 599 23.60 26.56 -88.02
CA ASN D 599 24.79 26.77 -88.84
C ASN D 599 25.12 25.53 -89.67
N LYS D 600 24.14 25.06 -90.43
CA LYS D 600 24.35 23.87 -91.27
C LYS D 600 25.26 24.17 -92.44
N ASN D 601 25.16 25.38 -93.01
CA ASN D 601 25.96 25.73 -94.18
C ASN D 601 27.45 25.71 -93.84
N SER D 602 27.84 26.28 -92.72
CA SER D 602 29.23 26.25 -92.30
C SER D 602 29.53 24.96 -91.53
N PHE D 603 30.82 24.70 -91.34
CA PHE D 603 31.29 23.54 -90.60
C PHE D 603 31.81 23.96 -89.23
N VAL D 604 31.50 23.15 -88.21
CA VAL D 604 31.92 23.49 -86.86
C VAL D 604 33.42 23.28 -86.70
N GLY D 605 34.00 23.98 -85.74
CA GLY D 605 35.42 23.90 -85.46
C GLY D 605 36.20 25.02 -86.14
N TRP D 606 37.39 25.28 -85.59
CA TRP D 606 38.27 26.32 -86.10
C TRP D 606 39.64 25.74 -86.42
N SER D 607 40.37 26.44 -87.27
CA SER D 607 41.72 26.04 -87.66
C SER D 607 42.74 26.88 -86.92
N THR D 608 43.81 26.23 -86.48
CA THR D 608 44.87 26.90 -85.71
C THR D 608 46.01 27.41 -86.59
N ASP D 609 45.94 27.23 -87.90
CA ASP D 609 46.99 27.68 -88.80
C ASP D 609 46.70 29.03 -89.42
N TRP D 610 45.43 29.35 -89.68
CA TRP D 610 45.08 30.64 -90.25
C TRP D 610 45.33 31.76 -89.26
N SER D 611 45.72 32.92 -89.78
CA SER D 611 45.90 34.13 -89.00
C SER D 611 45.45 35.32 -89.82
N PRO D 612 45.06 36.41 -89.17
CA PRO D 612 44.69 37.62 -89.93
C PRO D 612 45.82 38.14 -90.80
N TYR D 613 47.07 38.03 -90.36
CA TYR D 613 48.20 38.44 -91.18
C TYR D 613 48.67 37.37 -92.15
N ALA D 614 48.16 36.14 -92.02
CA ALA D 614 48.52 35.05 -92.92
C ALA D 614 47.46 33.96 -92.92
N SER E 19 44.46 -29.09 -17.46
CA SER E 19 45.21 -28.19 -16.60
C SER E 19 46.57 -27.85 -17.21
N THR E 20 46.89 -26.56 -17.26
CA THR E 20 48.14 -26.11 -17.86
C THR E 20 49.32 -26.46 -16.96
N ILE E 21 50.50 -26.50 -17.59
CA ILE E 21 51.72 -26.83 -16.86
C ILE E 21 52.12 -25.74 -15.88
N GLU E 22 51.62 -24.52 -16.06
CA GLU E 22 51.93 -23.45 -15.11
C GLU E 22 51.38 -23.76 -13.72
N GLU E 23 50.14 -24.26 -13.66
CA GLU E 23 49.57 -24.66 -12.38
C GLU E 23 50.33 -25.83 -11.78
N GLN E 24 50.80 -26.76 -12.62
CA GLN E 24 51.64 -27.85 -12.14
C GLN E 24 52.92 -27.33 -11.51
N ALA E 25 53.55 -26.35 -12.16
CA ALA E 25 54.77 -25.76 -11.60
C ALA E 25 54.49 -25.04 -10.29
N LYS E 26 53.37 -24.33 -10.22
CA LYS E 26 53.01 -23.64 -8.98
C LYS E 26 52.79 -24.63 -7.85
N THR E 27 52.06 -25.72 -8.12
CA THR E 27 51.84 -26.74 -7.10
C THR E 27 53.15 -27.40 -6.68
N PHE E 28 54.05 -27.64 -7.64
CA PHE E 28 55.35 -28.19 -7.31
C PHE E 28 56.14 -27.23 -6.42
N LEU E 29 56.10 -25.94 -6.72
CA LEU E 29 56.81 -24.96 -5.90
C LEU E 29 56.24 -24.93 -4.48
N ASP E 30 54.91 -24.97 -4.35
CA ASP E 30 54.29 -24.98 -3.03
C ASP E 30 54.68 -26.24 -2.26
N LYS E 31 54.64 -27.39 -2.94
CA LYS E 31 55.02 -28.65 -2.30
C LYS E 31 56.47 -28.61 -1.84
N PHE E 32 57.35 -28.04 -2.66
CA PHE E 32 58.75 -27.91 -2.27
C PHE E 32 58.90 -27.02 -1.06
N ASN E 33 58.34 -25.80 -1.11
CA ASN E 33 58.64 -24.81 -0.08
C ASN E 33 57.99 -25.16 1.26
N HIS E 34 56.79 -25.76 1.24
CA HIS E 34 56.10 -26.06 2.49
C HIS E 34 56.94 -26.98 3.37
N GLU E 35 57.51 -28.02 2.78
CA GLU E 35 58.37 -28.94 3.52
C GLU E 35 59.82 -28.52 3.54
N ALA E 36 60.22 -27.54 2.71
CA ALA E 36 61.57 -27.03 2.77
C ALA E 36 61.77 -26.04 3.91
N GLU E 37 60.72 -25.30 4.28
CA GLU E 37 60.84 -24.34 5.37
C GLU E 37 61.23 -25.02 6.67
N ASP E 38 60.58 -26.15 6.99
CA ASP E 38 60.87 -26.84 8.23
C ASP E 38 62.29 -27.38 8.25
N LEU E 39 62.75 -27.97 7.14
CA LEU E 39 64.10 -28.50 7.09
C LEU E 39 65.14 -27.39 7.16
N PHE E 40 64.90 -26.27 6.48
CA PHE E 40 65.80 -25.13 6.56
C PHE E 40 65.86 -24.57 7.98
N TYR E 41 64.72 -24.49 8.65
CA TYR E 41 64.71 -24.06 10.05
C TYR E 41 65.48 -25.03 10.92
N GLN E 42 65.32 -26.33 10.69
CA GLN E 42 66.08 -27.32 11.45
C GLN E 42 67.58 -27.13 11.27
N SER E 43 68.02 -26.98 10.02
CA SER E 43 69.44 -26.81 9.74
C SER E 43 69.97 -25.53 10.37
N SER E 44 69.22 -24.43 10.24
CA SER E 44 69.68 -23.14 10.77
C SER E 44 69.73 -23.17 12.29
N LEU E 45 68.72 -23.76 12.94
CA LEU E 45 68.73 -23.88 14.39
C LEU E 45 69.90 -24.75 14.86
N ALA E 46 70.16 -25.86 14.15
CA ALA E 46 71.28 -26.71 14.51
C ALA E 46 72.60 -25.97 14.38
N SER E 47 72.78 -25.20 13.29
CA SER E 47 74.02 -24.45 13.12
C SER E 47 74.16 -23.36 14.19
N TRP E 48 73.04 -22.71 14.53
CA TRP E 48 73.07 -21.72 15.60
C TRP E 48 73.48 -22.36 16.93
N ASN E 49 72.94 -23.54 17.23
CA ASN E 49 73.32 -24.24 18.45
C ASN E 49 74.78 -24.64 18.43
N TYR E 50 75.27 -25.10 17.27
CA TYR E 50 76.68 -25.50 17.15
C TYR E 50 77.60 -24.32 17.39
N ASN E 51 77.30 -23.17 16.79
CA ASN E 51 78.12 -22.00 17.05
C ASN E 51 77.95 -21.48 18.47
N THR E 52 76.78 -21.74 19.07
CA THR E 52 76.58 -21.43 20.49
C THR E 52 77.26 -22.47 21.39
N ASN E 53 77.31 -23.73 20.96
CA ASN E 53 77.92 -24.81 21.74
C ASN E 53 79.01 -25.46 20.89
N ILE E 54 80.25 -25.05 21.10
CA ILE E 54 81.38 -25.61 20.37
C ILE E 54 81.65 -26.99 20.98
N THR E 55 81.09 -28.03 20.36
CA THR E 55 81.24 -29.39 20.86
C THR E 55 81.10 -30.36 19.70
N GLU E 56 81.67 -31.55 19.88
CA GLU E 56 81.60 -32.58 18.85
C GLU E 56 80.15 -33.02 18.63
N GLU E 57 79.35 -33.06 19.70
CA GLU E 57 77.97 -33.49 19.57
C GLU E 57 77.17 -32.57 18.64
N ASN E 58 77.58 -31.31 18.52
CA ASN E 58 76.93 -30.36 17.63
C ASN E 58 77.63 -30.26 16.28
N VAL E 59 78.63 -31.10 16.02
CA VAL E 59 79.38 -31.03 14.77
C VAL E 59 78.86 -32.10 13.80
N GLN E 60 78.86 -33.35 14.25
CA GLN E 60 78.38 -34.43 13.38
C GLN E 60 76.91 -34.23 13.01
N ASN E 61 76.11 -33.71 13.95
CA ASN E 61 74.72 -33.40 13.65
C ASN E 61 74.62 -32.45 12.46
N MET E 62 75.62 -31.58 12.28
CA MET E 62 75.64 -30.72 11.11
C MET E 62 75.51 -31.55 9.84
N ASN E 63 76.38 -32.56 9.70
CA ASN E 63 76.23 -33.49 8.59
C ASN E 63 74.84 -34.12 8.61
N ASN E 64 74.42 -34.62 9.77
CA ASN E 64 73.12 -35.26 9.88
C ASN E 64 71.99 -34.32 9.50
N ALA E 65 72.22 -33.02 9.54
CA ALA E 65 71.29 -32.07 8.94
C ALA E 65 71.62 -31.83 7.48
N GLY E 66 72.88 -31.45 7.20
CA GLY E 66 73.22 -30.94 5.89
C GLY E 66 72.90 -31.92 4.77
N ASP E 67 73.45 -33.13 4.87
CA ASP E 67 73.17 -34.14 3.86
C ASP E 67 71.67 -34.37 3.73
N LYS E 68 70.97 -34.41 4.86
CA LYS E 68 69.53 -34.60 4.82
C LYS E 68 68.87 -33.50 4.00
N TRP E 69 69.29 -32.24 4.21
CA TRP E 69 68.81 -31.15 3.37
C TRP E 69 69.08 -31.47 1.90
N SER E 70 70.31 -31.85 1.58
CA SER E 70 70.60 -32.29 0.22
C SER E 70 69.75 -33.51 -0.14
N ALA E 71 69.64 -34.46 0.78
CA ALA E 71 68.82 -35.65 0.53
C ALA E 71 67.37 -35.29 0.29
N PHE E 72 66.96 -34.08 0.67
CA PHE E 72 65.66 -33.55 0.29
C PHE E 72 65.74 -32.55 -0.85
N LEU E 73 66.80 -31.75 -0.91
CA LEU E 73 66.83 -30.64 -1.86
C LEU E 73 66.97 -31.12 -3.29
N LYS E 74 67.92 -32.03 -3.54
CA LYS E 74 68.25 -32.41 -4.91
C LYS E 74 67.04 -33.02 -5.62
N GLU E 75 66.26 -33.84 -4.92
CA GLU E 75 65.05 -34.40 -5.51
C GLU E 75 64.10 -33.28 -5.95
N GLN E 76 63.91 -32.28 -5.10
CA GLN E 76 63.15 -31.10 -5.53
C GLN E 76 63.85 -30.39 -6.68
N SER E 77 65.19 -30.32 -6.63
CA SER E 77 65.93 -29.84 -7.78
C SER E 77 65.86 -30.80 -8.95
N THR E 78 65.63 -32.10 -8.69
CA THR E 78 65.48 -33.07 -9.77
C THR E 78 64.19 -32.85 -10.53
N LEU E 79 63.13 -32.40 -9.85
CA LEU E 79 61.85 -32.14 -10.50
C LEU E 79 61.83 -30.79 -11.22
N ALA E 80 62.85 -29.96 -11.04
CA ALA E 80 62.93 -28.69 -11.77
C ALA E 80 63.76 -28.82 -13.04
N GLN E 81 63.47 -29.83 -13.85
CA GLN E 81 64.05 -29.93 -15.18
C GLN E 81 63.03 -30.18 -16.27
N MET E 82 62.01 -30.99 -16.00
CA MET E 82 60.99 -31.26 -17.00
C MET E 82 59.86 -30.23 -16.99
N TYR E 83 59.86 -29.31 -16.04
CA TYR E 83 58.93 -28.19 -16.08
C TYR E 83 59.42 -27.18 -17.10
N PRO E 84 58.65 -26.89 -18.15
CA PRO E 84 59.14 -25.97 -19.19
C PRO E 84 59.09 -24.51 -18.75
N LEU E 85 60.15 -24.05 -18.07
CA LEU E 85 60.19 -22.68 -17.60
C LEU E 85 60.44 -21.72 -18.76
N GLN E 86 59.48 -21.66 -19.69
CA GLN E 86 59.50 -20.66 -20.76
C GLN E 86 58.13 -20.08 -21.04
N GLU E 87 57.08 -20.53 -20.34
CA GLU E 87 55.73 -20.07 -20.56
C GLU E 87 55.07 -19.49 -19.31
N ILE E 88 55.69 -19.58 -18.15
CA ILE E 88 55.10 -19.07 -16.91
C ILE E 88 55.08 -17.54 -17.00
N GLN E 89 53.89 -16.97 -17.14
CA GLN E 89 53.77 -15.52 -17.26
C GLN E 89 53.97 -14.81 -15.93
N ASN E 90 53.91 -15.53 -14.82
CA ASN E 90 54.13 -14.93 -13.50
C ASN E 90 55.63 -14.72 -13.31
N LEU E 91 56.05 -13.46 -13.24
CA LEU E 91 57.47 -13.15 -13.12
C LEU E 91 58.05 -13.67 -11.82
N THR E 92 57.32 -13.49 -10.71
CA THR E 92 57.80 -13.99 -9.42
C THR E 92 57.89 -15.52 -9.43
N VAL E 93 56.86 -16.18 -9.95
CA VAL E 93 56.88 -17.65 -10.02
C VAL E 93 57.99 -18.13 -10.96
N LYS E 94 58.17 -17.44 -12.08
CA LYS E 94 59.24 -17.81 -13.00
C LYS E 94 60.61 -17.67 -12.35
N LEU E 95 60.83 -16.58 -11.60
CA LEU E 95 62.11 -16.38 -10.93
C LEU E 95 62.30 -17.42 -9.83
N GLN E 96 61.24 -17.76 -9.11
CA GLN E 96 61.34 -18.78 -8.06
C GLN E 96 61.71 -20.14 -8.67
N LEU E 97 61.07 -20.50 -9.77
CA LEU E 97 61.42 -21.76 -10.44
C LEU E 97 62.84 -21.71 -10.99
N GLN E 98 63.27 -20.56 -11.50
CA GLN E 98 64.64 -20.41 -11.98
C GLN E 98 65.64 -20.60 -10.84
N ALA E 99 65.31 -20.08 -9.66
CA ALA E 99 66.12 -20.37 -8.48
C ALA E 99 66.12 -21.86 -8.18
N LEU E 100 64.97 -22.52 -8.34
CA LEU E 100 64.95 -23.98 -8.25
C LEU E 100 65.63 -24.63 -9.45
N GLN E 101 65.54 -24.01 -10.62
CA GLN E 101 66.18 -24.55 -11.83
C GLN E 101 67.62 -24.06 -11.92
N GLN E 102 68.45 -24.64 -11.04
CA GLN E 102 69.89 -24.35 -10.99
C GLN E 102 70.64 -25.66 -11.09
N ASN E 103 71.09 -26.02 -12.29
CA ASN E 103 71.82 -27.27 -12.47
C ASN E 103 73.14 -27.25 -11.69
N GLY E 104 73.86 -26.15 -11.73
CA GLY E 104 75.08 -26.03 -10.96
C GLY E 104 76.17 -26.98 -11.44
N SER E 105 76.94 -27.47 -10.48
CA SER E 105 78.06 -28.36 -10.78
C SER E 105 77.61 -29.76 -11.20
N SER E 106 76.32 -30.08 -11.08
CA SER E 106 75.85 -31.41 -11.46
C SER E 106 76.02 -31.68 -12.95
N VAL E 107 76.14 -30.63 -13.77
CA VAL E 107 76.37 -30.83 -15.19
C VAL E 107 77.75 -31.43 -15.46
N LEU E 108 78.69 -31.27 -14.53
CA LEU E 108 80.00 -31.90 -14.66
C LEU E 108 79.92 -33.37 -14.27
N SER E 109 80.89 -34.14 -14.75
CA SER E 109 81.00 -35.53 -14.35
C SER E 109 81.57 -35.62 -12.94
N GLU E 110 81.29 -36.76 -12.28
CA GLU E 110 81.70 -36.93 -10.90
C GLU E 110 83.22 -36.96 -10.76
N ASP E 111 83.90 -37.60 -11.72
CA ASP E 111 85.35 -37.77 -11.61
C ASP E 111 86.09 -36.43 -11.63
N LYS E 112 85.50 -35.41 -12.25
CA LYS E 112 86.10 -34.08 -12.25
C LYS E 112 85.58 -33.21 -11.10
N SER E 113 84.32 -33.42 -10.70
CA SER E 113 83.79 -32.68 -9.55
C SER E 113 84.53 -33.05 -8.28
N LYS E 114 84.87 -34.33 -8.10
CA LYS E 114 85.63 -34.73 -6.92
C LYS E 114 87.01 -34.09 -6.91
N ARG E 115 87.65 -34.01 -8.08
CA ARG E 115 88.94 -33.36 -8.17
C ARG E 115 88.84 -31.87 -7.86
N LEU E 116 87.77 -31.23 -8.35
CA LEU E 116 87.54 -29.82 -8.04
C LEU E 116 87.38 -29.62 -6.53
N ASN E 117 86.58 -30.46 -5.89
CA ASN E 117 86.40 -30.36 -4.44
C ASN E 117 87.71 -30.58 -3.71
N THR E 118 88.50 -31.57 -4.14
CA THR E 118 89.77 -31.85 -3.49
C THR E 118 90.73 -30.67 -3.61
N ILE E 119 90.83 -30.08 -4.80
CA ILE E 119 91.75 -28.97 -4.98
C ILE E 119 91.28 -27.74 -4.22
N LEU E 120 89.97 -27.49 -4.21
CA LEU E 120 89.42 -26.40 -3.40
C LEU E 120 89.80 -26.57 -1.93
N ASN E 121 89.53 -27.76 -1.37
CA ASN E 121 89.81 -27.98 0.04
C ASN E 121 91.29 -27.86 0.34
N THR E 122 92.15 -28.46 -0.50
CA THR E 122 93.58 -28.45 -0.19
C THR E 122 94.16 -27.04 -0.29
N MET E 123 93.74 -26.25 -1.29
CA MET E 123 94.30 -24.91 -1.40
C MET E 123 93.75 -23.99 -0.32
N SER E 124 92.48 -24.16 0.05
CA SER E 124 91.93 -23.38 1.15
C SER E 124 92.65 -23.70 2.47
N THR E 125 92.91 -24.98 2.73
CA THR E 125 93.63 -25.36 3.94
C THR E 125 95.06 -24.83 3.92
N ILE E 126 95.72 -24.91 2.77
CA ILE E 126 97.10 -24.40 2.69
C ILE E 126 97.14 -22.91 2.94
N TYR E 127 96.20 -22.15 2.36
CA TYR E 127 96.15 -20.72 2.59
C TYR E 127 95.85 -20.40 4.05
N SER E 128 94.91 -21.13 4.65
CA SER E 128 94.55 -20.88 6.05
C SER E 128 95.61 -21.36 7.03
N THR E 129 96.55 -22.19 6.58
CA THR E 129 97.60 -22.74 7.44
C THR E 129 98.98 -22.25 7.01
N GLY E 130 99.10 -20.96 6.72
CA GLY E 130 100.39 -20.37 6.36
C GLY E 130 101.44 -20.56 7.43
N LYS E 131 102.63 -20.98 7.03
CA LYS E 131 103.69 -21.35 7.95
C LYS E 131 104.98 -20.65 7.54
N VAL E 132 105.42 -19.68 8.34
CA VAL E 132 106.65 -18.94 8.08
C VAL E 132 107.49 -18.94 9.34
N CYS E 133 108.65 -19.60 9.29
CA CYS E 133 109.63 -19.56 10.36
C CYS E 133 110.73 -18.58 9.99
N ASN E 134 111.17 -17.80 10.98
CA ASN E 134 112.31 -16.91 10.79
C ASN E 134 113.54 -17.77 10.50
N PRO E 135 114.34 -17.44 9.48
CA PRO E 135 115.48 -18.30 9.15
C PRO E 135 116.45 -18.52 10.31
N ASP E 136 116.66 -17.51 11.15
CA ASP E 136 117.55 -17.68 12.29
C ASP E 136 116.92 -18.49 13.41
N ASN E 137 115.59 -18.64 13.41
CA ASN E 137 114.88 -19.44 14.41
C ASN E 137 113.92 -20.37 13.66
N PRO E 138 114.43 -21.45 13.07
CA PRO E 138 113.58 -22.31 12.23
C PRO E 138 112.61 -23.18 13.03
N GLN E 139 112.60 -23.11 14.35
CA GLN E 139 111.76 -23.96 15.17
C GLN E 139 110.48 -23.29 15.64
N GLU E 140 110.15 -22.12 15.09
CA GLU E 140 108.94 -21.40 15.50
C GLU E 140 108.42 -20.60 14.30
N CYS E 141 107.38 -21.12 13.66
CA CYS E 141 106.70 -20.42 12.57
C CYS E 141 105.54 -19.59 13.09
N LEU E 142 104.92 -18.85 12.17
CA LEU E 142 103.77 -18.03 12.48
C LEU E 142 102.76 -18.14 11.34
N LEU E 143 101.51 -17.86 11.65
CA LEU E 143 100.40 -18.01 10.70
C LEU E 143 99.74 -16.65 10.46
N LEU E 144 98.64 -16.67 9.71
CA LEU E 144 97.81 -15.48 9.52
C LEU E 144 97.04 -15.11 10.79
N GLU E 145 97.04 -15.98 11.79
CA GLU E 145 96.43 -15.69 13.07
C GLU E 145 97.21 -14.57 13.77
N PRO E 146 96.59 -13.90 14.76
CA PRO E 146 97.25 -12.75 15.39
C PRO E 146 98.65 -13.09 15.88
N GLY E 147 99.54 -12.10 15.82
CA GLY E 147 100.96 -12.34 15.91
C GLY E 147 101.67 -11.68 14.76
N LEU E 148 102.23 -12.47 13.84
CA LEU E 148 102.90 -11.90 12.66
C LEU E 148 101.99 -10.92 11.93
N ASN E 149 100.72 -11.28 11.77
CA ASN E 149 99.77 -10.35 11.16
C ASN E 149 99.62 -9.10 12.02
N GLU E 150 99.53 -9.26 13.34
CA GLU E 150 99.48 -8.11 14.23
C GLU E 150 100.79 -7.32 14.18
N ILE E 151 101.93 -8.01 14.12
CA ILE E 151 103.21 -7.33 14.07
C ILE E 151 103.32 -6.45 12.83
N MET E 152 102.96 -7.01 11.66
CA MET E 152 103.03 -6.22 10.44
C MET E 152 101.95 -5.14 10.39
N ALA E 153 100.83 -5.38 11.08
CA ALA E 153 99.80 -4.34 11.16
C ALA E 153 100.24 -3.17 12.02
N ASN E 154 101.02 -3.43 13.08
CA ASN E 154 101.50 -2.40 13.99
C ASN E 154 103.02 -2.47 14.04
N SER E 155 103.67 -1.78 13.11
CA SER E 155 105.13 -1.69 13.09
C SER E 155 105.55 -0.50 12.27
N LEU E 156 106.78 -0.04 12.51
CA LEU E 156 107.39 1.05 11.75
C LEU E 156 108.78 0.57 11.30
N ASP E 157 108.82 -0.12 10.17
CA ASP E 157 110.07 -0.64 9.65
C ASP E 157 109.89 -0.97 8.18
N TYR E 158 111.02 -1.12 7.48
CA TYR E 158 111.02 -1.46 6.07
C TYR E 158 111.58 -2.85 5.78
N ASN E 159 112.33 -3.43 6.71
CA ASN E 159 112.97 -4.73 6.49
C ASN E 159 112.10 -5.90 6.95
N GLU E 160 111.60 -5.84 8.19
CA GLU E 160 110.82 -6.94 8.72
C GLU E 160 109.52 -7.14 7.95
N ARG E 161 108.85 -6.04 7.58
CA ARG E 161 107.61 -6.16 6.82
C ARG E 161 107.86 -6.79 5.45
N LEU E 162 108.93 -6.35 4.77
CA LEU E 162 109.27 -6.93 3.48
C LEU E 162 109.61 -8.40 3.59
N TRP E 163 110.38 -8.77 4.63
CA TRP E 163 110.74 -10.17 4.82
C TRP E 163 109.49 -11.02 5.09
N ALA E 164 108.58 -10.52 5.94
CA ALA E 164 107.37 -11.27 6.25
C ALA E 164 106.50 -11.43 5.00
N TRP E 165 106.36 -10.37 4.21
CA TRP E 165 105.58 -10.47 2.98
C TRP E 165 106.21 -11.45 2.00
N GLU E 166 107.53 -11.41 1.86
CA GLU E 166 108.20 -12.33 0.94
C GLU E 166 108.04 -13.77 1.41
N SER E 167 108.20 -14.03 2.70
CA SER E 167 108.04 -15.40 3.21
C SER E 167 106.60 -15.88 3.03
N TRP E 168 105.63 -15.02 3.33
CA TRP E 168 104.22 -15.40 3.16
C TRP E 168 103.91 -15.71 1.70
N ARG E 169 104.42 -14.90 0.77
CA ARG E 169 104.17 -15.17 -0.64
C ARG E 169 104.98 -16.36 -1.15
N SER E 170 106.07 -16.72 -0.46
CA SER E 170 106.89 -17.86 -0.87
C SER E 170 106.42 -19.18 -0.27
N GLU E 171 105.57 -19.16 0.75
CA GLU E 171 104.99 -20.40 1.25
C GLU E 171 103.48 -20.49 0.99
N VAL E 172 102.84 -19.43 0.54
CA VAL E 172 101.45 -19.49 0.09
C VAL E 172 101.33 -19.41 -1.42
N GLY E 173 102.27 -18.77 -2.12
CA GLY E 173 102.13 -18.62 -3.55
C GLY E 173 103.04 -19.49 -4.40
N LYS E 174 104.16 -19.94 -3.83
CA LYS E 174 105.10 -20.75 -4.60
C LYS E 174 104.48 -22.07 -5.03
N GLN E 175 103.77 -22.73 -4.12
CA GLN E 175 103.16 -24.03 -4.41
C GLN E 175 101.73 -23.92 -4.90
N LEU E 176 101.17 -22.71 -4.96
CA LEU E 176 99.78 -22.52 -5.36
C LEU E 176 99.60 -22.08 -6.81
N ARG E 177 100.68 -21.92 -7.56
CA ARG E 177 100.54 -21.59 -8.98
C ARG E 177 99.83 -22.69 -9.76
N PRO E 178 100.30 -23.95 -9.74
CA PRO E 178 99.55 -24.99 -10.47
C PRO E 178 98.18 -25.26 -9.87
N LEU E 179 98.03 -25.14 -8.55
CA LEU E 179 96.72 -25.35 -7.93
C LEU E 179 95.72 -24.31 -8.41
N TYR E 180 96.13 -23.04 -8.44
CA TYR E 180 95.24 -21.99 -8.93
C TYR E 180 94.97 -22.15 -10.41
N GLU E 181 95.98 -22.57 -11.19
CA GLU E 181 95.76 -22.79 -12.62
C GLU E 181 94.72 -23.88 -12.84
N GLU E 182 94.84 -25.00 -12.12
CA GLU E 182 93.87 -26.08 -12.28
C GLU E 182 92.49 -25.68 -11.77
N TYR E 183 92.44 -24.95 -10.66
CA TYR E 183 91.16 -24.43 -10.18
C TYR E 183 90.48 -23.57 -11.23
N VAL E 184 91.22 -22.64 -11.82
CA VAL E 184 90.64 -21.75 -12.83
C VAL E 184 90.18 -22.54 -14.04
N VAL E 185 91.01 -23.48 -14.52
CA VAL E 185 90.66 -24.19 -15.74
C VAL E 185 89.47 -25.12 -15.51
N LEU E 186 89.37 -25.74 -14.34
CA LEU E 186 88.25 -26.63 -14.08
C LEU E 186 86.96 -25.87 -13.81
N LYS E 187 87.05 -24.74 -13.10
CA LYS E 187 85.88 -23.88 -12.92
C LYS E 187 85.40 -23.34 -14.26
N ASN E 188 86.33 -23.00 -15.16
CA ASN E 188 85.95 -22.51 -16.48
C ASN E 188 85.38 -23.62 -17.36
N GLU E 189 85.89 -24.85 -17.21
CA GLU E 189 85.27 -25.98 -17.88
C GLU E 189 83.84 -26.17 -17.42
N MET E 190 83.60 -26.05 -16.12
CA MET E 190 82.23 -26.05 -15.62
C MET E 190 81.44 -24.88 -16.19
N ALA E 191 82.09 -23.74 -16.41
CA ALA E 191 81.40 -22.58 -16.98
C ALA E 191 80.87 -22.88 -18.37
N ARG E 192 81.72 -23.41 -19.26
CA ARG E 192 81.21 -23.86 -20.55
C ARG E 192 80.17 -24.96 -20.40
N ALA E 193 80.37 -25.87 -19.43
CA ALA E 193 79.39 -26.94 -19.25
C ALA E 193 78.02 -26.40 -18.85
N ASN E 194 77.99 -25.22 -18.21
CA ASN E 194 76.76 -24.56 -17.81
C ASN E 194 76.36 -23.45 -18.79
N HIS E 195 76.79 -23.55 -20.04
CA HIS E 195 76.46 -22.57 -21.08
C HIS E 195 76.90 -21.17 -20.70
N TYR E 196 78.08 -21.06 -20.09
CA TYR E 196 78.68 -19.77 -19.74
C TYR E 196 80.02 -19.66 -20.43
N GLU E 197 80.22 -18.58 -21.18
CA GLU E 197 81.48 -18.37 -21.88
C GLU E 197 82.59 -17.93 -20.94
N ASP E 198 82.27 -17.45 -19.75
CA ASP E 198 83.25 -17.00 -18.79
C ASP E 198 82.66 -17.10 -17.40
N TYR E 199 83.52 -17.42 -16.42
CA TYR E 199 83.06 -17.47 -15.04
C TYR E 199 82.69 -16.10 -14.50
N GLY E 200 83.18 -15.03 -15.12
CA GLY E 200 82.74 -13.69 -14.74
C GLY E 200 81.26 -13.49 -14.97
N ASP E 201 80.74 -14.03 -16.08
CA ASP E 201 79.30 -14.01 -16.31
C ASP E 201 78.55 -14.80 -15.25
N TYR E 202 79.11 -15.94 -14.84
CA TYR E 202 78.49 -16.72 -13.76
C TYR E 202 78.43 -15.91 -12.47
N TRP E 203 79.51 -15.21 -12.14
CA TRP E 203 79.53 -14.40 -10.92
C TRP E 203 78.55 -13.24 -11.02
N ARG E 204 78.48 -12.59 -12.17
CA ARG E 204 77.59 -11.44 -12.35
C ARG E 204 76.15 -11.84 -12.59
N GLY E 205 75.87 -13.14 -12.74
CA GLY E 205 74.49 -13.59 -12.89
C GLY E 205 73.60 -13.17 -11.73
N ASP E 206 74.18 -12.95 -10.55
CA ASP E 206 73.41 -12.40 -9.44
C ASP E 206 72.87 -11.01 -9.79
N TYR E 207 73.69 -10.20 -10.43
CA TYR E 207 73.27 -8.90 -10.95
C TYR E 207 72.76 -9.02 -12.38
N GLU E 208 71.83 -9.94 -12.60
CA GLU E 208 71.27 -10.18 -13.93
C GLU E 208 69.78 -10.43 -13.81
N VAL E 209 68.98 -9.60 -14.47
CA VAL E 209 67.53 -9.76 -14.50
C VAL E 209 67.06 -9.52 -15.94
N ASN E 210 66.09 -10.31 -16.38
CA ASN E 210 65.55 -10.23 -17.73
C ASN E 210 64.03 -10.28 -17.69
N GLY E 211 63.44 -9.49 -16.79
CA GLY E 211 62.00 -9.47 -16.64
C GLY E 211 61.33 -8.24 -17.21
N VAL E 212 60.97 -7.29 -16.35
CA VAL E 212 60.26 -6.10 -16.78
C VAL E 212 61.18 -5.23 -17.62
N ASP E 213 60.68 -4.76 -18.76
CA ASP E 213 61.45 -3.87 -19.61
C ASP E 213 61.72 -2.55 -18.90
N GLY E 214 62.90 -1.98 -19.17
CA GLY E 214 63.34 -0.79 -18.48
C GLY E 214 64.06 -1.05 -17.18
N TYR E 215 64.10 -2.30 -16.71
CA TYR E 215 64.79 -2.67 -15.49
C TYR E 215 65.70 -3.88 -15.67
N ASP E 216 65.73 -4.48 -16.86
CA ASP E 216 66.59 -5.62 -17.10
C ASP E 216 68.06 -5.20 -17.08
N TYR E 217 68.89 -6.01 -16.44
CA TYR E 217 70.32 -5.74 -16.33
C TYR E 217 71.10 -6.91 -16.91
N SER E 218 72.04 -6.62 -17.80
CA SER E 218 72.83 -7.64 -18.46
C SER E 218 74.12 -7.89 -17.67
N ARG E 219 74.63 -9.11 -17.80
CA ARG E 219 75.87 -9.48 -17.10
C ARG E 219 77.06 -8.71 -17.65
N GLY E 220 77.11 -8.50 -18.96
CA GLY E 220 78.25 -7.82 -19.56
C GLY E 220 78.35 -6.36 -19.14
N GLN E 221 77.20 -5.70 -18.97
CA GLN E 221 77.21 -4.27 -18.68
C GLN E 221 77.85 -3.96 -17.33
N LEU E 222 77.76 -4.89 -16.37
CA LEU E 222 78.27 -4.64 -15.03
C LEU E 222 79.77 -4.43 -15.05
N ILE E 223 80.49 -5.12 -15.94
CA ILE E 223 81.95 -4.97 -16.00
C ILE E 223 82.31 -3.51 -16.28
N GLU E 224 81.71 -2.92 -17.30
CA GLU E 224 81.99 -1.51 -17.61
C GLU E 224 81.42 -0.59 -16.55
N ASP E 225 80.25 -0.92 -16.00
CA ASP E 225 79.64 -0.08 -14.97
C ASP E 225 80.51 -0.01 -13.72
N VAL E 226 81.35 -1.02 -13.50
CA VAL E 226 82.25 -0.99 -12.34
C VAL E 226 83.23 0.18 -12.46
N GLU E 227 83.84 0.36 -13.63
CA GLU E 227 84.79 1.45 -13.79
C GLU E 227 84.17 2.75 -14.25
N HIS E 228 82.88 2.77 -14.62
CA HIS E 228 82.24 4.05 -14.86
C HIS E 228 82.18 4.90 -13.60
N THR E 229 82.04 4.25 -12.43
CA THR E 229 81.98 4.95 -11.16
C THR E 229 83.31 4.91 -10.40
N PHE E 230 84.40 4.50 -11.06
CA PHE E 230 85.70 4.36 -10.42
C PHE E 230 86.65 5.51 -10.72
N GLU E 231 86.62 6.06 -11.93
CA GLU E 231 87.61 7.06 -12.30
C GLU E 231 87.37 8.39 -11.59
N GLU E 232 86.13 8.70 -11.23
CA GLU E 232 85.83 10.00 -10.64
C GLU E 232 86.56 10.19 -9.31
N ILE E 233 86.67 9.13 -8.51
CA ILE E 233 87.38 9.23 -7.23
C ILE E 233 88.89 9.15 -7.42
N LYS E 234 89.38 8.92 -8.63
CA LYS E 234 90.82 8.83 -8.84
C LYS E 234 91.55 10.12 -8.48
N PRO E 235 91.12 11.32 -8.92
CA PRO E 235 91.81 12.53 -8.47
C PRO E 235 91.80 12.71 -6.96
N LEU E 236 90.69 12.35 -6.30
CA LEU E 236 90.62 12.49 -4.85
C LEU E 236 91.56 11.49 -4.17
N TYR E 237 91.43 10.20 -4.51
CA TYR E 237 92.24 9.18 -3.85
C TYR E 237 93.72 9.44 -4.07
N GLU E 238 94.11 9.80 -5.29
CA GLU E 238 95.49 10.18 -5.55
C GLU E 238 95.95 11.23 -4.57
N HIS E 239 95.14 12.27 -4.36
CA HIS E 239 95.45 13.29 -3.37
C HIS E 239 95.72 12.64 -2.01
N LEU E 240 94.78 11.79 -1.56
CA LEU E 240 94.99 11.04 -0.33
C LEU E 240 96.29 10.26 -0.40
N HIS E 241 96.49 9.52 -1.51
CA HIS E 241 97.75 8.83 -1.72
C HIS E 241 98.91 9.82 -1.64
N ALA E 242 98.80 10.93 -2.39
CA ALA E 242 99.81 11.97 -2.30
C ALA E 242 99.96 12.44 -0.86
N TYR E 243 98.84 12.67 -0.18
CA TYR E 243 98.89 13.01 1.23
C TYR E 243 99.67 11.95 2.00
N VAL E 244 99.29 10.69 1.82
CA VAL E 244 100.04 9.59 2.44
C VAL E 244 101.50 9.67 2.01
N ARG E 245 101.72 9.89 0.71
CA ARG E 245 103.09 10.04 0.22
C ARG E 245 103.80 11.17 0.93
N ALA E 246 103.12 12.30 1.11
CA ALA E 246 103.71 13.40 1.87
C ALA E 246 104.05 12.94 3.28
N LYS E 247 103.12 12.25 3.93
CA LYS E 247 103.40 11.71 5.25
C LYS E 247 104.52 10.68 5.19
N LEU E 248 104.62 9.94 4.09
CA LEU E 248 105.74 9.03 3.91
C LEU E 248 107.05 9.80 3.88
N MET E 249 107.06 10.98 3.26
CA MET E 249 108.25 11.82 3.28
C MET E 249 108.62 12.21 4.71
N ASN E 250 107.65 12.26 5.61
CA ASN E 250 107.90 12.52 7.02
C ASN E 250 107.95 11.25 7.85
N ALA E 251 107.76 10.08 7.23
CA ALA E 251 107.79 8.81 7.95
C ALA E 251 108.93 7.91 7.52
N TYR E 252 109.10 7.69 6.22
CA TYR E 252 110.14 6.81 5.69
C TYR E 252 111.10 7.62 4.83
N PRO E 253 112.20 8.11 5.39
CA PRO E 253 113.13 8.92 4.59
C PRO E 253 114.00 8.07 3.69
N SER E 254 114.21 8.57 2.46
CA SER E 254 115.06 7.92 1.47
C SER E 254 114.62 6.50 1.16
N TYR E 255 113.32 6.23 1.29
CA TYR E 255 112.76 4.92 0.99
C TYR E 255 111.78 4.94 -0.16
N ILE E 256 110.96 5.98 -0.27
CA ILE E 256 110.02 6.15 -1.38
C ILE E 256 110.25 7.52 -1.98
N SER E 257 110.48 7.57 -3.29
CA SER E 257 110.63 8.84 -3.98
C SER E 257 109.27 9.54 -4.08
N PRO E 258 109.26 10.87 -4.01
CA PRO E 258 107.99 11.59 -4.22
C PRO E 258 107.38 11.34 -5.59
N ILE E 259 108.22 11.16 -6.61
CA ILE E 259 107.71 10.78 -7.93
C ILE E 259 107.09 9.39 -7.87
N GLY E 260 107.75 8.45 -7.19
CA GLY E 260 107.26 7.10 -7.07
C GLY E 260 106.23 6.96 -5.97
N CYS E 261 105.84 5.70 -5.73
CA CYS E 261 104.83 5.35 -4.75
C CYS E 261 105.35 4.29 -3.80
N LEU E 262 104.61 4.05 -2.72
CA LEU E 262 105.04 3.16 -1.67
C LEU E 262 104.77 1.70 -2.03
N PRO E 263 105.56 0.76 -1.47
CA PRO E 263 105.35 -0.66 -1.78
C PRO E 263 104.13 -1.25 -1.09
N ALA E 264 103.94 -2.56 -1.24
CA ALA E 264 102.76 -3.21 -0.68
C ALA E 264 102.87 -3.37 0.83
N HIS E 265 104.06 -3.74 1.33
CA HIS E 265 104.21 -4.04 2.74
C HIS E 265 104.13 -2.81 3.64
N LEU E 266 104.14 -1.61 3.07
CA LEU E 266 104.03 -0.38 3.85
C LEU E 266 102.63 0.20 3.88
N LEU E 267 101.65 -0.50 3.31
CA LEU E 267 100.27 -0.02 3.28
C LEU E 267 99.47 -0.39 4.53
N GLY E 268 100.08 -1.12 5.47
CA GLY E 268 99.38 -1.62 6.62
C GLY E 268 98.79 -3.01 6.44
N ASP E 269 98.74 -3.51 5.21
CA ASP E 269 98.27 -4.85 4.91
C ASP E 269 99.05 -5.38 3.71
N MET E 270 99.37 -6.68 3.74
CA MET E 270 100.16 -7.25 2.66
C MET E 270 99.44 -7.19 1.33
N TRP E 271 98.10 -7.21 1.35
CA TRP E 271 97.32 -7.01 0.14
C TRP E 271 97.01 -5.55 -0.13
N GLY E 272 97.32 -4.66 0.80
CA GLY E 272 96.94 -3.26 0.66
C GLY E 272 95.44 -3.05 0.65
N ARG E 273 94.69 -3.86 1.42
CA ARG E 273 93.24 -3.77 1.39
C ARG E 273 92.75 -2.51 2.07
N PHE E 274 93.32 -2.16 3.23
CA PHE E 274 92.88 -0.99 3.97
C PHE E 274 94.10 -0.20 4.44
N TRP E 275 93.88 1.10 4.65
CA TRP E 275 94.91 1.99 5.16
C TRP E 275 94.64 2.42 6.61
N THR E 276 93.82 1.65 7.33
CA THR E 276 93.54 1.98 8.72
C THR E 276 94.79 1.88 9.58
N ASN E 277 95.62 0.87 9.34
CA ASN E 277 96.87 0.73 10.09
C ASN E 277 97.85 1.85 9.79
N LEU E 278 97.69 2.53 8.64
CA LEU E 278 98.53 3.66 8.28
C LEU E 278 97.91 4.99 8.67
N TYR E 279 96.77 4.99 9.37
CA TYR E 279 96.14 6.24 9.77
C TYR E 279 97.01 7.03 10.75
N SER E 280 97.67 6.32 11.67
CA SER E 280 98.51 7.01 12.65
C SER E 280 99.67 7.73 11.96
N LEU E 281 100.25 7.12 10.94
CA LEU E 281 101.29 7.79 10.17
C LEU E 281 100.74 8.99 9.42
N THR E 282 99.54 8.86 8.85
CA THR E 282 98.93 9.90 8.04
C THR E 282 97.79 10.61 8.77
N VAL E 283 97.90 10.78 10.08
CA VAL E 283 96.87 11.50 10.83
C VAL E 283 96.90 12.98 10.45
N PRO E 284 95.76 13.61 10.17
CA PRO E 284 95.78 15.04 9.87
C PRO E 284 96.33 15.89 11.00
N PHE E 285 95.78 15.74 12.20
CA PHE E 285 96.24 16.48 13.36
C PHE E 285 96.07 15.59 14.59
N GLY E 286 97.19 15.19 15.20
CA GLY E 286 97.15 14.37 16.38
C GLY E 286 96.85 15.11 17.67
N GLN E 287 96.76 16.43 17.62
CA GLN E 287 96.44 17.20 18.82
C GLN E 287 95.02 16.91 19.30
N LYS E 288 94.05 16.99 18.40
CA LYS E 288 92.66 16.80 18.77
C LYS E 288 92.34 15.30 18.83
N PRO E 289 91.90 14.78 19.97
CA PRO E 289 91.58 13.35 20.06
C PRO E 289 90.31 13.02 19.29
N ASN E 290 90.20 11.75 18.90
CA ASN E 290 89.02 11.28 18.20
C ASN E 290 87.81 11.27 19.14
N ILE E 291 86.62 11.33 18.55
CA ILE E 291 85.39 11.37 19.33
C ILE E 291 85.14 9.98 19.92
N ASP E 292 85.12 9.90 21.25
CA ASP E 292 84.91 8.64 21.94
C ASP E 292 84.40 8.94 23.34
N VAL E 293 83.21 8.43 23.66
CA VAL E 293 82.61 8.65 24.98
C VAL E 293 82.46 7.33 25.71
N THR E 294 83.39 6.40 25.44
CA THR E 294 83.38 5.11 26.14
C THR E 294 83.55 5.30 27.64
N ASP E 295 84.24 6.36 28.06
CA ASP E 295 84.30 6.68 29.49
C ASP E 295 82.92 6.98 30.03
N ALA E 296 82.14 7.78 29.31
CA ALA E 296 80.75 8.02 29.70
C ALA E 296 79.90 6.76 29.53
N MET E 297 80.27 5.90 28.59
CA MET E 297 79.57 4.62 28.44
C MET E 297 79.73 3.77 29.69
N VAL E 298 80.94 3.73 30.25
CA VAL E 298 81.18 2.99 31.49
C VAL E 298 80.51 3.70 32.67
N ASP E 299 80.62 5.03 32.71
CA ASP E 299 80.05 5.79 33.82
C ASP E 299 78.53 5.62 33.87
N GLN E 300 77.88 5.62 32.70
CA GLN E 300 76.44 5.40 32.66
C GLN E 300 76.05 3.97 32.98
N ALA E 301 77.02 3.05 33.08
CA ALA E 301 76.78 1.65 33.39
C ALA E 301 75.85 1.00 32.37
N TRP E 302 76.25 1.12 31.11
CA TRP E 302 75.51 0.55 29.99
C TRP E 302 76.15 -0.79 29.61
N ASP E 303 75.46 -1.87 29.91
CA ASP E 303 75.93 -3.21 29.57
C ASP E 303 75.41 -3.59 28.19
N ALA E 304 75.54 -4.88 27.83
CA ALA E 304 75.05 -5.34 26.54
C ALA E 304 73.54 -5.16 26.43
N GLN E 305 72.82 -5.44 27.53
CA GLN E 305 71.36 -5.27 27.52
C GLN E 305 70.98 -3.82 27.24
N ARG E 306 71.63 -2.88 27.93
CA ARG E 306 71.32 -1.47 27.73
C ARG E 306 71.78 -1.00 26.35
N ILE E 307 72.90 -1.53 25.87
CA ILE E 307 73.37 -1.18 24.52
C ILE E 307 72.34 -1.59 23.49
N PHE E 308 71.83 -2.82 23.60
CA PHE E 308 70.81 -3.30 22.66
C PHE E 308 69.52 -2.51 22.81
N LYS E 309 69.14 -2.16 24.04
CA LYS E 309 67.91 -1.39 24.24
C LYS E 309 68.03 0.00 23.62
N GLU E 310 69.17 0.65 23.78
CA GLU E 310 69.35 1.97 23.19
C GLU E 310 69.42 1.90 21.68
N ALA E 311 70.03 0.84 21.13
CA ALA E 311 70.01 0.65 19.69
C ALA E 311 68.58 0.45 19.20
N GLU E 312 67.79 -0.31 19.94
CA GLU E 312 66.38 -0.51 19.57
C GLU E 312 65.60 0.80 19.62
N LYS E 313 65.87 1.62 20.63
CA LYS E 313 65.21 2.93 20.72
C LYS E 313 65.60 3.82 19.55
N PHE E 314 66.87 3.80 19.16
CA PHE E 314 67.30 4.57 17.99
C PHE E 314 66.63 4.06 16.72
N PHE E 315 66.49 2.74 16.60
CA PHE E 315 65.80 2.17 15.44
C PHE E 315 64.32 2.57 15.42
N VAL E 316 63.69 2.59 16.60
CA VAL E 316 62.30 3.03 16.69
C VAL E 316 62.18 4.50 16.27
N SER E 317 63.13 5.33 16.71
CA SER E 317 63.17 6.71 16.26
C SER E 317 63.32 6.78 14.74
N VAL E 318 64.12 5.87 14.17
CA VAL E 318 64.20 5.75 12.71
C VAL E 318 62.85 5.33 12.14
N GLY E 319 62.20 4.36 12.78
CA GLY E 319 60.87 3.96 12.36
C GLY E 319 60.70 2.47 12.19
N LEU E 320 61.77 1.71 12.40
CA LEU E 320 61.70 0.27 12.24
C LEU E 320 60.92 -0.36 13.40
N PRO E 321 60.20 -1.46 13.13
CA PRO E 321 59.37 -2.06 14.18
C PRO E 321 60.20 -2.69 15.28
N ASN E 322 59.56 -2.82 16.44
CA ASN E 322 60.21 -3.41 17.61
C ASN E 322 60.50 -4.89 17.38
N MET E 323 61.58 -5.35 17.99
CA MET E 323 61.96 -6.76 17.88
C MET E 323 60.94 -7.64 18.59
N THR E 324 60.63 -8.78 17.98
CA THR E 324 59.59 -9.64 18.52
C THR E 324 60.05 -10.31 19.83
N GLN E 325 59.08 -10.69 20.64
CA GLN E 325 59.37 -11.33 21.92
C GLN E 325 59.96 -12.71 21.71
N GLY E 326 60.84 -13.12 22.61
CA GLY E 326 61.55 -14.37 22.55
C GLY E 326 62.94 -14.26 21.95
N PHE E 327 63.23 -13.18 21.21
CA PHE E 327 64.57 -12.97 20.70
C PHE E 327 65.56 -12.75 21.83
N TRP E 328 65.15 -12.02 22.87
CA TRP E 328 66.03 -11.71 23.98
C TRP E 328 66.39 -12.94 24.80
N GLU E 329 65.67 -14.05 24.64
CA GLU E 329 65.94 -15.29 25.36
C GLU E 329 66.76 -16.27 24.55
N ASN E 330 66.33 -16.59 23.32
CA ASN E 330 67.03 -17.58 22.52
C ASN E 330 68.38 -17.07 22.05
N SER E 331 68.42 -15.83 21.55
CA SER E 331 69.66 -15.29 21.01
C SER E 331 70.64 -14.93 22.11
N MET E 332 71.92 -15.21 21.87
CA MET E 332 72.98 -14.81 22.79
C MET E 332 73.37 -13.36 22.53
N LEU E 333 73.95 -12.75 23.56
CA LEU E 333 74.31 -11.34 23.44
C LEU E 333 75.77 -11.06 23.80
N THR E 334 76.33 -11.75 24.78
CA THR E 334 77.64 -11.38 25.30
C THR E 334 78.14 -12.48 26.22
N ASP E 335 79.47 -12.67 26.22
CA ASP E 335 80.19 -13.45 27.23
C ASP E 335 79.75 -14.91 27.28
N PRO E 336 80.15 -15.73 26.31
CA PRO E 336 79.97 -17.19 26.49
C PRO E 336 80.63 -17.70 27.77
N GLY E 337 81.79 -17.16 28.13
CA GLY E 337 82.35 -17.37 29.44
C GLY E 337 83.17 -18.63 29.65
N ASN E 338 82.56 -19.60 30.33
CA ASN E 338 83.27 -20.81 30.78
C ASN E 338 83.46 -21.81 29.66
N VAL E 339 83.81 -23.05 30.03
CA VAL E 339 84.08 -24.14 29.10
C VAL E 339 83.00 -24.24 28.03
N GLN E 340 81.79 -23.80 28.36
CA GLN E 340 80.71 -23.71 27.38
C GLN E 340 81.02 -22.55 26.44
N LYS E 341 81.97 -22.80 25.55
CA LYS E 341 82.47 -21.78 24.63
C LYS E 341 81.49 -21.56 23.49
N ALA E 342 81.67 -20.43 22.81
CA ALA E 342 80.83 -20.08 21.67
C ALA E 342 81.58 -19.06 20.81
N VAL E 343 81.89 -19.43 19.57
CA VAL E 343 82.47 -18.46 18.65
C VAL E 343 81.45 -17.36 18.41
N CYS E 344 81.79 -16.14 18.84
CA CYS E 344 80.85 -15.03 18.84
C CYS E 344 81.20 -14.01 17.76
N HIS E 345 81.61 -14.48 16.59
CA HIS E 345 81.75 -13.61 15.44
C HIS E 345 80.40 -13.00 15.11
N PRO E 346 80.31 -11.67 14.97
CA PRO E 346 79.00 -11.02 14.78
C PRO E 346 78.20 -11.60 13.62
N THR E 347 77.08 -12.24 13.93
CA THR E 347 76.24 -12.86 12.92
C THR E 347 74.77 -12.62 13.22
N ALA E 348 73.97 -12.54 12.17
CA ALA E 348 72.53 -12.33 12.24
C ALA E 348 71.86 -13.59 11.70
N TRP E 349 71.50 -14.49 12.61
CA TRP E 349 70.95 -15.79 12.24
C TRP E 349 69.50 -15.63 11.81
N ASP E 350 69.23 -15.91 10.54
CA ASP E 350 67.87 -15.95 10.00
C ASP E 350 67.46 -17.42 9.93
N LEU E 351 66.96 -17.93 11.04
CA LEU E 351 66.65 -19.35 11.15
C LEU E 351 65.41 -19.76 10.38
N GLY E 352 64.56 -18.82 9.99
CA GLY E 352 63.31 -19.16 9.33
C GLY E 352 62.23 -19.54 10.33
N LYS E 353 61.04 -19.77 9.78
CA LYS E 353 59.84 -20.03 10.59
C LYS E 353 59.64 -18.93 11.63
N GLY E 354 59.87 -17.68 11.23
CA GLY E 354 59.71 -16.56 12.13
C GLY E 354 60.67 -16.56 13.30
N ASP E 355 61.89 -17.03 13.09
CA ASP E 355 62.92 -17.06 14.14
C ASP E 355 64.11 -16.25 13.67
N PHE E 356 64.46 -15.22 14.44
CA PHE E 356 65.59 -14.35 14.13
C PHE E 356 66.41 -14.17 15.39
N ARG E 357 67.72 -14.41 15.29
CA ARG E 357 68.58 -14.36 16.48
C ARG E 357 69.88 -13.63 16.13
N ILE E 358 70.56 -13.17 17.16
CA ILE E 358 71.82 -12.46 17.01
C ILE E 358 72.91 -13.25 17.73
N LEU E 359 74.14 -13.11 17.26
CA LEU E 359 75.28 -13.82 17.86
C LEU E 359 76.47 -12.87 17.88
N MET E 360 76.80 -12.36 19.06
CA MET E 360 77.85 -11.37 19.23
C MET E 360 78.45 -11.46 20.62
N CYS E 361 79.68 -10.97 20.75
CA CYS E 361 80.28 -10.63 22.04
C CYS E 361 80.19 -9.12 22.20
N THR E 362 78.98 -8.63 22.50
CA THR E 362 78.75 -7.20 22.64
C THR E 362 79.23 -6.74 24.01
N LYS E 363 80.24 -5.87 24.01
CA LYS E 363 80.84 -5.38 25.24
C LYS E 363 80.80 -3.85 25.25
N VAL E 364 81.47 -3.26 26.24
CA VAL E 364 81.47 -1.81 26.42
C VAL E 364 82.53 -1.19 25.51
N THR E 365 82.14 -0.86 24.28
CA THR E 365 83.05 -0.25 23.32
C THR E 365 82.22 0.46 22.26
N MET E 366 82.74 1.60 21.78
CA MET E 366 82.07 2.29 20.68
C MET E 366 82.05 1.43 19.42
N ASP E 367 83.16 0.72 19.15
CA ASP E 367 83.15 -0.22 18.04
C ASP E 367 82.15 -1.34 18.28
N ASP E 368 82.04 -1.80 19.53
CA ASP E 368 81.02 -2.79 19.87
C ASP E 368 79.62 -2.22 19.66
N PHE E 369 79.42 -0.94 20.00
CA PHE E 369 78.13 -0.30 19.76
C PHE E 369 77.80 -0.28 18.27
N LEU E 370 78.77 0.10 17.44
CA LEU E 370 78.56 0.14 16.00
C LEU E 370 78.28 -1.25 15.44
N THR E 371 79.00 -2.26 15.93
CA THR E 371 78.80 -3.62 15.42
C THR E 371 77.45 -4.17 15.87
N ALA E 372 77.02 -3.84 17.09
CA ALA E 372 75.69 -4.23 17.54
C ALA E 372 74.61 -3.58 16.69
N HIS E 373 74.78 -2.29 16.36
CA HIS E 373 73.86 -1.63 15.44
C HIS E 373 73.84 -2.34 14.10
N HIS E 374 75.01 -2.69 13.58
CA HIS E 374 75.12 -3.38 12.30
C HIS E 374 74.35 -4.70 12.32
N GLU E 375 74.60 -5.53 13.34
CA GLU E 375 73.99 -6.85 13.39
C GLU E 375 72.48 -6.74 13.62
N MET E 376 72.04 -5.82 14.46
CA MET E 376 70.61 -5.70 14.70
C MET E 376 69.89 -5.12 13.48
N GLY E 377 70.56 -4.25 12.72
CA GLY E 377 69.97 -3.80 11.46
C GLY E 377 69.89 -4.91 10.44
N HIS E 378 70.89 -5.79 10.42
CA HIS E 378 70.79 -7.01 9.61
C HIS E 378 69.57 -7.83 10.03
N ILE E 379 69.35 -7.95 11.34
CA ILE E 379 68.19 -8.68 11.84
C ILE E 379 66.88 -7.99 11.43
N GLN E 380 66.86 -6.66 11.50
CA GLN E 380 65.67 -5.92 11.09
C GLN E 380 65.35 -6.16 9.62
N TYR E 381 66.38 -6.13 8.76
CA TYR E 381 66.17 -6.48 7.36
C TYR E 381 65.72 -7.93 7.23
N ASP E 382 66.20 -8.80 8.11
CA ASP E 382 65.76 -10.20 8.08
C ASP E 382 64.25 -10.30 8.33
N MET E 383 63.74 -9.55 9.31
CA MET E 383 62.28 -9.50 9.46
C MET E 383 61.62 -8.81 8.27
N ALA E 384 62.34 -7.92 7.60
CA ALA E 384 61.72 -7.13 6.54
C ALA E 384 61.23 -8.00 5.39
N TYR E 385 62.02 -8.98 4.97
CA TYR E 385 61.62 -9.89 3.89
C TYR E 385 60.98 -11.17 4.41
N ALA E 386 60.37 -11.14 5.60
CA ALA E 386 59.70 -12.33 6.13
C ALA E 386 58.48 -12.70 5.29
N ALA E 387 57.76 -11.69 4.77
CA ALA E 387 56.58 -11.96 3.96
C ALA E 387 56.93 -12.59 2.62
N GLN E 388 58.18 -12.52 2.19
CA GLN E 388 58.59 -13.13 0.93
C GLN E 388 58.54 -14.64 1.03
N PRO E 389 58.37 -15.34 -0.10
CA PRO E 389 58.36 -16.81 -0.06
C PRO E 389 59.70 -17.41 0.36
N PHE E 390 59.76 -18.73 0.40
CA PHE E 390 60.95 -19.41 0.92
C PHE E 390 62.19 -19.09 0.10
N LEU E 391 62.06 -19.05 -1.23
CA LEU E 391 63.19 -18.82 -2.11
C LEU E 391 63.45 -17.35 -2.38
N LEU E 392 62.64 -16.45 -1.84
CA LEU E 392 62.81 -15.01 -2.05
C LEU E 392 63.11 -14.27 -0.74
N ARG E 393 63.52 -14.98 0.30
CA ARG E 393 63.82 -14.38 1.59
C ARG E 393 65.24 -13.81 1.61
N ASN E 394 65.52 -12.96 0.61
CA ASN E 394 66.84 -12.35 0.46
C ASN E 394 66.66 -11.01 -0.22
N GLY E 395 67.71 -10.20 -0.16
CA GLY E 395 67.69 -8.90 -0.80
C GLY E 395 67.76 -9.01 -2.31
N ALA E 396 67.53 -7.86 -2.96
CA ALA E 396 67.57 -7.82 -4.42
C ALA E 396 68.96 -8.16 -4.94
N ASN E 397 70.00 -7.64 -4.29
CA ASN E 397 71.37 -7.95 -4.64
C ASN E 397 72.17 -8.18 -3.37
N GLU E 398 73.40 -8.66 -3.55
CA GLU E 398 74.25 -8.96 -2.40
C GLU E 398 74.60 -7.70 -1.61
N GLY E 399 74.86 -6.59 -2.31
CA GLY E 399 75.31 -5.39 -1.64
C GLY E 399 74.26 -4.72 -0.79
N PHE E 400 72.99 -4.95 -1.08
CA PHE E 400 71.91 -4.31 -0.33
C PHE E 400 71.93 -4.73 1.14
N HIS E 401 72.17 -6.02 1.40
CA HIS E 401 72.17 -6.52 2.78
C HIS E 401 73.23 -5.79 3.61
N GLU E 402 74.47 -5.75 3.12
CA GLU E 402 75.54 -5.13 3.89
C GLU E 402 75.39 -3.62 3.94
N ALA E 403 74.86 -3.00 2.87
CA ALA E 403 74.61 -1.56 2.92
C ALA E 403 73.58 -1.22 3.98
N VAL E 404 72.51 -2.01 4.08
CA VAL E 404 71.51 -1.80 5.12
C VAL E 404 72.15 -2.00 6.49
N GLY E 405 72.97 -3.04 6.63
CA GLY E 405 73.66 -3.29 7.89
C GLY E 405 74.63 -2.19 8.29
N GLU E 406 75.16 -1.44 7.31
CA GLU E 406 76.11 -0.38 7.60
C GLU E 406 75.47 1.01 7.67
N ILE E 407 74.21 1.15 7.25
CA ILE E 407 73.55 2.47 7.30
C ILE E 407 73.56 3.01 8.73
N MET E 408 73.07 2.22 9.67
CA MET E 408 73.02 2.68 11.06
C MET E 408 74.39 2.68 11.73
N SER E 409 75.30 1.83 11.26
CA SER E 409 76.67 1.90 11.75
C SER E 409 77.30 3.25 11.41
N LEU E 410 77.05 3.75 10.21
CA LEU E 410 77.52 5.08 9.84
C LEU E 410 76.73 6.17 10.57
N SER E 411 75.43 5.95 10.78
CA SER E 411 74.59 6.97 11.41
C SER E 411 74.91 7.17 12.88
N ALA E 412 75.32 6.11 13.59
CA ALA E 412 75.54 6.18 15.02
C ALA E 412 76.81 6.95 15.39
N ALA E 413 77.66 7.29 14.42
CA ALA E 413 78.89 8.01 14.69
C ALA E 413 78.71 9.52 14.68
N THR E 414 77.51 10.02 14.40
CA THR E 414 77.30 11.46 14.35
C THR E 414 77.27 12.04 15.77
N PRO E 415 77.86 13.22 15.97
CA PRO E 415 77.81 13.84 17.31
C PRO E 415 76.40 14.14 17.78
N LYS E 416 75.49 14.49 16.88
CA LYS E 416 74.13 14.83 17.28
C LYS E 416 73.43 13.62 17.90
N HIS E 417 73.59 12.44 17.30
CA HIS E 417 72.99 11.23 17.87
C HIS E 417 73.56 10.92 19.25
N LEU E 418 74.87 11.08 19.41
CA LEU E 418 75.50 10.81 20.70
C LEU E 418 75.00 11.79 21.76
N LYS E 419 74.86 13.07 21.40
CA LYS E 419 74.38 14.05 22.36
C LYS E 419 72.90 13.84 22.70
N SER E 420 72.09 13.41 21.73
CA SER E 420 70.67 13.24 21.96
C SER E 420 70.39 12.09 22.94
N ILE E 421 71.15 11.01 22.83
CA ILE E 421 70.93 9.83 23.68
C ILE E 421 71.82 9.93 24.91
N GLY E 422 72.36 11.11 25.16
CA GLY E 422 73.15 11.36 26.36
C GLY E 422 74.46 10.63 26.45
N LEU E 423 75.20 10.52 25.34
CA LEU E 423 76.55 9.98 25.37
C LEU E 423 77.60 11.08 25.37
N LEU E 424 77.56 11.97 24.38
CA LEU E 424 78.41 13.14 24.39
C LEU E 424 77.94 14.14 25.42
N SER E 425 78.85 14.98 25.88
CA SER E 425 78.51 15.99 26.87
C SER E 425 77.57 17.03 26.27
N PRO E 426 76.65 17.58 27.06
CA PRO E 426 75.75 18.61 26.54
C PRO E 426 76.48 19.88 26.09
N ASP E 427 77.70 20.11 26.56
CA ASP E 427 78.49 21.27 26.19
C ASP E 427 79.66 20.88 25.30
N PHE E 428 79.43 19.94 24.39
CA PHE E 428 80.47 19.47 23.48
C PHE E 428 80.41 20.27 22.18
N GLN E 429 81.55 20.85 21.81
CA GLN E 429 81.67 21.64 20.59
C GLN E 429 82.78 21.06 19.72
N GLU E 430 82.51 21.00 18.42
CA GLU E 430 83.46 20.47 17.44
C GLU E 430 83.78 21.53 16.39
N ASP E 431 84.99 21.47 15.87
CA ASP E 431 85.46 22.42 14.86
C ASP E 431 85.78 21.66 13.58
N ASN E 432 86.34 22.38 12.60
CA ASN E 432 86.67 21.77 11.32
C ASN E 432 87.87 20.84 11.40
N GLU E 433 88.74 21.02 12.40
CA GLU E 433 89.92 20.17 12.51
C GLU E 433 89.55 18.72 12.81
N THR E 434 88.71 18.50 13.83
CA THR E 434 88.29 17.14 14.15
C THR E 434 87.41 16.55 13.06
N GLU E 435 86.59 17.40 12.40
CA GLU E 435 85.78 16.92 11.28
C GLU E 435 86.67 16.44 10.14
N ILE E 436 87.72 17.19 9.81
CA ILE E 436 88.64 16.80 8.76
C ILE E 436 89.37 15.52 9.15
N ASN E 437 89.80 15.42 10.41
CA ASN E 437 90.48 14.21 10.87
C ASN E 437 89.57 13.00 10.75
N PHE E 438 88.32 13.12 11.18
CA PHE E 438 87.38 12.00 11.08
C PHE E 438 87.10 11.64 9.64
N LEU E 439 86.94 12.64 8.77
CA LEU E 439 86.69 12.35 7.36
C LEU E 439 87.86 11.65 6.71
N LEU E 440 89.09 12.08 7.02
CA LEU E 440 90.27 11.42 6.47
C LEU E 440 90.41 10.00 7.00
N LYS E 441 90.13 9.80 8.29
CA LYS E 441 90.18 8.44 8.84
C LYS E 441 89.15 7.54 8.17
N GLN E 442 87.95 8.05 7.94
CA GLN E 442 86.93 7.27 7.25
C GLN E 442 87.33 6.97 5.81
N ALA E 443 87.91 7.96 5.12
CA ALA E 443 88.26 7.77 3.71
C ALA E 443 89.45 6.84 3.54
N LEU E 444 90.35 6.78 4.54
CA LEU E 444 91.46 5.85 4.45
C LEU E 444 91.00 4.41 4.36
N THR E 445 89.79 4.11 4.81
CA THR E 445 89.20 2.77 4.73
C THR E 445 88.14 2.65 3.64
N ILE E 446 87.36 3.70 3.42
CA ILE E 446 86.24 3.62 2.48
C ILE E 446 86.72 3.79 1.05
N VAL E 447 87.28 4.95 0.73
CA VAL E 447 87.69 5.22 -0.65
C VAL E 447 89.10 4.73 -0.95
N GLY E 448 89.90 4.46 0.08
CA GLY E 448 91.23 3.92 -0.13
C GLY E 448 91.25 2.45 -0.51
N THR E 449 90.11 1.76 -0.45
CA THR E 449 90.02 0.37 -0.83
C THR E 449 89.26 0.16 -2.13
N LEU E 450 88.53 1.17 -2.61
CA LEU E 450 87.79 1.02 -3.87
C LEU E 450 88.70 0.72 -5.06
N PRO E 451 89.83 1.42 -5.27
CA PRO E 451 90.72 1.02 -6.36
C PRO E 451 91.22 -0.40 -6.23
N PHE E 452 91.55 -0.85 -5.01
CA PHE E 452 92.02 -2.22 -4.83
C PHE E 452 90.93 -3.23 -5.17
N THR E 453 89.70 -2.99 -4.70
CA THR E 453 88.60 -3.89 -5.01
C THR E 453 88.34 -3.92 -6.52
N TYR E 454 88.34 -2.76 -7.16
CA TYR E 454 88.14 -2.67 -8.60
C TYR E 454 89.20 -3.46 -9.36
N MET E 455 90.47 -3.24 -9.02
CA MET E 455 91.54 -3.90 -9.76
C MET E 455 91.54 -5.40 -9.51
N LEU E 456 91.26 -5.83 -8.28
CA LEU E 456 91.20 -7.27 -8.00
C LEU E 456 90.06 -7.93 -8.75
N GLU E 457 88.89 -7.28 -8.78
CA GLU E 457 87.76 -7.85 -9.50
C GLU E 457 88.04 -7.92 -10.99
N LYS E 458 88.64 -6.86 -11.55
CA LYS E 458 88.97 -6.87 -12.97
C LYS E 458 90.01 -7.92 -13.31
N TRP E 459 91.02 -8.08 -12.45
CA TRP E 459 92.03 -9.12 -12.67
C TRP E 459 91.41 -10.51 -12.62
N ARG E 460 90.51 -10.74 -11.66
CA ARG E 460 89.83 -12.03 -11.60
C ARG E 460 88.97 -12.27 -12.83
N TRP E 461 88.27 -11.23 -13.28
CA TRP E 461 87.47 -11.34 -14.50
C TRP E 461 88.34 -11.73 -15.68
N MET E 462 89.49 -11.06 -15.83
CA MET E 462 90.35 -11.31 -16.98
C MET E 462 90.99 -12.69 -16.90
N VAL E 463 91.43 -13.10 -15.71
CA VAL E 463 92.07 -14.40 -15.58
C VAL E 463 91.07 -15.53 -15.77
N PHE E 464 89.80 -15.31 -15.41
CA PHE E 464 88.79 -16.32 -15.70
C PHE E 464 88.41 -16.33 -17.17
N LYS E 465 88.37 -15.15 -17.80
CA LYS E 465 88.10 -15.10 -19.24
C LYS E 465 89.21 -15.77 -20.04
N GLY E 466 90.46 -15.54 -19.64
CA GLY E 466 91.60 -16.18 -20.28
C GLY E 466 92.28 -15.39 -21.37
N GLU E 467 92.02 -14.08 -21.47
CA GLU E 467 92.69 -13.29 -22.50
C GLU E 467 94.18 -13.19 -22.24
N ILE E 468 94.59 -13.28 -20.98
CA ILE E 468 96.01 -13.19 -20.64
C ILE E 468 96.59 -14.61 -20.56
N PRO E 469 97.71 -14.88 -21.24
CA PRO E 469 98.29 -16.22 -21.20
C PRO E 469 98.94 -16.56 -19.87
N LYS E 470 99.60 -17.71 -19.81
CA LYS E 470 100.20 -18.16 -18.56
C LYS E 470 101.21 -17.16 -18.02
N ASP E 471 102.06 -16.61 -18.90
CA ASP E 471 103.10 -15.70 -18.45
C ASP E 471 102.53 -14.35 -18.02
N GLN E 472 101.45 -13.90 -18.64
CA GLN E 472 100.90 -12.58 -18.35
C GLN E 472 99.84 -12.62 -17.25
N TRP E 473 100.17 -13.22 -16.12
CA TRP E 473 99.31 -13.21 -14.94
C TRP E 473 99.83 -12.31 -13.83
N MET E 474 101.07 -12.52 -13.39
CA MET E 474 101.61 -11.81 -12.23
C MET E 474 102.31 -10.51 -12.58
N LYS E 475 103.12 -10.51 -13.64
CA LYS E 475 103.78 -9.27 -14.05
C LYS E 475 102.75 -8.22 -14.46
N LYS E 476 101.72 -8.62 -15.19
CA LYS E 476 100.65 -7.70 -15.56
C LYS E 476 99.92 -7.20 -14.31
N TRP E 477 99.64 -8.10 -13.37
CA TRP E 477 99.00 -7.72 -12.12
C TRP E 477 99.81 -6.64 -11.39
N TRP E 478 101.11 -6.89 -11.22
CA TRP E 478 101.94 -5.97 -10.46
C TRP E 478 102.13 -4.65 -11.20
N GLU E 479 102.22 -4.68 -12.53
CA GLU E 479 102.39 -3.43 -13.26
C GLU E 479 101.10 -2.61 -13.26
N MET E 480 99.94 -3.26 -13.34
CA MET E 480 98.67 -2.53 -13.29
C MET E 480 98.38 -1.99 -11.90
N LYS E 481 98.83 -2.69 -10.85
CA LYS E 481 98.65 -2.18 -9.50
C LYS E 481 99.38 -0.85 -9.31
N ARG E 482 100.39 -0.58 -10.15
CA ARG E 482 101.09 0.70 -10.07
C ARG E 482 100.19 1.85 -10.49
N GLU E 483 99.50 1.71 -11.63
CA GLU E 483 98.62 2.79 -12.09
C GLU E 483 97.35 2.85 -11.25
N ILE E 484 96.83 1.70 -10.84
CA ILE E 484 95.52 1.66 -10.19
C ILE E 484 95.67 1.96 -8.70
N VAL E 485 96.40 1.11 -7.98
CA VAL E 485 96.54 1.26 -6.54
C VAL E 485 97.72 2.15 -6.18
N GLY E 486 98.83 2.03 -6.90
CA GLY E 486 100.02 2.78 -6.56
C GLY E 486 100.95 2.01 -5.66
N VAL E 487 101.35 0.81 -6.10
CA VAL E 487 102.23 -0.07 -5.33
C VAL E 487 103.43 -0.43 -6.20
N VAL E 488 104.63 -0.27 -5.65
CA VAL E 488 105.85 -0.65 -6.33
C VAL E 488 106.27 -2.03 -5.85
N GLU E 489 107.20 -2.64 -6.59
CA GLU E 489 107.67 -3.99 -6.27
C GLU E 489 108.95 -3.89 -5.44
N PRO E 490 108.92 -4.29 -4.16
CA PRO E 490 110.19 -4.34 -3.41
C PRO E 490 111.11 -5.44 -3.90
N VAL E 491 110.56 -6.61 -4.20
CA VAL E 491 111.31 -7.72 -4.78
C VAL E 491 110.52 -8.25 -5.97
N PRO E 492 111.16 -8.86 -6.97
CA PRO E 492 110.42 -9.33 -8.13
C PRO E 492 109.54 -10.53 -7.83
N HIS E 493 108.43 -10.62 -8.56
CA HIS E 493 107.55 -11.80 -8.54
C HIS E 493 107.09 -12.01 -9.98
N ASP E 494 107.80 -12.86 -10.72
CA ASP E 494 107.47 -13.08 -12.13
C ASP E 494 106.60 -14.32 -12.34
N GLU E 495 107.12 -15.51 -12.01
CA GLU E 495 106.38 -16.74 -12.27
C GLU E 495 106.49 -17.79 -11.17
N THR E 496 107.28 -17.54 -10.12
CA THR E 496 107.53 -18.55 -9.10
C THR E 496 106.67 -18.35 -7.86
N TYR E 497 105.71 -17.44 -7.89
CA TYR E 497 104.77 -17.23 -6.80
C TYR E 497 103.35 -17.19 -7.34
N CYS E 498 102.38 -17.22 -6.44
CA CYS E 498 100.98 -16.93 -6.73
C CYS E 498 100.51 -15.94 -5.67
N ASP E 499 100.78 -14.65 -5.92
CA ASP E 499 100.42 -13.62 -4.94
C ASP E 499 98.93 -13.48 -4.76
N PRO E 500 98.09 -13.42 -5.80
CA PRO E 500 96.64 -13.30 -5.57
C PRO E 500 96.06 -14.44 -4.76
N ALA E 501 96.60 -15.66 -4.89
CA ALA E 501 96.09 -16.79 -4.13
C ALA E 501 96.28 -16.60 -2.62
N SER E 502 97.16 -15.68 -2.21
CA SER E 502 97.36 -15.42 -0.80
C SER E 502 96.30 -14.44 -0.27
N LEU E 503 95.04 -14.79 -0.50
CA LEU E 503 93.91 -13.98 -0.02
C LEU E 503 92.71 -14.89 0.13
N PHE E 504 91.84 -14.54 1.08
CA PHE E 504 90.69 -15.40 1.38
C PHE E 504 89.72 -15.44 0.19
N HIS E 505 89.34 -14.27 -0.32
CA HIS E 505 88.37 -14.21 -1.41
C HIS E 505 89.04 -14.20 -2.78
N VAL E 506 89.97 -15.12 -2.98
CA VAL E 506 90.54 -15.38 -4.30
C VAL E 506 90.49 -16.84 -4.69
N SER E 507 90.48 -17.77 -3.74
CA SER E 507 90.37 -19.20 -4.02
C SER E 507 89.12 -19.83 -3.45
N ASN E 508 88.32 -19.10 -2.67
CA ASN E 508 87.11 -19.62 -2.05
C ASN E 508 85.88 -19.42 -2.92
N ASP E 509 86.03 -18.90 -4.14
CA ASP E 509 84.93 -18.67 -5.06
C ASP E 509 83.88 -17.75 -4.45
N TYR E 510 84.31 -16.52 -4.16
CA TYR E 510 83.46 -15.49 -3.59
C TYR E 510 83.37 -14.32 -4.55
N SER E 511 82.15 -13.83 -4.78
CA SER E 511 81.94 -12.67 -5.63
C SER E 511 82.51 -11.44 -4.94
N PHE E 512 83.67 -10.98 -5.40
CA PHE E 512 84.34 -9.86 -4.77
C PHE E 512 83.71 -8.51 -5.12
N ILE E 513 82.82 -8.47 -6.12
CA ILE E 513 82.17 -7.21 -6.48
C ILE E 513 81.15 -6.77 -5.45
N ARG E 514 80.81 -7.63 -4.49
CA ARG E 514 79.88 -7.25 -3.44
C ARG E 514 80.45 -6.11 -2.61
N TYR E 515 81.75 -6.15 -2.31
CA TYR E 515 82.37 -5.06 -1.57
C TYR E 515 82.29 -3.75 -2.34
N TYR E 516 82.55 -3.80 -3.65
CA TYR E 516 82.47 -2.58 -4.46
C TYR E 516 81.06 -2.03 -4.50
N THR E 517 80.06 -2.90 -4.62
CA THR E 517 78.68 -2.44 -4.68
C THR E 517 78.21 -1.93 -3.32
N ARG E 518 78.71 -2.50 -2.23
CA ARG E 518 78.23 -2.16 -0.90
C ARG E 518 78.49 -0.71 -0.54
N THR E 519 79.70 -0.21 -0.84
CA THR E 519 80.03 1.16 -0.48
C THR E 519 79.11 2.15 -1.19
N LEU E 520 78.90 1.94 -2.49
CA LEU E 520 78.03 2.84 -3.25
C LEU E 520 76.59 2.72 -2.80
N TYR E 521 76.12 1.51 -2.51
CA TYR E 521 74.76 1.33 -2.01
C TYR E 521 74.55 2.05 -0.69
N GLN E 522 75.50 1.90 0.24
CA GLN E 522 75.34 2.53 1.55
C GLN E 522 75.43 4.05 1.43
N PHE E 523 76.30 4.56 0.56
CA PHE E 523 76.39 6.00 0.36
C PHE E 523 75.10 6.55 -0.24
N GLN E 524 74.53 5.85 -1.24
CA GLN E 524 73.28 6.29 -1.82
C GLN E 524 72.16 6.27 -0.79
N PHE E 525 72.08 5.22 0.02
CA PHE E 525 71.03 5.12 1.02
C PHE E 525 71.17 6.20 2.07
N GLN E 526 72.39 6.46 2.54
CA GLN E 526 72.60 7.50 3.53
C GLN E 526 72.28 8.88 2.96
N GLU E 527 72.65 9.12 1.71
CA GLU E 527 72.33 10.40 1.07
C GLU E 527 70.82 10.59 0.94
N ALA E 528 70.11 9.54 0.50
CA ALA E 528 68.66 9.63 0.35
C ALA E 528 67.99 9.84 1.69
N LEU E 529 68.45 9.14 2.73
CA LEU E 529 67.89 9.34 4.07
C LEU E 529 68.19 10.73 4.60
N CYS E 530 69.37 11.27 4.30
CA CYS E 530 69.71 12.61 4.73
C CYS E 530 68.79 13.64 4.08
N GLN E 531 68.51 13.49 2.79
CA GLN E 531 67.55 14.39 2.14
C GLN E 531 66.15 14.21 2.72
N ALA E 532 65.68 12.97 2.83
CA ALA E 532 64.37 12.70 3.43
C ALA E 532 64.48 12.41 4.92
N ALA E 533 65.23 13.25 5.64
CA ALA E 533 65.30 13.17 7.08
C ALA E 533 65.29 14.53 7.76
N LYS E 534 65.12 15.62 7.02
CA LYS E 534 65.07 16.98 7.56
C LYS E 534 66.35 17.31 8.34
N HIS E 535 67.47 17.25 7.63
CA HIS E 535 68.76 17.61 8.18
C HIS E 535 69.50 18.49 7.18
N GLU E 536 70.28 19.44 7.70
CA GLU E 536 71.07 20.34 6.87
C GLU E 536 72.53 20.31 7.33
N GLY E 537 73.44 20.51 6.39
CA GLY E 537 74.86 20.52 6.68
C GLY E 537 75.61 19.43 5.97
N PRO E 538 76.76 19.04 6.51
CA PRO E 538 77.57 18.01 5.86
C PRO E 538 76.90 16.65 5.92
N LEU E 539 77.24 15.81 4.92
CA LEU E 539 76.67 14.47 4.85
C LEU E 539 77.22 13.57 5.94
N HIS E 540 78.48 13.75 6.32
CA HIS E 540 79.10 12.88 7.32
C HIS E 540 78.52 13.11 8.72
N LYS E 541 78.01 14.30 9.01
CA LYS E 541 77.38 14.60 10.29
C LYS E 541 75.88 14.37 10.27
N CYS E 542 75.33 13.86 9.16
CA CYS E 542 73.89 13.71 9.04
C CYS E 542 73.39 12.59 9.94
N ASP E 543 72.36 12.89 10.73
CA ASP E 543 71.77 11.94 11.66
C ASP E 543 70.32 11.68 11.26
N ILE E 544 69.90 10.42 11.34
CA ILE E 544 68.55 10.00 10.95
C ILE E 544 67.68 9.73 12.17
N SER E 545 68.12 10.13 13.36
CA SER E 545 67.33 9.88 14.56
C SER E 545 66.07 10.73 14.57
N ASN E 546 65.01 10.16 15.16
CA ASN E 546 63.71 10.83 15.27
C ASN E 546 63.17 11.25 13.91
N SER E 547 63.38 10.40 12.90
CA SER E 547 62.91 10.65 11.55
C SER E 547 62.19 9.38 11.06
N THR E 548 60.89 9.28 11.37
CA THR E 548 60.12 8.13 10.92
C THR E 548 59.91 8.13 9.42
N GLU E 549 60.02 9.28 8.76
CA GLU E 549 59.92 9.32 7.30
C GLU E 549 61.07 8.56 6.65
N ALA E 550 62.27 8.68 7.21
CA ALA E 550 63.40 7.90 6.70
C ALA E 550 63.16 6.41 6.89
N GLY E 551 62.60 6.02 8.04
CA GLY E 551 62.27 4.62 8.25
C GLY E 551 61.24 4.10 7.26
N GLN E 552 60.23 4.92 6.96
CA GLN E 552 59.23 4.53 5.97
C GLN E 552 59.87 4.40 4.58
N LYS E 553 60.73 5.34 4.23
CA LYS E 553 61.41 5.28 2.93
C LYS E 553 62.25 4.02 2.82
N LEU E 554 62.99 3.68 3.87
CA LEU E 554 63.77 2.45 3.85
C LEU E 554 62.88 1.22 3.78
N PHE E 555 61.82 1.18 4.59
CA PHE E 555 60.92 0.04 4.62
C PHE E 555 60.16 -0.12 3.31
N ASN E 556 60.08 0.93 2.49
CA ASN E 556 59.49 0.78 1.16
C ASN E 556 60.21 -0.27 0.34
N MET E 557 61.53 -0.41 0.52
CA MET E 557 62.27 -1.46 -0.16
C MET E 557 62.62 -2.63 0.75
N LEU E 558 62.60 -2.42 2.07
CA LEU E 558 62.92 -3.52 2.98
C LEU E 558 61.94 -4.68 2.82
N ARG E 559 60.65 -4.38 2.69
CA ARG E 559 59.65 -5.43 2.52
C ARG E 559 59.71 -6.06 1.14
N LEU E 560 60.36 -5.41 0.16
CA LEU E 560 60.38 -5.93 -1.20
C LEU E 560 61.18 -7.22 -1.29
N GLY E 561 62.38 -7.24 -0.70
CA GLY E 561 63.21 -8.42 -0.76
C GLY E 561 63.64 -8.75 -2.18
N LYS E 562 63.66 -10.04 -2.50
CA LYS E 562 64.05 -10.50 -3.83
C LYS E 562 62.88 -10.52 -4.81
N SER E 563 61.68 -10.13 -4.37
CA SER E 563 60.51 -10.20 -5.23
C SER E 563 60.60 -9.26 -6.43
N GLU E 564 61.52 -8.28 -6.40
CA GLU E 564 61.66 -7.33 -7.48
C GLU E 564 63.10 -7.23 -7.92
N PRO E 565 63.35 -6.84 -9.17
CA PRO E 565 64.74 -6.70 -9.64
C PRO E 565 65.46 -5.58 -8.90
N TRP E 566 66.78 -5.71 -8.82
CA TRP E 566 67.59 -4.72 -8.10
C TRP E 566 67.54 -3.36 -8.78
N THR E 567 67.43 -3.33 -10.11
CA THR E 567 67.27 -2.06 -10.81
C THR E 567 65.96 -1.38 -10.41
N LEU E 568 64.87 -2.16 -10.33
CA LEU E 568 63.62 -1.61 -9.82
C LEU E 568 63.69 -1.36 -8.32
N ALA E 569 64.52 -2.14 -7.61
CA ALA E 569 64.69 -1.91 -6.17
C ALA E 569 65.30 -0.54 -5.90
N LEU E 570 66.26 -0.12 -6.74
CA LEU E 570 66.86 1.20 -6.59
C LEU E 570 65.98 2.26 -7.23
N GLU E 571 64.70 2.30 -6.86
CA GLU E 571 63.77 3.31 -7.36
C GLU E 571 62.98 4.02 -6.27
N ASN E 572 62.79 3.40 -5.11
CA ASN E 572 62.05 4.02 -4.02
C ASN E 572 62.96 4.91 -3.16
N VAL E 573 64.08 4.37 -2.69
CA VAL E 573 65.00 5.14 -1.85
C VAL E 573 65.68 6.23 -2.67
N VAL E 574 66.20 5.87 -3.83
CA VAL E 574 66.90 6.81 -4.70
C VAL E 574 66.29 6.77 -6.09
N GLY E 575 66.48 7.85 -6.83
CA GLY E 575 65.95 7.99 -8.16
C GLY E 575 66.82 7.43 -9.27
N ALA E 576 67.98 6.87 -8.95
CA ALA E 576 68.89 6.31 -9.93
C ALA E 576 68.91 4.80 -9.80
N LYS E 577 68.51 4.11 -10.86
CA LYS E 577 68.54 2.64 -10.87
C LYS E 577 69.95 2.11 -11.07
N ASN E 578 70.80 2.84 -11.79
CA ASN E 578 72.15 2.39 -12.07
C ASN E 578 73.07 2.76 -10.92
N MET E 579 74.38 2.69 -11.16
CA MET E 579 75.39 2.95 -10.14
C MET E 579 75.98 4.33 -10.37
N ASN E 580 76.05 5.14 -9.31
CA ASN E 580 76.54 6.50 -9.41
C ASN E 580 77.54 6.80 -8.32
N VAL E 581 78.48 7.70 -8.62
CA VAL E 581 79.52 8.08 -7.67
C VAL E 581 79.21 9.39 -6.96
N ARG E 582 78.05 9.99 -7.24
CA ARG E 582 77.72 11.29 -6.67
C ARG E 582 77.72 11.29 -5.13
N PRO E 583 77.10 10.32 -4.44
CA PRO E 583 77.23 10.32 -2.96
C PRO E 583 78.66 10.19 -2.47
N LEU E 584 79.50 9.44 -3.18
CA LEU E 584 80.90 9.29 -2.77
C LEU E 584 81.62 10.63 -2.77
N LEU E 585 81.41 11.43 -3.83
CA LEU E 585 82.06 12.74 -3.90
C LEU E 585 81.40 13.74 -2.96
N ASN E 586 80.08 13.63 -2.76
CA ASN E 586 79.41 14.56 -1.86
C ASN E 586 79.79 14.34 -0.40
N TYR E 587 80.03 13.09 -0.02
CA TYR E 587 80.35 12.79 1.38
C TYR E 587 81.69 13.39 1.79
N PHE E 588 82.74 13.14 1.01
CA PHE E 588 84.09 13.61 1.31
C PHE E 588 84.41 14.91 0.61
N GLU E 589 83.55 15.92 0.76
CA GLU E 589 83.81 17.23 0.15
C GLU E 589 84.83 18.02 0.98
N PRO E 590 84.62 18.22 2.29
CA PRO E 590 85.61 19.00 3.06
C PRO E 590 86.99 18.39 3.04
N LEU E 591 87.07 17.05 3.06
CA LEU E 591 88.37 16.39 3.01
C LEU E 591 89.10 16.69 1.70
N PHE E 592 88.37 16.62 0.58
CA PHE E 592 89.00 16.92 -0.71
C PHE E 592 89.40 18.39 -0.79
N THR E 593 88.57 19.29 -0.27
CA THR E 593 88.94 20.71 -0.27
C THR E 593 90.19 20.96 0.57
N TRP E 594 90.30 20.29 1.73
CA TRP E 594 91.49 20.42 2.55
C TRP E 594 92.71 19.85 1.85
N LEU E 595 92.55 18.70 1.19
CA LEU E 595 93.68 18.05 0.51
C LEU E 595 94.16 18.88 -0.68
N LYS E 596 93.25 19.59 -1.36
CA LYS E 596 93.64 20.38 -2.52
C LYS E 596 94.66 21.45 -2.14
N ASP E 597 94.45 22.12 -1.00
CA ASP E 597 95.40 23.10 -0.51
C ASP E 597 96.48 22.49 0.38
N GLN E 598 96.34 21.21 0.74
CA GLN E 598 97.35 20.56 1.57
C GLN E 598 98.63 20.32 0.79
N ASN E 599 98.54 19.55 -0.30
CA ASN E 599 99.70 19.26 -1.14
C ASN E 599 99.90 20.34 -2.19
N LYS E 600 100.02 21.58 -1.70
CA LYS E 600 100.25 22.72 -2.58
C LYS E 600 101.66 22.70 -3.16
N ASN E 601 102.62 22.14 -2.43
CA ASN E 601 104.00 22.07 -2.90
C ASN E 601 104.28 20.80 -3.69
N SER E 602 103.74 19.66 -3.26
CA SER E 602 103.96 18.39 -3.92
C SER E 602 102.93 18.18 -5.04
N PHE E 603 103.25 17.24 -5.93
CA PHE E 603 102.40 16.89 -7.05
C PHE E 603 101.60 15.63 -6.72
N VAL E 604 100.48 15.45 -7.43
CA VAL E 604 99.62 14.29 -7.27
C VAL E 604 99.86 13.34 -8.43
N GLY E 605 99.86 12.05 -8.13
CA GLY E 605 100.10 11.02 -9.11
C GLY E 605 101.30 10.16 -8.74
N TRP E 606 101.64 9.25 -9.65
CA TRP E 606 102.76 8.35 -9.45
C TRP E 606 103.35 7.96 -10.79
N SER E 607 104.60 7.50 -10.75
CA SER E 607 105.30 7.00 -11.93
C SER E 607 105.53 5.51 -11.77
N THR E 608 105.24 4.74 -12.82
CA THR E 608 105.33 3.29 -12.77
C THR E 608 106.73 2.77 -13.04
N ASP E 609 107.68 3.64 -13.35
CA ASP E 609 109.05 3.21 -13.63
C ASP E 609 109.91 3.13 -12.38
N TRP E 610 109.62 3.94 -11.37
CA TRP E 610 110.40 3.92 -10.14
C TRP E 610 110.06 2.66 -9.34
N SER E 611 111.09 1.97 -8.87
CA SER E 611 110.95 0.81 -8.01
C SER E 611 112.05 0.84 -6.96
N PRO E 612 111.81 0.23 -5.80
CA PRO E 612 112.87 0.19 -4.77
C PRO E 612 114.13 -0.53 -5.25
N TYR E 613 113.99 -1.57 -6.06
CA TYR E 613 115.13 -2.30 -6.57
C TYR E 613 115.70 -1.72 -7.86
N ALA E 614 115.01 -0.77 -8.49
CA ALA E 614 115.49 -0.17 -9.72
C ALA E 614 114.83 1.19 -9.96
N SER F 19 12.56 -2.05 -56.93
CA SER F 19 12.64 -3.46 -56.60
C SER F 19 13.66 -4.18 -57.47
N THR F 20 14.45 -5.04 -56.85
CA THR F 20 15.49 -5.77 -57.58
C THR F 20 14.85 -6.86 -58.46
N ILE F 21 15.65 -7.35 -59.42
CA ILE F 21 15.17 -8.37 -60.34
C ILE F 21 14.95 -9.70 -59.65
N GLU F 22 15.56 -9.92 -58.48
CA GLU F 22 15.33 -11.16 -57.75
C GLU F 22 13.87 -11.30 -57.32
N GLU F 23 13.28 -10.21 -56.82
CA GLU F 23 11.86 -10.23 -56.46
C GLU F 23 10.99 -10.43 -57.69
N GLN F 24 11.38 -9.84 -58.82
CA GLN F 24 10.64 -10.04 -60.06
C GLN F 24 10.66 -11.50 -60.49
N ALA F 25 11.84 -12.15 -60.40
CA ALA F 25 11.93 -13.56 -60.73
C ALA F 25 11.11 -14.41 -59.77
N LYS F 26 11.12 -14.07 -58.49
CA LYS F 26 10.33 -14.81 -57.52
C LYS F 26 8.84 -14.69 -57.82
N THR F 27 8.38 -13.49 -58.16
CA THR F 27 6.98 -13.29 -58.50
C THR F 27 6.62 -14.04 -59.78
N PHE F 28 7.52 -14.05 -60.77
CA PHE F 28 7.27 -14.82 -61.98
C PHE F 28 7.17 -16.30 -61.68
N LEU F 29 8.03 -16.81 -60.81
CA LEU F 29 7.95 -18.22 -60.42
C LEU F 29 6.64 -18.51 -59.69
N ASP F 30 6.21 -17.60 -58.82
CA ASP F 30 4.94 -17.80 -58.12
C ASP F 30 3.78 -17.81 -59.09
N LYS F 31 3.79 -16.93 -60.09
CA LYS F 31 2.74 -16.93 -61.11
C LYS F 31 2.79 -18.21 -61.93
N PHE F 32 4.00 -18.69 -62.24
CA PHE F 32 4.14 -19.85 -63.12
C PHE F 32 3.69 -21.13 -62.42
N ASN F 33 4.30 -21.45 -61.27
CA ASN F 33 4.12 -22.77 -60.67
C ASN F 33 2.67 -23.00 -60.23
N HIS F 34 1.95 -21.93 -59.88
CA HIS F 34 0.58 -22.09 -59.39
C HIS F 34 -0.30 -22.80 -60.42
N GLU F 35 -0.17 -22.43 -61.69
CA GLU F 35 -0.89 -23.10 -62.76
C GLU F 35 -0.09 -24.25 -63.39
N ALA F 36 1.23 -24.23 -63.27
CA ALA F 36 2.04 -25.33 -63.77
C ALA F 36 1.72 -26.62 -63.02
N GLU F 37 1.51 -26.54 -61.70
CA GLU F 37 1.14 -27.72 -60.94
C GLU F 37 -0.16 -28.30 -61.44
N ASP F 38 -1.17 -27.45 -61.68
CA ASP F 38 -2.45 -27.93 -62.17
C ASP F 38 -2.32 -28.56 -63.54
N LEU F 39 -1.59 -27.91 -64.45
CA LEU F 39 -1.45 -28.45 -65.80
C LEU F 39 -0.68 -29.77 -65.80
N PHE F 40 0.38 -29.86 -65.00
CA PHE F 40 1.13 -31.12 -64.89
C PHE F 40 0.27 -32.22 -64.27
N TYR F 41 -0.55 -31.86 -63.29
CA TYR F 41 -1.46 -32.85 -62.69
C TYR F 41 -2.46 -33.34 -63.73
N GLN F 42 -2.98 -32.43 -64.56
CA GLN F 42 -3.91 -32.85 -65.61
C GLN F 42 -3.23 -33.78 -66.61
N SER F 43 -2.01 -33.43 -67.02
CA SER F 43 -1.29 -34.28 -67.97
C SER F 43 -1.00 -35.66 -67.40
N SER F 44 -0.53 -35.71 -66.15
CA SER F 44 -0.24 -36.99 -65.51
C SER F 44 -1.51 -37.80 -65.32
N LEU F 45 -2.62 -37.15 -64.96
CA LEU F 45 -3.88 -37.85 -64.82
C LEU F 45 -4.37 -38.42 -66.14
N ALA F 46 -4.22 -37.66 -67.23
CA ALA F 46 -4.61 -38.18 -68.54
C ALA F 46 -3.75 -39.38 -68.93
N SER F 47 -2.43 -39.29 -68.71
CA SER F 47 -1.55 -40.40 -69.04
C SER F 47 -1.90 -41.65 -68.21
N TRP F 48 -2.16 -41.45 -66.92
CA TRP F 48 -2.54 -42.58 -66.06
C TRP F 48 -3.88 -43.16 -66.50
N ASN F 49 -4.82 -42.31 -66.88
CA ASN F 49 -6.13 -42.79 -67.31
C ASN F 49 -6.01 -43.62 -68.58
N TYR F 50 -5.15 -43.20 -69.51
CA TYR F 50 -4.92 -44.03 -70.69
C TYR F 50 -4.25 -45.34 -70.31
N ASN F 51 -3.23 -45.29 -69.45
CA ASN F 51 -2.51 -46.51 -69.08
C ASN F 51 -3.38 -47.47 -68.28
N THR F 52 -4.45 -46.97 -67.65
CA THR F 52 -5.40 -47.81 -66.95
C THR F 52 -6.59 -48.21 -67.83
N ASN F 53 -6.87 -47.44 -68.88
CA ASN F 53 -7.96 -47.73 -69.81
C ASN F 53 -7.37 -47.69 -71.22
N ILE F 54 -6.92 -48.85 -71.69
CA ILE F 54 -6.32 -48.97 -73.02
C ILE F 54 -7.44 -48.92 -74.04
N THR F 55 -7.65 -47.75 -74.65
CA THR F 55 -8.68 -47.59 -75.66
C THR F 55 -8.31 -46.40 -76.53
N GLU F 56 -8.95 -46.33 -77.70
CA GLU F 56 -8.68 -45.23 -78.63
C GLU F 56 -9.18 -43.91 -78.08
N GLU F 57 -10.21 -43.93 -77.21
CA GLU F 57 -10.74 -42.69 -76.65
C GLU F 57 -9.71 -42.00 -75.77
N ASN F 58 -8.99 -42.76 -74.95
CA ASN F 58 -8.00 -42.18 -74.06
C ASN F 58 -6.70 -41.80 -74.76
N VAL F 59 -6.54 -42.17 -76.04
CA VAL F 59 -5.34 -41.81 -76.77
C VAL F 59 -5.25 -40.30 -76.93
N GLN F 60 -6.36 -39.65 -77.28
CA GLN F 60 -6.35 -38.21 -77.49
C GLN F 60 -6.19 -37.44 -76.18
N ASN F 61 -6.49 -38.05 -75.03
CA ASN F 61 -6.33 -37.36 -73.76
C ASN F 61 -4.87 -37.00 -73.51
N MET F 62 -3.97 -37.96 -73.73
CA MET F 62 -2.55 -37.71 -73.54
C MET F 62 -2.06 -36.61 -74.48
N ASN F 63 -2.51 -36.66 -75.73
CA ASN F 63 -2.06 -35.67 -76.72
C ASN F 63 -2.56 -34.29 -76.36
N ASN F 64 -3.85 -34.16 -76.02
CA ASN F 64 -4.42 -32.86 -75.69
C ASN F 64 -3.93 -32.34 -74.35
N ALA F 65 -3.36 -33.20 -73.50
CA ALA F 65 -2.71 -32.71 -72.30
C ALA F 65 -1.28 -32.26 -72.60
N GLY F 66 -0.53 -33.09 -73.32
CA GLY F 66 0.88 -32.79 -73.57
C GLY F 66 1.09 -31.58 -74.47
N ASP F 67 0.27 -31.45 -75.52
CA ASP F 67 0.42 -30.31 -76.41
C ASP F 67 0.14 -29.01 -75.67
N LYS F 68 -0.91 -28.99 -74.85
CA LYS F 68 -1.21 -27.79 -74.06
C LYS F 68 -0.11 -27.51 -73.05
N TRP F 69 0.42 -28.56 -72.41
CA TRP F 69 1.50 -28.36 -71.44
C TRP F 69 2.74 -27.77 -72.12
N SER F 70 3.10 -28.28 -73.30
CA SER F 70 4.25 -27.75 -74.01
C SER F 70 4.00 -26.33 -74.48
N ALA F 71 2.83 -26.06 -75.06
CA ALA F 71 2.50 -24.73 -75.53
C ALA F 71 2.33 -23.73 -74.40
N PHE F 72 2.16 -24.19 -73.17
CA PHE F 72 2.16 -23.33 -72.00
C PHE F 72 3.56 -23.08 -71.46
N LEU F 73 4.37 -24.13 -71.36
CA LEU F 73 5.75 -23.99 -70.91
C LEU F 73 6.60 -23.21 -71.90
N LYS F 74 6.15 -23.10 -73.15
CA LYS F 74 6.91 -22.33 -74.14
C LYS F 74 6.99 -20.86 -73.75
N GLU F 75 5.88 -20.27 -73.30
CA GLU F 75 5.92 -18.87 -72.89
C GLU F 75 6.73 -18.68 -71.63
N GLN F 76 6.70 -19.67 -70.73
CA GLN F 76 7.54 -19.60 -69.54
C GLN F 76 9.01 -19.61 -69.90
N SER F 77 9.40 -20.48 -70.84
CA SER F 77 10.79 -20.49 -71.31
C SER F 77 11.14 -19.18 -72.00
N THR F 78 10.21 -18.62 -72.77
CA THR F 78 10.44 -17.33 -73.42
C THR F 78 10.66 -16.23 -72.38
N LEU F 79 9.84 -16.22 -71.34
CA LEU F 79 9.99 -15.26 -70.25
C LEU F 79 11.18 -15.56 -69.36
N ALA F 80 11.83 -16.72 -69.53
CA ALA F 80 13.04 -17.06 -68.79
C ALA F 80 14.31 -16.58 -69.48
N GLN F 81 14.23 -15.57 -70.35
CA GLN F 81 15.40 -15.01 -70.99
C GLN F 81 15.68 -13.57 -70.58
N MET F 82 14.68 -12.69 -70.66
CA MET F 82 14.91 -11.30 -70.29
C MET F 82 15.09 -11.13 -68.78
N TYR F 83 14.83 -12.16 -67.99
CA TYR F 83 15.19 -12.14 -66.58
C TYR F 83 16.70 -12.31 -66.46
N PRO F 84 17.41 -11.34 -65.85
CA PRO F 84 18.89 -11.45 -65.76
C PRO F 84 19.35 -12.44 -64.70
N LEU F 85 19.39 -13.72 -65.09
CA LEU F 85 19.84 -14.79 -64.21
C LEU F 85 21.37 -14.87 -64.21
N GLN F 86 21.99 -13.79 -63.71
CA GLN F 86 23.43 -13.74 -63.58
C GLN F 86 23.90 -13.12 -62.27
N GLU F 87 22.99 -12.66 -61.41
CA GLU F 87 23.39 -12.06 -60.14
C GLU F 87 22.50 -12.44 -58.97
N ILE F 88 21.53 -13.33 -59.16
CA ILE F 88 20.60 -13.67 -58.08
C ILE F 88 21.37 -14.34 -56.95
N GLN F 89 21.32 -13.75 -55.76
CA GLN F 89 22.07 -14.29 -54.63
C GLN F 89 21.45 -15.56 -54.09
N ASN F 90 20.15 -15.75 -54.27
CA ASN F 90 19.47 -16.94 -53.75
C ASN F 90 19.78 -18.12 -54.66
N LEU F 91 20.38 -19.17 -54.09
CA LEU F 91 20.73 -20.35 -54.89
C LEU F 91 19.50 -21.10 -55.35
N THR F 92 18.46 -21.16 -54.52
CA THR F 92 17.26 -21.91 -54.88
C THR F 92 16.55 -21.28 -56.07
N VAL F 93 16.34 -19.96 -56.02
CA VAL F 93 15.65 -19.28 -57.11
C VAL F 93 16.49 -19.30 -58.37
N LYS F 94 17.81 -19.12 -58.23
CA LYS F 94 18.69 -19.18 -59.40
C LYS F 94 18.64 -20.54 -60.05
N LEU F 95 18.69 -21.62 -59.26
CA LEU F 95 18.63 -22.96 -59.82
C LEU F 95 17.27 -23.23 -60.46
N GLN F 96 16.18 -22.74 -59.83
CA GLN F 96 14.86 -22.93 -60.40
C GLN F 96 14.73 -22.23 -61.76
N LEU F 97 15.23 -21.00 -61.85
CA LEU F 97 15.17 -20.28 -63.12
C LEU F 97 16.09 -20.92 -64.15
N GLN F 98 17.24 -21.45 -63.71
CA GLN F 98 18.12 -22.18 -64.62
C GLN F 98 17.43 -23.41 -65.17
N ALA F 99 16.66 -24.11 -64.33
CA ALA F 99 15.81 -25.18 -64.83
C ALA F 99 14.80 -24.65 -65.84
N LEU F 100 14.25 -23.46 -65.57
CA LEU F 100 13.44 -22.79 -66.59
C LEU F 100 14.31 -22.35 -67.77
N GLN F 101 15.55 -21.96 -67.51
CA GLN F 101 16.46 -21.48 -68.56
C GLN F 101 17.08 -22.69 -69.28
N GLN F 102 16.28 -23.31 -70.14
CA GLN F 102 16.72 -24.38 -71.01
C GLN F 102 16.48 -23.98 -72.45
N ASN F 103 17.53 -24.04 -73.28
CA ASN F 103 17.40 -23.63 -74.67
C ASN F 103 16.44 -24.54 -75.43
N GLY F 104 16.51 -25.84 -75.19
CA GLY F 104 15.64 -26.77 -75.88
C GLY F 104 16.08 -27.00 -77.32
N SER F 105 15.17 -27.59 -78.09
CA SER F 105 15.43 -27.89 -79.50
C SER F 105 15.20 -26.70 -80.41
N SER F 106 14.67 -25.59 -79.90
CA SER F 106 14.40 -24.42 -80.72
C SER F 106 15.61 -23.52 -80.90
N VAL F 107 16.75 -23.84 -80.27
CA VAL F 107 17.95 -23.02 -80.42
C VAL F 107 18.45 -23.06 -81.86
N LEU F 108 18.24 -24.18 -82.55
CA LEU F 108 18.68 -24.33 -83.93
C LEU F 108 17.58 -23.82 -84.87
N SER F 109 17.77 -24.04 -86.17
CA SER F 109 16.71 -23.75 -87.12
C SER F 109 15.66 -24.87 -87.09
N GLU F 110 14.49 -24.56 -87.65
CA GLU F 110 13.40 -25.53 -87.64
C GLU F 110 13.73 -26.75 -88.49
N ASP F 111 14.42 -26.55 -89.60
CA ASP F 111 14.69 -27.65 -90.53
C ASP F 111 15.55 -28.73 -89.88
N LYS F 112 16.63 -28.32 -89.21
CA LYS F 112 17.50 -29.30 -88.57
C LYS F 112 16.78 -30.01 -87.43
N SER F 113 15.97 -29.28 -86.66
CA SER F 113 15.24 -29.90 -85.56
C SER F 113 14.23 -30.93 -86.07
N LYS F 114 13.49 -30.59 -87.12
CA LYS F 114 12.51 -31.54 -87.65
C LYS F 114 13.20 -32.72 -88.32
N ARG F 115 14.35 -32.50 -88.97
CA ARG F 115 15.10 -33.62 -89.53
C ARG F 115 15.56 -34.56 -88.43
N LEU F 116 16.06 -34.01 -87.32
CA LEU F 116 16.46 -34.85 -86.20
C LEU F 116 15.27 -35.61 -85.62
N ASN F 117 14.13 -34.94 -85.48
CA ASN F 117 12.95 -35.63 -84.95
C ASN F 117 12.54 -36.79 -85.85
N THR F 118 12.51 -36.55 -87.17
CA THR F 118 12.13 -37.59 -88.10
C THR F 118 13.12 -38.75 -88.07
N ILE F 119 14.42 -38.46 -88.04
CA ILE F 119 15.41 -39.53 -88.06
C ILE F 119 15.37 -40.33 -86.77
N LEU F 120 15.14 -39.66 -85.63
CA LEU F 120 15.00 -40.38 -84.37
C LEU F 120 13.77 -41.27 -84.38
N ASN F 121 12.65 -40.76 -84.89
CA ASN F 121 11.43 -41.57 -84.95
C ASN F 121 11.64 -42.79 -85.83
N THR F 122 12.22 -42.61 -87.01
CA THR F 122 12.37 -43.74 -87.92
C THR F 122 13.39 -44.75 -87.39
N MET F 123 14.47 -44.28 -86.75
CA MET F 123 15.46 -45.21 -86.22
C MET F 123 14.92 -45.96 -85.01
N SER F 124 14.13 -45.29 -84.17
CA SER F 124 13.50 -45.98 -83.04
C SER F 124 12.50 -47.02 -83.53
N THR F 125 11.71 -46.68 -84.56
CA THR F 125 10.77 -47.66 -85.10
C THR F 125 11.51 -48.84 -85.71
N ILE F 126 12.62 -48.59 -86.41
CA ILE F 126 13.39 -49.68 -86.98
C ILE F 126 13.95 -50.59 -85.89
N TYR F 127 14.50 -49.99 -84.82
CA TYR F 127 15.04 -50.79 -83.73
C TYR F 127 13.94 -51.61 -83.06
N SER F 128 12.78 -51.01 -82.81
CA SER F 128 11.67 -51.73 -82.20
C SER F 128 11.03 -52.74 -83.15
N THR F 129 11.31 -52.65 -84.45
CA THR F 129 10.75 -53.54 -85.45
C THR F 129 11.85 -54.33 -86.17
N GLY F 130 12.89 -54.71 -85.42
CA GLY F 130 13.93 -55.55 -85.99
C GLY F 130 13.42 -56.90 -86.40
N LYS F 131 13.54 -57.24 -87.69
CA LYS F 131 12.89 -58.40 -88.27
C LYS F 131 13.95 -59.39 -88.73
N VAL F 132 13.88 -60.63 -88.23
CA VAL F 132 14.81 -61.68 -88.64
C VAL F 132 14.02 -62.97 -88.90
N CYS F 133 14.10 -63.48 -90.12
CA CYS F 133 13.55 -64.79 -90.45
C CYS F 133 14.67 -65.82 -90.53
N ASN F 134 14.36 -67.03 -90.11
CA ASN F 134 15.28 -68.15 -90.30
C ASN F 134 15.43 -68.43 -91.79
N PRO F 135 16.65 -68.61 -92.30
CA PRO F 135 16.82 -68.81 -93.74
C PRO F 135 16.03 -69.99 -94.30
N ASP F 136 15.82 -71.05 -93.52
CA ASP F 136 15.04 -72.18 -94.02
C ASP F 136 13.57 -71.81 -94.22
N ASN F 137 13.05 -70.93 -93.35
CA ASN F 137 11.65 -70.51 -93.40
C ASN F 137 11.61 -68.98 -93.42
N PRO F 138 11.89 -68.37 -94.56
CA PRO F 138 11.99 -66.90 -94.61
C PRO F 138 10.65 -66.19 -94.60
N GLN F 139 9.56 -66.92 -94.38
CA GLN F 139 8.23 -66.32 -94.33
C GLN F 139 7.70 -66.19 -92.91
N GLU F 140 8.54 -66.46 -91.90
CA GLU F 140 8.14 -66.35 -90.49
C GLU F 140 9.30 -65.73 -89.71
N CYS F 141 9.28 -64.41 -89.59
CA CYS F 141 10.31 -63.71 -88.83
C CYS F 141 9.95 -63.62 -87.35
N LEU F 142 10.94 -63.14 -86.59
CA LEU F 142 10.80 -62.83 -85.18
C LEU F 142 11.54 -61.52 -84.92
N LEU F 143 11.33 -60.98 -83.72
CA LEU F 143 11.90 -59.71 -83.33
C LEU F 143 12.56 -59.80 -81.96
N LEU F 144 12.95 -58.67 -81.39
CA LEU F 144 13.45 -58.64 -80.02
C LEU F 144 12.39 -59.12 -79.03
N GLU F 145 11.12 -59.10 -79.42
CA GLU F 145 9.99 -59.57 -78.64
C GLU F 145 10.15 -61.06 -78.33
N PRO F 146 9.37 -61.64 -77.41
CA PRO F 146 9.60 -63.04 -77.03
C PRO F 146 9.54 -63.99 -78.22
N GLY F 147 10.34 -65.03 -78.15
CA GLY F 147 10.63 -65.83 -79.32
C GLY F 147 12.13 -66.01 -79.48
N LEU F 148 12.70 -65.41 -80.53
CA LEU F 148 14.15 -65.51 -80.75
C LEU F 148 14.93 -65.09 -79.52
N ASN F 149 14.56 -63.96 -78.92
CA ASN F 149 15.21 -63.53 -77.68
C ASN F 149 14.96 -64.54 -76.56
N GLU F 150 13.72 -65.04 -76.45
CA GLU F 150 13.42 -66.07 -75.47
C GLU F 150 14.18 -67.36 -75.78
N ILE F 151 14.28 -67.71 -77.06
CA ILE F 151 14.97 -68.94 -77.44
C ILE F 151 16.45 -68.86 -77.04
N MET F 152 17.10 -67.75 -77.35
CA MET F 152 18.50 -67.59 -76.98
C MET F 152 18.68 -67.35 -75.49
N ALA F 153 17.61 -66.95 -74.79
CA ALA F 153 17.69 -66.78 -73.34
C ALA F 153 17.88 -68.12 -72.64
N ASN F 154 17.20 -69.16 -73.11
CA ASN F 154 17.27 -70.50 -72.50
C ASN F 154 17.56 -71.51 -73.61
N SER F 155 18.83 -71.72 -73.90
CA SER F 155 19.24 -72.71 -74.89
C SER F 155 20.72 -73.03 -74.68
N LEU F 156 21.13 -74.18 -75.20
CA LEU F 156 22.52 -74.63 -75.16
C LEU F 156 22.90 -75.08 -76.57
N ASP F 157 23.36 -74.14 -77.39
CA ASP F 157 23.79 -74.45 -78.75
C ASP F 157 24.72 -73.35 -79.24
N TYR F 158 25.66 -73.73 -80.10
CA TYR F 158 26.63 -72.80 -80.64
C TYR F 158 26.29 -72.30 -82.04
N ASN F 159 25.25 -72.85 -82.67
CA ASN F 159 24.87 -72.46 -84.03
C ASN F 159 23.67 -71.51 -84.04
N GLU F 160 22.57 -71.89 -83.38
CA GLU F 160 21.38 -71.04 -83.40
C GLU F 160 21.64 -69.72 -82.67
N ARG F 161 22.39 -69.75 -81.57
CA ARG F 161 22.75 -68.51 -80.89
C ARG F 161 23.65 -67.64 -81.75
N LEU F 162 24.64 -68.26 -82.41
CA LEU F 162 25.51 -67.51 -83.30
C LEU F 162 24.74 -66.92 -84.47
N TRP F 163 23.84 -67.71 -85.06
CA TRP F 163 23.03 -67.19 -86.17
C TRP F 163 22.14 -66.04 -85.72
N ALA F 164 21.53 -66.17 -84.54
CA ALA F 164 20.69 -65.10 -84.02
C ALA F 164 21.49 -63.83 -83.78
N TRP F 165 22.69 -63.97 -83.21
CA TRP F 165 23.55 -62.82 -83.00
C TRP F 165 23.92 -62.15 -84.33
N GLU F 166 24.29 -62.98 -85.31
CA GLU F 166 24.66 -62.45 -86.63
C GLU F 166 23.50 -61.70 -87.27
N SER F 167 22.31 -62.29 -87.23
CA SER F 167 21.14 -61.65 -87.83
C SER F 167 20.79 -60.35 -87.11
N TRP F 168 20.83 -60.37 -85.78
CA TRP F 168 20.47 -59.18 -85.00
C TRP F 168 21.46 -58.05 -85.25
N ARG F 169 22.75 -58.37 -85.36
CA ARG F 169 23.75 -57.33 -85.60
C ARG F 169 23.90 -57.01 -87.09
N SER F 170 23.21 -57.74 -87.97
CA SER F 170 23.22 -57.44 -89.38
C SER F 170 22.04 -56.61 -89.84
N GLU F 171 20.82 -56.90 -89.37
CA GLU F 171 19.65 -56.16 -89.84
C GLU F 171 19.35 -54.92 -89.01
N VAL F 172 20.12 -54.65 -87.96
CA VAL F 172 19.98 -53.41 -87.21
C VAL F 172 21.28 -52.61 -87.34
N GLY F 173 22.37 -53.31 -87.61
CA GLY F 173 23.67 -52.66 -87.70
C GLY F 173 23.97 -52.02 -89.03
N LYS F 174 23.30 -52.47 -90.09
CA LYS F 174 23.63 -51.99 -91.43
C LYS F 174 23.01 -50.63 -91.71
N GLN F 175 21.68 -50.53 -91.62
CA GLN F 175 20.98 -49.31 -91.98
C GLN F 175 21.04 -48.23 -90.90
N LEU F 176 21.47 -48.56 -89.69
CA LEU F 176 21.50 -47.60 -88.60
C LEU F 176 22.80 -46.81 -88.51
N ARG F 177 23.82 -47.18 -89.30
CA ARG F 177 25.07 -46.44 -89.24
C ARG F 177 24.93 -44.98 -89.68
N PRO F 178 24.38 -44.67 -90.86
CA PRO F 178 24.27 -43.25 -91.23
C PRO F 178 23.26 -42.50 -90.38
N LEU F 179 22.17 -43.16 -89.98
CA LEU F 179 21.18 -42.51 -89.12
C LEU F 179 21.80 -42.14 -87.78
N TYR F 180 22.56 -43.07 -87.18
CA TYR F 180 23.23 -42.80 -85.92
C TYR F 180 24.29 -41.72 -86.08
N GLU F 181 25.03 -41.74 -87.19
CA GLU F 181 26.05 -40.72 -87.41
C GLU F 181 25.41 -39.33 -87.51
N GLU F 182 24.30 -39.22 -88.25
CA GLU F 182 23.62 -37.94 -88.38
C GLU F 182 23.04 -37.49 -87.05
N TYR F 183 22.45 -38.41 -86.28
CA TYR F 183 21.95 -38.07 -84.96
C TYR F 183 23.07 -37.57 -84.06
N VAL F 184 24.22 -38.24 -84.07
CA VAL F 184 25.34 -37.85 -83.22
C VAL F 184 25.83 -36.46 -83.61
N VAL F 185 26.01 -36.23 -84.91
CA VAL F 185 26.56 -34.94 -85.35
C VAL F 185 25.57 -33.81 -85.08
N LEU F 186 24.27 -34.07 -85.24
CA LEU F 186 23.30 -33.01 -85.00
C LEU F 186 23.12 -32.72 -83.51
N LYS F 187 23.10 -33.75 -82.68
CA LYS F 187 23.05 -33.52 -81.24
C LYS F 187 24.31 -32.80 -80.76
N ASN F 188 25.46 -33.13 -81.34
CA ASN F 188 26.68 -32.43 -80.97
C ASN F 188 26.70 -30.98 -81.47
N GLU F 189 26.11 -30.72 -82.64
CA GLU F 189 25.98 -29.35 -83.11
C GLU F 189 25.07 -28.55 -82.20
N MET F 190 24.01 -29.18 -81.68
CA MET F 190 23.21 -28.54 -80.63
C MET F 190 24.01 -28.36 -79.35
N ALA F 191 24.95 -29.27 -79.07
CA ALA F 191 25.80 -29.12 -77.89
C ALA F 191 26.66 -27.87 -77.99
N ARG F 192 27.27 -27.63 -79.15
CA ARG F 192 27.87 -26.31 -79.38
C ARG F 192 26.84 -25.21 -79.29
N ALA F 193 25.63 -25.44 -79.81
CA ALA F 193 24.57 -24.46 -79.66
C ALA F 193 24.18 -24.27 -78.20
N ASN F 194 24.44 -25.27 -77.34
CA ASN F 194 24.21 -25.17 -75.91
C ASN F 194 25.47 -24.80 -75.14
N HIS F 195 26.48 -24.26 -75.82
CA HIS F 195 27.76 -23.88 -75.20
C HIS F 195 28.42 -25.07 -74.52
N TYR F 196 28.33 -26.23 -75.16
CA TYR F 196 28.99 -27.45 -74.68
C TYR F 196 29.88 -28.00 -75.78
N GLU F 197 31.07 -28.45 -75.41
CA GLU F 197 31.98 -29.04 -76.37
C GLU F 197 31.60 -30.47 -76.74
N ASP F 198 30.67 -31.08 -76.02
CA ASP F 198 30.27 -32.45 -76.32
C ASP F 198 28.88 -32.71 -75.75
N TYR F 199 28.19 -33.70 -76.33
CA TYR F 199 26.91 -34.15 -75.79
C TYR F 199 27.09 -34.92 -74.49
N GLY F 200 28.27 -35.50 -74.26
CA GLY F 200 28.54 -36.12 -72.97
C GLY F 200 28.47 -35.11 -71.84
N ASP F 201 28.87 -33.87 -72.12
CA ASP F 201 28.69 -32.80 -71.14
C ASP F 201 27.21 -32.56 -70.87
N TYR F 202 26.38 -32.63 -71.91
CA TYR F 202 24.94 -32.46 -71.72
C TYR F 202 24.37 -33.58 -70.85
N TRP F 203 24.82 -34.81 -71.06
CA TRP F 203 24.40 -35.90 -70.18
C TRP F 203 24.88 -35.68 -68.74
N ARG F 204 26.15 -35.29 -68.56
CA ARG F 204 26.74 -35.18 -67.24
C ARG F 204 26.33 -33.92 -66.50
N GLY F 205 25.63 -33.00 -67.16
CA GLY F 205 25.16 -31.80 -66.47
C GLY F 205 24.30 -32.09 -65.26
N ASP F 206 23.61 -33.23 -65.26
CA ASP F 206 22.84 -33.62 -64.08
C ASP F 206 23.75 -33.87 -62.89
N TYR F 207 24.89 -34.52 -63.12
CA TYR F 207 25.90 -34.70 -62.08
C TYR F 207 26.84 -33.50 -62.02
N GLU F 208 26.25 -32.31 -61.91
CA GLU F 208 27.02 -31.07 -61.88
C GLU F 208 26.26 -30.06 -61.04
N VAL F 209 26.92 -29.52 -60.02
CA VAL F 209 26.36 -28.49 -59.16
C VAL F 209 27.40 -27.41 -58.96
N ASN F 210 26.96 -26.15 -58.95
CA ASN F 210 27.83 -25.00 -58.73
C ASN F 210 27.28 -24.14 -57.59
N GLY F 211 26.87 -24.79 -56.50
CA GLY F 211 26.29 -24.11 -55.37
C GLY F 211 27.23 -23.95 -54.21
N VAL F 212 27.10 -24.81 -53.20
CA VAL F 212 27.92 -24.71 -51.99
C VAL F 212 29.38 -24.96 -52.35
N ASP F 213 30.25 -24.10 -51.85
CA ASP F 213 31.69 -24.27 -52.06
C ASP F 213 32.17 -25.55 -51.37
N GLY F 214 32.96 -26.34 -52.10
CA GLY F 214 33.41 -27.61 -51.63
C GLY F 214 32.49 -28.77 -51.95
N TYR F 215 31.24 -28.49 -52.30
CA TYR F 215 30.29 -29.50 -52.73
C TYR F 215 30.06 -29.49 -54.24
N ASP F 216 30.70 -28.57 -54.95
CA ASP F 216 30.55 -28.50 -56.40
C ASP F 216 31.22 -29.68 -57.08
N TYR F 217 30.76 -29.96 -58.30
CA TYR F 217 31.30 -31.06 -59.09
C TYR F 217 31.48 -30.59 -60.53
N SER F 218 32.42 -31.25 -61.23
CA SER F 218 32.74 -30.94 -62.61
C SER F 218 32.46 -32.14 -63.48
N ARG F 219 31.88 -31.90 -64.66
CA ARG F 219 31.53 -32.99 -65.57
C ARG F 219 32.78 -33.70 -66.09
N GLY F 220 33.84 -32.94 -66.39
CA GLY F 220 35.04 -33.55 -66.91
C GLY F 220 35.70 -34.50 -65.93
N GLN F 221 35.63 -34.18 -64.63
CA GLN F 221 36.22 -35.05 -63.62
C GLN F 221 35.46 -36.36 -63.49
N LEU F 222 34.14 -36.35 -63.76
CA LEU F 222 33.36 -37.58 -63.65
C LEU F 222 33.81 -38.63 -64.65
N ILE F 223 34.32 -38.19 -65.81
CA ILE F 223 34.78 -39.13 -66.83
C ILE F 223 35.88 -40.02 -66.26
N GLU F 224 36.84 -39.40 -65.55
CA GLU F 224 37.90 -40.18 -64.91
C GLU F 224 37.40 -40.89 -63.66
N ASP F 225 36.50 -40.24 -62.91
CA ASP F 225 36.02 -40.81 -61.65
C ASP F 225 35.22 -42.09 -61.86
N VAL F 226 34.59 -42.24 -63.03
CA VAL F 226 33.80 -43.45 -63.29
C VAL F 226 34.70 -44.69 -63.26
N GLU F 227 35.86 -44.61 -63.92
CA GLU F 227 36.83 -45.69 -63.87
C GLU F 227 37.72 -45.64 -62.63
N HIS F 228 37.73 -44.52 -61.90
CA HIS F 228 38.44 -44.49 -60.63
C HIS F 228 37.82 -45.46 -59.63
N THR F 229 36.49 -45.56 -59.64
CA THR F 229 35.77 -46.50 -58.79
C THR F 229 35.50 -47.83 -59.45
N PHE F 230 35.91 -48.00 -60.72
CA PHE F 230 35.62 -49.22 -61.46
C PHE F 230 36.78 -50.22 -61.44
N GLU F 231 38.01 -49.76 -61.28
CA GLU F 231 39.16 -50.66 -61.37
C GLU F 231 39.14 -51.70 -60.26
N GLU F 232 38.71 -51.30 -59.06
CA GLU F 232 38.79 -52.18 -57.90
C GLU F 232 37.93 -53.44 -58.04
N ILE F 233 36.87 -53.40 -58.85
CA ILE F 233 36.06 -54.59 -59.08
C ILE F 233 36.65 -55.50 -60.13
N LYS F 234 37.68 -55.06 -60.84
CA LYS F 234 38.27 -55.89 -61.89
C LYS F 234 38.83 -57.21 -61.37
N PRO F 235 39.60 -57.26 -60.26
CA PRO F 235 40.02 -58.58 -59.75
C PRO F 235 38.86 -59.50 -59.41
N LEU F 236 37.79 -58.97 -58.82
CA LEU F 236 36.65 -59.81 -58.48
C LEU F 236 35.89 -60.24 -59.74
N TYR F 237 35.56 -59.27 -60.61
CA TYR F 237 34.77 -59.57 -61.79
C TYR F 237 35.45 -60.62 -62.65
N GLU F 238 36.75 -60.44 -62.91
CA GLU F 238 37.52 -61.43 -63.65
C GLU F 238 37.32 -62.83 -63.07
N HIS F 239 37.39 -62.93 -61.73
CA HIS F 239 37.17 -64.20 -61.07
C HIS F 239 35.86 -64.83 -61.51
N LEU F 240 34.76 -64.06 -61.43
CA LEU F 240 33.48 -64.56 -61.91
C LEU F 240 33.58 -65.01 -63.36
N HIS F 241 34.18 -64.18 -64.21
CA HIS F 241 34.38 -64.56 -65.60
C HIS F 241 35.15 -65.88 -65.67
N ALA F 242 36.23 -65.98 -64.90
CA ALA F 242 36.97 -67.24 -64.85
C ALA F 242 36.05 -68.39 -64.48
N TYR F 243 35.25 -68.20 -63.42
CA TYR F 243 34.27 -69.22 -63.06
C TYR F 243 33.32 -69.47 -64.22
N VAL F 244 32.81 -68.40 -64.82
CA VAL F 244 32.00 -68.56 -66.02
C VAL F 244 32.79 -69.30 -67.08
N ARG F 245 34.03 -68.87 -67.31
CA ARG F 245 34.88 -69.57 -68.27
C ARG F 245 35.08 -71.02 -67.86
N ALA F 246 35.18 -71.27 -66.55
CA ALA F 246 35.25 -72.64 -66.07
C ALA F 246 34.04 -73.43 -66.52
N LYS F 247 32.85 -72.88 -66.30
CA LYS F 247 31.65 -73.59 -66.72
C LYS F 247 31.61 -73.78 -68.23
N LEU F 248 32.39 -73.00 -68.98
CA LEU F 248 32.52 -73.24 -70.41
C LEU F 248 33.00 -74.66 -70.68
N MET F 249 34.13 -75.05 -70.06
CA MET F 249 34.54 -76.43 -70.25
C MET F 249 33.79 -77.39 -69.33
N ASN F 250 32.79 -76.89 -68.61
CA ASN F 250 31.78 -77.74 -68.01
C ASN F 250 30.52 -77.83 -68.87
N ALA F 251 30.36 -76.93 -69.84
CA ALA F 251 29.21 -76.94 -70.74
C ALA F 251 29.60 -77.14 -72.19
N TYR F 252 30.55 -76.35 -72.70
CA TYR F 252 30.98 -76.42 -74.09
C TYR F 252 32.41 -76.94 -74.17
N PRO F 253 32.61 -78.22 -74.50
CA PRO F 253 33.98 -78.75 -74.57
C PRO F 253 34.68 -78.34 -75.85
N SER F 254 35.89 -77.81 -75.72
CA SER F 254 36.75 -77.45 -76.85
C SER F 254 36.09 -76.44 -77.79
N TYR F 255 35.29 -75.54 -77.24
CA TYR F 255 34.73 -74.42 -78.00
C TYR F 255 35.33 -73.07 -77.63
N ILE F 256 35.65 -72.86 -76.36
CA ILE F 256 36.30 -71.64 -75.90
C ILE F 256 37.57 -72.05 -75.15
N SER F 257 38.71 -71.54 -75.60
CA SER F 257 39.97 -71.89 -74.96
C SER F 257 40.05 -71.26 -73.57
N PRO F 258 40.71 -71.92 -72.62
CA PRO F 258 40.94 -71.29 -71.30
C PRO F 258 41.69 -69.98 -71.40
N ILE F 259 42.64 -69.86 -72.34
CA ILE F 259 43.34 -68.59 -72.53
C ILE F 259 42.36 -67.53 -73.04
N GLY F 260 41.45 -67.91 -73.94
CA GLY F 260 40.48 -66.98 -74.47
C GLY F 260 39.29 -66.81 -73.55
N CYS F 261 38.35 -65.99 -74.02
CA CYS F 261 37.12 -65.70 -73.29
C CYS F 261 35.91 -66.04 -74.16
N LEU F 262 34.75 -66.11 -73.52
CA LEU F 262 33.53 -66.52 -74.18
C LEU F 262 33.05 -65.45 -75.16
N PRO F 263 32.37 -65.86 -76.25
CA PRO F 263 31.91 -64.89 -77.24
C PRO F 263 30.72 -64.07 -76.76
N ALA F 264 30.19 -63.22 -77.65
CA ALA F 264 29.08 -62.35 -77.28
C ALA F 264 27.76 -63.10 -77.14
N HIS F 265 27.53 -64.12 -77.96
CA HIS F 265 26.25 -64.83 -77.94
C HIS F 265 26.15 -65.83 -76.80
N LEU F 266 27.24 -66.08 -76.07
CA LEU F 266 27.23 -67.04 -74.97
C LEU F 266 27.11 -66.36 -73.61
N LEU F 267 26.83 -65.05 -73.57
CA LEU F 267 26.67 -64.33 -72.33
C LEU F 267 25.24 -64.35 -71.81
N GLY F 268 24.32 -65.00 -72.52
CA GLY F 268 22.92 -65.01 -72.15
C GLY F 268 22.11 -63.86 -72.71
N ASP F 269 22.77 -62.82 -73.21
CA ASP F 269 22.11 -61.69 -73.84
C ASP F 269 22.89 -61.31 -75.10
N MET F 270 22.19 -60.68 -76.05
CA MET F 270 22.85 -60.24 -77.27
C MET F 270 23.92 -59.21 -76.97
N TRP F 271 23.64 -58.28 -76.06
CA TRP F 271 24.63 -57.30 -75.62
C TRP F 271 25.41 -57.77 -74.39
N GLY F 272 25.04 -58.92 -73.83
CA GLY F 272 25.72 -59.43 -72.66
C GLY F 272 25.58 -58.55 -71.43
N ARG F 273 24.42 -57.91 -71.26
CA ARG F 273 24.23 -57.03 -70.11
C ARG F 273 24.16 -57.84 -68.82
N PHE F 274 23.35 -58.89 -68.80
CA PHE F 274 23.12 -59.68 -67.60
C PHE F 274 23.39 -61.15 -67.87
N TRP F 275 23.96 -61.83 -66.87
CA TRP F 275 24.24 -63.25 -66.95
C TRP F 275 23.17 -64.09 -66.25
N THR F 276 21.95 -63.56 -66.12
CA THR F 276 20.87 -64.34 -65.53
C THR F 276 20.56 -65.58 -66.36
N ASN F 277 20.56 -65.43 -67.68
CA ASN F 277 20.40 -66.59 -68.56
C ASN F 277 21.55 -67.58 -68.38
N LEU F 278 22.78 -67.07 -68.25
CA LEU F 278 23.95 -67.90 -68.04
C LEU F 278 24.14 -68.30 -66.58
N TYR F 279 23.30 -67.80 -65.67
CA TYR F 279 23.44 -68.16 -64.26
C TYR F 279 23.20 -69.65 -64.03
N SER F 280 22.24 -70.23 -64.75
CA SER F 280 21.97 -71.66 -64.60
C SER F 280 23.18 -72.50 -64.97
N LEU F 281 23.89 -72.11 -66.03
CA LEU F 281 25.12 -72.81 -66.41
C LEU F 281 26.18 -72.65 -65.32
N THR F 282 26.27 -71.47 -64.72
CA THR F 282 27.31 -71.15 -63.74
C THR F 282 26.78 -71.20 -62.31
N VAL F 283 25.89 -72.13 -62.01
CA VAL F 283 25.39 -72.27 -60.65
C VAL F 283 26.52 -72.75 -59.74
N PRO F 284 26.71 -72.16 -58.56
CA PRO F 284 27.77 -72.62 -57.65
C PRO F 284 27.52 -74.02 -57.13
N PHE F 285 26.31 -74.25 -56.60
CA PHE F 285 25.95 -75.56 -56.05
C PHE F 285 24.45 -75.75 -56.24
N GLY F 286 24.08 -76.60 -57.19
CA GLY F 286 22.68 -76.88 -57.43
C GLY F 286 22.05 -77.83 -56.43
N GLN F 287 22.85 -78.41 -55.53
CA GLN F 287 22.30 -79.30 -54.51
C GLN F 287 21.39 -78.53 -53.56
N LYS F 288 21.79 -77.33 -53.17
CA LYS F 288 20.99 -76.52 -52.25
C LYS F 288 20.13 -75.55 -53.04
N PRO F 289 18.81 -75.62 -52.95
CA PRO F 289 17.96 -74.70 -53.70
C PRO F 289 17.99 -73.30 -53.11
N ASN F 290 17.56 -72.34 -53.93
CA ASN F 290 17.49 -70.96 -53.49
C ASN F 290 16.33 -70.77 -52.51
N ILE F 291 16.41 -69.70 -51.74
CA ILE F 291 15.39 -69.40 -50.73
C ILE F 291 14.19 -68.77 -51.43
N ASP F 292 13.05 -69.44 -51.38
CA ASP F 292 11.84 -68.95 -52.02
C ASP F 292 10.64 -69.59 -51.35
N VAL F 293 9.68 -68.77 -50.92
CA VAL F 293 8.50 -69.25 -50.22
C VAL F 293 7.25 -68.85 -50.99
N THR F 294 7.35 -68.80 -52.32
CA THR F 294 6.18 -68.53 -53.14
C THR F 294 5.11 -69.60 -52.94
N ASP F 295 5.53 -70.86 -52.81
CA ASP F 295 4.58 -71.92 -52.48
C ASP F 295 3.96 -71.68 -51.11
N ALA F 296 4.75 -71.23 -50.15
CA ALA F 296 4.19 -70.86 -48.85
C ALA F 296 3.22 -69.70 -48.98
N MET F 297 3.53 -68.73 -49.84
CA MET F 297 2.61 -67.62 -50.09
C MET F 297 1.28 -68.13 -50.65
N VAL F 298 1.34 -69.11 -51.56
CA VAL F 298 0.12 -69.71 -52.08
C VAL F 298 -0.65 -70.42 -50.97
N ASP F 299 0.07 -71.17 -50.12
CA ASP F 299 -0.58 -71.82 -48.98
C ASP F 299 -1.12 -70.78 -48.00
N GLN F 300 -0.37 -69.70 -47.78
CA GLN F 300 -0.80 -68.63 -46.90
C GLN F 300 -1.87 -67.74 -47.52
N ALA F 301 -2.17 -67.93 -48.81
CA ALA F 301 -3.19 -67.15 -49.52
C ALA F 301 -2.89 -65.66 -49.46
N TRP F 302 -1.63 -65.31 -49.61
CA TRP F 302 -1.20 -63.91 -49.62
C TRP F 302 -1.46 -63.33 -51.01
N ASP F 303 -2.62 -62.71 -51.17
CA ASP F 303 -2.99 -62.13 -52.46
C ASP F 303 -2.30 -60.78 -52.63
N ALA F 304 -2.73 -60.02 -53.65
CA ALA F 304 -2.13 -58.71 -53.89
C ALA F 304 -2.37 -57.76 -52.73
N GLN F 305 -3.58 -57.77 -52.18
CA GLN F 305 -3.89 -56.87 -51.06
C GLN F 305 -3.07 -57.22 -49.84
N ARG F 306 -2.95 -58.51 -49.52
CA ARG F 306 -2.15 -58.92 -48.37
C ARG F 306 -0.67 -58.61 -48.60
N ILE F 307 -0.18 -58.81 -49.82
CA ILE F 307 1.22 -58.50 -50.12
C ILE F 307 1.48 -57.01 -49.94
N PHE F 308 0.57 -56.17 -50.45
CA PHE F 308 0.72 -54.72 -50.27
C PHE F 308 0.65 -54.32 -48.81
N LYS F 309 -0.25 -54.95 -48.05
CA LYS F 309 -0.36 -54.63 -46.63
C LYS F 309 0.90 -55.03 -45.86
N GLU F 310 1.47 -56.19 -46.18
CA GLU F 310 2.70 -56.61 -45.53
C GLU F 310 3.87 -55.70 -45.92
N ALA F 311 3.90 -55.26 -47.18
CA ALA F 311 4.92 -54.31 -47.59
C ALA F 311 4.77 -52.99 -46.84
N GLU F 312 3.52 -52.53 -46.66
CA GLU F 312 3.29 -51.31 -45.89
C GLU F 312 3.71 -51.48 -44.44
N LYS F 313 3.48 -52.67 -43.87
CA LYS F 313 3.93 -52.95 -42.51
C LYS F 313 5.46 -52.88 -42.42
N PHE F 314 6.14 -53.44 -43.42
CA PHE F 314 7.60 -53.34 -43.46
C PHE F 314 8.04 -51.89 -43.57
N PHE F 315 7.34 -51.10 -44.39
CA PHE F 315 7.66 -49.67 -44.52
C PHE F 315 7.50 -48.96 -43.19
N VAL F 316 6.42 -49.26 -42.45
CA VAL F 316 6.21 -48.67 -41.14
C VAL F 316 7.32 -49.08 -40.17
N SER F 317 7.70 -50.36 -40.21
CA SER F 317 8.79 -50.83 -39.35
C SER F 317 10.11 -50.14 -39.68
N VAL F 318 10.32 -49.81 -40.96
CA VAL F 318 11.52 -49.07 -41.34
C VAL F 318 11.53 -47.69 -40.69
N GLY F 319 10.39 -47.00 -40.72
CA GLY F 319 10.28 -45.68 -40.13
C GLY F 319 9.56 -44.70 -41.01
N LEU F 320 9.21 -45.13 -42.22
CA LEU F 320 8.49 -44.26 -43.14
C LEU F 320 7.03 -44.12 -42.70
N PRO F 321 6.39 -42.98 -43.00
CA PRO F 321 5.01 -42.78 -42.57
C PRO F 321 4.04 -43.69 -43.29
N ASN F 322 2.85 -43.81 -42.71
CA ASN F 322 1.81 -44.67 -43.26
C ASN F 322 1.29 -44.12 -44.59
N MET F 323 0.71 -45.02 -45.38
CA MET F 323 0.22 -44.65 -46.70
C MET F 323 -1.01 -43.75 -46.58
N THR F 324 -1.12 -42.80 -47.51
CA THR F 324 -2.22 -41.85 -47.49
C THR F 324 -3.52 -42.50 -47.94
N GLN F 325 -4.62 -41.82 -47.67
CA GLN F 325 -5.95 -42.30 -48.04
C GLN F 325 -6.33 -41.83 -49.43
N GLY F 326 -7.12 -42.64 -50.12
CA GLY F 326 -7.53 -42.38 -51.49
C GLY F 326 -6.63 -43.01 -52.54
N PHE F 327 -5.40 -43.37 -52.17
CA PHE F 327 -4.52 -44.08 -53.10
C PHE F 327 -5.07 -45.46 -53.44
N TRP F 328 -5.67 -46.14 -52.47
CA TRP F 328 -6.22 -47.47 -52.72
C TRP F 328 -7.35 -47.45 -53.74
N GLU F 329 -8.01 -46.31 -53.92
CA GLU F 329 -9.10 -46.18 -54.87
C GLU F 329 -8.63 -45.67 -56.24
N ASN F 330 -7.74 -44.67 -56.26
CA ASN F 330 -7.34 -44.08 -57.52
C ASN F 330 -6.36 -44.97 -58.28
N SER F 331 -5.52 -45.71 -57.57
CA SER F 331 -4.46 -46.50 -58.19
C SER F 331 -4.93 -47.93 -58.43
N MET F 332 -4.74 -48.42 -59.65
CA MET F 332 -5.01 -49.82 -59.95
C MET F 332 -3.95 -50.70 -59.32
N LEU F 333 -4.35 -51.92 -58.97
CA LEU F 333 -3.47 -52.82 -58.24
C LEU F 333 -3.15 -54.10 -58.98
N THR F 334 -4.15 -54.80 -59.52
CA THR F 334 -3.92 -56.14 -60.04
C THR F 334 -5.04 -56.52 -60.99
N ASP F 335 -4.68 -57.28 -62.03
CA ASP F 335 -5.64 -57.98 -62.89
C ASP F 335 -6.63 -57.05 -63.57
N PRO F 336 -6.20 -56.30 -64.59
CA PRO F 336 -7.17 -55.51 -65.37
C PRO F 336 -8.30 -56.37 -65.94
N GLY F 337 -7.97 -57.58 -66.40
CA GLY F 337 -8.99 -58.57 -66.71
C GLY F 337 -9.64 -58.46 -68.07
N ASN F 338 -10.85 -57.89 -68.09
CA ASN F 338 -11.69 -57.86 -69.28
C ASN F 338 -11.23 -56.80 -70.27
N VAL F 339 -12.11 -56.47 -71.24
CA VAL F 339 -11.83 -55.44 -72.24
C VAL F 339 -11.32 -54.16 -71.61
N GLN F 340 -11.63 -53.94 -70.33
CA GLN F 340 -11.06 -52.83 -69.58
C GLN F 340 -9.59 -53.14 -69.29
N LYS F 341 -8.76 -53.03 -70.31
CA LYS F 341 -7.35 -53.41 -70.20
C LYS F 341 -6.53 -52.27 -69.62
N ALA F 342 -5.42 -52.63 -68.99
CA ALA F 342 -4.52 -51.66 -68.37
C ALA F 342 -3.11 -52.20 -68.44
N VAL F 343 -2.21 -51.42 -69.04
CA VAL F 343 -0.79 -51.76 -68.99
C VAL F 343 -0.34 -51.76 -67.53
N CYS F 344 0.37 -52.79 -67.13
CA CYS F 344 0.80 -52.94 -65.74
C CYS F 344 2.32 -53.12 -65.65
N HIS F 345 3.06 -52.38 -66.45
CA HIS F 345 4.50 -52.28 -66.26
C HIS F 345 4.76 -51.58 -64.93
N PRO F 346 5.56 -52.16 -64.03
CA PRO F 346 5.71 -51.58 -62.69
C PRO F 346 6.15 -50.13 -62.72
N THR F 347 5.26 -49.23 -62.30
CA THR F 347 5.52 -47.80 -62.33
C THR F 347 4.91 -47.14 -61.10
N ALA F 348 5.53 -46.05 -60.68
CA ALA F 348 5.02 -45.18 -59.62
C ALA F 348 4.70 -43.83 -60.25
N TRP F 349 3.44 -43.40 -60.12
CA TRP F 349 2.96 -42.18 -60.74
C TRP F 349 2.91 -41.07 -59.70
N ASP F 350 3.70 -40.02 -59.92
CA ASP F 350 3.68 -38.82 -59.10
C ASP F 350 2.90 -37.77 -59.89
N LEU F 351 1.58 -37.81 -59.77
CA LEU F 351 0.71 -36.92 -60.53
C LEU F 351 0.79 -35.48 -60.07
N GLY F 352 1.35 -35.21 -58.90
CA GLY F 352 1.39 -33.87 -58.36
C GLY F 352 0.11 -33.52 -57.65
N LYS F 353 0.12 -32.33 -57.04
CA LYS F 353 -1.01 -31.84 -56.23
C LYS F 353 -1.37 -32.85 -55.14
N GLY F 354 -0.35 -33.45 -54.55
CA GLY F 354 -0.57 -34.45 -53.52
C GLY F 354 -1.27 -35.71 -54.00
N ASP F 355 -0.88 -36.21 -55.17
CA ASP F 355 -1.47 -37.43 -55.72
C ASP F 355 -0.36 -38.38 -56.11
N PHE F 356 -0.44 -39.61 -55.61
CA PHE F 356 0.55 -40.65 -55.89
C PHE F 356 -0.17 -41.97 -56.11
N ARG F 357 0.26 -42.71 -57.14
CA ARG F 357 -0.43 -43.93 -57.52
C ARG F 357 0.60 -44.98 -57.92
N ILE F 358 0.16 -46.25 -57.94
CA ILE F 358 1.02 -47.37 -58.29
C ILE F 358 0.39 -48.11 -59.45
N LEU F 359 1.21 -48.77 -60.25
CA LEU F 359 0.70 -49.49 -61.42
C LEU F 359 1.56 -50.74 -61.65
N MET F 360 0.95 -51.90 -61.45
CA MET F 360 1.63 -53.18 -61.65
C MET F 360 0.58 -54.29 -61.75
N CYS F 361 1.06 -55.48 -62.08
CA CYS F 361 0.29 -56.72 -61.97
C CYS F 361 0.88 -57.51 -60.80
N THR F 362 0.40 -57.23 -59.59
CA THR F 362 0.88 -57.94 -58.41
C THR F 362 0.30 -59.34 -58.38
N LYS F 363 1.16 -60.33 -58.18
CA LYS F 363 0.76 -61.74 -58.13
C LYS F 363 1.35 -62.37 -56.87
N VAL F 364 1.06 -63.65 -56.68
CA VAL F 364 1.56 -64.40 -55.52
C VAL F 364 2.94 -64.90 -55.91
N THR F 365 3.94 -64.05 -55.72
CA THR F 365 5.32 -64.36 -56.10
C THR F 365 6.26 -63.47 -55.30
N MET F 366 7.41 -64.03 -54.93
CA MET F 366 8.44 -63.25 -54.24
C MET F 366 8.97 -62.14 -55.14
N ASP F 367 9.08 -62.40 -56.44
CA ASP F 367 9.48 -61.35 -57.37
C ASP F 367 8.49 -60.20 -57.37
N ASP F 368 7.19 -60.51 -57.36
CA ASP F 368 6.19 -59.46 -57.26
C ASP F 368 6.21 -58.79 -55.90
N PHE F 369 6.60 -59.52 -54.85
CA PHE F 369 6.80 -58.91 -53.54
C PHE F 369 7.89 -57.84 -53.61
N LEU F 370 9.03 -58.18 -54.20
CA LEU F 370 10.12 -57.22 -54.35
C LEU F 370 9.71 -56.06 -55.24
N THR F 371 8.94 -56.33 -56.31
CA THR F 371 8.50 -55.27 -57.20
C THR F 371 7.56 -54.30 -56.48
N ALA F 372 6.63 -54.83 -55.68
CA ALA F 372 5.73 -53.97 -54.91
C ALA F 372 6.51 -53.14 -53.91
N HIS F 373 7.51 -53.75 -53.24
CA HIS F 373 8.35 -52.99 -52.33
C HIS F 373 9.10 -51.88 -53.06
N HIS F 374 9.62 -52.18 -54.25
CA HIS F 374 10.36 -51.19 -55.03
C HIS F 374 9.47 -50.01 -55.41
N GLU F 375 8.26 -50.29 -55.91
CA GLU F 375 7.39 -49.20 -56.34
C GLU F 375 6.82 -48.43 -55.16
N MET F 376 6.57 -49.09 -54.03
CA MET F 376 6.17 -48.34 -52.84
C MET F 376 7.31 -47.47 -52.30
N GLY F 377 8.55 -47.94 -52.42
CA GLY F 377 9.67 -47.08 -52.10
C GLY F 377 9.78 -45.89 -53.03
N HIS F 378 9.48 -46.10 -54.32
CA HIS F 378 9.41 -44.99 -55.26
C HIS F 378 8.34 -43.99 -54.84
N ILE F 379 7.17 -44.48 -54.43
CA ILE F 379 6.10 -43.61 -53.96
C ILE F 379 6.52 -42.83 -52.72
N GLN F 380 7.18 -43.51 -51.78
CA GLN F 380 7.64 -42.84 -50.56
C GLN F 380 8.66 -41.76 -50.89
N TYR F 381 9.58 -42.05 -51.82
CA TYR F 381 10.54 -41.03 -52.24
C TYR F 381 9.84 -39.86 -52.92
N ASP F 382 8.82 -40.15 -53.73
CA ASP F 382 8.05 -39.09 -54.37
C ASP F 382 7.39 -38.19 -53.35
N MET F 383 6.81 -38.78 -52.31
CA MET F 383 6.25 -37.98 -51.22
C MET F 383 7.33 -37.23 -50.45
N ALA F 384 8.56 -37.78 -50.42
CA ALA F 384 9.62 -37.18 -49.61
C ALA F 384 9.97 -35.78 -50.10
N TYR F 385 10.09 -35.59 -51.41
CA TYR F 385 10.39 -34.28 -51.98
C TYR F 385 9.13 -33.56 -52.47
N ALA F 386 7.96 -33.93 -51.93
CA ALA F 386 6.74 -33.22 -52.29
C ALA F 386 6.78 -31.78 -51.79
N ALA F 387 7.37 -31.55 -50.61
CA ALA F 387 7.48 -30.21 -50.06
C ALA F 387 8.35 -29.30 -50.91
N GLN F 388 9.21 -29.85 -51.74
CA GLN F 388 10.02 -29.05 -52.63
C GLN F 388 9.15 -28.39 -53.70
N PRO F 389 9.59 -27.27 -54.28
CA PRO F 389 8.79 -26.62 -55.32
C PRO F 389 8.62 -27.52 -56.54
N PHE F 390 7.64 -27.16 -57.37
CA PHE F 390 7.27 -28.00 -58.51
C PHE F 390 8.46 -28.25 -59.45
N LEU F 391 9.35 -27.27 -59.58
CA LEU F 391 10.53 -27.44 -60.42
C LEU F 391 11.69 -28.12 -59.70
N LEU F 392 11.53 -28.43 -58.41
CA LEU F 392 12.54 -29.14 -57.64
C LEU F 392 12.01 -30.44 -57.04
N ARG F 393 10.93 -30.98 -57.60
CA ARG F 393 10.31 -32.20 -57.08
C ARG F 393 10.91 -33.42 -57.78
N ASN F 394 12.23 -33.57 -57.61
CA ASN F 394 12.96 -34.72 -58.13
C ASN F 394 14.15 -34.98 -57.22
N GLY F 395 14.84 -36.08 -57.47
CA GLY F 395 16.04 -36.39 -56.73
C GLY F 395 17.19 -35.50 -57.13
N ALA F 396 18.26 -35.58 -56.33
CA ALA F 396 19.47 -34.81 -56.64
C ALA F 396 20.07 -35.23 -57.96
N ASN F 397 20.09 -36.54 -58.22
CA ASN F 397 20.45 -37.06 -59.54
C ASN F 397 19.47 -38.16 -59.91
N GLU F 398 19.44 -38.49 -61.20
CA GLU F 398 18.49 -39.47 -61.69
C GLU F 398 18.70 -40.85 -61.08
N GLY F 399 19.95 -41.17 -60.71
CA GLY F 399 20.23 -42.48 -60.15
C GLY F 399 19.71 -42.68 -58.74
N PHE F 400 19.50 -41.58 -58.01
CA PHE F 400 19.00 -41.69 -56.65
C PHE F 400 17.61 -42.29 -56.60
N HIS F 401 16.76 -41.97 -57.58
CA HIS F 401 15.41 -42.53 -57.62
C HIS F 401 15.46 -44.06 -57.66
N GLU F 402 16.20 -44.61 -58.61
CA GLU F 402 16.30 -46.06 -58.72
C GLU F 402 17.05 -46.68 -57.55
N ALA F 403 18.04 -45.97 -57.00
CA ALA F 403 18.76 -46.50 -55.84
C ALA F 403 17.83 -46.64 -54.65
N VAL F 404 17.03 -45.60 -54.38
CA VAL F 404 16.07 -45.65 -53.28
C VAL F 404 15.03 -46.74 -53.53
N GLY F 405 14.60 -46.88 -54.78
CA GLY F 405 13.67 -47.95 -55.10
C GLY F 405 14.24 -49.34 -54.84
N GLU F 406 15.49 -49.56 -55.20
CA GLU F 406 16.09 -50.88 -55.13
C GLU F 406 16.68 -51.23 -53.77
N ILE F 407 16.91 -50.24 -52.90
CA ILE F 407 17.44 -50.53 -51.57
C ILE F 407 16.50 -51.46 -50.81
N MET F 408 15.21 -51.11 -50.81
CA MET F 408 14.23 -51.92 -50.07
C MET F 408 13.98 -53.26 -50.74
N SER F 409 14.10 -53.33 -52.07
CA SER F 409 14.03 -54.61 -52.76
C SER F 409 15.18 -55.52 -52.35
N LEU F 410 16.38 -54.96 -52.21
CA LEU F 410 17.51 -55.72 -51.70
C LEU F 410 17.27 -56.15 -50.25
N SER F 411 16.68 -55.27 -49.45
CA SER F 411 16.47 -55.57 -48.04
C SER F 411 15.25 -56.44 -47.78
N ALA F 412 14.36 -56.60 -48.76
CA ALA F 412 13.14 -57.37 -48.57
C ALA F 412 13.34 -58.87 -48.81
N ALA F 413 14.48 -59.28 -49.34
CA ALA F 413 14.75 -60.68 -49.62
C ALA F 413 15.52 -61.37 -48.49
N THR F 414 15.79 -60.66 -47.40
CA THR F 414 16.54 -61.25 -46.30
C THR F 414 15.72 -62.35 -45.63
N PRO F 415 16.33 -63.50 -45.33
CA PRO F 415 15.58 -64.59 -44.68
C PRO F 415 15.00 -64.20 -43.33
N LYS F 416 15.69 -63.33 -42.58
CA LYS F 416 15.18 -62.95 -41.26
C LYS F 416 13.87 -62.18 -41.38
N HIS F 417 13.77 -61.28 -42.36
CA HIS F 417 12.53 -60.54 -42.56
C HIS F 417 11.40 -61.46 -42.98
N LEU F 418 11.68 -62.42 -43.88
CA LEU F 418 10.65 -63.36 -44.31
C LEU F 418 10.18 -64.22 -43.14
N LYS F 419 11.11 -64.68 -42.30
CA LYS F 419 10.74 -65.47 -41.13
C LYS F 419 9.96 -64.65 -40.12
N SER F 420 10.26 -63.35 -40.02
CA SER F 420 9.55 -62.49 -39.08
C SER F 420 8.09 -62.35 -39.47
N ILE F 421 7.79 -62.25 -40.76
CA ILE F 421 6.43 -62.05 -41.24
C ILE F 421 5.79 -63.40 -41.52
N GLY F 422 6.43 -64.47 -41.08
CA GLY F 422 5.89 -65.80 -41.23
C GLY F 422 6.04 -66.44 -42.58
N LEU F 423 6.75 -65.78 -43.51
CA LEU F 423 6.96 -66.37 -44.83
C LEU F 423 7.80 -67.64 -44.74
N LEU F 424 8.81 -67.64 -43.89
CA LEU F 424 9.66 -68.80 -43.68
C LEU F 424 9.23 -69.57 -42.44
N SER F 425 9.61 -70.84 -42.39
CA SER F 425 9.30 -71.68 -41.24
C SER F 425 10.08 -71.20 -40.02
N PRO F 426 9.51 -71.37 -38.83
CA PRO F 426 10.25 -70.96 -37.61
C PRO F 426 11.52 -71.75 -37.37
N ASP F 427 11.67 -72.92 -37.99
CA ASP F 427 12.84 -73.78 -37.80
C ASP F 427 13.63 -73.92 -39.09
N PHE F 428 13.83 -72.82 -39.80
CA PHE F 428 14.61 -72.80 -41.03
C PHE F 428 16.02 -72.33 -40.74
N GLN F 429 17.01 -73.08 -41.23
CA GLN F 429 18.41 -72.74 -41.04
C GLN F 429 19.15 -72.91 -42.36
N GLU F 430 20.05 -71.97 -42.65
CA GLU F 430 20.87 -72.01 -43.86
C GLU F 430 22.31 -72.40 -43.48
N ASP F 431 23.19 -72.38 -44.48
CA ASP F 431 24.59 -72.69 -44.27
C ASP F 431 25.41 -71.90 -45.29
N ASN F 432 26.69 -72.26 -45.41
CA ASN F 432 27.59 -71.52 -46.30
C ASN F 432 27.31 -71.80 -47.77
N GLU F 433 26.83 -73.00 -48.09
CA GLU F 433 26.62 -73.37 -49.49
C GLU F 433 25.55 -72.49 -50.14
N THR F 434 24.38 -72.40 -49.51
CA THR F 434 23.31 -71.58 -50.07
C THR F 434 23.65 -70.10 -50.00
N GLU F 435 24.41 -69.69 -48.98
CA GLU F 435 24.85 -68.29 -48.92
C GLU F 435 25.74 -67.95 -50.10
N ILE F 436 26.69 -68.82 -50.42
CA ILE F 436 27.56 -68.59 -51.57
C ILE F 436 26.77 -68.62 -52.86
N ASN F 437 25.82 -69.55 -52.97
CA ASN F 437 24.97 -69.62 -54.16
C ASN F 437 24.21 -68.32 -54.36
N PHE F 438 23.58 -67.81 -53.29
CA PHE F 438 22.82 -66.58 -53.38
C PHE F 438 23.73 -65.39 -53.69
N LEU F 439 24.92 -65.36 -53.09
CA LEU F 439 25.85 -64.27 -53.35
C LEU F 439 26.29 -64.25 -54.81
N LEU F 440 26.59 -65.42 -55.37
CA LEU F 440 26.96 -65.49 -56.79
C LEU F 440 25.79 -65.11 -57.68
N LYS F 441 24.58 -65.55 -57.33
CA LYS F 441 23.40 -65.18 -58.11
C LYS F 441 23.20 -63.67 -58.11
N GLN F 442 23.36 -63.03 -56.95
CA GLN F 442 23.21 -61.58 -56.89
C GLN F 442 24.33 -60.88 -57.65
N ALA F 443 25.55 -61.38 -57.56
CA ALA F 443 26.68 -60.73 -58.23
C ALA F 443 26.58 -60.84 -59.74
N LEU F 444 26.06 -61.96 -60.26
CA LEU F 444 25.96 -62.13 -61.70
C LEU F 444 25.09 -61.06 -62.35
N THR F 445 24.16 -60.49 -61.61
CA THR F 445 23.32 -59.39 -62.09
C THR F 445 23.82 -58.03 -61.64
N ILE F 446 24.44 -57.94 -60.46
CA ILE F 446 24.90 -56.66 -59.93
C ILE F 446 26.20 -56.24 -60.59
N VAL F 447 27.26 -57.04 -60.41
CA VAL F 447 28.56 -56.70 -60.97
C VAL F 447 28.76 -57.30 -62.35
N GLY F 448 27.86 -58.17 -62.81
CA GLY F 448 27.97 -58.73 -64.15
C GLY F 448 27.65 -57.76 -65.27
N THR F 449 27.17 -56.56 -64.93
CA THR F 449 26.86 -55.54 -65.93
C THR F 449 27.71 -54.29 -65.77
N LEU F 450 28.43 -54.13 -64.66
CA LEU F 450 29.20 -52.91 -64.43
C LEU F 450 30.28 -52.68 -65.49
N PRO F 451 31.13 -53.65 -65.85
CA PRO F 451 32.11 -53.37 -66.92
C PRO F 451 31.46 -53.03 -68.25
N PHE F 452 30.39 -53.73 -68.62
CA PHE F 452 29.71 -53.43 -69.88
C PHE F 452 29.13 -52.02 -69.86
N THR F 453 28.51 -51.64 -68.75
CA THR F 453 27.95 -50.30 -68.64
C THR F 453 29.05 -49.24 -68.71
N TYR F 454 30.16 -49.46 -68.01
CA TYR F 454 31.27 -48.52 -68.05
C TYR F 454 31.82 -48.37 -69.45
N MET F 455 32.07 -49.48 -70.15
CA MET F 455 32.66 -49.38 -71.47
C MET F 455 31.70 -48.76 -72.48
N LEU F 456 30.41 -49.09 -72.39
CA LEU F 456 29.44 -48.47 -73.28
C LEU F 456 29.34 -46.97 -73.04
N GLU F 457 29.31 -46.55 -71.76
CA GLU F 457 29.24 -45.13 -71.46
C GLU F 457 30.47 -44.39 -71.97
N LYS F 458 31.66 -44.95 -71.74
CA LYS F 458 32.88 -44.29 -72.19
C LYS F 458 32.95 -44.22 -73.71
N TRP F 459 32.56 -45.30 -74.39
CA TRP F 459 32.58 -45.30 -75.85
C TRP F 459 31.57 -44.32 -76.42
N ARG F 460 30.39 -44.22 -75.80
CA ARG F 460 29.41 -43.23 -76.25
C ARG F 460 29.94 -41.81 -76.04
N TRP F 461 30.59 -41.57 -74.90
CA TRP F 461 31.19 -40.27 -74.65
C TRP F 461 32.23 -39.94 -75.71
N MET F 462 33.07 -40.91 -76.05
CA MET F 462 34.13 -40.65 -77.03
C MET F 462 33.57 -40.45 -78.44
N VAL F 463 32.60 -41.27 -78.84
CA VAL F 463 32.02 -41.14 -80.18
C VAL F 463 31.23 -39.84 -80.29
N PHE F 464 30.65 -39.36 -79.20
CA PHE F 464 30.04 -38.04 -79.22
C PHE F 464 31.10 -36.96 -79.31
N LYS F 465 32.21 -37.12 -78.59
CA LYS F 465 33.31 -36.17 -78.68
C LYS F 465 34.10 -36.31 -79.98
N GLY F 466 33.98 -37.44 -80.66
CA GLY F 466 34.63 -37.62 -81.94
C GLY F 466 36.10 -37.93 -81.89
N GLU F 467 36.57 -38.57 -80.82
CA GLU F 467 37.98 -38.97 -80.77
C GLU F 467 38.31 -40.01 -81.83
N ILE F 468 37.43 -40.99 -82.01
CA ILE F 468 37.61 -42.02 -83.03
C ILE F 468 37.01 -41.53 -84.34
N PRO F 469 37.69 -41.72 -85.48
CA PRO F 469 37.14 -41.27 -86.75
C PRO F 469 36.00 -42.15 -87.23
N LYS F 470 35.49 -41.89 -88.44
CA LYS F 470 34.36 -42.62 -88.96
C LYS F 470 34.68 -44.10 -89.22
N ASP F 471 35.97 -44.46 -89.23
CA ASP F 471 36.35 -45.84 -89.52
C ASP F 471 36.25 -46.71 -88.28
N GLN F 472 37.01 -46.39 -87.24
CA GLN F 472 37.07 -47.25 -86.05
C GLN F 472 36.05 -46.79 -85.01
N TRP F 473 34.79 -46.96 -85.36
CA TRP F 473 33.69 -46.75 -84.41
C TRP F 473 33.37 -48.04 -83.68
N MET F 474 32.98 -49.08 -84.42
CA MET F 474 32.71 -50.37 -83.81
C MET F 474 34.00 -51.12 -83.46
N LYS F 475 35.01 -51.05 -84.34
CA LYS F 475 36.21 -51.86 -84.17
C LYS F 475 36.88 -51.57 -82.83
N LYS F 476 37.10 -50.29 -82.53
CA LYS F 476 37.62 -49.93 -81.22
C LYS F 476 36.66 -50.42 -80.13
N TRP F 477 35.37 -50.14 -80.29
CA TRP F 477 34.35 -50.82 -79.52
C TRP F 477 34.67 -52.30 -79.38
N TRP F 478 34.77 -53.00 -80.50
CA TRP F 478 34.89 -54.45 -80.47
C TRP F 478 36.27 -54.91 -80.02
N GLU F 479 37.22 -53.99 -79.79
CA GLU F 479 38.41 -54.38 -79.06
C GLU F 479 38.35 -53.98 -77.60
N MET F 480 37.71 -52.85 -77.28
CA MET F 480 37.63 -52.43 -75.88
C MET F 480 36.87 -53.45 -75.04
N LYS F 481 35.76 -53.97 -75.58
CA LYS F 481 35.00 -55.00 -74.89
C LYS F 481 35.85 -56.23 -74.60
N ARG F 482 36.94 -56.41 -75.34
CA ARG F 482 37.84 -57.53 -75.07
C ARG F 482 38.51 -57.38 -73.70
N GLU F 483 38.94 -56.17 -73.35
CA GLU F 483 39.66 -56.00 -72.09
C GLU F 483 38.74 -55.73 -70.91
N ILE F 484 37.67 -54.96 -71.11
CA ILE F 484 36.82 -54.54 -70.00
C ILE F 484 35.80 -55.62 -69.66
N VAL F 485 35.17 -56.22 -70.67
CA VAL F 485 34.12 -57.21 -70.47
C VAL F 485 34.63 -58.62 -70.71
N GLY F 486 35.46 -58.82 -71.74
CA GLY F 486 35.91 -60.14 -72.10
C GLY F 486 35.03 -60.78 -73.15
N VAL F 487 34.84 -60.09 -74.27
CA VAL F 487 33.97 -60.55 -75.34
C VAL F 487 34.79 -60.63 -76.63
N VAL F 488 34.68 -61.77 -77.31
CA VAL F 488 35.31 -61.96 -78.61
C VAL F 488 34.23 -62.09 -79.67
N GLU F 489 34.63 -61.84 -80.92
CA GLU F 489 33.70 -61.85 -82.05
C GLU F 489 33.62 -63.25 -82.65
N PRO F 490 32.48 -63.92 -82.58
CA PRO F 490 32.34 -65.21 -83.29
C PRO F 490 32.53 -65.09 -84.79
N VAL F 491 32.07 -63.99 -85.39
CA VAL F 491 32.26 -63.74 -86.81
C VAL F 491 32.69 -62.30 -87.02
N PRO F 492 33.49 -62.05 -88.06
CA PRO F 492 34.02 -60.70 -88.27
C PRO F 492 32.97 -59.73 -88.80
N HIS F 493 33.09 -58.47 -88.39
CA HIS F 493 32.32 -57.37 -88.95
C HIS F 493 33.25 -56.16 -89.03
N ASP F 494 33.47 -55.65 -90.24
CA ASP F 494 34.48 -54.61 -90.42
C ASP F 494 33.91 -53.20 -90.35
N GLU F 495 33.06 -52.83 -91.32
CA GLU F 495 32.56 -51.46 -91.38
C GLU F 495 31.09 -51.32 -91.72
N THR F 496 30.42 -52.35 -92.22
CA THR F 496 29.06 -52.20 -92.71
C THR F 496 28.01 -52.48 -91.64
N TYR F 497 28.42 -52.70 -90.39
CA TYR F 497 27.50 -52.95 -89.30
C TYR F 497 27.73 -51.93 -88.19
N CYS F 498 26.73 -51.78 -87.33
CA CYS F 498 26.80 -50.91 -86.15
C CYS F 498 26.17 -51.67 -84.99
N ASP F 499 26.98 -52.45 -84.29
CA ASP F 499 26.49 -53.23 -83.15
C ASP F 499 25.94 -52.36 -82.03
N PRO F 500 26.59 -51.27 -81.59
CA PRO F 500 25.97 -50.42 -80.56
C PRO F 500 24.65 -49.84 -80.98
N ALA F 501 24.44 -49.60 -82.29
CA ALA F 501 23.15 -49.10 -82.74
C ALA F 501 22.02 -50.08 -82.47
N SER F 502 22.34 -51.38 -82.40
CA SER F 502 21.35 -52.39 -82.09
C SER F 502 21.18 -52.54 -80.58
N LEU F 503 20.95 -51.42 -79.89
CA LEU F 503 20.77 -51.42 -78.45
C LEU F 503 19.72 -50.39 -78.09
N PHE F 504 18.97 -50.65 -77.01
CA PHE F 504 17.85 -49.80 -76.65
C PHE F 504 18.32 -48.40 -76.27
N HIS F 505 19.27 -48.30 -75.35
CA HIS F 505 19.73 -47.00 -74.87
C HIS F 505 20.91 -46.48 -75.68
N VAL F 506 20.79 -46.56 -77.00
CA VAL F 506 21.76 -45.94 -77.91
C VAL F 506 20.98 -45.11 -78.93
N SER F 507 19.72 -45.48 -79.13
CA SER F 507 18.86 -44.82 -80.12
C SER F 507 17.74 -44.01 -79.51
N ASN F 508 17.38 -44.26 -78.26
CA ASN F 508 16.28 -43.55 -77.60
C ASN F 508 16.75 -42.35 -76.79
N ASP F 509 18.03 -42.00 -76.85
CA ASP F 509 18.59 -40.84 -76.15
C ASP F 509 18.33 -40.95 -74.64
N TYR F 510 18.89 -42.00 -74.05
CA TYR F 510 18.77 -42.26 -72.63
C TYR F 510 20.15 -42.27 -71.99
N SER F 511 20.31 -41.49 -70.91
CA SER F 511 21.56 -41.54 -70.16
C SER F 511 21.77 -42.94 -69.61
N PHE F 512 22.98 -43.46 -69.78
CA PHE F 512 23.26 -44.85 -69.46
C PHE F 512 24.16 -45.00 -68.24
N ILE F 513 24.72 -43.91 -67.72
CA ILE F 513 25.48 -43.97 -66.48
C ILE F 513 24.57 -44.05 -65.26
N ARG F 514 23.27 -43.84 -65.44
CA ARG F 514 22.32 -43.98 -64.34
C ARG F 514 22.42 -45.37 -63.71
N TYR F 515 22.48 -46.41 -64.55
CA TYR F 515 22.47 -47.77 -64.05
C TYR F 515 23.75 -48.09 -63.29
N TYR F 516 24.89 -47.57 -63.74
CA TYR F 516 26.13 -47.80 -63.02
C TYR F 516 26.15 -47.05 -61.69
N THR F 517 25.73 -45.78 -61.69
CA THR F 517 25.74 -45.01 -60.46
C THR F 517 24.72 -45.53 -59.45
N ARG F 518 23.63 -46.14 -59.93
CA ARG F 518 22.59 -46.63 -59.04
C ARG F 518 23.12 -47.73 -58.12
N THR F 519 23.93 -48.64 -58.66
CA THR F 519 24.46 -49.72 -57.84
C THR F 519 25.33 -49.18 -56.71
N LEU F 520 26.22 -48.24 -57.03
CA LEU F 520 27.07 -47.66 -55.99
C LEU F 520 26.24 -46.89 -54.96
N TYR F 521 25.25 -46.12 -55.43
CA TYR F 521 24.41 -45.37 -54.50
C TYR F 521 23.67 -46.31 -53.55
N GLN F 522 23.02 -47.34 -54.11
CA GLN F 522 22.24 -48.26 -53.29
C GLN F 522 23.13 -49.03 -52.32
N PHE F 523 24.32 -49.43 -52.75
CA PHE F 523 25.20 -50.19 -51.86
C PHE F 523 25.75 -49.31 -50.75
N GLN F 524 26.12 -48.07 -51.08
CA GLN F 524 26.56 -47.14 -50.04
C GLN F 524 25.45 -46.91 -49.02
N PHE F 525 24.23 -46.69 -49.49
CA PHE F 525 23.12 -46.45 -48.57
C PHE F 525 22.82 -47.67 -47.72
N GLN F 526 22.82 -48.87 -48.33
CA GLN F 526 22.56 -50.08 -47.57
C GLN F 526 23.65 -50.32 -46.52
N GLU F 527 24.91 -50.09 -46.88
CA GLU F 527 26.00 -50.24 -45.92
C GLU F 527 25.87 -49.23 -44.78
N ALA F 528 25.55 -47.98 -45.09
CA ALA F 528 25.40 -46.97 -44.06
C ALA F 528 24.23 -47.29 -43.12
N LEU F 529 23.11 -47.76 -43.67
CA LEU F 529 22.00 -48.17 -42.81
C LEU F 529 22.35 -49.42 -42.01
N CYS F 530 23.17 -50.30 -42.57
CA CYS F 530 23.61 -51.47 -41.82
C CYS F 530 24.43 -51.06 -40.61
N GLN F 531 25.32 -50.08 -40.77
CA GLN F 531 26.04 -49.56 -39.61
C GLN F 531 25.08 -48.88 -38.63
N ALA F 532 24.27 -47.94 -39.12
CA ALA F 532 23.33 -47.22 -38.26
C ALA F 532 21.95 -47.87 -38.25
N ALA F 533 21.92 -49.19 -38.03
CA ALA F 533 20.65 -49.90 -37.89
C ALA F 533 20.70 -50.97 -36.81
N LYS F 534 21.77 -51.02 -36.00
CA LYS F 534 21.93 -52.01 -34.95
C LYS F 534 21.86 -53.44 -35.52
N HIS F 535 22.73 -53.70 -36.49
CA HIS F 535 22.83 -55.00 -37.12
C HIS F 535 24.29 -55.44 -37.16
N GLU F 536 24.53 -56.73 -36.95
CA GLU F 536 25.86 -57.30 -37.01
C GLU F 536 25.85 -58.50 -37.95
N GLY F 537 26.94 -58.66 -38.70
CA GLY F 537 27.07 -59.75 -39.63
C GLY F 537 27.40 -59.29 -41.04
N PRO F 538 27.23 -60.18 -42.01
CA PRO F 538 27.56 -59.83 -43.40
C PRO F 538 26.59 -58.80 -43.96
N LEU F 539 27.07 -58.03 -44.93
CA LEU F 539 26.24 -57.01 -45.56
C LEU F 539 25.11 -57.64 -46.38
N HIS F 540 25.38 -58.78 -47.03
CA HIS F 540 24.38 -59.41 -47.87
C HIS F 540 23.20 -59.96 -47.07
N LYS F 541 23.39 -60.22 -45.78
CA LYS F 541 22.32 -60.68 -44.91
C LYS F 541 21.77 -59.57 -44.02
N CYS F 542 22.15 -58.33 -44.28
CA CYS F 542 21.72 -57.22 -43.45
C CYS F 542 20.25 -56.89 -43.67
N ASP F 543 19.55 -56.62 -42.57
CA ASP F 543 18.14 -56.25 -42.62
C ASP F 543 17.90 -55.02 -41.75
N ILE F 544 16.82 -54.31 -42.05
CA ILE F 544 16.50 -53.07 -41.34
C ILE F 544 15.17 -53.21 -40.63
N SER F 545 14.81 -54.43 -40.27
CA SER F 545 13.58 -54.67 -39.52
C SER F 545 13.73 -54.17 -38.09
N ASN F 546 12.67 -53.54 -37.58
CA ASN F 546 12.67 -52.97 -36.23
C ASN F 546 13.80 -51.96 -36.05
N SER F 547 14.08 -51.20 -37.11
CA SER F 547 15.17 -50.22 -37.11
C SER F 547 14.60 -48.87 -37.55
N THR F 548 14.08 -48.10 -36.59
CA THR F 548 13.52 -46.79 -36.90
C THR F 548 14.61 -45.75 -37.14
N GLU F 549 15.79 -45.93 -36.54
CA GLU F 549 16.88 -44.98 -36.74
C GLU F 549 17.35 -44.98 -38.19
N ALA F 550 17.41 -46.16 -38.82
CA ALA F 550 17.79 -46.23 -40.22
C ALA F 550 16.76 -45.53 -41.09
N GLY F 551 15.47 -45.72 -40.79
CA GLY F 551 14.43 -45.03 -41.55
C GLY F 551 14.51 -43.52 -41.39
N GLN F 552 14.78 -43.05 -40.18
CA GLN F 552 14.93 -41.61 -39.96
C GLN F 552 16.13 -41.06 -40.71
N LYS F 553 17.26 -41.80 -40.68
CA LYS F 553 18.45 -41.37 -41.40
C LYS F 553 18.18 -41.30 -42.90
N LEU F 554 17.48 -42.30 -43.44
CA LEU F 554 17.13 -42.27 -44.86
C LEU F 554 16.22 -41.10 -45.18
N PHE F 555 15.19 -40.88 -44.35
CA PHE F 555 14.24 -39.81 -44.59
C PHE F 555 14.90 -38.44 -44.53
N ASN F 556 15.94 -38.29 -43.70
CA ASN F 556 16.62 -37.01 -43.57
C ASN F 556 17.12 -36.51 -44.92
N MET F 557 17.62 -37.41 -45.77
CA MET F 557 18.03 -37.03 -47.11
C MET F 557 16.94 -37.22 -48.15
N LEU F 558 15.97 -38.10 -47.89
CA LEU F 558 14.86 -38.26 -48.81
C LEU F 558 14.06 -36.97 -48.93
N ARG F 559 13.81 -36.31 -47.81
CA ARG F 559 13.03 -35.07 -47.81
C ARG F 559 13.81 -33.88 -48.37
N LEU F 560 15.12 -34.03 -48.61
CA LEU F 560 15.92 -32.93 -49.12
C LEU F 560 15.47 -32.50 -50.51
N GLY F 561 15.20 -33.47 -51.38
CA GLY F 561 14.75 -33.14 -52.73
C GLY F 561 15.87 -32.62 -53.62
N LYS F 562 15.45 -31.99 -54.72
CA LYS F 562 16.39 -31.46 -55.69
C LYS F 562 17.04 -30.16 -55.24
N SER F 563 16.56 -29.54 -54.17
CA SER F 563 17.10 -28.25 -53.72
C SER F 563 18.51 -28.37 -53.19
N GLU F 564 19.00 -29.58 -52.92
CA GLU F 564 20.34 -29.75 -52.38
C GLU F 564 21.25 -30.43 -53.40
N PRO F 565 22.55 -30.12 -53.38
CA PRO F 565 23.48 -30.80 -54.29
C PRO F 565 23.57 -32.29 -54.00
N TRP F 566 23.85 -33.06 -55.04
CA TRP F 566 24.00 -34.50 -54.88
C TRP F 566 25.19 -34.83 -53.99
N THR F 567 26.27 -34.06 -54.09
CA THR F 567 27.40 -34.25 -53.17
C THR F 567 26.99 -33.96 -51.74
N LEU F 568 26.23 -32.88 -51.52
CA LEU F 568 25.73 -32.60 -50.18
C LEU F 568 24.69 -33.63 -49.76
N ALA F 569 23.90 -34.14 -50.70
CA ALA F 569 22.94 -35.19 -50.37
C ALA F 569 23.65 -36.45 -49.88
N LEU F 570 24.76 -36.80 -50.52
CA LEU F 570 25.54 -37.96 -50.08
C LEU F 570 26.48 -37.57 -48.94
N GLU F 571 25.95 -36.93 -47.90
CA GLU F 571 26.75 -36.53 -46.75
C GLU F 571 26.09 -36.80 -45.41
N ASN F 572 24.79 -37.09 -45.36
CA ASN F 572 24.12 -37.42 -44.11
C ASN F 572 24.14 -38.92 -43.86
N VAL F 573 23.59 -39.70 -44.79
CA VAL F 573 23.57 -41.16 -44.63
C VAL F 573 24.97 -41.73 -44.74
N VAL F 574 25.72 -41.32 -45.76
CA VAL F 574 27.08 -41.79 -45.99
C VAL F 574 28.03 -40.63 -45.76
N GLY F 575 29.17 -40.92 -45.13
CA GLY F 575 30.14 -39.89 -44.82
C GLY F 575 31.00 -39.45 -45.99
N ALA F 576 30.89 -40.11 -47.14
CA ALA F 576 31.67 -39.79 -48.32
C ALA F 576 30.75 -39.23 -49.39
N LYS F 577 31.00 -37.97 -49.79
CA LYS F 577 30.24 -37.36 -50.87
C LYS F 577 30.69 -37.87 -52.24
N ASN F 578 31.95 -38.29 -52.35
CA ASN F 578 32.49 -38.77 -53.62
C ASN F 578 32.00 -40.18 -53.88
N MET F 579 32.54 -40.82 -54.91
CA MET F 579 32.11 -42.15 -55.34
C MET F 579 33.15 -43.17 -54.88
N ASN F 580 32.69 -44.16 -54.12
CA ASN F 580 33.55 -45.24 -53.65
C ASN F 580 32.90 -46.58 -53.95
N VAL F 581 33.73 -47.61 -54.02
CA VAL F 581 33.32 -48.93 -54.46
C VAL F 581 33.46 -49.99 -53.38
N ARG F 582 34.02 -49.63 -52.22
CA ARG F 582 34.25 -50.64 -51.19
C ARG F 582 32.98 -51.30 -50.64
N PRO F 583 31.79 -50.67 -50.63
CA PRO F 583 30.59 -51.46 -50.27
C PRO F 583 30.34 -52.62 -51.21
N LEU F 584 30.58 -52.45 -52.51
CA LEU F 584 30.42 -53.56 -53.45
C LEU F 584 31.38 -54.70 -53.14
N LEU F 585 32.65 -54.38 -52.87
CA LEU F 585 33.64 -55.42 -52.61
C LEU F 585 33.38 -56.11 -51.28
N ASN F 586 32.97 -55.34 -50.26
CA ASN F 586 32.69 -55.94 -48.96
C ASN F 586 31.40 -56.74 -48.96
N TYR F 587 30.47 -56.40 -49.87
CA TYR F 587 29.24 -57.18 -50.00
C TYR F 587 29.53 -58.61 -50.44
N PHE F 588 30.27 -58.76 -51.53
CA PHE F 588 30.63 -60.08 -52.05
C PHE F 588 31.98 -60.54 -51.53
N GLU F 589 32.16 -60.48 -50.21
CA GLU F 589 33.41 -60.93 -49.60
C GLU F 589 33.46 -62.46 -49.47
N PRO F 590 32.41 -63.12 -48.97
CA PRO F 590 32.42 -64.59 -49.02
C PRO F 590 32.54 -65.12 -50.44
N LEU F 591 31.89 -64.47 -51.41
CA LEU F 591 32.03 -64.88 -52.80
C LEU F 591 33.47 -64.70 -53.28
N PHE F 592 34.10 -63.59 -52.90
CA PHE F 592 35.49 -63.36 -53.29
C PHE F 592 36.42 -64.42 -52.70
N THR F 593 36.24 -64.74 -51.41
CA THR F 593 37.11 -65.73 -50.79
C THR F 593 36.81 -67.14 -51.26
N TRP F 594 35.59 -67.39 -51.77
CA TRP F 594 35.30 -68.69 -52.38
C TRP F 594 35.90 -68.78 -53.78
N LEU F 595 35.86 -67.69 -54.55
CA LEU F 595 36.42 -67.70 -55.89
C LEU F 595 37.94 -67.65 -55.88
N LYS F 596 38.55 -67.17 -54.81
CA LYS F 596 40.01 -67.14 -54.73
C LYS F 596 40.58 -68.56 -54.79
N ASP F 597 39.97 -69.50 -54.08
CA ASP F 597 40.42 -70.88 -54.05
C ASP F 597 39.52 -71.83 -54.84
N GLN F 598 38.50 -71.31 -55.53
CA GLN F 598 37.64 -72.16 -56.34
C GLN F 598 38.31 -72.55 -57.65
N ASN F 599 38.64 -71.56 -58.48
CA ASN F 599 39.32 -71.80 -59.74
C ASN F 599 40.84 -71.83 -59.55
N LYS F 600 41.30 -72.65 -58.60
CA LYS F 600 42.72 -72.73 -58.30
C LYS F 600 43.50 -73.28 -59.47
N ASN F 601 42.99 -74.34 -60.11
CA ASN F 601 43.70 -74.92 -61.25
C ASN F 601 43.74 -73.97 -62.43
N SER F 602 42.65 -73.26 -62.69
CA SER F 602 42.60 -72.33 -63.80
C SER F 602 43.19 -70.98 -63.39
N PHE F 603 43.24 -70.06 -64.34
CA PHE F 603 43.79 -68.72 -64.14
C PHE F 603 42.72 -67.68 -64.41
N VAL F 604 42.72 -66.61 -63.62
CA VAL F 604 41.74 -65.54 -63.77
C VAL F 604 42.12 -64.68 -64.97
N GLY F 605 41.19 -63.85 -65.43
CA GLY F 605 41.44 -62.97 -66.55
C GLY F 605 41.12 -63.61 -67.89
N TRP F 606 41.42 -62.86 -68.95
CA TRP F 606 41.14 -63.29 -70.30
C TRP F 606 42.16 -62.68 -71.24
N SER F 607 42.32 -63.29 -72.41
CA SER F 607 43.27 -62.84 -73.42
C SER F 607 42.55 -62.13 -74.56
N THR F 608 43.22 -61.15 -75.14
CA THR F 608 42.67 -60.34 -76.22
C THR F 608 43.11 -60.81 -77.60
N ASP F 609 43.83 -61.93 -77.69
CA ASP F 609 44.31 -62.43 -78.98
C ASP F 609 43.48 -63.57 -79.54
N TRP F 610 42.91 -64.41 -78.68
CA TRP F 610 42.11 -65.53 -79.17
C TRP F 610 40.81 -65.05 -79.79
N SER F 611 40.44 -65.65 -80.92
CA SER F 611 39.19 -65.34 -81.61
C SER F 611 38.53 -66.63 -82.06
N PRO F 612 37.20 -66.70 -82.01
CA PRO F 612 36.51 -67.90 -82.51
C PRO F 612 36.75 -68.18 -83.99
N TYR F 613 36.91 -67.14 -84.80
CA TYR F 613 37.13 -67.31 -86.23
C TYR F 613 38.60 -67.49 -86.60
N ALA F 614 39.52 -67.35 -85.63
CA ALA F 614 40.93 -67.54 -85.89
C ALA F 614 41.69 -67.86 -84.61
C1 NAG G . -45.98 -2.01 -42.14
C2 NAG G . -46.25 -2.59 -43.53
C3 NAG G . -45.40 -3.84 -43.76
C4 NAG G . -43.94 -3.53 -43.52
C5 NAG G . -43.76 -2.97 -42.11
C6 NAG G . -42.34 -2.55 -41.82
C7 NAG G . -48.43 -2.25 -44.61
C8 NAG G . -49.86 -2.68 -44.67
N2 NAG G . -47.66 -2.89 -43.72
O3 NAG G . -45.59 -4.28 -45.10
O4 NAG G . -43.09 -4.66 -43.70
O5 NAG G . -44.58 -1.80 -41.96
O6 NAG G . -41.45 -3.03 -42.80
O7 NAG G . -47.98 -1.36 -45.33
C1 NAG G . -43.66 -5.90 -43.26
C2 NAG G . -43.49 -6.91 -44.39
C3 NAG G . -44.04 -8.27 -43.96
C4 NAG G . -43.39 -8.72 -42.67
C5 NAG G . -43.54 -7.64 -41.60
C6 NAG G . -42.79 -7.97 -40.32
C7 NAG G . -43.46 -5.92 -46.62
C8 NAG G . -44.28 -5.49 -47.81
N2 NAG G . -44.14 -6.45 -45.60
O3 NAG G . -43.79 -9.22 -44.99
O4 NAG G . -43.99 -9.93 -42.21
O5 NAG G . -43.01 -6.40 -42.08
O6 NAG G . -41.47 -8.42 -40.60
O7 NAG G . -42.24 -5.77 -46.60
C1 NAG H . -21.04 3.24 -37.10
C2 NAG H . -21.60 4.03 -35.91
C3 NAG H . -21.69 3.14 -34.68
C4 NAG H . -20.36 2.43 -34.40
C5 NAG H . -19.84 1.77 -35.67
C6 NAG H . -19.57 0.30 -35.50
C7 NAG H . -20.83 6.31 -36.39
C8 NAG H . -19.93 7.43 -35.96
N2 NAG H . -20.79 5.20 -35.64
O3 NAG H . -22.72 2.17 -34.87
O4 NAG H . -19.42 3.38 -33.94
O5 NAG H . -20.81 1.89 -36.72
O6 NAG H . -19.36 -0.04 -34.14
O7 NAG H . -21.56 6.40 -37.37
C1 NAG H . -18.73 2.85 -32.79
C2 NAG H . -17.24 3.15 -32.95
C3 NAG H . -16.47 2.65 -31.73
C4 NAG H . -17.07 3.24 -30.45
C5 NAG H . -18.56 2.94 -30.39
C6 NAG H . -19.25 3.59 -29.22
C7 NAG H . -16.69 3.18 -35.34
C8 NAG H . -16.12 2.41 -36.49
N2 NAG H . -16.72 2.54 -34.16
O3 NAG H . -15.10 3.03 -31.84
O4 NAG H . -16.43 2.67 -29.32
O5 NAG H . -19.21 3.44 -31.58
O6 NAG H . -18.43 3.55 -28.06
O7 NAG H . -17.12 4.32 -35.47
C1 NAG I . -23.38 11.42 -24.00
C2 NAG I . -22.46 10.23 -24.24
C3 NAG I . -21.36 10.18 -23.18
C4 NAG I . -20.63 11.52 -23.09
C5 NAG I . -21.63 12.66 -22.92
C6 NAG I . -20.99 14.02 -22.97
C7 NAG I . -23.99 8.58 -25.25
C8 NAG I . -24.67 7.25 -25.06
N2 NAG I . -23.21 8.98 -24.23
O3 NAG I . -20.45 9.13 -23.48
O4 NAG I . -19.75 11.52 -21.98
O5 NAG I . -22.60 12.61 -23.97
O6 NAG I . -21.46 14.77 -24.07
O7 NAG I . -24.12 9.24 -26.27
C1 NAG I . -18.40 11.33 -22.40
C2 NAG I . -17.49 12.24 -21.56
C3 NAG I . -16.02 12.01 -21.92
C4 NAG I . -15.68 10.53 -21.81
C5 NAG I . -16.65 9.69 -22.63
C6 NAG I . -16.43 8.21 -22.47
C7 NAG I . -18.23 14.42 -20.72
C8 NAG I . -18.55 15.84 -21.07
N2 NAG I . -17.84 13.64 -21.73
O3 NAG I . -15.20 12.77 -21.06
O4 NAG I . -14.35 10.30 -22.27
O5 NAG I . -18.00 9.97 -22.23
O6 NAG I . -15.77 7.90 -21.25
O7 NAG I . -18.31 14.00 -19.57
C1 NAG J . -60.22 -6.69 -8.11
C2 NAG J . -61.22 -6.37 -9.22
C3 NAG J . -62.62 -6.76 -8.79
C4 NAG J . -62.65 -8.22 -8.32
C5 NAG J . -61.56 -8.47 -7.27
C6 NAG J . -61.43 -9.92 -6.89
C7 NAG J . -61.41 -3.94 -8.79
C8 NAG J . -61.30 -2.58 -9.40
N2 NAG J . -61.16 -4.97 -9.62
O3 NAG J . -63.52 -6.59 -9.88
O4 NAG J . -63.90 -8.50 -7.73
O5 NAG J . -60.28 -8.06 -7.79
O6 NAG J . -61.77 -10.78 -7.98
O7 NAG J . -61.72 -4.10 -7.61
C1 NAG J . -64.66 -9.37 -8.59
C2 NAG J . -65.61 -10.21 -7.74
C3 NAG J . -66.48 -11.09 -8.63
C4 NAG J . -67.19 -10.25 -9.67
C5 NAG J . -66.19 -9.42 -10.46
C6 NAG J . -66.84 -8.47 -11.44
C7 NAG J . -64.59 -10.58 -5.54
C8 NAG J . -63.82 -11.54 -4.67
N2 NAG J . -64.88 -11.00 -6.77
O3 NAG J . -67.43 -11.78 -7.82
O4 NAG J . -67.90 -11.10 -10.57
O5 NAG J . -65.42 -8.61 -9.55
O6 NAG J . -68.03 -7.91 -10.89
O7 NAG J . -64.94 -9.48 -5.13
C1 NAG K . -6.93 51.99 6.55
C2 NAG K . -7.14 52.76 7.84
C3 NAG K . -8.35 53.68 7.73
C4 NAG K . -8.25 54.56 6.49
C5 NAG K . -7.97 53.71 5.25
C6 NAG K . -7.71 54.53 4.02
C7 NAG K . -6.57 51.93 10.08
C8 NAG K . -5.56 53.03 10.14
N2 NAG K . -7.30 51.85 8.96
O3 NAG K . -8.44 54.49 8.90
O4 NAG K . -9.49 55.23 6.30
O5 NAG K . -6.80 52.91 5.47
O6 NAG K . -7.03 55.74 4.33
O7 NAG K . -6.73 51.14 11.01
C1 NAG K . -9.31 56.66 6.46
C2 NAG K . -10.71 57.28 6.52
C3 NAG K . -10.60 58.79 6.73
C4 NAG K . -9.74 59.10 7.95
C5 NAG K . -8.39 58.40 7.83
C6 NAG K . -7.52 58.56 9.06
C7 NAG K . -12.64 56.33 5.34
C8 NAG K . -13.15 55.93 6.69
N2 NAG K . -11.47 56.98 5.32
O3 NAG K . -11.90 59.34 6.90
O4 NAG K . -9.53 60.51 8.05
O5 NAG K . -8.59 56.98 7.65
O6 NAG K . -7.75 59.83 9.67
O7 NAG K . -13.26 56.09 4.31
C1 NAG L . -39.89 42.47 14.32
C2 NAG L . -40.10 42.86 15.79
C3 NAG L . -40.42 44.36 15.90
C4 NAG L . -39.36 45.18 15.20
C5 NAG L . -39.24 44.72 13.75
C6 NAG L . -38.16 45.44 12.97
C7 NAG L . -41.21 41.83 17.71
C8 NAG L . -42.35 40.99 18.17
N2 NAG L . -41.14 42.06 16.40
O3 NAG L . -40.48 44.73 17.27
O4 NAG L . -39.71 46.57 15.24
O5 NAG L . -38.91 43.33 13.73
O6 NAG L . -37.10 44.56 12.64
O7 NAG L . -40.37 42.27 18.49
C1 NAG L . -38.63 47.27 15.90
C2 NAG L . -38.78 48.77 15.61
C3 NAG L . -37.66 49.54 16.31
C4 NAG L . -37.64 49.21 17.80
C5 NAG L . -37.56 47.69 18.01
C6 NAG L . -37.65 47.28 19.46
C7 NAG L . -39.87 49.18 13.46
C8 NAG L . -39.67 49.44 12.00
N2 NAG L . -38.75 49.03 14.19
O3 NAG L . -37.87 50.93 16.13
O4 NAG L . -36.51 49.82 18.41
O5 NAG L . -38.64 47.04 17.32
O6 NAG L . -38.92 47.63 20.01
O7 NAG L . -40.98 49.11 13.97
C1 NAG M . -74.75 39.94 59.57
C2 NAG M . -74.37 40.38 60.99
C3 NAG M . -75.34 41.43 61.51
C4 NAG M . -75.48 42.57 60.50
C5 NAG M . -75.76 42.04 59.10
C6 NAG M . -75.72 43.12 58.04
C7 NAG M . -75.12 38.35 62.33
C8 NAG M . -76.52 38.46 61.79
N2 NAG M . -74.20 39.27 61.92
O3 NAG M . -74.87 41.93 62.75
O4 NAG M . -76.57 43.40 60.87
O5 NAG M . -74.76 41.06 58.73
O6 NAG M . -74.39 43.51 57.75
O7 NAG M . -74.81 37.47 63.13
C1 NAG M . -76.11 44.59 61.54
C2 NAG M . -76.99 45.76 61.11
C3 NAG M . -76.59 47.03 61.86
C4 NAG M . -76.60 46.78 63.36
C5 NAG M . -75.74 45.56 63.70
C6 NAG M . -75.81 45.19 65.16
C7 NAG M . -77.91 46.50 58.96
C8 NAG M . -77.66 46.64 57.49
N2 NAG M . -76.92 45.97 59.67
O3 NAG M . -77.51 48.07 61.53
O4 NAG M . -76.09 47.93 64.04
O5 NAG M . -76.19 44.42 62.95
O6 NAG M . -77.00 44.48 65.46
O7 NAG M . -78.96 46.85 59.47
C1 NAG N . -87.21 15.35 41.12
C2 NAG N . -88.69 15.75 41.11
C3 NAG N . -89.51 14.73 40.34
C4 NAG N . -88.93 14.52 38.95
C5 NAG N . -87.45 14.16 39.05
C6 NAG N . -86.77 14.05 37.71
C7 NAG N . -89.60 17.05 42.98
C8 NAG N . -90.09 17.02 44.39
N2 NAG N . -89.18 15.89 42.47
O3 NAG N . -90.85 15.17 40.24
O4 NAG N . -89.63 13.47 38.29
O5 NAG N . -86.76 15.19 39.77
O6 NAG N . -86.56 15.33 37.14
O7 NAG N . -89.58 18.09 42.32
C1 NAG N . -90.32 14.03 37.15
C2 NAG N . -90.48 12.92 36.10
C3 NAG N . -91.24 13.46 34.90
C4 NAG N . -92.57 14.08 35.34
C5 NAG N . -92.33 15.11 36.43
C6 NAG N . -93.62 15.65 37.01
C7 NAG N . -88.84 11.12 35.89
C8 NAG N . -87.47 10.74 35.40
N2 NAG N . -89.20 12.39 35.69
O3 NAG N . -91.48 12.41 33.98
O4 NAG N . -93.21 14.70 34.23
O5 NAG N . -91.60 14.53 37.53
O6 NAG N . -94.20 14.74 37.92
O7 NAG N . -89.59 10.31 36.43
C1 NAG O . -83.53 -4.75 31.24
C2 NAG O . -84.97 -5.26 31.09
C3 NAG O . -85.13 -6.04 29.79
C4 NAG O . -84.63 -5.22 28.60
C5 NAG O . -83.21 -4.74 28.86
C6 NAG O . -82.69 -3.82 27.78
C7 NAG O . -86.62 -6.25 32.60
C8 NAG O . -86.83 -7.13 33.80
N2 NAG O . -85.35 -6.08 32.22
O3 NAG O . -86.49 -6.39 29.60
O4 NAG O . -84.66 -6.02 27.42
O5 NAG O . -83.17 -3.99 30.09
O6 NAG O . -81.92 -2.76 28.33
O7 NAG O . -87.55 -5.71 32.02
C1 NAG O . -85.57 -5.40 26.48
C2 NAG O . -85.19 -5.85 25.07
C3 NAG O . -86.15 -5.25 24.05
C4 NAG O . -87.59 -5.59 24.42
C5 NAG O . -87.88 -5.18 25.86
C6 NAG O . -89.25 -5.62 26.34
C7 NAG O . -82.84 -6.40 24.61
C8 NAG O . -81.48 -5.85 24.28
N2 NAG O . -83.81 -5.49 24.76
O3 NAG O . -85.84 -5.76 22.76
O4 NAG O . -88.48 -4.91 23.56
O5 NAG O . -86.93 -5.78 26.75
O6 NAG O . -89.42 -7.03 26.18
O7 NAG O . -83.05 -7.60 24.75
C1 NAG P . -81.19 33.64 46.48
C2 NAG P . -81.86 33.48 45.10
C3 NAG P . -81.18 34.35 44.06
C4 NAG P . -81.15 35.79 44.52
C5 NAG P . -80.40 35.87 45.84
C6 NAG P . -80.36 37.27 46.41
C7 NAG P . -80.86 31.32 44.46
C8 NAG P . -81.14 29.91 44.04
N2 NAG P . -81.92 32.09 44.68
O3 NAG P . -81.87 34.24 42.82
O4 NAG P . -80.65 36.69 43.54
O5 NAG P . -81.06 35.05 46.81
O6 NAG P . -81.58 37.97 46.14
O7 NAG P . -79.71 31.73 44.60
C1 NAG P . -79.31 36.43 43.07
C2 NAG P . -79.29 36.76 41.59
C3 NAG P . -77.89 36.55 41.02
C4 NAG P . -76.88 37.35 41.83
C5 NAG P . -77.00 37.04 43.31
C6 NAG P . -76.13 37.93 44.17
C7 NAG P . -81.15 36.50 40.00
C8 NAG P . -81.10 37.98 39.84
N2 NAG P . -80.26 35.96 40.85
O3 NAG P . -77.86 36.97 39.67
O4 NAG P . -75.56 37.04 41.40
O5 NAG P . -78.35 37.22 43.76
O6 NAG P . -76.86 39.06 44.63
O7 NAG P . -81.95 35.80 39.40
C1 NAG Q . -93.92 28.39 56.53
C2 NAG Q . -95.10 29.05 55.85
C3 NAG Q . -96.33 28.98 56.74
C4 NAG Q . -96.60 27.56 57.19
C5 NAG Q . -95.34 26.94 57.79
C6 NAG Q . -95.49 25.47 58.11
C7 NAG Q . -94.38 30.79 54.29
C8 NAG Q . -94.11 32.25 54.10
N2 NAG Q . -94.80 30.43 55.50
O3 NAG Q . -97.46 29.49 56.03
O4 NAG Q . -97.62 27.55 58.18
O5 NAG Q . -94.24 27.05 56.87
O6 NAG Q . -96.09 24.77 57.02
O7 NAG Q . -94.21 29.98 53.39
C1 NAG Q . -98.74 26.79 57.69
C2 NAG Q . -99.83 26.84 58.76
C3 NAG Q . -101.06 26.08 58.29
C4 NAG Q . -101.53 26.61 56.94
C5 NAG Q . -100.37 26.59 55.95
C6 NAG Q . -100.72 27.22 54.62
C7 NAG Q . -99.17 27.03 61.11
C8 NAG Q . -98.66 26.30 62.32
N2 NAG Q . -99.35 26.29 60.02
O3 NAG Q . -102.11 26.23 59.25
O4 NAG Q . -102.58 25.80 56.44
O5 NAG Q . -99.26 27.33 56.47
O6 NAG Q . -100.35 28.60 54.59
O7 NAG Q . -99.42 28.23 61.13
C1 NAG R . -84.95 37.52 73.24
C2 NAG R . -84.63 38.93 72.77
C3 NAG R . -83.92 39.70 73.88
C4 NAG R . -84.74 39.67 75.16
C5 NAG R . -85.06 38.22 75.53
C6 NAG R . -85.96 38.11 76.73
C7 NAG R . -83.99 39.78 70.56
C8 NAG R . -83.07 39.61 69.39
N2 NAG R . -83.83 38.91 71.57
O3 NAG R . -83.73 41.05 73.46
O4 NAG R . -84.02 40.27 76.22
O5 NAG R . -85.71 37.57 74.45
O6 NAG R . -87.33 38.09 76.35
O7 NAG R . -84.85 40.65 70.60
C1 NAG R . -84.61 41.56 76.50
C2 NAG R . -84.39 41.88 77.98
C3 NAG R . -84.95 43.26 78.30
C4 NAG R . -84.38 44.31 77.36
C5 NAG R . -84.58 43.88 75.91
C6 NAG R . -83.92 44.81 74.92
C7 NAG R . -84.28 39.94 79.46
C8 NAG R . -85.07 38.97 80.30
N2 NAG R . -84.99 40.86 78.82
O3 NAG R . -84.65 43.59 79.65
O4 NAG R . -85.02 45.56 77.58
O5 NAG R . -84.02 42.58 75.69
O6 NAG R . -82.70 44.27 74.43
O7 NAG R . -83.06 39.88 79.38
C1 NAG S . 18.03 55.89 20.83
C2 NAG S . 18.82 57.11 20.33
C3 NAG S . 18.74 57.23 18.82
C4 NAG S . 19.17 55.92 18.16
C5 NAG S . 18.32 54.79 18.70
C6 NAG S . 18.73 53.43 18.16
C7 NAG S . 19.11 59.08 21.77
C8 NAG S . 18.46 60.31 22.34
N2 NAG S . 18.34 58.33 20.97
O3 NAG S . 19.59 58.29 18.41
O4 NAG S . 19.09 55.96 16.74
O5 NAG S . 18.47 54.72 20.13
O6 NAG S . 19.66 53.57 17.08
O7 NAG S . 20.27 58.79 22.01
C1 NAG S . 18.12 56.83 16.13
C2 NAG S . 18.28 56.66 14.63
C3 NAG S . 17.28 57.55 13.90
C4 NAG S . 15.86 57.28 14.39
C5 NAG S . 15.80 57.41 15.91
C6 NAG S . 14.45 57.03 16.48
C7 NAG S . 20.25 56.30 13.22
C8 NAG S . 21.65 56.73 12.90
N2 NAG S . 19.64 56.95 14.20
O3 NAG S . 17.37 57.30 12.50
O4 NAG S . 14.96 58.21 13.81
O5 NAG S . 16.76 56.53 16.52
O6 NAG S . 13.52 56.78 15.44
O7 NAG S . 19.69 55.40 12.59
C1 NAG T . 23.86 33.07 9.73
C2 NAG T . 22.95 32.52 10.83
C3 NAG T . 21.57 32.16 10.27
C4 NAG T . 21.69 31.36 8.98
C5 NAG T . 22.63 32.05 8.00
C6 NAG T . 21.96 32.41 6.69
C7 NAG T . 24.57 31.47 12.36
C8 NAG T . 25.06 30.17 12.93
N2 NAG T . 23.55 31.37 11.48
O3 NAG T . 20.84 33.36 10.05
O4 NAG T . 22.17 30.06 9.26
O5 NAG T . 23.11 33.28 8.55
O6 NAG T . 21.02 31.41 6.30
O7 NAG T . 25.06 32.54 12.67
C1 NAG T . 21.30 29.10 8.63
C2 NAG T . 22.16 28.02 7.98
C3 NAG T . 21.28 26.95 7.35
C4 NAG T . 20.29 26.40 8.36
C5 NAG T . 19.50 27.55 9.00
C6 NAG T . 18.59 27.09 10.11
C7 NAG T . 24.26 29.10 7.31
C8 NAG T . 25.06 29.65 6.17
N2 NAG T . 23.06 28.59 6.99
O3 NAG T . 22.09 25.89 6.86
O4 NAG T . 19.38 25.51 7.74
O5 NAG T . 20.41 28.50 9.58
O6 NAG T . 18.34 25.69 10.04
O7 NAG T . 24.67 29.11 8.46
C1 NAG U . 16.51 24.04 19.14
C2 NAG U . 16.52 24.16 17.62
C3 NAG U . 15.94 22.90 16.98
C4 NAG U . 16.66 21.66 17.50
C5 NAG U . 16.64 21.64 19.03
C6 NAG U . 17.45 20.51 19.61
C7 NAG U . 16.29 26.57 17.20
C8 NAG U . 15.39 27.65 16.71
N2 NAG U . 15.78 25.33 17.19
O3 NAG U . 16.07 23.00 15.57
O4 NAG U . 16.01 20.48 17.02
O5 NAG U . 17.22 22.85 19.53
O6 NAG U . 17.72 20.72 20.99
O7 NAG U . 17.44 26.79 17.59
C1 NAG U . 16.70 19.99 15.86
C2 NAG U . 16.51 18.46 15.77
C3 NAG U . 17.17 17.92 14.50
C4 NAG U . 16.65 18.67 13.28
C5 NAG U . 16.85 20.18 13.46
C6 NAG U . 16.25 20.99 12.34
C7 NAG U . 16.33 17.60 18.06
C8 NAG U . 17.04 16.88 19.18
N2 NAG U . 17.04 17.79 16.94
O3 NAG U . 16.88 16.54 14.37
O4 NAG U . 17.36 18.25 12.12
O5 NAG U . 16.20 20.60 14.67
O6 NAG U . 15.54 20.17 11.42
O7 NAG U . 15.17 17.98 18.16
C1 NAG V . -16.76 50.04 33.36
C2 NAG V . -16.11 51.12 34.21
C3 NAG V . -17.16 52.10 34.72
C4 NAG V . -17.98 52.64 33.56
C5 NAG V . -18.54 51.50 32.72
C6 NAG V . -19.26 51.98 31.48
C7 NAG V . -15.91 49.80 36.30
C8 NAG V . -14.97 49.30 37.35
N2 NAG V . -15.37 50.53 35.32
O3 NAG V . -16.51 53.17 35.40
O4 NAG V . -19.06 53.43 34.05
O5 NAG V . -17.48 50.64 32.28
O6 NAG V . -18.62 53.12 30.93
O7 NAG V . -17.11 49.55 36.34
C1 NAG V . -18.79 54.83 33.85
C2 NAG V . -20.06 55.62 34.15
C3 NAG V . -19.80 57.11 34.00
C4 NAG V . -18.61 57.53 34.86
C5 NAG V . -17.40 56.67 34.53
C6 NAG V . -16.21 56.95 35.41
C7 NAG V . -22.22 54.53 33.69
C8 NAG V . -23.24 54.18 32.65
N2 NAG V . -21.14 55.20 33.27
O3 NAG V . -20.96 57.83 34.40
O4 NAG V . -18.30 58.90 34.62
O5 NAG V . -17.73 55.28 34.70
O6 NAG V . -16.61 57.15 36.76
O7 NAG V . -22.36 54.21 34.87
C1 NAG W . 17.54 -22.20 45.22
C2 NAG W . 16.76 -23.22 46.03
C3 NAG W . 16.74 -22.82 47.50
C4 NAG W . 18.15 -22.58 48.01
C5 NAG W . 18.89 -21.61 47.11
C6 NAG W . 20.35 -21.44 47.47
C7 NAG W . 15.00 -24.38 44.76
C8 NAG W . 16.04 -25.42 44.45
N2 NAG W . 15.40 -23.35 45.51
O3 NAG W . 16.12 -23.86 48.25
O4 NAG W . 18.09 -22.02 49.32
O5 NAG W . 18.86 -22.09 45.75
O6 NAG W . 20.91 -22.66 47.93
O7 NAG W . 13.85 -24.46 44.33
C1 NAG W . 18.56 -22.99 50.29
C2 NAG W . 18.41 -22.35 51.66
C3 NAG W . 18.85 -23.33 52.75
C4 NAG W . 18.10 -24.65 52.60
C5 NAG W . 18.26 -25.19 51.18
C6 NAG W . 17.45 -26.44 50.92
C7 NAG W . 18.61 -19.90 51.72
C8 NAG W . 17.11 -19.87 51.60
N2 NAG W . 19.17 -21.12 51.75
O3 NAG W . 18.57 -22.77 54.03
O4 NAG W . 18.62 -25.61 53.53
O5 NAG W . 17.82 -24.21 50.24
O6 NAG W . 16.31 -26.49 51.78
O7 NAG W . 19.27 -18.87 51.79
C1 NAG X . -4.91 0.17 59.84
C2 NAG X . -6.06 -0.64 60.45
C3 NAG X . -5.64 -1.18 61.81
C4 NAG X . -4.35 -1.98 61.69
C5 NAG X . -3.27 -1.11 61.05
C6 NAG X . -1.98 -1.86 60.80
C7 NAG X . -8.48 -0.34 60.57
C8 NAG X . -9.61 0.65 60.70
N2 NAG X . -7.26 0.18 60.57
O3 NAG X . -6.68 -2.02 62.32
O4 NAG X . -3.92 -2.41 62.98
O5 NAG X . -3.74 -0.64 59.78
O6 NAG X . -2.22 -3.11 60.18
O7 NAG X . -8.68 -1.53 60.48
C1 NAG X . -3.93 -3.85 63.00
C2 NAG X . -2.91 -4.33 64.05
C3 NAG X . -2.94 -5.85 64.13
C4 NAG X . -4.34 -6.35 64.39
C5 NAG X . -5.31 -5.78 63.36
C6 NAG X . -6.75 -6.14 63.62
C7 NAG X . -1.10 -2.69 64.19
C8 NAG X . 0.30 -2.35 63.78
N2 NAG X . -1.58 -3.85 63.73
O3 NAG X . -2.06 -6.27 65.18
O4 NAG X . -4.38 -7.78 64.34
O5 NAG X . -5.23 -4.35 63.33
O6 NAG X . -7.46 -5.05 64.22
O7 NAG X . -1.75 -1.95 64.91
C1 NAG Y . -54.48 -1.95 87.46
C2 NAG Y . -55.16 -3.31 87.66
C3 NAG Y . -55.39 -3.58 89.14
C4 NAG Y . -54.09 -3.40 89.93
C5 NAG Y . -53.47 -2.04 89.62
C6 NAG Y . -52.13 -1.85 90.28
C7 NAG Y . -57.53 -2.80 86.90
C8 NAG Y . -57.65 -1.67 87.91
N2 NAG Y . -56.37 -3.48 86.86
O3 NAG Y . -55.87 -4.92 89.30
O4 NAG Y . -54.35 -3.48 91.32
O5 NAG Y . -53.27 -1.89 88.20
O6 NAG Y . -51.25 -2.93 89.97
O7 NAG Y . -58.46 -3.08 86.15
C1 NAG Y . -53.89 -4.76 91.79
C2 NAG Y . -53.41 -4.61 93.23
C3 NAG Y . -52.96 -5.97 93.78
C4 NAG Y . -54.07 -7.00 93.62
C5 NAG Y . -54.54 -7.05 92.16
C6 NAG Y . -55.73 -7.95 91.96
C7 NAG Y . -52.35 -2.61 94.17
C8 NAG Y . -51.16 -1.71 94.14
N2 NAG Y . -52.32 -3.65 93.32
O3 NAG Y . -52.62 -5.83 95.15
O4 NAG Y . -53.61 -8.28 94.00
O5 NAG Y . -54.94 -5.74 91.73
O6 NAG Y . -56.96 -7.24 92.08
O7 NAG Y . -53.31 -2.40 94.92
C1 NAG Z . -56.21 28.89 75.78
C2 NAG Z . -56.50 29.68 77.06
C3 NAG Z . -56.63 31.16 76.75
C4 NAG Z . -55.41 31.66 75.99
C5 NAG Z . -55.19 30.80 74.75
C6 NAG Z . -53.94 31.16 73.99
C7 NAG Z . -57.68 28.54 78.88
C8 NAG Z . -59.01 28.11 79.41
N2 NAG Z . -57.70 29.19 77.71
O3 NAG Z . -56.77 31.89 77.96
O4 NAG Z . -55.62 33.01 75.60
O5 NAG Z . -55.06 29.43 75.13
O6 NAG Z . -52.80 31.16 74.84
O7 NAG Z . -56.63 28.32 79.49
C1 NAG Z . -54.57 33.84 76.15
C2 NAG Z . -54.50 35.13 75.34
C3 NAG Z . -53.44 36.06 75.92
C4 NAG Z . -53.66 36.28 77.41
C5 NAG Z . -53.77 34.94 78.13
C6 NAG Z . -54.12 35.10 79.59
C7 NAG Z . -55.08 35.24 72.96
C8 NAG Z . -54.67 34.87 71.57
N2 NAG Z . -54.25 34.86 73.94
O3 NAG Z . -53.48 37.31 75.23
O4 NAG Z . -52.58 37.02 77.95
O5 NAG Z . -54.80 34.15 77.53
O6 NAG Z . -55.24 35.96 79.75
O7 NAG Z . -56.13 35.83 73.20
C1 NAG AA . -56.63 42.31 57.36
C2 NAG AA . -57.32 43.60 57.81
C3 NAG AA . -56.69 44.81 57.13
C4 NAG AA . -55.18 44.81 57.34
C5 NAG AA . -54.59 43.47 56.90
C6 NAG AA . -53.11 43.36 57.19
C7 NAG AA . -59.68 43.95 58.40
C8 NAG AA . -61.10 43.84 57.96
N2 NAG AA . -58.74 43.55 57.53
O3 NAG AA . -57.26 46.00 57.66
O4 NAG AA . -54.58 45.85 56.57
O5 NAG AA . -55.23 42.41 57.61
O6 NAG AA . -52.44 42.63 56.18
O7 NAG AA . -59.38 44.38 59.51
C1 NAG AA . -54.07 46.86 57.46
C2 NAG AA . -52.92 47.57 56.77
C3 NAG AA . -52.38 48.69 57.66
C4 NAG AA . -53.50 49.62 58.07
C5 NAG AA . -54.65 48.84 58.69
C6 NAG AA . -55.86 49.69 59.00
C7 NAG AA . -51.45 46.44 55.15
C8 NAG AA . -50.36 45.45 54.97
N2 NAG AA . -51.86 46.64 56.41
O3 NAG AA . -51.37 49.40 56.97
O4 NAG AA . -53.02 50.58 59.01
O5 NAG AA . -55.09 47.81 57.79
O6 NAG AA . -56.47 50.16 57.81
O7 NAG AA . -51.97 47.03 54.21
C1 NAG BA . -49.32 12.76 85.58
C2 NAG BA . -48.48 14.05 85.67
C3 NAG BA . -46.99 13.72 85.68
C4 NAG BA . -46.70 12.79 86.85
C5 NAG BA . -47.48 11.50 86.64
C6 NAG BA . -47.30 10.50 87.76
C7 NAG BA . -48.65 14.72 83.29
C8 NAG BA . -49.05 15.81 82.35
N2 NAG BA . -48.81 14.98 84.60
O3 NAG BA . -46.24 14.93 85.83
O4 NAG BA . -45.31 12.56 87.05
O5 NAG BA . -48.89 11.81 86.61
O6 NAG BA . -47.37 11.14 89.03
O7 NAG BA . -48.20 13.64 82.89
C1 NAG BA . -44.59 12.05 85.92
C2 NAG BA . -43.23 12.74 85.94
C3 NAG BA . -42.36 12.21 84.81
C4 NAG BA . -42.25 10.70 84.88
C5 NAG BA . -43.64 10.07 84.93
C6 NAG BA . -43.60 8.58 85.16
C7 NAG BA . -42.86 15.02 86.76
C8 NAG BA . -43.10 16.47 86.53
N2 NAG BA . -43.37 14.18 85.86
O3 NAG BA . -41.05 12.80 84.91
O4 NAG BA . -41.56 10.20 83.74
O5 NAG BA . -44.41 10.64 86.01
O6 NAG BA . -43.94 8.26 86.50
O7 NAG BA . -42.23 14.61 87.73
C1 NAG CA . -64.44 17.62 91.86
C2 NAG CA . -63.96 18.52 92.99
C3 NAG CA . -65.11 18.82 93.95
C4 NAG CA . -66.32 19.36 93.19
C5 NAG CA . -66.69 18.42 92.06
C6 NAG CA . -67.79 18.95 91.18
C7 NAG CA . -61.57 18.25 93.44
C8 NAG CA . -60.54 17.54 94.27
N2 NAG CA . -62.84 17.93 93.69
O3 NAG CA . -64.67 19.78 94.92
O4 NAG CA . -67.42 19.47 94.08
O5 NAG CA . -65.55 18.22 91.20
O6 NAG CA . -67.58 20.32 90.86
O7 NAG CA . -61.27 19.07 92.59
C1 NAG CA . -67.84 20.85 94.14
C2 NAG CA . -69.12 20.92 94.96
C3 NAG CA . -69.60 22.37 95.06
C4 NAG CA . -68.49 23.25 95.61
C5 NAG CA . -67.21 23.07 94.78
C6 NAG CA . -66.04 23.82 95.35
C7 NAG CA . -70.77 19.10 95.07
C8 NAG CA . -71.81 18.34 94.32
N2 NAG CA . -70.17 20.08 94.38
O3 NAG CA . -70.73 22.44 95.90
O4 NAG CA . -68.88 24.61 95.57
O5 NAG CA . -66.84 21.68 94.73
O6 NAG CA . -66.25 24.17 96.71
O7 NAG CA . -70.48 18.84 96.22
C1 NAG DA . -69.99 -2.22 94.55
C2 NAG DA . -68.77 -2.82 95.24
C3 NAG DA . -68.97 -4.31 95.44
C4 NAG DA . -70.27 -4.59 96.15
C5 NAG DA . -71.43 -3.91 95.43
C6 NAG DA . -72.75 -4.04 96.16
C7 NAG DA . -66.35 -2.47 95.04
C8 NAG DA . -65.21 -2.19 94.10
N2 NAG DA . -67.57 -2.55 94.47
O3 NAG DA . -67.88 -4.83 96.20
O4 NAG DA . -70.50 -5.99 96.19
O5 NAG DA . -71.16 -2.51 95.30
O6 NAG DA . -72.98 -2.92 97.00
O7 NAG DA . -66.19 -2.61 96.25
C1 NAG DA . -70.43 -6.43 97.56
C2 NAG DA . -71.27 -7.70 97.69
C3 NAG DA . -71.20 -8.22 99.13
C4 NAG DA . -69.76 -8.43 99.54
C5 NAG DA . -68.95 -7.14 99.33
C6 NAG DA . -67.48 -7.32 99.59
C7 NAG DA . -73.14 -7.82 96.12
C8 NAG DA . -74.58 -7.47 95.88
N2 NAG DA . -72.65 -7.44 97.31
O3 NAG DA . -71.91 -9.46 99.20
O4 NAG DA . -69.70 -8.78 100.92
O5 NAG DA . -69.08 -6.71 97.96
O6 NAG DA . -67.06 -8.65 99.29
O7 NAG DA . -72.45 -8.39 95.27
C1 NAG EA . 16.56 -49.08 32.75
C2 NAG EA . 17.76 -50.03 32.77
C3 NAG EA . 19.08 -49.27 32.87
C4 NAG EA . 19.15 -48.21 31.77
C5 NAG EA . 17.93 -47.31 31.86
C6 NAG EA . 17.90 -46.26 30.77
C7 NAG EA . 17.04 -52.18 33.73
C8 NAG EA . 17.02 -53.04 34.96
N2 NAG EA . 17.65 -50.99 33.86
O3 NAG EA . 20.15 -50.19 32.73
O4 NAG EA . 20.34 -47.43 31.80
O5 NAG EA . 16.75 -48.09 31.72
O6 NAG EA . 19.16 -45.62 30.62
O7 NAG EA . 16.54 -52.54 32.67
C1 NAG EA . 20.98 -47.26 33.08
C2 NAG EA . 22.30 -46.54 32.81
C3 NAG EA . 23.05 -46.31 34.12
C4 NAG EA . 22.15 -45.58 35.11
C5 NAG EA . 20.83 -46.32 35.29
C6 NAG EA . 19.84 -45.58 36.16
C7 NAG EA . 23.88 -46.71 30.95
C8 NAG EA . 24.67 -47.64 30.06
N2 NAG EA . 23.12 -47.29 31.88
O3 NAG EA . 24.22 -45.53 33.86
O4 NAG EA . 22.81 -45.49 36.37
O5 NAG EA . 20.19 -46.49 34.00
O6 NAG EA . 20.45 -44.43 36.76
O7 NAG EA . 23.93 -45.49 30.81
C1 NAG FA . 17.64 -35.00 12.28
C2 NAG FA . 17.58 -34.72 10.79
C3 NAG FA . 17.50 -33.21 10.53
C4 NAG FA . 16.35 -32.61 11.31
C5 NAG FA . 16.42 -33.01 12.79
C6 NAG FA . 15.22 -32.57 13.59
C7 NAG FA . 18.67 -36.47 9.47
C8 NAG FA . 19.94 -36.92 8.81
N2 NAG FA . 18.72 -35.30 10.10
O3 NAG FA . 17.33 -33.01 9.13
O4 NAG FA . 16.39 -31.18 11.28
O5 NAG FA . 16.49 -34.44 12.91
O6 NAG FA . 14.82 -33.57 14.51
O7 NAG FA . 17.65 -37.15 9.44
C1 NAG FA . 15.91 -30.57 10.06
C2 NAG FA . 14.42 -30.20 10.15
C3 NAG FA . 13.98 -29.44 8.91
C4 NAG FA . 14.88 -28.24 8.67
C5 NAG FA . 16.34 -28.70 8.60
C6 NAG FA . 17.31 -27.55 8.47
C7 NAG FA . 12.80 -31.58 11.39
C8 NAG FA . 12.03 -32.86 11.41
N2 NAG FA . 13.61 -31.40 10.34
O3 NAG FA . 12.63 -29.01 9.08
O4 NAG FA . 14.54 -27.61 7.44
O5 NAG FA . 16.68 -29.39 9.81
O6 NAG FA . 18.00 -27.31 9.68
O7 NAG FA . 12.71 -30.75 12.29
C1 NAG GA . 3.57 -31.25 10.12
C2 NAG GA . 4.65 -30.29 10.58
C3 NAG GA . 4.42 -28.91 9.97
C4 NAG GA . 4.19 -28.98 8.47
C5 NAG GA . 3.18 -30.07 8.11
C6 NAG GA . 3.10 -30.31 6.62
C7 NAG GA . 5.83 -29.96 12.71
C8 NAG GA . 5.69 -29.90 14.19
N2 NAG GA . 4.70 -30.20 12.03
O3 NAG GA . 5.53 -28.06 10.26
O4 NAG GA . 3.67 -27.74 8.00
O5 NAG GA . 3.54 -31.31 8.71
O6 NAG GA . 1.80 -30.76 6.24
O7 NAG GA . 6.91 -29.81 12.15
C1 NAG GA . 4.67 -26.99 7.28
C2 NAG GA . 3.96 -26.22 6.18
C3 NAG GA . 4.96 -25.35 5.42
C4 NAG GA . 5.74 -24.46 6.38
C5 NAG GA . 6.37 -25.32 7.47
C6 NAG GA . 7.05 -24.49 8.54
C7 NAG GA . 1.93 -27.19 5.20
C8 NAG GA . 1.38 -28.17 4.21
N2 NAG GA . 3.26 -27.11 5.26
O3 NAG GA . 4.27 -24.54 4.47
O4 NAG GA . 6.76 -23.77 5.69
O5 NAG GA . 5.36 -26.08 8.14
O6 NAG GA . 6.17 -23.51 9.09
O7 NAG GA . 1.20 -26.52 5.92
C1 NAG HA . -8.80 -29.57 52.78
C2 NAG HA . -8.85 -31.03 53.21
C3 NAG HA . -9.16 -31.14 54.71
C4 NAG HA . -8.16 -30.31 55.51
C5 NAG HA . -8.14 -28.87 54.99
C6 NAG HA . -7.09 -28.02 55.67
C7 NAG HA . -11.14 -31.52 52.42
C8 NAG HA . -11.97 -32.42 51.55
N2 NAG HA . -9.82 -31.78 52.44
O3 NAG HA . -9.09 -32.50 55.11
O4 NAG HA . -8.50 -30.32 56.89
O5 NAG HA . -7.84 -28.86 53.59
O6 NAG HA . -5.85 -28.69 55.73
O7 NAG HA . -11.64 -30.61 53.06
C1 NAG HA . -7.52 -31.10 57.60
C2 NAG HA . -7.71 -30.89 59.10
C3 NAG HA . -6.74 -31.76 59.88
C4 NAG HA . -6.86 -33.22 59.45
C5 NAG HA . -6.71 -33.34 57.94
C6 NAG HA . -6.94 -34.74 57.43
C7 NAG HA . -8.43 -28.81 60.18
C8 NAG HA . -8.10 -27.37 60.44
N2 NAG HA . -7.54 -29.49 59.45
O3 NAG HA . -7.01 -31.64 61.26
O4 NAG HA . -5.84 -33.99 60.09
O5 NAG HA . -7.67 -32.50 57.28
O6 NAG HA . -8.12 -35.30 57.98
O7 NAG HA . -9.45 -29.33 60.61
C1 NAG IA . -42.18 -22.89 -21.51
C2 NAG IA . -43.67 -22.61 -21.71
C3 NAG IA . -44.49 -23.81 -21.27
C4 NAG IA . -44.01 -25.06 -22.01
C5 NAG IA . -42.50 -25.24 -21.85
C6 NAG IA . -41.95 -26.36 -22.68
C7 NAG IA . -43.97 -20.18 -21.48
C8 NAG IA . -44.45 -19.07 -20.60
N2 NAG IA . -44.08 -21.41 -20.98
O3 NAG IA . -45.86 -23.57 -21.55
O4 NAG IA . -44.65 -26.21 -21.45
O5 NAG IA . -41.81 -24.04 -22.26
O6 NAG IA . -42.79 -26.63 -23.80
O7 NAG IA . -43.50 -19.98 -22.60
C1 NAG IA . -45.74 -26.66 -22.27
C2 NAG IA . -46.72 -27.37 -21.33
C3 NAG IA . -47.95 -27.83 -22.10
C4 NAG IA . -48.57 -26.66 -22.87
C5 NAG IA . -47.52 -26.00 -23.74
C6 NAG IA . -48.03 -24.76 -24.44
C7 NAG IA . -45.74 -28.47 -19.36
C8 NAG IA . -46.04 -27.20 -18.62
N2 NAG IA . -46.08 -28.48 -20.66
O3 NAG IA . -48.91 -28.37 -21.19
O4 NAG IA . -49.64 -27.13 -23.68
O5 NAG IA . -46.41 -25.59 -22.94
O6 NAG IA . -47.69 -23.58 -23.70
O7 NAG IA . -45.20 -29.42 -18.82
C1 NAG JA . -49.20 -27.67 11.75
C2 NAG JA . -50.52 -26.92 11.92
C3 NAG JA . -51.68 -27.76 11.42
C4 NAG JA . -51.42 -28.22 9.99
C5 NAG JA . -50.07 -28.94 9.92
C6 NAG JA . -49.69 -29.34 8.51
C7 NAG JA . -51.48 -25.48 13.66
C8 NAG JA . -51.60 -25.24 15.14
N2 NAG JA . -50.73 -26.53 13.30
O3 NAG JA . -52.88 -27.01 11.47
O4 NAG JA . -52.45 -29.10 9.56
O5 NAG JA . -49.04 -28.07 10.39
O6 NAG JA . -49.99 -28.30 7.58
O7 NAG JA . -52.05 -24.78 12.84
C1 NAG JA . -53.21 -28.43 8.54
C2 NAG JA . -54.02 -29.46 7.77
C3 NAG JA . -54.89 -28.78 6.71
C4 NAG JA . -55.74 -27.69 7.36
C5 NAG JA . -54.86 -26.72 8.15
C6 NAG JA . -55.65 -25.69 8.91
C7 NAG JA . -53.02 -31.70 7.59
C8 NAG JA . -52.08 -32.58 6.83
N2 NAG JA . -53.15 -30.45 7.14
O3 NAG JA . -55.72 -29.73 6.09
O4 NAG JA . -56.45 -26.96 6.36
O5 NAG JA . -54.08 -27.46 9.12
O6 NAG JA . -56.72 -26.29 9.64
O7 NAG JA . -53.63 -32.10 8.58
C1 NAG KA . -89.89 -10.73 47.26
C2 NAG KA . -91.00 -9.76 46.85
C3 NAG KA . -92.39 -10.42 46.97
C4 NAG KA . -92.39 -11.75 46.23
C5 NAG KA . -91.20 -12.62 46.64
C6 NAG KA . -91.08 -13.89 45.83
C7 NAG KA . -91.06 -8.22 48.87
C8 NAG KA . -91.29 -9.38 49.80
N2 NAG KA . -90.95 -8.48 47.56
O3 NAG KA . -93.37 -9.55 46.42
O4 NAG KA . -93.59 -12.46 46.55
O5 NAG KA . -89.97 -11.89 46.47
O6 NAG KA . -91.61 -15.00 46.54
O7 NAG KA . -90.98 -7.08 49.30
C1 NAG KA . -94.43 -12.52 45.38
C2 NAG KA . -95.29 -13.77 45.46
C3 NAG KA . -96.23 -13.84 44.27
C4 NAG KA . -97.04 -12.56 44.16
C5 NAG KA . -96.12 -11.35 44.14
C6 NAG KA . -96.87 -10.03 44.16
C7 NAG KA . -94.88 -16.09 46.15
C8 NAG KA . -93.91 -17.23 46.13
N2 NAG KA . -94.48 -14.97 45.54
O3 NAG KA . -97.11 -14.96 44.41
O4 NAG KA . -97.82 -12.58 42.96
O5 NAG KA . -95.26 -11.36 45.30
O6 NAG KA . -97.20 -9.66 45.50
O7 NAG KA . -95.97 -16.18 46.69
C1 NAG LA . -65.94 -18.01 68.99
C2 NAG LA . -66.73 -18.94 69.91
C3 NAG LA . -65.84 -19.40 71.06
C4 NAG LA . -64.55 -20.01 70.53
C5 NAG LA . -63.86 -19.02 69.60
C6 NAG LA . -62.63 -19.59 68.95
C7 NAG LA . -69.09 -18.88 70.49
C8 NAG LA . -70.23 -18.05 71.04
N2 NAG LA . -67.91 -18.27 70.41
O3 NAG LA . -66.55 -20.35 71.84
O4 NAG LA . -63.68 -20.31 71.61
O5 NAG LA . -64.76 -18.66 68.54
O6 NAG LA . -62.82 -20.95 68.58
O7 NAG LA . -69.26 -20.04 70.14
C1 NAG LA . -63.53 -21.73 71.71
C2 NAG LA . -62.17 -22.03 72.34
C3 NAG LA . -61.99 -23.54 72.52
C4 NAG LA . -63.15 -24.12 73.30
C5 NAG LA . -64.47 -23.73 72.64
C6 NAG LA . -65.68 -24.17 73.46
C7 NAG LA . -60.23 -20.58 71.99
C8 NAG LA . -59.17 -20.12 71.03
N2 NAG LA . -61.08 -21.49 71.53
O3 NAG LA . -60.76 -23.79 73.21
O4 NAG LA . -63.05 -25.54 73.34
O5 NAG LA . -64.55 -22.30 72.52
O6 NAG LA . -65.86 -23.34 74.60
O7 NAG LA . -60.29 -20.14 73.14
C1 NAG MA . -45.09 -13.58 76.55
C2 NAG MA . -45.07 -14.04 78.00
C3 NAG MA . -43.70 -14.63 78.34
C4 NAG MA . -43.33 -15.73 77.35
C5 NAG MA . -43.44 -15.20 75.93
C6 NAG MA . -43.21 -16.27 74.89
C7 NAG MA . -46.19 -13.09 79.96
C8 NAG MA . -46.41 -11.86 80.79
N2 NAG MA . -45.39 -12.95 78.90
O3 NAG MA . -43.73 -15.16 79.66
O4 NAG MA . -41.99 -16.15 77.59
O5 NAG MA . -44.74 -14.67 75.70
O6 NAG MA . -42.60 -15.73 73.72
O7 NAG MA . -46.71 -14.16 80.25
C1 NAG MA . -42.02 -17.53 78.02
C2 NAG MA . -40.74 -18.20 77.54
C3 NAG MA . -40.71 -19.65 78.01
C4 NAG MA . -40.90 -19.73 79.51
C5 NAG MA . -42.16 -18.98 79.93
C6 NAG MA . -42.33 -18.88 81.43
C7 NAG MA . -39.60 -17.46 75.51
C8 NAG MA . -39.61 -17.48 74.01
N2 NAG MA . -40.60 -18.12 76.11
O3 NAG MA . -39.47 -20.24 77.64
O4 NAG MA . -41.03 -21.09 79.91
O5 NAG MA . -42.12 -17.63 79.45
O6 NAG MA . -41.72 -17.71 81.94
O7 NAG MA . -38.73 -16.89 76.15
C1 NAG NA . -79.47 -20.19 54.29
C2 NAG NA . -78.53 -21.34 54.69
C3 NAG NA . -78.17 -22.18 53.48
C4 NAG NA . -79.45 -22.69 52.82
C5 NAG NA . -80.26 -21.49 52.37
C6 NAG NA . -81.56 -21.89 51.72
C7 NAG NA . -76.45 -20.01 54.84
C8 NAG NA . -75.30 -19.63 55.72
N2 NAG NA . -77.34 -20.86 55.38
O3 NAG NA . -77.35 -23.28 53.88
O4 NAG NA . -79.24 -23.64 51.78
O5 NAG NA . -80.60 -20.70 53.51
O6 NAG NA . -82.33 -22.74 52.57
O7 NAG NA . -76.57 -19.58 53.70
C1 NAG NA . -78.25 -23.33 50.78
C2 NAG NA . -77.65 -24.65 50.36
C3 NAG NA . -76.63 -24.45 49.26
C4 NAG NA . -77.25 -23.70 48.09
C5 NAG NA . -77.89 -22.40 48.59
C6 NAG NA . -78.67 -21.70 47.51
C7 NAG NA . -76.98 -26.67 51.58
C8 NAG NA . -76.33 -27.23 52.82
N2 NAG NA . -77.04 -25.34 51.49
O3 NAG NA . -76.14 -25.71 48.80
O4 NAG NA . -76.26 -23.38 47.12
O5 NAG NA . -78.82 -22.68 49.64
O6 NAG NA . -79.93 -22.31 47.29
O7 NAG NA . -77.43 -27.41 50.70
C1 NAG OA . -87.30 -16.71 68.84
C2 NAG OA . -87.57 -18.11 69.37
C3 NAG OA . -88.59 -18.06 70.51
C4 NAG OA . -88.15 -17.06 71.58
C5 NAG OA . -87.82 -15.71 70.95
C6 NAG OA . -87.25 -14.72 71.93
C7 NAG OA . -87.25 -19.78 67.61
C8 NAG OA . -87.90 -20.61 66.54
N2 NAG OA . -88.05 -18.98 68.31
O3 NAG OA . -88.71 -19.36 71.09
O4 NAG OA . -89.19 -16.89 72.53
O5 NAG OA . -86.86 -15.88 69.91
O6 NAG OA . -86.27 -15.34 72.76
O7 NAG OA . -86.04 -19.82 67.81
C1 NAG OA . -88.74 -17.32 73.83
C2 NAG OA . -89.87 -17.04 74.83
C3 NAG OA . -89.47 -17.51 76.21
C4 NAG OA . -89.05 -18.98 76.17
C5 NAG OA . -87.96 -19.19 75.11
C6 NAG OA . -87.59 -20.64 74.93
C7 NAG OA . -91.47 -15.19 74.69
C8 NAG OA . -91.65 -13.70 74.75
N2 NAG OA . -90.21 -15.63 74.84
O3 NAG OA . -90.56 -17.34 77.10
O4 NAG OA . -88.55 -19.37 77.44
O5 NAG OA . -88.42 -18.72 73.85
O6 NAG OA . -88.57 -21.49 75.52
O7 NAG OA . -92.41 -15.96 74.53
C1 NAG PA . -101.17 -4.96 58.62
C2 NAG PA . -101.75 -5.84 57.53
C3 NAG PA . -102.74 -5.06 56.68
C4 NAG PA . -103.80 -4.42 57.57
C5 NAG PA . -103.14 -3.59 58.66
C6 NAG PA . -104.12 -3.02 59.65
C7 NAG PA . -100.46 -7.72 56.61
C8 NAG PA . -99.34 -8.12 55.71
N2 NAG PA . -100.69 -6.41 56.70
O3 NAG PA . -103.35 -5.94 55.75
O4 NAG PA . -104.64 -3.58 56.78
O5 NAG PA . -102.23 -4.40 59.41
O6 NAG PA . -104.37 -3.92 60.72
O7 NAG PA . -101.13 -8.55 57.23
C1 NAG PA . -105.93 -4.23 56.65
C2 NAG PA . -106.99 -3.16 56.55
C3 NAG PA . -108.36 -3.80 56.36
C4 NAG PA . -108.35 -4.74 55.17
C5 NAG PA . -107.21 -5.75 55.31
C6 NAG PA . -107.04 -6.63 54.09
C7 NAG PA . -106.66 -1.01 57.70
C8 NAG PA . -106.71 -0.30 59.02
N2 NAG PA . -106.99 -2.31 57.73
O3 NAG PA . -109.34 -2.78 56.16
O4 NAG PA . -109.58 -5.45 55.08
O5 NAG PA . -105.96 -5.06 55.48
O6 NAG PA . -106.24 -6.01 53.10
O7 NAG PA . -106.34 -0.45 56.66
C1 NAG QA . 9.95 38.22 -40.90
C2 NAG QA . 9.65 39.44 -40.03
C3 NAG QA . 8.71 39.08 -38.90
C4 NAG QA . 7.44 38.44 -39.46
C5 NAG QA . 7.82 37.22 -40.29
C6 NAG QA . 6.64 36.56 -40.96
C7 NAG QA . 11.12 41.34 -39.51
C8 NAG QA . 12.43 41.77 -38.92
N2 NAG QA . 10.88 40.03 -39.50
O3 NAG QA . 8.36 40.26 -38.17
O4 NAG QA . 6.56 38.06 -38.41
O5 NAG QA . 8.72 37.62 -41.34
O6 NAG QA . 5.73 37.54 -41.47
O7 NAG QA . 10.32 42.15 -39.98
C1 NAG QA . 5.38 38.90 -38.43
C2 NAG QA . 5.08 39.37 -37.01
C3 NAG QA . 3.87 40.30 -37.00
C4 NAG QA . 4.07 41.44 -37.99
C5 NAG QA . 4.40 40.89 -39.37
C6 NAG QA . 4.72 41.97 -40.38
C7 NAG QA . 5.83 37.65 -35.42
C8 NAG QA . 5.42 36.49 -34.56
N2 NAG QA . 4.85 38.24 -36.12
O3 NAG QA . 3.67 40.81 -35.70
O4 NAG QA . 2.88 42.22 -38.07
O5 NAG QA . 5.55 40.04 -39.29
O6 NAG QA . 6.10 41.98 -40.72
O7 NAG QA . 7.00 38.03 -35.49
C1 NAG RA . 8.49 -57.16 -34.17
C2 NAG RA . 7.01 -57.36 -33.83
C3 NAG RA . 6.78 -58.73 -33.23
C4 NAG RA . 7.35 -59.82 -34.13
C5 NAG RA . 8.80 -59.53 -34.45
C6 NAG RA . 9.41 -60.50 -35.44
C7 NAG RA . 5.97 -55.18 -33.37
C8 NAG RA . 5.54 -54.22 -32.31
N2 NAG RA . 6.54 -56.31 -32.94
O3 NAG RA . 5.39 -58.94 -33.04
O4 NAG RA . 7.24 -61.09 -33.51
O5 NAG RA . 8.93 -58.22 -35.03
O6 NAG RA . 8.43 -61.02 -36.32
O7 NAG RA . 5.82 -54.94 -34.56
C1 NAG RA . 6.18 -61.83 -34.13
C2 NAG RA . 6.35 -63.32 -33.80
C3 NAG RA . 5.21 -64.13 -34.41
C4 NAG RA . 3.86 -63.55 -33.97
C5 NAG RA . 3.79 -62.06 -34.29
C6 NAG RA . 2.53 -61.41 -33.78
C7 NAG RA . 8.74 -63.83 -33.52
C8 NAG RA . 9.97 -64.38 -34.17
N2 NAG RA . 7.63 -63.82 -34.28
O3 NAG RA . 5.31 -65.49 -33.99
O4 NAG RA . 2.81 -64.22 -34.65
O5 NAG RA . 4.90 -61.39 -33.67
O6 NAG RA . 2.72 -60.00 -33.63
O7 NAG RA . 8.74 -63.42 -32.36
C1 NAG SA . -49.53 29.23 -17.79
C2 NAG SA . -50.68 29.52 -16.83
C3 NAG SA . -51.49 30.71 -17.34
C4 NAG SA . -50.58 31.91 -17.59
C5 NAG SA . -49.43 31.51 -18.51
C6 NAG SA . -48.41 32.61 -18.70
C7 NAG SA . -51.63 27.67 -15.52
C8 NAG SA . -50.78 28.18 -14.38
N2 NAG SA . -51.54 28.36 -16.67
O3 NAG SA . -52.48 31.05 -16.39
O4 NAG SA . -51.32 32.97 -18.20
O5 NAG SA . -48.73 30.39 -17.95
O6 NAG SA . -47.09 32.10 -18.68
O7 NAG SA . -52.36 26.70 -15.41
C1 NAG TA . 10.44 50.37 -12.71
C2 NAG TA . 9.25 49.63 -12.12
C3 NAG TA . 8.17 49.46 -13.18
C4 NAG TA . 7.80 50.81 -13.78
C5 NAG TA . 9.05 51.52 -14.28
C6 NAG TA . 8.78 52.93 -14.77
C7 NAG TA . 9.81 48.12 -10.28
C8 NAG TA . 10.22 46.73 -9.90
N2 NAG TA . 9.64 48.33 -11.58
O3 NAG TA . 7.02 48.86 -12.59
O4 NAG TA . 6.89 50.63 -14.87
O5 NAG TA . 10.02 51.63 -13.23
O6 NAG TA . 8.12 53.70 -13.77
O7 NAG TA . 9.63 48.99 -9.44
C1 NAG UA . -66.57 14.92 9.73
C2 NAG UA . -67.77 15.80 10.07
C3 NAG UA . -67.59 16.47 11.42
C4 NAG UA . -67.30 15.41 12.49
C5 NAG UA . -66.12 14.55 12.07
C6 NAG UA . -65.84 13.42 13.03
C7 NAG UA . -68.83 16.65 8.02
C8 NAG UA . -68.92 17.78 7.05
N2 NAG UA . -67.98 16.81 9.04
O3 NAG UA . -68.76 17.19 11.77
O4 NAG UA . -67.01 16.04 13.74
O5 NAG UA . -66.37 13.96 10.78
O6 NAG UA . -64.88 12.51 12.49
O7 NAG UA . -69.51 15.63 7.90
C1 NAG VA . -61.21 44.50 17.66
C2 NAG VA . -60.70 45.57 18.62
C3 NAG VA . -59.79 46.56 17.89
C4 NAG VA . -58.69 45.82 17.14
C5 NAG VA . -59.29 44.73 16.25
C6 NAG VA . -58.25 43.88 15.57
C7 NAG VA . -62.74 46.97 18.64
C8 NAG VA . -63.78 47.61 19.51
N2 NAG VA . -61.79 46.27 19.29
O3 NAG VA . -59.22 47.47 18.82
O4 NAG VA . -57.96 46.73 16.33
O5 NAG VA . -60.10 43.85 17.03
O6 NAG VA . -58.68 42.53 15.45
O7 NAG VA . -62.76 47.09 17.43
C1 NAG WA . 11.91 30.67 50.57
C2 NAG WA . 10.91 31.08 51.65
C3 NAG WA . 11.64 31.41 52.94
C4 NAG WA . 12.55 30.27 53.36
C5 NAG WA . 13.48 29.90 52.20
C6 NAG WA . 14.34 28.70 52.49
C7 NAG WA . 8.77 32.25 51.29
C8 NAG WA . 8.12 31.04 51.89
N2 NAG WA . 10.10 32.21 51.21
O3 NAG WA . 10.68 31.67 53.97
O4 NAG WA . 13.34 30.66 54.47
O5 NAG WA . 12.70 29.57 51.04
O6 NAG WA . 14.88 28.15 51.30
O7 NAG WA . 8.12 33.22 50.91
C1 NAG XA . 39.70 -23.36 32.19
C2 NAG XA . 38.58 -22.35 32.46
C3 NAG XA . 39.15 -21.06 33.03
C4 NAG XA . 40.03 -21.35 34.25
C5 NAG XA . 41.08 -22.40 33.91
C6 NAG XA . 41.90 -22.82 35.10
C7 NAG XA . 36.71 -22.75 30.93
C8 NAG XA . 36.04 -22.34 29.64
N2 NAG XA . 37.81 -22.08 31.26
O3 NAG XA . 38.10 -20.18 33.39
O4 NAG XA . 40.66 -20.16 34.69
O5 NAG XA . 40.44 -23.58 33.39
O6 NAG XA . 42.22 -21.72 35.93
O7 NAG XA . 36.26 -23.66 31.63
C1 NAG YA . -22.48 36.63 55.47
C2 NAG YA . -21.92 37.95 54.95
C3 NAG YA . -22.67 39.12 55.59
C4 NAG YA . -24.17 38.97 55.38
C5 NAG YA . -24.63 37.60 55.89
C6 NAG YA . -26.09 37.34 55.62
C7 NAG YA . -19.56 37.91 54.27
C8 NAG YA . -20.07 37.64 52.88
N2 NAG YA . -20.50 38.06 55.22
O3 NAG YA . -22.23 40.34 55.00
O4 NAG YA . -24.86 39.99 56.10
O5 NAG YA . -23.90 36.57 55.23
O6 NAG YA . -26.38 35.94 55.68
O7 NAG YA . -18.37 38.01 54.51
C1 NAG ZA . -14.15 11.76 76.01
C2 NAG ZA . -13.98 10.24 75.93
C3 NAG ZA . -12.50 9.87 76.05
C4 NAG ZA . -11.68 10.64 75.02
C5 NAG ZA . -11.95 12.14 75.14
C6 NAG ZA . -11.25 12.95 74.08
C7 NAG ZA . -14.61 9.71 78.25
C8 NAG ZA . -15.53 8.90 79.12
N2 NAG ZA . -14.77 9.55 76.94
O3 NAG ZA . -12.35 8.47 75.83
O4 NAG ZA . -10.30 10.39 75.23
O5 NAG ZA . -13.35 12.39 75.01
O6 NAG ZA . -11.84 12.73 72.80
O7 NAG ZA . -13.78 10.46 78.73
C1 NAG AB . -21.40 -48.60 21.55
C2 NAG AB . -22.36 -48.86 22.70
C3 NAG AB . -22.97 -50.25 22.58
C4 NAG AB . -23.57 -50.46 21.20
C5 NAG AB . -22.54 -50.13 20.12
C6 NAG AB . -23.10 -50.20 18.72
C7 NAG AB . -21.88 -47.62 24.76
C8 NAG AB . -22.82 -46.57 24.26
N2 NAG AB . -21.71 -48.69 23.98
O3 NAG AB . -23.97 -50.42 23.58
O4 NAG AB . -23.99 -51.81 21.04
O5 NAG AB . -22.06 -48.79 20.30
O6 NAG AB . -22.11 -49.87 17.75
O7 NAG AB . -21.30 -47.52 25.85
C1 NAG BB . -26.44 -28.69 -40.05
C2 NAG BB . -26.52 -28.54 -38.54
C3 NAG BB . -26.15 -29.86 -37.87
C4 NAG BB . -26.99 -31.00 -38.41
C5 NAG BB . -26.91 -31.04 -39.94
C6 NAG BB . -27.84 -32.06 -40.55
C7 NAG BB . -26.13 -26.27 -37.71
C8 NAG BB . -25.12 -25.27 -37.24
N2 NAG BB . -25.67 -27.47 -38.07
O3 NAG BB . -26.32 -29.75 -36.46
O4 NAG BB . -26.54 -32.25 -37.89
O5 NAG BB . -27.28 -29.77 -40.49
O6 NAG BB . -28.70 -32.64 -39.59
O7 NAG BB . -27.33 -26.00 -37.76
C1 NAG CB . -34.82 -31.46 49.40
C2 NAG CB . -33.85 -32.48 50.01
C3 NAG CB . -34.39 -32.96 51.35
C4 NAG CB . -34.68 -31.77 52.26
C5 NAG CB . -35.60 -30.78 51.55
C6 NAG CB . -35.84 -29.52 52.35
C7 NAG CB . -32.52 -33.77 48.40
C8 NAG CB . -31.46 -32.73 48.57
N2 NAG CB . -33.64 -33.60 49.11
O3 NAG CB . -33.42 -33.80 51.97
O4 NAG CB . -35.31 -32.23 53.45
O5 NAG CB . -35.02 -30.38 50.31
O6 NAG CB . -36.86 -28.72 51.77
O7 NAG CB . -32.37 -34.73 47.65
C1 NAG DB . -60.07 -36.69 28.27
C2 NAG DB . -61.27 -36.19 27.48
C3 NAG DB . -61.28 -36.80 26.07
C4 NAG DB . -59.95 -36.54 25.38
C5 NAG DB . -58.80 -37.02 26.26
C6 NAG DB . -57.43 -36.68 25.69
C7 NAG DB . -62.94 -37.72 28.49
C8 NAG DB . -64.27 -37.78 29.21
N2 NAG DB . -62.52 -36.48 28.17
O3 NAG DB . -62.34 -36.23 25.32
O4 NAG DB . -59.91 -37.24 24.15
O5 NAG DB . -58.87 -36.38 27.55
O6 NAG DB . -56.51 -36.36 26.70
O7 NAG DB . -62.30 -38.72 28.21
C1 NAG EB . 32.97 61.15 -41.87
C2 NAG EB . 32.10 61.62 -40.71
C3 NAG EB . 32.29 63.12 -40.50
C4 NAG EB . 33.76 63.43 -40.31
C5 NAG EB . 34.59 62.88 -41.47
C6 NAG EB . 36.08 63.03 -41.25
C7 NAG EB . 30.10 60.22 -40.46
C8 NAG EB . 28.64 60.05 -40.80
N2 NAG EB . 30.69 61.31 -40.95
O3 NAG EB . 31.55 63.53 -39.35
O4 NAG EB . 33.95 64.85 -40.24
O5 NAG EB . 34.35 61.47 -41.61
O6 NAG EB . 36.47 62.60 -39.96
O7 NAG EB . 30.70 59.40 -39.77
C1 NAG FB . 76.91 -28.58 24.73
C2 NAG FB . 75.86 -28.65 25.84
C3 NAG FB . 76.33 -29.61 26.94
C4 NAG FB . 76.68 -30.97 26.35
C5 NAG FB . 77.68 -30.80 25.20
C6 NAG FB . 77.97 -32.10 24.48
C7 NAG FB . 74.67 -26.51 25.90
C8 NAG FB . 74.52 -25.19 26.60
N2 NAG FB . 75.60 -27.34 26.40
O3 NAG FB . 75.30 -29.76 27.91
O4 NAG FB . 77.26 -31.80 27.35
O5 NAG FB . 77.16 -29.90 24.22
O6 NAG FB . 76.78 -32.84 24.25
O7 NAG FB . 73.98 -26.82 24.94
C1 NAG GB . 58.10 -2.74 21.32
C2 NAG GB . 57.19 -3.67 22.11
C3 NAG GB . 55.77 -3.11 22.16
C4 NAG GB . 55.79 -1.69 22.69
C5 NAG GB . 56.76 -0.82 21.88
C6 NAG GB . 56.90 0.57 22.42
C7 NAG GB . 57.81 -6.05 22.13
C8 NAG GB . 57.70 -7.36 21.42
N2 NAG GB . 57.19 -5.01 21.55
O3 NAG GB . 54.96 -3.94 22.99
O4 NAG GB . 54.48 -1.13 22.62
O5 NAG GB . 58.06 -1.43 21.88
O6 NAG GB . 55.89 0.87 23.37
O7 NAG GB . 58.42 -5.93 23.19
C1 NAG HB . -1.46 -45.48 -40.58
C2 NAG HB . -2.96 -45.25 -40.49
C3 NAG HB . -3.28 -44.32 -39.32
C4 NAG HB . -2.66 -44.86 -38.03
C5 NAG HB . -1.17 -45.13 -38.22
C6 NAG HB . -0.53 -45.78 -37.02
C7 NAG HB . -4.04 -45.45 -42.68
C8 NAG HB . -4.52 -44.71 -43.90
N2 NAG HB . -3.48 -44.69 -41.73
O3 NAG HB . -4.69 -44.19 -39.16
O4 NAG HB . -2.85 -43.93 -36.97
O5 NAG HB . -0.97 -46.01 -39.33
O6 NAG HB . -1.45 -46.62 -36.34
O7 NAG HB . -4.14 -46.66 -42.57
#